data_9BP5
#
_entry.id   9BP5
#
_cell.length_a   1.00
_cell.length_b   1.00
_cell.length_c   1.00
_cell.angle_alpha   90.00
_cell.angle_beta   90.00
_cell.angle_gamma   90.00
#
_symmetry.space_group_name_H-M   'P 1'
#
loop_
_entity.id
_entity.type
_entity.pdbx_description
1 polymer 'Molybdopterin oxidoreductase'
2 polymer 'NADH dehydrogenase (Quinone)'
3 polymer 'NADH dehydrogenase (Ubiquinone), 24 kDa subunit'
4 non-polymer 'FE2/S2 (INORGANIC) CLUSTER'
5 non-polymer 'IRON/SULFUR CLUSTER'
6 non-polymer 'FLAVIN-ADENINE DINUCLEOTIDE'
7 non-polymer 'FLAVIN MONONUCLEOTIDE'
8 non-polymer 'ZINC ION'
#
loop_
_entity_poly.entity_id
_entity_poly.type
_entity_poly.pdbx_seq_one_letter_code
_entity_poly.pdbx_strand_id
1 'polypeptide(L)'
;MRLVRVNIDNKEIFAEEGKTILEVAHENNIEIPHLCYDKRLKPYGACGLCVVEIEGSPKLARACSTYVTDKMVIKTDSPR
VRNARKMALELLLSEHRGDCRPPCVLACPAHTDCQGYVGLIANGQFREAVALIKEQLPFPASIGRVCPHPCEEACRRNMV
DQPIAIAELKRFVGDIDLLDDGYIPPIKPKTGKKVAIVGGGPAGLTCAFFLAKEGHDIVVYEAMPKAGGMLRYGIPEYRL
PKGILDKEIELIEKMGVQIKTNMRLGVDISLEYLRKNYDAVFLAVGAWKSSTLGCPGDSAEGVIGGIEFLRKVSMNQPVN
LGQRVLVVGGGNTAMDAARTAIRLGAKEVTVLYRRTREEMPAEDIEVNEAEEEGVKFQFLVAPIEVITDGGRVRALKCQR
MRLGDMDESGRRRPVPIEGAEVIFEADTIISAIGQKVRVEDVEGLELTRHGTIKVDEGTYQTSLEGVFAGGDAVTGPKIA
IEAIAQGKNAARVIDSYLRGKLEPIKEPYYVKQEDLTPEDFKDRERKPRVPLKVANAEERKNNFREITSTMTEKEAIAEA
SRCLECGCMDYFECQLYKYVNQYDVDPQRLSGYKHKRYEPQKHPFIERNPDKCILCGLCIRVCEEVVGVCALGFVNRGFE
TIVKPEFGLPLEETSCISCGQCADICPTGACIGKQPVAKQVPVNTVATKTVCTFCGMGCEMLVETKGNLIFDVSPVQSNE
GMLCAFGRFGIKYVNDKDRILAPLIKVNGELSKTTFDQALIETAKKLQAIRASYGKDSIAIIASQRLTNEEALLLTKLAQ
KLDTTVIGSFDLRESVLDRIFGLNASTNSFDEIYSTDLIVAVGKVAENHAVMGAKLKKAVELGAKLVTINNGETRADERA
IATYKIDNTAFFKATIKALFEMKAVDEDYVSKIAVNLDELKDDVKNVEVTDEASEFAKIIAGAKTAMVIVDEESVSDTTI
GQLANILTLTQKIGRPRCGIIKVTGLGNTQGAWDMGIRMSKEGIVKLINEGKVKAAFIVSEDPQAADKNLGEVLDKLECL
IVADVFLTETGKRADVVLPLVSHVESTGTVTRADGKIQNLNLVLKPKNGLSNLDLLLKLAELFGLQYNLEKLNREMVELL
QNENKYNQQILYTEGFATPDKTVHLFVSKDAPAFVEKAVFDTVKNRFEKYLQDKHLKY
;
A,D,G,J
2 'polypeptide(L)'
;MKIRVGLGSCGMAAGGNKVMECIQQELRSRNLDIPVEPTGCIGLCFFEPLVDVIDGDDVYTYGNVTPEMIPKIIESHVIG
KKPLDEFIVSTSFEPYPMLKSQVRIALKNCGRINPEDIDDYIKNGGYEALKKVLTSMTPEEVIEEIKISGLRGRGGAGFP
TWFKWDAARKASGDIKYVVCNADEGDPGAFMDRSILEGDPHAVLEGMTIAAYAIGAKEGYIYVRAEYPLAIKRLEIAIEQ
ARNRNLLGNNILNTNFSFDIKLKKGAGAFVCGEETALIASIEGERGMPRLKPPFPAQSGLWGRPTNINNVETYANVPWII
TNGGKAFASLGTEKSKGTKVFALAGKIKRGGLVEVPMGMSLREVIYNIGGGIKDDKAFKAVQMGGPSGGCIPADLIDTPV
DYESITKTGAIMGSGGMIVMDETTCMVDIARFFLEFTCKESCGKCTYCRVGTRRMLEILDRICNGEGRDGDLELLEELAV
SVKDGSLCGLGQTAPNPVLTTLRYFKDEYIAHIRDKKCPAKQCKALITYSILPEKCTGCGLCARKCPTKAITGERLKPHV
IDQSKCTKCGTCMNVCRFGAVNVE
;
B,E,H,K
3 'polypeptide(L)'
;MYMSCPECENRLASNFKNQKVDLSLLDPVLDEYKGEKSNIIAILQKTQEIYRFLPLDALNYISEKTGVKKAKIYGIATFY
AQFRLKPVGKYVILQCQGTACHVNGSEEIKNALCDELNIKPGDTTEDGMFTLEEVACLGCCSLAPVMMINGETYGKLTPD
KAREIIRRIYEREKNV
;
C,F,I,L
#
# COMPACT_ATOMS: atom_id res chain seq x y z
N MET A 1 -55.73 14.10 -8.13
CA MET A 1 -57.02 13.69 -8.67
C MET A 1 -57.84 12.90 -7.66
N ARG A 2 -59.02 12.47 -8.10
CA ARG A 2 -59.84 11.59 -7.27
C ARG A 2 -59.25 10.19 -7.27
N LEU A 3 -59.07 9.63 -6.08
CA LEU A 3 -58.43 8.33 -5.91
C LEU A 3 -59.45 7.33 -5.40
N VAL A 4 -59.44 6.15 -5.98
CA VAL A 4 -60.23 5.03 -5.48
C VAL A 4 -59.42 4.31 -4.42
N ARG A 5 -60.10 3.66 -3.49
CA ARG A 5 -59.46 2.90 -2.44
C ARG A 5 -59.75 1.42 -2.68
N VAL A 6 -58.70 0.62 -2.80
CA VAL A 6 -58.85 -0.81 -3.04
C VAL A 6 -58.06 -1.56 -1.97
N ASN A 7 -58.40 -2.83 -1.81
CA ASN A 7 -57.69 -3.73 -0.89
C ASN A 7 -57.31 -4.96 -1.70
N ILE A 8 -56.05 -5.02 -2.13
CA ILE A 8 -55.53 -6.14 -2.90
C ILE A 8 -54.61 -6.93 -1.99
N ASP A 9 -55.01 -8.17 -1.67
CA ASP A 9 -54.22 -9.07 -0.84
C ASP A 9 -53.90 -8.44 0.52
N ASN A 10 -54.94 -7.96 1.19
CA ASN A 10 -54.87 -7.39 2.54
C ASN A 10 -54.00 -6.14 2.61
N LYS A 11 -53.74 -5.50 1.47
CA LYS A 11 -52.95 -4.27 1.42
C LYS A 11 -53.83 -3.15 0.90
N GLU A 12 -53.93 -2.08 1.68
CA GLU A 12 -54.75 -0.94 1.27
C GLU A 12 -53.98 -0.07 0.28
N ILE A 13 -54.58 0.16 -0.88
CA ILE A 13 -53.94 0.84 -2.00
C ILE A 13 -54.85 1.99 -2.42
N PHE A 14 -54.26 3.17 -2.56
CA PHE A 14 -54.96 4.33 -3.12
C PHE A 14 -54.60 4.41 -4.60
N ALA A 15 -55.50 3.93 -5.44
CA ALA A 15 -55.28 3.87 -6.87
C ALA A 15 -55.99 5.02 -7.56
N GLU A 16 -55.75 5.15 -8.85
CA GLU A 16 -56.33 6.23 -9.65
C GLU A 16 -57.45 5.67 -10.51
N GLU A 17 -58.56 6.41 -10.57
CA GLU A 17 -59.73 5.94 -11.30
C GLU A 17 -59.41 5.82 -12.78
N GLY A 18 -59.90 4.74 -13.40
CA GLY A 18 -59.65 4.47 -14.80
C GLY A 18 -58.59 3.43 -15.08
N LYS A 19 -57.97 2.88 -14.04
CA LYS A 19 -57.00 1.80 -14.20
C LYS A 19 -57.68 0.45 -14.06
N THR A 20 -57.06 -0.57 -14.63
CA THR A 20 -57.50 -1.94 -14.42
C THR A 20 -56.77 -2.53 -13.20
N ILE A 21 -57.26 -3.67 -12.74
CA ILE A 21 -56.64 -4.33 -11.59
C ILE A 21 -55.22 -4.74 -11.92
N LEU A 22 -54.98 -5.15 -13.17
CA LEU A 22 -53.64 -5.53 -13.59
C LEU A 22 -52.66 -4.36 -13.44
N GLU A 23 -53.06 -3.17 -13.90
CA GLU A 23 -52.17 -2.02 -13.81
C GLU A 23 -51.94 -1.61 -12.35
N VAL A 24 -52.99 -1.60 -11.54
CA VAL A 24 -52.86 -1.22 -10.14
C VAL A 24 -51.94 -2.19 -9.41
N ALA A 25 -52.10 -3.49 -9.67
CA ALA A 25 -51.25 -4.48 -9.02
C ALA A 25 -49.82 -4.43 -9.53
N HIS A 26 -49.62 -4.10 -10.80
CA HIS A 26 -48.28 -3.92 -11.32
C HIS A 26 -47.60 -2.75 -10.66
N GLU A 27 -48.32 -1.65 -10.44
CA GLU A 27 -47.74 -0.49 -9.79
C GLU A 27 -47.34 -0.80 -8.36
N ASN A 28 -48.15 -1.59 -7.66
CA ASN A 28 -47.91 -1.91 -6.26
C ASN A 28 -47.12 -3.20 -6.09
N ASN A 29 -46.44 -3.66 -7.13
CA ASN A 29 -45.57 -4.82 -7.06
C ASN A 29 -46.31 -6.07 -6.58
N ILE A 30 -47.51 -6.27 -7.10
CA ILE A 30 -48.30 -7.48 -6.86
C ILE A 30 -48.36 -8.25 -8.17
N GLU A 31 -47.96 -9.51 -8.12
CA GLU A 31 -47.83 -10.33 -9.32
C GLU A 31 -49.14 -11.06 -9.61
N ILE A 32 -49.76 -10.72 -10.73
CA ILE A 32 -50.94 -11.42 -11.23
C ILE A 32 -50.56 -12.04 -12.57
N PRO A 33 -50.74 -13.34 -12.76
CA PRO A 33 -50.39 -13.95 -14.05
C PRO A 33 -51.21 -13.38 -15.18
N HIS A 34 -50.60 -13.35 -16.37
CA HIS A 34 -51.30 -12.91 -17.57
C HIS A 34 -50.52 -13.43 -18.76
N LEU A 35 -51.24 -13.86 -19.78
CA LEU A 35 -50.61 -14.37 -21.00
C LEU A 35 -51.10 -13.71 -22.28
N CYS A 36 -52.28 -13.11 -22.30
CA CYS A 36 -52.84 -12.50 -23.50
C CYS A 36 -52.99 -11.00 -23.36
N TYR A 37 -52.34 -10.39 -22.38
CA TYR A 37 -52.48 -8.96 -22.12
C TYR A 37 -51.30 -8.18 -22.71
N ASP A 38 -51.60 -6.98 -23.18
CA ASP A 38 -50.59 -6.03 -23.63
C ASP A 38 -51.13 -4.63 -23.46
N LYS A 39 -50.29 -3.74 -22.93
CA LYS A 39 -50.72 -2.37 -22.66
C LYS A 39 -51.04 -1.58 -23.92
N ARG A 40 -50.50 -1.97 -25.06
CA ARG A 40 -50.77 -1.29 -26.31
C ARG A 40 -52.05 -1.75 -26.99
N LEU A 41 -52.65 -2.83 -26.52
CA LEU A 41 -53.78 -3.45 -27.19
C LEU A 41 -55.01 -3.41 -26.30
N LYS A 42 -56.18 -3.47 -26.93
CA LYS A 42 -57.41 -3.60 -26.20
C LYS A 42 -57.47 -4.98 -25.53
N PRO A 43 -58.18 -5.09 -24.41
CA PRO A 43 -58.23 -6.38 -23.72
C PRO A 43 -58.89 -7.46 -24.57
N TYR A 44 -58.50 -8.70 -24.31
CA TYR A 44 -58.88 -9.85 -25.11
C TYR A 44 -59.56 -10.95 -24.30
N GLY A 45 -59.14 -11.17 -23.06
CA GLY A 45 -59.83 -12.10 -22.18
C GLY A 45 -59.70 -13.56 -22.56
N ALA A 46 -58.66 -13.92 -23.29
CA ALA A 46 -58.53 -15.28 -23.81
C ALA A 46 -57.99 -16.23 -22.75
N CYS A 47 -56.77 -15.98 -22.26
CA CYS A 47 -56.08 -16.98 -21.46
C CYS A 47 -56.82 -17.30 -20.17
N GLY A 48 -57.39 -16.29 -19.51
CA GLY A 48 -58.04 -16.52 -18.25
C GLY A 48 -57.11 -16.78 -17.09
N LEU A 49 -55.86 -16.35 -17.18
CA LEU A 49 -54.91 -16.50 -16.10
C LEU A 49 -54.97 -15.38 -15.08
N CYS A 50 -55.45 -14.20 -15.47
CA CYS A 50 -55.45 -13.03 -14.63
C CYS A 50 -56.66 -12.95 -13.71
N VAL A 51 -57.41 -14.05 -13.57
CA VAL A 51 -58.63 -14.00 -12.79
C VAL A 51 -58.29 -13.72 -11.32
N VAL A 52 -59.06 -12.83 -10.72
CA VAL A 52 -58.92 -12.49 -9.31
C VAL A 52 -60.28 -12.62 -8.65
N GLU A 53 -60.27 -12.80 -7.34
CA GLU A 53 -61.49 -12.89 -6.56
C GLU A 53 -61.81 -11.51 -6.00
N ILE A 54 -62.97 -10.98 -6.37
CA ILE A 54 -63.42 -9.66 -5.92
C ILE A 54 -64.58 -9.88 -4.98
N GLU A 55 -64.47 -9.35 -3.75
CA GLU A 55 -65.51 -9.53 -2.76
C GLU A 55 -66.79 -8.85 -3.21
N GLY A 56 -67.89 -9.61 -3.23
CA GLY A 56 -69.15 -9.15 -3.75
C GLY A 56 -69.50 -9.65 -5.13
N SER A 57 -68.55 -10.26 -5.84
CA SER A 57 -68.79 -10.83 -7.15
C SER A 57 -68.70 -12.35 -7.06
N PRO A 58 -69.78 -13.08 -7.36
CA PRO A 58 -69.70 -14.55 -7.30
C PRO A 58 -68.78 -15.16 -8.34
N LYS A 59 -68.46 -14.45 -9.41
CA LYS A 59 -67.64 -14.97 -10.50
C LYS A 59 -66.30 -14.27 -10.54
N LEU A 60 -65.24 -15.04 -10.74
CA LEU A 60 -63.89 -14.48 -10.81
C LEU A 60 -63.80 -13.50 -11.97
N ALA A 61 -63.10 -12.40 -11.75
CA ALA A 61 -63.00 -11.33 -12.72
C ALA A 61 -61.60 -11.26 -13.30
N ARG A 62 -61.53 -11.00 -14.60
CA ARG A 62 -60.24 -10.84 -15.27
C ARG A 62 -59.62 -9.52 -14.87
N ALA A 63 -58.43 -9.57 -14.28
CA ALA A 63 -57.75 -8.36 -13.84
C ALA A 63 -57.32 -7.48 -14.99
N CYS A 64 -57.17 -8.04 -16.19
CA CYS A 64 -56.74 -7.27 -17.35
C CYS A 64 -57.84 -6.39 -17.92
N SER A 65 -59.10 -6.70 -17.64
CA SER A 65 -60.22 -5.94 -18.19
C SER A 65 -61.14 -5.34 -17.15
N THR A 66 -61.04 -5.75 -15.90
CA THR A 66 -61.85 -5.16 -14.84
C THR A 66 -61.19 -3.90 -14.31
N TYR A 67 -61.98 -2.85 -14.11
CA TYR A 67 -61.51 -1.58 -13.61
C TYR A 67 -61.71 -1.49 -12.11
N VAL A 68 -60.77 -0.82 -11.45
CA VAL A 68 -60.82 -0.68 -10.00
C VAL A 68 -61.85 0.37 -9.63
N THR A 69 -62.70 0.04 -8.66
CA THR A 69 -63.72 0.93 -8.14
C THR A 69 -63.45 1.21 -6.67
N ASP A 70 -64.15 2.21 -6.13
CA ASP A 70 -63.91 2.63 -4.77
C ASP A 70 -64.37 1.56 -3.77
N LYS A 71 -63.57 1.35 -2.73
CA LYS A 71 -63.84 0.39 -1.67
C LYS A 71 -63.98 -1.02 -2.23
N MET A 72 -62.96 -1.45 -2.96
CA MET A 72 -62.89 -2.77 -3.58
C MET A 72 -61.97 -3.66 -2.77
N VAL A 73 -62.36 -4.93 -2.62
CA VAL A 73 -61.53 -5.92 -1.95
C VAL A 73 -61.22 -7.02 -2.96
N ILE A 74 -59.93 -7.24 -3.23
CA ILE A 74 -59.48 -8.16 -4.25
C ILE A 74 -58.52 -9.17 -3.64
N LYS A 75 -58.72 -10.44 -3.96
CA LYS A 75 -57.77 -11.50 -3.63
C LYS A 75 -57.21 -12.05 -4.93
N THR A 76 -55.88 -12.18 -5.00
CA THR A 76 -55.22 -12.67 -6.20
C THR A 76 -54.58 -14.03 -6.00
N ASP A 77 -54.62 -14.60 -4.80
CA ASP A 77 -53.99 -15.88 -4.54
C ASP A 77 -54.84 -16.77 -3.64
N SER A 78 -56.16 -16.58 -3.66
CA SER A 78 -57.05 -17.43 -2.89
C SER A 78 -57.11 -18.82 -3.53
N PRO A 79 -57.50 -19.84 -2.76
CA PRO A 79 -57.55 -21.20 -3.32
C PRO A 79 -58.44 -21.32 -4.55
N ARG A 80 -59.54 -20.59 -4.60
CA ARG A 80 -60.38 -20.58 -5.79
C ARG A 80 -59.60 -20.06 -6.99
N VAL A 81 -58.89 -18.95 -6.81
CA VAL A 81 -58.12 -18.34 -7.90
C VAL A 81 -56.98 -19.27 -8.32
N ARG A 82 -56.29 -19.87 -7.35
CA ARG A 82 -55.21 -20.79 -7.66
C ARG A 82 -55.72 -22.00 -8.42
N ASN A 83 -56.88 -22.53 -8.03
CA ASN A 83 -57.45 -23.67 -8.74
C ASN A 83 -57.82 -23.29 -10.17
N ALA A 84 -58.42 -22.11 -10.36
CA ALA A 84 -58.77 -21.67 -11.70
C ALA A 84 -57.54 -21.53 -12.58
N ARG A 85 -56.48 -20.91 -12.04
CA ARG A 85 -55.26 -20.74 -12.82
C ARG A 85 -54.59 -22.07 -13.12
N LYS A 86 -54.59 -22.99 -12.15
CA LYS A 86 -54.01 -24.30 -12.39
C LYS A 86 -54.76 -25.05 -13.47
N MET A 87 -56.09 -24.99 -13.46
CA MET A 87 -56.86 -25.68 -14.48
C MET A 87 -56.65 -25.06 -15.85
N ALA A 88 -56.57 -23.72 -15.92
CA ALA A 88 -56.30 -23.07 -17.20
C ALA A 88 -54.92 -23.47 -17.73
N LEU A 89 -53.92 -23.54 -16.85
CA LEU A 89 -52.58 -23.92 -17.28
C LEU A 89 -52.53 -25.38 -17.71
N GLU A 90 -53.25 -26.26 -17.02
CA GLU A 90 -53.31 -27.66 -17.44
C GLU A 90 -53.97 -27.80 -18.80
N LEU A 91 -55.04 -27.03 -19.03
CA LEU A 91 -55.67 -27.03 -20.34
C LEU A 91 -54.71 -26.54 -21.41
N LEU A 92 -53.95 -25.49 -21.12
CA LEU A 92 -52.98 -24.99 -22.09
C LEU A 92 -51.89 -26.02 -22.37
N LEU A 93 -51.38 -26.68 -21.33
CA LEU A 93 -50.38 -27.73 -21.51
C LEU A 93 -50.95 -28.94 -22.22
N SER A 94 -52.27 -29.08 -22.25
CA SER A 94 -52.88 -30.23 -22.90
C SER A 94 -52.57 -30.26 -24.39
N GLU A 95 -52.56 -29.10 -25.04
CA GLU A 95 -52.34 -29.01 -26.47
C GLU A 95 -50.93 -28.55 -26.83
N HIS A 96 -49.96 -28.88 -25.98
CA HIS A 96 -48.60 -28.37 -26.11
C HIS A 96 -47.64 -29.50 -26.49
N ARG A 97 -46.79 -29.24 -27.47
CA ARG A 97 -45.73 -30.17 -27.87
C ARG A 97 -44.41 -29.42 -27.83
N GLY A 98 -43.51 -29.84 -26.95
CA GLY A 98 -42.18 -29.25 -26.93
C GLY A 98 -41.32 -29.87 -25.87
N ASP A 99 -40.04 -29.52 -25.92
CA ASP A 99 -39.06 -29.88 -24.92
C ASP A 99 -38.59 -28.61 -24.24
N CYS A 100 -39.00 -28.42 -22.98
CA CYS A 100 -38.48 -27.30 -22.21
C CYS A 100 -36.98 -27.42 -22.05
N ARG A 101 -36.49 -28.62 -21.75
CA ARG A 101 -35.08 -28.94 -21.70
C ARG A 101 -34.82 -30.18 -22.55
N PRO A 102 -33.68 -30.25 -23.22
CA PRO A 102 -33.39 -31.40 -24.08
C PRO A 102 -33.11 -32.64 -23.24
N PRO A 103 -33.25 -33.84 -23.82
CA PRO A 103 -33.03 -35.06 -23.03
C PRO A 103 -31.62 -35.18 -22.49
N CYS A 104 -30.64 -34.58 -23.16
CA CYS A 104 -29.27 -34.61 -22.66
C CYS A 104 -29.15 -33.91 -21.31
N VAL A 105 -29.80 -32.76 -21.16
CA VAL A 105 -29.75 -32.04 -19.89
C VAL A 105 -30.46 -32.81 -18.80
N LEU A 106 -31.59 -33.44 -19.14
CA LEU A 106 -32.36 -34.17 -18.15
C LEU A 106 -31.68 -35.47 -17.73
N ALA A 107 -30.84 -36.03 -18.60
CA ALA A 107 -30.13 -37.26 -18.25
C ALA A 107 -28.88 -37.02 -17.42
N CYS A 108 -28.38 -35.81 -17.35
CA CYS A 108 -27.24 -35.50 -16.51
C CYS A 108 -27.68 -35.39 -15.05
N PRO A 109 -27.04 -36.13 -14.14
CA PRO A 109 -27.40 -35.99 -12.72
C PRO A 109 -27.29 -34.58 -12.18
N ALA A 110 -26.32 -33.80 -12.65
CA ALA A 110 -26.16 -32.42 -12.21
C ALA A 110 -26.95 -31.44 -13.07
N HIS A 111 -27.67 -31.93 -14.08
CA HIS A 111 -28.46 -31.10 -14.98
C HIS A 111 -27.59 -30.02 -15.62
N THR A 112 -26.43 -30.43 -16.10
CA THR A 112 -25.57 -29.53 -16.86
C THR A 112 -26.23 -29.18 -18.18
N ASP A 113 -26.13 -27.90 -18.56
CA ASP A 113 -26.71 -27.40 -19.80
C ASP A 113 -25.88 -27.90 -20.97
N CYS A 114 -26.03 -29.19 -21.28
CA CYS A 114 -25.26 -29.79 -22.37
C CYS A 114 -25.52 -29.08 -23.69
N GLN A 115 -26.80 -28.87 -24.02
CA GLN A 115 -27.14 -28.18 -25.25
C GLN A 115 -26.58 -26.76 -25.27
N GLY A 116 -26.65 -26.07 -24.14
CA GLY A 116 -26.19 -24.70 -24.10
C GLY A 116 -24.72 -24.57 -24.41
N TYR A 117 -23.88 -25.33 -23.71
CA TYR A 117 -22.45 -25.19 -23.94
C TYR A 117 -22.00 -25.88 -25.22
N VAL A 118 -22.72 -26.90 -25.69
CA VAL A 118 -22.42 -27.45 -27.01
C VAL A 118 -22.68 -26.41 -28.09
N GLY A 119 -23.81 -25.70 -28.01
CA GLY A 119 -24.09 -24.64 -28.95
C GLY A 119 -23.12 -23.47 -28.84
N LEU A 120 -22.68 -23.16 -27.62
CA LEU A 120 -21.67 -22.12 -27.46
C LEU A 120 -20.33 -22.54 -28.07
N ILE A 121 -19.99 -23.82 -27.96
CA ILE A 121 -18.79 -24.33 -28.64
C ILE A 121 -18.93 -24.21 -30.15
N ALA A 122 -20.10 -24.58 -30.68
CA ALA A 122 -20.33 -24.46 -32.11
C ALA A 122 -20.28 -23.02 -32.58
N ASN A 123 -20.44 -22.05 -31.68
CA ASN A 123 -20.34 -20.63 -32.01
C ASN A 123 -18.97 -20.05 -31.69
N GLY A 124 -18.03 -20.87 -31.22
CA GLY A 124 -16.70 -20.40 -30.91
C GLY A 124 -16.55 -19.74 -29.56
N GLN A 125 -17.56 -19.81 -28.70
CA GLN A 125 -17.54 -19.15 -27.39
C GLN A 125 -17.14 -20.19 -26.35
N PHE A 126 -15.82 -20.37 -26.20
CA PHE A 126 -15.30 -21.40 -25.32
C PHE A 126 -15.28 -20.95 -23.86
N ARG A 127 -14.89 -19.71 -23.61
CA ARG A 127 -14.92 -19.19 -22.24
C ARG A 127 -16.35 -19.13 -21.70
N GLU A 128 -17.30 -18.72 -22.54
CA GLU A 128 -18.69 -18.70 -22.13
C GLU A 128 -19.24 -20.11 -21.93
N ALA A 129 -18.78 -21.06 -22.74
CA ALA A 129 -19.18 -22.45 -22.53
C ALA A 129 -18.68 -22.96 -21.19
N VAL A 130 -17.45 -22.64 -20.82
CA VAL A 130 -16.93 -23.05 -19.51
C VAL A 130 -17.70 -22.39 -18.39
N ALA A 131 -18.01 -21.10 -18.54
CA ALA A 131 -18.77 -20.40 -17.53
C ALA A 131 -20.18 -20.98 -17.38
N LEU A 132 -20.76 -21.46 -18.47
CA LEU A 132 -22.08 -22.08 -18.39
C LEU A 132 -22.00 -23.47 -17.75
N ILE A 133 -20.93 -24.22 -18.04
CA ILE A 133 -20.73 -25.50 -17.37
C ILE A 133 -20.58 -25.30 -15.88
N LYS A 134 -19.82 -24.29 -15.46
CA LYS A 134 -19.53 -24.10 -14.05
C LYS A 134 -20.72 -23.62 -13.24
N GLU A 135 -21.86 -23.38 -13.86
CA GLU A 135 -23.06 -23.07 -13.09
C GLU A 135 -23.63 -24.29 -12.41
N GLN A 136 -23.28 -25.50 -12.88
CA GLN A 136 -23.70 -26.74 -12.28
C GLN A 136 -22.57 -27.68 -11.95
N LEU A 137 -21.40 -27.51 -12.55
CA LEU A 137 -20.29 -28.44 -12.41
C LEU A 137 -18.98 -27.69 -12.35
N PRO A 138 -18.29 -27.68 -11.20
CA PRO A 138 -17.07 -26.87 -11.06
C PRO A 138 -15.82 -27.49 -11.69
N PHE A 139 -15.87 -28.73 -12.17
CA PHE A 139 -14.69 -29.42 -12.70
C PHE A 139 -14.99 -29.93 -14.10
N PRO A 140 -14.98 -29.06 -15.11
CA PRO A 140 -15.27 -29.54 -16.48
C PRO A 140 -14.25 -30.53 -17.01
N ALA A 141 -12.96 -30.22 -16.92
CA ALA A 141 -11.95 -31.09 -17.52
C ALA A 141 -11.90 -32.45 -16.82
N SER A 142 -11.86 -32.45 -15.49
CA SER A 142 -11.75 -33.70 -14.75
C SER A 142 -12.96 -34.60 -14.99
N ILE A 143 -14.16 -34.05 -14.85
CA ILE A 143 -15.37 -34.85 -15.01
C ILE A 143 -15.55 -35.27 -16.46
N GLY A 144 -15.23 -34.39 -17.40
CA GLY A 144 -15.26 -34.76 -18.80
C GLY A 144 -14.29 -35.86 -19.16
N ARG A 145 -13.22 -36.01 -18.40
CA ARG A 145 -12.30 -37.12 -18.62
C ARG A 145 -12.87 -38.43 -18.10
N VAL A 146 -13.50 -38.42 -16.93
CA VAL A 146 -13.99 -39.64 -16.28
C VAL A 146 -15.49 -39.47 -16.05
N CYS A 147 -16.29 -39.93 -16.99
CA CYS A 147 -17.74 -39.88 -16.85
C CYS A 147 -18.38 -40.88 -17.80
N PRO A 148 -19.26 -41.76 -17.30
CA PRO A 148 -19.96 -42.69 -18.19
C PRO A 148 -20.94 -42.00 -19.13
N HIS A 149 -21.20 -40.71 -18.95
CA HIS A 149 -22.06 -39.85 -19.75
C HIS A 149 -23.39 -40.50 -20.12
N PRO A 150 -24.33 -40.61 -19.18
CA PRO A 150 -25.70 -41.01 -19.54
C PRO A 150 -26.37 -40.03 -20.47
N CYS A 151 -25.95 -38.76 -20.46
CA CYS A 151 -26.49 -37.76 -21.35
C CYS A 151 -26.34 -38.18 -22.81
N GLU A 152 -25.25 -38.87 -23.14
CA GLU A 152 -25.07 -39.34 -24.51
C GLU A 152 -25.96 -40.53 -24.81
N GLU A 153 -26.27 -41.34 -23.80
CA GLU A 153 -27.25 -42.41 -23.99
C GLU A 153 -28.63 -41.84 -24.27
N ALA A 154 -28.97 -40.72 -23.65
CA ALA A 154 -30.26 -40.08 -23.86
C ALA A 154 -30.27 -39.10 -25.03
N CYS A 155 -29.12 -38.86 -25.66
CA CYS A 155 -29.04 -37.89 -26.75
C CYS A 155 -29.94 -38.31 -27.89
N ARG A 156 -30.63 -37.34 -28.50
CA ARG A 156 -31.54 -37.64 -29.59
C ARG A 156 -30.83 -37.86 -30.91
N ARG A 157 -29.57 -37.45 -31.03
CA ARG A 157 -28.80 -37.78 -32.22
C ARG A 157 -28.55 -39.28 -32.34
N ASN A 158 -28.76 -40.03 -31.25
CA ASN A 158 -28.80 -41.48 -31.34
C ASN A 158 -29.81 -41.94 -32.39
N MET A 159 -30.91 -41.20 -32.53
CA MET A 159 -31.92 -41.51 -33.52
C MET A 159 -31.48 -41.19 -34.94
N VAL A 160 -30.35 -40.51 -35.12
CA VAL A 160 -29.89 -40.20 -36.47
C VAL A 160 -28.66 -41.02 -36.83
N ASP A 161 -27.51 -40.71 -36.22
CA ASP A 161 -26.35 -41.56 -36.41
C ASP A 161 -25.69 -42.03 -35.11
N GLN A 162 -25.23 -41.08 -34.29
CA GLN A 162 -24.40 -41.33 -33.12
C GLN A 162 -24.54 -40.14 -32.19
N PRO A 163 -24.59 -40.35 -30.88
CA PRO A 163 -24.81 -39.22 -29.96
C PRO A 163 -23.68 -38.22 -29.99
N ILE A 164 -24.00 -37.00 -29.58
CA ILE A 164 -22.99 -35.95 -29.49
C ILE A 164 -21.96 -36.33 -28.43
N ALA A 165 -20.70 -36.02 -28.71
CA ALA A 165 -19.60 -36.25 -27.77
C ALA A 165 -19.62 -35.17 -26.70
N ILE A 166 -20.66 -35.24 -25.87
CA ILE A 166 -20.89 -34.20 -24.86
C ILE A 166 -19.74 -34.16 -23.86
N ALA A 167 -19.34 -35.32 -23.35
CA ALA A 167 -18.24 -35.37 -22.39
C ALA A 167 -16.93 -34.92 -23.02
N GLU A 168 -16.69 -35.33 -24.27
CA GLU A 168 -15.46 -34.94 -24.95
C GLU A 168 -15.41 -33.43 -25.18
N LEU A 169 -16.53 -32.83 -25.56
CA LEU A 169 -16.57 -31.38 -25.74
C LEU A 169 -16.36 -30.65 -24.42
N LYS A 170 -16.95 -31.17 -23.34
CA LYS A 170 -16.72 -30.57 -22.02
C LYS A 170 -15.25 -30.66 -21.63
N ARG A 171 -14.61 -31.79 -21.90
CA ARG A 171 -13.18 -31.92 -21.66
C ARG A 171 -12.38 -30.93 -22.50
N PHE A 172 -12.78 -30.74 -23.76
CA PHE A 172 -12.11 -29.79 -24.64
C PHE A 172 -12.14 -28.38 -24.06
N VAL A 173 -13.33 -27.91 -23.68
CA VAL A 173 -13.41 -26.53 -23.18
C VAL A 173 -12.76 -26.41 -21.81
N GLY A 174 -12.86 -27.46 -20.98
CA GLY A 174 -12.20 -27.40 -19.68
C GLY A 174 -10.69 -27.34 -19.79
N ASP A 175 -10.12 -28.08 -20.74
CA ASP A 175 -8.69 -27.99 -21.00
C ASP A 175 -8.30 -26.63 -21.55
N ILE A 176 -9.14 -26.05 -22.41
CA ILE A 176 -8.86 -24.72 -22.93
C ILE A 176 -8.85 -23.69 -21.80
N ASP A 177 -9.80 -23.80 -20.87
CA ASP A 177 -9.89 -22.83 -19.79
C ASP A 177 -8.73 -22.96 -18.81
N LEU A 178 -8.12 -24.13 -18.71
CA LEU A 178 -7.04 -24.33 -17.76
C LEU A 178 -5.69 -23.84 -18.28
N LEU A 179 -5.61 -23.43 -19.55
CA LEU A 179 -4.36 -22.90 -20.08
C LEU A 179 -3.99 -21.59 -19.40
N ASP A 180 -4.83 -20.58 -19.54
CA ASP A 180 -4.68 -19.34 -18.81
C ASP A 180 -5.33 -19.48 -17.44
N ASP A 181 -5.54 -18.38 -16.74
CA ASP A 181 -6.28 -18.41 -15.49
C ASP A 181 -7.67 -18.98 -15.74
N GLY A 182 -8.07 -19.94 -14.91
CA GLY A 182 -9.38 -20.54 -15.06
C GLY A 182 -10.50 -19.59 -14.67
N TYR A 183 -11.71 -19.95 -15.10
CA TYR A 183 -12.87 -19.12 -14.82
C TYR A 183 -13.30 -19.27 -13.37
N ILE A 184 -13.52 -18.14 -12.71
CA ILE A 184 -14.04 -18.11 -11.35
C ILE A 184 -15.35 -17.31 -11.38
N PRO A 185 -16.46 -17.87 -10.92
CA PRO A 185 -17.74 -17.16 -10.99
C PRO A 185 -17.76 -15.97 -10.05
N PRO A 186 -18.65 -15.00 -10.27
CA PRO A 186 -18.75 -13.87 -9.35
C PRO A 186 -19.11 -14.31 -7.94
N ILE A 187 -18.62 -13.55 -6.97
CA ILE A 187 -18.73 -13.91 -5.56
C ILE A 187 -19.61 -12.89 -4.87
N LYS A 188 -20.64 -13.37 -4.18
CA LYS A 188 -21.51 -12.47 -3.43
C LYS A 188 -20.77 -11.88 -2.24
N PRO A 189 -21.18 -10.71 -1.76
CA PRO A 189 -20.52 -10.13 -0.59
C PRO A 189 -20.65 -11.03 0.63
N LYS A 190 -19.66 -10.93 1.51
CA LYS A 190 -19.57 -11.82 2.66
C LYS A 190 -20.83 -11.76 3.51
N THR A 191 -21.30 -12.93 3.94
CA THR A 191 -22.53 -13.05 4.71
C THR A 191 -22.29 -13.26 6.19
N GLY A 192 -21.05 -13.49 6.61
CA GLY A 192 -20.75 -13.70 8.01
C GLY A 192 -21.03 -15.09 8.54
N LYS A 193 -21.48 -16.01 7.70
CA LYS A 193 -21.76 -17.37 8.11
C LYS A 193 -20.57 -18.28 7.84
N LYS A 194 -20.51 -19.38 8.56
CA LYS A 194 -19.40 -20.33 8.47
C LYS A 194 -19.94 -21.74 8.27
N VAL A 195 -19.43 -22.41 7.25
CA VAL A 195 -19.78 -23.80 6.96
C VAL A 195 -18.50 -24.62 6.94
N ALA A 196 -18.51 -25.75 7.62
CA ALA A 196 -17.39 -26.67 7.66
C ALA A 196 -17.75 -27.92 6.87
N ILE A 197 -16.99 -28.19 5.81
CA ILE A 197 -17.16 -29.40 5.02
C ILE A 197 -16.08 -30.38 5.41
N VAL A 198 -16.48 -31.61 5.72
CA VAL A 198 -15.57 -32.68 6.08
C VAL A 198 -15.45 -33.60 4.88
N GLY A 199 -14.32 -33.54 4.20
CA GLY A 199 -14.10 -34.35 3.02
C GLY A 199 -13.92 -33.51 1.76
N GLY A 200 -12.69 -33.48 1.25
CA GLY A 200 -12.40 -32.72 0.05
C GLY A 200 -12.51 -33.54 -1.22
N GLY A 201 -13.60 -34.28 -1.36
CA GLY A 201 -13.88 -35.01 -2.57
C GLY A 201 -14.76 -34.21 -3.51
N PRO A 202 -15.28 -34.86 -4.55
CA PRO A 202 -16.19 -34.15 -5.46
C PRO A 202 -17.39 -33.52 -4.77
N ALA A 203 -18.03 -34.22 -3.83
CA ALA A 203 -19.20 -33.67 -3.16
C ALA A 203 -18.85 -32.52 -2.24
N GLY A 204 -17.81 -32.70 -1.43
CA GLY A 204 -17.41 -31.64 -0.52
C GLY A 204 -16.88 -30.41 -1.24
N LEU A 205 -16.09 -30.63 -2.29
CA LEU A 205 -15.57 -29.50 -3.05
C LEU A 205 -16.67 -28.80 -3.83
N THR A 206 -17.68 -29.55 -4.31
CA THR A 206 -18.83 -28.91 -4.94
C THR A 206 -19.62 -28.07 -3.96
N CYS A 207 -19.84 -28.59 -2.74
CA CYS A 207 -20.55 -27.82 -1.73
C CYS A 207 -19.77 -26.56 -1.37
N ALA A 208 -18.45 -26.67 -1.24
CA ALA A 208 -17.62 -25.50 -0.98
C ALA A 208 -17.71 -24.50 -2.12
N PHE A 209 -17.68 -24.98 -3.36
CA PHE A 209 -17.76 -24.11 -4.53
C PHE A 209 -19.06 -23.32 -4.54
N PHE A 210 -20.17 -23.98 -4.27
CA PHE A 210 -21.47 -23.34 -4.38
C PHE A 210 -21.88 -22.57 -3.14
N LEU A 211 -21.26 -22.85 -1.99
CA LEU A 211 -21.50 -22.03 -0.80
C LEU A 211 -20.59 -20.82 -0.76
N ALA A 212 -19.39 -20.90 -1.31
CA ALA A 212 -18.54 -19.73 -1.42
C ALA A 212 -19.16 -18.70 -2.37
N LYS A 213 -19.82 -19.18 -3.44
CA LYS A 213 -20.49 -18.28 -4.37
C LYS A 213 -21.53 -17.43 -3.67
N GLU A 214 -22.17 -17.96 -2.64
CA GLU A 214 -23.19 -17.22 -1.90
C GLU A 214 -22.60 -16.28 -0.86
N GLY A 215 -21.28 -16.26 -0.70
CA GLY A 215 -20.63 -15.35 0.21
C GLY A 215 -20.22 -15.93 1.54
N HIS A 216 -20.56 -17.19 1.82
CA HIS A 216 -20.22 -17.77 3.11
C HIS A 216 -18.72 -18.06 3.21
N ASP A 217 -18.24 -18.10 4.44
CA ASP A 217 -16.84 -18.45 4.73
C ASP A 217 -16.75 -19.95 4.91
N ILE A 218 -15.93 -20.60 4.07
CA ILE A 218 -15.90 -22.05 3.95
C ILE A 218 -14.54 -22.57 4.38
N VAL A 219 -14.54 -23.58 5.23
CA VAL A 219 -13.35 -24.32 5.61
C VAL A 219 -13.59 -25.79 5.35
N VAL A 220 -12.70 -26.42 4.59
CA VAL A 220 -12.81 -27.83 4.24
C VAL A 220 -11.77 -28.61 5.02
N TYR A 221 -12.20 -29.67 5.69
CA TYR A 221 -11.32 -30.54 6.45
C TYR A 221 -11.13 -31.84 5.67
N GLU A 222 -9.88 -32.15 5.33
CA GLU A 222 -9.56 -33.31 4.53
C GLU A 222 -8.58 -34.19 5.30
N ALA A 223 -8.86 -35.50 5.33
CA ALA A 223 -7.99 -36.42 6.05
C ALA A 223 -6.70 -36.71 5.29
N MET A 224 -6.75 -36.65 3.96
CA MET A 224 -5.61 -37.00 3.13
C MET A 224 -4.68 -35.82 2.94
N PRO A 225 -3.43 -36.06 2.49
CA PRO A 225 -2.51 -34.94 2.27
C PRO A 225 -3.01 -33.93 1.24
N LYS A 226 -3.75 -34.38 0.24
CA LYS A 226 -4.29 -33.50 -0.80
C LYS A 226 -5.78 -33.73 -0.94
N ALA A 227 -6.47 -32.71 -1.42
CA ALA A 227 -7.89 -32.83 -1.70
C ALA A 227 -8.12 -33.50 -3.05
N GLY A 228 -9.36 -33.91 -3.29
CA GLY A 228 -9.70 -34.57 -4.54
C GLY A 228 -10.47 -35.85 -4.32
N GLY A 229 -10.27 -36.49 -3.17
CA GLY A 229 -11.01 -37.69 -2.86
C GLY A 229 -10.64 -38.83 -3.80
N MET A 230 -11.63 -39.64 -4.14
CA MET A 230 -11.39 -40.78 -5.02
C MET A 230 -11.03 -40.36 -6.43
N LEU A 231 -11.26 -39.10 -6.80
CA LEU A 231 -10.75 -38.61 -8.07
C LEU A 231 -9.23 -38.64 -8.09
N ARG A 232 -8.58 -38.46 -6.95
CA ARG A 232 -7.13 -38.52 -6.82
C ARG A 232 -6.63 -39.90 -6.44
N TYR A 233 -7.30 -40.56 -5.50
CA TYR A 233 -6.80 -41.79 -4.91
C TYR A 233 -7.48 -43.04 -5.44
N GLY A 234 -8.60 -42.90 -6.15
CA GLY A 234 -9.25 -44.05 -6.74
C GLY A 234 -9.04 -44.16 -8.23
N ILE A 235 -9.18 -43.05 -8.95
CA ILE A 235 -9.04 -43.07 -10.40
C ILE A 235 -7.55 -42.99 -10.75
N PRO A 236 -7.04 -43.91 -11.57
CA PRO A 236 -5.61 -43.92 -11.87
C PRO A 236 -5.20 -42.73 -12.74
N GLU A 237 -3.89 -42.50 -12.76
CA GLU A 237 -3.34 -41.34 -13.46
C GLU A 237 -3.53 -41.44 -14.97
N TYR A 238 -3.53 -42.65 -15.52
CA TYR A 238 -3.67 -42.78 -16.97
C TYR A 238 -5.08 -42.47 -17.45
N ARG A 239 -6.06 -42.38 -16.55
CA ARG A 239 -7.40 -41.98 -16.91
C ARG A 239 -7.72 -40.55 -16.49
N LEU A 240 -7.12 -40.07 -15.41
CA LEU A 240 -7.30 -38.70 -14.95
C LEU A 240 -5.98 -38.20 -14.39
N PRO A 241 -5.19 -37.45 -15.17
CA PRO A 241 -3.95 -36.89 -14.63
C PRO A 241 -4.24 -35.96 -13.46
N LYS A 242 -3.35 -35.98 -12.48
CA LYS A 242 -3.57 -35.23 -11.24
C LYS A 242 -3.19 -33.76 -11.36
N GLY A 243 -2.50 -33.37 -12.44
CA GLY A 243 -2.26 -31.94 -12.65
C GLY A 243 -3.54 -31.18 -12.90
N ILE A 244 -4.46 -31.76 -13.68
CA ILE A 244 -5.76 -31.14 -13.94
C ILE A 244 -6.54 -31.02 -12.63
N LEU A 245 -6.53 -32.08 -11.83
CA LEU A 245 -7.22 -32.06 -10.54
C LEU A 245 -6.63 -31.00 -9.62
N ASP A 246 -5.29 -30.91 -9.58
CA ASP A 246 -4.65 -29.88 -8.76
C ASP A 246 -5.04 -28.49 -9.23
N LYS A 247 -5.08 -28.26 -10.55
CA LYS A 247 -5.44 -26.96 -11.08
C LYS A 247 -6.86 -26.57 -10.69
N GLU A 248 -7.79 -27.53 -10.78
CA GLU A 248 -9.18 -27.21 -10.44
C GLU A 248 -9.35 -26.98 -8.94
N ILE A 249 -8.64 -27.74 -8.11
CA ILE A 249 -8.71 -27.49 -6.68
C ILE A 249 -8.08 -26.15 -6.32
N GLU A 250 -7.02 -25.75 -7.04
CA GLU A 250 -6.46 -24.42 -6.85
C GLU A 250 -7.46 -23.35 -7.26
N LEU A 251 -8.23 -23.60 -8.32
CA LEU A 251 -9.28 -22.68 -8.70
C LEU A 251 -10.31 -22.52 -7.59
N ILE A 252 -10.70 -23.62 -6.96
CA ILE A 252 -11.65 -23.56 -5.85
C ILE A 252 -11.05 -22.81 -4.66
N GLU A 253 -9.75 -23.03 -4.39
CA GLU A 253 -9.10 -22.33 -3.29
C GLU A 253 -8.97 -20.83 -3.58
N LYS A 254 -8.83 -20.45 -4.85
CA LYS A 254 -8.73 -19.05 -5.23
C LYS A 254 -10.03 -18.29 -5.01
N MET A 255 -11.13 -19.00 -4.74
CA MET A 255 -12.44 -18.41 -4.57
C MET A 255 -12.75 -18.11 -3.11
N GLY A 256 -11.76 -18.28 -2.22
CA GLY A 256 -11.93 -18.00 -0.81
C GLY A 256 -12.10 -19.23 0.06
N VAL A 257 -12.22 -20.41 -0.54
CA VAL A 257 -12.34 -21.65 0.24
C VAL A 257 -10.98 -22.02 0.79
N GLN A 258 -10.94 -22.36 2.07
CA GLN A 258 -9.72 -22.77 2.74
C GLN A 258 -9.79 -24.26 3.02
N ILE A 259 -8.76 -24.99 2.59
CA ILE A 259 -8.72 -26.44 2.69
C ILE A 259 -7.68 -26.83 3.72
N LYS A 260 -8.11 -27.49 4.78
CA LYS A 260 -7.23 -27.92 5.87
C LYS A 260 -6.97 -29.41 5.71
N THR A 261 -5.94 -29.75 4.95
CA THR A 261 -5.61 -31.14 4.70
C THR A 261 -4.97 -31.78 5.92
N ASN A 262 -4.92 -33.12 5.91
CA ASN A 262 -4.38 -33.90 7.02
C ASN A 262 -5.12 -33.62 8.33
N MET A 263 -6.43 -33.46 8.23
CA MET A 263 -7.28 -33.13 9.38
C MET A 263 -8.48 -34.08 9.38
N ARG A 264 -8.28 -35.26 9.96
CA ARG A 264 -9.31 -36.28 9.96
C ARG A 264 -10.34 -36.02 11.05
N LEU A 265 -11.61 -36.22 10.73
CA LEU A 265 -12.68 -36.07 11.71
C LEU A 265 -12.72 -37.27 12.64
N GLY A 266 -12.76 -37.00 13.94
CA GLY A 266 -12.72 -38.04 14.94
C GLY A 266 -11.34 -38.43 15.42
N VAL A 267 -10.29 -37.91 14.78
CA VAL A 267 -8.93 -38.15 15.23
C VAL A 267 -8.27 -36.82 15.53
N ASP A 268 -8.11 -35.98 14.51
CA ASP A 268 -7.52 -34.67 14.69
C ASP A 268 -8.54 -33.65 15.17
N ILE A 269 -9.79 -33.78 14.71
CA ILE A 269 -10.85 -32.86 15.05
C ILE A 269 -12.09 -33.67 15.38
N SER A 270 -12.99 -33.05 16.14
CA SER A 270 -14.21 -33.72 16.58
C SER A 270 -15.42 -33.07 15.91
N LEU A 271 -16.50 -33.85 15.79
CA LEU A 271 -17.73 -33.32 15.24
C LEU A 271 -18.31 -32.23 16.13
N GLU A 272 -18.22 -32.40 17.45
CA GLU A 272 -18.83 -31.44 18.36
C GLU A 272 -18.14 -30.08 18.27
N TYR A 273 -16.83 -30.05 18.08
CA TYR A 273 -16.15 -28.78 17.86
C TYR A 273 -16.65 -28.10 16.60
N LEU A 274 -16.86 -28.88 15.53
CA LEU A 274 -17.41 -28.33 14.29
C LEU A 274 -18.79 -27.74 14.52
N ARG A 275 -19.64 -28.46 15.27
CA ARG A 275 -20.97 -27.94 15.57
C ARG A 275 -20.89 -26.68 16.40
N LYS A 276 -19.91 -26.60 17.30
CA LYS A 276 -19.82 -25.45 18.19
C LYS A 276 -19.37 -24.19 17.45
N ASN A 277 -18.32 -24.30 16.62
CA ASN A 277 -17.73 -23.12 16.03
C ASN A 277 -18.03 -22.95 14.54
N TYR A 278 -19.08 -23.57 14.03
CA TYR A 278 -19.47 -23.36 12.64
C TYR A 278 -20.99 -23.30 12.54
N ASP A 279 -21.49 -22.43 11.64
CA ASP A 279 -22.92 -22.29 11.46
C ASP A 279 -23.54 -23.55 10.87
N ALA A 280 -22.86 -24.17 9.90
CA ALA A 280 -23.35 -25.41 9.32
C ALA A 280 -22.19 -26.38 9.13
N VAL A 281 -22.52 -27.68 9.12
CA VAL A 281 -21.54 -28.73 8.88
C VAL A 281 -22.06 -29.65 7.79
N PHE A 282 -21.26 -29.87 6.76
CA PHE A 282 -21.56 -30.79 5.68
C PHE A 282 -20.55 -31.94 5.73
N LEU A 283 -21.03 -33.17 5.62
CA LEU A 283 -20.18 -34.35 5.69
C LEU A 283 -20.20 -35.06 4.36
N ALA A 284 -19.04 -35.17 3.72
CA ALA A 284 -18.89 -35.78 2.41
C ALA A 284 -17.70 -36.74 2.44
N VAL A 285 -17.67 -37.60 3.46
CA VAL A 285 -16.53 -38.46 3.72
C VAL A 285 -16.39 -39.61 2.75
N GLY A 286 -17.40 -39.88 1.94
CA GLY A 286 -17.30 -40.96 0.98
C GLY A 286 -17.32 -42.33 1.64
N ALA A 287 -17.08 -43.34 0.81
CA ALA A 287 -17.08 -44.74 1.23
C ALA A 287 -15.64 -45.25 1.09
N TRP A 288 -14.87 -45.09 2.16
CA TRP A 288 -13.43 -45.32 2.11
C TRP A 288 -13.00 -46.60 2.82
N LYS A 289 -13.93 -47.53 3.04
CA LYS A 289 -13.61 -48.83 3.61
C LYS A 289 -13.99 -49.90 2.60
N SER A 290 -13.02 -50.69 2.18
CA SER A 290 -13.25 -51.70 1.17
C SER A 290 -13.90 -52.94 1.77
N SER A 291 -14.51 -53.75 0.90
CA SER A 291 -15.20 -54.96 1.31
C SER A 291 -14.24 -56.15 1.21
N THR A 292 -14.15 -56.91 2.29
CA THR A 292 -13.28 -58.07 2.31
C THR A 292 -13.87 -59.19 1.46
N LEU A 293 -13.06 -60.21 1.19
CA LEU A 293 -13.50 -61.32 0.36
C LEU A 293 -14.68 -62.07 0.96
N GLY A 294 -14.87 -61.98 2.27
CA GLY A 294 -15.96 -62.68 2.92
C GLY A 294 -15.83 -64.19 2.86
N CYS A 295 -14.60 -64.70 2.93
CA CYS A 295 -14.32 -66.13 2.91
C CYS A 295 -13.20 -66.40 3.89
N PRO A 296 -13.08 -67.64 4.38
CA PRO A 296 -11.96 -67.98 5.26
C PRO A 296 -10.63 -67.74 4.56
N GLY A 297 -9.66 -67.24 5.33
CA GLY A 297 -8.35 -66.94 4.79
C GLY A 297 -8.22 -65.59 4.12
N ASP A 298 -9.23 -64.73 4.22
CA ASP A 298 -9.18 -63.41 3.58
C ASP A 298 -8.37 -62.40 4.39
N SER A 299 -7.60 -62.85 5.38
CA SER A 299 -6.75 -61.97 6.17
C SER A 299 -5.29 -62.38 6.07
N ALA A 300 -4.92 -63.14 5.05
CA ALA A 300 -3.56 -63.59 4.87
C ALA A 300 -2.67 -62.45 4.38
N GLU A 301 -1.40 -62.76 4.14
CA GLU A 301 -0.47 -61.79 3.57
C GLU A 301 -0.50 -61.93 2.07
N GLY A 302 -1.01 -60.90 1.38
CA GLY A 302 -1.16 -60.97 -0.05
C GLY A 302 -2.58 -60.71 -0.49
N VAL A 303 -3.47 -60.44 0.46
CA VAL A 303 -4.82 -59.98 0.18
C VAL A 303 -4.88 -58.51 0.57
N ILE A 304 -5.43 -57.69 -0.31
CA ILE A 304 -5.49 -56.25 -0.09
C ILE A 304 -6.77 -55.74 -0.73
N GLY A 305 -7.36 -54.72 -0.09
CA GLY A 305 -8.54 -54.10 -0.65
C GLY A 305 -8.22 -53.37 -1.94
N GLY A 306 -9.23 -53.28 -2.81
CA GLY A 306 -9.02 -52.63 -4.10
C GLY A 306 -8.68 -51.16 -3.97
N ILE A 307 -9.45 -50.44 -3.15
CA ILE A 307 -9.20 -49.02 -3.02
C ILE A 307 -7.99 -48.75 -2.15
N GLU A 308 -7.69 -49.62 -1.18
CA GLU A 308 -6.45 -49.48 -0.42
C GLU A 308 -5.24 -49.66 -1.33
N PHE A 309 -5.28 -50.66 -2.20
CA PHE A 309 -4.21 -50.86 -3.17
C PHE A 309 -4.08 -49.67 -4.11
N LEU A 310 -5.21 -49.16 -4.62
CA LEU A 310 -5.16 -48.03 -5.53
C LEU A 310 -4.67 -46.77 -4.83
N ARG A 311 -5.02 -46.59 -3.56
CA ARG A 311 -4.52 -45.45 -2.80
C ARG A 311 -3.03 -45.57 -2.55
N LYS A 312 -2.54 -46.78 -2.29
CA LYS A 312 -1.11 -46.99 -2.14
C LYS A 312 -0.37 -46.66 -3.44
N VAL A 313 -0.92 -47.08 -4.57
CA VAL A 313 -0.26 -46.82 -5.85
C VAL A 313 -0.30 -45.33 -6.18
N SER A 314 -1.42 -44.66 -5.88
CA SER A 314 -1.54 -43.24 -6.15
C SER A 314 -0.54 -42.43 -5.31
N MET A 315 -0.35 -42.82 -4.05
CA MET A 315 0.57 -42.14 -3.16
C MET A 315 2.02 -42.58 -3.37
N ASN A 316 2.28 -43.42 -4.38
CA ASN A 316 3.61 -43.91 -4.70
C ASN A 316 4.21 -44.72 -3.55
N GLN A 317 3.38 -45.33 -2.74
CA GLN A 317 3.86 -46.16 -1.66
C GLN A 317 4.08 -47.60 -2.16
N PRO A 318 5.04 -48.31 -1.56
CA PRO A 318 5.32 -49.67 -2.05
C PRO A 318 4.15 -50.62 -1.86
N VAL A 319 3.94 -51.47 -2.85
CA VAL A 319 2.90 -52.49 -2.82
C VAL A 319 3.57 -53.83 -3.09
N ASN A 320 3.24 -54.83 -2.29
CA ASN A 320 3.81 -56.17 -2.44
C ASN A 320 2.97 -56.95 -3.45
N LEU A 321 3.09 -56.53 -4.70
CA LEU A 321 2.35 -57.13 -5.81
C LEU A 321 3.22 -58.19 -6.45
N GLY A 322 2.73 -59.43 -6.47
CA GLY A 322 3.53 -60.53 -6.99
C GLY A 322 3.55 -60.59 -8.50
N GLN A 323 3.50 -61.79 -9.06
CA GLN A 323 3.40 -61.99 -10.49
C GLN A 323 2.10 -62.61 -10.92
N ARG A 324 1.30 -63.13 -9.99
CA ARG A 324 -0.04 -63.66 -10.27
C ARG A 324 -1.02 -62.90 -9.39
N VAL A 325 -1.85 -62.06 -10.01
CA VAL A 325 -2.78 -61.21 -9.31
C VAL A 325 -4.19 -61.66 -9.66
N LEU A 326 -5.02 -61.81 -8.63
CA LEU A 326 -6.43 -62.14 -8.81
C LEU A 326 -7.25 -60.97 -8.28
N VAL A 327 -7.93 -60.27 -9.17
CA VAL A 327 -8.80 -59.17 -8.79
C VAL A 327 -10.22 -59.71 -8.72
N VAL A 328 -10.82 -59.67 -7.53
CA VAL A 328 -12.17 -60.18 -7.31
C VAL A 328 -13.14 -59.02 -7.38
N GLY A 329 -14.11 -59.11 -8.29
CA GLY A 329 -15.07 -58.06 -8.52
C GLY A 329 -15.21 -57.74 -10.00
N GLY A 330 -16.17 -56.86 -10.28
CA GLY A 330 -16.44 -56.50 -11.65
C GLY A 330 -16.79 -55.04 -11.87
N GLY A 331 -16.49 -54.19 -10.89
CA GLY A 331 -16.85 -52.80 -10.92
C GLY A 331 -15.72 -51.90 -11.40
N ASN A 332 -15.84 -50.61 -11.07
CA ASN A 332 -14.80 -49.65 -11.40
C ASN A 332 -13.49 -49.99 -10.71
N THR A 333 -13.57 -50.32 -9.42
CA THR A 333 -12.37 -50.64 -8.65
C THR A 333 -11.66 -51.86 -9.19
N ALA A 334 -12.41 -52.87 -9.60
CA ALA A 334 -11.80 -54.10 -10.13
C ALA A 334 -11.03 -53.80 -11.41
N MET A 335 -11.64 -53.07 -12.34
CA MET A 335 -10.96 -52.76 -13.60
C MET A 335 -9.74 -51.88 -13.36
N ASP A 336 -9.88 -50.85 -12.53
CA ASP A 336 -8.74 -49.98 -12.26
C ASP A 336 -7.61 -50.73 -11.60
N ALA A 337 -7.92 -51.60 -10.63
CA ALA A 337 -6.89 -52.38 -9.96
C ALA A 337 -6.21 -53.34 -10.93
N ALA A 338 -6.99 -54.00 -11.80
CA ALA A 338 -6.40 -54.93 -12.74
C ALA A 338 -5.46 -54.24 -13.71
N ARG A 339 -5.88 -53.09 -14.24
CA ARG A 339 -5.03 -52.39 -15.21
C ARG A 339 -3.81 -51.77 -14.53
N THR A 340 -3.96 -51.29 -13.29
CA THR A 340 -2.81 -50.79 -12.55
C THR A 340 -1.82 -51.91 -12.25
N ALA A 341 -2.33 -53.09 -11.89
CA ALA A 341 -1.45 -54.22 -11.66
C ALA A 341 -0.72 -54.64 -12.93
N ILE A 342 -1.41 -54.55 -14.07
CA ILE A 342 -0.74 -54.79 -15.35
C ILE A 342 0.39 -53.78 -15.56
N ARG A 343 0.10 -52.50 -15.27
CA ARG A 343 1.11 -51.47 -15.45
C ARG A 343 2.20 -51.52 -14.40
N LEU A 344 1.96 -52.19 -13.27
CA LEU A 344 2.96 -52.33 -12.22
C LEU A 344 3.87 -53.53 -12.42
N GLY A 345 3.73 -54.22 -13.55
CA GLY A 345 4.65 -55.28 -13.91
C GLY A 345 4.18 -56.70 -13.64
N ALA A 346 2.93 -56.89 -13.25
CA ALA A 346 2.42 -58.24 -13.03
C ALA A 346 2.31 -58.99 -14.36
N LYS A 347 2.86 -60.19 -14.41
CA LYS A 347 2.85 -60.98 -15.64
C LYS A 347 1.52 -61.68 -15.89
N GLU A 348 0.66 -61.76 -14.89
CA GLU A 348 -0.64 -62.41 -15.06
C GLU A 348 -1.64 -61.72 -14.13
N VAL A 349 -2.64 -61.08 -14.71
CA VAL A 349 -3.73 -60.47 -13.96
C VAL A 349 -5.04 -61.10 -14.43
N THR A 350 -5.80 -61.64 -13.49
CA THR A 350 -7.08 -62.27 -13.78
C THR A 350 -8.16 -61.61 -12.94
N VAL A 351 -9.31 -61.37 -13.57
CA VAL A 351 -10.46 -60.76 -12.90
C VAL A 351 -11.53 -61.83 -12.73
N LEU A 352 -11.98 -62.00 -11.49
CA LEU A 352 -13.01 -62.99 -11.17
C LEU A 352 -14.28 -62.25 -10.78
N TYR A 353 -15.37 -62.54 -11.47
CA TYR A 353 -16.65 -61.90 -11.23
C TYR A 353 -17.72 -62.94 -10.91
N ARG A 354 -18.56 -62.64 -9.93
CA ARG A 354 -19.63 -63.55 -9.55
C ARG A 354 -20.63 -63.77 -10.69
N ARG A 355 -20.99 -62.72 -11.39
CA ARG A 355 -22.02 -62.76 -12.40
C ARG A 355 -21.40 -62.85 -13.79
N THR A 356 -22.23 -62.70 -14.82
CA THR A 356 -21.80 -62.85 -16.20
C THR A 356 -21.19 -61.55 -16.73
N ARG A 357 -20.54 -61.65 -17.89
CA ARG A 357 -19.89 -60.49 -18.50
C ARG A 357 -20.91 -59.44 -18.92
N GLU A 358 -22.02 -59.85 -19.52
CA GLU A 358 -22.97 -58.93 -20.12
C GLU A 358 -23.77 -58.13 -19.10
N GLU A 359 -23.46 -58.26 -17.80
CA GLU A 359 -24.13 -57.48 -16.78
C GLU A 359 -23.12 -56.91 -15.79
N MET A 360 -21.88 -56.73 -16.24
CA MET A 360 -20.83 -56.19 -15.39
C MET A 360 -21.14 -54.73 -15.04
N PRO A 361 -20.95 -54.33 -13.79
CA PRO A 361 -21.15 -52.92 -13.43
C PRO A 361 -20.19 -51.99 -14.13
N ALA A 362 -19.02 -52.47 -14.54
CA ALA A 362 -18.04 -51.63 -15.20
C ALA A 362 -18.49 -51.28 -16.61
N GLU A 363 -17.94 -50.17 -17.10
CA GLU A 363 -18.24 -49.74 -18.47
C GLU A 363 -17.59 -50.68 -19.47
N ASP A 364 -18.24 -50.86 -20.61
CA ASP A 364 -17.74 -51.77 -21.63
C ASP A 364 -16.42 -51.31 -22.20
N ILE A 365 -16.21 -50.00 -22.33
CA ILE A 365 -14.96 -49.49 -22.89
C ILE A 365 -13.79 -49.82 -21.97
N GLU A 366 -13.98 -49.68 -20.65
CA GLU A 366 -12.93 -50.01 -19.71
C GLU A 366 -12.57 -51.49 -19.77
N VAL A 367 -13.59 -52.35 -19.83
CA VAL A 367 -13.35 -53.79 -19.91
C VAL A 367 -12.63 -54.15 -21.19
N ASN A 368 -13.03 -53.54 -22.31
CA ASN A 368 -12.35 -53.80 -23.57
C ASN A 368 -10.91 -53.35 -23.54
N GLU A 369 -10.65 -52.17 -22.96
CA GLU A 369 -9.28 -51.67 -22.86
C GLU A 369 -8.44 -52.56 -21.97
N ALA A 370 -9.01 -53.06 -20.87
CA ALA A 370 -8.30 -54.01 -20.03
C ALA A 370 -7.98 -55.30 -20.80
N GLU A 371 -8.94 -55.77 -21.61
CA GLU A 371 -8.70 -56.96 -22.41
C GLU A 371 -7.56 -56.73 -23.40
N GLU A 372 -7.51 -55.55 -24.02
CA GLU A 372 -6.44 -55.25 -24.97
C GLU A 372 -5.07 -55.21 -24.31
N GLU A 373 -5.01 -54.95 -23.00
CA GLU A 373 -3.74 -54.82 -22.29
C GLU A 373 -3.27 -56.12 -21.67
N GLY A 374 -4.02 -57.21 -21.83
CA GLY A 374 -3.60 -58.49 -21.31
C GLY A 374 -4.29 -58.96 -20.05
N VAL A 375 -5.31 -58.25 -19.57
CA VAL A 375 -6.06 -58.72 -18.42
C VAL A 375 -7.01 -59.83 -18.86
N LYS A 376 -7.04 -60.91 -18.08
CA LYS A 376 -7.90 -62.05 -18.35
C LYS A 376 -9.10 -62.03 -17.40
N PHE A 377 -10.22 -62.57 -17.87
CA PHE A 377 -11.48 -62.50 -17.15
C PHE A 377 -12.05 -63.88 -16.93
N GLN A 378 -12.51 -64.14 -15.71
CA GLN A 378 -13.24 -65.36 -15.37
C GLN A 378 -14.58 -64.96 -14.76
N PHE A 379 -15.65 -65.53 -15.27
CA PHE A 379 -17.00 -65.17 -14.85
C PHE A 379 -17.69 -66.36 -14.20
N LEU A 380 -18.75 -66.05 -13.46
CA LEU A 380 -19.58 -67.05 -12.79
C LEU A 380 -18.80 -67.86 -11.76
N VAL A 381 -17.81 -67.23 -11.13
CA VAL A 381 -17.04 -67.86 -10.05
C VAL A 381 -17.04 -66.92 -8.86
N ALA A 382 -17.02 -67.51 -7.66
CA ALA A 382 -17.00 -66.75 -6.43
C ALA A 382 -16.01 -67.39 -5.47
N PRO A 383 -15.26 -66.58 -4.71
CA PRO A 383 -14.24 -67.14 -3.82
C PRO A 383 -14.88 -67.81 -2.61
N ILE A 384 -14.45 -69.04 -2.33
CA ILE A 384 -14.87 -69.73 -1.12
C ILE A 384 -13.73 -69.99 -0.14
N GLU A 385 -12.46 -69.97 -0.59
CA GLU A 385 -11.36 -70.16 0.34
C GLU A 385 -10.11 -69.51 -0.23
N VAL A 386 -9.21 -69.10 0.66
CA VAL A 386 -7.89 -68.60 0.28
C VAL A 386 -6.87 -69.60 0.78
N ILE A 387 -6.18 -70.26 -0.16
CA ILE A 387 -5.14 -71.22 0.18
C ILE A 387 -3.87 -70.45 0.53
N THR A 388 -3.51 -70.45 1.80
CA THR A 388 -2.29 -69.81 2.27
C THR A 388 -1.31 -70.87 2.76
N ASP A 389 -0.06 -70.76 2.32
CA ASP A 389 0.94 -71.77 2.64
C ASP A 389 1.57 -71.51 4.02
N GLY A 390 2.28 -70.38 4.15
CA GLY A 390 2.95 -70.05 5.39
C GLY A 390 2.53 -68.71 5.94
N GLY A 391 1.24 -68.41 5.87
CA GLY A 391 0.74 -67.09 6.17
C GLY A 391 0.68 -66.15 4.98
N ARG A 392 1.19 -66.57 3.83
CA ARG A 392 1.12 -65.81 2.60
C ARG A 392 0.20 -66.52 1.61
N VAL A 393 -0.43 -65.74 0.74
CA VAL A 393 -1.40 -66.29 -0.21
C VAL A 393 -0.68 -67.19 -1.19
N ARG A 394 -1.20 -68.40 -1.37
CA ARG A 394 -0.70 -69.33 -2.36
C ARG A 394 -1.66 -69.55 -3.52
N ALA A 395 -2.97 -69.61 -3.25
CA ALA A 395 -3.96 -69.78 -4.30
C ALA A 395 -5.31 -69.32 -3.77
N LEU A 396 -6.32 -69.37 -4.63
CA LEU A 396 -7.68 -69.04 -4.26
C LEU A 396 -8.60 -70.13 -4.77
N LYS A 397 -9.37 -70.75 -3.87
CA LYS A 397 -10.37 -71.73 -4.21
C LYS A 397 -11.69 -71.01 -4.45
N CYS A 398 -12.18 -71.07 -5.68
CA CYS A 398 -13.38 -70.38 -6.12
C CYS A 398 -14.46 -71.40 -6.47
N GLN A 399 -15.70 -71.01 -6.22
CA GLN A 399 -16.87 -71.85 -6.48
C GLN A 399 -17.48 -71.43 -7.81
N ARG A 400 -17.51 -72.37 -8.76
CA ARG A 400 -18.22 -72.12 -10.01
C ARG A 400 -19.71 -71.95 -9.73
N MET A 401 -20.34 -71.05 -10.47
CA MET A 401 -21.71 -70.64 -10.18
C MET A 401 -22.48 -70.49 -11.48
N ARG A 402 -23.80 -70.43 -11.37
CA ARG A 402 -24.66 -70.34 -12.55
C ARG A 402 -25.80 -69.37 -12.27
N LEU A 403 -26.35 -68.79 -13.32
CA LEU A 403 -27.43 -67.81 -13.19
C LEU A 403 -28.74 -68.57 -12.98
N GLY A 404 -29.19 -68.64 -11.72
CA GLY A 404 -30.35 -69.45 -11.39
C GLY A 404 -31.71 -68.82 -11.61
N ASP A 405 -32.02 -67.72 -10.92
CA ASP A 405 -33.36 -67.15 -10.96
C ASP A 405 -33.27 -65.67 -10.57
N MET A 406 -34.42 -65.07 -10.30
CA MET A 406 -34.49 -63.65 -10.00
C MET A 406 -33.90 -63.35 -8.62
N ASP A 407 -33.92 -62.07 -8.25
CA ASP A 407 -33.34 -61.59 -7.00
C ASP A 407 -33.96 -60.24 -6.66
N GLU A 408 -33.41 -59.59 -5.64
CA GLU A 408 -33.81 -58.20 -5.35
C GLU A 408 -33.46 -57.29 -6.51
N SER A 409 -32.36 -57.58 -7.22
CA SER A 409 -32.08 -56.87 -8.46
C SER A 409 -33.18 -57.12 -9.49
N GLY A 410 -33.71 -58.34 -9.53
CA GLY A 410 -34.80 -58.69 -10.40
C GLY A 410 -34.39 -59.28 -11.74
N ARG A 411 -33.14 -59.09 -12.15
CA ARG A 411 -32.72 -59.59 -13.45
C ARG A 411 -32.37 -61.07 -13.38
N ARG A 412 -31.33 -61.42 -12.62
CA ARG A 412 -30.93 -62.82 -12.48
C ARG A 412 -29.96 -62.99 -11.31
N ARG A 413 -30.31 -63.84 -10.36
CA ARG A 413 -29.44 -64.11 -9.22
C ARG A 413 -28.47 -65.23 -9.55
N PRO A 414 -27.17 -65.05 -9.31
CA PRO A 414 -26.22 -66.17 -9.46
C PRO A 414 -26.23 -67.03 -8.20
N VAL A 415 -26.27 -68.34 -8.40
CA VAL A 415 -26.34 -69.32 -7.32
C VAL A 415 -25.25 -70.38 -7.52
N PRO A 416 -24.73 -70.98 -6.46
CA PRO A 416 -23.62 -71.92 -6.61
C PRO A 416 -24.01 -73.16 -7.41
N ILE A 417 -23.01 -73.72 -8.09
CA ILE A 417 -23.12 -75.02 -8.73
C ILE A 417 -22.40 -76.02 -7.85
N GLU A 418 -23.11 -77.07 -7.45
CA GLU A 418 -22.55 -78.07 -6.55
C GLU A 418 -21.67 -79.04 -7.33
N GLY A 419 -20.50 -79.35 -6.76
CA GLY A 419 -19.56 -80.26 -7.37
C GLY A 419 -18.53 -79.61 -8.28
N ALA A 420 -18.63 -78.32 -8.52
CA ALA A 420 -17.70 -77.60 -9.38
C ALA A 420 -16.92 -76.59 -8.54
N GLU A 421 -15.59 -76.70 -8.56
CA GLU A 421 -14.72 -75.79 -7.85
C GLU A 421 -13.42 -75.67 -8.63
N VAL A 422 -12.83 -74.48 -8.63
CA VAL A 422 -11.64 -74.20 -9.42
C VAL A 422 -10.61 -73.49 -8.55
N ILE A 423 -9.36 -73.91 -8.67
CA ILE A 423 -8.27 -73.30 -7.92
C ILE A 423 -7.48 -72.41 -8.87
N PHE A 424 -7.30 -71.14 -8.49
CA PHE A 424 -6.52 -70.19 -9.27
C PHE A 424 -5.24 -69.86 -8.50
N GLU A 425 -4.10 -70.07 -9.14
CA GLU A 425 -2.83 -69.70 -8.53
C GLU A 425 -2.69 -68.19 -8.49
N ALA A 426 -2.20 -67.67 -7.37
CA ALA A 426 -2.14 -66.23 -7.19
C ALA A 426 -1.10 -65.87 -6.13
N ASP A 427 -0.16 -65.01 -6.50
CA ASP A 427 0.73 -64.41 -5.51
C ASP A 427 0.03 -63.33 -4.70
N THR A 428 -1.03 -62.73 -5.24
CA THR A 428 -1.77 -61.70 -4.52
C THR A 428 -3.22 -61.69 -4.98
N ILE A 429 -4.11 -61.34 -4.05
CA ILE A 429 -5.53 -61.20 -4.34
C ILE A 429 -5.96 -59.79 -3.92
N ILE A 430 -6.64 -59.11 -4.83
CA ILE A 430 -7.16 -57.77 -4.60
C ILE A 430 -8.68 -57.89 -4.51
N SER A 431 -9.22 -57.65 -3.33
CA SER A 431 -10.67 -57.73 -3.10
C SER A 431 -11.29 -56.40 -3.52
N ALA A 432 -12.10 -56.42 -4.57
CA ALA A 432 -12.66 -55.23 -5.17
C ALA A 432 -14.15 -55.39 -5.41
N ILE A 433 -14.86 -55.87 -4.40
CA ILE A 433 -16.30 -56.13 -4.51
C ILE A 433 -17.14 -55.01 -3.90
N GLY A 434 -16.58 -53.81 -3.79
CA GLY A 434 -17.32 -52.66 -3.31
C GLY A 434 -16.72 -52.06 -2.05
N GLN A 435 -17.18 -50.86 -1.74
CA GLN A 435 -16.69 -50.10 -0.59
C GLN A 435 -17.86 -49.69 0.29
N LYS A 436 -17.55 -49.45 1.56
CA LYS A 436 -18.55 -49.08 2.55
C LYS A 436 -18.05 -47.89 3.35
N VAL A 437 -19.00 -47.13 3.89
CA VAL A 437 -18.65 -45.98 4.71
C VAL A 437 -17.98 -46.45 6.00
N ARG A 438 -16.87 -45.82 6.35
CA ARG A 438 -16.18 -46.16 7.59
C ARG A 438 -17.00 -45.76 8.80
N VAL A 439 -17.04 -46.64 9.80
CA VAL A 439 -17.80 -46.37 11.02
C VAL A 439 -17.20 -45.18 11.77
N GLU A 440 -15.87 -45.09 11.82
CA GLU A 440 -15.22 -44.03 12.57
C GLU A 440 -15.51 -42.65 11.97
N ASP A 441 -15.70 -42.58 10.65
CA ASP A 441 -16.03 -41.31 10.02
C ASP A 441 -17.39 -40.79 10.48
N VAL A 442 -18.35 -41.70 10.69
CA VAL A 442 -19.74 -41.33 10.90
C VAL A 442 -20.13 -41.54 12.34
N GLU A 443 -19.17 -41.40 13.26
CA GLU A 443 -19.45 -41.57 14.68
C GLU A 443 -20.48 -40.56 15.15
N GLY A 444 -21.36 -40.99 16.05
CA GLY A 444 -22.37 -40.12 16.60
C GLY A 444 -23.50 -39.77 15.65
N LEU A 445 -23.75 -40.59 14.65
CA LEU A 445 -24.79 -40.33 13.67
C LEU A 445 -25.63 -41.58 13.44
N GLU A 446 -26.86 -41.37 13.00
CA GLU A 446 -27.78 -42.46 12.68
C GLU A 446 -27.54 -42.90 11.24
N LEU A 447 -27.29 -44.19 11.07
CA LEU A 447 -26.97 -44.76 9.76
C LEU A 447 -28.13 -45.61 9.26
N THR A 448 -28.04 -46.00 7.99
CA THR A 448 -29.02 -46.88 7.39
C THR A 448 -28.57 -48.33 7.55
N ARG A 449 -29.25 -49.24 6.84
CA ARG A 449 -28.90 -50.65 6.93
C ARG A 449 -27.62 -50.99 6.17
N HIS A 450 -27.20 -50.14 5.24
CA HIS A 450 -25.96 -50.34 4.50
C HIS A 450 -24.78 -49.63 5.14
N GLY A 451 -24.98 -48.95 6.26
CA GLY A 451 -23.93 -48.22 6.93
C GLY A 451 -23.74 -46.79 6.47
N THR A 452 -24.42 -46.39 5.40
CA THR A 452 -24.34 -45.01 4.94
C THR A 452 -25.08 -44.09 5.89
N ILE A 453 -24.74 -42.80 5.85
CA ILE A 453 -25.42 -41.83 6.69
C ILE A 453 -26.87 -41.72 6.28
N LYS A 454 -27.75 -41.70 7.28
CA LYS A 454 -29.18 -41.57 7.03
C LYS A 454 -29.55 -40.09 7.05
N VAL A 455 -30.05 -39.60 5.92
CA VAL A 455 -30.42 -38.20 5.78
C VAL A 455 -31.87 -38.13 5.29
N ASP A 456 -32.51 -37.01 5.59
CA ASP A 456 -33.84 -36.74 5.08
C ASP A 456 -33.73 -36.28 3.64
N GLU A 457 -34.39 -36.98 2.72
CA GLU A 457 -34.31 -36.63 1.32
C GLU A 457 -34.93 -35.27 1.07
N GLY A 458 -34.31 -34.50 0.18
CA GLY A 458 -34.72 -33.14 -0.10
C GLY A 458 -34.04 -32.10 0.75
N THR A 459 -33.70 -32.43 1.99
CA THR A 459 -33.01 -31.50 2.88
C THR A 459 -31.58 -31.90 3.20
N TYR A 460 -31.22 -33.16 3.00
CA TYR A 460 -29.87 -33.69 3.22
C TYR A 460 -29.43 -33.59 4.68
N GLN A 461 -30.35 -33.32 5.60
CA GLN A 461 -30.00 -33.18 7.00
C GLN A 461 -29.98 -34.54 7.69
N THR A 462 -28.98 -34.73 8.54
CA THR A 462 -28.80 -35.98 9.25
C THR A 462 -29.63 -35.99 10.53
N SER A 463 -29.42 -36.99 11.39
CA SER A 463 -30.11 -37.03 12.67
C SER A 463 -29.70 -35.85 13.54
N LEU A 464 -28.42 -35.50 13.53
CA LEU A 464 -27.98 -34.30 14.24
C LEU A 464 -28.49 -33.06 13.53
N GLU A 465 -28.82 -32.03 14.30
CA GLU A 465 -29.36 -30.79 13.76
C GLU A 465 -28.23 -29.86 13.34
N GLY A 466 -28.38 -29.26 12.17
CA GLY A 466 -27.35 -28.40 11.62
C GLY A 466 -26.22 -29.12 10.93
N VAL A 467 -26.29 -30.45 10.83
CA VAL A 467 -25.26 -31.26 10.19
C VAL A 467 -25.87 -31.97 9.00
N PHE A 468 -25.35 -31.70 7.82
CA PHE A 468 -25.82 -32.26 6.56
C PHE A 468 -24.81 -33.27 6.02
N ALA A 469 -25.24 -34.04 5.03
CA ALA A 469 -24.38 -35.03 4.43
C ALA A 469 -24.80 -35.29 3.00
N GLY A 470 -23.90 -35.87 2.22
CA GLY A 470 -24.18 -36.20 0.84
C GLY A 470 -23.00 -36.92 0.23
N GLY A 471 -23.23 -37.40 -0.99
CA GLY A 471 -22.19 -38.10 -1.72
C GLY A 471 -22.19 -39.58 -1.45
N ASP A 472 -21.02 -40.19 -1.65
CA ASP A 472 -20.86 -41.63 -1.42
C ASP A 472 -21.08 -41.99 0.04
N ALA A 473 -20.96 -41.03 0.96
CA ALA A 473 -21.24 -41.30 2.36
C ALA A 473 -22.73 -41.52 2.62
N VAL A 474 -23.58 -41.09 1.69
CA VAL A 474 -25.02 -41.14 1.85
C VAL A 474 -25.65 -42.15 0.90
N THR A 475 -25.25 -42.11 -0.38
CA THR A 475 -25.84 -42.95 -1.41
C THR A 475 -25.02 -44.20 -1.70
N GLY A 476 -23.85 -44.36 -1.11
CA GLY A 476 -22.96 -45.45 -1.45
C GLY A 476 -22.19 -45.15 -2.72
N PRO A 477 -21.37 -46.10 -3.16
CA PRO A 477 -20.55 -45.88 -4.36
C PRO A 477 -21.40 -45.64 -5.60
N LYS A 478 -21.16 -44.50 -6.26
CA LYS A 478 -21.81 -44.13 -7.51
C LYS A 478 -20.76 -43.49 -8.40
N ILE A 479 -21.20 -42.82 -9.46
CA ILE A 479 -20.29 -42.08 -10.32
C ILE A 479 -20.10 -40.69 -9.75
N ALA A 480 -19.08 -39.97 -10.22
CA ALA A 480 -18.68 -38.72 -9.58
C ALA A 480 -19.70 -37.61 -9.80
N ILE A 481 -20.39 -37.62 -10.94
CA ILE A 481 -21.35 -36.55 -11.21
C ILE A 481 -22.56 -36.65 -10.28
N GLU A 482 -22.92 -37.85 -9.83
CA GLU A 482 -23.94 -37.97 -8.80
C GLU A 482 -23.50 -37.31 -7.50
N ALA A 483 -22.24 -37.50 -7.12
CA ALA A 483 -21.72 -36.84 -5.94
C ALA A 483 -21.70 -35.33 -6.10
N ILE A 484 -21.36 -34.85 -7.30
CA ILE A 484 -21.38 -33.41 -7.54
C ILE A 484 -22.80 -32.86 -7.45
N ALA A 485 -23.77 -33.59 -8.00
CA ALA A 485 -25.16 -33.19 -7.89
C ALA A 485 -25.60 -33.13 -6.43
N GLN A 486 -25.21 -34.13 -5.64
CA GLN A 486 -25.54 -34.15 -4.22
C GLN A 486 -24.91 -32.96 -3.50
N GLY A 487 -23.65 -32.67 -3.82
CA GLY A 487 -22.98 -31.53 -3.19
C GLY A 487 -23.63 -30.21 -3.53
N LYS A 488 -24.02 -30.03 -4.79
CA LYS A 488 -24.68 -28.79 -5.20
C LYS A 488 -26.05 -28.64 -4.54
N ASN A 489 -26.83 -29.72 -4.51
CA ASN A 489 -28.15 -29.64 -3.86
C ASN A 489 -28.01 -29.38 -2.38
N ALA A 490 -27.04 -30.04 -1.73
CA ALA A 490 -26.81 -29.80 -0.31
C ALA A 490 -26.35 -28.37 -0.07
N ALA A 491 -25.55 -27.81 -0.97
CA ALA A 491 -25.15 -26.41 -0.85
C ALA A 491 -26.36 -25.50 -0.92
N ARG A 492 -27.28 -25.79 -1.84
CA ARG A 492 -28.50 -25.00 -1.95
C ARG A 492 -29.32 -25.07 -0.66
N VAL A 493 -29.51 -26.28 -0.13
CA VAL A 493 -30.31 -26.44 1.07
C VAL A 493 -29.62 -25.80 2.28
N ILE A 494 -28.29 -25.89 2.34
CA ILE A 494 -27.55 -25.28 3.44
C ILE A 494 -27.63 -23.76 3.36
N ASP A 495 -27.56 -23.21 2.15
CA ASP A 495 -27.70 -21.77 1.99
C ASP A 495 -29.08 -21.30 2.42
N SER A 496 -30.11 -22.09 2.09
CA SER A 496 -31.45 -21.75 2.57
C SER A 496 -31.53 -21.83 4.09
N TYR A 497 -30.93 -22.87 4.68
CA TYR A 497 -30.99 -23.06 6.12
C TYR A 497 -30.24 -21.97 6.87
N LEU A 498 -29.14 -21.48 6.31
CA LEU A 498 -28.38 -20.41 6.94
C LEU A 498 -29.15 -19.10 6.99
N ARG A 499 -30.20 -18.97 6.18
CA ARG A 499 -31.08 -17.81 6.23
C ARG A 499 -32.31 -18.04 7.10
N GLY A 500 -32.39 -19.18 7.78
CA GLY A 500 -33.54 -19.50 8.61
C GLY A 500 -34.76 -19.99 7.85
N LYS A 501 -34.62 -20.29 6.57
CA LYS A 501 -35.73 -20.66 5.70
C LYS A 501 -35.42 -21.96 4.97
N LEU A 502 -35.04 -22.99 5.72
CA LEU A 502 -34.69 -24.30 5.17
C LEU A 502 -35.75 -24.80 4.19
N GLU A 503 -35.37 -24.94 2.92
CA GLU A 503 -36.27 -25.34 1.85
C GLU A 503 -35.73 -26.58 1.15
N PRO A 504 -36.54 -27.63 0.99
CA PRO A 504 -36.10 -28.78 0.22
C PRO A 504 -35.98 -28.45 -1.27
N ILE A 505 -35.26 -29.31 -1.98
CA ILE A 505 -35.07 -29.13 -3.42
C ILE A 505 -36.36 -29.46 -4.14
N LYS A 506 -36.83 -28.54 -4.98
CA LYS A 506 -38.06 -28.71 -5.75
C LYS A 506 -37.70 -29.00 -7.20
N GLU A 507 -38.25 -30.10 -7.72
CA GLU A 507 -38.00 -30.50 -9.09
C GLU A 507 -38.95 -29.75 -10.02
N PRO A 508 -38.44 -28.96 -10.97
CA PRO A 508 -39.34 -28.25 -11.88
C PRO A 508 -40.08 -29.19 -12.81
N TYR A 509 -41.21 -28.70 -13.32
CA TYR A 509 -41.96 -29.40 -14.34
C TYR A 509 -41.48 -28.96 -15.71
N TYR A 510 -41.13 -29.92 -16.55
CA TYR A 510 -40.70 -29.65 -17.92
C TYR A 510 -41.66 -30.35 -18.88
N VAL A 511 -42.00 -29.67 -19.96
CA VAL A 511 -42.70 -30.30 -21.07
C VAL A 511 -41.68 -31.11 -21.87
N LYS A 512 -42.02 -32.36 -22.15
CA LYS A 512 -41.14 -33.28 -22.84
C LYS A 512 -41.86 -33.91 -24.02
N GLN A 513 -41.10 -34.50 -24.92
CA GLN A 513 -41.64 -35.24 -26.06
C GLN A 513 -41.14 -36.68 -25.96
N GLU A 514 -41.99 -37.57 -25.45
CA GLU A 514 -41.66 -38.98 -25.33
C GLU A 514 -42.08 -39.79 -26.54
N ASP A 515 -42.74 -39.18 -27.52
CA ASP A 515 -43.27 -39.88 -28.68
C ASP A 515 -42.33 -39.83 -29.87
N LEU A 516 -41.16 -39.22 -29.74
CA LEU A 516 -40.26 -39.09 -30.87
C LEU A 516 -39.61 -40.43 -31.19
N THR A 517 -39.64 -40.80 -32.46
CA THR A 517 -39.07 -42.03 -32.98
C THR A 517 -38.17 -41.69 -34.15
N PRO A 518 -37.29 -42.62 -34.58
CA PRO A 518 -36.28 -42.27 -35.57
C PRO A 518 -36.81 -41.66 -36.87
N GLU A 519 -38.00 -42.04 -37.34
CA GLU A 519 -38.45 -41.47 -38.60
C GLU A 519 -38.80 -40.00 -38.49
N ASP A 520 -38.92 -39.46 -37.28
CA ASP A 520 -39.07 -38.02 -37.11
C ASP A 520 -37.78 -37.26 -37.41
N PHE A 521 -36.64 -37.95 -37.51
CA PHE A 521 -35.37 -37.33 -37.83
C PHE A 521 -34.77 -37.90 -39.11
N LYS A 522 -35.58 -38.53 -39.95
CA LYS A 522 -35.09 -39.22 -41.14
C LYS A 522 -34.62 -38.26 -42.23
N ASP A 523 -34.94 -36.98 -42.12
CA ASP A 523 -34.55 -36.01 -43.14
C ASP A 523 -33.23 -35.31 -42.82
N ARG A 524 -32.68 -35.50 -41.62
CA ARG A 524 -31.43 -34.85 -41.26
C ARG A 524 -30.26 -35.51 -41.97
N GLU A 525 -29.26 -34.69 -42.32
CA GLU A 525 -28.05 -35.21 -42.92
C GLU A 525 -27.24 -35.97 -41.88
N ARG A 526 -26.79 -37.17 -42.24
CA ARG A 526 -26.00 -37.99 -41.33
C ARG A 526 -24.56 -37.52 -41.33
N LYS A 527 -24.01 -37.30 -40.13
CA LYS A 527 -22.66 -36.81 -39.96
C LYS A 527 -21.91 -37.71 -38.99
N PRO A 528 -20.65 -38.04 -39.27
CA PRO A 528 -19.91 -38.93 -38.38
C PRO A 528 -19.50 -38.24 -37.09
N ARG A 529 -19.44 -39.02 -36.02
CA ARG A 529 -18.98 -38.52 -34.73
C ARG A 529 -17.48 -38.27 -34.77
N VAL A 530 -17.02 -37.40 -33.88
CA VAL A 530 -15.59 -37.12 -33.78
C VAL A 530 -14.87 -38.39 -33.33
N PRO A 531 -13.81 -38.82 -34.01
CA PRO A 531 -13.10 -40.03 -33.59
C PRO A 531 -12.28 -39.79 -32.34
N LEU A 532 -12.26 -40.80 -31.47
CA LEU A 532 -11.54 -40.72 -30.20
C LEU A 532 -10.15 -41.35 -30.38
N LYS A 533 -9.11 -40.57 -30.16
CA LYS A 533 -7.74 -41.04 -30.31
C LYS A 533 -7.35 -41.85 -29.08
N VAL A 534 -7.00 -43.11 -29.28
CA VAL A 534 -6.66 -44.03 -28.20
C VAL A 534 -5.22 -44.48 -28.40
N ALA A 535 -4.43 -44.42 -27.32
CA ALA A 535 -3.04 -44.85 -27.39
C ALA A 535 -2.96 -46.35 -27.63
N ASN A 536 -1.91 -46.76 -28.34
CA ASN A 536 -1.70 -48.17 -28.66
C ASN A 536 -1.59 -49.00 -27.40
N ALA A 537 -2.23 -50.17 -27.41
CA ALA A 537 -2.32 -50.98 -26.19
C ALA A 537 -0.95 -51.44 -25.72
N GLU A 538 -0.09 -51.87 -26.66
CA GLU A 538 1.21 -52.42 -26.30
C GLU A 538 2.07 -51.38 -25.59
N GLU A 539 2.08 -50.14 -26.09
CA GLU A 539 2.88 -49.11 -25.46
C GLU A 539 2.21 -48.59 -24.19
N ARG A 540 0.88 -48.49 -24.19
CA ARG A 540 0.19 -47.88 -23.06
C ARG A 540 0.15 -48.79 -21.84
N LYS A 541 0.22 -50.11 -22.02
CA LYS A 541 0.17 -51.01 -20.88
C LYS A 541 1.43 -50.97 -20.03
N ASN A 542 2.50 -50.33 -20.51
CA ASN A 542 3.75 -50.26 -19.78
C ASN A 542 3.94 -48.95 -19.03
N ASN A 543 3.04 -47.99 -19.19
CA ASN A 543 3.21 -46.68 -18.57
C ASN A 543 1.87 -46.19 -18.04
N PHE A 544 1.93 -45.08 -17.31
CA PHE A 544 0.75 -44.45 -16.71
C PHE A 544 0.39 -43.15 -17.43
N ARG A 545 0.66 -43.09 -18.72
CA ARG A 545 0.31 -41.90 -19.50
C ARG A 545 -1.16 -41.92 -19.88
N GLU A 546 -1.70 -40.73 -20.13
CA GLU A 546 -3.10 -40.62 -20.54
C GLU A 546 -3.36 -41.44 -21.80
N ILE A 547 -4.48 -42.15 -21.80
CA ILE A 547 -4.80 -43.04 -22.90
C ILE A 547 -5.41 -42.28 -24.07
N THR A 548 -6.36 -41.39 -23.78
CA THR A 548 -7.08 -40.66 -24.80
C THR A 548 -6.62 -39.21 -24.86
N SER A 549 -6.77 -38.60 -26.02
CA SER A 549 -6.34 -37.23 -26.27
C SER A 549 -7.54 -36.30 -26.38
N THR A 550 -7.30 -35.04 -26.05
CA THR A 550 -8.31 -34.01 -26.24
C THR A 550 -8.45 -33.68 -27.73
N MET A 551 -9.68 -33.46 -28.17
CA MET A 551 -9.92 -33.13 -29.56
C MET A 551 -9.40 -31.74 -29.90
N THR A 552 -9.27 -31.47 -31.19
CA THR A 552 -8.82 -30.17 -31.66
C THR A 552 -10.00 -29.21 -31.79
N GLU A 553 -9.69 -27.93 -31.99
CA GLU A 553 -10.73 -26.92 -32.10
C GLU A 553 -11.62 -27.17 -33.32
N LYS A 554 -11.02 -27.55 -34.44
CA LYS A 554 -11.80 -27.86 -35.63
C LYS A 554 -12.75 -29.02 -35.39
N GLU A 555 -12.25 -30.08 -34.77
CA GLU A 555 -13.10 -31.22 -34.45
C GLU A 555 -14.15 -30.85 -33.42
N ALA A 556 -13.81 -29.97 -32.48
CA ALA A 556 -14.77 -29.54 -31.47
C ALA A 556 -15.93 -28.79 -32.11
N ILE A 557 -15.63 -27.86 -33.01
CA ILE A 557 -16.69 -27.09 -33.65
C ILE A 557 -17.52 -27.98 -34.56
N ALA A 558 -16.86 -28.88 -35.30
CA ALA A 558 -17.59 -29.79 -36.18
C ALA A 558 -18.50 -30.72 -35.38
N GLU A 559 -18.05 -31.15 -34.20
CA GLU A 559 -18.86 -32.05 -33.39
C GLU A 559 -20.02 -31.30 -32.72
N ALA A 560 -19.78 -30.08 -32.27
CA ALA A 560 -20.85 -29.29 -31.68
C ALA A 560 -21.89 -28.91 -32.73
N SER A 561 -21.48 -28.73 -33.98
CA SER A 561 -22.43 -28.43 -35.05
C SER A 561 -23.35 -29.58 -35.39
N ARG A 562 -23.09 -30.78 -34.86
CA ARG A 562 -23.95 -31.93 -35.10
C ARG A 562 -25.19 -31.94 -34.22
N CYS A 563 -25.26 -31.07 -33.21
CA CYS A 563 -26.38 -31.07 -32.30
C CYS A 563 -27.67 -30.72 -33.01
N LEU A 564 -28.75 -31.38 -32.62
CA LEU A 564 -30.06 -31.19 -33.24
C LEU A 564 -30.88 -30.10 -32.57
N GLU A 565 -30.37 -29.49 -31.49
CA GLU A 565 -31.04 -28.40 -30.78
C GLU A 565 -32.45 -28.80 -30.35
N CYS A 566 -32.50 -29.80 -29.48
CA CYS A 566 -33.78 -30.37 -29.08
C CYS A 566 -34.55 -29.47 -28.11
N GLY A 567 -33.85 -28.69 -27.30
CA GLY A 567 -34.52 -27.86 -26.32
C GLY A 567 -35.21 -26.66 -26.94
N CYS A 568 -36.19 -26.15 -26.23
CA CYS A 568 -36.94 -24.99 -26.71
C CYS A 568 -36.05 -23.76 -26.72
N MET A 569 -36.17 -22.98 -27.79
CA MET A 569 -35.36 -21.77 -27.91
C MET A 569 -35.87 -20.64 -27.01
N ASP A 570 -37.09 -20.75 -26.50
CA ASP A 570 -37.69 -19.73 -25.65
C ASP A 570 -37.67 -20.10 -24.18
N TYR A 571 -36.84 -21.08 -23.80
CA TYR A 571 -36.89 -21.60 -22.44
C TYR A 571 -36.63 -20.53 -21.40
N PHE A 572 -35.69 -19.64 -21.66
CA PHE A 572 -35.28 -18.65 -20.67
C PHE A 572 -36.20 -17.45 -20.63
N GLU A 573 -37.20 -17.37 -21.50
CA GLU A 573 -38.16 -16.28 -21.47
C GLU A 573 -39.60 -16.73 -21.63
N CYS A 574 -39.88 -18.03 -21.70
CA CYS A 574 -41.25 -18.49 -21.89
C CYS A 574 -42.07 -18.23 -20.64
N GLN A 575 -43.22 -17.59 -20.81
CA GLN A 575 -44.10 -17.31 -19.68
C GLN A 575 -44.95 -18.51 -19.31
N LEU A 576 -45.23 -19.39 -20.26
CA LEU A 576 -46.00 -20.60 -19.95
C LEU A 576 -45.22 -21.51 -19.02
N TYR A 577 -43.92 -21.69 -19.27
CA TYR A 577 -43.09 -22.50 -18.39
C TYR A 577 -43.07 -21.91 -16.98
N LYS A 578 -42.87 -20.59 -16.90
CA LYS A 578 -42.83 -19.91 -15.62
C LYS A 578 -44.13 -20.08 -14.84
N TYR A 579 -45.26 -19.96 -15.54
CA TYR A 579 -46.54 -20.04 -14.85
C TYR A 579 -46.88 -21.47 -14.45
N VAL A 580 -46.60 -22.45 -15.31
CA VAL A 580 -46.86 -23.83 -14.93
C VAL A 580 -45.91 -24.29 -13.85
N ASN A 581 -44.79 -23.60 -13.64
CA ASN A 581 -43.96 -23.91 -12.49
C ASN A 581 -44.35 -23.11 -11.26
N GLN A 582 -45.12 -22.04 -11.41
CA GLN A 582 -45.66 -21.33 -10.26
C GLN A 582 -46.91 -22.01 -9.68
N TYR A 583 -47.61 -22.80 -10.47
CA TYR A 583 -48.82 -23.49 -10.04
C TYR A 583 -48.63 -24.98 -10.23
N ASP A 584 -48.96 -25.77 -9.20
CA ASP A 584 -48.70 -27.20 -9.25
C ASP A 584 -49.68 -27.89 -10.20
N VAL A 585 -49.27 -28.08 -11.44
CA VAL A 585 -50.13 -28.59 -12.49
C VAL A 585 -49.94 -30.11 -12.59
N ASP A 586 -51.04 -30.80 -12.87
CA ASP A 586 -51.03 -32.24 -13.14
C ASP A 586 -51.71 -32.45 -14.49
N PRO A 587 -50.98 -32.21 -15.58
CA PRO A 587 -51.62 -32.16 -16.89
C PRO A 587 -51.86 -33.51 -17.55
N GLN A 588 -51.46 -34.62 -16.91
CA GLN A 588 -51.64 -35.92 -17.53
C GLN A 588 -53.08 -36.39 -17.49
N ARG A 589 -53.90 -35.85 -16.58
CA ARG A 589 -55.30 -36.27 -16.53
C ARG A 589 -56.10 -35.68 -17.68
N LEU A 590 -55.86 -34.42 -18.01
CA LEU A 590 -56.50 -33.79 -19.17
C LEU A 590 -55.64 -33.93 -20.41
N SER A 591 -55.23 -35.15 -20.73
CA SER A 591 -54.42 -35.44 -21.89
C SER A 591 -55.24 -36.23 -22.90
N GLY A 592 -54.97 -35.98 -24.18
CA GLY A 592 -55.69 -36.64 -25.24
C GLY A 592 -55.18 -36.27 -26.60
N TYR A 593 -56.07 -35.98 -27.53
CA TYR A 593 -55.66 -35.60 -28.88
C TYR A 593 -54.86 -34.30 -28.84
N LYS A 594 -53.75 -34.30 -29.56
CA LYS A 594 -52.86 -33.15 -29.65
C LYS A 594 -52.51 -32.93 -31.11
N HIS A 595 -52.67 -31.70 -31.57
CA HIS A 595 -52.29 -31.36 -32.94
C HIS A 595 -50.78 -31.49 -33.12
N LYS A 596 -50.39 -31.85 -34.35
CA LYS A 596 -48.99 -31.80 -34.78
C LYS A 596 -48.98 -31.17 -36.16
N ARG A 597 -48.90 -29.84 -36.20
CA ARG A 597 -49.02 -29.09 -37.44
C ARG A 597 -47.79 -28.24 -37.74
N TYR A 598 -46.67 -28.54 -37.10
CA TYR A 598 -45.44 -27.78 -37.32
C TYR A 598 -44.79 -28.17 -38.64
N GLU A 599 -44.50 -27.17 -39.47
CA GLU A 599 -43.79 -27.38 -40.72
C GLU A 599 -42.58 -26.47 -40.78
N PRO A 600 -41.45 -26.97 -41.24
CA PRO A 600 -40.26 -26.12 -41.37
C PRO A 600 -40.46 -25.03 -42.42
N GLN A 601 -39.87 -23.86 -42.15
CA GLN A 601 -40.02 -22.70 -43.00
C GLN A 601 -38.66 -22.14 -43.38
N LYS A 602 -38.64 -21.41 -44.49
CA LYS A 602 -37.40 -20.87 -45.05
C LYS A 602 -37.17 -19.41 -44.66
N HIS A 603 -38.00 -18.84 -43.81
CA HIS A 603 -37.86 -17.43 -43.45
C HIS A 603 -36.55 -17.22 -42.70
N PRO A 604 -35.75 -16.21 -43.07
CA PRO A 604 -34.44 -16.03 -42.44
C PRO A 604 -34.49 -15.49 -41.02
N PHE A 605 -35.63 -14.98 -40.56
CA PHE A 605 -35.69 -14.21 -39.32
C PHE A 605 -36.67 -14.74 -38.30
N ILE A 606 -37.84 -15.20 -38.72
CA ILE A 606 -38.92 -15.57 -37.81
C ILE A 606 -39.26 -17.04 -38.01
N GLU A 607 -39.30 -17.79 -36.92
CA GLU A 607 -39.71 -19.18 -36.92
C GLU A 607 -40.99 -19.33 -36.11
N ARG A 608 -42.01 -19.97 -36.69
CA ARG A 608 -43.31 -20.14 -36.07
C ARG A 608 -43.59 -21.63 -35.86
N ASN A 609 -43.96 -21.99 -34.64
CA ASN A 609 -44.31 -23.36 -34.28
C ASN A 609 -45.75 -23.42 -33.78
N PRO A 610 -46.69 -23.95 -34.56
CA PRO A 610 -48.07 -24.04 -34.06
C PRO A 610 -48.23 -24.89 -32.82
N ASP A 611 -47.35 -25.88 -32.62
CA ASP A 611 -47.48 -26.80 -31.50
C ASP A 611 -47.18 -26.16 -30.16
N LYS A 612 -46.62 -24.96 -30.14
CA LYS A 612 -46.35 -24.23 -28.91
C LYS A 612 -47.24 -23.01 -28.75
N CYS A 613 -48.29 -22.89 -29.54
CA CYS A 613 -49.16 -21.73 -29.54
C CYS A 613 -50.28 -21.91 -28.52
N ILE A 614 -50.43 -20.94 -27.63
CA ILE A 614 -51.50 -20.94 -26.65
C ILE A 614 -52.69 -20.10 -27.12
N LEU A 615 -52.67 -19.64 -28.37
CA LEU A 615 -53.77 -18.93 -28.99
C LEU A 615 -54.22 -17.72 -28.17
N CYS A 616 -53.23 -16.97 -27.66
CA CYS A 616 -53.52 -15.71 -26.99
C CYS A 616 -53.88 -14.61 -27.99
N GLY A 617 -53.51 -14.77 -29.25
CA GLY A 617 -53.83 -13.80 -30.29
C GLY A 617 -52.93 -12.59 -30.33
N LEU A 618 -51.90 -12.54 -29.50
CA LEU A 618 -51.11 -11.30 -29.35
C LEU A 618 -50.42 -10.93 -30.64
N CYS A 619 -49.92 -11.92 -31.39
CA CYS A 619 -49.24 -11.65 -32.65
C CYS A 619 -50.19 -11.00 -33.66
N ILE A 620 -51.39 -11.55 -33.79
CA ILE A 620 -52.40 -10.99 -34.68
C ILE A 620 -52.75 -9.58 -34.25
N ARG A 621 -52.97 -9.40 -32.95
CA ARG A 621 -53.42 -8.11 -32.43
C ARG A 621 -52.34 -7.05 -32.56
N VAL A 622 -51.07 -7.44 -32.48
CA VAL A 622 -50.02 -6.45 -32.62
C VAL A 622 -49.74 -6.15 -34.09
N CYS A 623 -49.88 -7.13 -34.97
CA CYS A 623 -49.72 -6.85 -36.39
C CYS A 623 -50.85 -5.98 -36.91
N GLU A 624 -52.04 -6.11 -36.32
CA GLU A 624 -53.19 -5.32 -36.77
C GLU A 624 -53.26 -3.95 -36.10
N GLU A 625 -53.06 -3.90 -34.78
CA GLU A 625 -53.29 -2.69 -34.02
C GLU A 625 -52.08 -1.78 -33.93
N VAL A 626 -50.87 -2.34 -33.89
CA VAL A 626 -49.67 -1.52 -33.69
C VAL A 626 -48.94 -1.33 -35.01
N VAL A 627 -48.53 -2.43 -35.63
CA VAL A 627 -47.81 -2.35 -36.89
C VAL A 627 -48.73 -1.83 -37.99
N GLY A 628 -49.94 -2.37 -38.07
CA GLY A 628 -50.89 -2.00 -39.09
C GLY A 628 -50.79 -2.79 -40.37
N VAL A 629 -49.81 -3.69 -40.49
CA VAL A 629 -49.67 -4.50 -41.69
C VAL A 629 -50.79 -5.54 -41.76
N CYS A 630 -51.12 -6.18 -40.63
CA CYS A 630 -52.17 -7.18 -40.54
C CYS A 630 -51.90 -8.37 -41.46
N ALA A 631 -50.75 -9.01 -41.23
CA ALA A 631 -50.34 -10.15 -42.04
C ALA A 631 -50.77 -11.48 -41.46
N LEU A 632 -51.16 -11.53 -40.19
CA LEU A 632 -51.52 -12.75 -39.51
C LEU A 632 -53.01 -12.78 -39.19
N GLY A 633 -53.56 -13.98 -39.07
CA GLY A 633 -54.95 -14.11 -38.71
C GLY A 633 -55.26 -15.50 -38.17
N PHE A 634 -56.45 -15.62 -37.61
CA PHE A 634 -56.95 -16.90 -37.15
C PHE A 634 -57.50 -17.70 -38.33
N VAL A 635 -57.25 -19.00 -38.31
CA VAL A 635 -57.75 -19.92 -39.31
C VAL A 635 -58.43 -21.07 -38.59
N ASN A 636 -59.49 -21.60 -39.20
CA ASN A 636 -60.35 -22.63 -38.64
C ASN A 636 -61.12 -22.09 -37.44
N ARG A 637 -61.70 -22.97 -36.65
CA ARG A 637 -62.55 -22.54 -35.56
C ARG A 637 -62.58 -23.63 -34.48
N GLY A 638 -62.44 -23.22 -33.23
CA GLY A 638 -62.53 -24.12 -32.11
C GLY A 638 -61.21 -24.77 -31.76
N PHE A 639 -61.25 -26.10 -31.55
CA PHE A 639 -60.02 -26.84 -31.28
C PHE A 639 -59.06 -26.82 -32.47
N GLU A 640 -59.57 -26.57 -33.68
CA GLU A 640 -58.75 -26.55 -34.87
C GLU A 640 -58.16 -25.17 -35.17
N THR A 641 -58.39 -24.19 -34.31
CA THR A 641 -57.92 -22.84 -34.56
C THR A 641 -56.41 -22.80 -34.63
N ILE A 642 -55.88 -22.12 -35.63
CA ILE A 642 -54.45 -21.94 -35.81
C ILE A 642 -54.22 -20.48 -36.18
N VAL A 643 -52.99 -20.03 -36.00
CA VAL A 643 -52.59 -18.69 -36.44
C VAL A 643 -51.77 -18.86 -37.70
N LYS A 644 -52.16 -18.19 -38.77
CA LYS A 644 -51.49 -18.37 -40.04
C LYS A 644 -51.31 -17.01 -40.71
N PRO A 645 -50.30 -16.87 -41.56
CA PRO A 645 -50.21 -15.66 -42.39
C PRO A 645 -51.32 -15.63 -43.42
N GLU A 646 -51.32 -14.62 -44.29
CA GLU A 646 -52.40 -14.47 -45.26
C GLU A 646 -52.52 -15.70 -46.14
N PHE A 647 -53.71 -16.30 -46.15
CA PHE A 647 -54.03 -17.45 -46.99
C PHE A 647 -53.12 -18.65 -46.73
N GLY A 648 -52.55 -18.71 -45.52
CA GLY A 648 -51.64 -19.78 -45.20
C GLY A 648 -50.34 -19.74 -45.96
N LEU A 649 -50.01 -18.61 -46.57
CA LEU A 649 -48.79 -18.48 -47.35
C LEU A 649 -47.58 -18.38 -46.41
N PRO A 650 -46.38 -18.62 -46.95
CA PRO A 650 -45.18 -18.31 -46.17
C PRO A 650 -45.11 -16.82 -45.86
N LEU A 651 -44.49 -16.50 -44.73
CA LEU A 651 -44.42 -15.11 -44.29
C LEU A 651 -43.77 -14.22 -45.35
N GLU A 652 -42.86 -14.77 -46.15
CA GLU A 652 -42.19 -13.99 -47.18
C GLU A 652 -43.18 -13.52 -48.24
N GLU A 653 -44.14 -14.34 -48.58
CA GLU A 653 -45.05 -14.07 -49.68
C GLU A 653 -46.25 -13.22 -49.28
N THR A 654 -46.40 -12.88 -48.02
CA THR A 654 -47.48 -12.02 -47.56
C THR A 654 -47.01 -10.58 -47.54
N SER A 655 -47.80 -9.71 -46.91
CA SER A 655 -47.47 -8.30 -46.75
C SER A 655 -46.59 -8.04 -45.54
N CYS A 656 -46.09 -9.08 -44.89
CA CYS A 656 -45.27 -8.93 -43.70
C CYS A 656 -44.03 -8.10 -44.00
N ILE A 657 -43.70 -7.20 -43.08
CA ILE A 657 -42.55 -6.31 -43.22
C ILE A 657 -41.40 -6.73 -42.33
N SER A 658 -41.46 -7.92 -41.74
CA SER A 658 -40.35 -8.52 -41.00
C SER A 658 -39.89 -7.67 -39.83
N CYS A 659 -40.82 -6.96 -39.18
CA CYS A 659 -40.46 -6.12 -38.06
C CYS A 659 -40.14 -6.94 -36.81
N GLY A 660 -40.68 -8.15 -36.72
CA GLY A 660 -40.46 -9.01 -35.58
C GLY A 660 -41.35 -8.75 -34.39
N GLN A 661 -42.38 -7.93 -34.54
CA GLN A 661 -43.23 -7.59 -33.40
C GLN A 661 -43.99 -8.80 -32.90
N CYS A 662 -44.42 -9.67 -33.82
CA CYS A 662 -45.11 -10.89 -33.43
C CYS A 662 -44.20 -11.79 -32.59
N ALA A 663 -42.94 -11.91 -33.00
CA ALA A 663 -42.00 -12.74 -32.26
C ALA A 663 -41.61 -12.10 -30.94
N ASP A 664 -41.66 -10.77 -30.88
CA ASP A 664 -41.34 -10.05 -29.64
C ASP A 664 -42.46 -10.14 -28.63
N ILE A 665 -43.71 -10.20 -29.08
CA ILE A 665 -44.86 -10.24 -28.18
C ILE A 665 -45.26 -11.64 -27.77
N CYS A 666 -44.73 -12.68 -28.42
CA CYS A 666 -45.19 -14.03 -28.17
C CYS A 666 -44.78 -14.49 -26.77
N PRO A 667 -45.70 -15.08 -26.00
CA PRO A 667 -45.34 -15.52 -24.64
C PRO A 667 -44.72 -16.90 -24.55
N THR A 668 -45.01 -17.79 -25.50
CA THR A 668 -44.68 -19.20 -25.35
C THR A 668 -43.96 -19.75 -26.57
N GLY A 669 -42.94 -19.05 -27.05
CA GLY A 669 -42.02 -19.64 -28.02
C GLY A 669 -42.60 -20.23 -29.29
N ALA A 670 -43.87 -19.99 -29.57
CA ALA A 670 -44.48 -20.39 -30.83
C ALA A 670 -44.14 -19.45 -31.96
N CYS A 671 -43.59 -18.29 -31.65
CA CYS A 671 -43.06 -17.36 -32.64
C CYS A 671 -41.78 -16.80 -32.05
N ILE A 672 -40.65 -17.11 -32.68
CA ILE A 672 -39.34 -16.70 -32.19
C ILE A 672 -38.60 -15.99 -33.32
N GLY A 673 -37.72 -15.07 -32.94
CA GLY A 673 -36.81 -14.45 -33.88
C GLY A 673 -35.45 -15.13 -33.81
N LYS A 674 -34.98 -15.58 -34.96
CA LYS A 674 -33.74 -16.35 -35.02
C LYS A 674 -32.56 -15.49 -34.59
N GLN A 675 -31.64 -16.10 -33.88
CA GLN A 675 -30.44 -15.44 -33.39
C GLN A 675 -29.43 -15.26 -34.53
N PRO A 676 -28.79 -14.10 -34.63
CA PRO A 676 -27.83 -13.87 -35.72
C PRO A 676 -26.47 -14.52 -35.46
N VAL A 677 -26.50 -15.84 -35.25
CA VAL A 677 -25.31 -16.61 -34.92
C VAL A 677 -25.27 -17.84 -35.82
N ALA A 678 -24.15 -18.57 -35.74
CA ALA A 678 -23.95 -19.70 -36.63
C ALA A 678 -24.83 -20.90 -36.25
N LYS A 679 -24.99 -21.15 -34.95
CA LYS A 679 -25.82 -22.25 -34.47
C LYS A 679 -26.76 -21.72 -33.40
N GLN A 680 -28.04 -22.08 -33.51
CA GLN A 680 -29.02 -21.63 -32.53
C GLN A 680 -28.81 -22.35 -31.22
N VAL A 681 -28.84 -21.59 -30.12
CA VAL A 681 -28.67 -22.15 -28.79
C VAL A 681 -29.47 -21.32 -27.80
N PRO A 682 -30.34 -21.93 -27.01
CA PRO A 682 -31.06 -21.17 -25.98
C PRO A 682 -30.13 -20.80 -24.83
N VAL A 683 -29.85 -19.52 -24.67
CA VAL A 683 -28.89 -19.05 -23.68
C VAL A 683 -29.52 -17.94 -22.86
N ASN A 684 -28.97 -17.71 -21.68
CA ASN A 684 -29.33 -16.58 -20.85
C ASN A 684 -28.40 -15.42 -21.20
N THR A 685 -28.97 -14.33 -21.67
CA THR A 685 -28.21 -13.21 -22.21
C THR A 685 -28.28 -12.03 -21.25
N VAL A 686 -27.42 -11.03 -21.51
CA VAL A 686 -27.43 -9.77 -20.79
C VAL A 686 -27.78 -8.67 -21.79
N ALA A 687 -28.71 -7.80 -21.39
CA ALA A 687 -29.29 -6.79 -22.27
C ALA A 687 -28.73 -5.41 -21.96
N THR A 688 -28.30 -4.70 -22.99
CA THR A 688 -27.86 -3.32 -22.90
C THR A 688 -28.69 -2.46 -23.83
N LYS A 689 -29.08 -1.28 -23.38
CA LYS A 689 -29.88 -0.38 -24.19
C LYS A 689 -29.00 0.49 -25.07
N THR A 690 -29.35 0.57 -26.35
CA THR A 690 -28.66 1.43 -27.30
C THR A 690 -29.67 1.93 -28.32
N VAL A 691 -29.19 2.61 -29.35
CA VAL A 691 -30.03 3.28 -30.33
C VAL A 691 -29.77 2.67 -31.70
N CYS A 692 -30.84 2.39 -32.44
CA CYS A 692 -30.70 1.98 -33.83
C CYS A 692 -30.20 3.14 -34.67
N THR A 693 -29.27 2.85 -35.57
CA THR A 693 -28.62 3.87 -36.37
C THR A 693 -29.01 3.81 -37.85
N PHE A 694 -30.08 3.09 -38.18
CA PHE A 694 -30.37 2.83 -39.58
C PHE A 694 -31.33 3.84 -40.21
N CYS A 695 -32.03 4.63 -39.40
CA CYS A 695 -32.79 5.75 -39.93
C CYS A 695 -32.91 6.79 -38.82
N GLY A 696 -33.54 7.91 -39.14
CA GLY A 696 -33.59 9.03 -38.24
C GLY A 696 -34.63 8.94 -37.15
N MET A 697 -35.49 7.92 -37.15
CA MET A 697 -36.48 7.78 -36.10
C MET A 697 -35.83 7.55 -34.75
N GLY A 698 -34.61 7.04 -34.71
CA GLY A 698 -33.88 6.90 -33.46
C GLY A 698 -34.54 5.97 -32.47
N CYS A 699 -35.05 4.83 -32.95
CA CYS A 699 -35.67 3.86 -32.06
C CYS A 699 -34.63 3.22 -31.17
N GLU A 700 -34.98 3.05 -29.90
CA GLU A 700 -34.10 2.42 -28.94
C GLU A 700 -34.36 0.93 -28.89
N MET A 701 -33.32 0.17 -28.51
CA MET A 701 -33.41 -1.28 -28.48
C MET A 701 -32.55 -1.79 -27.35
N LEU A 702 -32.84 -3.01 -26.93
CA LEU A 702 -32.03 -3.74 -25.96
C LEU A 702 -31.34 -4.87 -26.70
N VAL A 703 -30.02 -4.78 -26.80
CA VAL A 703 -29.21 -5.81 -27.42
C VAL A 703 -28.84 -6.82 -26.34
N GLU A 704 -29.22 -8.07 -26.55
CA GLU A 704 -28.98 -9.15 -25.61
C GLU A 704 -27.83 -10.00 -26.13
N THR A 705 -26.73 -10.02 -25.40
CA THR A 705 -25.49 -10.66 -25.81
C THR A 705 -25.08 -11.71 -24.80
N LYS A 706 -24.14 -12.56 -25.22
CA LYS A 706 -23.50 -13.53 -24.33
C LYS A 706 -22.08 -13.74 -24.85
N GLY A 707 -21.12 -13.05 -24.24
CA GLY A 707 -19.75 -13.07 -24.72
C GLY A 707 -19.50 -11.89 -25.64
N ASN A 708 -18.86 -12.15 -26.77
CA ASN A 708 -18.66 -11.15 -27.81
C ASN A 708 -19.62 -11.31 -28.97
N LEU A 709 -20.70 -12.05 -28.78
CA LEU A 709 -21.71 -12.29 -29.80
C LEU A 709 -23.03 -11.66 -29.39
N ILE A 710 -23.75 -11.11 -30.36
CA ILE A 710 -25.10 -10.62 -30.15
C ILE A 710 -26.07 -11.74 -30.42
N PHE A 711 -26.98 -11.98 -29.48
CA PHE A 711 -27.93 -13.09 -29.61
C PHE A 711 -29.36 -12.66 -29.87
N ASP A 712 -29.78 -11.49 -29.39
CA ASP A 712 -31.16 -11.08 -29.62
C ASP A 712 -31.27 -9.57 -29.53
N VAL A 713 -32.39 -9.05 -30.01
CA VAL A 713 -32.71 -7.63 -29.91
C VAL A 713 -34.18 -7.51 -29.49
N SER A 714 -34.45 -6.63 -28.52
CA SER A 714 -35.81 -6.41 -28.05
C SER A 714 -36.15 -4.93 -28.12
N PRO A 715 -37.34 -4.58 -28.59
CA PRO A 715 -37.73 -3.17 -28.54
C PRO A 715 -38.01 -2.73 -27.11
N VAL A 716 -37.77 -1.45 -26.85
CA VAL A 716 -38.07 -0.89 -25.53
C VAL A 716 -39.56 -0.54 -25.46
N GLN A 717 -40.07 -0.46 -24.24
CA GLN A 717 -41.49 -0.19 -24.00
C GLN A 717 -41.68 1.31 -23.75
N SER A 718 -41.53 2.08 -24.82
CA SER A 718 -41.58 3.54 -24.72
C SER A 718 -42.77 4.14 -25.45
N ASN A 719 -42.90 3.89 -26.75
CA ASN A 719 -43.98 4.45 -27.55
C ASN A 719 -44.18 3.54 -28.74
N GLU A 720 -45.25 2.75 -28.70
CA GLU A 720 -45.57 1.73 -29.69
C GLU A 720 -44.62 0.53 -29.57
N GLY A 721 -43.59 0.67 -28.75
CA GLY A 721 -42.62 -0.37 -28.49
C GLY A 721 -42.21 -1.16 -29.72
N MET A 722 -41.92 -0.47 -30.81
CA MET A 722 -41.76 -1.08 -32.11
C MET A 722 -40.36 -0.85 -32.67
N LEU A 723 -39.87 -1.86 -33.38
CA LEU A 723 -38.72 -1.74 -34.26
C LEU A 723 -39.15 -2.23 -35.63
N CYS A 724 -38.38 -1.89 -36.65
CA CYS A 724 -38.64 -2.39 -37.98
C CYS A 724 -37.65 -3.52 -38.30
N ALA A 725 -37.64 -3.97 -39.55
CA ALA A 725 -36.75 -5.05 -39.94
C ALA A 725 -35.29 -4.67 -39.69
N PHE A 726 -34.93 -3.41 -39.99
CA PHE A 726 -33.56 -2.96 -39.77
C PHE A 726 -33.18 -3.03 -38.30
N GLY A 727 -33.86 -2.25 -37.46
CA GLY A 727 -33.50 -2.19 -36.06
C GLY A 727 -33.59 -3.51 -35.34
N ARG A 728 -34.39 -4.45 -35.82
CA ARG A 728 -34.57 -5.72 -35.13
C ARG A 728 -33.63 -6.80 -35.64
N PHE A 729 -33.33 -6.81 -36.94
CA PHE A 729 -32.62 -7.93 -37.54
C PHE A 729 -31.34 -7.57 -38.27
N GLY A 730 -31.07 -6.30 -38.52
CA GLY A 730 -29.87 -5.91 -39.23
C GLY A 730 -28.66 -5.74 -38.36
N ILE A 731 -28.79 -6.03 -37.07
CA ILE A 731 -27.66 -6.03 -36.14
C ILE A 731 -26.85 -7.29 -36.35
N LYS A 732 -27.26 -8.11 -37.31
CA LYS A 732 -26.56 -9.34 -37.62
C LYS A 732 -25.17 -9.09 -38.17
N TYR A 733 -24.89 -7.87 -38.67
CA TYR A 733 -23.58 -7.58 -39.21
C TYR A 733 -22.52 -7.48 -38.13
N VAL A 734 -22.91 -7.33 -36.87
CA VAL A 734 -21.95 -7.27 -35.77
C VAL A 734 -21.24 -8.60 -35.61
N ASN A 735 -21.95 -9.70 -35.81
CA ASN A 735 -21.39 -11.03 -35.69
C ASN A 735 -20.82 -11.57 -36.99
N ASP A 736 -20.84 -10.78 -38.05
CA ASP A 736 -20.39 -11.26 -39.35
C ASP A 736 -18.91 -11.63 -39.30
N LYS A 737 -18.58 -12.78 -39.88
CA LYS A 737 -17.20 -13.24 -39.94
C LYS A 737 -16.38 -12.55 -41.02
N ASP A 738 -17.03 -11.78 -41.89
CA ASP A 738 -16.36 -11.06 -42.95
C ASP A 738 -15.96 -9.65 -42.55
N ARG A 739 -16.19 -9.26 -41.30
CA ARG A 739 -15.71 -7.98 -40.81
C ARG A 739 -14.18 -7.97 -40.79
N ILE A 740 -13.60 -6.88 -41.29
CA ILE A 740 -12.15 -6.73 -41.25
C ILE A 740 -11.76 -6.18 -39.88
N LEU A 741 -10.72 -6.78 -39.29
CA LEU A 741 -10.24 -6.35 -37.98
C LEU A 741 -8.84 -5.77 -38.03
N ALA A 742 -8.13 -5.91 -39.14
CA ALA A 742 -6.78 -5.39 -39.28
C ALA A 742 -6.67 -4.56 -40.54
N PRO A 743 -5.81 -3.55 -40.55
CA PRO A 743 -5.71 -2.67 -41.72
C PRO A 743 -5.01 -3.35 -42.87
N LEU A 744 -5.23 -2.80 -44.07
CA LEU A 744 -4.60 -3.28 -45.28
C LEU A 744 -3.91 -2.12 -46.00
N ILE A 745 -2.70 -2.37 -46.47
CA ILE A 745 -1.98 -1.42 -47.31
C ILE A 745 -1.49 -2.15 -48.55
N LYS A 746 -1.29 -1.40 -49.62
CA LYS A 746 -0.95 -1.98 -50.91
C LYS A 746 0.55 -2.21 -50.98
N VAL A 747 0.96 -3.47 -50.90
CA VAL A 747 2.33 -3.89 -51.15
C VAL A 747 2.35 -4.73 -52.41
N ASN A 748 3.33 -4.49 -53.26
CA ASN A 748 3.46 -5.13 -54.57
C ASN A 748 2.19 -4.97 -55.41
N GLY A 749 1.40 -3.93 -55.15
CA GLY A 749 0.19 -3.70 -55.89
C GLY A 749 -1.04 -4.42 -55.39
N GLU A 750 -0.96 -5.11 -54.25
CA GLU A 750 -2.10 -5.81 -53.69
C GLU A 750 -2.25 -5.47 -52.21
N LEU A 751 -3.49 -5.47 -51.73
CA LEU A 751 -3.75 -5.14 -50.33
C LEU A 751 -3.31 -6.28 -49.44
N SER A 752 -2.52 -5.96 -48.42
CA SER A 752 -2.02 -6.95 -47.48
C SER A 752 -2.17 -6.41 -46.07
N LYS A 753 -2.26 -7.33 -45.12
CA LYS A 753 -2.44 -6.98 -43.72
C LYS A 753 -1.22 -6.26 -43.17
N THR A 754 -1.46 -5.33 -42.24
CA THR A 754 -0.39 -4.59 -41.61
C THR A 754 -0.85 -4.19 -40.20
N THR A 755 -0.06 -3.36 -39.54
CA THR A 755 -0.38 -2.88 -38.21
C THR A 755 -1.08 -1.52 -38.29
N PHE A 756 -1.73 -1.15 -37.19
CA PHE A 756 -2.49 0.10 -37.16
C PHE A 756 -1.56 1.31 -37.29
N ASP A 757 -0.41 1.28 -36.63
CA ASP A 757 0.52 2.41 -36.69
C ASP A 757 1.03 2.62 -38.11
N GLN A 758 1.45 1.53 -38.76
CA GLN A 758 1.96 1.64 -40.12
C GLN A 758 0.89 2.13 -41.08
N ALA A 759 -0.32 1.61 -40.95
CA ALA A 759 -1.41 2.01 -41.83
C ALA A 759 -1.78 3.49 -41.63
N LEU A 760 -1.82 3.94 -40.38
CA LEU A 760 -2.15 5.34 -40.11
C LEU A 760 -1.06 6.27 -40.62
N ILE A 761 0.21 5.88 -40.44
CA ILE A 761 1.30 6.70 -40.96
C ILE A 761 1.22 6.77 -42.49
N GLU A 762 0.91 5.64 -43.13
CA GLU A 762 0.76 5.63 -44.58
C GLU A 762 -0.39 6.52 -45.02
N THR A 763 -1.52 6.48 -44.30
CA THR A 763 -2.65 7.34 -44.62
C THR A 763 -2.29 8.80 -44.52
N ALA A 764 -1.64 9.18 -43.41
CA ALA A 764 -1.26 10.57 -43.20
C ALA A 764 -0.29 11.04 -44.28
N LYS A 765 0.68 10.20 -44.63
CA LYS A 765 1.64 10.58 -45.65
C LYS A 765 0.99 10.69 -47.03
N LYS A 766 0.06 9.80 -47.35
CA LYS A 766 -0.62 9.87 -48.65
C LYS A 766 -1.45 11.14 -48.76
N LEU A 767 -2.22 11.45 -47.72
CA LEU A 767 -3.03 12.66 -47.75
C LEU A 767 -2.16 13.91 -47.79
N GLN A 768 -1.07 13.93 -47.03
CA GLN A 768 -0.19 15.08 -47.05
C GLN A 768 0.48 15.25 -48.42
N ALA A 769 0.86 14.14 -49.05
CA ALA A 769 1.45 14.22 -50.38
C ALA A 769 0.45 14.77 -51.40
N ILE A 770 -0.81 14.34 -51.31
CA ILE A 770 -1.83 14.87 -52.22
C ILE A 770 -2.00 16.37 -51.99
N ARG A 771 -2.10 16.78 -50.72
CA ARG A 771 -2.28 18.20 -50.42
C ARG A 771 -1.09 19.02 -50.90
N ALA A 772 0.12 18.50 -50.73
CA ALA A 772 1.31 19.21 -51.18
C ALA A 772 1.32 19.36 -52.69
N SER A 773 1.16 18.25 -53.42
CA SER A 773 1.28 18.30 -54.87
C SER A 773 0.07 18.91 -55.57
N TYR A 774 -1.05 19.11 -54.87
CA TYR A 774 -2.24 19.64 -55.53
C TYR A 774 -2.90 20.81 -54.82
N GLY A 775 -2.51 21.14 -53.60
CA GLY A 775 -2.99 22.35 -52.97
C GLY A 775 -4.25 22.18 -52.14
N LYS A 776 -4.85 23.32 -51.81
CA LYS A 776 -6.02 23.36 -50.96
C LYS A 776 -7.22 22.72 -51.64
N ASP A 777 -8.10 22.15 -50.82
CA ASP A 777 -9.37 21.58 -51.26
C ASP A 777 -9.16 20.51 -52.34
N SER A 778 -8.12 19.70 -52.17
CA SER A 778 -7.82 18.61 -53.09
C SER A 778 -8.17 17.24 -52.52
N ILE A 779 -8.57 17.17 -51.26
CA ILE A 779 -8.96 15.92 -50.62
C ILE A 779 -10.41 16.04 -50.19
N ALA A 780 -11.22 15.04 -50.55
CA ALA A 780 -12.60 14.96 -50.15
C ALA A 780 -12.75 13.95 -49.02
N ILE A 781 -13.45 14.34 -47.97
CA ILE A 781 -13.72 13.45 -46.84
C ILE A 781 -15.20 13.11 -46.90
N ILE A 782 -15.52 11.90 -47.38
CA ILE A 782 -16.89 11.44 -47.52
C ILE A 782 -17.17 10.46 -46.39
N ALA A 783 -18.10 10.83 -45.51
CA ALA A 783 -18.34 10.10 -44.28
C ALA A 783 -19.76 9.56 -44.25
N SER A 784 -19.93 8.38 -43.67
CA SER A 784 -21.25 7.82 -43.46
C SER A 784 -22.00 8.62 -42.41
N GLN A 785 -23.31 8.75 -42.60
CA GLN A 785 -24.14 9.49 -41.66
C GLN A 785 -24.55 8.65 -40.47
N ARG A 786 -23.97 7.46 -40.29
CA ARG A 786 -24.21 6.66 -39.11
C ARG A 786 -23.17 6.88 -38.02
N LEU A 787 -22.16 7.71 -38.27
CA LEU A 787 -21.17 8.00 -37.25
C LEU A 787 -21.77 8.90 -36.17
N THR A 788 -21.19 8.84 -34.98
CA THR A 788 -21.65 9.68 -33.89
C THR A 788 -21.25 11.13 -34.15
N ASN A 789 -21.80 12.03 -33.31
CA ASN A 789 -21.55 13.45 -33.49
C ASN A 789 -20.08 13.78 -33.30
N GLU A 790 -19.43 13.13 -32.33
CA GLU A 790 -18.03 13.39 -32.05
C GLU A 790 -17.15 12.98 -33.21
N GLU A 791 -17.43 11.84 -33.84
CA GLU A 791 -16.64 11.41 -34.99
C GLU A 791 -16.83 12.35 -36.18
N ALA A 792 -18.04 12.83 -36.41
CA ALA A 792 -18.27 13.80 -37.48
C ALA A 792 -17.53 15.11 -37.21
N LEU A 793 -17.58 15.59 -35.97
CA LEU A 793 -16.87 16.82 -35.62
C LEU A 793 -15.37 16.63 -35.77
N LEU A 794 -14.84 15.49 -35.35
CA LEU A 794 -13.42 15.21 -35.49
C LEU A 794 -13.03 15.13 -36.96
N LEU A 795 -13.92 14.59 -37.80
CA LEU A 795 -13.64 14.55 -39.23
C LEU A 795 -13.61 15.94 -39.83
N THR A 796 -14.49 16.83 -39.37
CA THR A 796 -14.42 18.22 -39.81
C THR A 796 -13.10 18.87 -39.40
N LYS A 797 -12.64 18.60 -38.17
CA LYS A 797 -11.36 19.13 -37.73
C LYS A 797 -10.20 18.56 -38.54
N LEU A 798 -10.31 17.28 -38.92
CA LEU A 798 -9.29 16.66 -39.77
C LEU A 798 -9.26 17.31 -41.15
N ALA A 799 -10.43 17.63 -41.71
CA ALA A 799 -10.47 18.37 -42.96
C ALA A 799 -9.87 19.75 -42.79
N GLN A 800 -10.09 20.38 -41.63
CA GLN A 800 -9.49 21.67 -41.35
C GLN A 800 -7.97 21.58 -41.31
N LYS A 801 -7.44 20.51 -40.72
CA LYS A 801 -5.99 20.33 -40.67
C LYS A 801 -5.42 19.88 -42.00
N LEU A 802 -6.23 19.27 -42.85
CA LEU A 802 -5.79 18.82 -44.17
C LEU A 802 -5.97 19.88 -45.24
N ASP A 803 -6.45 21.06 -44.87
CA ASP A 803 -6.59 22.20 -45.78
C ASP A 803 -7.63 21.91 -46.86
N THR A 804 -8.77 21.36 -46.46
CA THR A 804 -9.83 21.03 -47.39
C THR A 804 -11.19 21.35 -46.78
N THR A 805 -12.03 22.02 -47.55
CA THR A 805 -13.42 22.26 -47.17
C THR A 805 -14.36 21.24 -47.76
N VAL A 806 -13.85 20.29 -48.54
CA VAL A 806 -14.70 19.31 -49.24
C VAL A 806 -14.90 18.15 -48.26
N ILE A 807 -15.90 18.31 -47.40
CA ILE A 807 -16.34 17.24 -46.52
C ILE A 807 -17.85 17.10 -46.67
N GLY A 808 -18.31 15.91 -47.00
CA GLY A 808 -19.71 15.69 -47.22
C GLY A 808 -20.04 14.22 -47.15
N SER A 809 -21.18 13.87 -47.75
CA SER A 809 -21.63 12.50 -47.81
C SER A 809 -22.24 12.23 -49.16
N PHE A 810 -22.17 10.97 -49.59
CA PHE A 810 -22.84 10.55 -50.81
C PHE A 810 -24.31 10.26 -50.58
N ASP A 811 -24.75 10.14 -49.34
CA ASP A 811 -26.15 9.98 -49.00
C ASP A 811 -26.81 11.31 -48.62
N LEU A 812 -26.11 12.42 -48.74
CA LEU A 812 -26.59 13.69 -48.25
C LEU A 812 -27.53 14.33 -49.26
N ARG A 813 -28.77 14.57 -48.84
CA ARG A 813 -29.76 15.21 -49.68
C ARG A 813 -29.52 16.71 -49.76
N GLU A 814 -29.90 17.30 -50.89
CA GLU A 814 -29.77 18.74 -51.06
C GLU A 814 -30.65 19.46 -50.05
N SER A 815 -30.10 20.54 -49.48
CA SER A 815 -30.74 21.25 -48.39
C SER A 815 -31.52 22.45 -48.90
N VAL A 816 -32.75 22.60 -48.40
CA VAL A 816 -33.56 23.77 -48.73
C VAL A 816 -34.14 24.46 -47.51
N LEU A 817 -34.17 23.83 -46.35
CA LEU A 817 -34.75 24.45 -45.17
C LEU A 817 -33.85 25.52 -44.58
N ASP A 818 -32.54 25.42 -44.77
CA ASP A 818 -31.64 26.45 -44.27
C ASP A 818 -31.75 27.73 -45.09
N ARG A 819 -32.14 27.61 -46.36
CA ARG A 819 -32.38 28.78 -47.19
C ARG A 819 -33.69 29.48 -46.86
N ILE A 820 -34.63 28.78 -46.22
CA ILE A 820 -35.96 29.32 -45.94
C ILE A 820 -36.08 29.74 -44.48
N PHE A 821 -35.78 28.84 -43.55
CA PHE A 821 -35.92 29.12 -42.13
C PHE A 821 -34.59 29.42 -41.44
N GLY A 822 -33.48 28.92 -41.97
CA GLY A 822 -32.19 29.20 -41.38
C GLY A 822 -31.40 27.96 -41.00
N LEU A 823 -32.09 26.95 -40.49
CA LEU A 823 -31.48 25.70 -40.08
C LEU A 823 -32.08 24.55 -40.88
N ASN A 824 -31.21 23.65 -41.34
CA ASN A 824 -31.66 22.44 -42.03
C ASN A 824 -31.99 21.39 -40.98
N ALA A 825 -33.16 21.56 -40.36
CA ALA A 825 -33.54 20.74 -39.24
C ALA A 825 -35.06 20.67 -39.14
N SER A 826 -35.54 19.66 -38.41
CA SER A 826 -36.94 19.57 -38.09
C SER A 826 -37.35 20.69 -37.16
N THR A 827 -38.57 21.18 -37.34
CA THR A 827 -39.07 22.30 -36.57
C THR A 827 -39.65 21.88 -35.22
N ASN A 828 -40.36 20.75 -35.18
CA ASN A 828 -41.03 20.29 -33.98
C ASN A 828 -40.49 18.92 -33.57
N SER A 829 -41.05 18.38 -32.50
CA SER A 829 -40.63 17.10 -31.93
C SER A 829 -41.61 15.99 -32.31
N PHE A 830 -41.20 14.75 -32.02
CA PHE A 830 -42.02 13.60 -32.37
C PHE A 830 -43.27 13.49 -31.51
N ASP A 831 -43.21 14.01 -30.27
CA ASP A 831 -44.36 13.90 -29.37
C ASP A 831 -45.54 14.72 -29.86
N GLU A 832 -45.28 15.90 -30.42
CA GLU A 832 -46.36 16.78 -30.85
C GLU A 832 -47.21 16.15 -31.93
N ILE A 833 -46.70 15.12 -32.61
CA ILE A 833 -47.49 14.39 -33.61
C ILE A 833 -48.77 13.84 -32.97
N TYR A 834 -48.68 13.37 -31.73
CA TYR A 834 -49.86 12.83 -31.07
C TYR A 834 -50.90 13.90 -30.75
N SER A 835 -50.56 15.18 -30.82
CA SER A 835 -51.46 16.24 -30.41
C SER A 835 -51.82 17.20 -31.53
N THR A 836 -51.27 17.04 -32.72
CA THR A 836 -51.55 17.95 -33.81
C THR A 836 -52.93 17.66 -34.40
N ASP A 837 -53.53 18.69 -35.00
CA ASP A 837 -54.86 18.55 -35.59
C ASP A 837 -54.80 17.75 -36.89
N LEU A 838 -53.81 18.04 -37.73
CA LEU A 838 -53.71 17.44 -39.05
C LEU A 838 -52.28 17.01 -39.30
N ILE A 839 -52.11 15.87 -39.96
CA ILE A 839 -50.81 15.35 -40.34
C ILE A 839 -50.76 15.25 -41.86
N VAL A 840 -49.74 15.83 -42.45
CA VAL A 840 -49.47 15.69 -43.87
C VAL A 840 -48.21 14.85 -44.01
N ALA A 841 -48.37 13.61 -44.45
CA ALA A 841 -47.25 12.69 -44.64
C ALA A 841 -46.90 12.66 -46.12
N VAL A 842 -45.68 13.09 -46.45
CA VAL A 842 -45.23 13.22 -47.83
C VAL A 842 -44.15 12.18 -48.09
N GLY A 843 -44.32 11.41 -49.15
CA GLY A 843 -43.38 10.37 -49.49
C GLY A 843 -43.71 9.04 -48.84
N LYS A 844 -42.74 8.12 -48.95
CA LYS A 844 -42.86 6.79 -48.36
C LYS A 844 -42.48 6.82 -46.87
N VAL A 845 -43.28 7.57 -46.11
CA VAL A 845 -43.00 7.75 -44.70
C VAL A 845 -43.12 6.43 -43.95
N ALA A 846 -44.21 5.70 -44.19
CA ALA A 846 -44.41 4.42 -43.51
C ALA A 846 -43.56 3.30 -44.11
N GLU A 847 -43.31 3.35 -45.42
CA GLU A 847 -42.53 2.30 -46.07
C GLU A 847 -41.08 2.34 -45.64
N ASN A 848 -40.46 3.51 -45.68
CA ASN A 848 -39.06 3.63 -45.32
C ASN A 848 -38.85 3.58 -43.82
N HIS A 849 -39.83 4.02 -43.04
CA HIS A 849 -39.73 4.07 -41.57
C HIS A 849 -41.03 3.49 -41.02
N ALA A 850 -41.02 2.18 -40.74
CA ALA A 850 -42.23 1.49 -40.32
C ALA A 850 -42.74 2.01 -38.99
N VAL A 851 -41.83 2.37 -38.08
CA VAL A 851 -42.25 2.88 -36.78
C VAL A 851 -42.97 4.21 -36.92
N MET A 852 -42.58 5.04 -37.90
CA MET A 852 -43.36 6.24 -38.16
C MET A 852 -44.74 5.92 -38.70
N GLY A 853 -44.88 4.84 -39.48
CA GLY A 853 -46.20 4.41 -39.88
C GLY A 853 -47.06 4.00 -38.70
N ALA A 854 -46.47 3.28 -37.74
CA ALA A 854 -47.18 2.95 -36.51
C ALA A 854 -47.56 4.20 -35.73
N LYS A 855 -46.66 5.18 -35.69
CA LYS A 855 -46.92 6.43 -34.97
C LYS A 855 -48.06 7.21 -35.63
N LEU A 856 -48.09 7.23 -36.96
CA LEU A 856 -49.20 7.88 -37.66
C LEU A 856 -50.51 7.15 -37.40
N LYS A 857 -50.48 5.82 -37.39
CA LYS A 857 -51.69 5.06 -37.07
C LYS A 857 -52.20 5.40 -35.68
N LYS A 858 -51.28 5.46 -34.71
CA LYS A 858 -51.67 5.82 -33.34
C LYS A 858 -52.20 7.24 -33.26
N ALA A 859 -51.56 8.18 -33.96
CA ALA A 859 -52.01 9.57 -33.93
C ALA A 859 -53.39 9.73 -34.54
N VAL A 860 -53.65 9.04 -35.65
CA VAL A 860 -54.98 9.10 -36.25
C VAL A 860 -56.01 8.46 -35.34
N GLU A 861 -55.63 7.38 -34.65
CA GLU A 861 -56.54 6.79 -33.66
C GLU A 861 -56.81 7.75 -32.51
N LEU A 862 -55.82 8.56 -32.13
CA LEU A 862 -55.99 9.51 -31.04
C LEU A 862 -56.85 10.71 -31.42
N GLY A 863 -57.04 10.98 -32.71
CA GLY A 863 -57.95 12.04 -33.11
C GLY A 863 -57.45 12.94 -34.23
N ALA A 864 -56.27 12.65 -34.77
CA ALA A 864 -55.70 13.48 -35.81
C ALA A 864 -56.31 13.13 -37.16
N LYS A 865 -56.04 14.00 -38.14
CA LYS A 865 -56.48 13.81 -39.52
C LYS A 865 -55.26 13.67 -40.40
N LEU A 866 -55.24 12.63 -41.23
CA LEU A 866 -54.07 12.26 -42.00
C LEU A 866 -54.29 12.57 -43.48
N VAL A 867 -53.32 13.23 -44.10
CA VAL A 867 -53.30 13.47 -45.53
C VAL A 867 -51.97 12.94 -46.05
N THR A 868 -52.02 12.02 -47.01
CA THR A 868 -50.82 11.41 -47.57
C THR A 868 -50.62 11.89 -49.00
N ILE A 869 -49.43 12.43 -49.28
CA ILE A 869 -49.04 12.84 -50.61
C ILE A 869 -47.88 11.95 -51.05
N ASN A 870 -48.05 11.26 -52.18
CA ASN A 870 -47.07 10.32 -52.66
C ASN A 870 -47.31 10.08 -54.14
N ASN A 871 -46.36 9.43 -54.79
CA ASN A 871 -46.51 9.03 -56.18
C ASN A 871 -47.04 7.61 -56.34
N GLY A 872 -47.21 6.88 -55.24
CA GLY A 872 -47.72 5.52 -55.30
C GLY A 872 -48.49 5.16 -54.05
N GLU A 873 -48.77 3.88 -53.86
CA GLU A 873 -49.55 3.45 -52.71
C GLU A 873 -48.70 3.41 -51.45
N THR A 874 -49.36 3.61 -50.31
CA THR A 874 -48.72 3.57 -49.01
C THR A 874 -49.64 2.87 -48.02
N ARG A 875 -49.06 2.38 -46.93
CA ARG A 875 -49.86 1.77 -45.88
C ARG A 875 -50.61 2.79 -45.04
N ALA A 876 -50.28 4.08 -45.18
CA ALA A 876 -50.97 5.11 -44.42
C ALA A 876 -52.25 5.59 -45.10
N ASP A 877 -52.53 5.15 -46.33
CA ASP A 877 -53.73 5.55 -47.02
C ASP A 877 -55.00 4.94 -46.42
N GLU A 878 -54.87 3.92 -45.57
CA GLU A 878 -56.04 3.25 -45.03
C GLU A 878 -56.89 4.19 -44.18
N ARG A 879 -56.24 5.00 -43.34
CA ARG A 879 -56.95 5.89 -42.43
C ARG A 879 -56.77 7.35 -42.80
N ALA A 880 -56.49 7.64 -44.06
CA ALA A 880 -56.30 9.01 -44.52
C ALA A 880 -57.62 9.60 -44.98
N ILE A 881 -57.85 10.86 -44.66
CA ILE A 881 -59.04 11.56 -45.14
C ILE A 881 -58.85 12.11 -46.55
N ALA A 882 -57.60 12.22 -47.01
CA ALA A 882 -57.32 12.73 -48.34
C ALA A 882 -56.03 12.10 -48.83
N THR A 883 -56.06 11.53 -50.03
CA THR A 883 -54.93 10.84 -50.61
C THR A 883 -54.65 11.45 -51.98
N TYR A 884 -53.43 11.94 -52.17
CA TYR A 884 -53.03 12.63 -53.39
C TYR A 884 -51.88 11.89 -54.04
N LYS A 885 -52.06 11.53 -55.31
CA LYS A 885 -51.05 10.84 -56.10
C LYS A 885 -50.50 11.84 -57.10
N ILE A 886 -49.43 12.53 -56.71
CA ILE A 886 -48.84 13.57 -57.53
C ILE A 886 -47.47 13.12 -58.02
N ASP A 887 -47.03 13.75 -59.10
CA ASP A 887 -45.71 13.50 -59.66
C ASP A 887 -44.90 14.77 -59.87
N ASN A 888 -45.49 15.94 -59.62
CA ASN A 888 -44.83 17.21 -59.90
C ASN A 888 -45.08 18.17 -58.75
N THR A 889 -44.16 19.13 -58.63
CA THR A 889 -44.26 20.15 -57.58
C THR A 889 -45.39 21.15 -57.87
N ALA A 890 -45.84 21.25 -59.12
CA ALA A 890 -46.85 22.23 -59.49
C ALA A 890 -48.09 22.12 -58.62
N PHE A 891 -48.44 20.90 -58.21
CA PHE A 891 -49.53 20.67 -57.27
C PHE A 891 -49.46 21.65 -56.11
N PHE A 892 -48.35 21.63 -55.38
CA PHE A 892 -48.18 22.53 -54.24
C PHE A 892 -48.34 23.98 -54.66
N LYS A 893 -47.75 24.34 -55.80
CA LYS A 893 -47.89 25.70 -56.31
C LYS A 893 -49.36 26.07 -56.45
N ALA A 894 -50.13 25.18 -57.08
CA ALA A 894 -51.56 25.43 -57.20
C ALA A 894 -52.20 25.60 -55.83
N THR A 895 -51.83 24.73 -54.88
CA THR A 895 -52.32 24.87 -53.51
C THR A 895 -52.07 26.28 -53.01
N ILE A 896 -50.85 26.77 -53.20
CA ILE A 896 -50.52 28.12 -52.74
C ILE A 896 -51.45 29.13 -53.39
N LYS A 897 -51.63 29.03 -54.70
CA LYS A 897 -52.55 29.94 -55.38
C LYS A 897 -53.95 29.81 -54.80
N ALA A 898 -54.40 28.57 -54.59
CA ALA A 898 -55.71 28.39 -53.98
C ALA A 898 -55.76 29.03 -52.61
N LEU A 899 -54.67 28.90 -51.83
CA LEU A 899 -54.63 29.52 -50.51
C LEU A 899 -54.81 31.02 -50.59
N PHE A 900 -54.33 31.63 -51.68
CA PHE A 900 -54.53 33.06 -51.85
C PHE A 900 -55.95 33.39 -52.30
N GLU A 901 -56.58 32.49 -53.06
CA GLU A 901 -57.90 32.78 -53.60
C GLU A 901 -58.96 32.78 -52.51
N MET A 902 -58.87 31.86 -51.54
CA MET A 902 -59.83 31.80 -50.46
C MET A 902 -59.53 32.80 -49.35
N LYS A 903 -58.56 33.69 -49.55
CA LYS A 903 -58.18 34.69 -48.56
C LYS A 903 -57.78 34.02 -47.25
N ALA A 904 -57.06 32.91 -47.35
CA ALA A 904 -56.61 32.15 -46.19
C ALA A 904 -55.21 32.53 -45.74
N VAL A 905 -54.59 33.54 -46.35
CA VAL A 905 -53.27 34.00 -45.98
C VAL A 905 -53.40 35.41 -45.43
N ASP A 906 -53.08 35.59 -44.15
CA ASP A 906 -53.07 36.89 -43.51
C ASP A 906 -51.81 37.62 -43.97
N GLU A 907 -51.93 38.33 -45.08
CA GLU A 907 -50.75 38.90 -45.74
C GLU A 907 -50.06 39.96 -44.90
N ASP A 908 -50.76 40.59 -43.95
CA ASP A 908 -50.08 41.52 -43.05
C ASP A 908 -49.05 40.79 -42.19
N TYR A 909 -49.49 39.73 -41.51
CA TYR A 909 -48.58 38.97 -40.66
C TYR A 909 -47.44 38.35 -41.47
N VAL A 910 -47.77 37.78 -42.63
CA VAL A 910 -46.75 37.14 -43.45
C VAL A 910 -45.74 38.16 -43.94
N SER A 911 -46.21 39.34 -44.36
CA SER A 911 -45.29 40.40 -44.78
C SER A 911 -44.40 40.84 -43.63
N LYS A 912 -44.95 40.88 -42.42
CA LYS A 912 -44.13 41.21 -41.25
C LYS A 912 -43.06 40.17 -41.00
N ILE A 913 -43.41 38.88 -41.15
CA ILE A 913 -42.48 37.81 -40.77
C ILE A 913 -41.68 37.24 -41.93
N ALA A 914 -42.12 37.44 -43.17
CA ALA A 914 -41.49 36.79 -44.31
C ALA A 914 -41.20 37.79 -45.41
N VAL A 915 -40.20 37.47 -46.23
CA VAL A 915 -39.88 38.24 -47.42
C VAL A 915 -40.18 37.41 -48.64
N ASN A 916 -40.00 37.98 -49.82
CA ASN A 916 -40.29 37.33 -51.10
C ASN A 916 -41.76 36.95 -51.23
N LEU A 917 -42.65 37.64 -50.51
CA LEU A 917 -44.08 37.32 -50.60
C LEU A 917 -44.66 37.74 -51.94
N ASP A 918 -44.32 38.93 -52.41
CA ASP A 918 -44.82 39.38 -53.70
C ASP A 918 -44.25 38.53 -54.84
N GLU A 919 -42.99 38.11 -54.71
CA GLU A 919 -42.43 37.18 -55.69
C GLU A 919 -43.17 35.86 -55.68
N LEU A 920 -43.55 35.38 -54.50
CA LEU A 920 -44.35 34.16 -54.43
C LEU A 920 -45.71 34.34 -55.08
N LYS A 921 -46.36 35.49 -54.85
CA LYS A 921 -47.65 35.75 -55.46
C LYS A 921 -47.54 35.81 -56.98
N ASP A 922 -46.48 36.44 -57.49
CA ASP A 922 -46.26 36.49 -58.94
C ASP A 922 -45.95 35.11 -59.50
N ASP A 923 -45.24 34.28 -58.75
CA ASP A 923 -44.84 32.97 -59.26
C ASP A 923 -46.06 32.06 -59.44
N VAL A 924 -47.02 32.12 -58.52
CA VAL A 924 -48.13 31.18 -58.49
C VAL A 924 -49.39 31.78 -59.10
N LYS A 925 -49.31 32.97 -59.69
CA LYS A 925 -50.53 33.62 -60.17
C LYS A 925 -51.06 32.96 -61.44
N ASN A 926 -50.19 32.43 -62.29
CA ASN A 926 -50.62 31.88 -63.58
C ASN A 926 -50.87 30.38 -63.55
N VAL A 927 -50.58 29.70 -62.44
CA VAL A 927 -50.83 28.26 -62.38
C VAL A 927 -52.33 27.99 -62.34
N GLU A 928 -52.69 26.76 -62.68
CA GLU A 928 -54.09 26.34 -62.72
C GLU A 928 -54.41 25.60 -61.43
N VAL A 929 -55.42 26.08 -60.72
CA VAL A 929 -55.85 25.42 -59.48
C VAL A 929 -56.73 24.24 -59.85
N THR A 930 -56.31 23.05 -59.42
CA THR A 930 -57.06 21.83 -59.67
C THR A 930 -58.02 21.56 -58.51
N ASP A 931 -58.89 20.56 -58.71
CA ASP A 931 -59.79 20.15 -57.63
C ASP A 931 -59.02 19.57 -56.46
N GLU A 932 -57.99 18.77 -56.75
CA GLU A 932 -57.18 18.19 -55.68
C GLU A 932 -56.44 19.28 -54.91
N ALA A 933 -55.87 20.25 -55.62
CA ALA A 933 -55.15 21.33 -54.96
C ALA A 933 -56.09 22.19 -54.12
N SER A 934 -57.28 22.49 -54.64
CA SER A 934 -58.25 23.27 -53.88
C SER A 934 -58.71 22.53 -52.64
N GLU A 935 -58.93 21.21 -52.75
CA GLU A 935 -59.32 20.43 -51.59
C GLU A 935 -58.21 20.39 -50.55
N PHE A 936 -56.96 20.26 -51.00
CA PHE A 936 -55.84 20.30 -50.07
C PHE A 936 -55.75 21.65 -49.38
N ALA A 937 -55.95 22.74 -50.12
CA ALA A 937 -55.93 24.06 -49.52
C ALA A 937 -57.04 24.23 -48.51
N LYS A 938 -58.23 23.70 -48.81
CA LYS A 938 -59.33 23.74 -47.86
C LYS A 938 -59.00 22.97 -46.59
N ILE A 939 -58.38 21.81 -46.72
CA ILE A 939 -57.98 21.03 -45.55
C ILE A 939 -56.94 21.78 -44.73
N ILE A 940 -55.97 22.40 -45.40
CA ILE A 940 -54.91 23.12 -44.69
C ILE A 940 -55.48 24.32 -43.94
N ALA A 941 -56.32 25.11 -44.61
CA ALA A 941 -56.84 26.33 -44.00
C ALA A 941 -57.80 26.02 -42.84
N GLY A 942 -58.49 24.88 -42.91
CA GLY A 942 -59.44 24.52 -41.88
C GLY A 942 -58.85 23.84 -40.67
N ALA A 943 -57.53 23.70 -40.60
CA ALA A 943 -56.87 23.04 -39.50
C ALA A 943 -56.21 24.08 -38.60
N LYS A 944 -56.45 23.97 -37.29
CA LYS A 944 -55.85 24.92 -36.36
C LYS A 944 -54.36 24.68 -36.23
N THR A 945 -53.93 23.42 -36.18
CA THR A 945 -52.52 23.04 -36.13
C THR A 945 -52.25 22.04 -37.24
N ALA A 946 -51.01 22.02 -37.72
CA ALA A 946 -50.62 21.06 -38.75
C ALA A 946 -49.12 20.79 -38.67
N MET A 947 -48.78 19.52 -38.84
CA MET A 947 -47.40 19.06 -38.91
C MET A 947 -47.20 18.28 -40.19
N VAL A 948 -46.14 18.61 -40.92
CA VAL A 948 -45.83 17.95 -42.18
C VAL A 948 -44.70 16.97 -41.92
N ILE A 949 -44.98 15.68 -42.08
CA ILE A 949 -43.95 14.64 -41.97
C ILE A 949 -43.44 14.34 -43.36
N VAL A 950 -42.14 14.53 -43.57
CA VAL A 950 -41.51 14.41 -44.88
C VAL A 950 -40.45 13.34 -44.80
N ASP A 951 -40.54 12.36 -45.70
CA ASP A 951 -39.50 11.35 -45.86
C ASP A 951 -38.41 11.93 -46.76
N GLU A 952 -37.33 12.40 -46.16
CA GLU A 952 -36.31 13.13 -46.91
C GLU A 952 -35.50 12.24 -47.85
N GLU A 953 -35.62 10.92 -47.74
CA GLU A 953 -34.91 10.03 -48.64
C GLU A 953 -35.76 9.60 -49.82
N SER A 954 -36.99 10.11 -49.95
CA SER A 954 -37.81 9.85 -51.12
C SER A 954 -38.52 11.09 -51.61
N VAL A 955 -38.12 12.27 -51.15
CA VAL A 955 -38.82 13.53 -51.44
C VAL A 955 -37.78 14.55 -51.89
N SER A 956 -38.06 15.25 -52.98
CA SER A 956 -37.14 16.25 -53.48
C SER A 956 -37.18 17.51 -52.60
N ASP A 957 -36.14 18.33 -52.75
CA ASP A 957 -36.04 19.55 -51.95
C ASP A 957 -37.02 20.62 -52.40
N THR A 958 -37.46 20.60 -53.65
CA THR A 958 -38.50 21.52 -54.09
C THR A 958 -39.81 21.24 -53.36
N THR A 959 -40.14 19.97 -53.15
CA THR A 959 -41.34 19.62 -52.39
C THR A 959 -41.25 20.15 -50.96
N ILE A 960 -40.09 19.99 -50.32
CA ILE A 960 -39.94 20.47 -48.95
C ILE A 960 -40.02 21.99 -48.92
N GLY A 961 -39.45 22.66 -49.92
CA GLY A 961 -39.56 24.11 -49.99
C GLY A 961 -41.00 24.58 -50.14
N GLN A 962 -41.76 23.92 -50.99
CA GLN A 962 -43.16 24.30 -51.18
C GLN A 962 -44.00 24.02 -49.94
N LEU A 963 -43.74 22.91 -49.27
CA LEU A 963 -44.45 22.61 -48.02
C LEU A 963 -44.10 23.64 -46.94
N ALA A 964 -42.83 24.05 -46.88
CA ALA A 964 -42.45 25.12 -45.96
C ALA A 964 -43.15 26.43 -46.29
N ASN A 965 -43.28 26.73 -47.59
CA ASN A 965 -44.03 27.90 -48.01
C ASN A 965 -45.48 27.83 -47.53
N ILE A 966 -46.11 26.67 -47.70
CA ILE A 966 -47.50 26.50 -47.28
C ILE A 966 -47.63 26.65 -45.77
N LEU A 967 -46.68 26.08 -45.02
CA LEU A 967 -46.71 26.20 -43.57
C LEU A 967 -46.54 27.65 -43.12
N THR A 968 -45.64 28.38 -43.77
CA THR A 968 -45.41 29.78 -43.41
C THR A 968 -46.62 30.64 -43.73
N LEU A 969 -47.24 30.43 -44.90
CA LEU A 969 -48.36 31.26 -45.31
C LEU A 969 -49.54 31.11 -44.37
N THR A 970 -49.80 29.89 -43.89
CA THR A 970 -50.91 29.62 -43.00
C THR A 970 -50.56 29.79 -41.53
N GLN A 971 -49.37 30.32 -41.24
CA GLN A 971 -48.93 30.60 -39.87
C GLN A 971 -48.85 29.32 -39.04
N LYS A 972 -48.23 28.29 -39.62
CA LYS A 972 -48.12 27.00 -38.95
C LYS A 972 -46.66 26.62 -38.75
N ILE A 973 -45.85 27.56 -38.27
CA ILE A 973 -44.44 27.33 -38.00
C ILE A 973 -44.05 28.12 -36.76
N GLY A 974 -43.15 27.54 -35.96
CA GLY A 974 -42.71 28.19 -34.74
C GLY A 974 -43.67 28.11 -33.59
N ARG A 975 -44.67 27.25 -33.65
CA ARG A 975 -45.70 27.09 -32.63
C ARG A 975 -45.77 25.63 -32.23
N PRO A 976 -46.28 25.33 -31.04
CA PRO A 976 -46.53 23.93 -30.68
C PRO A 976 -47.49 23.27 -31.65
N ARG A 977 -47.19 22.02 -31.99
CA ARG A 977 -47.99 21.14 -32.84
C ARG A 977 -48.08 21.62 -34.28
N CYS A 978 -47.35 22.66 -34.66
CA CYS A 978 -47.33 23.16 -36.03
C CYS A 978 -45.89 23.19 -36.50
N GLY A 979 -45.60 22.52 -37.61
CA GLY A 979 -44.25 22.58 -38.13
C GLY A 979 -44.00 21.50 -39.16
N ILE A 980 -42.71 21.24 -39.39
CA ILE A 980 -42.26 20.26 -40.36
C ILE A 980 -41.23 19.36 -39.71
N ILE A 981 -41.39 18.05 -39.90
CA ILE A 981 -40.46 17.04 -39.39
C ILE A 981 -39.95 16.25 -40.58
N LYS A 982 -38.65 16.24 -40.78
CA LYS A 982 -38.01 15.42 -41.80
C LYS A 982 -37.45 14.17 -41.16
N VAL A 983 -37.95 13.01 -41.57
CA VAL A 983 -37.39 11.74 -41.11
C VAL A 983 -36.15 11.46 -41.96
N THR A 984 -34.98 11.56 -41.33
CA THR A 984 -33.73 11.41 -42.05
C THR A 984 -33.46 9.95 -42.38
N GLY A 985 -32.68 9.74 -43.45
CA GLY A 985 -32.47 8.40 -43.96
C GLY A 985 -31.50 7.54 -43.17
N LEU A 986 -30.65 8.15 -42.35
CA LEU A 986 -29.68 7.42 -41.55
C LEU A 986 -29.77 7.88 -40.11
N GLY A 987 -29.00 7.21 -39.25
CA GLY A 987 -29.16 7.40 -37.81
C GLY A 987 -28.78 8.78 -37.34
N ASN A 988 -27.68 9.32 -37.86
CA ASN A 988 -27.13 10.60 -37.42
C ASN A 988 -26.93 11.54 -38.60
N THR A 989 -27.95 11.64 -39.45
CA THR A 989 -27.92 12.61 -40.54
C THR A 989 -27.96 14.04 -40.00
N GLN A 990 -28.86 14.30 -39.05
CA GLN A 990 -28.97 15.63 -38.47
C GLN A 990 -27.71 16.01 -37.70
N GLY A 991 -27.15 15.09 -36.93
CA GLY A 991 -25.93 15.39 -36.21
C GLY A 991 -24.76 15.63 -37.13
N ALA A 992 -24.66 14.87 -38.22
CA ALA A 992 -23.60 15.09 -39.20
C ALA A 992 -23.75 16.44 -39.88
N TRP A 993 -24.99 16.84 -40.19
CA TRP A 993 -25.20 18.17 -40.76
C TRP A 993 -24.82 19.26 -39.77
N ASP A 994 -25.18 19.07 -38.49
CA ASP A 994 -24.88 20.09 -37.48
C ASP A 994 -23.38 20.22 -37.27
N MET A 995 -22.65 19.11 -37.31
CA MET A 995 -21.22 19.15 -37.05
C MET A 995 -20.41 19.74 -38.20
N GLY A 996 -21.01 19.97 -39.36
CA GLY A 996 -20.33 20.60 -40.46
C GLY A 996 -20.11 19.74 -41.69
N ILE A 997 -20.72 18.57 -41.77
CA ILE A 997 -20.61 17.69 -42.94
C ILE A 997 -21.81 18.03 -43.82
N ARG A 998 -21.63 18.97 -44.74
CA ARG A 998 -22.75 19.59 -45.43
C ARG A 998 -22.60 19.61 -46.94
N MET A 999 -21.74 18.77 -47.50
CA MET A 999 -21.56 18.71 -48.94
C MET A 999 -22.27 17.47 -49.49
N SER A 1000 -22.86 17.62 -50.67
CA SER A 1000 -23.66 16.56 -51.26
C SER A 1000 -22.85 15.74 -52.26
N LYS A 1001 -23.44 14.64 -52.71
CA LYS A 1001 -22.78 13.77 -53.67
C LYS A 1001 -22.52 14.49 -54.98
N GLU A 1002 -23.49 15.28 -55.44
CA GLU A 1002 -23.35 15.96 -56.72
C GLU A 1002 -22.19 16.95 -56.70
N GLY A 1003 -22.04 17.71 -55.61
CA GLY A 1003 -20.94 18.64 -55.52
C GLY A 1003 -19.58 17.97 -55.50
N ILE A 1004 -19.46 16.90 -54.72
CA ILE A 1004 -18.18 16.17 -54.64
C ILE A 1004 -17.83 15.57 -55.99
N VAL A 1005 -18.81 14.96 -56.66
CA VAL A 1005 -18.56 14.35 -57.96
C VAL A 1005 -18.22 15.41 -58.99
N LYS A 1006 -18.87 16.57 -58.92
CA LYS A 1006 -18.52 17.65 -59.82
C LYS A 1006 -17.10 18.12 -59.61
N LEU A 1007 -16.66 18.20 -58.35
CA LEU A 1007 -15.28 18.58 -58.07
C LEU A 1007 -14.30 17.53 -58.58
N ILE A 1008 -14.62 16.24 -58.41
CA ILE A 1008 -13.72 15.19 -58.89
C ILE A 1008 -13.63 15.23 -60.41
N ASN A 1009 -14.77 15.40 -61.09
CA ASN A 1009 -14.78 15.39 -62.55
C ASN A 1009 -14.08 16.60 -63.16
N GLU A 1010 -13.91 17.67 -62.40
CA GLU A 1010 -13.22 18.85 -62.88
C GLU A 1010 -11.73 18.85 -62.53
N GLY A 1011 -11.24 17.78 -61.92
CA GLY A 1011 -9.84 17.68 -61.57
C GLY A 1011 -9.42 18.46 -60.35
N LYS A 1012 -10.37 18.99 -59.58
CA LYS A 1012 -10.01 19.77 -58.41
C LYS A 1012 -9.74 18.89 -57.19
N VAL A 1013 -10.45 17.77 -57.08
CA VAL A 1013 -10.30 16.84 -55.97
C VAL A 1013 -9.57 15.61 -56.47
N LYS A 1014 -8.48 15.25 -55.79
CA LYS A 1014 -7.62 14.17 -56.24
C LYS A 1014 -7.51 13.01 -55.26
N ALA A 1015 -7.92 13.19 -54.01
CA ALA A 1015 -7.89 12.12 -53.02
C ALA A 1015 -9.22 12.10 -52.28
N ALA A 1016 -9.61 10.92 -51.82
CA ALA A 1016 -10.84 10.74 -51.07
C ALA A 1016 -10.56 9.90 -49.84
N PHE A 1017 -11.04 10.38 -48.70
CA PHE A 1017 -11.05 9.60 -47.46
C PHE A 1017 -12.51 9.23 -47.20
N ILE A 1018 -12.85 7.98 -47.50
CA ILE A 1018 -14.22 7.49 -47.46
C ILE A 1018 -14.41 6.70 -46.17
N VAL A 1019 -15.41 7.08 -45.38
CA VAL A 1019 -15.64 6.48 -44.07
C VAL A 1019 -16.96 5.73 -44.14
N SER A 1020 -16.88 4.40 -44.30
CA SER A 1020 -18.02 3.50 -44.22
C SER A 1020 -19.09 3.84 -45.25
N GLU A 1021 -18.66 4.06 -46.48
CA GLU A 1021 -19.57 4.21 -47.61
C GLU A 1021 -19.12 3.27 -48.73
N ASP A 1022 -20.06 2.97 -49.62
CA ASP A 1022 -19.83 2.00 -50.70
C ASP A 1022 -20.25 2.62 -52.03
N PRO A 1023 -19.48 3.59 -52.54
CA PRO A 1023 -19.81 4.18 -53.85
C PRO A 1023 -19.75 3.18 -54.98
N GLN A 1024 -18.84 2.20 -54.92
CA GLN A 1024 -18.68 1.25 -56.00
C GLN A 1024 -19.87 0.29 -56.10
N ALA A 1025 -20.49 -0.05 -54.98
CA ALA A 1025 -21.62 -0.96 -54.98
C ALA A 1025 -22.95 -0.24 -55.17
N ALA A 1026 -23.15 0.86 -54.46
CA ALA A 1026 -24.42 1.58 -54.53
C ALA A 1026 -24.63 2.29 -55.86
N ASP A 1027 -23.60 2.40 -56.70
CA ASP A 1027 -23.73 3.07 -57.98
C ASP A 1027 -22.71 2.49 -58.95
N LYS A 1028 -23.11 2.34 -60.21
CA LYS A 1028 -22.22 1.86 -61.24
C LYS A 1028 -21.50 2.97 -61.99
N ASN A 1029 -22.09 4.17 -62.03
CA ASN A 1029 -21.44 5.29 -62.69
C ASN A 1029 -20.30 5.88 -61.87
N LEU A 1030 -20.28 5.64 -60.56
CA LEU A 1030 -19.22 6.18 -59.72
C LEU A 1030 -17.90 5.44 -59.89
N GLY A 1031 -17.93 4.22 -60.42
CA GLY A 1031 -16.70 3.49 -60.65
C GLY A 1031 -15.76 4.21 -61.60
N GLU A 1032 -16.30 5.01 -62.51
CA GLU A 1032 -15.45 5.86 -63.34
C GLU A 1032 -14.97 7.09 -62.57
N VAL A 1033 -15.81 7.65 -61.69
CA VAL A 1033 -15.42 8.82 -60.92
C VAL A 1033 -14.29 8.46 -59.97
N LEU A 1034 -14.41 7.33 -59.29
CA LEU A 1034 -13.32 6.84 -58.44
C LEU A 1034 -12.07 6.55 -59.25
N ASP A 1035 -12.20 6.40 -60.58
CA ASP A 1035 -11.02 6.21 -61.41
C ASP A 1035 -10.19 7.48 -61.51
N LYS A 1036 -10.79 8.65 -61.31
CA LYS A 1036 -10.05 9.90 -61.40
C LYS A 1036 -9.23 10.19 -60.15
N LEU A 1037 -9.50 9.51 -59.05
CA LEU A 1037 -8.74 9.75 -57.83
C LEU A 1037 -7.34 9.15 -57.93
N GLU A 1038 -6.38 9.82 -57.32
CA GLU A 1038 -5.02 9.31 -57.25
C GLU A 1038 -4.73 8.60 -55.93
N CYS A 1039 -5.44 8.96 -54.87
CA CYS A 1039 -5.31 8.29 -53.58
C CYS A 1039 -6.71 8.01 -53.06
N LEU A 1040 -6.94 6.79 -52.59
CA LEU A 1040 -8.22 6.37 -52.02
C LEU A 1040 -7.96 5.72 -50.67
N ILE A 1041 -8.42 6.38 -49.61
CA ILE A 1041 -8.36 5.82 -48.26
C ILE A 1041 -9.78 5.47 -47.87
N VAL A 1042 -10.00 4.21 -47.48
CA VAL A 1042 -11.32 3.70 -47.18
C VAL A 1042 -11.32 3.13 -45.77
N ALA A 1043 -12.24 3.61 -44.94
CA ALA A 1043 -12.48 3.05 -43.61
C ALA A 1043 -13.87 2.41 -43.62
N ASP A 1044 -13.94 1.13 -43.28
CA ASP A 1044 -15.21 0.43 -43.40
C ASP A 1044 -15.22 -0.78 -42.46
N VAL A 1045 -16.43 -1.27 -42.20
CA VAL A 1045 -16.58 -2.47 -41.38
C VAL A 1045 -16.32 -3.73 -42.19
N PHE A 1046 -16.52 -3.67 -43.51
CA PHE A 1046 -16.25 -4.80 -44.40
C PHE A 1046 -15.33 -4.34 -45.51
N LEU A 1047 -14.62 -5.30 -46.11
CA LEU A 1047 -13.84 -5.05 -47.31
C LEU A 1047 -14.79 -5.08 -48.50
N THR A 1048 -15.18 -3.90 -48.96
CA THR A 1048 -16.18 -3.77 -50.00
C THR A 1048 -15.52 -3.57 -51.36
N GLU A 1049 -16.34 -3.36 -52.38
CA GLU A 1049 -15.82 -3.15 -53.73
C GLU A 1049 -15.08 -1.83 -53.84
N THR A 1050 -15.52 -0.80 -53.11
CA THR A 1050 -14.77 0.46 -53.10
C THR A 1050 -13.51 0.36 -52.27
N GLY A 1051 -13.52 -0.50 -51.24
CA GLY A 1051 -12.33 -0.70 -50.44
C GLY A 1051 -11.32 -1.64 -51.06
N LYS A 1052 -11.72 -2.39 -52.08
CA LYS A 1052 -10.79 -3.27 -52.78
C LYS A 1052 -9.92 -2.51 -53.78
N ARG A 1053 -10.31 -1.28 -54.12
CA ARG A 1053 -9.51 -0.42 -54.98
C ARG A 1053 -8.87 0.72 -54.21
N ALA A 1054 -8.86 0.65 -52.88
CA ALA A 1054 -8.27 1.69 -52.05
C ALA A 1054 -6.79 1.42 -51.82
N ASP A 1055 -6.04 2.49 -51.56
CA ASP A 1055 -4.64 2.35 -51.20
C ASP A 1055 -4.49 1.85 -49.78
N VAL A 1056 -5.28 2.39 -48.85
CA VAL A 1056 -5.26 2.01 -47.45
C VAL A 1056 -6.68 1.70 -47.01
N VAL A 1057 -6.88 0.56 -46.35
CA VAL A 1057 -8.17 0.18 -45.81
C VAL A 1057 -8.05 0.13 -44.30
N LEU A 1058 -8.86 0.93 -43.61
CA LEU A 1058 -8.83 1.00 -42.15
C LEU A 1058 -10.09 0.35 -41.59
N PRO A 1059 -9.98 -0.66 -40.74
CA PRO A 1059 -11.18 -1.30 -40.20
C PRO A 1059 -11.99 -0.36 -39.32
N LEU A 1060 -13.30 -0.59 -39.32
CA LEU A 1060 -14.22 0.11 -38.43
C LEU A 1060 -15.00 -0.93 -37.63
N VAL A 1061 -15.45 -0.52 -36.46
CA VAL A 1061 -16.25 -1.39 -35.60
C VAL A 1061 -17.71 -1.03 -35.77
N SER A 1062 -18.59 -1.89 -35.25
CA SER A 1062 -20.01 -1.65 -35.34
C SER A 1062 -20.43 -0.55 -34.36
N HIS A 1063 -21.68 -0.11 -34.48
CA HIS A 1063 -22.17 0.96 -33.64
C HIS A 1063 -22.47 0.51 -32.22
N VAL A 1064 -22.57 -0.81 -31.98
CA VAL A 1064 -22.75 -1.30 -30.61
C VAL A 1064 -21.43 -1.39 -29.86
N GLU A 1065 -20.31 -1.25 -30.55
CA GLU A 1065 -19.00 -1.15 -29.94
C GLU A 1065 -18.55 0.30 -29.80
N SER A 1066 -19.44 1.25 -30.08
CA SER A 1066 -19.13 2.67 -30.05
C SER A 1066 -19.97 3.36 -28.98
N THR A 1067 -19.38 4.34 -28.33
CA THR A 1067 -20.05 5.19 -27.36
C THR A 1067 -20.04 6.62 -27.89
N GLY A 1068 -21.18 7.30 -27.78
CA GLY A 1068 -21.23 8.66 -28.27
C GLY A 1068 -22.64 9.20 -28.25
N THR A 1069 -22.88 10.20 -29.10
CA THR A 1069 -24.18 10.82 -29.22
C THR A 1069 -24.63 10.81 -30.68
N VAL A 1070 -25.93 10.63 -30.87
CA VAL A 1070 -26.55 10.67 -32.19
C VAL A 1070 -27.77 11.58 -32.12
N THR A 1071 -27.95 12.41 -33.14
CA THR A 1071 -29.07 13.32 -33.20
C THR A 1071 -30.23 12.68 -33.97
N ARG A 1072 -31.39 12.64 -33.33
CA ARG A 1072 -32.58 12.11 -33.97
C ARG A 1072 -33.02 13.03 -35.11
N ALA A 1073 -33.94 12.53 -35.94
CA ALA A 1073 -34.44 13.32 -37.06
C ALA A 1073 -35.19 14.55 -36.57
N ASP A 1074 -35.84 14.47 -35.41
CA ASP A 1074 -36.55 15.61 -34.84
C ASP A 1074 -35.64 16.52 -34.02
N GLY A 1075 -34.36 16.19 -33.90
CA GLY A 1075 -33.41 17.04 -33.21
C GLY A 1075 -32.97 16.54 -31.86
N LYS A 1076 -33.63 15.53 -31.31
CA LYS A 1076 -33.27 14.99 -30.02
C LYS A 1076 -31.90 14.31 -30.08
N ILE A 1077 -31.17 14.41 -28.97
CA ILE A 1077 -29.84 13.82 -28.86
C ILE A 1077 -29.94 12.61 -27.94
N GLN A 1078 -29.51 11.45 -28.43
CA GLN A 1078 -29.52 10.22 -27.69
C GLN A 1078 -28.10 9.67 -27.57
N ASN A 1079 -27.93 8.74 -26.64
CA ASN A 1079 -26.61 8.21 -26.31
C ASN A 1079 -26.44 6.83 -26.90
N LEU A 1080 -25.38 6.65 -27.67
CA LEU A 1080 -24.93 5.33 -28.10
C LEU A 1080 -24.10 4.73 -26.96
N ASN A 1081 -24.68 3.75 -26.27
CA ASN A 1081 -24.01 3.06 -25.19
C ASN A 1081 -23.23 1.87 -25.75
N LEU A 1082 -22.16 1.52 -25.05
CA LEU A 1082 -21.31 0.41 -25.47
C LEU A 1082 -21.95 -0.91 -25.06
N VAL A 1083 -22.22 -1.77 -26.03
CA VAL A 1083 -22.76 -3.09 -25.79
C VAL A 1083 -21.67 -4.15 -25.78
N LEU A 1084 -20.73 -4.06 -26.72
CA LEU A 1084 -19.61 -4.98 -26.82
C LEU A 1084 -18.32 -4.19 -26.92
N LYS A 1085 -17.26 -4.73 -26.33
CA LYS A 1085 -15.95 -4.12 -26.51
C LYS A 1085 -15.49 -4.29 -27.96
N PRO A 1086 -14.79 -3.31 -28.51
CA PRO A 1086 -14.37 -3.41 -29.92
C PRO A 1086 -13.54 -4.65 -30.17
N LYS A 1087 -13.81 -5.30 -31.31
CA LYS A 1087 -13.23 -6.60 -31.59
C LYS A 1087 -11.77 -6.52 -31.99
N ASN A 1088 -11.29 -5.36 -32.41
CA ASN A 1088 -9.87 -5.16 -32.68
C ASN A 1088 -9.20 -4.29 -31.64
N GLY A 1089 -9.91 -3.95 -30.56
CA GLY A 1089 -9.37 -3.11 -29.51
C GLY A 1089 -9.48 -1.63 -29.75
N LEU A 1090 -9.95 -1.21 -30.92
CA LEU A 1090 -10.03 0.20 -31.29
C LEU A 1090 -11.46 0.54 -31.69
N SER A 1091 -12.01 1.59 -31.11
CA SER A 1091 -13.28 2.10 -31.56
C SER A 1091 -13.07 3.03 -32.76
N ASN A 1092 -14.18 3.43 -33.38
CA ASN A 1092 -14.09 4.35 -34.51
C ASN A 1092 -13.51 5.69 -34.08
N LEU A 1093 -13.96 6.20 -32.93
CA LEU A 1093 -13.39 7.44 -32.41
C LEU A 1093 -11.92 7.26 -32.05
N ASP A 1094 -11.55 6.10 -31.51
CA ASP A 1094 -10.14 5.85 -31.19
C ASP A 1094 -9.27 5.86 -32.44
N LEU A 1095 -9.73 5.21 -33.51
CA LEU A 1095 -8.97 5.20 -34.75
C LEU A 1095 -8.84 6.60 -35.33
N LEU A 1096 -9.96 7.34 -35.36
CA LEU A 1096 -9.91 8.70 -35.88
C LEU A 1096 -9.05 9.60 -35.00
N LEU A 1097 -9.02 9.35 -33.70
CA LEU A 1097 -8.19 10.15 -32.80
C LEU A 1097 -6.71 9.84 -32.97
N LYS A 1098 -6.36 8.59 -33.26
CA LYS A 1098 -4.97 8.30 -33.62
C LYS A 1098 -4.58 9.00 -34.91
N LEU A 1099 -5.44 8.94 -35.91
CA LEU A 1099 -5.16 9.67 -37.16
C LEU A 1099 -5.09 11.18 -36.92
N ALA A 1100 -5.84 11.69 -35.95
CA ALA A 1100 -5.80 13.11 -35.65
C ALA A 1100 -4.53 13.48 -34.90
N GLU A 1101 -4.11 12.66 -33.94
CA GLU A 1101 -2.87 12.90 -33.23
C GLU A 1101 -1.66 12.81 -34.17
N LEU A 1102 -1.81 12.09 -35.28
CA LEU A 1102 -0.79 12.17 -36.32
C LEU A 1102 -0.72 13.56 -36.96
N PHE A 1103 -1.78 14.35 -36.83
CA PHE A 1103 -1.85 15.69 -37.42
C PHE A 1103 -1.77 16.79 -36.38
N GLY A 1104 -1.35 16.46 -35.16
CA GLY A 1104 -1.17 17.47 -34.14
C GLY A 1104 -2.44 17.92 -33.45
N LEU A 1105 -3.53 17.16 -33.56
CA LEU A 1105 -4.79 17.50 -32.92
C LEU A 1105 -4.93 16.71 -31.62
N GLN A 1106 -5.29 17.40 -30.54
CA GLN A 1106 -5.43 16.80 -29.22
C GLN A 1106 -6.92 16.83 -28.84
N TYR A 1107 -7.56 15.67 -28.88
CA TYR A 1107 -8.98 15.59 -28.57
C TYR A 1107 -9.29 14.27 -27.88
N ASN A 1108 -10.44 14.24 -27.23
CA ASN A 1108 -10.98 13.03 -26.61
C ASN A 1108 -12.49 13.08 -26.75
N LEU A 1109 -13.16 12.07 -26.19
CA LEU A 1109 -14.61 12.00 -26.29
C LEU A 1109 -15.27 13.17 -25.55
N GLU A 1110 -14.78 13.49 -24.35
CA GLU A 1110 -15.40 14.56 -23.57
C GLU A 1110 -15.12 15.94 -24.18
N LYS A 1111 -13.90 16.18 -24.66
CA LYS A 1111 -13.61 17.46 -25.30
C LYS A 1111 -14.46 17.65 -26.55
N LEU A 1112 -14.58 16.60 -27.37
CA LEU A 1112 -15.40 16.69 -28.57
C LEU A 1112 -16.87 16.88 -28.22
N ASN A 1113 -17.34 16.23 -27.15
CA ASN A 1113 -18.73 16.43 -26.72
C ASN A 1113 -18.98 17.87 -26.28
N ARG A 1114 -18.04 18.45 -25.54
CA ARG A 1114 -18.17 19.85 -25.13
C ARG A 1114 -18.20 20.77 -26.35
N GLU A 1115 -17.33 20.52 -27.33
CA GLU A 1115 -17.34 21.31 -28.56
C GLU A 1115 -18.66 21.14 -29.31
N MET A 1116 -19.20 19.93 -29.33
CA MET A 1116 -20.47 19.68 -30.01
C MET A 1116 -21.61 20.45 -29.35
N VAL A 1117 -21.64 20.45 -28.01
CA VAL A 1117 -22.67 21.19 -27.29
C VAL A 1117 -22.54 22.68 -27.56
N GLU A 1118 -21.29 23.20 -27.55
CA GLU A 1118 -21.09 24.61 -27.88
C GLU A 1118 -21.58 24.92 -29.28
N LEU A 1119 -21.29 24.04 -30.24
CA LEU A 1119 -21.72 24.27 -31.62
C LEU A 1119 -23.24 24.30 -31.71
N LEU A 1120 -23.91 23.38 -31.03
CA LEU A 1120 -25.37 23.36 -31.07
C LEU A 1120 -25.96 24.60 -30.41
N GLN A 1121 -25.36 25.06 -29.32
CA GLN A 1121 -25.84 26.30 -28.69
C GLN A 1121 -25.64 27.50 -29.61
N ASN A 1122 -24.54 27.53 -30.36
CA ASN A 1122 -24.27 28.66 -31.24
C ASN A 1122 -25.28 28.74 -32.38
N GLU A 1123 -25.89 27.63 -32.75
CA GLU A 1123 -26.95 27.61 -33.76
C GLU A 1123 -28.34 27.70 -33.16
N ASN A 1124 -28.45 27.85 -31.84
CA ASN A 1124 -29.74 27.92 -31.15
C ASN A 1124 -30.59 26.68 -31.41
N LYS A 1125 -29.93 25.53 -31.52
CA LYS A 1125 -30.59 24.27 -31.84
C LYS A 1125 -30.42 23.25 -30.72
N TYR A 1126 -30.02 23.69 -29.52
CA TYR A 1126 -29.69 22.79 -28.43
C TYR A 1126 -30.84 22.72 -27.44
N ASN A 1127 -31.33 21.51 -27.19
CA ASN A 1127 -32.39 21.26 -26.22
C ASN A 1127 -33.63 22.09 -26.50
N GLN A 1128 -33.97 22.25 -27.78
CA GLN A 1128 -35.13 23.01 -28.21
C GLN A 1128 -36.06 22.07 -28.97
N GLN A 1129 -37.18 21.71 -28.35
CA GLN A 1129 -38.12 20.82 -29.01
C GLN A 1129 -38.84 21.51 -30.15
N ILE A 1130 -39.09 22.81 -30.04
CA ILE A 1130 -39.72 23.60 -31.09
C ILE A 1130 -38.75 24.69 -31.52
N LEU A 1131 -38.55 24.84 -32.82
CA LEU A 1131 -37.61 25.80 -33.37
C LEU A 1131 -38.32 27.07 -33.81
N TYR A 1132 -37.57 28.17 -33.82
CA TYR A 1132 -38.05 29.47 -34.29
C TYR A 1132 -39.23 29.96 -33.45
N THR A 1133 -39.20 29.67 -32.15
CA THR A 1133 -40.24 30.18 -31.26
C THR A 1133 -40.11 31.67 -31.04
N GLU A 1134 -38.88 32.19 -31.02
CA GLU A 1134 -38.66 33.62 -30.97
C GLU A 1134 -38.55 34.23 -32.36
N GLY A 1135 -37.66 33.70 -33.19
CA GLY A 1135 -37.50 34.17 -34.55
C GLY A 1135 -36.68 33.16 -35.34
N PHE A 1136 -36.65 33.37 -36.65
CA PHE A 1136 -36.00 32.42 -37.53
C PHE A 1136 -34.50 32.67 -37.57
N ALA A 1137 -33.77 31.67 -38.05
CA ALA A 1137 -32.31 31.68 -38.02
C ALA A 1137 -31.69 32.38 -39.22
N THR A 1138 -32.50 32.94 -40.11
CA THR A 1138 -31.99 33.68 -41.24
C THR A 1138 -31.31 34.96 -40.76
N PRO A 1139 -30.40 35.53 -41.56
CA PRO A 1139 -29.66 36.71 -41.09
C PRO A 1139 -30.54 37.88 -40.69
N ASP A 1140 -31.70 38.05 -41.33
CA ASP A 1140 -32.64 39.09 -40.95
C ASP A 1140 -33.77 38.56 -40.09
N LYS A 1141 -33.69 37.31 -39.64
CA LYS A 1141 -34.69 36.69 -38.78
C LYS A 1141 -36.08 36.71 -39.42
N THR A 1142 -36.13 36.46 -40.73
CA THR A 1142 -37.38 36.41 -41.46
C THR A 1142 -37.38 35.19 -42.37
N VAL A 1143 -38.58 34.74 -42.73
CA VAL A 1143 -38.71 33.60 -43.62
C VAL A 1143 -38.37 34.04 -45.04
N HIS A 1144 -37.48 33.30 -45.70
CA HIS A 1144 -37.14 33.54 -47.09
C HIS A 1144 -37.97 32.56 -47.91
N LEU A 1145 -39.11 33.02 -48.38
CA LEU A 1145 -40.06 32.16 -49.06
C LEU A 1145 -39.43 31.55 -50.32
N PHE A 1146 -39.78 30.29 -50.57
CA PHE A 1146 -39.13 29.50 -51.61
C PHE A 1146 -39.80 29.78 -52.95
N VAL A 1147 -39.07 30.41 -53.86
CA VAL A 1147 -39.54 30.67 -55.22
C VAL A 1147 -38.63 29.91 -56.17
N SER A 1148 -39.18 28.96 -56.90
CA SER A 1148 -38.39 28.16 -57.83
C SER A 1148 -39.31 27.55 -58.87
N LYS A 1149 -38.71 27.08 -59.96
CA LYS A 1149 -39.46 26.44 -61.01
C LYS A 1149 -39.92 25.04 -60.58
N ASP A 1150 -40.88 24.51 -61.33
CA ASP A 1150 -41.44 23.21 -61.01
C ASP A 1150 -40.42 22.10 -61.21
N ALA A 1151 -40.43 21.14 -60.31
CA ALA A 1151 -39.48 20.03 -60.29
C ALA A 1151 -40.23 18.76 -59.96
N PRO A 1152 -39.66 17.59 -60.25
CA PRO A 1152 -40.27 16.34 -59.79
C PRO A 1152 -40.42 16.33 -58.28
N ALA A 1153 -41.55 15.80 -57.80
CA ALA A 1153 -41.87 15.88 -56.39
C ALA A 1153 -41.08 14.88 -55.56
N PHE A 1154 -40.76 13.71 -56.12
CA PHE A 1154 -40.14 12.62 -55.37
C PHE A 1154 -38.94 12.10 -56.13
N VAL A 1155 -37.96 11.62 -55.37
CA VAL A 1155 -36.72 11.09 -55.93
C VAL A 1155 -36.50 9.68 -55.40
N GLU A 1156 -35.80 8.87 -56.18
CA GLU A 1156 -35.42 7.52 -55.79
C GLU A 1156 -33.90 7.45 -55.84
N LYS A 1157 -33.28 7.29 -54.68
CA LYS A 1157 -31.83 7.30 -54.56
C LYS A 1157 -31.38 6.02 -53.87
N ALA A 1158 -30.12 5.66 -54.12
CA ALA A 1158 -29.54 4.48 -53.50
C ALA A 1158 -29.04 4.82 -52.10
N VAL A 1159 -28.73 3.78 -51.35
CA VAL A 1159 -28.15 3.90 -50.02
C VAL A 1159 -26.64 3.68 -50.17
N PHE A 1160 -25.85 4.65 -49.73
CA PHE A 1160 -24.40 4.55 -49.84
C PHE A 1160 -23.74 4.09 -48.56
N ASP A 1161 -24.43 4.14 -47.44
CA ASP A 1161 -23.92 3.54 -46.21
C ASP A 1161 -23.71 2.04 -46.42
N THR A 1162 -22.53 1.55 -46.01
CA THR A 1162 -22.15 0.18 -46.35
C THR A 1162 -23.08 -0.83 -45.71
N VAL A 1163 -23.33 -0.69 -44.41
CA VAL A 1163 -24.07 -1.70 -43.67
C VAL A 1163 -25.54 -1.71 -44.06
N LYS A 1164 -26.16 -0.53 -44.17
CA LYS A 1164 -27.55 -0.47 -44.56
C LYS A 1164 -27.76 -0.96 -46.00
N ASN A 1165 -26.83 -0.61 -46.89
CA ASN A 1165 -26.89 -1.12 -48.25
C ASN A 1165 -26.77 -2.64 -48.27
N ARG A 1166 -25.86 -3.19 -47.47
CA ARG A 1166 -25.70 -4.63 -47.43
C ARG A 1166 -26.94 -5.32 -46.91
N PHE A 1167 -27.57 -4.76 -45.87
CA PHE A 1167 -28.78 -5.38 -45.33
C PHE A 1167 -29.94 -5.26 -46.29
N GLU A 1168 -30.05 -4.13 -47.00
CA GLU A 1168 -31.12 -4.00 -48.00
C GLU A 1168 -30.94 -4.99 -49.13
N LYS A 1169 -29.70 -5.18 -49.59
CA LYS A 1169 -29.43 -6.20 -50.60
C LYS A 1169 -29.76 -7.58 -50.08
N TYR A 1170 -29.45 -7.86 -48.81
CA TYR A 1170 -29.78 -9.16 -48.24
C TYR A 1170 -31.29 -9.38 -48.19
N LEU A 1171 -32.05 -8.35 -47.82
CA LEU A 1171 -33.50 -8.47 -47.81
C LEU A 1171 -34.05 -8.69 -49.21
N GLN A 1172 -33.50 -7.99 -50.20
CA GLN A 1172 -33.93 -8.19 -51.58
C GLN A 1172 -33.64 -9.61 -52.04
N ASP A 1173 -32.47 -10.14 -51.68
CA ASP A 1173 -32.10 -11.48 -52.12
C ASP A 1173 -33.04 -12.53 -51.53
N LYS A 1174 -33.49 -12.32 -50.30
CA LYS A 1174 -34.42 -13.23 -49.66
C LYS A 1174 -35.87 -12.89 -49.96
N HIS A 1175 -36.12 -11.90 -50.81
CA HIS A 1175 -37.46 -11.51 -51.23
C HIS A 1175 -38.31 -11.05 -50.04
N LEU A 1176 -37.68 -10.34 -49.12
CA LEU A 1176 -38.35 -9.78 -47.96
C LEU A 1176 -38.68 -8.31 -48.19
N LYS A 1177 -39.65 -7.83 -47.42
CA LYS A 1177 -39.98 -6.42 -47.36
C LYS A 1177 -39.59 -5.86 -46.00
N TYR A 1178 -39.73 -4.55 -45.87
CA TYR A 1178 -39.41 -3.89 -44.61
C TYR A 1178 -40.22 -2.62 -44.43
N MET B 1 -115.26 -19.59 -50.61
CA MET B 1 -114.50 -20.81 -50.37
C MET B 1 -113.03 -20.61 -50.71
N LYS B 2 -112.15 -21.02 -49.79
CA LYS B 2 -110.71 -20.86 -49.98
C LYS B 2 -110.02 -22.15 -49.58
N ILE B 3 -108.84 -22.38 -50.15
CA ILE B 3 -108.02 -23.53 -49.82
C ILE B 3 -106.66 -23.03 -49.37
N ARG B 4 -106.20 -23.51 -48.22
CA ARG B 4 -104.89 -23.17 -47.69
C ARG B 4 -104.08 -24.44 -47.48
N VAL B 5 -102.81 -24.41 -47.86
CA VAL B 5 -101.92 -25.55 -47.66
C VAL B 5 -100.79 -25.12 -46.74
N GLY B 6 -100.44 -25.98 -45.80
CA GLY B 6 -99.48 -25.56 -44.80
C GLY B 6 -98.05 -25.73 -45.26
N LEU B 7 -97.49 -24.64 -45.78
CA LEU B 7 -96.13 -24.62 -46.32
C LEU B 7 -95.19 -23.95 -45.31
N GLY B 8 -94.84 -24.71 -44.27
CA GLY B 8 -93.76 -24.32 -43.39
C GLY B 8 -92.46 -24.93 -43.86
N SER B 9 -91.45 -24.83 -43.00
CA SER B 9 -90.21 -25.58 -43.26
C SER B 9 -90.49 -27.07 -43.25
N CYS B 10 -91.34 -27.53 -42.33
CA CYS B 10 -91.77 -28.92 -42.32
C CYS B 10 -92.88 -29.18 -43.33
N GLY B 11 -93.61 -28.15 -43.76
CA GLY B 11 -94.67 -28.36 -44.73
C GLY B 11 -94.16 -28.86 -46.07
N MET B 12 -93.12 -28.21 -46.60
CA MET B 12 -92.52 -28.68 -47.84
C MET B 12 -91.59 -29.88 -47.63
N ALA B 13 -91.30 -30.23 -46.38
CA ALA B 13 -90.56 -31.44 -46.07
C ALA B 13 -91.45 -32.66 -45.93
N ALA B 14 -92.78 -32.49 -46.01
CA ALA B 14 -93.71 -33.59 -45.99
C ALA B 14 -94.53 -33.70 -47.27
N GLY B 15 -94.12 -33.00 -48.33
CA GLY B 15 -94.84 -33.04 -49.58
C GLY B 15 -95.88 -31.96 -49.77
N GLY B 16 -95.85 -30.91 -48.97
CA GLY B 16 -96.87 -29.87 -49.09
C GLY B 16 -96.83 -29.15 -50.43
N ASN B 17 -95.63 -28.94 -50.96
CA ASN B 17 -95.50 -28.26 -52.24
C ASN B 17 -96.16 -29.06 -53.36
N LYS B 18 -95.92 -30.37 -53.38
CA LYS B 18 -96.55 -31.22 -54.38
C LYS B 18 -98.06 -31.27 -54.20
N VAL B 19 -98.52 -31.24 -52.94
CA VAL B 19 -99.95 -31.20 -52.68
C VAL B 19 -100.57 -29.92 -53.25
N MET B 20 -99.90 -28.78 -53.04
CA MET B 20 -100.41 -27.54 -53.60
C MET B 20 -100.44 -27.59 -55.12
N GLU B 21 -99.39 -28.13 -55.72
CA GLU B 21 -99.34 -28.21 -57.19
C GLU B 21 -100.47 -29.09 -57.71
N CYS B 22 -100.71 -30.23 -57.07
CA CYS B 22 -101.81 -31.11 -57.48
C CYS B 22 -103.16 -30.42 -57.31
N ILE B 23 -103.33 -29.67 -56.21
CA ILE B 23 -104.58 -28.97 -55.99
C ILE B 23 -104.83 -27.94 -57.09
N GLN B 24 -103.79 -27.17 -57.42
CA GLN B 24 -103.94 -26.16 -58.46
C GLN B 24 -104.24 -26.81 -59.81
N GLN B 25 -103.55 -27.91 -60.13
CA GLN B 25 -103.81 -28.59 -61.39
C GLN B 25 -105.23 -29.13 -61.45
N GLU B 26 -105.70 -29.72 -60.36
CA GLU B 26 -107.06 -30.26 -60.33
C GLU B 26 -108.09 -29.16 -60.47
N LEU B 27 -107.87 -28.02 -59.79
CA LEU B 27 -108.80 -26.91 -59.90
C LEU B 27 -108.81 -26.33 -61.31
N ARG B 28 -107.64 -26.25 -61.95
CA ARG B 28 -107.59 -25.73 -63.32
C ARG B 28 -108.26 -26.66 -64.31
N SER B 29 -108.00 -27.97 -64.20
CA SER B 29 -108.59 -28.92 -65.13
C SER B 29 -110.10 -29.05 -64.93
N ARG B 30 -110.58 -28.83 -63.70
CA ARG B 30 -112.00 -28.89 -63.42
C ARG B 30 -112.71 -27.58 -63.78
N ASN B 31 -111.95 -26.56 -64.17
CA ASN B 31 -112.49 -25.23 -64.49
C ASN B 31 -113.22 -24.64 -63.28
N LEU B 32 -112.45 -24.43 -62.22
CA LEU B 32 -112.95 -23.85 -60.98
C LEU B 32 -112.10 -22.64 -60.60
N ASP B 33 -112.74 -21.66 -59.98
CA ASP B 33 -112.07 -20.44 -59.51
C ASP B 33 -112.16 -20.42 -57.99
N ILE B 34 -111.15 -20.98 -57.34
CA ILE B 34 -111.08 -21.01 -55.88
C ILE B 34 -109.69 -20.57 -55.45
N PRO B 35 -109.56 -19.58 -54.57
CA PRO B 35 -108.24 -19.15 -54.13
C PRO B 35 -107.49 -20.27 -53.42
N VAL B 36 -106.20 -20.37 -53.72
CA VAL B 36 -105.30 -21.33 -53.09
C VAL B 36 -104.12 -20.55 -52.52
N GLU B 37 -103.85 -20.75 -51.24
CA GLU B 37 -102.88 -19.95 -50.51
C GLU B 37 -101.94 -20.86 -49.74
N PRO B 38 -100.73 -20.38 -49.44
CA PRO B 38 -99.88 -21.05 -48.47
C PRO B 38 -100.09 -20.50 -47.07
N THR B 39 -99.71 -21.32 -46.08
CA THR B 39 -99.83 -20.92 -44.69
C THR B 39 -98.74 -21.61 -43.89
N GLY B 40 -98.45 -21.05 -42.71
CA GLY B 40 -97.39 -21.55 -41.87
C GLY B 40 -97.74 -22.83 -41.17
N CYS B 41 -97.02 -23.11 -40.09
CA CYS B 41 -97.23 -24.31 -39.30
C CYS B 41 -98.17 -24.00 -38.14
N ILE B 42 -99.31 -24.70 -38.08
CA ILE B 42 -100.26 -24.49 -37.01
C ILE B 42 -99.81 -25.13 -35.70
N GLY B 43 -98.77 -25.96 -35.75
CA GLY B 43 -98.28 -26.68 -34.59
C GLY B 43 -98.50 -28.16 -34.66
N LEU B 44 -99.44 -28.63 -35.48
CA LEU B 44 -99.67 -30.06 -35.68
C LEU B 44 -98.72 -30.55 -36.77
N CYS B 45 -97.43 -30.49 -36.46
CA CYS B 45 -96.41 -30.89 -37.43
C CYS B 45 -96.40 -32.38 -37.70
N PHE B 46 -97.13 -33.17 -36.91
CA PHE B 46 -97.27 -34.60 -37.14
C PHE B 46 -98.47 -34.93 -38.01
N PHE B 47 -99.16 -33.93 -38.54
CA PHE B 47 -100.29 -34.12 -39.45
C PHE B 47 -100.05 -33.48 -40.80
N GLU B 48 -98.84 -32.99 -41.07
CA GLU B 48 -98.55 -32.37 -42.35
C GLU B 48 -98.58 -33.41 -43.48
N PRO B 49 -99.01 -33.02 -44.68
CA PRO B 49 -99.48 -31.69 -45.09
C PRO B 49 -100.90 -31.41 -44.62
N LEU B 50 -101.18 -30.17 -44.22
CA LEU B 50 -102.50 -29.78 -43.74
C LEU B 50 -103.18 -28.90 -44.77
N VAL B 51 -104.42 -29.24 -45.12
CA VAL B 51 -105.21 -28.48 -46.07
C VAL B 51 -106.42 -27.93 -45.32
N ASP B 52 -106.49 -26.62 -45.20
CA ASP B 52 -107.61 -25.95 -44.55
C ASP B 52 -108.56 -25.44 -45.64
N VAL B 53 -109.75 -26.03 -45.69
CA VAL B 53 -110.81 -25.53 -46.56
C VAL B 53 -111.68 -24.59 -45.76
N ILE B 54 -111.85 -23.37 -46.26
CA ILE B 54 -112.55 -22.31 -45.55
C ILE B 54 -113.83 -22.00 -46.29
N ASP B 55 -114.95 -22.10 -45.58
CA ASP B 55 -116.27 -21.73 -46.09
C ASP B 55 -116.78 -20.64 -45.15
N GLY B 56 -116.77 -19.40 -45.62
CA GLY B 56 -117.16 -18.29 -44.78
C GLY B 56 -116.21 -18.11 -43.63
N ASP B 57 -116.65 -18.44 -42.42
CA ASP B 57 -115.80 -18.43 -41.23
C ASP B 57 -115.47 -19.82 -40.73
N ASP B 58 -115.99 -20.87 -41.36
CA ASP B 58 -115.72 -22.24 -40.94
C ASP B 58 -114.46 -22.75 -41.60
N VAL B 59 -113.61 -23.40 -40.81
CA VAL B 59 -112.33 -23.93 -41.27
C VAL B 59 -112.32 -25.43 -41.01
N TYR B 60 -112.03 -26.21 -42.05
CA TYR B 60 -111.89 -27.66 -41.94
C TYR B 60 -110.46 -28.03 -42.29
N THR B 61 -109.73 -28.58 -41.32
CA THR B 61 -108.32 -28.92 -41.48
C THR B 61 -108.20 -30.40 -41.75
N TYR B 62 -108.01 -30.77 -43.02
CA TYR B 62 -107.65 -32.13 -43.38
C TYR B 62 -106.15 -32.33 -43.17
N GLY B 63 -105.79 -33.49 -42.65
CA GLY B 63 -104.40 -33.76 -42.35
C GLY B 63 -103.89 -35.02 -42.99
N ASN B 64 -102.56 -35.15 -43.07
CA ASN B 64 -101.91 -36.27 -43.74
C ASN B 64 -102.46 -36.43 -45.16
N VAL B 65 -102.66 -35.31 -45.84
CA VAL B 65 -103.26 -35.33 -47.15
C VAL B 65 -102.26 -35.85 -48.17
N THR B 66 -102.77 -36.46 -49.24
CA THR B 66 -101.97 -37.04 -50.29
C THR B 66 -102.50 -36.61 -51.65
N PRO B 67 -101.66 -36.60 -52.68
CA PRO B 67 -102.14 -36.23 -54.01
C PRO B 67 -103.28 -37.10 -54.51
N GLU B 68 -103.32 -38.38 -54.13
CA GLU B 68 -104.41 -39.25 -54.56
C GLU B 68 -105.72 -38.86 -53.91
N MET B 69 -105.69 -38.36 -52.67
CA MET B 69 -106.91 -37.99 -51.96
C MET B 69 -107.38 -36.59 -52.35
N ILE B 70 -106.51 -35.79 -52.96
CA ILE B 70 -106.88 -34.41 -53.31
C ILE B 70 -108.12 -34.35 -54.22
N PRO B 71 -108.21 -35.11 -55.31
CA PRO B 71 -109.42 -35.01 -56.14
C PRO B 71 -110.70 -35.32 -55.40
N LYS B 72 -110.67 -36.31 -54.51
CA LYS B 72 -111.85 -36.64 -53.72
C LYS B 72 -112.27 -35.47 -52.84
N ILE B 73 -111.29 -34.86 -52.17
CA ILE B 73 -111.57 -33.72 -51.31
C ILE B 73 -112.16 -32.57 -52.12
N ILE B 74 -111.56 -32.29 -53.28
CA ILE B 74 -111.99 -31.17 -54.10
C ILE B 74 -113.40 -31.38 -54.62
N GLU B 75 -113.69 -32.59 -55.09
CA GLU B 75 -115.00 -32.85 -55.68
C GLU B 75 -116.09 -33.10 -54.65
N SER B 76 -115.73 -33.39 -53.40
CA SER B 76 -116.75 -33.62 -52.37
C SER B 76 -116.98 -32.42 -51.47
N HIS B 77 -115.99 -31.55 -51.29
CA HIS B 77 -116.15 -30.38 -50.43
C HIS B 77 -116.30 -29.09 -51.22
N VAL B 78 -115.36 -28.81 -52.12
CA VAL B 78 -115.46 -27.61 -52.95
C VAL B 78 -116.59 -27.75 -53.97
N ILE B 79 -116.76 -28.93 -54.55
CA ILE B 79 -117.81 -29.18 -55.53
C ILE B 79 -119.01 -29.86 -54.89
N GLY B 80 -118.78 -30.85 -54.02
CA GLY B 80 -119.88 -31.56 -53.41
C GLY B 80 -120.61 -30.79 -52.33
N LYS B 81 -120.01 -29.72 -51.83
CA LYS B 81 -120.61 -28.88 -50.79
C LYS B 81 -120.96 -29.70 -49.54
N LYS B 82 -120.05 -30.58 -49.15
CA LYS B 82 -120.24 -31.38 -47.95
C LYS B 82 -118.88 -31.83 -47.40
N PRO B 83 -118.61 -31.60 -46.12
CA PRO B 83 -117.34 -32.06 -45.54
C PRO B 83 -117.21 -33.57 -45.62
N LEU B 84 -116.00 -34.03 -45.89
CA LEU B 84 -115.77 -35.47 -46.05
C LEU B 84 -115.83 -36.19 -44.70
N ASP B 85 -115.29 -35.57 -43.66
CA ASP B 85 -115.47 -36.02 -42.27
C ASP B 85 -114.75 -37.34 -42.02
N GLU B 86 -114.19 -37.93 -43.07
CA GLU B 86 -113.44 -39.18 -42.93
C GLU B 86 -111.94 -38.97 -42.82
N PHE B 87 -111.39 -38.08 -43.65
CA PHE B 87 -110.01 -37.65 -43.50
C PHE B 87 -109.88 -36.34 -42.74
N ILE B 88 -110.97 -35.76 -42.26
CA ILE B 88 -110.90 -34.52 -41.51
C ILE B 88 -110.19 -34.78 -40.19
N VAL B 89 -109.20 -33.94 -39.88
CA VAL B 89 -108.46 -34.04 -38.63
C VAL B 89 -108.92 -33.00 -37.63
N SER B 90 -109.23 -31.79 -38.08
CA SER B 90 -109.66 -30.76 -37.16
C SER B 90 -110.70 -29.87 -37.84
N THR B 91 -111.39 -29.08 -37.04
CA THR B 91 -112.35 -28.13 -37.56
C THR B 91 -112.51 -27.01 -36.54
N SER B 92 -113.06 -25.89 -37.00
CA SER B 92 -113.21 -24.73 -36.12
C SER B 92 -114.15 -25.04 -34.97
N PHE B 93 -115.21 -25.80 -35.22
CA PHE B 93 -116.17 -26.09 -34.16
C PHE B 93 -115.60 -27.10 -33.16
N GLU B 94 -114.94 -28.15 -33.65
CA GLU B 94 -114.27 -29.12 -32.78
C GLU B 94 -112.78 -29.14 -33.12
N PRO B 95 -111.97 -28.31 -32.48
CA PRO B 95 -110.53 -28.31 -32.75
C PRO B 95 -109.86 -29.52 -32.11
N TYR B 96 -108.64 -29.78 -32.57
CA TYR B 96 -107.87 -30.90 -32.03
C TYR B 96 -107.59 -30.66 -30.55
N PRO B 97 -107.62 -31.71 -29.73
CA PRO B 97 -107.35 -31.52 -28.29
C PRO B 97 -105.98 -30.94 -28.00
N MET B 98 -105.00 -31.15 -28.89
CA MET B 98 -103.67 -30.58 -28.70
C MET B 98 -103.69 -29.06 -28.73
N LEU B 99 -104.73 -28.47 -29.31
CA LEU B 99 -104.83 -27.02 -29.43
C LEU B 99 -105.81 -26.41 -28.42
N LYS B 100 -106.30 -27.19 -27.48
CA LYS B 100 -107.29 -26.70 -26.52
C LYS B 100 -106.68 -26.25 -25.20
N SER B 101 -105.51 -26.78 -24.82
CA SER B 101 -104.82 -26.37 -23.61
C SER B 101 -103.78 -25.29 -23.86
N GLN B 102 -103.66 -24.82 -25.09
CA GLN B 102 -102.64 -23.85 -25.47
C GLN B 102 -103.24 -22.45 -25.47
N VAL B 103 -102.54 -21.50 -24.85
CA VAL B 103 -102.87 -20.09 -24.94
C VAL B 103 -101.81 -19.44 -25.81
N ARG B 104 -102.22 -18.92 -26.97
CA ARG B 104 -101.31 -18.49 -28.01
C ARG B 104 -101.25 -16.98 -28.09
N ILE B 105 -100.03 -16.43 -28.04
CA ILE B 105 -99.81 -15.00 -28.15
C ILE B 105 -98.81 -14.74 -29.27
N ALA B 106 -97.64 -15.38 -29.20
CA ALA B 106 -96.66 -15.26 -30.27
C ALA B 106 -97.12 -15.99 -31.52
N LEU B 107 -97.75 -17.16 -31.36
CA LEU B 107 -98.25 -17.94 -32.47
C LEU B 107 -99.74 -17.71 -32.71
N LYS B 108 -100.22 -16.49 -32.45
CA LYS B 108 -101.64 -16.20 -32.60
C LYS B 108 -102.10 -16.37 -34.04
N ASN B 109 -101.28 -15.91 -34.99
CA ASN B 109 -101.62 -15.96 -36.41
C ASN B 109 -100.93 -17.10 -37.15
N CYS B 110 -100.10 -17.88 -36.47
CA CYS B 110 -99.34 -18.91 -37.16
C CYS B 110 -100.26 -20.03 -37.64
N GLY B 111 -100.28 -20.26 -38.94
CA GLY B 111 -101.15 -21.26 -39.53
C GLY B 111 -102.56 -20.81 -39.79
N ARG B 112 -102.89 -19.56 -39.51
CA ARG B 112 -104.24 -19.04 -39.71
C ARG B 112 -104.27 -17.83 -40.63
N ILE B 113 -103.15 -17.49 -41.26
CA ILE B 113 -103.06 -16.35 -42.16
C ILE B 113 -102.27 -16.77 -43.40
N ASN B 114 -102.07 -15.81 -44.31
CA ASN B 114 -101.24 -16.02 -45.47
C ASN B 114 -99.92 -15.30 -45.26
N PRO B 115 -98.81 -16.02 -45.05
CA PRO B 115 -97.55 -15.34 -44.74
C PRO B 115 -97.04 -14.45 -45.86
N GLU B 116 -97.51 -14.66 -47.09
CA GLU B 116 -97.03 -13.91 -48.24
C GLU B 116 -98.01 -12.81 -48.66
N ASP B 117 -99.03 -12.55 -47.86
CA ASP B 117 -100.02 -11.51 -48.14
C ASP B 117 -100.22 -10.66 -46.91
N ILE B 118 -99.87 -9.37 -47.00
CA ILE B 118 -100.00 -8.48 -45.85
C ILE B 118 -101.45 -8.20 -45.53
N ASP B 119 -102.32 -8.23 -46.54
CA ASP B 119 -103.73 -7.91 -46.30
C ASP B 119 -104.38 -8.90 -45.36
N ASP B 120 -104.00 -10.18 -45.42
CA ASP B 120 -104.54 -11.16 -44.48
C ASP B 120 -104.12 -10.86 -43.05
N TYR B 121 -102.85 -10.47 -42.86
CA TYR B 121 -102.40 -10.08 -41.53
C TYR B 121 -103.14 -8.84 -41.03
N ILE B 122 -103.36 -7.87 -41.92
CA ILE B 122 -104.06 -6.64 -41.54
C ILE B 122 -105.49 -6.97 -41.14
N LYS B 123 -106.15 -7.85 -41.89
CA LYS B 123 -107.55 -8.17 -41.62
C LYS B 123 -107.73 -8.77 -40.23
N ASN B 124 -106.77 -9.54 -39.76
CA ASN B 124 -106.88 -10.20 -38.46
C ASN B 124 -106.20 -9.36 -37.37
N GLY B 125 -106.66 -8.12 -37.25
CA GLY B 125 -106.17 -7.23 -36.22
C GLY B 125 -104.69 -6.96 -36.29
N GLY B 126 -104.15 -6.77 -37.50
CA GLY B 126 -102.74 -6.57 -37.70
C GLY B 126 -102.37 -5.11 -37.85
N TYR B 127 -101.16 -4.78 -37.39
CA TYR B 127 -100.57 -3.45 -37.48
C TYR B 127 -101.38 -2.38 -36.76
N GLU B 128 -102.39 -2.76 -35.99
CA GLU B 128 -103.14 -1.77 -35.22
C GLU B 128 -102.36 -1.29 -34.01
N ALA B 129 -101.49 -2.14 -33.46
CA ALA B 129 -100.60 -1.71 -32.38
C ALA B 129 -99.67 -0.60 -32.85
N LEU B 130 -99.10 -0.75 -34.05
CA LEU B 130 -98.24 0.29 -34.58
C LEU B 130 -99.00 1.59 -34.79
N LYS B 131 -100.23 1.49 -35.31
CA LYS B 131 -101.05 2.69 -35.50
C LYS B 131 -101.31 3.38 -34.18
N LYS B 132 -101.70 2.62 -33.15
CA LYS B 132 -102.00 3.22 -31.86
C LYS B 132 -100.76 3.87 -31.27
N VAL B 133 -99.61 3.20 -31.35
CA VAL B 133 -98.38 3.74 -30.79
C VAL B 133 -97.98 5.02 -31.52
N LEU B 134 -98.08 5.01 -32.84
CA LEU B 134 -97.67 6.18 -33.62
C LEU B 134 -98.64 7.34 -33.45
N THR B 135 -99.91 7.07 -33.16
CA THR B 135 -100.89 8.14 -33.02
C THR B 135 -100.88 8.74 -31.61
N SER B 136 -101.15 7.91 -30.60
CA SER B 136 -101.45 8.44 -29.26
C SER B 136 -100.67 7.68 -28.19
N MET B 137 -99.38 7.50 -28.39
CA MET B 137 -98.56 6.84 -27.37
C MET B 137 -97.15 7.39 -27.41
N THR B 138 -96.62 7.71 -26.23
CA THR B 138 -95.25 8.19 -26.02
C THR B 138 -94.29 7.00 -25.96
N PRO B 139 -93.05 7.17 -26.41
CA PRO B 139 -92.07 6.08 -26.24
C PRO B 139 -91.91 5.63 -24.80
N GLU B 140 -91.94 6.57 -23.86
CA GLU B 140 -91.92 6.21 -22.45
C GLU B 140 -93.17 5.41 -22.09
N GLU B 141 -94.31 5.75 -22.70
CA GLU B 141 -95.52 4.96 -22.48
C GLU B 141 -95.35 3.54 -23.00
N VAL B 142 -94.69 3.38 -24.15
CA VAL B 142 -94.46 2.05 -24.68
C VAL B 142 -93.56 1.24 -23.75
N ILE B 143 -92.48 1.86 -23.27
CA ILE B 143 -91.58 1.17 -22.36
C ILE B 143 -92.30 0.79 -21.08
N GLU B 144 -93.13 1.69 -20.55
CA GLU B 144 -93.90 1.37 -19.34
C GLU B 144 -94.89 0.26 -19.59
N GLU B 145 -95.51 0.22 -20.77
CA GLU B 145 -96.43 -0.86 -21.10
C GLU B 145 -95.71 -2.20 -21.12
N ILE B 146 -94.53 -2.26 -21.76
CA ILE B 146 -93.77 -3.51 -21.78
C ILE B 146 -93.31 -3.87 -20.38
N LYS B 147 -92.99 -2.87 -19.56
CA LYS B 147 -92.58 -3.13 -18.17
C LYS B 147 -93.71 -3.75 -17.38
N ILE B 148 -94.91 -3.19 -17.50
CA ILE B 148 -96.04 -3.72 -16.76
C ILE B 148 -96.40 -5.11 -17.25
N SER B 149 -96.28 -5.34 -18.56
CA SER B 149 -96.60 -6.66 -19.12
C SER B 149 -95.72 -7.75 -18.54
N GLY B 150 -94.53 -7.41 -18.09
CA GLY B 150 -93.63 -8.41 -17.55
C GLY B 150 -92.94 -9.26 -18.58
N LEU B 151 -92.97 -8.86 -19.85
CA LEU B 151 -92.26 -9.61 -20.88
C LEU B 151 -90.78 -9.67 -20.54
N ARG B 152 -90.19 -10.86 -20.72
CA ARG B 152 -88.78 -11.05 -20.37
C ARG B 152 -88.19 -12.17 -21.22
N GLY B 153 -87.31 -11.79 -22.14
CA GLY B 153 -86.45 -12.74 -22.80
C GLY B 153 -87.06 -13.52 -23.96
N ARG B 154 -87.85 -14.53 -23.64
CA ARG B 154 -88.42 -15.44 -24.63
C ARG B 154 -87.36 -15.93 -25.60
N GLY B 155 -86.39 -16.66 -25.06
CA GLY B 155 -85.32 -17.18 -25.88
C GLY B 155 -83.94 -16.79 -25.39
N GLY B 156 -83.81 -16.53 -24.10
CA GLY B 156 -82.52 -16.22 -23.52
C GLY B 156 -82.47 -16.58 -22.05
N ALA B 157 -81.48 -16.02 -21.34
CA ALA B 157 -81.40 -16.22 -19.90
C ALA B 157 -82.60 -15.64 -19.19
N GLY B 158 -83.25 -14.65 -19.78
CA GLY B 158 -84.44 -14.05 -19.21
C GLY B 158 -84.14 -12.74 -18.52
N PHE B 159 -84.39 -11.64 -19.20
CA PHE B 159 -84.17 -10.31 -18.66
C PHE B 159 -85.36 -9.42 -19.01
N PRO B 160 -85.72 -8.51 -18.11
CA PRO B 160 -86.84 -7.60 -18.42
C PRO B 160 -86.57 -6.82 -19.70
N THR B 161 -87.43 -7.05 -20.70
CA THR B 161 -87.25 -6.39 -21.99
C THR B 161 -87.33 -4.88 -21.85
N TRP B 162 -88.17 -4.40 -20.94
CA TRP B 162 -88.26 -2.97 -20.70
C TRP B 162 -86.93 -2.40 -20.24
N PHE B 163 -86.17 -3.17 -19.46
CA PHE B 163 -84.87 -2.68 -19.01
C PHE B 163 -83.92 -2.50 -20.18
N LYS B 164 -83.88 -3.46 -21.09
CA LYS B 164 -83.02 -3.33 -22.27
C LYS B 164 -83.46 -2.14 -23.12
N TRP B 165 -84.77 -1.99 -23.32
CA TRP B 165 -85.25 -0.89 -24.15
C TRP B 165 -84.93 0.46 -23.53
N ASP B 166 -85.13 0.60 -22.22
CA ASP B 166 -84.82 1.85 -21.55
C ASP B 166 -83.32 2.13 -21.57
N ALA B 167 -82.49 1.10 -21.37
CA ALA B 167 -81.05 1.29 -21.42
C ALA B 167 -80.60 1.74 -22.80
N ALA B 168 -81.19 1.16 -23.86
CA ALA B 168 -80.86 1.59 -25.21
C ALA B 168 -81.35 3.01 -25.49
N ARG B 169 -82.54 3.35 -24.98
CA ARG B 169 -83.10 4.66 -25.26
C ARG B 169 -82.32 5.77 -24.56
N LYS B 170 -81.99 5.58 -23.28
CA LYS B 170 -81.34 6.63 -22.52
C LYS B 170 -79.91 6.88 -22.97
N ALA B 171 -79.32 5.96 -23.74
CA ALA B 171 -77.95 6.14 -24.21
C ALA B 171 -77.88 7.26 -25.23
N SER B 172 -76.71 7.87 -25.32
CA SER B 172 -76.50 9.02 -26.19
C SER B 172 -76.03 8.55 -27.57
N GLY B 173 -76.64 9.09 -28.61
CA GLY B 173 -76.26 8.75 -29.97
C GLY B 173 -77.20 9.29 -31.02
N ASP B 174 -76.65 9.75 -32.14
CA ASP B 174 -77.49 10.18 -33.24
C ASP B 174 -78.21 9.00 -33.88
N ILE B 175 -77.54 7.86 -33.97
CA ILE B 175 -78.09 6.66 -34.59
C ILE B 175 -78.08 5.54 -33.56
N LYS B 176 -79.22 4.88 -33.40
CA LYS B 176 -79.33 3.68 -32.58
C LYS B 176 -79.84 2.54 -33.45
N TYR B 177 -79.52 1.31 -33.03
CA TYR B 177 -79.87 0.13 -33.80
C TYR B 177 -80.78 -0.77 -32.99
N VAL B 178 -81.62 -1.53 -33.71
CA VAL B 178 -82.53 -2.50 -33.11
C VAL B 178 -82.39 -3.80 -33.90
N VAL B 179 -81.77 -4.79 -33.29
CA VAL B 179 -81.44 -6.04 -33.96
C VAL B 179 -82.40 -7.13 -33.50
N CYS B 180 -82.41 -8.25 -34.23
CA CYS B 180 -83.25 -9.39 -33.90
C CYS B 180 -82.48 -10.68 -34.13
N ASN B 181 -82.63 -11.62 -33.19
CA ASN B 181 -82.05 -12.96 -33.32
C ASN B 181 -83.03 -13.88 -34.01
N ALA B 182 -82.96 -13.92 -35.34
CA ALA B 182 -83.64 -14.96 -36.10
C ALA B 182 -82.85 -16.26 -36.14
N ASP B 183 -81.61 -16.24 -35.65
CA ASP B 183 -80.83 -17.45 -35.51
C ASP B 183 -81.44 -18.34 -34.43
N GLU B 184 -81.49 -19.64 -34.70
CA GLU B 184 -82.04 -20.57 -33.71
C GLU B 184 -80.97 -21.05 -32.75
N GLY B 185 -79.79 -21.39 -33.27
CA GLY B 185 -78.69 -21.82 -32.43
C GLY B 185 -78.80 -23.26 -31.98
N ASP B 186 -79.77 -23.54 -31.13
CA ASP B 186 -79.93 -24.88 -30.57
C ASP B 186 -80.28 -25.87 -31.68
N PRO B 187 -79.51 -26.93 -31.85
CA PRO B 187 -79.80 -27.91 -32.91
C PRO B 187 -80.97 -28.82 -32.55
N GLY B 188 -82.19 -28.36 -32.81
CA GLY B 188 -83.37 -29.08 -32.41
C GLY B 188 -84.50 -28.15 -32.04
N ALA B 189 -84.24 -26.85 -32.15
CA ALA B 189 -85.25 -25.82 -31.94
C ALA B 189 -85.65 -25.24 -33.28
N PHE B 190 -86.95 -25.05 -33.48
CA PHE B 190 -87.45 -24.53 -34.75
C PHE B 190 -88.58 -23.52 -34.56
N MET B 191 -88.72 -22.90 -33.38
CA MET B 191 -89.80 -21.96 -33.16
C MET B 191 -89.60 -20.68 -33.95
N ASP B 192 -88.37 -20.14 -33.94
CA ASP B 192 -88.10 -18.89 -34.65
C ASP B 192 -88.33 -19.06 -36.15
N ARG B 193 -87.87 -20.18 -36.70
CA ARG B 193 -88.06 -20.44 -38.12
C ARG B 193 -89.53 -20.51 -38.47
N SER B 194 -90.32 -21.21 -37.66
CA SER B 194 -91.75 -21.34 -37.95
C SER B 194 -92.47 -20.02 -37.79
N ILE B 195 -92.07 -19.21 -36.81
CA ILE B 195 -92.67 -17.89 -36.64
C ILE B 195 -92.37 -17.00 -37.83
N LEU B 196 -91.12 -17.04 -38.32
CA LEU B 196 -90.77 -16.22 -39.47
C LEU B 196 -91.43 -16.73 -40.74
N GLU B 197 -91.69 -18.03 -40.84
CA GLU B 197 -92.37 -18.59 -41.99
C GLU B 197 -93.88 -18.46 -41.93
N GLY B 198 -94.45 -18.16 -40.76
CA GLY B 198 -95.88 -18.10 -40.63
C GLY B 198 -96.39 -16.75 -40.17
N ASP B 199 -95.50 -15.94 -39.62
CA ASP B 199 -95.90 -14.64 -39.11
C ASP B 199 -94.72 -13.66 -39.11
N PRO B 200 -94.11 -13.37 -40.26
CA PRO B 200 -93.01 -12.40 -40.25
C PRO B 200 -93.46 -10.99 -39.95
N HIS B 201 -94.72 -10.66 -40.26
CA HIS B 201 -95.22 -9.32 -40.03
C HIS B 201 -95.34 -9.00 -38.54
N ALA B 202 -95.61 -10.01 -37.71
CA ALA B 202 -95.62 -9.78 -36.27
C ALA B 202 -94.24 -9.38 -35.77
N VAL B 203 -93.21 -10.06 -36.24
CA VAL B 203 -91.84 -9.70 -35.87
C VAL B 203 -91.50 -8.31 -36.38
N LEU B 204 -91.92 -8.00 -37.61
CA LEU B 204 -91.64 -6.68 -38.17
C LEU B 204 -92.30 -5.57 -37.36
N GLU B 205 -93.57 -5.77 -37.00
CA GLU B 205 -94.29 -4.77 -36.22
C GLU B 205 -93.71 -4.62 -34.82
N GLY B 206 -93.32 -5.74 -34.20
CA GLY B 206 -92.67 -5.65 -32.91
C GLY B 206 -91.35 -4.90 -32.97
N MET B 207 -90.58 -5.15 -34.04
CA MET B 207 -89.33 -4.42 -34.22
C MET B 207 -89.58 -2.93 -34.41
N THR B 208 -90.61 -2.59 -35.16
CA THR B 208 -90.94 -1.17 -35.38
C THR B 208 -91.36 -0.50 -34.07
N ILE B 209 -92.17 -1.17 -33.26
CA ILE B 209 -92.59 -0.61 -31.97
C ILE B 209 -91.40 -0.47 -31.04
N ALA B 210 -90.49 -1.46 -31.06
CA ALA B 210 -89.27 -1.36 -30.27
C ALA B 210 -88.44 -0.17 -30.70
N ALA B 211 -88.32 0.04 -32.01
CA ALA B 211 -87.56 1.19 -32.51
C ALA B 211 -88.20 2.50 -32.09
N TYR B 212 -89.52 2.60 -32.17
CA TYR B 212 -90.19 3.81 -31.73
C TYR B 212 -89.95 4.07 -30.25
N ALA B 213 -90.03 3.02 -29.43
CA ALA B 213 -89.73 3.18 -28.01
C ALA B 213 -88.29 3.63 -27.79
N ILE B 214 -87.37 3.08 -28.58
CA ILE B 214 -85.95 3.34 -28.39
C ILE B 214 -85.53 4.64 -29.06
N GLY B 215 -85.99 4.87 -30.29
CA GLY B 215 -85.51 5.97 -31.10
C GLY B 215 -84.63 5.57 -32.25
N ALA B 216 -84.58 4.29 -32.58
CA ALA B 216 -83.73 3.80 -33.65
C ALA B 216 -84.31 4.18 -35.01
N LYS B 217 -83.43 4.24 -36.01
CA LYS B 217 -83.82 4.53 -37.37
C LYS B 217 -83.49 3.40 -38.34
N GLU B 218 -82.75 2.39 -37.91
CA GLU B 218 -82.40 1.26 -38.76
C GLU B 218 -82.36 -0.01 -37.91
N GLY B 219 -82.85 -1.10 -38.48
CA GLY B 219 -82.90 -2.36 -37.77
C GLY B 219 -82.35 -3.48 -38.62
N TYR B 220 -81.89 -4.53 -37.94
CA TYR B 220 -81.26 -5.67 -38.59
C TYR B 220 -81.93 -6.96 -38.14
N ILE B 221 -82.15 -7.85 -39.10
CA ILE B 221 -82.61 -9.21 -38.81
C ILE B 221 -81.46 -10.15 -39.11
N TYR B 222 -81.03 -10.90 -38.11
CA TYR B 222 -79.91 -11.83 -38.27
C TYR B 222 -80.50 -13.23 -38.42
N VAL B 223 -80.83 -13.59 -39.65
CA VAL B 223 -81.37 -14.91 -39.98
C VAL B 223 -80.27 -15.73 -40.63
N ARG B 224 -80.16 -16.98 -40.21
CA ARG B 224 -79.18 -17.86 -40.82
C ARG B 224 -79.52 -18.12 -42.29
N ALA B 225 -78.50 -18.12 -43.14
CA ALA B 225 -78.71 -18.34 -44.56
C ALA B 225 -79.20 -19.76 -44.86
N GLU B 226 -79.11 -20.67 -43.89
CA GLU B 226 -79.56 -22.04 -44.10
C GLU B 226 -81.08 -22.17 -44.14
N TYR B 227 -81.82 -21.11 -43.85
CA TYR B 227 -83.27 -21.13 -43.85
C TYR B 227 -83.79 -20.28 -45.00
N PRO B 228 -83.85 -20.82 -46.22
CA PRO B 228 -84.27 -19.99 -47.37
C PRO B 228 -85.73 -19.59 -47.30
N LEU B 229 -86.60 -20.44 -46.76
CA LEU B 229 -88.02 -20.09 -46.69
C LEU B 229 -88.24 -18.89 -45.79
N ALA B 230 -87.59 -18.86 -44.62
CA ALA B 230 -87.74 -17.71 -43.73
C ALA B 230 -87.22 -16.44 -44.38
N ILE B 231 -86.07 -16.51 -45.06
CA ILE B 231 -85.51 -15.34 -45.71
C ILE B 231 -86.46 -14.83 -46.79
N LYS B 232 -87.00 -15.74 -47.61
CA LYS B 232 -87.89 -15.34 -48.68
C LYS B 232 -89.15 -14.69 -48.14
N ARG B 233 -89.75 -15.30 -47.12
CA ARG B 233 -90.98 -14.74 -46.55
C ARG B 233 -90.71 -13.40 -45.88
N LEU B 234 -89.56 -13.26 -45.22
CA LEU B 234 -89.21 -11.99 -44.61
C LEU B 234 -89.01 -10.90 -45.65
N GLU B 235 -88.35 -11.23 -46.76
CA GLU B 235 -88.16 -10.25 -47.83
C GLU B 235 -89.50 -9.82 -48.41
N ILE B 236 -90.39 -10.79 -48.65
CA ILE B 236 -91.72 -10.48 -49.17
C ILE B 236 -92.48 -9.60 -48.20
N ALA B 237 -92.45 -9.94 -46.91
CA ALA B 237 -93.16 -9.15 -45.92
C ALA B 237 -92.61 -7.75 -45.82
N ILE B 238 -91.29 -7.60 -45.88
CA ILE B 238 -90.68 -6.27 -45.79
C ILE B 238 -91.08 -5.43 -47.00
N GLU B 239 -91.06 -6.03 -48.20
CA GLU B 239 -91.47 -5.28 -49.38
C GLU B 239 -92.93 -4.87 -49.29
N GLN B 240 -93.80 -5.77 -48.86
CA GLN B 240 -95.22 -5.45 -48.74
C GLN B 240 -95.45 -4.36 -47.70
N ALA B 241 -94.72 -4.41 -46.59
CA ALA B 241 -94.88 -3.40 -45.57
C ALA B 241 -94.37 -2.04 -46.05
N ARG B 242 -93.28 -2.03 -46.81
CA ARG B 242 -92.77 -0.79 -47.36
C ARG B 242 -93.77 -0.17 -48.33
N ASN B 243 -94.37 -1.01 -49.19
CA ASN B 243 -95.32 -0.51 -50.18
C ASN B 243 -96.60 0.03 -49.56
N ARG B 244 -96.84 -0.23 -48.27
CA ARG B 244 -98.02 0.29 -47.59
C ARG B 244 -97.66 1.37 -46.57
N ASN B 245 -96.48 1.97 -46.69
CA ASN B 245 -96.00 3.02 -45.81
C ASN B 245 -95.88 2.55 -44.37
N LEU B 246 -95.78 1.24 -44.15
CA LEU B 246 -95.64 0.68 -42.82
C LEU B 246 -94.18 0.38 -42.45
N LEU B 247 -93.24 0.74 -43.32
CA LEU B 247 -91.83 0.53 -43.05
C LEU B 247 -91.03 1.44 -43.97
N GLY B 248 -90.02 2.10 -43.41
CA GLY B 248 -89.16 2.98 -44.17
C GLY B 248 -89.29 4.42 -43.69
N ASN B 249 -89.20 5.35 -44.63
CA ASN B 249 -89.27 6.77 -44.30
C ASN B 249 -90.72 7.20 -44.18
N ASN B 250 -91.01 7.99 -43.14
CA ASN B 250 -92.34 8.56 -42.89
C ASN B 250 -93.39 7.45 -42.77
N ILE B 251 -93.21 6.62 -41.75
CA ILE B 251 -94.15 5.52 -41.50
C ILE B 251 -95.49 6.10 -41.06
N LEU B 252 -96.56 5.69 -41.73
CA LEU B 252 -97.92 6.10 -41.38
C LEU B 252 -98.08 7.63 -41.38
N ASN B 253 -97.42 8.29 -42.34
CA ASN B 253 -97.52 9.73 -42.53
C ASN B 253 -97.19 10.50 -41.25
N THR B 254 -96.12 10.08 -40.59
CA THR B 254 -95.62 10.78 -39.40
C THR B 254 -94.10 10.85 -39.47
N ASN B 255 -93.51 11.58 -38.53
CA ASN B 255 -92.07 11.82 -38.54
C ASN B 255 -91.25 10.57 -38.27
N PHE B 256 -91.86 9.49 -37.81
CA PHE B 256 -91.13 8.26 -37.55
C PHE B 256 -90.60 7.66 -38.85
N SER B 257 -89.40 7.07 -38.77
CA SER B 257 -88.77 6.48 -39.94
C SER B 257 -87.91 5.31 -39.48
N PHE B 258 -88.36 4.09 -39.75
CA PHE B 258 -87.65 2.89 -39.37
C PHE B 258 -87.57 1.94 -40.55
N ASP B 259 -86.40 1.36 -40.78
CA ASP B 259 -86.18 0.45 -41.89
C ASP B 259 -85.40 -0.76 -41.40
N ILE B 260 -85.54 -1.86 -42.13
CA ILE B 260 -84.96 -3.15 -41.74
C ILE B 260 -84.15 -3.69 -42.92
N LYS B 261 -82.93 -4.13 -42.64
CA LYS B 261 -82.10 -4.81 -43.62
C LYS B 261 -81.81 -6.22 -43.12
N LEU B 262 -82.09 -7.22 -43.95
CA LEU B 262 -81.87 -8.60 -43.58
C LEU B 262 -80.38 -8.93 -43.69
N LYS B 263 -79.76 -9.23 -42.56
CA LYS B 263 -78.35 -9.61 -42.51
C LYS B 263 -78.28 -11.12 -42.35
N LYS B 264 -77.99 -11.82 -43.44
CA LYS B 264 -77.97 -13.28 -43.42
C LYS B 264 -76.75 -13.76 -42.65
N GLY B 265 -76.99 -14.67 -41.70
CA GLY B 265 -75.89 -15.24 -40.94
C GLY B 265 -75.20 -16.36 -41.70
N ALA B 266 -73.89 -16.46 -41.51
CA ALA B 266 -73.12 -17.49 -42.19
C ALA B 266 -73.20 -18.84 -41.49
N GLY B 267 -73.63 -18.87 -40.23
CA GLY B 267 -73.80 -20.12 -39.54
C GLY B 267 -72.79 -20.37 -38.43
N ALA B 268 -73.20 -20.12 -37.19
CA ALA B 268 -72.36 -20.38 -36.03
C ALA B 268 -73.20 -20.30 -34.76
N PHE B 269 -73.06 -21.30 -33.89
CA PHE B 269 -73.77 -21.26 -32.60
C PHE B 269 -73.26 -20.10 -31.75
N VAL B 270 -71.97 -19.77 -31.87
CA VAL B 270 -71.42 -18.65 -31.12
C VAL B 270 -71.99 -17.33 -31.60
N CYS B 271 -72.33 -17.23 -32.88
CA CYS B 271 -72.84 -16.00 -33.45
C CYS B 271 -74.17 -15.57 -32.83
N GLY B 272 -74.86 -16.47 -32.13
CA GLY B 272 -76.05 -16.09 -31.41
C GLY B 272 -75.77 -15.21 -30.21
N GLU B 273 -74.56 -15.24 -29.68
CA GLU B 273 -74.18 -14.35 -28.59
C GLU B 273 -74.23 -12.90 -29.07
N GLU B 274 -74.58 -12.00 -28.14
CA GLU B 274 -74.76 -10.60 -28.50
C GLU B 274 -73.48 -10.00 -29.07
N THR B 275 -72.38 -10.12 -28.33
CA THR B 275 -71.10 -9.56 -28.78
C THR B 275 -70.49 -10.33 -29.94
N ALA B 276 -71.00 -11.52 -30.26
CA ALA B 276 -70.58 -12.20 -31.47
C ALA B 276 -71.51 -11.92 -32.63
N LEU B 277 -72.81 -11.73 -32.37
CA LEU B 277 -73.71 -11.26 -33.40
C LEU B 277 -73.30 -9.89 -33.91
N ILE B 278 -72.87 -9.01 -33.00
CA ILE B 278 -72.40 -7.69 -33.40
C ILE B 278 -71.19 -7.80 -34.31
N ALA B 279 -70.24 -8.68 -33.97
CA ALA B 279 -69.07 -8.87 -34.81
C ALA B 279 -69.44 -9.46 -36.17
N SER B 280 -70.37 -10.41 -36.20
CA SER B 280 -70.80 -11.00 -37.45
C SER B 280 -71.46 -9.96 -38.35
N ILE B 281 -72.28 -9.08 -37.77
CA ILE B 281 -72.88 -8.01 -38.55
C ILE B 281 -71.82 -7.04 -39.05
N GLU B 282 -70.85 -6.72 -38.20
CA GLU B 282 -69.80 -5.77 -38.56
C GLU B 282 -68.84 -6.31 -39.61
N GLY B 283 -68.89 -7.59 -39.93
CA GLY B 283 -68.04 -8.18 -40.93
C GLY B 283 -66.87 -8.96 -40.38
N GLU B 284 -66.54 -8.81 -39.11
CA GLU B 284 -65.44 -9.56 -38.52
C GLU B 284 -65.89 -10.98 -38.16
N ARG B 285 -64.92 -11.82 -37.83
CA ARG B 285 -65.23 -13.15 -37.35
C ARG B 285 -65.95 -13.06 -36.00
N GLY B 286 -66.94 -13.92 -35.82
CA GLY B 286 -67.79 -13.84 -34.64
C GLY B 286 -67.12 -14.32 -33.37
N MET B 287 -66.09 -13.60 -32.93
CA MET B 287 -65.43 -13.90 -31.67
C MET B 287 -66.01 -13.00 -30.59
N PRO B 288 -66.62 -13.53 -29.55
CA PRO B 288 -67.24 -12.68 -28.53
C PRO B 288 -66.25 -11.73 -27.89
N ARG B 289 -66.70 -10.51 -27.65
CA ARG B 289 -65.89 -9.48 -27.04
C ARG B 289 -66.06 -9.55 -25.53
N LEU B 290 -65.42 -8.63 -24.81
CA LEU B 290 -65.56 -8.56 -23.37
C LEU B 290 -66.82 -7.79 -23.02
N LYS B 291 -67.21 -7.82 -21.75
CA LYS B 291 -68.52 -7.29 -21.37
C LYS B 291 -68.57 -5.77 -21.46
N PRO B 292 -67.60 -5.02 -20.96
CA PRO B 292 -67.57 -3.59 -21.22
C PRO B 292 -66.89 -3.29 -22.54
N PRO B 293 -67.51 -2.50 -23.42
CA PRO B 293 -68.82 -1.87 -23.29
C PRO B 293 -69.96 -2.81 -23.68
N PHE B 294 -71.16 -2.58 -23.13
CA PHE B 294 -72.28 -3.46 -23.37
C PHE B 294 -72.97 -3.10 -24.68
N PRO B 295 -73.66 -4.05 -25.32
CA PRO B 295 -74.36 -3.74 -26.57
C PRO B 295 -75.38 -2.62 -26.45
N ALA B 296 -76.07 -2.52 -25.32
CA ALA B 296 -77.03 -1.45 -25.13
C ALA B 296 -76.34 -0.09 -25.12
N GLN B 297 -75.22 0.02 -24.43
CA GLN B 297 -74.48 1.28 -24.38
C GLN B 297 -73.75 1.54 -25.68
N SER B 298 -73.14 0.52 -26.27
CA SER B 298 -72.49 0.66 -27.56
C SER B 298 -72.38 -0.71 -28.22
N GLY B 299 -73.14 -0.92 -29.28
CA GLY B 299 -73.17 -2.20 -29.96
C GLY B 299 -72.60 -2.17 -31.36
N LEU B 300 -73.47 -2.10 -32.35
CA LEU B 300 -73.03 -2.13 -33.74
C LEU B 300 -72.30 -0.85 -34.10
N TRP B 301 -71.03 -0.99 -34.50
CA TRP B 301 -70.20 0.13 -34.92
C TRP B 301 -70.17 1.22 -33.85
N GLY B 302 -70.09 0.81 -32.58
CA GLY B 302 -69.98 1.76 -31.49
C GLY B 302 -71.19 2.63 -31.28
N ARG B 303 -72.38 2.10 -31.52
CA ARG B 303 -73.63 2.81 -31.30
C ARG B 303 -74.57 1.95 -30.47
N PRO B 304 -75.51 2.56 -29.75
CA PRO B 304 -76.45 1.76 -28.95
C PRO B 304 -77.19 0.75 -29.80
N THR B 305 -77.36 -0.44 -29.25
CA THR B 305 -77.90 -1.58 -29.98
C THR B 305 -78.74 -2.42 -29.03
N ASN B 306 -79.98 -2.71 -29.42
CA ASN B 306 -80.89 -3.52 -28.63
C ASN B 306 -81.13 -4.83 -29.36
N ILE B 307 -80.62 -5.93 -28.80
CA ILE B 307 -80.73 -7.25 -29.41
C ILE B 307 -81.77 -8.04 -28.64
N ASN B 308 -82.76 -8.56 -29.37
CA ASN B 308 -83.86 -9.31 -28.78
C ASN B 308 -84.16 -10.50 -29.66
N ASN B 309 -84.86 -11.48 -29.09
CA ASN B 309 -85.23 -12.68 -29.83
C ASN B 309 -86.43 -12.40 -30.74
N VAL B 310 -86.77 -13.40 -31.54
CA VAL B 310 -87.92 -13.30 -32.43
C VAL B 310 -89.22 -13.33 -31.62
N GLU B 311 -89.30 -14.24 -30.65
CA GLU B 311 -90.55 -14.43 -29.91
C GLU B 311 -90.88 -13.22 -29.05
N THR B 312 -89.88 -12.63 -28.39
CA THR B 312 -90.13 -11.46 -27.58
C THR B 312 -90.55 -10.26 -28.42
N TYR B 313 -90.12 -10.23 -29.68
CA TYR B 313 -90.59 -9.18 -30.59
C TYR B 313 -91.99 -9.47 -31.09
N ALA B 314 -92.34 -10.74 -31.29
CA ALA B 314 -93.69 -11.08 -31.70
C ALA B 314 -94.69 -10.81 -30.58
N ASN B 315 -94.24 -10.90 -29.33
CA ASN B 315 -95.14 -10.63 -28.20
C ASN B 315 -95.53 -9.15 -28.11
N VAL B 316 -94.73 -8.25 -28.69
CA VAL B 316 -94.93 -6.81 -28.44
C VAL B 316 -96.25 -6.29 -28.97
N PRO B 317 -96.65 -6.55 -30.22
CA PRO B 317 -97.93 -5.98 -30.70
C PRO B 317 -99.12 -6.44 -29.87
N TRP B 318 -99.11 -7.70 -29.42
CA TRP B 318 -100.19 -8.18 -28.57
C TRP B 318 -100.24 -7.41 -27.26
N ILE B 319 -99.09 -7.15 -26.67
CA ILE B 319 -99.04 -6.40 -25.41
C ILE B 319 -99.58 -5.00 -25.63
N ILE B 320 -99.17 -4.36 -26.72
CA ILE B 320 -99.62 -2.99 -26.97
C ILE B 320 -101.12 -2.94 -27.20
N THR B 321 -101.64 -3.85 -28.02
CA THR B 321 -103.08 -3.84 -28.33
C THR B 321 -103.92 -4.17 -27.11
N ASN B 322 -103.59 -5.26 -26.42
CA ASN B 322 -104.41 -5.74 -25.30
C ASN B 322 -103.96 -5.18 -23.96
N GLY B 323 -102.96 -4.32 -23.93
CA GLY B 323 -102.54 -3.73 -22.68
C GLY B 323 -101.53 -4.59 -21.94
N GLY B 324 -100.73 -3.93 -21.10
CA GLY B 324 -99.76 -4.66 -20.31
C GLY B 324 -100.40 -5.57 -19.27
N LYS B 325 -101.50 -5.11 -18.66
CA LYS B 325 -102.12 -5.87 -17.58
C LYS B 325 -102.67 -7.20 -18.09
N ALA B 326 -103.20 -7.23 -19.31
CA ALA B 326 -103.71 -8.48 -19.86
C ALA B 326 -102.60 -9.51 -20.02
N PHE B 327 -101.44 -9.07 -20.51
CA PHE B 327 -100.30 -9.98 -20.62
C PHE B 327 -99.76 -10.37 -19.25
N ALA B 328 -99.86 -9.48 -18.28
CA ALA B 328 -99.34 -9.73 -16.93
C ALA B 328 -100.33 -10.47 -16.05
N SER B 329 -101.53 -10.76 -16.53
CA SER B 329 -102.49 -11.57 -15.79
C SER B 329 -102.35 -13.06 -16.09
N LEU B 330 -101.36 -13.45 -16.90
CA LEU B 330 -101.15 -14.84 -17.27
C LEU B 330 -99.82 -15.31 -16.70
N GLY B 331 -99.81 -16.49 -16.09
CA GLY B 331 -98.57 -17.08 -15.65
C GLY B 331 -98.39 -17.13 -14.14
N THR B 332 -97.20 -16.75 -13.68
CA THR B 332 -96.84 -16.82 -12.27
C THR B 332 -96.54 -15.41 -11.75
N GLU B 333 -96.05 -15.34 -10.53
CA GLU B 333 -95.70 -14.04 -9.94
C GLU B 333 -94.37 -13.50 -10.43
N LYS B 334 -93.54 -14.34 -11.05
CA LYS B 334 -92.25 -13.92 -11.59
C LYS B 334 -92.20 -13.99 -13.11
N SER B 335 -92.51 -15.14 -13.68
CA SER B 335 -92.55 -15.31 -15.13
C SER B 335 -93.98 -15.18 -15.60
N LYS B 336 -94.24 -14.21 -16.47
CA LYS B 336 -95.57 -13.89 -16.95
C LYS B 336 -95.64 -14.05 -18.46
N GLY B 337 -96.77 -14.57 -18.93
CA GLY B 337 -96.99 -14.71 -20.35
C GLY B 337 -97.05 -16.13 -20.83
N THR B 338 -96.70 -16.35 -22.10
CA THR B 338 -96.67 -17.68 -22.70
C THR B 338 -95.29 -17.93 -23.29
N LYS B 339 -94.90 -19.19 -23.31
CA LYS B 339 -93.63 -19.61 -23.88
C LYS B 339 -93.87 -20.63 -24.97
N VAL B 340 -93.13 -20.50 -26.06
CA VAL B 340 -93.22 -21.40 -27.20
C VAL B 340 -92.20 -22.52 -27.02
N PHE B 341 -92.67 -23.76 -27.08
CA PHE B 341 -91.82 -24.93 -26.94
C PHE B 341 -91.89 -25.76 -28.22
N ALA B 342 -90.72 -26.15 -28.72
CA ALA B 342 -90.63 -27.10 -29.83
C ALA B 342 -90.52 -28.48 -29.20
N LEU B 343 -91.63 -29.22 -29.17
CA LEU B 343 -91.66 -30.57 -28.63
C LEU B 343 -91.11 -31.53 -29.65
N ALA B 344 -90.12 -32.33 -29.25
CA ALA B 344 -89.52 -33.29 -30.15
C ALA B 344 -88.94 -34.45 -29.34
N GLY B 345 -88.37 -35.41 -30.03
CA GLY B 345 -87.77 -36.56 -29.39
C GLY B 345 -88.68 -37.77 -29.42
N LYS B 346 -88.73 -38.50 -28.32
CA LYS B 346 -89.62 -39.65 -28.19
C LYS B 346 -90.95 -39.19 -27.60
N ILE B 347 -91.72 -38.50 -28.43
CA ILE B 347 -93.00 -37.94 -28.03
C ILE B 347 -94.07 -38.39 -29.01
N LYS B 348 -95.30 -38.52 -28.52
CA LYS B 348 -96.38 -39.01 -29.36
C LYS B 348 -96.85 -37.94 -30.34
N ARG B 349 -96.94 -36.69 -29.88
CA ARG B 349 -97.39 -35.58 -30.71
C ARG B 349 -96.39 -34.45 -30.55
N GLY B 350 -95.50 -34.29 -31.53
CA GLY B 350 -94.49 -33.26 -31.46
C GLY B 350 -94.78 -32.08 -32.36
N GLY B 351 -94.14 -30.96 -32.12
CA GLY B 351 -94.34 -29.78 -32.92
C GLY B 351 -94.29 -28.53 -32.07
N LEU B 352 -94.79 -27.43 -32.62
CA LEU B 352 -94.82 -26.17 -31.90
C LEU B 352 -95.99 -26.13 -30.95
N VAL B 353 -95.73 -25.78 -29.70
CA VAL B 353 -96.79 -25.53 -28.72
C VAL B 353 -96.50 -24.19 -28.07
N GLU B 354 -97.55 -23.55 -27.56
CA GLU B 354 -97.40 -22.31 -26.80
C GLU B 354 -98.17 -22.45 -25.51
N VAL B 355 -97.44 -22.58 -24.41
CA VAL B 355 -98.05 -22.89 -23.11
C VAL B 355 -97.87 -21.70 -22.17
N PRO B 356 -98.86 -21.41 -21.34
CA PRO B 356 -98.68 -20.34 -20.35
C PRO B 356 -97.64 -20.73 -19.33
N MET B 357 -96.97 -19.72 -18.79
CA MET B 357 -96.00 -19.97 -17.74
C MET B 357 -96.69 -20.51 -16.50
N GLY B 358 -95.97 -21.34 -15.75
CA GLY B 358 -96.53 -22.02 -14.60
C GLY B 358 -97.15 -23.37 -14.91
N MET B 359 -97.27 -23.74 -16.18
CA MET B 359 -97.77 -25.05 -16.54
C MET B 359 -96.74 -26.12 -16.21
N SER B 360 -97.19 -27.21 -15.60
CA SER B 360 -96.28 -28.30 -15.25
C SER B 360 -95.78 -28.99 -16.50
N LEU B 361 -94.52 -29.44 -16.46
CA LEU B 361 -93.97 -30.17 -17.61
C LEU B 361 -94.73 -31.45 -17.86
N ARG B 362 -95.27 -32.07 -16.81
CA ARG B 362 -96.12 -33.24 -16.99
C ARG B 362 -97.35 -32.90 -17.82
N GLU B 363 -97.92 -31.71 -17.61
CA GLU B 363 -99.04 -31.28 -18.43
C GLU B 363 -98.60 -31.02 -19.87
N VAL B 364 -97.37 -30.55 -20.06
CA VAL B 364 -96.89 -30.28 -21.41
C VAL B 364 -96.70 -31.58 -22.18
N ILE B 365 -96.21 -32.62 -21.49
CA ILE B 365 -95.87 -33.87 -22.16
C ILE B 365 -97.07 -34.80 -22.25
N TYR B 366 -97.61 -35.20 -21.10
CA TYR B 366 -98.65 -36.22 -21.07
C TYR B 366 -100.02 -35.71 -21.49
N ASN B 367 -100.25 -34.40 -21.44
CA ASN B 367 -101.55 -33.82 -21.77
C ASN B 367 -101.57 -33.13 -23.13
N ILE B 368 -100.49 -32.46 -23.50
CA ILE B 368 -100.39 -31.81 -24.81
C ILE B 368 -99.68 -32.70 -25.81
N GLY B 369 -98.53 -33.24 -25.44
CA GLY B 369 -97.76 -34.08 -26.34
C GLY B 369 -98.31 -35.47 -26.55
N GLY B 370 -99.29 -35.87 -25.74
CA GLY B 370 -99.93 -37.16 -25.90
C GLY B 370 -99.28 -38.32 -25.19
N GLY B 371 -98.12 -38.11 -24.55
CA GLY B 371 -97.42 -39.16 -23.85
C GLY B 371 -96.06 -39.43 -24.46
N ILE B 372 -95.71 -40.71 -24.56
CA ILE B 372 -94.43 -41.14 -25.10
C ILE B 372 -94.68 -42.04 -26.30
N LYS B 373 -93.85 -41.90 -27.33
CA LYS B 373 -94.00 -42.71 -28.53
C LYS B 373 -93.87 -44.19 -28.18
N ASP B 374 -94.75 -45.00 -28.78
CA ASP B 374 -94.88 -46.43 -28.50
C ASP B 374 -95.31 -46.71 -27.07
N ASP B 375 -95.77 -45.69 -26.34
CA ASP B 375 -96.22 -45.83 -24.95
C ASP B 375 -95.15 -46.48 -24.08
N LYS B 376 -93.90 -46.11 -24.32
CA LYS B 376 -92.79 -46.62 -23.52
C LYS B 376 -92.66 -45.78 -22.25
N ALA B 377 -91.60 -46.02 -21.50
CA ALA B 377 -91.37 -45.26 -20.28
C ALA B 377 -90.93 -43.84 -20.62
N PHE B 378 -90.59 -43.08 -19.58
CA PHE B 378 -90.17 -41.70 -19.75
C PHE B 378 -89.02 -41.43 -18.79
N LYS B 379 -87.88 -41.01 -19.32
CA LYS B 379 -86.68 -40.79 -18.52
C LYS B 379 -86.46 -39.32 -18.19
N ALA B 380 -86.35 -38.46 -19.21
CA ALA B 380 -86.00 -37.07 -18.93
C ALA B 380 -86.46 -36.17 -20.06
N VAL B 381 -86.44 -34.88 -19.78
CA VAL B 381 -86.63 -33.83 -20.78
C VAL B 381 -85.38 -32.98 -20.80
N GLN B 382 -84.80 -32.81 -21.99
CA GLN B 382 -83.65 -31.92 -22.15
C GLN B 382 -84.19 -30.52 -22.43
N MET B 383 -84.28 -29.71 -21.38
CA MET B 383 -84.80 -28.35 -21.50
C MET B 383 -83.62 -27.41 -21.73
N GLY B 384 -83.67 -26.66 -22.84
CA GLY B 384 -82.68 -25.65 -23.15
C GLY B 384 -81.75 -26.02 -24.29
N GLY B 385 -81.49 -27.31 -24.47
CA GLY B 385 -80.60 -27.76 -25.52
C GLY B 385 -79.20 -28.00 -25.00
N PRO B 386 -78.20 -27.69 -25.83
CA PRO B 386 -76.80 -27.88 -25.39
C PRO B 386 -76.44 -27.05 -24.17
N SER B 387 -77.10 -25.93 -23.96
CA SER B 387 -76.89 -25.13 -22.75
C SER B 387 -77.85 -25.52 -21.63
N GLY B 388 -78.84 -26.35 -21.91
CA GLY B 388 -79.83 -26.74 -20.92
C GLY B 388 -79.43 -28.00 -20.18
N GLY B 389 -80.43 -28.63 -19.57
CA GLY B 389 -80.17 -29.80 -18.76
C GLY B 389 -81.34 -30.76 -18.77
N CYS B 390 -81.10 -31.94 -18.20
CA CYS B 390 -82.08 -33.02 -18.20
C CYS B 390 -82.88 -32.99 -16.91
N ILE B 391 -84.15 -32.62 -17.01
CA ILE B 391 -85.08 -32.70 -15.89
C ILE B 391 -85.68 -34.10 -15.90
N PRO B 392 -85.47 -34.91 -14.87
CA PRO B 392 -85.94 -36.31 -14.92
C PRO B 392 -87.42 -36.46 -14.62
N ALA B 393 -87.86 -37.72 -14.54
CA ALA B 393 -89.28 -37.99 -14.33
C ALA B 393 -89.75 -37.52 -12.96
N ASP B 394 -88.89 -37.62 -11.94
CA ASP B 394 -89.31 -37.25 -10.59
C ASP B 394 -89.46 -35.73 -10.44
N LEU B 395 -88.81 -34.95 -11.30
CA LEU B 395 -89.03 -33.51 -11.36
C LEU B 395 -89.93 -33.10 -12.52
N ILE B 396 -90.91 -33.95 -12.87
CA ILE B 396 -91.85 -33.62 -13.93
C ILE B 396 -92.86 -32.56 -13.53
N ASP B 397 -92.99 -32.25 -12.24
CA ASP B 397 -93.99 -31.31 -11.77
C ASP B 397 -93.48 -29.88 -11.70
N THR B 398 -92.25 -29.62 -12.15
CA THR B 398 -91.75 -28.26 -12.15
C THR B 398 -92.53 -27.41 -13.15
N PRO B 399 -93.11 -26.30 -12.74
CA PRO B 399 -93.86 -25.47 -13.68
C PRO B 399 -92.95 -24.82 -14.70
N VAL B 400 -93.52 -24.50 -15.86
CA VAL B 400 -92.78 -23.78 -16.87
C VAL B 400 -92.53 -22.37 -16.35
N ASP B 401 -91.30 -22.10 -15.97
CA ASP B 401 -90.93 -20.85 -15.29
C ASP B 401 -89.42 -20.81 -15.24
N TYR B 402 -88.86 -19.61 -15.41
CA TYR B 402 -87.40 -19.48 -15.45
C TYR B 402 -86.78 -19.95 -14.14
N GLU B 403 -87.34 -19.50 -13.01
CA GLU B 403 -86.77 -19.85 -11.72
C GLU B 403 -86.95 -21.32 -11.39
N SER B 404 -88.14 -21.87 -11.64
CA SER B 404 -88.39 -23.26 -11.32
C SER B 404 -87.54 -24.20 -12.16
N ILE B 405 -87.39 -23.91 -13.45
CA ILE B 405 -86.55 -24.75 -14.31
C ILE B 405 -85.09 -24.57 -13.94
N THR B 406 -84.67 -23.34 -13.63
CA THR B 406 -83.27 -23.10 -13.27
C THR B 406 -82.91 -23.81 -11.97
N LYS B 407 -83.85 -23.93 -11.03
CA LYS B 407 -83.57 -24.62 -9.78
C LYS B 407 -83.29 -26.11 -9.98
N THR B 408 -83.68 -26.67 -11.11
CA THR B 408 -83.44 -28.08 -11.40
C THR B 408 -82.13 -28.32 -12.13
N GLY B 409 -81.32 -27.28 -12.35
CA GLY B 409 -80.07 -27.42 -13.06
C GLY B 409 -80.17 -27.25 -14.55
N ALA B 410 -81.37 -27.17 -15.10
CA ALA B 410 -81.58 -26.89 -16.51
C ALA B 410 -81.84 -25.39 -16.69
N ILE B 411 -82.02 -24.98 -17.93
CA ILE B 411 -82.41 -23.61 -18.25
C ILE B 411 -83.60 -23.66 -19.18
N MET B 412 -84.41 -22.60 -19.13
CA MET B 412 -85.56 -22.51 -20.03
C MET B 412 -85.09 -22.43 -21.48
N GLY B 413 -84.05 -21.64 -21.75
CA GLY B 413 -83.44 -21.59 -23.06
C GLY B 413 -84.37 -21.01 -24.11
N SER B 414 -84.05 -21.33 -25.37
CA SER B 414 -84.89 -20.89 -26.47
C SER B 414 -86.27 -21.51 -26.37
N GLY B 415 -86.34 -22.79 -26.03
CA GLY B 415 -87.62 -23.46 -25.87
C GLY B 415 -87.66 -24.85 -26.44
N GLY B 416 -86.53 -25.35 -26.94
CA GLY B 416 -86.50 -26.73 -27.39
C GLY B 416 -86.81 -27.66 -26.22
N MET B 417 -87.55 -28.73 -26.50
CA MET B 417 -87.99 -29.64 -25.46
C MET B 417 -87.95 -31.04 -26.04
N ILE B 418 -86.84 -31.74 -25.79
CA ILE B 418 -86.60 -33.07 -26.34
C ILE B 418 -86.87 -34.07 -25.24
N VAL B 419 -87.82 -34.97 -25.49
CA VAL B 419 -88.24 -35.97 -24.52
C VAL B 419 -87.49 -37.26 -24.81
N MET B 420 -86.70 -37.73 -23.84
CA MET B 420 -85.92 -38.95 -23.99
C MET B 420 -86.45 -40.01 -23.02
N ASP B 421 -86.80 -41.17 -23.57
CA ASP B 421 -87.41 -42.25 -22.82
C ASP B 421 -86.35 -43.20 -22.30
N GLU B 422 -86.78 -44.38 -21.85
CA GLU B 422 -85.91 -45.35 -21.20
C GLU B 422 -84.88 -45.97 -22.13
N THR B 423 -85.02 -45.80 -23.44
CA THR B 423 -84.08 -46.39 -24.38
C THR B 423 -82.96 -45.44 -24.79
N THR B 424 -82.88 -44.25 -24.19
CA THR B 424 -81.90 -43.25 -24.55
C THR B 424 -80.87 -43.12 -23.43
N CYS B 425 -79.59 -43.32 -23.77
CA CYS B 425 -78.53 -43.23 -22.78
C CYS B 425 -78.24 -41.78 -22.42
N MET B 426 -78.08 -41.53 -21.13
CA MET B 426 -77.79 -40.18 -20.67
C MET B 426 -76.34 -39.78 -20.94
N VAL B 427 -75.42 -40.74 -20.77
CA VAL B 427 -74.02 -40.48 -21.07
C VAL B 427 -73.83 -40.17 -22.55
N ASP B 428 -74.54 -40.90 -23.41
CA ASP B 428 -74.49 -40.64 -24.84
C ASP B 428 -75.03 -39.25 -25.17
N ILE B 429 -76.10 -38.84 -24.49
CA ILE B 429 -76.67 -37.51 -24.73
C ILE B 429 -75.70 -36.42 -24.31
N ALA B 430 -75.08 -36.57 -23.14
CA ALA B 430 -74.09 -35.59 -22.71
C ALA B 430 -72.92 -35.55 -23.69
N ARG B 431 -72.48 -36.71 -24.17
CA ARG B 431 -71.41 -36.75 -25.15
C ARG B 431 -71.81 -36.04 -26.44
N PHE B 432 -73.05 -36.24 -26.89
CA PHE B 432 -73.53 -35.60 -28.11
C PHE B 432 -73.54 -34.08 -27.97
N PHE B 433 -74.05 -33.59 -26.84
CA PHE B 433 -74.11 -32.16 -26.63
C PHE B 433 -72.72 -31.55 -26.52
N LEU B 434 -71.79 -32.26 -25.87
CA LEU B 434 -70.43 -31.75 -25.77
C LEU B 434 -69.72 -31.79 -27.12
N GLU B 435 -70.01 -32.79 -27.95
CA GLU B 435 -69.47 -32.81 -29.29
C GLU B 435 -69.95 -31.62 -30.09
N PHE B 436 -71.25 -31.29 -29.98
CA PHE B 436 -71.77 -30.11 -30.65
C PHE B 436 -71.10 -28.85 -30.12
N THR B 437 -70.90 -28.75 -28.81
CA THR B 437 -70.25 -27.56 -28.25
C THR B 437 -68.83 -27.41 -28.75
N CYS B 438 -68.07 -28.50 -28.76
CA CYS B 438 -66.69 -28.43 -29.27
C CYS B 438 -66.65 -28.11 -30.75
N LYS B 439 -67.64 -28.55 -31.52
CA LYS B 439 -67.64 -28.23 -32.94
C LYS B 439 -68.13 -26.82 -33.23
N GLU B 440 -68.76 -26.15 -32.26
CA GLU B 440 -69.28 -24.81 -32.47
C GLU B 440 -68.65 -23.76 -31.55
N SER B 441 -67.60 -24.11 -30.82
CA SER B 441 -66.92 -23.15 -29.96
C SER B 441 -66.03 -22.24 -30.81
N CYS B 442 -65.94 -20.98 -30.39
CA CYS B 442 -65.15 -20.02 -31.15
C CYS B 442 -63.65 -20.22 -30.96
N GLY B 443 -63.25 -20.94 -29.92
CA GLY B 443 -61.84 -21.24 -29.71
C GLY B 443 -60.98 -20.05 -29.39
N LYS B 444 -61.43 -19.16 -28.51
CA LYS B 444 -60.64 -18.02 -28.08
C LYS B 444 -60.05 -18.23 -26.69
N CYS B 445 -60.85 -18.69 -25.74
CA CYS B 445 -60.40 -18.91 -24.37
C CYS B 445 -60.18 -20.40 -24.12
N THR B 446 -59.09 -20.71 -23.41
CA THR B 446 -58.67 -22.09 -23.22
C THR B 446 -59.69 -22.91 -22.44
N TYR B 447 -60.54 -22.27 -21.62
CA TYR B 447 -61.51 -23.01 -20.83
C TYR B 447 -62.56 -23.65 -21.73
N CYS B 448 -63.10 -22.89 -22.68
CA CYS B 448 -64.00 -23.47 -23.67
C CYS B 448 -63.26 -24.23 -24.75
N ARG B 449 -62.06 -23.77 -25.11
CA ARG B 449 -61.35 -24.37 -26.24
C ARG B 449 -60.80 -25.75 -25.89
N VAL B 450 -60.26 -25.91 -24.68
CA VAL B 450 -59.63 -27.15 -24.27
C VAL B 450 -60.48 -27.91 -23.25
N GLY B 451 -61.13 -27.20 -22.34
CA GLY B 451 -61.93 -27.86 -21.33
C GLY B 451 -63.07 -28.66 -21.93
N THR B 452 -63.77 -28.08 -22.90
CA THR B 452 -64.87 -28.79 -23.54
C THR B 452 -64.36 -30.01 -24.31
N ARG B 453 -63.23 -29.85 -25.00
CA ARG B 453 -62.68 -30.99 -25.74
C ARG B 453 -62.24 -32.10 -24.80
N ARG B 454 -61.62 -31.74 -23.67
CA ARG B 454 -61.19 -32.75 -22.71
C ARG B 454 -62.38 -33.46 -22.07
N MET B 455 -63.43 -32.70 -21.75
CA MET B 455 -64.66 -33.31 -21.25
C MET B 455 -65.25 -34.27 -22.27
N LEU B 456 -65.22 -33.87 -23.55
CA LEU B 456 -65.68 -34.77 -24.61
C LEU B 456 -64.84 -36.03 -24.67
N GLU B 457 -63.52 -35.90 -24.48
CA GLU B 457 -62.65 -37.07 -24.48
C GLU B 457 -62.98 -38.01 -23.32
N ILE B 458 -63.26 -37.45 -22.15
CA ILE B 458 -63.63 -38.27 -21.00
C ILE B 458 -64.93 -39.01 -21.28
N LEU B 459 -65.92 -38.31 -21.83
CA LEU B 459 -67.19 -38.94 -22.12
C LEU B 459 -67.05 -39.99 -23.22
N ASP B 460 -66.19 -39.75 -24.20
CA ASP B 460 -65.92 -40.76 -25.23
C ASP B 460 -65.27 -42.00 -24.62
N ARG B 461 -64.34 -41.81 -23.68
CA ARG B 461 -63.74 -42.95 -23.00
C ARG B 461 -64.77 -43.72 -22.21
N ILE B 462 -65.69 -43.01 -21.55
CA ILE B 462 -66.74 -43.69 -20.81
C ILE B 462 -67.66 -44.47 -21.74
N CYS B 463 -68.06 -43.86 -22.85
CA CYS B 463 -68.99 -44.51 -23.78
C CYS B 463 -68.33 -45.67 -24.52
N ASN B 464 -67.04 -45.59 -24.79
CA ASN B 464 -66.33 -46.59 -25.57
C ASN B 464 -65.89 -47.79 -24.73
N GLY B 465 -66.19 -47.79 -23.43
CA GLY B 465 -65.77 -48.87 -22.58
C GLY B 465 -64.35 -48.78 -22.09
N GLU B 466 -63.64 -47.71 -22.41
CA GLU B 466 -62.26 -47.53 -21.97
C GLU B 466 -62.17 -46.61 -20.76
N GLY B 467 -63.30 -46.25 -20.16
CA GLY B 467 -63.32 -45.31 -19.06
C GLY B 467 -62.64 -45.84 -17.82
N ARG B 468 -61.48 -45.28 -17.50
CA ARG B 468 -60.77 -45.66 -16.28
C ARG B 468 -61.55 -45.22 -15.05
N ASP B 469 -61.46 -46.03 -13.99
CA ASP B 469 -62.11 -45.66 -12.73
C ASP B 469 -61.47 -44.40 -12.16
N GLY B 470 -62.30 -43.55 -11.59
CA GLY B 470 -61.86 -42.26 -11.12
C GLY B 470 -62.02 -41.14 -12.12
N ASP B 471 -63.08 -41.16 -12.93
CA ASP B 471 -63.31 -40.14 -13.94
C ASP B 471 -64.59 -39.34 -13.71
N LEU B 472 -65.46 -39.77 -12.80
CA LEU B 472 -66.66 -39.00 -12.53
C LEU B 472 -66.34 -37.70 -11.81
N GLU B 473 -65.53 -37.78 -10.75
CA GLU B 473 -65.18 -36.57 -10.01
C GLU B 473 -64.31 -35.64 -10.83
N LEU B 474 -63.44 -36.20 -11.68
CA LEU B 474 -62.64 -35.35 -12.55
C LEU B 474 -63.49 -34.69 -13.61
N LEU B 475 -64.50 -35.40 -14.13
CA LEU B 475 -65.45 -34.78 -15.05
C LEU B 475 -66.22 -33.65 -14.37
N GLU B 476 -66.65 -33.86 -13.13
CA GLU B 476 -67.34 -32.82 -12.39
C GLU B 476 -66.44 -31.61 -12.17
N GLU B 477 -65.18 -31.85 -11.83
CA GLU B 477 -64.24 -30.76 -11.61
C GLU B 477 -63.98 -29.98 -12.90
N LEU B 478 -63.83 -30.69 -14.02
CA LEU B 478 -63.71 -30.00 -15.31
C LEU B 478 -64.96 -29.17 -15.60
N ALA B 479 -66.13 -29.72 -15.33
CA ALA B 479 -67.36 -28.98 -15.61
C ALA B 479 -67.45 -27.71 -14.77
N VAL B 480 -67.11 -27.81 -13.48
CA VAL B 480 -67.17 -26.63 -12.63
C VAL B 480 -66.12 -25.60 -13.04
N SER B 481 -64.92 -26.05 -13.39
CA SER B 481 -63.89 -25.11 -13.81
C SER B 481 -64.27 -24.41 -15.11
N VAL B 482 -64.81 -25.16 -16.07
CA VAL B 482 -65.21 -24.59 -17.35
C VAL B 482 -66.38 -23.64 -17.18
N LYS B 483 -67.30 -23.97 -16.29
CA LYS B 483 -68.47 -23.11 -16.06
C LYS B 483 -68.07 -21.77 -15.47
N ASP B 484 -67.08 -21.75 -14.58
CA ASP B 484 -66.74 -20.55 -13.83
C ASP B 484 -65.53 -19.82 -14.39
N GLY B 485 -65.05 -20.19 -15.57
CA GLY B 485 -63.86 -19.55 -16.09
C GLY B 485 -63.92 -19.13 -17.55
N SER B 486 -64.94 -19.58 -18.28
CA SER B 486 -65.01 -19.24 -19.69
C SER B 486 -65.45 -17.79 -19.88
N LEU B 487 -65.23 -17.28 -21.09
CA LEU B 487 -65.52 -15.89 -21.40
C LEU B 487 -67.00 -15.66 -21.66
N CYS B 488 -67.54 -16.29 -22.69
CA CYS B 488 -68.91 -16.06 -23.13
C CYS B 488 -69.81 -17.18 -22.62
N GLY B 489 -71.09 -17.08 -22.96
CA GLY B 489 -72.08 -18.01 -22.44
C GLY B 489 -72.06 -19.37 -23.09
N LEU B 490 -71.35 -19.54 -24.20
CA LEU B 490 -71.22 -20.87 -24.79
C LEU B 490 -70.44 -21.80 -23.88
N GLY B 491 -69.35 -21.32 -23.28
CA GLY B 491 -68.56 -22.16 -22.39
C GLY B 491 -69.08 -22.19 -20.98
N GLN B 492 -69.73 -21.11 -20.53
CA GLN B 492 -70.28 -21.08 -19.18
C GLN B 492 -71.54 -21.92 -19.06
N THR B 493 -72.14 -22.32 -20.18
CA THR B 493 -73.33 -23.16 -20.16
C THR B 493 -73.12 -24.50 -20.84
N ALA B 494 -71.97 -24.71 -21.49
CA ALA B 494 -71.67 -26.01 -22.07
C ALA B 494 -71.68 -27.15 -21.06
N PRO B 495 -71.11 -27.03 -19.85
CA PRO B 495 -71.12 -28.16 -18.91
C PRO B 495 -72.49 -28.51 -18.36
N ASN B 496 -73.54 -27.77 -18.71
CA ASN B 496 -74.85 -28.00 -18.10
C ASN B 496 -75.39 -29.40 -18.37
N PRO B 497 -75.37 -29.94 -19.59
CA PRO B 497 -75.83 -31.34 -19.75
C PRO B 497 -75.01 -32.33 -18.95
N VAL B 498 -73.69 -32.10 -18.84
CA VAL B 498 -72.84 -33.00 -18.06
C VAL B 498 -73.12 -32.86 -16.58
N LEU B 499 -73.33 -31.62 -16.13
CA LEU B 499 -73.60 -31.38 -14.71
C LEU B 499 -74.95 -31.94 -14.29
N THR B 500 -75.96 -31.81 -15.15
CA THR B 500 -77.29 -32.32 -14.81
C THR B 500 -77.34 -33.83 -14.87
N THR B 501 -76.79 -34.43 -15.93
CA THR B 501 -76.80 -35.87 -16.06
C THR B 501 -76.01 -36.56 -14.95
N LEU B 502 -75.03 -35.86 -14.38
CA LEU B 502 -74.27 -36.42 -13.27
C LEU B 502 -74.96 -36.22 -11.93
N ARG B 503 -76.11 -35.53 -11.91
CA ARG B 503 -76.85 -35.32 -10.68
C ARG B 503 -78.05 -36.25 -10.55
N TYR B 504 -78.84 -36.38 -11.61
CA TYR B 504 -80.01 -37.24 -11.57
C TYR B 504 -79.77 -38.62 -12.16
N PHE B 505 -78.74 -38.78 -12.99
CA PHE B 505 -78.47 -40.04 -13.68
C PHE B 505 -77.01 -40.45 -13.48
N LYS B 506 -76.53 -40.37 -12.25
CA LYS B 506 -75.15 -40.76 -11.99
C LYS B 506 -74.97 -42.27 -12.07
N ASP B 507 -76.00 -43.03 -11.73
CA ASP B 507 -75.89 -44.48 -11.76
C ASP B 507 -75.65 -44.99 -13.17
N GLU B 508 -76.12 -44.27 -14.19
CA GLU B 508 -75.79 -44.64 -15.56
C GLU B 508 -74.29 -44.52 -15.81
N TYR B 509 -73.68 -43.44 -15.31
CA TYR B 509 -72.23 -43.28 -15.42
C TYR B 509 -71.50 -44.39 -14.67
N ILE B 510 -72.00 -44.73 -13.48
CA ILE B 510 -71.36 -45.78 -12.69
C ILE B 510 -71.43 -47.12 -13.43
N ALA B 511 -72.59 -47.45 -13.99
CA ALA B 511 -72.73 -48.69 -14.74
C ALA B 511 -71.86 -48.69 -15.98
N HIS B 512 -71.75 -47.55 -16.67
CA HIS B 512 -70.85 -47.45 -17.82
C HIS B 512 -69.40 -47.63 -17.39
N ILE B 513 -69.06 -47.24 -16.17
CA ILE B 513 -67.68 -47.24 -15.69
C ILE B 513 -67.37 -48.48 -14.86
N ARG B 514 -68.20 -48.78 -13.87
CA ARG B 514 -67.92 -49.90 -12.98
C ARG B 514 -68.23 -51.23 -13.64
N ASP B 515 -69.49 -51.45 -14.01
CA ASP B 515 -69.90 -52.70 -14.63
C ASP B 515 -69.59 -52.78 -16.11
N LYS B 516 -69.24 -51.65 -16.73
CA LYS B 516 -68.99 -51.59 -18.18
C LYS B 516 -70.19 -52.15 -18.95
N LYS B 517 -71.39 -51.74 -18.55
CA LYS B 517 -72.62 -52.13 -19.22
C LYS B 517 -73.48 -50.89 -19.44
N CYS B 518 -74.28 -50.93 -20.50
CA CYS B 518 -75.14 -49.82 -20.85
C CYS B 518 -76.55 -50.09 -20.38
N PRO B 519 -77.08 -49.37 -19.39
CA PRO B 519 -78.45 -49.63 -18.95
C PRO B 519 -79.50 -49.42 -20.03
N ALA B 520 -79.28 -48.49 -20.95
CA ALA B 520 -80.23 -48.22 -22.03
C ALA B 520 -79.90 -48.96 -23.31
N LYS B 521 -78.77 -49.68 -23.36
CA LYS B 521 -78.34 -50.42 -24.55
C LYS B 521 -78.30 -49.52 -25.78
N GLN B 522 -77.45 -48.52 -25.72
CA GLN B 522 -77.29 -47.57 -26.82
C GLN B 522 -75.84 -47.42 -27.28
N CYS B 523 -74.89 -47.43 -26.36
CA CYS B 523 -73.48 -47.30 -26.74
C CYS B 523 -72.99 -48.62 -27.34
N LYS B 524 -72.51 -48.55 -28.58
CA LYS B 524 -72.20 -49.77 -29.32
C LYS B 524 -71.12 -50.58 -28.64
N ALA B 525 -70.10 -49.92 -28.12
CA ALA B 525 -68.98 -50.65 -27.52
C ALA B 525 -69.30 -51.25 -26.18
N LEU B 526 -70.55 -51.22 -25.72
CA LEU B 526 -70.90 -51.80 -24.43
C LEU B 526 -72.11 -52.72 -24.49
N ILE B 527 -72.56 -53.09 -25.69
CA ILE B 527 -73.71 -53.96 -25.86
C ILE B 527 -73.30 -55.18 -26.68
N THR B 528 -74.23 -56.13 -26.80
CA THR B 528 -73.99 -57.34 -27.55
C THR B 528 -75.30 -57.82 -28.18
N TYR B 529 -75.23 -58.17 -29.46
CA TYR B 529 -76.36 -58.73 -30.19
C TYR B 529 -76.16 -60.24 -30.28
N SER B 530 -77.10 -61.00 -29.70
CA SER B 530 -77.00 -62.44 -29.69
C SER B 530 -78.30 -63.05 -30.18
N ILE B 531 -78.20 -64.16 -30.89
CA ILE B 531 -79.35 -64.83 -31.49
C ILE B 531 -79.71 -66.03 -30.62
N LEU B 532 -80.92 -66.04 -30.09
CA LEU B 532 -81.41 -67.22 -29.39
C LEU B 532 -81.76 -68.29 -30.41
N PRO B 533 -81.14 -69.48 -30.34
CA PRO B 533 -81.42 -70.50 -31.36
C PRO B 533 -82.88 -70.93 -31.43
N GLU B 534 -83.59 -70.95 -30.30
CA GLU B 534 -84.99 -71.37 -30.33
C GLU B 534 -85.86 -70.38 -31.11
N LYS B 535 -85.61 -69.09 -30.93
CA LYS B 535 -86.50 -68.09 -31.51
C LYS B 535 -86.30 -67.92 -33.01
N CYS B 536 -85.10 -68.19 -33.50
CA CYS B 536 -84.79 -67.97 -34.91
C CYS B 536 -85.54 -68.96 -35.80
N THR B 537 -85.83 -68.53 -37.03
CA THR B 537 -86.49 -69.37 -38.01
C THR B 537 -85.67 -69.53 -39.29
N GLY B 538 -84.48 -68.94 -39.36
CA GLY B 538 -83.61 -69.13 -40.50
C GLY B 538 -84.13 -68.59 -41.81
N CYS B 539 -84.81 -67.43 -41.79
CA CYS B 539 -85.29 -66.84 -43.02
C CYS B 539 -84.19 -66.15 -43.82
N GLY B 540 -83.07 -65.83 -43.17
CA GLY B 540 -81.94 -65.22 -43.85
C GLY B 540 -82.05 -63.73 -44.08
N LEU B 541 -83.10 -63.07 -43.61
CA LEU B 541 -83.24 -61.63 -43.80
C LEU B 541 -82.11 -60.89 -43.10
N CYS B 542 -81.86 -61.22 -41.83
CA CYS B 542 -80.79 -60.55 -41.10
C CYS B 542 -79.43 -60.82 -41.73
N ALA B 543 -79.19 -62.06 -42.15
CA ALA B 543 -77.92 -62.40 -42.78
C ALA B 543 -77.71 -61.61 -44.06
N ARG B 544 -78.75 -61.46 -44.87
CA ARG B 544 -78.62 -60.70 -46.10
C ARG B 544 -78.58 -59.20 -45.85
N LYS B 545 -79.05 -58.74 -44.69
CA LYS B 545 -79.06 -57.33 -44.37
C LYS B 545 -77.78 -56.85 -43.69
N CYS B 546 -76.87 -57.75 -43.33
CA CYS B 546 -75.65 -57.34 -42.66
C CYS B 546 -74.71 -56.62 -43.62
N PRO B 547 -74.29 -55.39 -43.32
CA PRO B 547 -73.21 -54.79 -44.10
C PRO B 547 -71.91 -55.56 -44.02
N THR B 548 -71.65 -56.23 -42.90
CA THR B 548 -70.44 -57.00 -42.70
C THR B 548 -70.63 -58.49 -42.87
N LYS B 549 -71.83 -58.93 -43.27
CA LYS B 549 -72.12 -60.35 -43.48
C LYS B 549 -71.75 -61.19 -42.25
N ALA B 550 -72.08 -60.66 -41.07
CA ALA B 550 -71.70 -61.34 -39.83
C ALA B 550 -72.47 -62.63 -39.64
N ILE B 551 -73.79 -62.58 -39.79
CA ILE B 551 -74.63 -63.71 -39.44
C ILE B 551 -74.63 -64.73 -40.56
N THR B 552 -74.26 -65.97 -40.25
CA THR B 552 -74.24 -67.07 -41.19
C THR B 552 -75.03 -68.23 -40.62
N GLY B 553 -75.60 -69.04 -41.52
CA GLY B 553 -76.34 -70.21 -41.09
C GLY B 553 -77.05 -70.85 -42.26
N GLU B 554 -77.68 -71.98 -41.97
CA GLU B 554 -78.40 -72.73 -42.98
C GLU B 554 -79.88 -72.34 -42.97
N ARG B 555 -80.59 -72.76 -44.03
CA ARG B 555 -82.01 -72.45 -44.14
C ARG B 555 -82.81 -73.22 -43.10
N LEU B 556 -83.78 -72.53 -42.50
CA LEU B 556 -84.65 -73.10 -41.46
C LEU B 556 -83.86 -73.65 -40.28
N LYS B 557 -82.66 -73.10 -40.08
CA LYS B 557 -81.78 -73.46 -38.98
C LYS B 557 -81.39 -72.18 -38.27
N PRO B 558 -81.21 -72.22 -36.94
CA PRO B 558 -80.92 -70.98 -36.21
C PRO B 558 -79.59 -70.39 -36.65
N HIS B 559 -79.63 -69.12 -37.06
CA HIS B 559 -78.43 -68.43 -37.48
C HIS B 559 -77.52 -68.15 -36.29
N VAL B 560 -76.21 -68.14 -36.56
CA VAL B 560 -75.21 -67.87 -35.55
C VAL B 560 -74.47 -66.60 -35.93
N ILE B 561 -74.36 -65.67 -34.98
CA ILE B 561 -73.72 -64.39 -35.25
C ILE B 561 -72.21 -64.56 -35.28
N ASP B 562 -71.54 -63.60 -35.91
CA ASP B 562 -70.08 -63.53 -35.93
C ASP B 562 -69.68 -62.31 -35.11
N GLN B 563 -69.46 -62.52 -33.81
CA GLN B 563 -69.13 -61.43 -32.92
C GLN B 563 -67.82 -60.75 -33.29
N SER B 564 -66.94 -61.47 -34.00
CA SER B 564 -65.66 -60.88 -34.42
C SER B 564 -65.87 -59.75 -35.42
N LYS B 565 -66.82 -59.92 -36.35
CA LYS B 565 -67.07 -58.96 -37.42
C LYS B 565 -68.43 -58.31 -37.30
N CYS B 566 -68.87 -58.04 -36.07
CA CYS B 566 -70.15 -57.38 -35.83
C CYS B 566 -69.88 -55.92 -35.47
N THR B 567 -70.44 -55.01 -36.26
CA THR B 567 -70.27 -53.58 -36.04
C THR B 567 -71.36 -52.98 -35.16
N LYS B 568 -72.26 -53.81 -34.64
CA LYS B 568 -73.29 -53.37 -33.70
C LYS B 568 -74.17 -52.27 -34.29
N CYS B 569 -74.48 -52.39 -35.59
CA CYS B 569 -75.31 -51.39 -36.25
C CYS B 569 -76.79 -51.54 -35.91
N GLY B 570 -77.18 -52.65 -35.31
CA GLY B 570 -78.56 -52.82 -34.88
C GLY B 570 -79.55 -53.13 -35.98
N THR B 571 -79.08 -53.55 -37.15
CA THR B 571 -79.99 -53.88 -38.24
C THR B 571 -80.81 -55.13 -37.95
N CYS B 572 -80.25 -56.07 -37.19
CA CYS B 572 -80.96 -57.32 -36.91
C CYS B 572 -82.28 -57.06 -36.22
N MET B 573 -82.30 -56.18 -35.21
CA MET B 573 -83.55 -55.89 -34.51
C MET B 573 -84.57 -55.27 -35.45
N ASN B 574 -84.12 -54.40 -36.36
CA ASN B 574 -85.04 -53.77 -37.29
C ASN B 574 -85.60 -54.76 -38.30
N VAL B 575 -84.82 -55.77 -38.68
CA VAL B 575 -85.22 -56.66 -39.76
C VAL B 575 -85.84 -57.98 -39.30
N CYS B 576 -85.59 -58.40 -38.07
CA CYS B 576 -86.15 -59.65 -37.56
C CYS B 576 -87.49 -59.36 -36.89
N ARG B 577 -88.56 -59.87 -37.47
CA ARG B 577 -89.91 -59.70 -36.93
C ARG B 577 -90.29 -60.78 -35.94
N PHE B 578 -89.44 -61.79 -35.73
CA PHE B 578 -89.75 -62.90 -34.84
C PHE B 578 -89.17 -62.72 -33.45
N GLY B 579 -88.51 -61.60 -33.17
CA GLY B 579 -87.91 -61.39 -31.88
C GLY B 579 -86.79 -62.36 -31.56
N ALA B 580 -86.01 -62.77 -32.56
CA ALA B 580 -84.95 -63.74 -32.35
C ALA B 580 -83.68 -63.08 -31.81
N VAL B 581 -83.37 -61.88 -32.29
CA VAL B 581 -82.14 -61.19 -31.90
C VAL B 581 -82.40 -60.44 -30.61
N ASN B 582 -81.50 -60.59 -29.65
CA ASN B 582 -81.60 -59.95 -28.34
C ASN B 582 -80.35 -59.11 -28.11
N VAL B 583 -80.56 -57.86 -27.70
CA VAL B 583 -79.48 -56.95 -27.35
C VAL B 583 -79.35 -56.89 -25.84
N GLU B 584 -78.12 -56.96 -25.36
CA GLU B 584 -77.87 -56.97 -23.92
C GLU B 584 -76.41 -56.65 -23.60
N ASP C 22 -62.11 -19.14 -62.45
CA ASP C 22 -62.48 -17.93 -63.15
C ASP C 22 -62.53 -16.74 -62.19
N LEU C 23 -62.27 -15.55 -62.71
CA LEU C 23 -62.28 -14.33 -61.90
C LEU C 23 -62.97 -13.21 -62.68
N SER C 24 -64.11 -13.52 -63.30
CA SER C 24 -64.82 -12.52 -64.08
C SER C 24 -66.22 -12.24 -63.56
N LEU C 25 -66.91 -13.24 -63.01
CA LEU C 25 -68.28 -13.05 -62.53
C LEU C 25 -68.34 -12.28 -61.23
N LEU C 26 -67.21 -12.04 -60.57
CA LEU C 26 -67.21 -11.39 -59.26
C LEU C 26 -67.41 -9.89 -59.35
N ASP C 27 -67.38 -9.31 -60.54
CA ASP C 27 -67.47 -7.85 -60.67
C ASP C 27 -68.80 -7.30 -60.15
N PRO C 28 -69.98 -7.79 -60.57
CA PRO C 28 -71.22 -7.20 -60.03
C PRO C 28 -71.41 -7.47 -58.55
N VAL C 29 -71.00 -8.65 -58.08
CA VAL C 29 -71.12 -8.99 -56.67
C VAL C 29 -70.29 -8.03 -55.83
N LEU C 30 -69.07 -7.75 -56.28
CA LEU C 30 -68.20 -6.84 -55.55
C LEU C 30 -68.65 -5.39 -55.70
N ASP C 31 -69.29 -5.05 -56.82
CA ASP C 31 -69.72 -3.67 -57.03
C ASP C 31 -70.94 -3.34 -56.19
N GLU C 32 -71.85 -4.30 -56.02
CA GLU C 32 -73.03 -4.02 -55.21
C GLU C 32 -72.73 -3.98 -53.72
N TYR C 33 -71.52 -4.34 -53.31
CA TYR C 33 -71.12 -4.31 -51.91
C TYR C 33 -69.84 -3.50 -51.71
N LYS C 34 -69.56 -2.57 -52.62
CA LYS C 34 -68.34 -1.80 -52.56
C LYS C 34 -68.52 -0.56 -51.68
N GLY C 35 -67.41 -0.13 -51.07
CA GLY C 35 -67.39 1.05 -50.25
C GLY C 35 -67.43 0.80 -48.75
N GLU C 36 -67.86 -0.38 -48.33
CA GLU C 36 -67.94 -0.74 -46.92
C GLU C 36 -67.21 -2.05 -46.69
N LYS C 37 -66.32 -2.06 -45.69
CA LYS C 37 -65.61 -3.27 -45.30
C LYS C 37 -66.39 -4.10 -44.29
N SER C 38 -67.69 -3.86 -44.16
CA SER C 38 -68.55 -4.64 -43.30
C SER C 38 -69.45 -5.61 -44.07
N ASN C 39 -69.35 -5.63 -45.40
CA ASN C 39 -70.14 -6.52 -46.23
C ASN C 39 -69.35 -7.73 -46.71
N ILE C 40 -68.22 -8.01 -46.06
CA ILE C 40 -67.31 -9.02 -46.56
C ILE C 40 -67.95 -10.42 -46.51
N ILE C 41 -68.74 -10.70 -45.48
CA ILE C 41 -69.37 -12.01 -45.38
C ILE C 41 -70.40 -12.19 -46.49
N ALA C 42 -71.13 -11.12 -46.84
CA ALA C 42 -72.06 -11.19 -47.95
C ALA C 42 -71.32 -11.44 -49.27
N ILE C 43 -70.16 -10.80 -49.44
CA ILE C 43 -69.36 -11.02 -50.63
C ILE C 43 -68.89 -12.46 -50.70
N LEU C 44 -68.47 -13.03 -49.57
CA LEU C 44 -68.07 -14.43 -49.55
C LEU C 44 -69.24 -15.36 -49.87
N GLN C 45 -70.42 -15.05 -49.34
CA GLN C 45 -71.60 -15.87 -49.64
C GLN C 45 -71.93 -15.83 -51.12
N LYS C 46 -71.88 -14.64 -51.73
CA LYS C 46 -72.13 -14.54 -53.16
C LYS C 46 -71.04 -15.24 -53.97
N THR C 47 -69.79 -15.16 -53.51
CA THR C 47 -68.70 -15.86 -54.19
C THR C 47 -68.90 -17.37 -54.15
N GLN C 48 -69.33 -17.89 -53.01
CA GLN C 48 -69.59 -19.32 -52.91
C GLN C 48 -70.77 -19.72 -53.77
N GLU C 49 -71.77 -18.84 -53.88
CA GLU C 49 -72.87 -19.11 -54.81
C GLU C 49 -72.39 -19.17 -56.24
N ILE C 50 -71.50 -18.25 -56.64
CA ILE C 50 -71.04 -18.18 -58.02
C ILE C 50 -70.15 -19.37 -58.37
N TYR C 51 -69.16 -19.66 -57.52
CA TYR C 51 -68.12 -20.61 -57.86
C TYR C 51 -68.32 -21.99 -57.24
N ARG C 52 -69.38 -22.18 -56.46
CA ARG C 52 -69.70 -23.42 -55.75
C ARG C 52 -68.67 -23.78 -54.69
N PHE C 53 -67.64 -22.94 -54.50
CA PHE C 53 -66.65 -23.06 -53.43
C PHE C 53 -65.91 -21.74 -53.37
N LEU C 54 -64.95 -21.64 -52.45
CA LEU C 54 -64.19 -20.41 -52.30
C LEU C 54 -62.81 -20.60 -52.90
N PRO C 55 -62.51 -20.01 -54.05
CA PRO C 55 -61.16 -20.12 -54.62
C PRO C 55 -60.22 -19.08 -54.04
N LEU C 56 -58.94 -19.47 -53.93
CA LEU C 56 -57.96 -18.59 -53.32
C LEU C 56 -57.72 -17.34 -54.16
N ASP C 57 -57.74 -17.48 -55.49
CA ASP C 57 -57.59 -16.31 -56.34
C ASP C 57 -58.78 -15.36 -56.17
N ALA C 58 -59.98 -15.91 -56.02
CA ALA C 58 -61.15 -15.07 -55.77
C ALA C 58 -61.01 -14.34 -54.44
N LEU C 59 -60.48 -15.01 -53.41
CA LEU C 59 -60.24 -14.34 -52.14
C LEU C 59 -59.20 -13.24 -52.29
N ASN C 60 -58.17 -13.47 -53.10
CA ASN C 60 -57.19 -12.43 -53.38
C ASN C 60 -57.85 -11.22 -54.03
N TYR C 61 -58.73 -11.47 -55.01
CA TYR C 61 -59.42 -10.38 -55.68
C TYR C 61 -60.32 -9.61 -54.72
N ILE C 62 -61.03 -10.33 -53.86
CA ILE C 62 -61.90 -9.69 -52.88
C ILE C 62 -61.09 -8.81 -51.94
N SER C 63 -59.94 -9.32 -51.49
CA SER C 63 -59.09 -8.51 -50.62
C SER C 63 -58.55 -7.29 -51.34
N GLU C 64 -58.21 -7.44 -52.63
CA GLU C 64 -57.66 -6.32 -53.38
C GLU C 64 -58.69 -5.22 -53.59
N LYS C 65 -59.92 -5.60 -53.96
CA LYS C 65 -60.90 -4.59 -54.31
C LYS C 65 -61.64 -4.06 -53.08
N THR C 66 -62.09 -4.95 -52.21
CA THR C 66 -62.82 -4.53 -51.02
C THR C 66 -61.95 -3.71 -50.08
N GLY C 67 -60.63 -3.94 -50.09
CA GLY C 67 -59.73 -3.26 -49.20
C GLY C 67 -59.52 -3.94 -47.87
N VAL C 68 -60.05 -5.14 -47.69
CA VAL C 68 -59.87 -5.91 -46.46
C VAL C 68 -58.60 -6.74 -46.58
N LYS C 69 -57.90 -6.90 -45.47
CA LYS C 69 -56.65 -7.65 -45.47
C LYS C 69 -56.93 -9.12 -45.78
N LYS C 70 -55.97 -9.75 -46.47
CA LYS C 70 -56.12 -11.15 -46.87
C LYS C 70 -56.24 -12.07 -45.66
N ALA C 71 -55.55 -11.74 -44.57
CA ALA C 71 -55.64 -12.55 -43.36
C ALA C 71 -57.06 -12.57 -42.81
N LYS C 72 -57.73 -11.41 -42.80
CA LYS C 72 -59.10 -11.37 -42.32
C LYS C 72 -60.04 -12.14 -43.24
N ILE C 73 -59.79 -12.08 -44.55
CA ILE C 73 -60.61 -12.85 -45.49
C ILE C 73 -60.49 -14.34 -45.20
N TYR C 74 -59.24 -14.81 -45.02
CA TYR C 74 -59.05 -16.22 -44.71
C TYR C 74 -59.67 -16.58 -43.37
N GLY C 75 -59.58 -15.68 -42.39
CA GLY C 75 -60.16 -15.95 -41.10
C GLY C 75 -61.67 -16.12 -41.16
N ILE C 76 -62.35 -15.21 -41.85
CA ILE C 76 -63.79 -15.34 -42.01
C ILE C 76 -64.13 -16.60 -42.79
N ALA C 77 -63.37 -16.88 -43.86
CA ALA C 77 -63.68 -18.03 -44.71
C ALA C 77 -63.52 -19.34 -43.95
N THR C 78 -62.57 -19.41 -43.02
CA THR C 78 -62.34 -20.63 -42.27
C THR C 78 -63.08 -20.65 -40.94
N PHE C 79 -63.73 -19.55 -40.54
CA PHE C 79 -64.45 -19.55 -39.28
C PHE C 79 -65.84 -20.16 -39.40
N TYR C 80 -66.53 -19.89 -40.50
CA TYR C 80 -67.93 -20.25 -40.64
C TYR C 80 -68.09 -21.59 -41.35
N ALA C 81 -69.12 -22.32 -40.95
CA ALA C 81 -69.34 -23.66 -41.49
C ALA C 81 -69.88 -23.64 -42.90
N GLN C 82 -70.59 -22.58 -43.28
CA GLN C 82 -71.15 -22.51 -44.63
C GLN C 82 -70.06 -22.42 -45.69
N PHE C 83 -68.86 -21.98 -45.34
CA PHE C 83 -67.80 -21.76 -46.29
C PHE C 83 -66.94 -23.01 -46.45
N ARG C 84 -66.71 -23.41 -47.69
CA ARG C 84 -65.92 -24.59 -48.02
C ARG C 84 -64.79 -24.19 -48.94
N LEU C 85 -63.57 -24.61 -48.61
CA LEU C 85 -62.40 -24.22 -49.38
C LEU C 85 -62.06 -25.21 -50.49
N LYS C 86 -62.72 -26.35 -50.55
CA LYS C 86 -62.47 -27.38 -51.55
C LYS C 86 -63.71 -27.56 -52.42
N PRO C 87 -63.54 -28.05 -53.65
CA PRO C 87 -64.71 -28.34 -54.48
C PRO C 87 -65.60 -29.39 -53.84
N VAL C 88 -66.90 -29.26 -54.04
CA VAL C 88 -67.90 -30.13 -53.46
C VAL C 88 -68.59 -30.90 -54.58
N GLY C 89 -68.81 -32.19 -54.36
CA GLY C 89 -69.39 -33.05 -55.38
C GLY C 89 -70.78 -32.62 -55.79
N LYS C 90 -71.30 -33.32 -56.80
CA LYS C 90 -72.57 -32.92 -57.42
C LYS C 90 -73.73 -32.99 -56.43
N TYR C 91 -73.83 -34.08 -55.68
CA TYR C 91 -74.92 -34.28 -54.74
C TYR C 91 -74.43 -34.01 -53.32
N VAL C 92 -75.19 -33.21 -52.59
CA VAL C 92 -74.88 -32.88 -51.20
C VAL C 92 -75.89 -33.58 -50.31
N ILE C 93 -75.41 -34.34 -49.33
CA ILE C 93 -76.27 -35.09 -48.43
C ILE C 93 -76.22 -34.37 -47.08
N LEU C 94 -77.16 -33.44 -46.88
CA LEU C 94 -77.32 -32.80 -45.60
C LEU C 94 -78.00 -33.77 -44.65
N GLN C 95 -77.20 -34.48 -43.85
CA GLN C 95 -77.73 -35.46 -42.90
C GLN C 95 -77.93 -34.76 -41.57
N CYS C 96 -79.19 -34.52 -41.21
CA CYS C 96 -79.50 -33.78 -40.00
C CYS C 96 -79.00 -34.53 -38.77
N GLN C 97 -78.40 -33.79 -37.84
CA GLN C 97 -77.86 -34.33 -36.61
C GLN C 97 -78.32 -33.52 -35.41
N GLY C 98 -79.56 -33.04 -35.46
CA GLY C 98 -80.14 -32.33 -34.35
C GLY C 98 -80.47 -33.28 -33.22
N THR C 99 -80.93 -32.70 -32.10
CA THR C 99 -81.21 -33.50 -30.92
C THR C 99 -82.34 -34.49 -31.18
N ALA C 100 -83.41 -34.04 -31.85
CA ALA C 100 -84.55 -34.93 -32.08
C ALA C 100 -84.15 -36.10 -32.97
N CYS C 101 -83.38 -35.84 -34.02
CA CYS C 101 -82.96 -36.91 -34.92
C CYS C 101 -81.98 -37.86 -34.24
N HIS C 102 -81.02 -37.31 -33.49
CA HIS C 102 -80.06 -38.17 -32.80
C HIS C 102 -80.74 -39.04 -31.76
N VAL C 103 -81.71 -38.49 -31.03
CA VAL C 103 -82.48 -39.28 -30.09
C VAL C 103 -83.25 -40.37 -30.82
N ASN C 104 -83.77 -40.05 -32.01
CA ASN C 104 -84.48 -41.01 -32.83
C ASN C 104 -83.55 -41.92 -33.61
N GLY C 105 -82.27 -41.95 -33.28
CA GLY C 105 -81.34 -42.86 -33.93
C GLY C 105 -80.87 -42.39 -35.29
N SER C 106 -80.19 -41.24 -35.32
CA SER C 106 -79.62 -40.73 -36.55
C SER C 106 -78.13 -40.99 -36.69
N GLU C 107 -77.46 -41.39 -35.61
CA GLU C 107 -76.04 -41.72 -35.71
C GLU C 107 -75.82 -42.92 -36.60
N GLU C 108 -76.69 -43.93 -36.48
CA GLU C 108 -76.56 -45.11 -37.33
C GLU C 108 -76.79 -44.78 -38.80
N ILE C 109 -77.63 -43.79 -39.09
CA ILE C 109 -77.84 -43.38 -40.48
C ILE C 109 -76.55 -42.81 -41.05
N LYS C 110 -75.89 -41.92 -40.30
CA LYS C 110 -74.63 -41.35 -40.76
C LYS C 110 -73.57 -42.42 -40.91
N ASN C 111 -73.50 -43.35 -39.97
CA ASN C 111 -72.52 -44.42 -40.06
C ASN C 111 -72.78 -45.30 -41.28
N ALA C 112 -74.06 -45.59 -41.56
CA ALA C 112 -74.39 -46.40 -42.73
C ALA C 112 -74.01 -45.68 -44.01
N LEU C 113 -74.28 -44.38 -44.10
CA LEU C 113 -73.91 -43.63 -45.29
C LEU C 113 -72.39 -43.57 -45.46
N CYS C 114 -71.67 -43.39 -44.35
CA CYS C 114 -70.20 -43.36 -44.41
C CYS C 114 -69.66 -44.70 -44.87
N ASP C 115 -70.22 -45.81 -44.37
CA ASP C 115 -69.75 -47.13 -44.76
C ASP C 115 -70.10 -47.43 -46.21
N GLU C 116 -71.27 -46.96 -46.67
CA GLU C 116 -71.68 -47.23 -48.05
C GLU C 116 -70.86 -46.42 -49.04
N LEU C 117 -70.64 -45.14 -48.76
CA LEU C 117 -69.87 -44.30 -49.67
C LEU C 117 -68.36 -44.40 -49.44
N ASN C 118 -67.93 -45.08 -48.37
CA ASN C 118 -66.52 -45.24 -48.04
C ASN C 118 -65.81 -43.90 -47.84
N ILE C 119 -66.52 -42.91 -47.29
CA ILE C 119 -65.96 -41.61 -46.98
C ILE C 119 -66.34 -41.22 -45.56
N LYS C 120 -65.58 -40.28 -45.02
CA LYS C 120 -65.81 -39.71 -43.70
C LYS C 120 -66.75 -38.51 -43.81
N PRO C 121 -67.42 -38.15 -42.71
CA PRO C 121 -68.32 -36.99 -42.75
C PRO C 121 -67.57 -35.72 -43.12
N GLY C 122 -68.21 -34.89 -43.93
CA GLY C 122 -67.62 -33.65 -44.39
C GLY C 122 -66.81 -33.76 -45.66
N ASP C 123 -66.48 -34.98 -46.09
CA ASP C 123 -65.65 -35.18 -47.27
C ASP C 123 -66.52 -35.40 -48.51
N THR C 124 -65.87 -35.58 -49.65
CA THR C 124 -66.55 -35.91 -50.90
C THR C 124 -65.94 -37.18 -51.48
N THR C 125 -66.77 -37.94 -52.18
CA THR C 125 -66.29 -39.17 -52.80
C THR C 125 -65.26 -38.85 -53.88
N GLU C 126 -64.33 -39.79 -54.09
CA GLU C 126 -63.32 -39.59 -55.13
C GLU C 126 -63.96 -39.46 -56.50
N ASP C 127 -65.13 -40.06 -56.70
CA ASP C 127 -65.88 -39.90 -57.94
C ASP C 127 -66.44 -38.50 -58.10
N GLY C 128 -66.39 -37.67 -57.05
CA GLY C 128 -66.94 -36.33 -57.14
C GLY C 128 -68.44 -36.33 -57.31
N MET C 129 -69.15 -37.17 -56.57
CA MET C 129 -70.58 -37.33 -56.74
C MET C 129 -71.38 -37.04 -55.49
N PHE C 130 -70.93 -37.50 -54.33
CA PHE C 130 -71.65 -37.31 -53.08
C PHE C 130 -70.78 -36.51 -52.11
N THR C 131 -71.46 -35.79 -51.21
CA THR C 131 -70.75 -34.99 -50.20
C THR C 131 -71.62 -34.98 -48.94
N LEU C 132 -71.30 -35.85 -47.99
CA LEU C 132 -72.04 -35.94 -46.76
C LEU C 132 -71.61 -34.83 -45.81
N GLU C 133 -72.58 -34.01 -45.37
CA GLU C 133 -72.32 -32.96 -44.39
C GLU C 133 -73.39 -33.01 -43.32
N GLU C 134 -72.97 -33.00 -42.06
CA GLU C 134 -73.91 -32.94 -40.95
C GLU C 134 -74.41 -31.52 -40.76
N VAL C 135 -75.71 -31.38 -40.49
CA VAL C 135 -76.35 -30.09 -40.33
C VAL C 135 -77.18 -30.11 -39.05
N ALA C 136 -77.71 -28.95 -38.69
CA ALA C 136 -78.59 -28.81 -37.55
C ALA C 136 -80.01 -29.20 -37.96
N CYS C 137 -80.99 -28.87 -37.13
CA CYS C 137 -82.37 -29.23 -37.42
C CYS C 137 -82.80 -28.66 -38.76
N LEU C 138 -83.41 -29.50 -39.58
CA LEU C 138 -83.94 -29.08 -40.88
C LEU C 138 -85.38 -28.59 -40.80
N GLY C 139 -85.97 -28.57 -39.61
CA GLY C 139 -87.31 -28.11 -39.40
C GLY C 139 -88.34 -29.22 -39.29
N CYS C 140 -88.13 -30.33 -39.99
CA CYS C 140 -89.07 -31.45 -39.99
C CYS C 140 -88.61 -32.48 -38.96
N CYS C 141 -88.84 -32.13 -37.70
CA CYS C 141 -88.45 -33.05 -36.61
C CYS C 141 -89.34 -34.28 -36.57
N SER C 142 -90.59 -34.16 -36.99
CA SER C 142 -91.53 -35.28 -36.89
C SER C 142 -91.19 -36.41 -37.84
N LEU C 143 -90.31 -36.18 -38.81
CA LEU C 143 -89.84 -37.24 -39.72
C LEU C 143 -88.47 -37.76 -39.32
N ALA C 144 -88.04 -37.51 -38.09
CA ALA C 144 -86.70 -37.85 -37.67
C ALA C 144 -86.48 -39.36 -37.74
N PRO C 145 -85.34 -39.82 -38.26
CA PRO C 145 -84.22 -39.04 -38.81
C PRO C 145 -84.50 -38.51 -40.22
N VAL C 146 -83.92 -37.37 -40.59
CA VAL C 146 -84.19 -36.71 -41.85
C VAL C 146 -82.86 -36.41 -42.54
N MET C 147 -82.78 -36.70 -43.84
CA MET C 147 -81.63 -36.28 -44.64
C MET C 147 -82.12 -35.68 -45.95
N MET C 148 -81.42 -34.65 -46.41
CA MET C 148 -81.80 -33.91 -47.60
C MET C 148 -80.73 -34.06 -48.67
N ILE C 149 -81.16 -34.35 -49.90
CA ILE C 149 -80.28 -34.52 -51.04
C ILE C 149 -80.73 -33.57 -52.13
N ASN C 150 -79.98 -32.49 -52.33
CA ASN C 150 -80.22 -31.53 -53.42
C ASN C 150 -81.67 -31.06 -53.45
N GLY C 151 -82.22 -30.79 -52.27
CA GLY C 151 -83.59 -30.32 -52.19
C GLY C 151 -84.58 -31.41 -51.80
N GLU C 152 -84.39 -32.62 -52.30
CA GLU C 152 -85.27 -33.72 -51.93
C GLU C 152 -85.08 -34.04 -50.45
N THR C 153 -86.16 -34.47 -49.81
CA THR C 153 -86.13 -34.80 -48.40
C THR C 153 -86.41 -36.28 -48.19
N TYR C 154 -85.90 -36.82 -47.09
CA TYR C 154 -86.18 -38.19 -46.71
C TYR C 154 -86.31 -38.26 -45.20
N GLY C 155 -87.44 -38.81 -44.72
CA GLY C 155 -87.71 -38.87 -43.31
C GLY C 155 -88.10 -40.28 -42.88
N LYS C 156 -88.15 -40.47 -41.57
CA LYS C 156 -88.44 -41.77 -40.97
C LYS C 156 -87.51 -42.84 -41.52
N LEU C 157 -86.24 -42.48 -41.68
CA LEU C 157 -85.27 -43.34 -42.33
C LEU C 157 -84.79 -44.43 -41.38
N THR C 158 -83.85 -45.25 -41.86
CA THR C 158 -83.30 -46.38 -41.15
C THR C 158 -82.04 -46.78 -41.92
N PRO C 159 -80.96 -47.21 -41.23
CA PRO C 159 -79.71 -47.55 -41.94
C PRO C 159 -79.91 -48.32 -43.23
N ASP C 160 -80.71 -49.39 -43.16
CA ASP C 160 -81.04 -50.14 -44.36
C ASP C 160 -81.73 -49.25 -45.39
N LYS C 161 -82.71 -48.46 -44.92
CA LYS C 161 -83.43 -47.59 -45.84
C LYS C 161 -82.51 -46.54 -46.46
N ALA C 162 -81.64 -45.94 -45.66
CA ALA C 162 -80.72 -44.92 -46.18
C ALA C 162 -79.78 -45.51 -47.22
N ARG C 163 -79.27 -46.72 -46.95
CA ARG C 163 -78.45 -47.40 -47.95
C ARG C 163 -79.24 -47.66 -49.22
N GLU C 164 -80.51 -48.03 -49.09
CA GLU C 164 -81.35 -48.25 -50.26
C GLU C 164 -81.53 -46.97 -51.08
N ILE C 165 -81.74 -45.83 -50.41
CA ILE C 165 -81.86 -44.57 -51.13
C ILE C 165 -80.57 -44.26 -51.87
N ILE C 166 -79.42 -44.45 -51.21
CA ILE C 166 -78.15 -44.18 -51.88
C ILE C 166 -77.99 -45.06 -53.11
N ARG C 167 -78.29 -46.36 -52.96
CA ARG C 167 -78.16 -47.27 -54.08
C ARG C 167 -79.10 -46.92 -55.22
N ARG C 168 -80.33 -46.53 -54.89
CA ARG C 168 -81.30 -46.17 -55.92
C ARG C 168 -80.86 -44.91 -56.67
N ILE C 169 -80.35 -43.91 -55.95
CA ILE C 169 -79.85 -42.71 -56.61
C ILE C 169 -78.69 -43.06 -57.53
N TYR C 170 -77.76 -43.89 -57.04
CA TYR C 170 -76.61 -44.27 -57.86
C TYR C 170 -77.04 -45.00 -59.12
N GLU C 171 -77.94 -45.98 -58.98
CA GLU C 171 -78.40 -46.74 -60.13
C GLU C 171 -79.18 -45.87 -61.11
N ARG C 172 -80.04 -44.99 -60.59
CA ARG C 172 -80.81 -44.10 -61.45
C ARG C 172 -79.89 -43.18 -62.24
N GLU C 173 -78.84 -42.66 -61.62
CA GLU C 173 -77.92 -41.80 -62.35
C GLU C 173 -77.09 -42.59 -63.35
N LYS C 174 -76.67 -43.80 -62.98
CA LYS C 174 -75.86 -44.61 -63.89
C LYS C 174 -76.67 -45.03 -65.12
N ASN C 175 -77.97 -45.29 -64.94
CA ASN C 175 -78.81 -45.66 -66.07
C ASN C 175 -78.92 -44.54 -67.09
N VAL C 176 -78.75 -43.30 -66.66
CA VAL C 176 -78.79 -42.15 -67.57
C VAL C 176 -77.38 -41.90 -68.12
N MET D 1 -54.96 4.88 -18.03
CA MET D 1 -56.17 5.69 -18.04
C MET D 1 -56.22 6.62 -19.24
N ARG D 2 -57.25 7.45 -19.30
CA ARG D 2 -57.32 8.48 -20.33
C ARG D 2 -56.37 9.60 -19.99
N LEU D 3 -55.53 9.97 -20.95
CA LEU D 3 -54.51 10.99 -20.74
C LEU D 3 -54.82 12.22 -21.58
N VAL D 4 -54.68 13.37 -20.97
CA VAL D 4 -54.78 14.64 -21.67
C VAL D 4 -53.40 14.99 -22.21
N ARG D 5 -53.37 15.74 -23.30
CA ARG D 5 -52.13 16.19 -23.91
C ARG D 5 -52.02 17.69 -23.71
N VAL D 6 -50.92 18.13 -23.09
CA VAL D 6 -50.70 19.55 -22.83
C VAL D 6 -49.35 19.93 -23.39
N ASN D 7 -49.16 21.23 -23.59
CA ASN D 7 -47.89 21.79 -24.04
C ASN D 7 -47.52 22.89 -23.04
N ILE D 8 -46.63 22.59 -22.12
CA ILE D 8 -46.17 23.54 -21.12
C ILE D 8 -44.75 23.93 -21.48
N ASP D 9 -44.56 25.20 -21.85
CA ASP D 9 -43.25 25.75 -22.19
C ASP D 9 -42.59 24.95 -23.31
N ASN D 10 -43.32 24.77 -24.40
CA ASN D 10 -42.86 24.11 -25.62
C ASN D 10 -42.50 22.65 -25.40
N LYS D 11 -42.96 22.04 -24.31
CA LYS D 11 -42.70 20.64 -24.02
C LYS D 11 -44.02 19.89 -24.01
N GLU D 12 -44.12 18.85 -24.84
CA GLU D 12 -45.33 18.06 -24.91
C GLU D 12 -45.39 17.08 -23.75
N ILE D 13 -46.48 17.13 -22.99
CA ILE D 13 -46.64 16.36 -21.77
C ILE D 13 -47.95 15.58 -21.86
N PHE D 14 -47.89 14.31 -21.53
CA PHE D 14 -49.09 13.47 -21.43
C PHE D 14 -49.45 13.39 -19.95
N ALA D 15 -50.44 14.18 -19.55
CA ALA D 15 -50.86 14.25 -18.16
C ALA D 15 -52.13 13.44 -17.94
N GLU D 16 -52.52 13.33 -16.68
CA GLU D 16 -53.70 12.58 -16.31
C GLU D 16 -54.84 13.54 -16.00
N GLU D 17 -56.04 13.20 -16.49
CA GLU D 17 -57.19 14.07 -16.30
C GLU D 17 -57.54 14.19 -14.82
N GLY D 18 -57.85 15.41 -14.40
CA GLY D 18 -58.16 15.68 -13.01
C GLY D 18 -57.06 16.36 -12.22
N LYS D 19 -55.91 16.60 -12.83
CA LYS D 19 -54.82 17.33 -12.18
C LYS D 19 -54.91 18.81 -12.52
N THR D 20 -54.31 19.62 -11.66
CA THR D 20 -54.15 21.04 -11.94
C THR D 20 -52.83 21.28 -12.67
N ILE D 21 -52.69 22.48 -13.22
CA ILE D 21 -51.45 22.82 -13.93
C ILE D 21 -50.26 22.79 -12.99
N LEU D 22 -50.48 23.19 -11.73
CA LEU D 22 -49.41 23.16 -10.74
C LEU D 22 -48.88 21.73 -10.55
N GLU D 23 -49.78 20.77 -10.39
CA GLU D 23 -49.36 19.39 -10.17
C GLU D 23 -48.67 18.82 -11.41
N VAL D 24 -49.21 19.08 -12.60
CA VAL D 24 -48.60 18.57 -13.82
C VAL D 24 -47.21 19.15 -14.01
N ALA D 25 -47.05 20.45 -13.75
CA ALA D 25 -45.74 21.07 -13.89
C ALA D 25 -44.77 20.62 -12.82
N HIS D 26 -45.26 20.34 -11.61
CA HIS D 26 -44.40 19.78 -10.57
C HIS D 26 -43.90 18.40 -10.97
N GLU D 27 -44.77 17.58 -11.56
CA GLU D 27 -44.37 16.24 -11.98
C GLU D 27 -43.31 16.31 -13.06
N ASN D 28 -43.44 17.25 -13.99
CA ASN D 28 -42.52 17.38 -15.11
C ASN D 28 -41.38 18.34 -14.84
N ASN D 29 -41.11 18.64 -13.56
CA ASN D 29 -39.98 19.47 -13.15
C ASN D 29 -40.01 20.85 -13.83
N ILE D 30 -41.19 21.46 -13.86
CA ILE D 30 -41.37 22.83 -14.33
C ILE D 30 -41.75 23.67 -13.13
N GLU D 31 -40.99 24.75 -12.90
CA GLU D 31 -41.15 25.56 -11.71
C GLU D 31 -42.14 26.68 -11.96
N ILE D 32 -43.26 26.65 -11.25
CA ILE D 32 -44.25 27.71 -11.25
C ILE D 32 -44.31 28.26 -9.84
N PRO D 33 -44.14 29.57 -9.64
CA PRO D 33 -44.21 30.13 -8.30
C PRO D 33 -45.57 29.94 -7.67
N HIS D 34 -45.59 29.79 -6.35
CA HIS D 34 -46.83 29.69 -5.61
C HIS D 34 -46.53 30.02 -4.15
N LEU D 35 -47.44 30.75 -3.52
CA LEU D 35 -47.28 31.12 -2.12
C LEU D 35 -48.45 30.74 -1.23
N CYS D 36 -49.65 30.54 -1.78
CA CYS D 36 -50.84 30.23 -0.99
C CYS D 36 -51.37 28.85 -1.30
N TYR D 37 -50.59 27.99 -1.93
CA TYR D 37 -51.05 26.67 -2.33
C TYR D 37 -50.56 25.61 -1.34
N ASP D 38 -51.39 24.60 -1.14
CA ASP D 38 -51.03 23.42 -0.37
C ASP D 38 -51.85 22.25 -0.87
N LYS D 39 -51.20 21.10 -1.04
CA LYS D 39 -51.88 19.92 -1.58
C LYS D 39 -52.94 19.37 -0.64
N ARG D 40 -52.85 19.65 0.66
CA ARG D 40 -53.84 19.17 1.61
C ARG D 40 -55.07 20.07 1.70
N LEU D 41 -55.03 21.25 1.10
CA LEU D 41 -56.09 22.23 1.26
C LEU D 41 -56.74 22.53 -0.08
N LYS D 42 -57.99 22.98 -0.01
CA LYS D 42 -58.67 23.45 -1.20
C LYS D 42 -58.01 24.73 -1.71
N PRO D 43 -58.08 24.99 -3.02
CA PRO D 43 -57.41 26.17 -3.57
C PRO D 43 -58.00 27.45 -3.00
N TYR D 44 -57.16 28.48 -2.94
CA TYR D 44 -57.47 29.76 -2.33
C TYR D 44 -57.35 30.93 -3.27
N GLY D 45 -56.39 30.89 -4.20
CA GLY D 45 -56.29 31.90 -5.25
C GLY D 45 -56.01 33.30 -4.76
N ALA D 46 -55.24 33.45 -3.68
CA ALA D 46 -55.01 34.75 -3.09
C ALA D 46 -53.74 35.42 -3.63
N CYS D 47 -52.60 34.74 -3.57
CA CYS D 47 -51.33 35.38 -3.87
C CYS D 47 -51.25 35.83 -5.33
N GLY D 48 -51.77 35.02 -6.25
CA GLY D 48 -51.68 35.36 -7.65
C GLY D 48 -50.32 35.21 -8.26
N LEU D 49 -49.45 34.37 -7.68
CA LEU D 49 -48.12 34.13 -8.23
C LEU D 49 -48.09 33.01 -9.24
N CYS D 50 -49.02 32.07 -9.17
CA CYS D 50 -49.01 30.89 -10.02
C CYS D 50 -49.66 31.14 -11.37
N VAL D 51 -49.89 32.40 -11.75
CA VAL D 51 -50.59 32.68 -12.99
C VAL D 51 -49.77 32.20 -14.18
N VAL D 52 -50.43 31.56 -15.12
CA VAL D 52 -49.80 31.09 -16.35
C VAL D 52 -50.64 31.59 -17.52
N GLU D 53 -50.01 31.65 -18.68
CA GLU D 53 -50.67 32.07 -19.91
C GLU D 53 -51.12 30.83 -20.66
N ILE D 54 -52.44 30.71 -20.87
CA ILE D 54 -53.03 29.58 -21.57
C ILE D 54 -53.53 30.09 -22.92
N GLU D 55 -53.08 29.45 -23.99
CA GLU D 55 -53.47 29.89 -25.33
C GLU D 55 -54.96 29.68 -25.53
N GLY D 56 -55.65 30.74 -25.93
CA GLY D 56 -57.09 30.75 -26.05
C GLY D 56 -57.82 31.45 -24.92
N SER D 57 -57.14 31.76 -23.83
CA SER D 57 -57.72 32.48 -22.72
C SER D 57 -57.12 33.87 -22.63
N PRO D 58 -57.91 34.94 -22.79
CA PRO D 58 -57.34 36.29 -22.68
C PRO D 58 -56.86 36.64 -21.28
N LYS D 59 -57.31 35.95 -20.25
CA LYS D 59 -56.95 36.25 -18.87
C LYS D 59 -56.03 35.18 -18.32
N LEU D 60 -54.99 35.61 -17.61
CA LEU D 60 -54.06 34.66 -17.01
C LEU D 60 -54.77 33.78 -15.99
N ALA D 61 -54.43 32.50 -16.00
CA ALA D 61 -55.10 31.51 -15.17
C ALA D 61 -54.19 31.06 -14.04
N ARG D 62 -54.77 30.89 -12.86
CA ARG D 62 -54.02 30.38 -11.71
C ARG D 62 -53.74 28.92 -11.89
N ALA D 63 -52.47 28.55 -11.90
CA ALA D 63 -52.09 27.16 -12.11
C ALA D 63 -52.50 26.26 -10.94
N CYS D 64 -52.72 26.83 -9.75
CA CYS D 64 -53.10 26.04 -8.59
C CYS D 64 -54.55 25.60 -8.62
N SER D 65 -55.40 26.28 -9.40
CA SER D 65 -56.82 25.97 -9.42
C SER D 65 -57.35 25.63 -10.80
N THR D 66 -56.57 25.83 -11.87
CA THR D 66 -56.98 25.47 -13.21
C THR D 66 -56.58 24.03 -13.50
N TYR D 67 -57.51 23.28 -14.09
CA TYR D 67 -57.28 21.89 -14.43
C TYR D 67 -56.84 21.76 -15.88
N VAL D 68 -55.97 20.78 -16.12
CA VAL D 68 -55.43 20.56 -17.45
C VAL D 68 -56.48 19.87 -18.31
N THR D 69 -56.67 20.38 -19.53
CA THR D 69 -57.59 19.81 -20.49
C THR D 69 -56.80 19.36 -21.71
N ASP D 70 -57.48 18.60 -22.58
CA ASP D 70 -56.82 18.03 -23.73
C ASP D 70 -56.44 19.10 -24.75
N LYS D 71 -55.23 18.97 -25.31
CA LYS D 71 -54.71 19.89 -26.31
C LYS D 71 -54.61 21.32 -25.77
N MET D 72 -53.95 21.44 -24.62
CA MET D 72 -53.75 22.72 -23.95
C MET D 72 -52.33 23.21 -24.21
N VAL D 73 -52.19 24.52 -24.42
CA VAL D 73 -50.89 25.15 -24.59
C VAL D 73 -50.72 26.17 -23.46
N ILE D 74 -49.68 25.99 -22.65
CA ILE D 74 -49.46 26.80 -21.47
C ILE D 74 -48.06 27.40 -21.53
N LYS D 75 -47.96 28.69 -21.23
CA LYS D 75 -46.69 29.37 -21.04
C LYS D 75 -46.60 29.80 -19.58
N THR D 76 -45.47 29.51 -18.94
CA THR D 76 -45.28 29.86 -17.54
C THR D 76 -44.22 30.94 -17.33
N ASP D 77 -43.55 31.40 -18.39
CA ASP D 77 -42.51 32.39 -18.25
C ASP D 77 -42.56 33.44 -19.36
N SER D 78 -43.73 33.67 -19.92
CA SER D 78 -43.88 34.71 -20.93
C SER D 78 -43.77 36.09 -20.29
N PRO D 79 -43.45 37.12 -21.08
CA PRO D 79 -43.31 38.46 -20.48
C PRO D 79 -44.54 38.95 -19.75
N ARG D 80 -45.74 38.60 -20.24
CA ARG D 80 -46.96 38.94 -19.53
C ARG D 80 -47.00 38.30 -18.15
N VAL D 81 -46.65 37.01 -18.09
CA VAL D 81 -46.67 36.28 -16.82
C VAL D 81 -45.61 36.83 -15.88
N ARG D 82 -44.42 37.11 -16.41
CA ARG D 82 -43.35 37.67 -15.58
C ARG D 82 -43.74 39.03 -15.03
N ASN D 83 -44.38 39.87 -15.86
CA ASN D 83 -44.82 41.18 -15.39
C ASN D 83 -45.88 41.04 -14.30
N ALA D 84 -46.83 40.13 -14.47
CA ALA D 84 -47.85 39.92 -13.45
C ALA D 84 -47.23 39.46 -12.14
N ARG D 85 -46.30 38.52 -12.20
CA ARG D 85 -45.66 38.02 -10.98
C ARG D 85 -44.81 39.10 -10.32
N LYS D 86 -44.10 39.90 -11.11
CA LYS D 86 -43.31 40.99 -10.55
C LYS D 86 -44.19 42.01 -9.86
N MET D 87 -45.34 42.34 -10.47
CA MET D 87 -46.25 43.30 -9.84
C MET D 87 -46.82 42.75 -8.54
N ALA D 88 -47.20 41.47 -8.53
CA ALA D 88 -47.71 40.86 -7.30
C ALA D 88 -46.65 40.87 -6.20
N LEU D 89 -45.41 40.56 -6.56
CA LEU D 89 -44.33 40.54 -5.58
C LEU D 89 -44.03 41.94 -5.05
N GLU D 90 -44.09 42.95 -5.92
CA GLU D 90 -43.87 44.32 -5.48
C GLU D 90 -44.98 44.77 -4.53
N LEU D 91 -46.23 44.41 -4.83
CA LEU D 91 -47.32 44.72 -3.92
C LEU D 91 -47.10 44.03 -2.57
N LEU D 92 -46.66 42.77 -2.59
CA LEU D 92 -46.40 42.07 -1.34
C LEU D 92 -45.27 42.74 -0.55
N LEU D 93 -44.21 43.15 -1.23
CA LEU D 93 -43.09 43.81 -0.57
C LEU D 93 -43.45 45.19 -0.05
N SER D 94 -44.50 45.80 -0.60
CA SER D 94 -44.90 47.12 -0.12
C SER D 94 -45.29 47.09 1.35
N GLU D 95 -45.99 46.04 1.78
CA GLU D 95 -46.49 45.93 3.14
C GLU D 95 -45.60 45.04 4.01
N HIS D 96 -44.30 45.03 3.75
CA HIS D 96 -43.37 44.11 4.40
C HIS D 96 -42.37 44.91 5.23
N ARG D 97 -42.17 44.48 6.48
CA ARG D 97 -41.15 45.03 7.36
C ARG D 97 -40.25 43.91 7.84
N GLY D 98 -38.99 43.94 7.45
CA GLY D 98 -38.05 42.96 7.97
C GLY D 98 -36.66 43.20 7.44
N ASP D 99 -35.72 42.47 8.01
CA ASP D 99 -34.33 42.44 7.56
C ASP D 99 -34.04 41.03 7.06
N CYS D 100 -33.91 40.89 5.74
CA CYS D 100 -33.49 39.61 5.18
C CYS D 100 -32.11 39.24 5.70
N ARG D 101 -31.20 40.20 5.73
CA ARG D 101 -29.88 40.05 6.33
C ARG D 101 -29.64 41.21 7.29
N PRO D 102 -28.94 40.97 8.40
CA PRO D 102 -28.71 42.03 9.37
C PRO D 102 -27.73 43.05 8.84
N PRO D 103 -27.73 44.27 9.39
CA PRO D 103 -26.82 45.30 8.88
C PRO D 103 -25.35 44.94 9.01
N CYS D 104 -24.99 44.10 9.98
CA CYS D 104 -23.61 43.66 10.14
C CYS D 104 -23.15 42.86 8.93
N VAL D 105 -23.99 41.98 8.41
CA VAL D 105 -23.63 41.18 7.25
C VAL D 105 -23.51 42.06 6.01
N LEU D 106 -24.40 43.03 5.86
CA LEU D 106 -24.40 43.89 4.70
C LEU D 106 -23.22 44.88 4.72
N ALA D 107 -22.72 45.23 5.90
CA ALA D 107 -21.60 46.14 6.01
C ALA D 107 -20.25 45.46 5.79
N CYS D 108 -20.20 44.14 5.85
CA CYS D 108 -18.96 43.43 5.57
C CYS D 108 -18.72 43.36 4.06
N PRO D 109 -17.55 43.77 3.58
CA PRO D 109 -17.29 43.66 2.13
C PRO D 109 -17.41 42.25 1.59
N ALA D 110 -17.03 41.24 2.37
CA ALA D 110 -17.14 39.85 1.95
C ALA D 110 -18.48 39.23 2.30
N HIS D 111 -19.38 39.99 2.92
CA HIS D 111 -20.70 39.51 3.33
C HIS D 111 -20.59 38.27 4.19
N THR D 112 -19.69 38.33 5.16
CA THR D 112 -19.57 37.26 6.15
C THR D 112 -20.81 37.23 7.02
N ASP D 113 -21.29 36.02 7.31
CA ASP D 113 -22.48 35.83 8.13
C ASP D 113 -22.11 36.12 9.58
N CYS D 114 -21.98 37.41 9.90
CA CYS D 114 -21.61 37.82 11.25
C CYS D 114 -22.62 37.32 12.26
N GLN D 115 -23.92 37.55 12.00
CA GLN D 115 -24.95 37.11 12.91
C GLN D 115 -24.94 35.59 13.06
N GLY D 116 -24.74 34.87 11.96
CA GLY D 116 -24.76 33.42 12.02
C GLY D 116 -23.69 32.85 12.94
N TYR D 117 -22.44 33.25 12.72
CA TYR D 117 -21.38 32.69 13.54
C TYR D 117 -21.33 33.30 14.93
N VAL D 118 -21.84 34.52 15.13
CA VAL D 118 -21.97 35.05 16.48
C VAL D 118 -23.00 34.22 17.26
N GLY D 119 -24.12 33.90 16.63
CA GLY D 119 -25.11 33.06 17.29
C GLY D 119 -24.61 31.65 17.52
N LEU D 120 -23.81 31.12 16.61
CA LEU D 120 -23.21 29.81 16.82
C LEU D 120 -22.22 29.83 17.97
N ILE D 121 -21.47 30.92 18.12
CA ILE D 121 -20.59 31.07 19.28
C ILE D 121 -21.40 31.11 20.57
N ALA D 122 -22.50 31.87 20.56
CA ALA D 122 -23.36 31.93 21.74
C ALA D 122 -23.98 30.58 22.08
N ASN D 123 -24.02 29.66 21.12
CA ASN D 123 -24.52 28.31 21.35
C ASN D 123 -23.41 27.30 21.61
N GLY D 124 -22.16 27.74 21.65
CA GLY D 124 -21.04 26.85 21.90
C GLY D 124 -20.54 26.08 20.71
N GLN D 125 -21.02 26.39 19.50
CA GLN D 125 -20.65 25.66 18.30
C GLN D 125 -19.53 26.42 17.59
N PHE D 126 -18.31 26.25 18.11
CA PHE D 126 -17.16 26.97 17.60
C PHE D 126 -16.69 26.44 16.26
N ARG D 127 -16.67 25.12 16.09
CA ARG D 127 -16.29 24.53 14.82
C ARG D 127 -17.27 24.90 13.71
N GLU D 128 -18.56 24.88 14.02
CA GLU D 128 -19.56 25.31 13.04
C GLU D 128 -19.42 26.79 12.73
N ALA D 129 -19.07 27.60 13.74
CA ALA D 129 -18.83 29.02 13.49
C ALA D 129 -17.67 29.23 12.52
N VAL D 130 -16.58 28.48 12.71
CA VAL D 130 -15.45 28.61 11.79
C VAL D 130 -15.84 28.14 10.39
N ALA D 131 -16.59 27.03 10.30
CA ALA D 131 -17.01 26.54 9.00
C ALA D 131 -17.95 27.52 8.30
N LEU D 132 -18.74 28.26 9.06
CA LEU D 132 -19.62 29.26 8.47
C LEU D 132 -18.85 30.51 8.04
N ILE D 133 -17.83 30.89 8.82
CA ILE D 133 -16.96 31.99 8.41
C ILE D 133 -16.25 31.64 7.10
N LYS D 134 -15.75 30.40 7.00
CA LYS D 134 -14.96 30.02 5.84
C LYS D 134 -15.76 29.87 4.56
N GLU D 135 -17.08 30.07 4.60
CA GLU D 135 -17.85 30.10 3.37
C GLU D 135 -17.63 31.39 2.60
N GLN D 136 -17.17 32.44 3.27
CA GLN D 136 -16.87 33.71 2.63
C GLN D 136 -15.47 34.22 2.91
N LEU D 137 -14.81 33.72 3.95
CA LEU D 137 -13.51 34.24 4.37
C LEU D 137 -12.62 33.11 4.83
N PRO D 138 -11.55 32.79 4.09
CA PRO D 138 -10.72 31.63 4.44
C PRO D 138 -9.74 31.86 5.57
N PHE D 139 -9.60 33.09 6.09
CA PHE D 139 -8.62 33.41 7.13
C PHE D 139 -9.31 34.10 8.29
N PRO D 140 -10.02 33.34 9.13
CA PRO D 140 -10.71 33.98 10.27
C PRO D 140 -9.77 34.63 11.27
N ALA D 141 -8.73 33.93 11.72
CA ALA D 141 -7.86 34.48 12.77
C ALA D 141 -7.09 35.70 12.27
N SER D 142 -6.48 35.60 11.09
CA SER D 142 -5.67 36.69 10.56
C SER D 142 -6.50 37.93 10.32
N ILE D 143 -7.64 37.79 9.63
CA ILE D 143 -8.47 38.94 9.31
C ILE D 143 -9.12 39.49 10.57
N GLY D 144 -9.52 38.62 11.49
CA GLY D 144 -10.06 39.09 12.75
C GLY D 144 -9.05 39.86 13.57
N ARG D 145 -7.77 39.59 13.37
CA ARG D 145 -6.74 40.38 14.05
C ARG D 145 -6.57 41.76 13.42
N VAL D 146 -6.59 41.86 12.10
CA VAL D 146 -6.33 43.11 11.39
C VAL D 146 -7.54 43.40 10.51
N CYS D 147 -8.48 44.16 11.04
CA CYS D 147 -9.67 44.55 10.29
C CYS D 147 -10.30 45.77 10.94
N PRO D 148 -10.53 46.85 10.18
CA PRO D 148 -11.22 48.01 10.76
C PRO D 148 -12.66 47.75 11.12
N HIS D 149 -13.18 46.57 10.81
CA HIS D 149 -14.52 46.08 11.07
C HIS D 149 -15.59 47.14 10.80
N PRO D 150 -15.87 47.43 9.51
CA PRO D 150 -17.02 48.28 9.20
C PRO D 150 -18.34 47.70 9.67
N CYS D 151 -18.41 46.37 9.83
CA CYS D 151 -19.63 45.72 10.29
C CYS D 151 -20.05 46.20 11.66
N GLU D 152 -19.08 46.55 12.52
CA GLU D 152 -19.40 47.02 13.85
C GLU D 152 -19.91 48.45 13.88
N GLU D 153 -19.63 49.24 12.85
CA GLU D 153 -20.24 50.56 12.76
C GLU D 153 -21.71 50.47 12.39
N ALA D 154 -22.07 49.43 11.64
CA ALA D 154 -23.45 49.20 11.23
C ALA D 154 -24.23 48.36 12.22
N CYS D 155 -23.57 47.82 13.23
CA CYS D 155 -24.24 46.97 14.21
C CYS D 155 -25.35 47.75 14.89
N ARG D 156 -26.51 47.09 15.06
CA ARG D 156 -27.65 47.76 15.68
C ARG D 156 -27.53 47.85 17.19
N ARG D 157 -26.63 47.08 17.79
CA ARG D 157 -26.38 47.23 19.21
C ARG D 157 -25.73 48.58 19.52
N ASN D 158 -25.20 49.26 18.50
CA ASN D 158 -24.81 50.66 18.65
C ASN D 158 -25.97 51.49 19.20
N MET D 159 -27.19 51.15 18.79
CA MET D 159 -28.37 51.84 19.28
C MET D 159 -28.71 51.49 20.72
N VAL D 160 -28.07 50.48 21.31
CA VAL D 160 -28.36 50.15 22.70
C VAL D 160 -27.22 50.56 23.61
N ASP D 161 -26.08 49.87 23.53
CA ASP D 161 -24.91 50.33 24.26
C ASP D 161 -23.65 50.46 23.41
N GLN D 162 -23.19 49.36 22.81
CA GLN D 162 -21.91 49.26 22.12
C GLN D 162 -22.01 48.11 21.14
N PRO D 163 -21.42 48.21 19.96
CA PRO D 163 -21.56 47.16 18.96
C PRO D 163 -20.92 45.86 19.41
N ILE D 164 -21.40 44.76 18.81
CA ILE D 164 -20.84 43.45 19.08
C ILE D 164 -19.39 43.41 18.62
N ALA D 165 -18.54 42.74 19.39
CA ALA D 165 -17.14 42.55 19.05
C ALA D 165 -17.03 41.45 17.99
N ILE D 166 -17.50 41.77 16.79
CA ILE D 166 -17.59 40.79 15.71
C ILE D 166 -16.21 40.31 15.32
N ALA D 167 -15.28 41.24 15.11
CA ALA D 167 -13.92 40.86 14.73
C ALA D 167 -13.23 40.08 15.83
N GLU D 168 -13.43 40.48 17.09
CA GLU D 168 -12.82 39.77 18.19
C GLU D 168 -13.35 38.35 18.32
N LEU D 169 -14.65 38.16 18.13
CA LEU D 169 -15.23 36.81 18.16
C LEU D 169 -14.71 35.96 17.01
N LYS D 170 -14.56 36.57 15.82
CA LYS D 170 -13.98 35.83 14.70
C LYS D 170 -12.55 35.41 14.99
N ARG D 171 -11.76 36.30 15.61
CA ARG D 171 -10.41 35.94 16.01
C ARG D 171 -10.42 34.81 17.03
N PHE D 172 -11.36 34.86 17.98
CA PHE D 172 -11.48 33.82 18.99
C PHE D 172 -11.70 32.46 18.35
N VAL D 173 -12.70 32.35 17.47
CA VAL D 173 -12.98 31.05 16.86
C VAL D 173 -11.88 30.64 15.90
N GLY D 174 -11.25 31.59 15.21
CA GLY D 174 -10.15 31.23 14.34
C GLY D 174 -8.98 30.64 15.09
N ASP D 175 -8.65 31.22 16.24
CA ASP D 175 -7.59 30.67 17.07
C ASP D 175 -7.96 29.29 17.60
N ILE D 176 -9.23 29.11 18.01
CA ILE D 176 -9.66 27.79 18.48
C ILE D 176 -9.51 26.76 17.37
N ASP D 177 -9.89 27.12 16.14
CA ASP D 177 -9.74 26.20 15.02
C ASP D 177 -8.27 25.92 14.73
N LEU D 178 -7.41 26.93 14.83
CA LEU D 178 -6.00 26.74 14.56
C LEU D 178 -5.29 25.95 15.64
N LEU D 179 -5.90 25.80 16.83
CA LEU D 179 -5.33 24.95 17.86
C LEU D 179 -5.09 23.54 17.34
N ASP D 180 -6.17 22.84 16.99
CA ASP D 180 -6.09 21.53 16.37
C ASP D 180 -5.97 21.69 14.86
N ASP D 181 -6.18 20.61 14.12
CA ASP D 181 -6.22 20.70 12.66
C ASP D 181 -7.32 21.66 12.24
N GLY D 182 -6.98 22.59 11.35
CA GLY D 182 -7.95 23.57 10.90
C GLY D 182 -9.02 22.96 10.02
N TYR D 183 -10.11 23.71 9.87
CA TYR D 183 -11.24 23.26 9.06
C TYR D 183 -10.92 23.42 7.58
N ILE D 184 -11.19 22.38 6.80
CA ILE D 184 -11.05 22.41 5.36
C ILE D 184 -12.41 22.06 4.75
N PRO D 185 -12.98 22.91 3.91
CA PRO D 185 -14.30 22.63 3.36
C PRO D 185 -14.25 21.47 2.39
N PRO D 186 -15.38 20.82 2.12
CA PRO D 186 -15.40 19.74 1.14
C PRO D 186 -15.00 20.24 -0.25
N ILE D 187 -14.31 19.38 -0.98
CA ILE D 187 -13.77 19.71 -2.30
C ILE D 187 -14.51 18.88 -3.34
N LYS D 188 -15.02 19.54 -4.37
CA LYS D 188 -15.71 18.86 -5.45
C LYS D 188 -14.73 17.99 -6.22
N PRO D 189 -15.23 16.95 -6.90
CA PRO D 189 -14.35 16.10 -7.70
C PRO D 189 -13.65 16.90 -8.80
N LYS D 190 -12.45 16.45 -9.18
CA LYS D 190 -11.61 17.18 -10.09
C LYS D 190 -12.33 17.47 -11.41
N THR D 191 -12.20 18.70 -11.89
CA THR D 191 -12.87 19.15 -13.09
C THR D 191 -11.96 19.17 -14.32
N GLY D 192 -10.67 18.94 -14.15
CA GLY D 192 -9.74 18.92 -15.26
C GLY D 192 -9.31 20.28 -15.76
N LYS D 193 -9.72 21.36 -15.12
CA LYS D 193 -9.35 22.70 -15.52
C LYS D 193 -8.17 23.20 -14.69
N LYS D 194 -7.46 24.19 -15.23
CA LYS D 194 -6.27 24.74 -14.59
C LYS D 194 -6.37 26.26 -14.54
N VAL D 195 -6.15 26.82 -13.36
CA VAL D 195 -6.15 28.25 -13.14
C VAL D 195 -4.81 28.63 -12.51
N ALA D 196 -4.18 29.66 -13.04
CA ALA D 196 -2.92 30.17 -12.53
C ALA D 196 -3.17 31.52 -11.90
N ILE D 197 -2.93 31.62 -10.59
CA ILE D 197 -3.02 32.89 -9.88
C ILE D 197 -1.61 33.43 -9.67
N VAL D 198 -1.42 34.70 -10.04
CA VAL D 198 -0.16 35.39 -9.89
C VAL D 198 -0.29 36.31 -8.69
N GLY D 199 0.35 35.94 -7.59
CA GLY D 199 0.27 36.72 -6.37
C GLY D 199 -0.39 35.97 -5.23
N GLY D 200 0.40 35.57 -4.24
CA GLY D 200 -0.12 34.86 -3.09
C GLY D 200 -0.50 35.77 -1.94
N GLY D 201 -1.25 36.82 -2.23
CA GLY D 201 -1.77 37.69 -1.21
C GLY D 201 -3.17 37.29 -0.81
N PRO D 202 -3.86 38.14 -0.04
CA PRO D 202 -5.25 37.82 0.33
C PRO D 202 -6.17 37.55 -0.86
N ALA D 203 -6.08 38.35 -1.93
CA ALA D 203 -6.96 38.15 -3.08
C ALA D 203 -6.61 36.88 -3.84
N GLY D 204 -5.33 36.66 -4.10
CA GLY D 204 -4.91 35.47 -4.82
C GLY D 204 -5.19 34.20 -4.04
N LEU D 205 -4.90 34.21 -2.74
CA LEU D 205 -5.16 33.04 -1.91
C LEU D 205 -6.66 32.79 -1.75
N THR D 206 -7.47 33.85 -1.69
CA THR D 206 -8.91 33.65 -1.66
C THR D 206 -9.42 33.03 -2.96
N CYS D 207 -8.93 33.51 -4.10
CA CYS D 207 -9.32 32.91 -5.37
C CYS D 207 -8.90 31.45 -5.46
N ALA D 208 -7.68 31.14 -5.00
CA ALA D 208 -7.23 29.76 -4.96
C ALA D 208 -8.13 28.91 -4.06
N PHE D 209 -8.48 29.44 -2.89
CA PHE D 209 -9.35 28.71 -1.97
C PHE D 209 -10.68 28.36 -2.63
N PHE D 210 -11.34 29.38 -3.21
CA PHE D 210 -12.69 29.16 -3.73
C PHE D 210 -12.72 28.48 -5.08
N LEU D 211 -11.59 28.43 -5.79
CA LEU D 211 -11.52 27.63 -7.01
C LEU D 211 -11.10 26.19 -6.72
N ALA D 212 -10.34 25.96 -5.66
CA ALA D 212 -10.07 24.59 -5.24
C ALA D 212 -11.28 23.96 -4.58
N LYS D 213 -12.17 24.79 -4.01
CA LYS D 213 -13.44 24.26 -3.53
C LYS D 213 -14.27 23.70 -4.68
N GLU D 214 -14.14 24.26 -5.87
CA GLU D 214 -14.91 23.84 -7.03
C GLU D 214 -14.27 22.68 -7.78
N GLY D 215 -13.10 22.22 -7.36
CA GLY D 215 -12.46 21.07 -7.95
C GLY D 215 -11.38 21.37 -8.98
N HIS D 216 -11.14 22.64 -9.30
CA HIS D 216 -10.12 22.97 -10.29
C HIS D 216 -8.71 22.76 -9.72
N ASP D 217 -7.75 22.56 -10.62
CA ASP D 217 -6.36 22.40 -10.26
C ASP D 217 -5.70 23.77 -10.27
N ILE D 218 -5.18 24.19 -9.12
CA ILE D 218 -4.74 25.57 -8.88
C ILE D 218 -3.24 25.59 -8.65
N VAL D 219 -2.56 26.50 -9.34
CA VAL D 219 -1.15 26.79 -9.11
C VAL D 219 -1.02 28.28 -8.86
N VAL D 220 -0.40 28.65 -7.76
CA VAL D 220 -0.20 30.05 -7.38
C VAL D 220 1.28 30.40 -7.59
N TYR D 221 1.53 31.49 -8.30
CA TYR D 221 2.88 31.98 -8.53
C TYR D 221 3.11 33.20 -7.66
N GLU D 222 4.11 33.12 -6.78
CA GLU D 222 4.42 34.18 -5.84
C GLU D 222 5.85 34.64 -6.04
N ALA D 223 6.05 35.95 -6.13
CA ALA D 223 7.38 36.50 -6.32
C ALA D 223 8.21 36.44 -5.04
N MET D 224 7.56 36.43 -3.89
CA MET D 224 8.22 36.49 -2.61
C MET D 224 8.63 35.09 -2.13
N PRO D 225 9.54 35.01 -1.17
CA PRO D 225 9.89 33.68 -0.62
C PRO D 225 8.72 32.96 0.02
N LYS D 226 7.80 33.69 0.62
CA LYS D 226 6.63 33.10 1.25
C LYS D 226 5.37 33.81 0.76
N ALA D 227 4.26 33.10 0.82
CA ALA D 227 2.98 33.69 0.45
C ALA D 227 2.40 34.49 1.62
N GLY D 228 1.39 35.29 1.32
CA GLY D 228 0.76 36.11 2.33
C GLY D 228 0.61 37.55 1.91
N GLY D 229 1.48 37.99 1.01
CA GLY D 229 1.37 39.35 0.51
C GLY D 229 1.65 40.38 1.59
N MET D 230 0.91 41.49 1.52
CA MET D 230 1.08 42.55 2.50
C MET D 230 0.65 42.15 3.90
N LEU D 231 -0.11 41.06 4.03
CA LEU D 231 -0.38 40.52 5.36
C LEU D 231 0.90 40.08 6.04
N ARG D 232 1.89 39.62 5.28
CA ARG D 232 3.18 39.21 5.81
C ARG D 232 4.20 40.33 5.78
N TYR D 233 4.27 41.10 4.69
CA TYR D 233 5.33 42.06 4.48
C TYR D 233 4.91 43.50 4.75
N GLY D 234 3.62 43.77 4.89
CA GLY D 234 3.18 45.10 5.22
C GLY D 234 2.74 45.26 6.67
N ILE D 235 1.97 44.30 7.16
CA ILE D 235 1.46 44.38 8.54
C ILE D 235 2.54 43.86 9.48
N PRO D 236 2.91 44.62 10.51
CA PRO D 236 3.99 44.19 11.40
C PRO D 236 3.58 43.01 12.27
N GLU D 237 4.61 42.37 12.85
CA GLU D 237 4.40 41.18 13.65
C GLU D 237 3.59 41.46 14.91
N TYR D 238 3.74 42.64 15.51
CA TYR D 238 3.02 42.93 16.75
C TYR D 238 1.53 43.11 16.53
N ARG D 239 1.08 43.25 15.30
CA ARG D 239 -0.34 43.32 15.00
C ARG D 239 -0.88 42.04 14.38
N LEU D 240 -0.05 41.30 13.65
CA LEU D 240 -0.43 40.03 13.05
C LEU D 240 0.78 39.11 13.08
N PRO D 241 0.86 38.21 14.05
CA PRO D 241 1.96 37.24 14.06
C PRO D 241 1.93 36.37 12.81
N LYS D 242 3.13 36.02 12.32
CA LYS D 242 3.22 35.30 11.06
C LYS D 242 3.04 33.80 11.23
N GLY D 243 3.03 33.29 12.47
CA GLY D 243 2.69 31.89 12.65
C GLY D 243 1.26 31.59 12.27
N ILE D 244 0.33 32.48 12.62
CA ILE D 244 -1.07 32.32 12.23
C ILE D 244 -1.21 32.36 10.72
N LEU D 245 -0.52 33.31 10.07
CA LEU D 245 -0.55 33.40 8.63
C LEU D 245 0.02 32.15 7.98
N ASP D 246 1.13 31.63 8.52
CA ASP D 246 1.71 30.40 7.98
C ASP D 246 0.74 29.25 8.13
N LYS D 247 0.06 29.14 9.27
CA LYS D 247 -0.88 28.05 9.50
C LYS D 247 -2.04 28.11 8.51
N GLU D 248 -2.57 29.31 8.26
CA GLU D 248 -3.68 29.42 7.33
C GLU D 248 -3.26 29.14 5.89
N ILE D 249 -2.05 29.57 5.51
CA ILE D 249 -1.56 29.24 4.17
C ILE D 249 -1.31 27.74 4.04
N GLU D 250 -0.84 27.08 5.10
CA GLU D 250 -0.73 25.62 5.08
C GLU D 250 -2.11 24.98 4.93
N LEU D 251 -3.12 25.55 5.57
CA LEU D 251 -4.47 25.03 5.38
C LEU D 251 -4.91 25.15 3.92
N ILE D 252 -4.61 26.27 3.28
CA ILE D 252 -4.96 26.43 1.87
C ILE D 252 -4.18 25.44 1.00
N GLU D 253 -2.89 25.21 1.32
CA GLU D 253 -2.10 24.25 0.56
C GLU D 253 -2.60 22.83 0.76
N LYS D 254 -3.18 22.52 1.93
CA LYS D 254 -3.70 21.18 2.21
C LYS D 254 -4.93 20.86 1.38
N MET D 255 -5.51 21.84 0.71
CA MET D 255 -6.70 21.67 -0.11
C MET D 255 -6.36 21.32 -1.55
N GLY D 256 -5.07 21.17 -1.87
CA GLY D 256 -4.64 20.86 -3.21
C GLY D 256 -4.08 22.02 -3.98
N VAL D 257 -4.03 23.21 -3.39
CA VAL D 257 -3.44 24.36 -4.05
C VAL D 257 -1.92 24.27 -3.93
N GLN D 258 -1.23 24.42 -5.05
CA GLN D 258 0.22 24.39 -5.09
C GLN D 258 0.75 25.81 -5.26
N ILE D 259 1.64 26.22 -4.37
CA ILE D 259 2.16 27.58 -4.33
C ILE D 259 3.61 27.54 -4.77
N LYS D 260 3.92 28.23 -5.86
CA LYS D 260 5.26 28.28 -6.43
C LYS D 260 5.88 29.62 -6.05
N THR D 261 6.54 29.66 -4.90
CA THR D 261 7.15 30.90 -4.42
C THR D 261 8.42 31.21 -5.21
N ASN D 262 8.87 32.45 -5.08
CA ASN D 262 10.05 32.96 -5.78
C ASN D 262 9.90 32.82 -7.29
N MET D 263 8.69 33.08 -7.80
CA MET D 263 8.38 32.99 -9.23
C MET D 263 7.67 34.27 -9.65
N ARG D 264 8.45 35.28 -10.03
CA ARG D 264 7.91 36.57 -10.40
C ARG D 264 7.45 36.57 -11.85
N LEU D 265 6.28 37.16 -12.09
CA LEU D 265 5.76 37.27 -13.44
C LEU D 265 6.52 38.35 -14.21
N GLY D 266 6.94 38.01 -15.42
CA GLY D 266 7.74 38.90 -16.24
C GLY D 266 9.23 38.77 -16.03
N VAL D 267 9.67 37.97 -15.06
CA VAL D 267 11.08 37.69 -14.85
C VAL D 267 11.31 36.20 -14.95
N ASP D 268 10.70 35.43 -14.06
CA ASP D 268 10.85 33.99 -14.08
C ASP D 268 9.90 33.34 -15.07
N ILE D 269 8.68 33.85 -15.16
CA ILE D 269 7.67 33.35 -16.09
C ILE D 269 7.08 34.54 -16.82
N SER D 270 6.50 34.25 -17.99
CA SER D 270 5.83 35.25 -18.78
C SER D 270 4.33 35.07 -18.69
N LEU D 271 3.60 36.14 -18.99
CA LEU D 271 2.15 36.06 -19.03
C LEU D 271 1.69 35.12 -20.13
N GLU D 272 2.37 35.15 -21.28
CA GLU D 272 1.97 34.34 -22.42
C GLU D 272 2.11 32.85 -22.13
N TYR D 273 3.13 32.46 -21.37
CA TYR D 273 3.24 31.06 -20.96
C TYR D 273 2.06 30.65 -20.11
N LEU D 274 1.65 31.51 -19.17
CA LEU D 274 0.48 31.21 -18.35
C LEU D 274 -0.78 31.09 -19.20
N ARG D 275 -0.95 32.00 -20.16
CA ARG D 275 -2.11 31.92 -21.06
C ARG D 275 -2.08 30.64 -21.88
N LYS D 276 -0.89 30.18 -22.26
CA LYS D 276 -0.80 29.00 -23.10
C LYS D 276 -1.13 27.72 -22.35
N ASN D 277 -0.58 27.54 -21.15
CA ASN D 277 -0.73 26.27 -20.44
C ASN D 277 -1.72 26.30 -19.28
N TYR D 278 -2.54 27.34 -19.16
CA TYR D 278 -3.57 27.36 -18.12
C TYR D 278 -4.91 27.79 -18.71
N ASP D 279 -5.98 27.18 -18.20
CA ASP D 279 -7.31 27.51 -18.69
C ASP D 279 -7.71 28.93 -18.31
N ALA D 280 -7.37 29.37 -17.10
CA ALA D 280 -7.64 30.73 -16.69
C ALA D 280 -6.43 31.29 -15.95
N VAL D 281 -6.30 32.62 -15.99
CA VAL D 281 -5.25 33.32 -15.27
C VAL D 281 -5.87 34.44 -14.46
N PHE D 282 -5.58 34.47 -13.17
CA PHE D 282 -6.01 35.53 -12.26
C PHE D 282 -4.77 36.28 -11.77
N LEU D 283 -4.83 37.60 -11.79
CA LEU D 283 -3.71 38.45 -11.40
C LEU D 283 -4.09 39.23 -10.16
N ALA D 284 -3.35 39.01 -9.08
CA ALA D 284 -3.60 39.64 -7.79
C ALA D 284 -2.28 40.17 -7.23
N VAL D 285 -1.54 40.90 -8.08
CA VAL D 285 -0.19 41.33 -7.75
C VAL D 285 -0.14 42.45 -6.72
N GLY D 286 -1.26 43.08 -6.42
CA GLY D 286 -1.25 44.14 -5.43
C GLY D 286 -0.55 45.40 -5.93
N ALA D 287 -0.39 46.34 -5.01
CA ALA D 287 0.24 47.62 -5.27
C ALA D 287 1.55 47.68 -4.50
N TRP D 288 2.62 47.21 -5.13
CA TRP D 288 3.89 46.97 -4.45
C TRP D 288 4.96 47.99 -4.81
N LYS D 289 4.58 49.14 -5.34
CA LYS D 289 5.49 50.24 -5.61
C LYS D 289 5.06 51.44 -4.79
N SER D 290 5.96 51.93 -3.95
CA SER D 290 5.63 53.03 -3.05
C SER D 290 5.75 54.37 -3.77
N SER D 291 5.08 55.38 -3.22
CA SER D 291 5.07 56.71 -3.79
C SER D 291 6.21 57.52 -3.20
N THR D 292 7.00 58.14 -4.07
CA THR D 292 8.11 58.97 -3.61
C THR D 292 7.59 60.28 -3.02
N LEU D 293 8.50 61.00 -2.36
CA LEU D 293 8.10 62.25 -1.71
C LEU D 293 7.62 63.29 -2.72
N GLY D 294 7.98 63.16 -3.99
CA GLY D 294 7.56 64.13 -4.99
C GLY D 294 8.13 65.52 -4.77
N CYS D 295 9.36 65.60 -4.28
CA CYS D 295 10.02 66.86 -4.02
C CYS D 295 11.49 66.71 -4.40
N PRO D 296 12.18 67.81 -4.69
CA PRO D 296 13.62 67.72 -4.96
C PRO D 296 14.36 67.12 -3.79
N GLY D 297 15.36 66.30 -4.09
CA GLY D 297 16.14 65.63 -3.07
C GLY D 297 15.52 64.37 -2.51
N ASP D 298 14.42 63.89 -3.09
CA ASP D 298 13.77 62.68 -2.60
C ASP D 298 14.47 61.39 -3.05
N SER D 299 15.69 61.50 -3.59
CA SER D 299 16.48 60.34 -3.99
C SER D 299 17.80 60.28 -3.23
N ALA D 300 17.89 60.95 -2.08
CA ALA D 300 19.11 60.98 -1.31
C ALA D 300 19.32 59.64 -0.60
N GLU D 301 20.44 59.54 0.12
CA GLU D 301 20.73 58.36 0.93
C GLU D 301 20.13 58.57 2.31
N GLY D 302 19.03 57.88 2.59
CA GLY D 302 18.34 58.07 3.84
C GLY D 302 16.86 58.29 3.67
N VAL D 303 16.39 58.24 2.42
CA VAL D 303 14.97 58.24 2.11
C VAL D 303 14.60 56.85 1.61
N ILE D 304 13.52 56.30 2.15
CA ILE D 304 13.09 54.95 1.82
C ILE D 304 11.57 54.93 1.78
N GLY D 305 11.03 54.12 0.87
CA GLY D 305 9.59 53.95 0.81
C GLY D 305 9.07 53.25 2.05
N GLY D 306 7.81 53.54 2.40
CA GLY D 306 7.23 52.96 3.59
C GLY D 306 7.10 51.45 3.50
N ILE D 307 6.57 50.96 2.39
CA ILE D 307 6.39 49.51 2.27
C ILE D 307 7.71 48.82 1.99
N GLU D 308 8.65 49.49 1.32
CA GLU D 308 9.98 48.91 1.16
C GLU D 308 10.68 48.76 2.52
N PHE D 309 10.56 49.79 3.37
CA PHE D 309 11.12 49.71 4.71
C PHE D 309 10.46 48.61 5.53
N LEU D 310 9.12 48.52 5.46
CA LEU D 310 8.42 47.49 6.21
C LEU D 310 8.74 46.10 5.70
N ARG D 311 8.94 45.94 4.38
CA ARG D 311 9.33 44.66 3.83
C ARG D 311 10.73 44.28 4.26
N LYS D 312 11.64 45.25 4.32
CA LYS D 312 12.98 44.99 4.82
C LYS D 312 12.94 44.53 6.28
N VAL D 313 12.13 45.20 7.10
CA VAL D 313 12.04 44.83 8.51
C VAL D 313 11.39 43.46 8.66
N SER D 314 10.40 43.15 7.81
CA SER D 314 9.72 41.85 7.90
C SER D 314 10.67 40.70 7.59
N MET D 315 11.56 40.88 6.61
CA MET D 315 12.52 39.85 6.26
C MET D 315 13.74 39.84 7.16
N ASN D 316 13.79 40.71 8.16
CA ASN D 316 14.92 40.82 9.08
C ASN D 316 16.18 41.27 8.35
N GLN D 317 16.01 42.02 7.26
CA GLN D 317 17.13 42.58 6.54
C GLN D 317 17.55 43.91 7.18
N PRO D 318 18.84 44.25 7.11
CA PRO D 318 19.31 45.48 7.76
C PRO D 318 18.68 46.72 7.14
N VAL D 319 18.34 47.67 8.00
CA VAL D 319 17.80 48.96 7.60
C VAL D 319 18.66 50.04 8.23
N ASN D 320 19.03 51.04 7.44
CA ASN D 320 19.87 52.13 7.92
C ASN D 320 18.98 53.22 8.53
N LEU D 321 18.40 52.87 9.67
CA LEU D 321 17.49 53.76 10.37
C LEU D 321 18.28 54.53 11.42
N GLY D 322 18.25 55.86 11.32
CA GLY D 322 19.04 56.68 12.22
C GLY D 322 18.43 56.84 13.58
N GLN D 323 18.52 58.04 14.15
CA GLN D 323 17.87 58.36 15.41
C GLN D 323 16.77 59.40 15.27
N ARG D 324 16.68 60.09 14.14
CA ARG D 324 15.61 61.02 13.85
C ARG D 324 14.92 60.55 12.57
N VAL D 325 13.69 60.07 12.71
CA VAL D 325 12.93 59.49 11.62
C VAL D 325 11.73 60.38 11.35
N LEU D 326 11.52 60.71 10.07
CA LEU D 326 10.37 61.49 9.64
C LEU D 326 9.53 60.60 8.74
N VAL D 327 8.35 60.21 9.19
CA VAL D 327 7.42 59.42 8.39
C VAL D 327 6.44 60.38 7.75
N VAL D 328 6.44 60.44 6.42
CA VAL D 328 5.57 61.32 5.67
C VAL D 328 4.34 60.53 5.23
N GLY D 329 3.16 61.00 5.61
CA GLY D 329 1.92 60.33 5.31
C GLY D 329 1.05 60.19 6.55
N GLY D 330 -0.16 59.69 6.32
CA GLY D 330 -1.10 59.54 7.40
C GLY D 330 -1.94 58.27 7.34
N GLY D 331 -1.55 57.35 6.47
CA GLY D 331 -2.28 56.10 6.29
C GLY D 331 -1.83 55.02 7.24
N ASN D 332 -2.27 53.80 6.96
CA ASN D 332 -1.85 52.66 7.76
C ASN D 332 -0.37 52.38 7.59
N THR D 333 0.16 52.59 6.39
CA THR D 333 1.58 52.40 6.16
C THR D 333 2.42 53.37 6.99
N ALA D 334 1.98 54.61 7.10
CA ALA D 334 2.71 55.59 7.90
C ALA D 334 2.72 55.19 9.37
N MET D 335 1.57 54.78 9.90
CA MET D 335 1.50 54.38 11.30
C MET D 335 2.36 53.16 11.57
N ASP D 336 2.29 52.16 10.69
CA ASP D 336 3.09 50.95 10.87
C ASP D 336 4.57 51.27 10.80
N ALA D 337 4.97 52.12 9.84
CA ALA D 337 6.37 52.50 9.73
C ALA D 337 6.84 53.25 10.97
N ALA D 338 6.02 54.16 11.48
CA ALA D 338 6.42 54.94 12.65
C ALA D 338 6.58 54.06 13.87
N ARG D 339 5.63 53.14 14.10
CA ARG D 339 5.71 52.30 15.27
C ARG D 339 6.84 51.27 15.15
N THR D 340 7.09 50.76 13.94
CA THR D 340 8.22 49.88 13.74
C THR D 340 9.53 50.61 13.96
N ALA D 341 9.63 51.85 13.51
CA ALA D 341 10.83 52.64 13.77
C ALA D 341 11.02 52.88 15.26
N ILE D 342 9.93 53.11 15.99
CA ILE D 342 10.01 53.22 17.44
C ILE D 342 10.56 51.92 18.03
N ARG D 343 10.05 50.79 17.57
CA ARG D 343 10.49 49.50 18.09
C ARG D 343 11.88 49.13 17.63
N LEU D 344 12.40 49.76 16.58
CA LEU D 344 13.74 49.51 16.08
C LEU D 344 14.78 50.39 16.76
N GLY D 345 14.39 51.17 17.77
CA GLY D 345 15.32 51.92 18.57
C GLY D 345 15.47 53.39 18.22
N ALA D 346 14.67 53.91 17.30
CA ALA D 346 14.78 55.32 16.93
C ALA D 346 14.39 56.19 18.12
N LYS D 347 15.23 57.18 18.42
CA LYS D 347 15.00 58.01 19.59
C LYS D 347 13.89 59.03 19.36
N GLU D 348 13.68 59.45 18.12
CA GLU D 348 12.64 60.41 17.79
C GLU D 348 11.99 59.98 16.48
N VAL D 349 10.68 59.75 16.52
CA VAL D 349 9.90 59.45 15.34
C VAL D 349 8.78 60.48 15.23
N THR D 350 8.71 61.15 14.10
CA THR D 350 7.69 62.17 13.84
C THR D 350 6.94 61.83 12.58
N VAL D 351 5.62 62.01 12.61
CA VAL D 351 4.75 61.76 11.47
C VAL D 351 4.25 63.09 10.94
N LEU D 352 4.46 63.34 9.65
CA LEU D 352 4.04 64.55 8.99
C LEU D 352 2.90 64.23 8.03
N TYR D 353 1.77 64.89 8.20
CA TYR D 353 0.60 64.66 7.36
C TYR D 353 0.17 65.96 6.70
N ARG D 354 -0.22 65.86 5.42
CA ARG D 354 -0.67 67.04 4.68
C ARG D 354 -1.93 67.64 5.29
N ARG D 355 -2.87 66.80 5.69
CA ARG D 355 -4.18 67.25 6.15
C ARG D 355 -4.21 67.27 7.68
N THR D 356 -5.41 67.46 8.24
CA THR D 356 -5.58 67.58 9.67
C THR D 356 -5.70 66.20 10.33
N ARG D 357 -5.64 66.21 11.66
CA ARG D 357 -5.69 64.95 12.42
C ARG D 357 -7.05 64.27 12.29
N GLU D 358 -8.12 65.05 12.37
CA GLU D 358 -9.48 64.51 12.42
C GLU D 358 -9.94 63.93 11.10
N GLU D 359 -9.10 63.89 10.06
CA GLU D 359 -9.47 63.25 8.81
C GLU D 359 -8.37 62.33 8.31
N MET D 360 -7.61 61.76 9.24
CA MET D 360 -6.53 60.84 8.89
C MET D 360 -7.10 59.55 8.31
N PRO D 361 -6.52 59.03 7.23
CA PRO D 361 -6.98 57.72 6.72
C PRO D 361 -6.76 56.59 7.69
N ALA D 362 -5.81 56.72 8.61
CA ALA D 362 -5.52 55.67 9.56
C ALA D 362 -6.62 55.57 10.61
N GLU D 363 -6.72 54.41 11.23
CA GLU D 363 -7.70 54.19 12.28
C GLU D 363 -7.29 54.96 13.53
N ASP D 364 -8.30 55.40 14.30
CA ASP D 364 -8.04 56.19 15.49
C ASP D 364 -7.30 55.38 16.54
N ILE D 365 -7.59 54.09 16.65
CA ILE D 365 -6.93 53.26 17.66
C ILE D 365 -5.45 53.12 17.36
N GLU D 366 -5.08 52.96 16.08
CA GLU D 366 -3.67 52.86 15.72
C GLU D 366 -2.94 54.16 16.02
N VAL D 367 -3.55 55.30 15.71
CA VAL D 367 -2.93 56.60 15.99
C VAL D 367 -2.77 56.80 17.49
N ASN D 368 -3.79 56.43 18.27
CA ASN D 368 -3.67 56.57 19.72
C ASN D 368 -2.59 55.67 20.28
N GLU D 369 -2.48 54.44 19.78
CA GLU D 369 -1.44 53.53 20.24
C GLU D 369 -0.06 54.03 19.88
N ALA D 370 0.09 54.61 18.69
CA ALA D 370 1.35 55.23 18.31
C ALA D 370 1.69 56.40 19.23
N GLU D 371 0.69 57.20 19.57
CA GLU D 371 0.91 58.32 20.49
C GLU D 371 1.36 57.82 21.85
N GLU D 372 0.77 56.73 22.33
CA GLU D 372 1.16 56.17 23.63
C GLU D 372 2.59 55.65 23.64
N GLU D 373 3.12 55.28 22.47
CA GLU D 373 4.46 54.72 22.38
C GLU D 373 5.55 55.75 22.11
N GLY D 374 5.19 57.02 22.02
CA GLY D 374 6.18 58.06 21.82
C GLY D 374 6.29 58.63 20.43
N VAL D 375 5.41 58.26 19.52
CA VAL D 375 5.42 58.84 18.18
C VAL D 375 4.78 60.23 18.25
N LYS D 376 5.43 61.20 17.61
CA LYS D 376 4.95 62.57 17.57
C LYS D 376 4.35 62.86 16.20
N PHE D 377 3.38 63.77 16.18
CA PHE D 377 2.60 64.04 14.97
C PHE D 377 2.65 65.51 14.62
N GLN D 378 2.86 65.81 13.34
CA GLN D 378 2.78 67.16 12.80
C GLN D 378 1.79 67.16 11.65
N PHE D 379 0.84 68.09 11.68
CA PHE D 379 -0.22 68.14 10.69
C PHE D 379 -0.13 69.43 9.90
N LEU D 380 -0.81 69.43 8.75
CA LEU D 380 -0.91 70.59 7.86
C LEU D 380 0.46 71.03 7.35
N VAL D 381 1.37 70.07 7.17
CA VAL D 381 2.68 70.34 6.58
C VAL D 381 2.91 69.35 5.44
N ALA D 382 3.60 69.82 4.40
CA ALA D 382 3.91 69.01 3.24
C ALA D 382 5.37 69.22 2.86
N PRO D 383 6.08 68.17 2.46
CA PRO D 383 7.50 68.32 2.14
C PRO D 383 7.71 69.07 0.82
N ILE D 384 8.58 70.07 0.86
CA ILE D 384 8.97 70.78 -0.36
C ILE D 384 10.43 70.57 -0.71
N GLU D 385 11.29 70.19 0.22
CA GLU D 385 12.69 69.95 -0.12
C GLU D 385 13.29 68.98 0.89
N VAL D 386 14.31 68.25 0.44
CA VAL D 386 15.09 67.38 1.31
C VAL D 386 16.49 67.98 1.40
N ILE D 387 16.87 68.44 2.58
CA ILE D 387 18.20 69.00 2.80
C ILE D 387 19.18 67.85 2.98
N THR D 388 20.07 67.68 2.01
CA THR D 388 21.09 66.65 2.06
C THR D 388 22.47 67.31 2.14
N ASP D 389 23.29 66.83 3.08
CA ASP D 389 24.60 67.45 3.29
C ASP D 389 25.65 66.90 2.33
N GLY D 390 25.94 65.61 2.43
CA GLY D 390 26.96 65.00 1.58
C GLY D 390 26.42 63.83 0.79
N GLY D 391 25.20 63.97 0.27
CA GLY D 391 24.49 62.87 -0.34
C GLY D 391 23.62 62.08 0.62
N ARG D 392 23.71 62.37 1.92
CA ARG D 392 22.87 61.75 2.93
C ARG D 392 21.88 62.77 3.47
N VAL D 393 20.73 62.27 3.92
CA VAL D 393 19.67 63.16 4.40
C VAL D 393 20.11 63.86 5.66
N ARG D 394 19.97 65.19 5.68
CA ARG D 394 20.26 66.00 6.86
C ARG D 394 19.01 66.57 7.50
N ALA D 395 18.05 67.04 6.70
CA ALA D 395 16.81 67.58 7.23
C ALA D 395 15.76 67.54 6.13
N LEU D 396 14.55 67.98 6.47
CA LEU D 396 13.45 68.08 5.52
C LEU D 396 12.80 69.44 5.66
N LYS D 397 12.73 70.18 4.57
CA LYS D 397 12.04 71.47 4.52
C LYS D 397 10.59 71.21 4.10
N CYS D 398 9.66 71.50 5.00
CA CYS D 398 8.25 71.25 4.81
C CYS D 398 7.51 72.58 4.71
N GLN D 399 6.44 72.58 3.93
CA GLN D 399 5.61 73.77 3.73
C GLN D 399 4.38 73.66 4.61
N ARG D 400 4.25 74.58 5.57
CA ARG D 400 3.04 74.66 6.38
C ARG D 400 1.86 75.00 5.48
N MET D 401 0.73 74.37 5.75
CA MET D 401 -0.42 74.46 4.85
C MET D 401 -1.67 74.68 5.68
N ARG D 402 -2.78 74.96 4.99
CA ARG D 402 -4.04 75.23 5.67
C ARG D 402 -5.19 74.69 4.83
N LEU D 403 -6.31 74.44 5.48
CA LEU D 403 -7.48 73.87 4.82
C LEU D 403 -8.24 75.00 4.11
N GLY D 404 -8.04 75.12 2.80
CA GLY D 404 -8.61 76.22 2.05
C GLY D 404 -10.05 76.07 1.58
N ASP D 405 -10.31 75.11 0.71
CA ASP D 405 -11.62 75.00 0.06
C ASP D 405 -11.91 73.53 -0.24
N MET D 406 -12.90 73.28 -1.09
CA MET D 406 -13.31 71.93 -1.42
C MET D 406 -12.35 71.30 -2.43
N ASP D 407 -12.64 70.05 -2.81
CA ASP D 407 -11.79 69.31 -3.73
C ASP D 407 -12.61 68.21 -4.39
N GLU D 408 -11.93 67.31 -5.09
CA GLU D 408 -12.58 66.11 -5.60
C GLU D 408 -13.09 65.25 -4.45
N SER D 409 -12.36 65.22 -3.34
CA SER D 409 -12.88 64.60 -2.12
C SER D 409 -14.14 65.31 -1.66
N GLY D 410 -14.19 66.63 -1.81
CA GLY D 410 -15.35 67.42 -1.50
C GLY D 410 -15.40 67.95 -0.09
N ARG D 411 -14.58 67.39 0.82
CA ARG D 411 -14.66 67.78 2.22
C ARG D 411 -13.88 69.07 2.47
N ARG D 412 -12.57 69.04 2.26
CA ARG D 412 -11.74 70.22 2.52
C ARG D 412 -10.38 69.99 1.87
N ARG D 413 -10.01 70.82 0.91
CA ARG D 413 -8.71 70.67 0.25
C ARG D 413 -7.64 71.45 0.99
N PRO D 414 -6.51 70.83 1.32
CA PRO D 414 -5.39 71.58 1.90
C PRO D 414 -4.59 72.30 0.82
N VAL D 415 -4.24 73.55 1.09
CA VAL D 415 -3.49 74.39 0.15
C VAL D 415 -2.35 75.08 0.90
N PRO D 416 -1.25 75.41 0.23
CA PRO D 416 -0.10 75.98 0.93
C PRO D 416 -0.40 77.33 1.57
N ILE D 417 0.32 77.60 2.66
CA ILE D 417 0.35 78.92 3.28
C ILE D 417 1.65 79.59 2.85
N GLU D 418 1.53 80.76 2.23
CA GLU D 418 2.70 81.48 1.74
C GLU D 418 3.43 82.16 2.90
N GLY D 419 4.75 82.01 2.93
CA GLY D 419 5.57 82.61 3.96
C GLY D 419 5.85 81.75 5.16
N ALA D 420 5.23 80.56 5.25
CA ALA D 420 5.43 79.66 6.37
C ALA D 420 6.13 78.40 5.88
N GLU D 421 7.29 78.11 6.47
CA GLU D 421 8.07 76.92 6.15
C GLU D 421 8.80 76.48 7.41
N VAL D 422 8.91 75.16 7.59
CA VAL D 422 9.47 74.59 8.80
C VAL D 422 10.50 73.54 8.43
N ILE D 423 11.64 73.54 9.11
CA ILE D 423 12.70 72.56 8.89
C ILE D 423 12.65 71.54 10.01
N PHE D 424 12.59 70.26 9.65
CA PHE D 424 12.61 69.16 10.61
C PHE D 424 13.92 68.40 10.44
N GLU D 425 14.67 68.27 11.53
CA GLU D 425 15.89 67.48 11.50
C GLU D 425 15.54 66.00 11.41
N ALA D 426 16.30 65.27 10.59
CA ALA D 426 15.98 63.87 10.34
C ALA D 426 17.20 63.14 9.83
N ASP D 427 17.55 62.05 10.51
CA ASP D 427 18.54 61.12 9.96
C ASP D 427 17.96 60.27 8.85
N THR D 428 16.64 60.06 8.83
CA THR D 428 16.01 59.28 7.79
C THR D 428 14.58 59.76 7.56
N ILE D 429 14.12 59.64 6.32
CA ILE D 429 12.76 59.98 5.93
C ILE D 429 12.14 58.76 5.28
N ILE D 430 10.95 58.39 5.74
CA ILE D 430 10.19 57.27 5.21
C ILE D 430 8.98 57.85 4.49
N SER D 431 8.96 57.72 3.17
CA SER D 431 7.87 58.22 2.35
C SER D 431 6.74 57.19 2.36
N ALA D 432 5.61 57.54 2.95
CA ALA D 432 4.50 56.63 3.17
C ALA D 432 3.19 57.27 2.75
N ILE D 433 3.16 57.87 1.56
CA ILE D 433 1.99 58.58 1.07
C ILE D 433 1.19 57.74 0.07
N GLY D 434 1.33 56.43 0.11
CA GLY D 434 0.55 55.54 -0.73
C GLY D 434 1.43 54.69 -1.64
N GLN D 435 0.80 53.67 -2.20
CA GLN D 435 1.46 52.72 -3.07
C GLN D 435 0.74 52.63 -4.40
N LYS D 436 1.49 52.22 -5.42
CA LYS D 436 0.98 52.12 -6.78
C LYS D 436 1.35 50.77 -7.36
N VAL D 437 0.55 50.32 -8.32
CA VAL D 437 0.83 49.06 -9.00
C VAL D 437 2.08 49.19 -9.84
N ARG D 438 2.98 48.22 -9.73
CA ARG D 438 4.21 48.23 -10.51
C ARG D 438 3.91 48.01 -12.00
N VAL D 439 4.58 48.78 -12.84
CA VAL D 439 4.38 48.67 -14.28
C VAL D 439 4.83 47.30 -14.78
N GLU D 440 5.94 46.79 -14.25
CA GLU D 440 6.48 45.51 -14.70
C GLU D 440 5.52 44.36 -14.41
N ASP D 441 4.77 44.43 -13.31
CA ASP D 441 3.82 43.37 -12.99
C ASP D 441 2.70 43.31 -14.03
N VAL D 442 2.29 44.46 -14.55
CA VAL D 442 1.09 44.56 -15.36
C VAL D 442 1.46 44.77 -16.82
N GLU D 443 2.62 44.24 -17.22
CA GLU D 443 3.06 44.35 -18.60
C GLU D 443 2.06 43.69 -19.54
N GLY D 444 1.85 44.29 -20.71
CA GLY D 444 0.96 43.75 -21.70
C GLY D 444 -0.51 43.87 -21.38
N LEU D 445 -0.89 44.81 -20.51
CA LEU D 445 -2.28 44.97 -20.10
C LEU D 445 -2.68 46.43 -20.19
N GLU D 446 -3.98 46.65 -20.34
CA GLU D 446 -4.55 47.99 -20.37
C GLU D 446 -4.85 48.45 -18.95
N LEU D 447 -4.30 49.59 -18.58
CA LEU D 447 -4.41 50.14 -17.23
C LEU D 447 -5.33 51.35 -17.22
N THR D 448 -5.68 51.78 -16.01
CA THR D 448 -6.50 52.96 -15.83
C THR D 448 -5.60 54.18 -15.68
N ARG D 449 -6.19 55.31 -15.26
CA ARG D 449 -5.41 56.53 -15.08
C ARG D 449 -4.54 56.49 -13.84
N HIS D 450 -4.87 55.65 -12.87
CA HIS D 450 -4.08 55.50 -11.66
C HIS D 450 -3.02 54.41 -11.77
N GLY D 451 -2.93 53.73 -12.90
CA GLY D 451 -1.98 52.67 -13.10
C GLY D 451 -2.48 51.29 -12.74
N THR D 452 -3.63 51.19 -12.08
CA THR D 452 -4.19 49.91 -11.73
C THR D 452 -4.71 49.20 -12.98
N ILE D 453 -4.83 47.87 -12.90
CA ILE D 453 -5.34 47.10 -14.02
C ILE D 453 -6.78 47.50 -14.29
N LYS D 454 -7.11 47.68 -15.56
CA LYS D 454 -8.46 48.02 -15.98
C LYS D 454 -9.22 46.73 -16.26
N VAL D 455 -10.29 46.51 -15.50
CA VAL D 455 -11.11 45.31 -15.64
C VAL D 455 -12.57 45.73 -15.83
N ASP D 456 -13.33 44.85 -16.46
CA ASP D 456 -14.76 45.05 -16.59
C ASP D 456 -15.43 44.69 -15.28
N GLU D 457 -16.17 45.64 -14.70
CA GLU D 457 -16.83 45.39 -13.42
C GLU D 457 -17.88 44.31 -13.57
N GLY D 458 -17.98 43.44 -12.56
CA GLY D 458 -18.88 42.32 -12.57
C GLY D 458 -18.28 41.05 -13.14
N THR D 459 -17.33 41.17 -14.07
CA THR D 459 -16.67 40.01 -14.65
C THR D 459 -15.19 39.92 -14.29
N TYR D 460 -14.57 41.01 -13.87
CA TYR D 460 -13.18 41.07 -13.44
C TYR D 460 -12.20 40.73 -14.57
N GLN D 461 -12.65 40.68 -15.81
CA GLN D 461 -11.80 40.33 -16.93
C GLN D 461 -11.06 41.57 -17.43
N THR D 462 -9.77 41.37 -17.76
CA THR D 462 -8.92 42.45 -18.22
C THR D 462 -9.07 42.62 -19.73
N SER D 463 -8.21 43.45 -20.32
CA SER D 463 -8.23 43.60 -21.78
C SER D 463 -7.87 42.29 -22.47
N LEU D 464 -6.91 41.56 -21.94
CA LEU D 464 -6.61 40.23 -22.45
C LEU D 464 -7.75 39.27 -22.13
N GLU D 465 -7.99 38.34 -23.04
CA GLU D 465 -9.07 37.38 -22.88
C GLU D 465 -8.59 36.17 -22.09
N GLY D 466 -9.42 35.73 -21.15
CA GLY D 466 -9.07 34.65 -20.28
C GLY D 466 -8.19 35.02 -19.11
N VAL D 467 -7.87 36.31 -18.95
CA VAL D 467 -7.02 36.79 -17.88
C VAL D 467 -7.83 37.75 -17.02
N PHE D 468 -7.99 37.41 -15.75
CA PHE D 468 -8.77 38.18 -14.79
C PHE D 468 -7.84 38.86 -13.79
N ALA D 469 -8.39 39.79 -13.03
CA ALA D 469 -7.59 40.51 -12.04
C ALA D 469 -8.49 40.99 -10.92
N GLY D 470 -7.88 41.31 -9.79
CA GLY D 470 -8.61 41.82 -8.64
C GLY D 470 -7.66 42.18 -7.53
N GLY D 471 -8.23 42.79 -6.49
CA GLY D 471 -7.44 43.18 -5.34
C GLY D 471 -6.86 44.56 -5.48
N ASP D 472 -5.77 44.79 -4.74
CA ASP D 472 -5.08 46.08 -4.78
C ASP D 472 -4.51 46.39 -6.16
N ALA D 473 -4.32 45.37 -7.00
CA ALA D 473 -3.88 45.60 -8.36
C ALA D 473 -4.95 46.26 -9.22
N VAL D 474 -6.21 46.18 -8.79
CA VAL D 474 -7.33 46.68 -9.56
C VAL D 474 -7.96 47.90 -8.90
N THR D 475 -8.16 47.85 -7.59
CA THR D 475 -8.84 48.91 -6.87
C THR D 475 -7.89 49.86 -6.15
N GLY D 476 -6.60 49.58 -6.14
CA GLY D 476 -5.66 50.35 -5.37
C GLY D 476 -5.65 49.92 -3.92
N PRO D 477 -4.85 50.60 -3.09
CA PRO D 477 -4.76 50.22 -1.67
C PRO D 477 -6.09 50.35 -0.96
N LYS D 478 -6.53 49.25 -0.35
CA LYS D 478 -7.74 49.20 0.46
C LYS D 478 -7.44 48.31 1.67
N ILE D 479 -8.48 47.90 2.39
CA ILE D 479 -8.32 46.98 3.50
C ILE D 479 -8.36 45.56 2.95
N ALA D 480 -7.93 44.60 3.77
CA ALA D 480 -7.71 43.24 3.26
C ALA D 480 -9.01 42.52 2.95
N ILE D 481 -10.09 42.83 3.66
CA ILE D 481 -11.35 42.14 3.42
C ILE D 481 -11.94 42.54 2.07
N GLU D 482 -11.66 43.76 1.59
CA GLU D 482 -12.05 44.12 0.23
C GLU D 482 -11.31 43.26 -0.78
N ALA D 483 -10.02 43.00 -0.56
CA ALA D 483 -9.27 42.13 -1.46
C ALA D 483 -9.81 40.71 -1.41
N ILE D 484 -10.20 40.24 -0.23
CA ILE D 484 -10.78 38.90 -0.11
C ILE D 484 -12.11 38.82 -0.85
N ALA D 485 -12.94 39.86 -0.73
CA ALA D 485 -14.19 39.91 -1.48
C ALA D 485 -13.94 39.88 -2.97
N GLN D 486 -12.96 40.65 -3.44
CA GLN D 486 -12.61 40.65 -4.86
C GLN D 486 -12.13 39.28 -5.31
N GLY D 487 -11.30 38.63 -4.50
CA GLY D 487 -10.83 37.30 -4.86
C GLY D 487 -11.94 36.28 -4.94
N LYS D 488 -12.89 36.33 -3.99
CA LYS D 488 -14.01 35.40 -4.00
C LYS D 488 -14.92 35.63 -5.20
N ASN D 489 -15.24 36.90 -5.50
CA ASN D 489 -16.08 37.20 -6.65
C ASN D 489 -15.40 36.79 -7.95
N ALA D 490 -14.10 37.05 -8.05
CA ALA D 490 -13.35 36.65 -9.23
C ALA D 490 -13.31 35.13 -9.36
N ALA D 491 -13.21 34.42 -8.24
CA ALA D 491 -13.26 32.96 -8.30
C ALA D 491 -14.61 32.48 -8.82
N ARG D 492 -15.69 33.13 -8.39
CA ARG D 492 -17.02 32.76 -8.89
C ARG D 492 -17.12 32.99 -10.40
N VAL D 493 -16.67 34.16 -10.85
CA VAL D 493 -16.76 34.48 -12.27
C VAL D 493 -15.85 33.58 -13.10
N ILE D 494 -14.67 33.23 -12.55
CA ILE D 494 -13.74 32.36 -13.25
C ILE D 494 -14.30 30.95 -13.34
N ASP D 495 -14.98 30.48 -12.29
CA ASP D 495 -15.63 29.17 -12.37
C ASP D 495 -16.72 29.17 -13.43
N SER D 496 -17.51 30.24 -13.49
CA SER D 496 -18.53 30.33 -14.54
C SER D 496 -17.89 30.33 -15.92
N TYR D 497 -16.79 31.06 -16.09
CA TYR D 497 -16.09 31.10 -17.37
C TYR D 497 -15.54 29.73 -17.74
N LEU D 498 -14.99 29.00 -16.76
CA LEU D 498 -14.48 27.67 -17.01
C LEU D 498 -15.60 26.71 -17.39
N ARG D 499 -16.80 26.92 -16.86
CA ARG D 499 -17.95 26.17 -17.34
C ARG D 499 -18.44 26.64 -18.71
N GLY D 500 -17.86 27.71 -19.25
CA GLY D 500 -18.26 28.22 -20.54
C GLY D 500 -19.44 29.17 -20.53
N LYS D 501 -19.86 29.62 -19.35
CA LYS D 501 -21.09 30.39 -19.18
C LYS D 501 -20.83 31.62 -18.32
N LEU D 502 -19.84 32.42 -18.72
CA LEU D 502 -19.45 33.63 -17.99
C LEU D 502 -20.66 34.44 -17.54
N GLU D 503 -20.80 34.58 -16.22
CA GLU D 503 -21.87 35.32 -15.61
C GLU D 503 -21.31 36.41 -14.70
N PRO D 504 -21.75 37.66 -14.83
CA PRO D 504 -21.34 38.67 -13.87
C PRO D 504 -21.94 38.41 -12.50
N ILE D 505 -21.38 39.09 -11.50
CA ILE D 505 -21.84 38.94 -10.12
C ILE D 505 -23.15 39.70 -9.95
N LYS D 506 -24.18 39.01 -9.48
CA LYS D 506 -25.49 39.60 -9.29
C LYS D 506 -25.75 39.85 -7.81
N GLU D 507 -26.07 41.09 -7.49
CA GLU D 507 -26.37 41.47 -6.11
C GLU D 507 -27.81 41.11 -5.79
N PRO D 508 -28.06 40.30 -4.76
CA PRO D 508 -29.44 39.99 -4.39
C PRO D 508 -30.17 41.18 -3.82
N TYR D 509 -31.50 41.12 -3.87
CA TYR D 509 -32.34 42.11 -3.23
C TYR D 509 -32.68 41.64 -1.83
N TYR D 510 -32.44 42.50 -0.85
CA TYR D 510 -32.76 42.22 0.54
C TYR D 510 -33.77 43.26 1.05
N VAL D 511 -34.74 42.80 1.82
CA VAL D 511 -35.61 43.69 2.56
C VAL D 511 -34.84 44.20 3.78
N LYS D 512 -34.85 45.51 3.97
CA LYS D 512 -34.12 46.16 5.05
C LYS D 512 -35.04 47.07 5.83
N GLN D 513 -34.60 47.46 7.02
CA GLN D 513 -35.32 48.41 7.86
C GLN D 513 -34.41 49.61 8.10
N GLU D 514 -34.62 50.67 7.34
CA GLU D 514 -33.84 51.89 7.48
C GLU D 514 -34.47 52.89 8.44
N ASP D 515 -35.64 52.59 8.98
CA ASP D 515 -36.37 53.50 9.85
C ASP D 515 -36.11 53.25 11.33
N LEU D 516 -35.25 52.30 11.66
CA LEU D 516 -35.02 51.98 13.06
C LEU D 516 -34.18 53.06 13.73
N THR D 517 -34.65 53.54 14.87
CA THR D 517 -34.00 54.56 15.67
C THR D 517 -33.89 54.06 17.09
N PRO D 518 -33.04 54.68 17.92
CA PRO D 518 -32.72 54.08 19.23
C PRO D 518 -33.91 53.76 20.12
N GLU D 519 -34.99 54.54 20.07
CA GLU D 519 -36.09 54.23 20.98
C GLU D 519 -36.82 52.94 20.63
N ASP D 520 -36.57 52.38 19.45
CA ASP D 520 -37.07 51.05 19.13
C ASP D 520 -36.35 49.95 19.90
N PHE D 521 -35.20 50.26 20.51
CA PHE D 521 -34.45 49.29 21.31
C PHE D 521 -34.32 49.73 22.75
N LYS D 522 -35.18 50.66 23.21
CA LYS D 522 -35.07 51.20 24.55
C LYS D 522 -35.48 50.22 25.63
N ASP D 523 -36.07 49.09 25.25
CA ASP D 523 -36.51 48.10 26.23
C ASP D 523 -35.45 47.05 26.53
N ARG D 524 -34.44 46.91 25.68
CA ARG D 524 -33.42 45.89 25.87
C ARG D 524 -32.55 46.23 27.08
N GLU D 525 -32.13 45.19 27.80
CA GLU D 525 -31.21 45.37 28.92
C GLU D 525 -29.84 45.76 28.38
N ARG D 526 -29.24 46.78 28.98
CA ARG D 526 -27.93 47.25 28.56
C ARG D 526 -26.85 46.36 29.14
N LYS D 527 -25.93 45.90 28.30
CA LYS D 527 -24.85 45.02 28.71
C LYS D 527 -23.52 45.56 28.22
N PRO D 528 -22.46 45.42 29.01
CA PRO D 528 -21.16 45.95 28.61
C PRO D 528 -20.47 45.07 27.58
N ARG D 529 -19.71 45.72 26.71
CA ARG D 529 -18.92 45.02 25.71
C ARG D 529 -17.74 44.30 26.38
N VAL D 530 -17.25 43.27 25.72
CA VAL D 530 -16.08 42.55 26.23
C VAL D 530 -14.88 43.48 26.23
N PRO D 531 -14.15 43.61 27.34
CA PRO D 531 -12.99 44.50 27.36
C PRO D 531 -11.82 43.92 26.57
N LEU D 532 -11.12 44.80 25.87
CA LEU D 532 -9.98 44.41 25.04
C LEU D 532 -8.70 44.58 25.85
N LYS D 533 -7.97 43.49 26.05
CA LYS D 533 -6.73 43.52 26.82
C LYS D 533 -5.62 44.07 25.93
N VAL D 534 -5.00 45.17 26.37
CA VAL D 534 -3.97 45.86 25.61
C VAL D 534 -2.69 45.85 26.45
N ALA D 535 -1.58 45.46 25.82
CA ALA D 535 -0.30 45.43 26.51
C ALA D 535 0.13 46.85 26.88
N ASN D 536 0.85 46.95 28.00
CA ASN D 536 1.32 48.25 28.48
C ASN D 536 2.23 48.90 27.46
N ALA D 537 2.05 50.22 27.28
CA ALA D 537 2.76 50.93 26.22
C ALA D 537 4.27 50.89 26.43
N GLU D 538 4.72 51.10 27.67
CA GLU D 538 6.14 51.17 27.94
C GLU D 538 6.85 49.87 27.61
N GLU D 539 6.26 48.74 27.97
CA GLU D 539 6.88 47.45 27.67
C GLU D 539 6.71 47.08 26.20
N ARG D 540 5.55 47.41 25.62
CA ARG D 540 5.27 46.97 24.26
C ARG D 540 6.05 47.75 23.21
N LYS D 541 6.45 48.99 23.51
CA LYS D 541 7.18 49.77 22.53
C LYS D 541 8.60 49.27 22.30
N ASN D 542 9.09 48.37 23.14
CA ASN D 542 10.45 47.85 23.03
C ASN D 542 10.52 46.49 22.32
N ASN D 543 9.39 45.87 22.03
CA ASN D 543 9.39 44.53 21.45
C ASN D 543 8.33 44.46 20.36
N PHE D 544 8.35 43.34 19.64
CA PHE D 544 7.42 43.07 18.55
C PHE D 544 6.38 42.02 18.94
N ARG D 545 6.05 41.95 20.22
CA ARG D 545 5.04 40.99 20.67
C ARG D 545 3.65 41.51 20.37
N GLU D 546 2.70 40.58 20.27
CA GLU D 546 1.31 40.95 20.02
C GLU D 546 0.79 41.90 21.10
N ILE D 547 0.07 42.92 20.66
CA ILE D 547 -0.39 43.94 21.59
C ILE D 547 -1.66 43.50 22.31
N THR D 548 -2.60 42.93 21.58
CA THR D 548 -3.90 42.55 22.13
C THR D 548 -3.99 41.04 22.27
N SER D 549 -4.82 40.60 23.21
CA SER D 549 -4.99 39.19 23.53
C SER D 549 -6.34 38.68 23.03
N THR D 550 -6.40 37.39 22.73
CA THR D 550 -7.66 36.75 22.39
C THR D 550 -8.51 36.59 23.65
N MET D 551 -9.82 36.80 23.49
CA MET D 551 -10.74 36.68 24.62
C MET D 551 -10.89 35.21 25.03
N THR D 552 -11.41 35.01 26.23
CA THR D 552 -11.65 33.68 26.75
C THR D 552 -13.00 33.16 26.29
N GLU D 553 -13.23 31.87 26.51
CA GLU D 553 -14.48 31.25 26.08
C GLU D 553 -15.68 31.85 26.81
N LYS D 554 -15.54 32.11 28.10
CA LYS D 554 -16.62 32.73 28.86
C LYS D 554 -16.95 34.11 28.31
N GLU D 555 -15.92 34.92 28.06
CA GLU D 555 -16.14 36.23 27.48
C GLU D 555 -16.70 36.14 26.08
N ALA D 556 -16.28 35.13 25.31
CA ALA D 556 -16.79 34.94 23.96
C ALA D 556 -18.28 34.66 23.97
N ILE D 557 -18.72 33.74 24.84
CA ILE D 557 -20.13 33.40 24.90
C ILE D 557 -20.94 34.57 25.43
N ALA D 558 -20.43 35.26 26.44
CA ALA D 558 -21.14 36.42 26.97
C ALA D 558 -21.26 37.54 25.93
N GLU D 559 -20.24 37.71 25.11
CA GLU D 559 -20.29 38.75 24.09
C GLU D 559 -21.21 38.36 22.93
N ALA D 560 -21.20 37.10 22.54
CA ALA D 560 -22.10 36.64 21.50
C ALA D 560 -23.54 36.69 21.95
N SER D 561 -23.80 36.50 23.24
CA SER D 561 -25.16 36.57 23.77
C SER D 561 -25.72 37.99 23.76
N ARG D 562 -24.90 39.00 23.49
CA ARG D 562 -25.36 40.37 23.40
C ARG D 562 -26.03 40.70 22.08
N CYS D 563 -25.92 39.83 21.08
CA CYS D 563 -26.46 40.11 19.76
C CYS D 563 -27.98 40.24 19.84
N LEU D 564 -28.52 41.19 19.05
CA LEU D 564 -29.94 41.46 19.03
C LEU D 564 -30.69 40.62 18.00
N GLU D 565 -29.98 39.82 17.20
CA GLU D 565 -30.58 38.95 16.19
C GLU D 565 -31.46 39.74 15.23
N CYS D 566 -30.81 40.64 14.49
CA CYS D 566 -31.54 41.55 13.61
C CYS D 566 -32.05 40.87 12.35
N GLY D 567 -31.35 39.84 11.86
CA GLY D 567 -31.75 39.20 10.64
C GLY D 567 -32.97 38.32 10.81
N CYS D 568 -33.68 38.11 9.71
CA CYS D 568 -34.87 37.28 9.73
C CYS D 568 -34.52 35.84 10.04
N MET D 569 -35.31 35.21 10.89
CA MET D 569 -35.07 33.81 11.24
C MET D 569 -35.47 32.85 10.13
N ASP D 570 -36.24 33.30 9.15
CA ASP D 570 -36.70 32.46 8.06
C ASP D 570 -35.92 32.69 6.78
N TYR D 571 -34.75 33.32 6.86
CA TYR D 571 -34.04 33.74 5.66
C TYR D 571 -33.71 32.56 4.76
N PHE D 572 -33.31 31.45 5.33
CA PHE D 572 -32.85 30.32 4.55
C PHE D 572 -33.98 29.45 4.01
N GLU D 573 -35.23 29.77 4.36
CA GLU D 573 -36.37 29.03 3.84
C GLU D 573 -37.52 29.92 3.39
N CYS D 574 -37.37 31.25 3.44
CA CYS D 574 -38.46 32.13 3.04
C CYS D 574 -38.69 32.05 1.54
N GLN D 575 -39.94 31.82 1.15
CA GLN D 575 -40.27 31.74 -0.26
C GLN D 575 -40.44 33.12 -0.89
N LEU D 576 -40.84 34.11 -0.10
CA LEU D 576 -40.98 35.46 -0.62
C LEU D 576 -39.63 36.02 -1.04
N TYR D 577 -38.59 35.78 -0.23
CA TYR D 577 -37.26 36.26 -0.59
C TYR D 577 -36.79 35.63 -1.89
N LYS D 578 -36.96 34.31 -2.02
CA LYS D 578 -36.51 33.61 -3.21
C LYS D 578 -37.29 34.03 -4.44
N TYR D 579 -38.58 34.34 -4.28
CA TYR D 579 -39.38 34.75 -5.42
C TYR D 579 -39.05 36.19 -5.84
N VAL D 580 -38.87 37.09 -4.88
CA VAL D 580 -38.50 38.45 -5.25
C VAL D 580 -37.08 38.51 -5.78
N ASN D 581 -36.27 37.49 -5.53
CA ASN D 581 -34.97 37.42 -6.17
C ASN D 581 -35.02 36.70 -7.52
N GLN D 582 -36.08 35.95 -7.79
CA GLN D 582 -36.26 35.37 -9.11
C GLN D 582 -36.83 36.35 -10.12
N TYR D 583 -37.53 37.38 -9.66
CA TYR D 583 -38.15 38.38 -10.52
C TYR D 583 -37.62 39.75 -10.15
N ASP D 584 -37.17 40.51 -11.14
CA ASP D 584 -36.53 41.79 -10.87
C ASP D 584 -37.54 42.82 -10.41
N VAL D 585 -37.69 42.95 -9.10
CA VAL D 585 -38.71 43.81 -8.50
C VAL D 585 -38.11 45.19 -8.22
N ASP D 586 -38.94 46.21 -8.37
CA ASP D 586 -38.59 47.58 -8.02
C ASP D 586 -39.68 48.09 -7.08
N PRO D 587 -39.63 47.70 -5.81
CA PRO D 587 -40.76 47.96 -4.90
C PRO D 587 -40.81 49.36 -4.33
N GLN D 588 -39.85 50.23 -4.66
CA GLN D 588 -39.86 51.58 -4.10
C GLN D 588 -40.91 52.46 -4.74
N ARG D 589 -41.38 52.11 -5.95
CA ARG D 589 -42.40 52.94 -6.59
C ARG D 589 -43.76 52.73 -5.94
N LEU D 590 -44.08 51.51 -5.55
CA LEU D 590 -45.33 51.21 -4.85
C LEU D 590 -45.14 51.23 -3.34
N SER D 591 -44.54 52.29 -2.82
CA SER D 591 -44.28 52.43 -1.40
C SER D 591 -45.20 53.48 -0.80
N GLY D 592 -45.67 53.21 0.41
CA GLY D 592 -46.58 54.12 1.08
C GLY D 592 -46.80 53.73 2.52
N TYR D 593 -48.05 53.77 2.98
CA TYR D 593 -48.35 53.37 4.34
C TYR D 593 -48.05 51.90 4.54
N LYS D 594 -47.41 51.60 5.66
CA LYS D 594 -47.06 50.23 6.04
C LYS D 594 -47.43 50.02 7.49
N HIS D 595 -48.15 48.93 7.77
CA HIS D 595 -48.52 48.61 9.13
C HIS D 595 -47.29 48.28 9.96
N LYS D 596 -47.36 48.58 11.25
CA LYS D 596 -46.39 48.13 12.24
C LYS D 596 -47.19 47.62 13.44
N ARG D 597 -47.56 46.34 13.41
CA ARG D 597 -48.43 45.76 14.42
C ARG D 597 -47.78 44.60 15.15
N TYR D 598 -46.47 44.47 15.09
CA TYR D 598 -45.78 43.38 15.76
C TYR D 598 -45.68 43.66 17.26
N GLU D 599 -46.10 42.68 18.06
CA GLU D 599 -45.97 42.74 19.51
C GLU D 599 -45.26 41.51 20.01
N PRO D 600 -44.36 41.66 20.98
CA PRO D 600 -43.68 40.48 21.56
C PRO D 600 -44.65 39.59 22.31
N GLN D 601 -44.39 38.29 22.25
CA GLN D 601 -45.26 37.29 22.86
C GLN D 601 -44.45 36.36 23.74
N LYS D 602 -45.15 35.74 24.70
CA LYS D 602 -44.53 34.87 25.69
C LYS D 602 -44.62 33.40 25.33
N HIS D 603 -45.13 33.06 24.16
CA HIS D 603 -45.29 31.65 23.80
C HIS D 603 -43.92 30.98 23.68
N PRO D 604 -43.73 29.81 24.28
CA PRO D 604 -42.41 29.18 24.26
C PRO D 604 -42.01 28.58 22.93
N PHE D 605 -42.93 28.42 21.98
CA PHE D 605 -42.68 27.62 20.80
C PHE D 605 -42.90 28.35 19.48
N ILE D 606 -43.93 29.19 19.39
CA ILE D 606 -44.33 29.82 18.14
C ILE D 606 -44.24 31.33 18.28
N GLU D 607 -43.56 31.97 17.33
CA GLU D 607 -43.47 33.42 17.27
C GLU D 607 -44.15 33.90 15.99
N ARG D 608 -45.05 34.87 16.13
CA ARG D 608 -45.82 35.40 15.02
C ARG D 608 -45.51 36.87 14.81
N ASN D 609 -45.18 37.24 13.57
CA ASN D 609 -44.89 38.62 13.21
C ASN D 609 -45.87 39.09 12.13
N PRO D 610 -46.83 39.95 12.46
CA PRO D 610 -47.75 40.43 11.43
C PRO D 610 -47.08 41.20 10.31
N ASP D 611 -45.94 41.84 10.58
CA ASP D 611 -45.27 42.67 9.59
C ASP D 611 -44.64 41.87 8.46
N LYS D 612 -44.54 40.55 8.60
CA LYS D 612 -44.01 39.69 7.56
C LYS D 612 -45.07 38.81 6.94
N CYS D 613 -46.35 39.08 7.20
CA CYS D 613 -47.44 38.25 6.72
C CYS D 613 -47.89 38.70 5.33
N ILE D 614 -47.92 37.75 4.41
CA ILE D 614 -48.40 38.03 3.05
C ILE D 614 -49.88 37.66 2.89
N LEU D 615 -50.55 37.29 3.99
CA LEU D 615 -51.98 37.02 4.02
C LEU D 615 -52.37 35.95 3.00
N CYS D 616 -51.56 34.90 2.92
CA CYS D 616 -51.91 33.74 2.10
C CYS D 616 -52.98 32.89 2.75
N GLY D 617 -53.18 33.02 4.06
CA GLY D 617 -54.21 32.28 4.78
C GLY D 617 -53.84 30.86 5.12
N LEU D 618 -52.63 30.41 4.81
CA LEU D 618 -52.29 28.99 4.93
C LEU D 618 -52.38 28.51 6.37
N CYS D 619 -51.97 29.35 7.33
CA CYS D 619 -52.04 28.97 8.73
C CYS D 619 -53.47 28.73 9.18
N ILE D 620 -54.37 29.64 8.82
CA ILE D 620 -55.79 29.50 9.14
C ILE D 620 -56.34 28.24 8.49
N ARG D 621 -56.02 28.05 7.21
CA ARG D 621 -56.58 26.93 6.46
C ARG D 621 -56.06 25.59 6.97
N VAL D 622 -54.82 25.55 7.48
CA VAL D 622 -54.32 24.28 7.98
C VAL D 622 -54.82 24.03 9.39
N CYS D 623 -55.01 25.07 10.20
CA CYS D 623 -55.58 24.85 11.53
C CYS D 623 -57.03 24.44 11.44
N GLU D 624 -57.74 24.89 10.40
CA GLU D 624 -59.15 24.55 10.24
C GLU D 624 -59.34 23.21 9.52
N GLU D 625 -58.63 23.01 8.41
CA GLU D 625 -58.89 21.86 7.55
C GLU D 625 -58.09 20.63 7.93
N VAL D 626 -56.88 20.77 8.45
CA VAL D 626 -56.04 19.61 8.72
C VAL D 626 -56.06 19.29 10.21
N VAL D 627 -55.63 20.25 11.03
CA VAL D 627 -55.60 20.04 12.47
C VAL D 627 -57.02 19.92 13.02
N GLY D 628 -57.90 20.82 12.60
CA GLY D 628 -59.26 20.85 13.09
C GLY D 628 -59.48 21.67 14.34
N VAL D 629 -58.42 22.21 14.93
CA VAL D 629 -58.58 23.02 16.13
C VAL D 629 -59.23 24.36 15.81
N CYS D 630 -58.82 24.98 14.69
CA CYS D 630 -59.37 26.25 14.21
C CYS D 630 -59.15 27.37 15.24
N ALA D 631 -57.89 27.58 15.59
CA ALA D 631 -57.53 28.59 16.58
C ALA D 631 -57.22 29.95 15.98
N LEU D 632 -56.95 30.02 14.68
CA LEU D 632 -56.59 31.25 14.00
C LEU D 632 -57.73 31.72 13.11
N GLY D 633 -57.71 33.00 12.79
CA GLY D 633 -58.70 33.54 11.88
C GLY D 633 -58.31 34.91 11.38
N PHE D 634 -59.09 35.38 10.40
CA PHE D 634 -58.93 36.72 9.87
C PHE D 634 -59.66 37.72 10.74
N VAL D 635 -59.01 38.84 11.00
CA VAL D 635 -59.57 39.96 11.73
C VAL D 635 -59.46 41.19 10.86
N ASN D 636 -60.43 42.10 11.01
CA ASN D 636 -60.58 43.30 10.20
C ASN D 636 -60.87 42.93 8.76
N ARG D 637 -60.67 43.88 7.85
CA ARG D 637 -61.08 43.71 6.47
C ARG D 637 -60.29 44.67 5.60
N GLY D 638 -59.91 44.22 4.40
CA GLY D 638 -59.20 45.07 3.47
C GLY D 638 -57.72 45.18 3.76
N PHE D 639 -57.20 46.40 3.64
CA PHE D 639 -55.80 46.66 3.95
C PHE D 639 -55.50 46.42 5.42
N GLU D 640 -56.52 46.42 6.28
CA GLU D 640 -56.34 46.22 7.71
C GLU D 640 -56.41 44.76 8.12
N THR D 641 -56.55 43.85 7.16
CA THR D 641 -56.71 42.43 7.50
C THR D 641 -55.48 41.92 8.22
N ILE D 642 -55.71 41.19 9.31
CA ILE D 642 -54.64 40.59 10.08
C ILE D 642 -55.05 39.16 10.40
N VAL D 643 -54.06 38.33 10.73
CA VAL D 643 -54.32 36.98 11.20
C VAL D 643 -54.11 36.98 12.70
N LYS D 644 -55.11 36.53 13.45
CA LYS D 644 -55.04 36.57 14.89
C LYS D 644 -55.61 35.28 15.47
N PRO D 645 -55.16 34.89 16.66
CA PRO D 645 -55.83 33.78 17.37
C PRO D 645 -57.22 34.18 17.80
N GLU D 646 -57.94 33.29 18.49
CA GLU D 646 -59.31 33.57 18.87
C GLU D 646 -59.39 34.83 19.73
N PHE D 647 -60.26 35.76 19.32
CA PHE D 647 -60.51 37.01 20.03
C PHE D 647 -59.26 37.84 20.23
N GLY D 648 -58.24 37.64 19.39
CA GLY D 648 -56.99 38.34 19.56
C GLY D 648 -56.21 37.97 20.79
N LEU D 649 -56.54 36.83 21.40
CA LEU D 649 -55.88 36.39 22.62
C LEU D 649 -54.49 35.85 22.30
N PRO D 650 -53.64 35.73 23.32
CA PRO D 650 -52.38 35.00 23.13
C PRO D 650 -52.66 33.55 22.76
N LEU D 651 -51.73 32.97 21.99
CA LEU D 651 -51.92 31.59 21.54
C LEU D 651 -52.11 30.63 22.69
N GLU D 652 -51.52 30.93 23.86
CA GLU D 652 -51.65 30.04 25.01
C GLU D 652 -53.09 29.98 25.50
N GLU D 653 -53.80 31.10 25.45
CA GLU D 653 -55.14 31.21 26.03
C GLU D 653 -56.24 30.75 25.08
N THR D 654 -55.92 30.38 23.85
CA THR D 654 -56.90 29.88 22.91
C THR D 654 -56.95 28.36 22.99
N SER D 655 -57.61 27.74 22.01
CA SER D 655 -57.70 26.29 21.92
C SER D 655 -56.52 25.67 21.19
N CYS D 656 -55.50 26.46 20.90
CA CYS D 656 -54.32 25.97 20.17
C CYS D 656 -53.68 24.82 20.92
N ILE D 657 -53.28 23.79 20.17
CA ILE D 657 -52.67 22.60 20.73
C ILE D 657 -51.16 22.56 20.46
N SER D 658 -50.59 23.66 20.00
CA SER D 658 -49.14 23.83 19.86
C SER D 658 -48.52 22.79 18.93
N CYS D 659 -49.24 22.37 17.90
CA CYS D 659 -48.72 21.38 16.99
C CYS D 659 -47.64 21.96 16.07
N GLY D 660 -47.67 23.26 15.84
CA GLY D 660 -46.72 23.93 14.98
C GLY D 660 -47.04 23.87 13.50
N GLN D 661 -48.24 23.43 13.12
CA GLN D 661 -48.57 23.29 11.71
C GLN D 661 -48.61 24.64 11.02
N CYS D 662 -49.10 25.67 11.72
CA CYS D 662 -49.12 27.01 11.17
C CYS D 662 -47.71 27.51 10.88
N ALA D 663 -46.78 27.26 11.80
CA ALA D 663 -45.41 27.69 11.59
C ALA D 663 -44.71 26.85 10.54
N ASP D 664 -45.14 25.60 10.36
CA ASP D 664 -44.57 24.75 9.34
C ASP D 664 -45.04 25.11 7.95
N ILE D 665 -46.28 25.60 7.83
CA ILE D 665 -46.84 25.92 6.51
C ILE D 665 -46.57 27.36 6.09
N CYS D 666 -46.06 28.21 6.97
CA CYS D 666 -45.90 29.62 6.64
C CYS D 666 -44.81 29.82 5.60
N PRO D 667 -45.07 30.61 4.55
CA PRO D 667 -44.05 30.81 3.52
C PRO D 667 -43.05 31.92 3.81
N THR D 668 -43.42 32.92 4.60
CA THR D 668 -42.64 34.14 4.72
C THR D 668 -42.39 34.52 6.17
N GLY D 669 -41.96 33.57 6.99
CA GLY D 669 -41.42 33.89 8.30
C GLY D 669 -42.26 34.75 9.23
N ALA D 670 -43.54 34.94 8.91
CA ALA D 670 -44.47 35.61 9.81
C ALA D 670 -44.97 34.69 10.91
N CYS D 671 -44.74 33.39 10.78
CA CYS D 671 -45.02 32.43 11.83
C CYS D 671 -43.85 31.45 11.82
N ILE D 672 -43.08 31.44 12.90
CA ILE D 672 -41.89 30.60 13.00
C ILE D 672 -41.98 29.77 14.28
N GLY D 673 -41.35 28.61 14.26
CA GLY D 673 -41.19 27.79 15.44
C GLY D 673 -39.80 28.01 16.02
N LYS D 674 -39.76 28.38 17.30
CA LYS D 674 -38.50 28.71 17.93
C LYS D 674 -37.59 27.49 18.00
N GLN D 675 -36.30 27.73 17.79
CA GLN D 675 -35.29 26.68 17.83
C GLN D 675 -34.99 26.29 19.28
N PRO D 676 -34.86 24.99 19.56
CA PRO D 676 -34.60 24.55 20.93
C PRO D 676 -33.14 24.73 21.34
N VAL D 677 -32.66 25.96 21.24
CA VAL D 677 -31.27 26.29 21.52
C VAL D 677 -31.23 27.51 22.43
N ALA D 678 -30.02 27.86 22.89
CA ALA D 678 -29.87 28.93 23.87
C ALA D 678 -30.07 30.29 23.24
N LYS D 679 -29.57 30.49 22.03
CA LYS D 679 -29.72 31.75 21.32
C LYS D 679 -30.21 31.48 19.90
N GLN D 680 -31.22 32.22 19.48
CA GLN D 680 -31.77 32.04 18.14
C GLN D 680 -30.79 32.55 17.09
N VAL D 681 -30.58 31.77 16.05
CA VAL D 681 -29.67 32.16 14.97
C VAL D 681 -30.17 31.54 13.67
N PRO D 682 -30.40 32.33 12.62
CA PRO D 682 -30.80 31.74 11.34
C PRO D 682 -29.63 31.03 10.68
N VAL D 683 -29.72 29.71 10.57
CA VAL D 683 -28.64 28.89 10.05
C VAL D 683 -29.17 27.98 8.96
N ASN D 684 -28.25 27.52 8.12
CA ASN D 684 -28.55 26.49 7.14
C ASN D 684 -28.28 25.13 7.76
N THR D 685 -29.31 24.31 7.87
CA THR D 685 -29.26 23.06 8.59
C THR D 685 -29.27 21.89 7.62
N VAL D 686 -28.99 20.69 8.16
CA VAL D 686 -29.08 19.45 7.42
C VAL D 686 -30.15 18.58 8.06
N ALA D 687 -31.03 18.02 7.24
CA ALA D 687 -32.22 17.31 7.71
C ALA D 687 -32.05 15.81 7.57
N THR D 688 -32.36 15.09 8.63
CA THR D 688 -32.37 13.62 8.64
C THR D 688 -33.76 13.15 9.05
N LYS D 689 -34.27 12.12 8.39
CA LYS D 689 -35.58 11.58 8.69
C LYS D 689 -35.48 10.55 9.81
N THR D 690 -36.36 10.67 10.80
CA THR D 690 -36.46 9.72 11.89
C THR D 690 -37.92 9.64 12.32
N VAL D 691 -38.17 8.92 13.42
CA VAL D 691 -39.52 8.62 13.87
C VAL D 691 -39.70 9.21 15.27
N CYS D 692 -40.84 9.88 15.48
CA CYS D 692 -41.20 10.32 16.82
C CYS D 692 -41.50 9.13 17.71
N THR D 693 -41.01 9.18 18.94
CA THR D 693 -41.14 8.07 19.87
C THR D 693 -42.08 8.36 21.03
N PHE D 694 -42.91 9.39 20.93
CA PHE D 694 -43.69 9.84 22.07
C PHE D 694 -45.08 9.23 22.14
N CYS D 695 -45.57 8.64 21.06
CA CYS D 695 -46.78 7.85 21.12
C CYS D 695 -46.74 6.83 19.99
N GLY D 696 -47.76 6.00 19.92
CA GLY D 696 -47.77 4.89 19.00
C GLY D 696 -48.15 5.22 17.58
N MET D 697 -48.56 6.45 17.29
CA MET D 697 -48.89 6.82 15.93
C MET D 697 -47.68 6.73 15.01
N GLY D 698 -46.48 6.84 15.55
CA GLY D 698 -45.27 6.65 14.76
C GLY D 698 -45.10 7.66 13.65
N CYS D 699 -45.38 8.93 13.94
CA CYS D 699 -45.22 9.98 12.94
C CYS D 699 -43.75 10.20 12.64
N GLU D 700 -43.44 10.37 11.35
CA GLU D 700 -42.08 10.61 10.93
C GLU D 700 -41.80 12.10 10.88
N MET D 701 -40.54 12.46 11.04
CA MET D 701 -40.13 13.86 11.09
C MET D 701 -38.75 14.00 10.48
N LEU D 702 -38.42 15.20 10.06
CA LEU D 702 -37.10 15.57 9.60
C LEU D 702 -36.48 16.48 10.65
N VAL D 703 -35.44 15.98 11.30
CA VAL D 703 -34.70 16.75 12.29
C VAL D 703 -33.60 17.51 11.55
N GLU D 704 -33.61 18.83 11.68
CA GLU D 704 -32.66 19.70 11.02
C GLU D 704 -31.66 20.18 12.05
N THR D 705 -30.40 19.80 11.87
CA THR D 705 -29.33 20.05 12.82
C THR D 705 -28.20 20.83 12.17
N LYS D 706 -27.33 21.38 13.02
CA LYS D 706 -26.10 22.02 12.57
C LYS D 706 -25.06 21.82 13.68
N GLY D 707 -24.21 20.82 13.50
CA GLY D 707 -23.26 20.45 14.53
C GLY D 707 -23.81 19.32 15.37
N ASN D 708 -23.69 19.44 16.69
CA ASN D 708 -24.28 18.49 17.62
C ASN D 708 -25.56 19.04 18.26
N LEU D 709 -26.15 20.07 17.67
CA LEU D 709 -27.36 20.70 18.17
C LEU D 709 -28.50 20.48 17.17
N ILE D 710 -29.69 20.26 17.70
CA ILE D 710 -30.90 20.19 16.89
C ILE D 710 -31.49 21.60 16.79
N PHE D 711 -31.77 22.04 15.57
CA PHE D 711 -32.27 23.39 15.36
C PHE D 711 -33.73 23.45 14.94
N ASP D 712 -34.24 22.45 14.24
CA ASP D 712 -35.64 22.52 13.82
C ASP D 712 -36.17 21.10 13.57
N VAL D 713 -37.49 21.00 13.48
CA VAL D 713 -38.16 19.76 13.14
C VAL D 713 -39.26 20.07 12.13
N SER D 714 -39.34 19.26 11.07
CA SER D 714 -40.35 19.44 10.05
C SER D 714 -41.14 18.16 9.85
N PRO D 715 -42.45 18.23 9.73
CA PRO D 715 -43.21 17.02 9.40
C PRO D 715 -42.96 16.59 7.97
N VAL D 716 -43.05 15.28 7.74
CA VAL D 716 -42.92 14.75 6.39
C VAL D 716 -44.25 14.87 5.66
N GLN D 717 -44.17 14.87 4.33
CA GLN D 717 -45.35 15.03 3.49
C GLN D 717 -45.88 13.67 3.07
N SER D 718 -46.47 12.96 4.03
CA SER D 718 -46.92 11.60 3.82
C SER D 718 -48.44 11.46 3.91
N ASN D 719 -49.03 11.84 5.04
CA ASN D 719 -50.48 11.69 5.26
C ASN D 719 -50.87 12.73 6.31
N GLU D 720 -51.50 13.80 5.86
CA GLU D 720 -51.88 14.96 6.68
C GLU D 720 -50.64 15.76 7.07
N GLY D 721 -49.45 15.24 6.76
CA GLY D 721 -48.19 15.90 7.03
C GLY D 721 -48.13 16.63 8.35
N MET D 722 -48.57 15.95 9.41
CA MET D 722 -48.80 16.59 10.70
C MET D 722 -47.96 15.97 11.79
N LEU D 723 -47.53 16.80 12.72
CA LEU D 723 -46.98 16.40 14.01
C LEU D 723 -47.78 17.11 15.09
N CYS D 724 -47.69 16.60 16.30
CA CYS D 724 -48.33 17.25 17.44
C CYS D 724 -47.28 18.04 18.22
N ALA D 725 -47.67 18.55 19.39
CA ALA D 725 -46.73 19.32 20.19
C ALA D 725 -45.52 18.49 20.58
N PHE D 726 -45.74 17.21 20.91
CA PHE D 726 -44.63 16.34 21.29
C PHE D 726 -43.65 16.18 20.14
N GLY D 727 -44.10 15.59 19.03
CA GLY D 727 -43.21 15.31 17.92
C GLY D 727 -42.55 16.54 17.33
N ARG D 728 -43.15 17.71 17.49
CA ARG D 728 -42.60 18.92 16.89
C ARG D 728 -41.69 19.68 17.84
N PHE D 729 -42.00 19.72 19.13
CA PHE D 729 -41.30 20.60 20.06
C PHE D 729 -40.66 19.90 21.24
N GLY D 730 -40.94 18.62 21.49
CA GLY D 730 -40.35 17.92 22.61
C GLY D 730 -39.01 17.32 22.36
N ILE D 731 -38.46 17.54 21.16
CA ILE D 731 -37.12 17.11 20.81
C ILE D 731 -36.11 18.07 21.44
N LYS D 732 -36.63 19.05 22.19
CA LYS D 732 -35.77 20.01 22.87
C LYS D 732 -34.92 19.37 23.94
N TYR D 733 -35.28 18.18 24.41
CA TYR D 733 -34.51 17.52 25.45
C TYR D 733 -33.17 17.01 24.94
N VAL D 734 -33.00 16.90 23.62
CA VAL D 734 -31.74 16.45 23.06
C VAL D 734 -30.65 17.48 23.30
N ASN D 735 -31.00 18.76 23.27
CA ASN D 735 -30.03 19.84 23.49
C ASN D 735 -29.95 20.27 24.94
N ASP D 736 -30.68 19.60 25.84
CA ASP D 736 -30.71 20.00 27.23
C ASP D 736 -29.32 19.89 27.85
N LYS D 737 -28.94 20.91 28.62
CA LYS D 737 -27.65 20.92 29.29
C LYS D 737 -27.65 20.09 30.57
N ASP D 738 -28.81 19.63 31.01
CA ASP D 738 -28.93 18.80 32.21
C ASP D 738 -28.86 17.31 31.91
N ARG D 739 -28.64 16.93 30.66
CA ARG D 739 -28.43 15.53 30.34
C ARG D 739 -27.14 15.05 30.98
N ILE D 740 -27.20 13.87 31.60
CA ILE D 740 -26.01 13.25 32.18
C ILE D 740 -25.25 12.52 31.07
N LEU D 741 -23.93 12.72 31.03
CA LEU D 741 -23.10 12.06 30.05
C LEU D 741 -22.11 11.07 30.64
N ALA D 742 -21.96 11.06 31.96
CA ALA D 742 -21.04 10.15 32.63
C ALA D 742 -21.75 9.43 33.76
N PRO D 743 -21.36 8.21 34.07
CA PRO D 743 -22.06 7.43 35.10
C PRO D 743 -21.76 7.93 36.49
N LEU D 744 -22.63 7.57 37.43
CA LEU D 744 -22.47 7.92 38.82
C LEU D 744 -22.56 6.67 39.67
N ILE D 745 -21.67 6.55 40.65
CA ILE D 745 -21.73 5.49 41.64
C ILE D 745 -21.62 6.11 43.02
N LYS D 746 -22.15 5.42 44.02
CA LYS D 746 -22.24 5.96 45.37
C LYS D 746 -20.93 5.72 46.11
N VAL D 747 -20.16 6.77 46.29
CA VAL D 747 -18.98 6.75 47.14
C VAL D 747 -19.24 7.64 48.35
N ASN D 748 -18.86 7.16 49.53
CA ASN D 748 -19.12 7.82 50.80
C ASN D 748 -20.60 8.13 50.99
N GLY D 749 -21.49 7.37 50.35
CA GLY D 749 -22.90 7.59 50.46
C GLY D 749 -23.50 8.63 49.53
N GLU D 750 -22.71 9.17 48.59
CA GLU D 750 -23.22 10.15 47.64
C GLU D 750 -22.81 9.77 46.23
N LEU D 751 -23.64 10.12 45.26
CA LEU D 751 -23.36 9.79 43.88
C LEU D 751 -22.24 10.66 43.33
N SER D 752 -21.23 10.04 42.74
CA SER D 752 -20.09 10.74 42.18
C SER D 752 -19.78 10.18 40.82
N LYS D 753 -19.16 11.01 39.99
CA LYS D 753 -18.82 10.63 38.63
C LYS D 753 -17.76 9.53 38.61
N THR D 754 -17.85 8.66 37.61
CA THR D 754 -16.91 7.57 37.45
C THR D 754 -16.81 7.24 35.96
N THR D 755 -16.13 6.14 35.64
CA THR D 755 -15.97 5.69 34.27
C THR D 755 -17.02 4.63 33.94
N PHE D 756 -17.21 4.40 32.64
CA PHE D 756 -18.23 3.45 32.19
C PHE D 756 -17.90 2.03 32.62
N ASP D 757 -16.63 1.65 32.52
CA ASP D 757 -16.23 0.28 32.91
C ASP D 757 -16.48 0.04 34.39
N GLN D 758 -16.06 0.98 35.23
CA GLN D 758 -16.24 0.82 36.67
C GLN D 758 -17.72 0.76 37.03
N ALA D 759 -18.53 1.63 36.42
CA ALA D 759 -19.96 1.65 36.71
C ALA D 759 -20.64 0.36 36.26
N LEU D 760 -20.28 -0.15 35.09
CA LEU D 760 -20.89 -1.38 34.61
C LEU D 760 -20.47 -2.57 35.46
N ILE D 761 -19.21 -2.62 35.88
CA ILE D 761 -18.77 -3.70 36.77
C ILE D 761 -19.52 -3.63 38.09
N GLU D 762 -19.70 -2.41 38.62
CA GLU D 762 -20.45 -2.25 39.85
C GLU D 762 -21.90 -2.70 39.68
N THR D 763 -22.52 -2.35 38.55
CA THR D 763 -23.89 -2.78 38.30
C THR D 763 -24.00 -4.29 38.25
N ALA D 764 -23.09 -4.94 37.50
CA ALA D 764 -23.13 -6.38 37.38
C ALA D 764 -22.92 -7.06 38.72
N LYS D 765 -21.99 -6.54 39.53
CA LYS D 765 -21.74 -7.13 40.83
C LYS D 765 -22.92 -6.93 41.78
N LYS D 766 -23.55 -5.76 41.74
CA LYS D 766 -24.71 -5.52 42.60
C LYS D 766 -25.86 -6.45 42.25
N LEU D 767 -26.16 -6.58 40.95
CA LEU D 767 -27.24 -7.46 40.54
C LEU D 767 -26.92 -8.92 40.86
N GLN D 768 -25.68 -9.34 40.64
CA GLN D 768 -25.31 -10.71 40.96
C GLN D 768 -25.38 -10.97 42.46
N ALA D 769 -24.99 -10.00 43.29
CA ALA D 769 -25.10 -10.16 44.74
C ALA D 769 -26.55 -10.30 45.17
N ILE D 770 -27.45 -9.49 44.57
CA ILE D 770 -28.86 -9.61 44.91
C ILE D 770 -29.39 -10.99 44.51
N ARG D 771 -29.05 -11.44 43.30
CA ARG D 771 -29.51 -12.75 42.86
C ARG D 771 -28.97 -13.86 43.75
N ALA D 772 -27.71 -13.76 44.16
CA ALA D 772 -27.13 -14.78 45.03
C ALA D 772 -27.82 -14.81 46.37
N SER D 773 -27.93 -13.66 47.04
CA SER D 773 -28.46 -13.64 48.39
C SER D 773 -29.97 -13.79 48.46
N TYR D 774 -30.69 -13.65 47.34
CA TYR D 774 -32.14 -13.72 47.38
C TYR D 774 -32.77 -14.69 46.37
N GLY D 775 -32.02 -15.18 45.39
CA GLY D 775 -32.52 -16.25 44.55
C GLY D 775 -33.18 -15.77 43.27
N LYS D 776 -33.92 -16.69 42.67
CA LYS D 776 -34.56 -16.46 41.39
C LYS D 776 -35.66 -15.40 41.50
N ASP D 777 -35.84 -14.65 40.41
CA ASP D 777 -36.91 -13.65 40.28
C ASP D 777 -36.88 -12.64 41.42
N SER D 778 -35.67 -12.20 41.78
CA SER D 778 -35.48 -11.20 42.82
C SER D 778 -35.10 -9.84 42.26
N ILE D 779 -34.86 -9.73 40.95
CA ILE D 779 -34.52 -8.48 40.30
C ILE D 779 -35.60 -8.17 39.28
N ALA D 780 -36.10 -6.94 39.32
CA ALA D 780 -37.08 -6.46 38.36
C ALA D 780 -36.40 -5.54 37.37
N ILE D 781 -36.66 -5.75 36.09
CA ILE D 781 -36.13 -4.92 35.02
C ILE D 781 -37.29 -4.12 34.47
N ILE D 782 -37.38 -2.84 34.83
CA ILE D 782 -38.45 -1.96 34.41
C ILE D 782 -37.90 -1.03 33.34
N ALA D 783 -38.41 -1.16 32.12
CA ALA D 783 -37.85 -0.47 30.97
C ALA D 783 -38.88 0.47 30.36
N SER D 784 -38.39 1.61 29.86
CA SER D 784 -39.25 2.53 29.14
C SER D 784 -39.67 1.95 27.81
N GLN D 785 -40.90 2.23 27.40
CA GLN D 785 -41.42 1.72 26.15
C GLN D 785 -40.99 2.56 24.95
N ARG D 786 -40.05 3.48 25.14
CA ARG D 786 -39.48 4.24 24.03
C ARG D 786 -38.20 3.62 23.48
N LEU D 787 -37.71 2.55 24.10
CA LEU D 787 -36.52 1.88 23.59
C LEU D 787 -36.85 1.13 22.30
N THR D 788 -35.83 0.92 21.48
CA THR D 788 -36.01 0.20 20.24
C THR D 788 -36.25 -1.29 20.53
N ASN D 789 -36.62 -2.02 19.49
CA ASN D 789 -36.94 -3.44 19.65
C ASN D 789 -35.72 -4.23 20.08
N GLU D 790 -34.56 -3.89 19.54
CA GLU D 790 -33.33 -4.60 19.88
C GLU D 790 -32.95 -4.41 21.34
N GLU D 791 -33.11 -3.19 21.86
CA GLU D 791 -32.80 -2.94 23.27
C GLU D 791 -33.76 -3.69 24.18
N ALA D 792 -35.05 -3.74 23.83
CA ALA D 792 -36.00 -4.51 24.62
C ALA D 792 -35.67 -5.99 24.61
N LEU D 793 -35.34 -6.53 23.43
CA LEU D 793 -34.97 -7.94 23.33
C LEU D 793 -33.71 -8.23 24.13
N LEU D 794 -32.72 -7.34 24.07
CA LEU D 794 -31.50 -7.52 24.84
C LEU D 794 -31.78 -7.45 26.33
N LEU D 795 -32.72 -6.60 26.74
CA LEU D 795 -33.10 -6.54 28.15
C LEU D 795 -33.78 -7.83 28.59
N THR D 796 -34.58 -8.44 27.73
CA THR D 796 -35.15 -9.74 28.06
C THR D 796 -34.07 -10.80 28.20
N LYS D 797 -33.07 -10.77 27.32
CA LYS D 797 -31.96 -11.72 27.44
C LYS D 797 -31.16 -11.46 28.71
N LEU D 798 -31.01 -10.20 29.11
CA LEU D 798 -30.32 -9.88 30.36
C LEU D 798 -31.10 -10.39 31.56
N ALA D 799 -32.43 -10.28 31.53
CA ALA D 799 -33.25 -10.88 32.58
C ALA D 799 -33.09 -12.40 32.60
N GLN D 800 -32.97 -13.00 31.41
CA GLN D 800 -32.74 -14.43 31.33
C GLN D 800 -31.41 -14.82 31.95
N LYS D 801 -30.36 -14.02 31.72
CA LYS D 801 -29.06 -14.31 32.31
C LYS D 801 -29.03 -13.96 33.79
N LEU D 802 -29.83 -12.99 34.22
CA LEU D 802 -29.91 -12.63 35.63
C LEU D 802 -30.85 -13.52 36.41
N ASP D 803 -31.48 -14.49 35.75
CA ASP D 803 -32.31 -15.50 36.40
C ASP D 803 -33.59 -14.88 36.96
N THR D 804 -34.20 -13.97 36.20
CA THR D 804 -35.42 -13.30 36.64
C THR D 804 -36.40 -13.22 35.47
N THR D 805 -37.66 -13.50 35.78
CA THR D 805 -38.75 -13.32 34.81
C THR D 805 -39.49 -12.02 35.01
N VAL D 806 -39.11 -11.21 36.00
CA VAL D 806 -39.82 -9.97 36.32
C VAL D 806 -39.22 -8.89 35.44
N ILE D 807 -39.73 -8.79 34.22
CA ILE D 807 -39.39 -7.70 33.32
C ILE D 807 -40.68 -7.09 32.81
N GLY D 808 -40.84 -5.80 33.00
CA GLY D 808 -42.05 -5.12 32.60
C GLY D 808 -41.83 -3.64 32.51
N SER D 809 -42.94 -2.91 32.58
CA SER D 809 -42.91 -1.45 32.53
C SER D 809 -43.93 -0.90 33.51
N PHE D 810 -43.66 0.30 34.01
CA PHE D 810 -44.62 1.00 34.85
C PHE D 810 -45.68 1.72 34.03
N ASP D 811 -45.47 1.88 32.73
CA ASP D 811 -46.46 2.44 31.82
C ASP D 811 -47.27 1.37 31.10
N LEU D 812 -47.06 0.11 31.43
CA LEU D 812 -47.67 -0.99 30.68
C LEU D 812 -49.10 -1.21 31.14
N ARG D 813 -50.04 -1.08 30.20
CA ARG D 813 -51.45 -1.31 30.48
C ARG D 813 -51.74 -2.81 30.55
N GLU D 814 -52.75 -3.15 31.35
CA GLU D 814 -53.16 -4.55 31.45
C GLU D 814 -53.69 -5.03 30.11
N SER D 815 -53.33 -6.27 29.76
CA SER D 815 -53.61 -6.82 28.45
C SER D 815 -54.87 -7.67 28.49
N VAL D 816 -55.74 -7.47 27.49
CA VAL D 816 -56.94 -8.27 27.34
C VAL D 816 -57.11 -8.85 25.95
N LEU D 817 -56.43 -8.32 24.94
CA LEU D 817 -56.63 -8.82 23.58
C LEU D 817 -55.94 -10.15 23.36
N ASP D 818 -54.89 -10.46 24.13
CA ASP D 818 -54.24 -11.75 23.98
C ASP D 818 -55.08 -12.87 24.57
N ARG D 819 -55.93 -12.55 25.54
CA ARG D 819 -56.86 -13.53 26.09
C ARG D 819 -58.04 -13.80 25.19
N ILE D 820 -58.33 -12.89 24.25
CA ILE D 820 -59.50 -12.99 23.38
C ILE D 820 -59.12 -13.46 21.99
N PHE D 821 -58.16 -12.77 21.36
CA PHE D 821 -57.75 -13.10 20.00
C PHE D 821 -56.43 -13.85 19.93
N GLY D 822 -55.56 -13.69 20.92
CA GLY D 822 -54.31 -14.40 20.94
C GLY D 822 -53.09 -13.51 21.02
N LEU D 823 -53.13 -12.37 20.34
CA LEU D 823 -52.04 -11.41 20.34
C LEU D 823 -52.53 -10.08 20.89
N ASN D 824 -51.72 -9.46 21.74
CA ASN D 824 -52.01 -8.13 22.26
C ASN D 824 -51.50 -7.11 21.24
N ALA D 825 -52.27 -6.94 20.17
CA ALA D 825 -51.85 -6.13 19.06
C ALA D 825 -53.07 -5.59 18.32
N SER D 826 -52.83 -4.54 17.53
CA SER D 826 -53.85 -4.03 16.64
C SER D 826 -54.14 -5.04 15.53
N THR D 827 -55.40 -5.12 15.14
CA THR D 827 -55.84 -6.09 14.15
C THR D 827 -55.59 -5.62 12.71
N ASN D 828 -55.81 -4.33 12.43
CA ASN D 828 -55.69 -3.79 11.09
C ASN D 828 -54.65 -2.68 11.06
N SER D 829 -54.50 -2.06 9.89
CA SER D 829 -53.51 -1.02 9.67
C SER D 829 -54.15 0.37 9.68
N PHE D 830 -53.29 1.39 9.70
CA PHE D 830 -53.77 2.77 9.74
C PHE D 830 -54.42 3.19 8.43
N ASP D 831 -54.01 2.61 7.32
CA ASP D 831 -54.54 3.01 6.02
C ASP D 831 -56.02 2.65 5.87
N GLU D 832 -56.41 1.49 6.39
CA GLU D 832 -57.79 1.03 6.25
C GLU D 832 -58.78 1.98 6.91
N ILE D 833 -58.32 2.85 7.81
CA ILE D 833 -59.18 3.85 8.41
C ILE D 833 -59.81 4.72 7.34
N TYR D 834 -59.05 5.05 6.29
CA TYR D 834 -59.58 5.89 5.23
C TYR D 834 -60.67 5.19 4.42
N SER D 835 -60.80 3.87 4.53
CA SER D 835 -61.73 3.12 3.69
C SER D 835 -62.82 2.41 4.47
N THR D 836 -62.82 2.48 5.79
CA THR D 836 -63.83 1.78 6.57
C THR D 836 -65.16 2.54 6.54
N ASP D 837 -66.25 1.79 6.71
CA ASP D 837 -67.58 2.39 6.69
C ASP D 837 -67.83 3.23 7.94
N LEU D 838 -67.46 2.70 9.11
CA LEU D 838 -67.75 3.33 10.38
C LEU D 838 -66.51 3.30 11.25
N ILE D 839 -66.30 4.38 12.01
CA ILE D 839 -65.20 4.49 12.95
C ILE D 839 -65.79 4.68 14.34
N VAL D 840 -65.37 3.85 15.28
CA VAL D 840 -65.71 4.01 16.68
C VAL D 840 -64.44 4.41 17.41
N ALA D 841 -64.38 5.68 17.84
CA ALA D 841 -63.23 6.20 18.55
C ALA D 841 -63.56 6.24 20.04
N VAL D 842 -62.81 5.47 20.82
CA VAL D 842 -63.07 5.30 22.25
C VAL D 842 -61.95 5.97 23.03
N GLY D 843 -62.31 6.83 23.97
CA GLY D 843 -61.34 7.54 24.76
C GLY D 843 -60.91 8.85 24.14
N LYS D 844 -59.86 9.43 24.72
CA LYS D 844 -59.28 10.68 24.24
C LYS D 844 -58.33 10.42 23.07
N VAL D 845 -58.91 9.92 21.98
CA VAL D 845 -58.12 9.54 20.82
C VAL D 845 -57.48 10.78 20.19
N ALA D 846 -58.26 11.84 19.99
CA ALA D 846 -57.73 13.06 19.40
C ALA D 846 -56.93 13.89 20.39
N GLU D 847 -57.30 13.85 21.67
CA GLU D 847 -56.59 14.67 22.66
C GLU D 847 -55.19 14.14 22.90
N ASN D 848 -55.06 12.83 23.12
CA ASN D 848 -53.75 12.25 23.40
C ASN D 848 -52.91 12.12 22.14
N HIS D 849 -53.53 11.95 20.99
CA HIS D 849 -52.83 11.77 19.71
C HIS D 849 -53.50 12.68 18.69
N ALA D 850 -52.96 13.89 18.54
CA ALA D 850 -53.59 14.90 17.69
C ALA D 850 -53.60 14.47 16.22
N VAL D 851 -52.56 13.77 15.78
CA VAL D 851 -52.50 13.31 14.39
C VAL D 851 -53.60 12.30 14.12
N MET D 852 -53.96 11.47 15.11
CA MET D 852 -55.10 10.59 14.92
C MET D 852 -56.40 11.38 14.83
N GLY D 853 -56.52 12.50 15.54
CA GLY D 853 -57.68 13.36 15.35
C GLY D 853 -57.75 13.93 13.95
N ALA D 854 -56.61 14.35 13.40
CA ALA D 854 -56.57 14.80 12.01
C ALA D 854 -56.95 13.67 11.05
N LYS D 855 -56.48 12.47 11.33
CA LYS D 855 -56.79 11.32 10.49
C LYS D 855 -58.27 10.97 10.53
N LEU D 856 -58.89 11.07 11.70
CA LEU D 856 -60.33 10.86 11.80
C LEU D 856 -61.10 11.94 11.05
N LYS D 857 -60.65 13.19 11.16
CA LYS D 857 -61.28 14.27 10.40
C LYS D 857 -61.22 14.00 8.90
N LYS D 858 -60.04 13.59 8.43
CA LYS D 858 -59.89 13.27 7.01
C LYS D 858 -60.75 12.08 6.60
N ALA D 859 -60.82 11.05 7.44
CA ALA D 859 -61.61 9.87 7.11
C ALA D 859 -63.10 10.20 7.04
N VAL D 860 -63.58 11.01 7.98
CA VAL D 860 -64.98 11.42 7.94
C VAL D 860 -65.25 12.28 6.71
N GLU D 861 -64.29 13.13 6.34
CA GLU D 861 -64.44 13.90 5.11
C GLU D 861 -64.48 12.99 3.88
N LEU D 862 -63.74 11.88 3.91
CA LEU D 862 -63.70 10.96 2.78
C LEU D 862 -64.97 10.13 2.67
N GLY D 863 -65.77 10.03 3.73
CA GLY D 863 -67.05 9.35 3.62
C GLY D 863 -67.40 8.41 4.77
N ALA D 864 -66.54 8.35 5.78
CA ALA D 864 -66.78 7.47 6.91
C ALA D 864 -67.77 8.09 7.88
N LYS D 865 -68.24 7.26 8.81
CA LYS D 865 -69.15 7.68 9.87
C LYS D 865 -68.45 7.49 11.20
N LEU D 866 -68.47 8.53 12.03
CA LEU D 866 -67.70 8.56 13.26
C LEU D 866 -68.63 8.46 14.47
N VAL D 867 -68.29 7.57 15.39
CA VAL D 867 -68.96 7.45 16.68
C VAL D 867 -67.90 7.57 17.76
N THR D 868 -68.06 8.53 18.66
CA THR D 868 -67.11 8.76 19.73
C THR D 868 -67.71 8.34 21.06
N ILE D 869 -67.00 7.49 21.78
CA ILE D 869 -67.37 7.06 23.13
C ILE D 869 -66.31 7.58 24.08
N ASN D 870 -66.73 8.36 25.07
CA ASN D 870 -65.81 8.99 26.00
C ASN D 870 -66.58 9.41 27.25
N ASN D 871 -65.85 9.76 28.29
CA ASN D 871 -66.46 10.29 29.50
C ASN D 871 -66.54 11.81 29.52
N GLY D 872 -65.96 12.48 28.52
CA GLY D 872 -65.99 13.93 28.45
C GLY D 872 -65.98 14.41 27.02
N GLU D 873 -65.74 15.70 26.82
CA GLU D 873 -65.76 16.28 25.48
C GLU D 873 -64.48 15.94 24.72
N THR D 874 -64.61 15.87 23.40
CA THR D 874 -63.49 15.61 22.51
C THR D 874 -63.62 16.50 21.28
N ARG D 875 -62.49 16.70 20.59
CA ARG D 875 -62.51 17.46 19.36
C ARG D 875 -63.10 16.67 18.19
N ALA D 876 -63.31 15.37 18.35
CA ALA D 876 -63.88 14.54 17.30
C ALA D 876 -65.41 14.54 17.33
N ASP D 877 -66.03 15.14 18.34
CA ASP D 877 -67.48 15.18 18.41
C ASP D 877 -68.10 16.11 17.36
N GLU D 878 -67.30 16.98 16.74
CA GLU D 878 -67.85 17.94 15.79
C GLU D 878 -68.49 17.26 14.59
N ARG D 879 -67.83 16.23 14.05
CA ARG D 879 -68.31 15.54 12.86
C ARG D 879 -68.78 14.12 13.17
N ALA D 880 -69.18 13.85 14.40
CA ALA D 880 -69.65 12.54 14.79
C ALA D 880 -71.15 12.43 14.59
N ILE D 881 -71.61 11.27 14.11
CA ILE D 881 -73.04 11.03 13.99
C ILE D 881 -73.66 10.55 15.29
N ALA D 882 -72.85 10.08 16.23
CA ALA D 882 -73.35 9.60 17.52
C ALA D 882 -72.26 9.83 18.56
N THR D 883 -72.64 10.47 19.66
CA THR D 883 -71.72 10.82 20.73
C THR D 883 -72.27 10.25 22.03
N TYR D 884 -71.47 9.43 22.70
CA TYR D 884 -71.88 8.74 23.90
C TYR D 884 -70.96 9.11 25.05
N LYS D 885 -71.55 9.61 26.14
CA LYS D 885 -70.82 10.00 27.34
C LYS D 885 -71.10 8.95 28.40
N ILE D 886 -70.26 7.93 28.45
CA ILE D 886 -70.46 6.81 29.36
C ILE D 886 -69.37 6.84 30.43
N ASP D 887 -69.65 6.17 31.54
CA ASP D 887 -68.69 6.03 32.62
C ASP D 887 -68.51 4.60 33.09
N ASN D 888 -69.26 3.66 32.52
CA ASN D 888 -69.24 2.28 32.97
C ASN D 888 -69.23 1.35 31.77
N THR D 889 -68.69 0.15 31.98
CA THR D 889 -68.64 -0.87 30.94
C THR D 889 -70.02 -1.42 30.60
N ALA D 890 -71.00 -1.24 31.49
CA ALA D 890 -72.34 -1.78 31.27
C ALA D 890 -72.93 -1.30 29.95
N PHE D 891 -72.58 -0.10 29.51
CA PHE D 891 -73.08 0.43 28.25
C PHE D 891 -72.80 -0.53 27.10
N PHE D 892 -71.62 -1.16 27.11
CA PHE D 892 -71.31 -2.13 26.08
C PHE D 892 -72.11 -3.41 26.26
N LYS D 893 -72.24 -3.86 27.51
CA LYS D 893 -72.99 -5.09 27.78
C LYS D 893 -74.41 -4.99 27.24
N ALA D 894 -75.11 -3.91 27.60
CA ALA D 894 -76.43 -3.66 27.04
C ALA D 894 -76.39 -3.69 25.52
N THR D 895 -75.39 -3.04 24.93
CA THR D 895 -75.23 -3.09 23.48
C THR D 895 -75.23 -4.52 22.98
N ILE D 896 -74.44 -5.37 23.62
CA ILE D 896 -74.38 -6.78 23.23
C ILE D 896 -75.77 -7.40 23.33
N LYS D 897 -76.47 -7.16 24.44
CA LYS D 897 -77.82 -7.67 24.57
C LYS D 897 -78.71 -7.15 23.44
N ALA D 898 -78.60 -5.86 23.14
CA ALA D 898 -79.37 -5.31 22.03
C ALA D 898 -79.02 -6.02 20.73
N LEU D 899 -77.73 -6.29 20.52
CA LEU D 899 -77.31 -6.99 19.31
C LEU D 899 -77.97 -8.36 19.23
N PHE D 900 -78.21 -8.99 20.38
CA PHE D 900 -78.92 -10.26 20.37
C PHE D 900 -80.41 -10.07 20.15
N GLU D 901 -80.99 -8.99 20.68
CA GLU D 901 -82.43 -8.80 20.57
C GLU D 901 -82.84 -8.50 19.14
N MET D 902 -82.08 -7.67 18.44
CA MET D 902 -82.38 -7.34 17.05
C MET D 902 -81.93 -8.41 16.07
N LYS D 903 -81.50 -9.57 16.57
CA LYS D 903 -81.10 -10.70 15.73
C LYS D 903 -79.98 -10.32 14.77
N ALA D 904 -79.03 -9.52 15.27
CA ALA D 904 -77.90 -9.05 14.48
C ALA D 904 -76.66 -9.90 14.65
N VAL D 905 -76.74 -11.00 15.39
CA VAL D 905 -75.62 -11.88 15.63
C VAL D 905 -75.93 -13.23 14.97
N ASP D 906 -75.18 -13.58 13.94
CA ASP D 906 -75.31 -14.87 13.27
C ASP D 906 -74.66 -15.91 14.15
N GLU D 907 -75.43 -16.46 15.09
CA GLU D 907 -74.88 -17.37 16.09
C GLU D 907 -74.32 -18.65 15.47
N ASP D 908 -74.78 -19.03 14.28
CA ASP D 908 -74.22 -20.20 13.61
C ASP D 908 -72.75 -19.99 13.30
N TYR D 909 -72.40 -18.82 12.77
CA TYR D 909 -71.01 -18.54 12.44
C TYR D 909 -70.17 -18.33 13.70
N VAL D 910 -70.72 -17.59 14.67
CA VAL D 910 -69.98 -17.27 15.89
C VAL D 910 -69.69 -18.53 16.69
N SER D 911 -70.62 -19.48 16.69
CA SER D 911 -70.40 -20.72 17.43
C SER D 911 -69.22 -21.50 16.85
N LYS D 912 -69.03 -21.45 15.54
CA LYS D 912 -67.89 -22.13 14.93
C LYS D 912 -66.60 -21.35 15.17
N ILE D 913 -66.65 -20.01 15.14
CA ILE D 913 -65.41 -19.24 15.25
C ILE D 913 -65.08 -18.85 16.69
N ALA D 914 -66.04 -18.87 17.61
CA ALA D 914 -65.82 -18.38 18.96
C ALA D 914 -66.35 -19.36 19.99
N VAL D 915 -65.77 -19.31 21.18
CA VAL D 915 -66.25 -20.07 22.32
C VAL D 915 -66.79 -19.10 23.35
N ASN D 916 -67.31 -19.62 24.46
CA ASN D 916 -67.92 -18.82 25.53
C ASN D 916 -69.10 -18.00 25.04
N LEU D 917 -69.76 -18.42 23.96
CA LEU D 917 -70.89 -17.66 23.45
C LEU D 917 -72.10 -17.77 24.37
N ASP D 918 -72.40 -18.97 24.86
CA ASP D 918 -73.53 -19.14 25.76
C ASP D 918 -73.27 -18.43 27.09
N GLU D 919 -72.02 -18.43 27.56
CA GLU D 919 -71.68 -17.67 28.76
C GLU D 919 -71.88 -16.18 28.54
N LEU D 920 -71.54 -15.69 27.35
CA LEU D 920 -71.79 -14.29 27.01
C LEU D 920 -73.28 -13.99 27.00
N LYS D 921 -74.08 -14.89 26.42
CA LYS D 921 -75.52 -14.69 26.38
C LYS D 921 -76.12 -14.66 27.78
N ASP D 922 -75.65 -15.55 28.66
CA ASP D 922 -76.14 -15.56 30.03
C ASP D 922 -75.69 -14.30 30.77
N ASP D 923 -74.47 -13.83 30.51
CA ASP D 923 -73.96 -12.67 31.23
C ASP D 923 -74.76 -11.41 30.91
N VAL D 924 -75.15 -11.23 29.66
CA VAL D 924 -75.79 -10.00 29.21
C VAL D 924 -77.31 -10.12 29.15
N LYS D 925 -77.87 -11.22 29.67
CA LYS D 925 -79.31 -11.42 29.54
C LYS D 925 -80.12 -10.56 30.50
N ASN D 926 -79.59 -10.26 31.68
CA ASN D 926 -80.33 -9.51 32.68
C ASN D 926 -80.06 -8.01 32.66
N VAL D 927 -79.12 -7.54 31.83
CA VAL D 927 -78.86 -6.11 31.78
C VAL D 927 -80.03 -5.39 31.11
N GLU D 928 -80.09 -4.08 31.35
CA GLU D 928 -81.15 -3.24 30.80
C GLU D 928 -80.62 -2.55 29.56
N VAL D 929 -81.32 -2.70 28.44
CA VAL D 929 -80.95 -2.04 27.20
C VAL D 929 -81.47 -0.61 27.25
N THR D 930 -80.55 0.35 27.13
CA THR D 930 -80.91 1.76 27.12
C THR D 930 -81.12 2.24 25.69
N ASP D 931 -81.64 3.47 25.56
CA ASP D 931 -81.80 4.05 24.24
C ASP D 931 -80.46 4.28 23.56
N GLU D 932 -79.47 4.74 24.33
CA GLU D 932 -78.14 4.95 23.77
C GLU D 932 -77.52 3.63 23.32
N ALA D 933 -77.66 2.57 24.13
CA ALA D 933 -77.10 1.28 23.78
C ALA D 933 -77.79 0.69 22.55
N SER D 934 -79.12 0.84 22.47
CA SER D 934 -79.85 0.34 21.32
C SER D 934 -79.47 1.09 20.05
N GLU D 935 -79.30 2.41 20.15
CA GLU D 935 -78.88 3.20 18.99
C GLU D 935 -77.48 2.81 18.54
N PHE D 936 -76.57 2.58 19.50
CA PHE D 936 -75.23 2.13 19.14
C PHE D 936 -75.27 0.77 18.47
N ALA D 937 -76.10 -0.14 18.98
CA ALA D 937 -76.21 -1.47 18.37
C ALA D 937 -76.77 -1.38 16.96
N LYS D 938 -77.75 -0.49 16.76
CA LYS D 938 -78.29 -0.28 15.41
C LYS D 938 -77.24 0.27 14.47
N ILE D 939 -76.42 1.20 14.95
CA ILE D 939 -75.34 1.74 14.12
C ILE D 939 -74.34 0.66 13.77
N ILE D 940 -73.99 -0.18 14.74
CA ILE D 940 -73.00 -1.24 14.51
C ILE D 940 -73.53 -2.25 13.50
N ALA D 941 -74.78 -2.70 13.69
CA ALA D 941 -75.33 -3.72 12.82
C ALA D 941 -75.56 -3.22 11.40
N GLY D 942 -75.81 -1.92 11.23
CA GLY D 942 -76.04 -1.36 9.92
C GLY D 942 -74.80 -1.00 9.14
N ALA D 943 -73.62 -1.27 9.66
CA ALA D 943 -72.36 -0.93 9.00
C ALA D 943 -71.75 -2.18 8.40
N LYS D 944 -71.35 -2.10 7.13
CA LYS D 944 -70.74 -3.24 6.48
C LYS D 944 -69.34 -3.52 7.03
N THR D 945 -68.58 -2.47 7.28
CA THR D 945 -67.26 -2.56 7.88
C THR D 945 -67.17 -1.62 9.06
N ALA D 946 -66.33 -1.96 10.04
CA ALA D 946 -66.16 -1.10 11.20
C ALA D 946 -64.77 -1.26 11.78
N MET D 947 -64.21 -0.13 12.21
CA MET D 947 -62.93 -0.05 12.86
C MET D 947 -63.12 0.64 14.21
N VAL D 948 -62.57 0.04 15.26
CA VAL D 948 -62.62 0.61 16.60
C VAL D 948 -61.25 1.17 16.92
N ILE D 949 -61.14 2.48 17.04
CA ILE D 949 -59.90 3.13 17.45
C ILE D 949 -59.96 3.36 18.95
N VAL D 950 -59.04 2.77 19.68
CA VAL D 950 -59.04 2.78 21.13
C VAL D 950 -57.76 3.46 21.61
N ASP D 951 -57.92 4.48 22.44
CA ASP D 951 -56.79 5.13 23.11
C ASP D 951 -56.45 4.30 24.34
N GLU D 952 -55.42 3.47 24.24
CA GLU D 952 -55.11 2.52 25.30
C GLU D 952 -54.57 3.16 26.56
N GLU D 953 -54.20 4.44 26.52
CA GLU D 953 -53.71 5.14 27.70
C GLU D 953 -54.80 5.90 28.43
N SER D 954 -56.05 5.80 27.97
CA SER D 954 -57.17 6.40 28.68
C SER D 954 -58.38 5.48 28.72
N VAL D 955 -58.22 4.21 28.39
CA VAL D 955 -59.33 3.26 28.26
C VAL D 955 -58.96 2.01 29.03
N SER D 956 -59.90 1.51 29.84
CA SER D 956 -59.66 0.31 30.62
C SER D 956 -59.70 -0.93 29.72
N ASP D 957 -59.15 -2.03 30.24
CA ASP D 957 -59.09 -3.27 29.47
C ASP D 957 -60.46 -3.95 29.38
N THR D 958 -61.37 -3.69 30.32
CA THR D 958 -62.72 -4.20 30.19
C THR D 958 -63.43 -3.59 28.99
N THR D 959 -63.21 -2.30 28.76
CA THR D 959 -63.78 -1.65 27.57
C THR D 959 -63.26 -2.27 26.29
N ILE D 960 -61.95 -2.53 26.22
CA ILE D 960 -61.38 -3.14 25.03
C ILE D 960 -61.91 -4.55 24.85
N GLY D 961 -62.08 -5.29 25.94
CA GLY D 961 -62.65 -6.61 25.85
C GLY D 961 -64.07 -6.60 25.32
N GLN D 962 -64.89 -5.67 25.81
CA GLN D 962 -66.27 -5.59 25.35
C GLN D 962 -66.35 -5.15 23.89
N LEU D 963 -65.48 -4.22 23.48
CA LEU D 963 -65.46 -3.82 22.08
C LEU D 963 -65.01 -4.97 21.19
N ALA D 964 -64.06 -5.78 21.65
CA ALA D 964 -63.66 -6.97 20.90
C ALA D 964 -64.81 -7.96 20.80
N ASN D 965 -65.58 -8.10 21.88
CA ASN D 965 -66.77 -8.95 21.85
C ASN D 965 -67.75 -8.46 20.79
N ILE D 966 -68.00 -7.16 20.77
CA ILE D 966 -68.93 -6.59 19.80
C ILE D 966 -68.43 -6.80 18.37
N LEU D 967 -67.13 -6.61 18.15
CA LEU D 967 -66.57 -6.83 16.82
C LEU D 967 -66.68 -8.28 16.39
N THR D 968 -66.43 -9.21 17.31
CA THR D 968 -66.53 -10.63 16.98
C THR D 968 -67.96 -11.04 16.68
N LEU D 969 -68.91 -10.56 17.48
CA LEU D 969 -70.30 -10.97 17.29
C LEU D 969 -70.85 -10.51 15.95
N THR D 970 -70.47 -9.32 15.51
CA THR D 970 -70.94 -8.78 14.25
C THR D 970 -70.06 -9.17 13.06
N GLN D 971 -69.10 -10.06 13.28
CA GLN D 971 -68.22 -10.57 12.22
C GLN D 971 -67.39 -9.44 11.60
N LYS D 972 -66.81 -8.62 12.46
CA LYS D 972 -66.00 -7.49 12.00
C LYS D 972 -64.56 -7.60 12.48
N ILE D 973 -63.98 -8.78 12.33
CA ILE D 973 -62.60 -9.02 12.73
C ILE D 973 -61.97 -9.98 11.72
N GLY D 974 -60.69 -9.78 11.44
CA GLY D 974 -59.99 -10.62 10.49
C GLY D 974 -60.27 -10.33 9.03
N ARG D 975 -60.87 -9.20 8.73
CA ARG D 975 -61.24 -8.80 7.38
C ARG D 975 -60.67 -7.42 7.10
N PRO D 976 -60.49 -7.07 5.82
CA PRO D 976 -60.11 -5.69 5.49
C PRO D 976 -61.14 -4.69 6.00
N ARG D 977 -60.63 -3.57 6.52
CA ARG D 977 -61.40 -2.44 7.00
C ARG D 977 -62.26 -2.75 8.22
N CYS D 978 -62.12 -3.93 8.81
CA CYS D 978 -62.85 -4.30 10.02
C CYS D 978 -61.85 -4.74 11.06
N GLY D 979 -61.88 -4.11 12.23
CA GLY D 979 -60.99 -4.56 13.29
C GLY D 979 -60.88 -3.52 14.39
N ILE D 980 -59.83 -3.69 15.19
CA ILE D 980 -59.56 -2.82 16.34
C ILE D 980 -58.12 -2.36 16.26
N ILE D 981 -57.92 -1.05 16.43
CA ILE D 981 -56.60 -0.43 16.46
C ILE D 981 -56.43 0.25 17.80
N LYS D 982 -55.41 -0.15 18.55
CA LYS D 982 -55.07 0.50 19.81
C LYS D 982 -53.91 1.46 19.57
N VAL D 983 -54.15 2.75 19.81
CA VAL D 983 -53.08 3.74 19.74
C VAL D 983 -52.30 3.67 21.05
N THR D 984 -51.08 3.16 21.00
CA THR D 984 -50.29 2.96 22.19
C THR D 984 -49.74 4.29 22.71
N GLY D 985 -49.48 4.32 24.02
CA GLY D 985 -49.10 5.55 24.68
C GLY D 985 -47.67 6.00 24.46
N LEU D 986 -46.79 5.10 24.04
CA LEU D 986 -45.40 5.44 23.79
C LEU D 986 -44.99 4.91 22.43
N GLY D 987 -43.76 5.24 22.04
CA GLY D 987 -43.34 5.01 20.66
C GLY D 987 -43.23 3.54 20.30
N ASN D 988 -42.70 2.72 21.21
CA ASN D 988 -42.46 1.30 20.95
C ASN D 988 -43.09 0.44 22.03
N THR D 989 -44.35 0.73 22.35
CA THR D 989 -45.11 -0.12 23.26
C THR D 989 -45.36 -1.49 22.66
N GLN D 990 -45.78 -1.52 21.39
CA GLN D 990 -46.05 -2.79 20.73
C GLN D 990 -44.78 -3.61 20.56
N GLY D 991 -43.68 -2.96 20.18
CA GLY D 991 -42.43 -3.69 20.04
C GLY D 991 -41.92 -4.23 21.36
N ALA D 992 -42.07 -3.45 22.43
CA ALA D 992 -41.68 -3.92 23.75
C ALA D 992 -42.51 -5.10 24.20
N TRP D 993 -43.83 -5.06 23.92
CA TRP D 993 -44.66 -6.22 24.23
C TRP D 993 -44.25 -7.44 23.43
N ASP D 994 -43.96 -7.25 22.14
CA ASP D 994 -43.57 -8.37 21.29
C ASP D 994 -42.26 -8.98 21.73
N MET D 995 -41.31 -8.16 22.18
CA MET D 995 -40.00 -8.68 22.56
C MET D 995 -40.00 -9.40 23.90
N GLY D 996 -41.09 -9.34 24.66
CA GLY D 996 -41.18 -10.07 25.91
C GLY D 996 -41.25 -9.24 27.16
N ILE D 997 -41.44 -7.93 27.05
CA ILE D 997 -41.58 -7.05 28.22
C ILE D 997 -43.08 -6.92 28.46
N ARG D 998 -43.62 -7.81 29.30
CA ARG D 998 -45.07 -7.99 29.38
C ARG D 998 -45.61 -7.94 30.80
N MET D 999 -44.85 -7.38 31.74
CA MET D 999 -45.31 -7.26 33.12
C MET D 999 -45.75 -5.83 33.40
N SER D 1000 -46.81 -5.69 34.19
CA SER D 1000 -47.41 -4.40 34.45
C SER D 1000 -46.90 -3.80 35.76
N LYS D 1001 -47.25 -2.54 35.98
CA LYS D 1001 -46.83 -1.85 37.20
C LYS D 1001 -47.41 -2.53 38.43
N GLU D 1002 -48.69 -2.94 38.37
CA GLU D 1002 -49.33 -3.53 39.52
C GLU D 1002 -48.66 -4.82 39.94
N GLY D 1003 -48.29 -5.67 38.97
CA GLY D 1003 -47.62 -6.92 39.31
C GLY D 1003 -46.25 -6.70 39.92
N ILE D 1004 -45.47 -5.79 39.35
CA ILE D 1004 -44.13 -5.51 39.88
C ILE D 1004 -44.23 -4.94 41.30
N VAL D 1005 -45.15 -4.02 41.52
CA VAL D 1005 -45.31 -3.42 42.84
C VAL D 1005 -45.81 -4.45 43.84
N LYS D 1006 -46.69 -5.35 43.41
CA LYS D 1006 -47.14 -6.42 44.28
C LYS D 1006 -45.98 -7.33 44.68
N LEU D 1007 -45.09 -7.63 43.73
CA LEU D 1007 -43.93 -8.44 44.05
C LEU D 1007 -43.00 -7.73 45.01
N ILE D 1008 -42.78 -6.43 44.81
CA ILE D 1008 -41.91 -5.68 45.72
C ILE D 1008 -42.50 -5.63 47.12
N ASN D 1009 -43.80 -5.37 47.22
CA ASN D 1009 -44.44 -5.26 48.53
C ASN D 1009 -44.49 -6.57 49.29
N GLU D 1010 -44.37 -7.70 48.59
CA GLU D 1010 -44.35 -9.00 49.24
C GLU D 1010 -42.95 -9.48 49.57
N GLY D 1011 -41.93 -8.67 49.31
CA GLY D 1011 -40.56 -9.04 49.61
C GLY D 1011 -39.93 -10.00 48.64
N LYS D 1012 -40.57 -10.28 47.50
CA LYS D 1012 -40.00 -11.21 46.55
C LYS D 1012 -38.97 -10.55 45.64
N VAL D 1013 -39.17 -9.27 45.32
CA VAL D 1013 -38.26 -8.53 44.45
C VAL D 1013 -37.48 -7.56 45.31
N LYS D 1014 -36.16 -7.61 45.20
CA LYS D 1014 -35.28 -6.82 46.05
C LYS D 1014 -34.40 -5.83 45.32
N ALA D 1015 -34.24 -5.97 44.00
CA ALA D 1015 -33.47 -5.04 43.20
C ALA D 1015 -34.25 -4.65 41.96
N ALA D 1016 -34.01 -3.44 41.48
CA ALA D 1016 -34.67 -2.94 40.28
C ALA D 1016 -33.64 -2.33 39.35
N PHE D 1017 -33.70 -2.71 38.08
CA PHE D 1017 -32.92 -2.07 37.03
C PHE D 1017 -33.92 -1.28 36.19
N ILE D 1018 -33.95 0.03 36.40
CA ILE D 1018 -34.94 0.92 35.80
C ILE D 1018 -34.29 1.63 34.63
N VAL D 1019 -34.90 1.53 33.46
CA VAL D 1019 -34.34 2.07 32.22
C VAL D 1019 -35.25 3.21 31.76
N SER D 1020 -34.84 4.45 32.05
CA SER D 1020 -35.48 5.66 31.54
C SER D 1020 -36.94 5.75 31.97
N GLU D 1021 -37.18 5.50 33.26
CA GLU D 1021 -38.48 5.73 33.86
C GLU D 1021 -38.29 6.56 35.13
N ASP D 1022 -39.37 7.20 35.55
CA ASP D 1022 -39.36 8.12 36.69
C ASP D 1022 -40.47 7.77 37.66
N PRO D 1023 -40.35 6.64 38.37
CA PRO D 1023 -41.38 6.29 39.35
C PRO D 1023 -41.51 7.30 40.48
N GLN D 1024 -40.40 7.94 40.89
CA GLN D 1024 -40.44 8.86 42.01
C GLN D 1024 -41.18 10.15 41.65
N ALA D 1025 -41.11 10.58 40.40
CA ALA D 1025 -41.78 11.81 39.98
C ALA D 1025 -43.22 11.55 39.51
N ALA D 1026 -43.44 10.51 38.72
CA ALA D 1026 -44.77 10.24 38.19
C ALA D 1026 -45.75 9.74 39.25
N ASP D 1027 -45.27 9.37 40.44
CA ASP D 1027 -46.13 8.87 41.48
C ASP D 1027 -45.49 9.16 42.84
N LYS D 1028 -46.33 9.49 43.82
CA LYS D 1028 -45.85 9.77 45.16
C LYS D 1028 -45.89 8.55 46.06
N ASN D 1029 -46.78 7.60 45.78
CA ASN D 1029 -46.83 6.38 46.58
C ASN D 1029 -45.62 5.49 46.32
N LEU D 1030 -45.12 5.48 45.08
CA LEU D 1030 -44.01 4.60 44.73
C LEU D 1030 -42.74 4.92 45.51
N GLY D 1031 -42.61 6.14 46.02
CA GLY D 1031 -41.48 6.46 46.87
C GLY D 1031 -41.39 5.57 48.09
N GLU D 1032 -42.53 5.06 48.55
CA GLU D 1032 -42.50 4.03 49.60
C GLU D 1032 -42.08 2.68 49.03
N VAL D 1033 -42.60 2.31 47.86
CA VAL D 1033 -42.26 1.03 47.25
C VAL D 1033 -40.77 0.96 46.94
N LEU D 1034 -40.22 2.02 46.36
CA LEU D 1034 -38.79 2.08 46.10
C LEU D 1034 -37.98 2.02 47.39
N ASP D 1035 -38.59 2.29 48.54
CA ASP D 1035 -37.88 2.16 49.81
C ASP D 1035 -37.62 0.70 50.17
N LYS D 1036 -38.39 -0.24 49.62
CA LYS D 1036 -38.20 -1.64 49.94
C LYS D 1036 -37.05 -2.28 49.16
N LEU D 1037 -36.56 -1.62 48.12
CA LEU D 1037 -35.47 -2.18 47.33
C LEU D 1037 -34.15 -2.03 48.06
N GLU D 1038 -33.30 -3.04 47.93
CA GLU D 1038 -31.95 -2.98 48.47
C GLU D 1038 -30.94 -2.46 47.46
N CYS D 1039 -31.19 -2.67 46.18
CA CYS D 1039 -30.33 -2.17 45.11
C CYS D 1039 -31.20 -1.51 44.05
N LEU D 1040 -30.80 -0.32 43.62
CA LEU D 1040 -31.50 0.42 42.59
C LEU D 1040 -30.50 0.85 41.53
N ILE D 1041 -30.64 0.32 40.33
CA ILE D 1041 -29.82 0.72 39.19
C ILE D 1041 -30.73 1.47 38.23
N VAL D 1042 -30.35 2.70 37.90
CA VAL D 1042 -31.18 3.59 37.09
C VAL D 1042 -30.38 4.02 35.87
N ALA D 1043 -30.95 3.79 34.69
CA ALA D 1043 -30.41 4.29 33.43
C ALA D 1043 -31.37 5.33 32.88
N ASP D 1044 -30.88 6.55 32.65
CA ASP D 1044 -31.78 7.62 32.25
C ASP D 1044 -31.00 8.69 31.50
N VAL D 1045 -31.75 9.52 30.77
CA VAL D 1045 -31.15 10.64 30.06
C VAL D 1045 -30.88 11.81 31.00
N PHE D 1046 -31.64 11.92 32.09
CA PHE D 1046 -31.44 12.96 33.08
C PHE D 1046 -31.29 12.32 34.45
N LEU D 1047 -30.65 13.06 35.36
CA LEU D 1047 -30.59 12.66 36.76
C LEU D 1047 -31.90 13.08 37.42
N THR D 1048 -32.81 12.12 37.58
CA THR D 1048 -34.16 12.39 38.07
C THR D 1048 -34.23 12.09 39.56
N GLU D 1049 -35.44 12.24 40.11
CA GLU D 1049 -35.66 11.96 41.53
C GLU D 1049 -35.48 10.49 41.85
N THR D 1050 -35.87 9.60 40.93
CA THR D 1050 -35.64 8.17 41.15
C THR D 1050 -34.17 7.81 40.96
N GLY D 1051 -33.47 8.54 40.09
CA GLY D 1051 -32.05 8.30 39.91
C GLY D 1051 -31.17 8.91 40.97
N LYS D 1052 -31.71 9.83 41.77
CA LYS D 1052 -30.95 10.42 42.87
C LYS D 1052 -30.91 9.50 44.08
N ARG D 1053 -31.76 8.48 44.14
CA ARG D 1053 -31.73 7.48 45.19
C ARG D 1053 -31.21 6.14 44.69
N ALA D 1054 -30.60 6.11 43.51
CA ALA D 1054 -30.08 4.88 42.94
C ALA D 1054 -28.64 4.66 43.40
N ASP D 1055 -28.23 3.38 43.41
CA ASP D 1055 -26.85 3.04 43.71
C ASP D 1055 -25.95 3.36 42.53
N VAL D 1056 -26.39 3.03 41.32
CA VAL D 1056 -25.64 3.29 40.09
C VAL D 1056 -26.56 3.99 39.12
N VAL D 1057 -26.07 5.08 38.52
CA VAL D 1057 -26.81 5.82 37.49
C VAL D 1057 -26.03 5.71 36.19
N LEU D 1058 -26.67 5.16 35.16
CA LEU D 1058 -26.04 4.99 33.85
C LEU D 1058 -26.66 5.96 32.86
N PRO D 1059 -25.88 6.80 32.21
CA PRO D 1059 -26.45 7.75 31.26
C PRO D 1059 -27.06 7.05 30.05
N LEU D 1060 -28.09 7.67 29.49
CA LEU D 1060 -28.69 7.24 28.25
C LEU D 1060 -28.67 8.40 27.26
N VAL D 1061 -28.67 8.08 25.98
CA VAL D 1061 -28.70 9.09 24.94
C VAL D 1061 -30.13 9.22 24.42
N SER D 1062 -30.37 10.27 23.65
CA SER D 1062 -31.69 10.50 23.08
C SER D 1062 -31.96 9.51 21.94
N HIS D 1063 -33.21 9.49 21.48
CA HIS D 1063 -33.60 8.57 20.42
C HIS D 1063 -33.08 8.99 19.06
N VAL D 1064 -32.66 10.25 18.89
CA VAL D 1064 -32.06 10.68 17.63
C VAL D 1064 -30.60 10.29 17.53
N GLU D 1065 -29.99 9.86 18.63
CA GLU D 1065 -28.65 9.30 18.63
C GLU D 1065 -28.67 7.78 18.60
N SER D 1066 -29.84 7.18 18.39
CA SER D 1066 -30.02 5.75 18.40
C SER D 1066 -30.48 5.27 17.03
N THR D 1067 -29.99 4.11 16.62
CA THR D 1067 -30.42 3.45 15.40
C THR D 1067 -31.08 2.14 15.77
N GLY D 1068 -32.20 1.83 15.13
CA GLY D 1068 -32.89 0.59 15.45
C GLY D 1068 -34.24 0.53 14.78
N THR D 1069 -35.13 -0.26 15.36
CA THR D 1069 -36.48 -0.41 14.85
C THR D 1069 -37.48 -0.16 15.95
N VAL D 1070 -38.62 0.43 15.59
CA VAL D 1070 -39.72 0.67 16.50
C VAL D 1070 -41.00 0.19 15.85
N THR D 1071 -41.86 -0.47 16.62
CA THR D 1071 -43.11 -0.97 16.12
C THR D 1071 -44.21 0.05 16.35
N ARG D 1072 -44.92 0.41 15.29
CA ARG D 1072 -46.04 1.34 15.38
C ARG D 1072 -47.19 0.69 16.15
N ALA D 1073 -48.16 1.51 16.53
CA ALA D 1073 -49.32 1.01 17.25
C ALA D 1073 -50.13 0.04 16.41
N ASP D 1074 -50.14 0.24 15.09
CA ASP D 1074 -50.85 -0.66 14.19
C ASP D 1074 -50.03 -1.87 13.78
N GLY D 1075 -48.79 -1.97 14.25
CA GLY D 1075 -47.95 -3.12 13.99
C GLY D 1075 -46.84 -2.88 12.99
N LYS D 1076 -46.85 -1.76 12.29
CA LYS D 1076 -45.81 -1.46 11.32
C LYS D 1076 -44.47 -1.25 12.03
N ILE D 1077 -43.40 -1.64 11.35
CA ILE D 1077 -42.04 -1.52 11.85
C ILE D 1077 -41.34 -0.41 11.08
N GLN D 1078 -40.83 0.59 11.80
CA GLN D 1078 -40.13 1.70 11.21
C GLN D 1078 -38.72 1.76 11.76
N ASN D 1079 -37.86 2.52 11.07
CA ASN D 1079 -36.44 2.58 11.39
C ASN D 1079 -36.12 3.88 12.10
N LEU D 1080 -35.50 3.77 13.27
CA LEU D 1080 -34.89 4.91 13.94
C LEU D 1080 -33.51 5.12 13.33
N ASN D 1081 -33.39 6.18 12.53
CA ASN D 1081 -32.14 6.56 11.90
C ASN D 1081 -31.35 7.47 12.82
N LEU D 1082 -30.03 7.42 12.68
CA LEU D 1082 -29.15 8.23 13.51
C LEU D 1082 -29.09 9.65 12.96
N VAL D 1083 -29.47 10.62 13.78
CA VAL D 1083 -29.41 12.02 13.43
C VAL D 1083 -28.14 12.68 13.97
N LEU D 1084 -27.79 12.37 15.22
CA LEU D 1084 -26.59 12.89 15.86
C LEU D 1084 -25.80 11.75 16.45
N LYS D 1085 -24.48 11.88 16.42
CA LYS D 1085 -23.64 10.91 17.10
C LYS D 1085 -23.83 11.03 18.62
N PRO D 1086 -23.79 9.90 19.34
CA PRO D 1086 -24.02 9.97 20.80
C PRO D 1086 -23.04 10.91 21.48
N LYS D 1087 -23.56 11.70 22.42
CA LYS D 1087 -22.78 12.78 23.02
C LYS D 1087 -21.74 12.28 24.01
N ASN D 1088 -21.87 11.04 24.52
CA ASN D 1088 -20.86 10.44 25.36
C ASN D 1088 -20.12 9.32 24.64
N GLY D 1089 -20.35 9.13 23.35
CA GLY D 1089 -19.70 8.10 22.58
C GLY D 1089 -20.38 6.75 22.62
N LEU D 1090 -21.40 6.58 23.46
CA LEU D 1090 -22.08 5.30 23.64
C LEU D 1090 -23.56 5.46 23.36
N SER D 1091 -24.10 4.59 22.52
CA SER D 1091 -25.54 4.55 22.33
C SER D 1091 -26.17 3.69 23.44
N ASN D 1092 -27.50 3.70 23.49
CA ASN D 1092 -28.21 2.89 24.47
C ASN D 1092 -27.96 1.41 24.23
N LEU D 1093 -28.00 0.98 22.97
CA LEU D 1093 -27.68 -0.41 22.65
C LEU D 1093 -26.23 -0.73 22.98
N ASP D 1094 -25.32 0.22 22.76
CA ASP D 1094 -23.92 -0.02 23.09
C ASP D 1094 -23.72 -0.21 24.59
N LEU D 1095 -24.37 0.63 25.40
CA LEU D 1095 -24.27 0.49 26.85
C LEU D 1095 -24.85 -0.83 27.31
N LEU D 1096 -26.04 -1.18 26.80
CA LEU D 1096 -26.65 -2.44 27.19
C LEU D 1096 -25.83 -3.62 26.70
N LEU D 1097 -25.15 -3.49 25.57
CA LEU D 1097 -24.32 -4.58 25.06
C LEU D 1097 -23.05 -4.74 25.88
N LYS D 1098 -22.48 -3.64 26.39
CA LYS D 1098 -21.37 -3.78 27.32
C LYS D 1098 -21.82 -4.47 28.60
N LEU D 1099 -22.97 -4.07 29.14
CA LEU D 1099 -23.50 -4.76 30.32
C LEU D 1099 -23.80 -6.22 30.03
N ALA D 1100 -24.19 -6.54 28.80
CA ALA D 1100 -24.48 -7.92 28.44
C ALA D 1100 -23.20 -8.74 28.29
N GLU D 1101 -22.17 -8.15 27.67
CA GLU D 1101 -20.88 -8.83 27.56
C GLU D 1101 -20.25 -9.05 28.92
N LEU D 1102 -20.62 -8.24 29.92
CA LEU D 1102 -20.24 -8.56 31.29
C LEU D 1102 -20.90 -9.85 31.78
N PHE D 1103 -21.99 -10.28 31.15
CA PHE D 1103 -22.72 -11.48 31.55
C PHE D 1103 -22.55 -12.61 30.57
N GLY D 1104 -21.56 -12.53 29.68
CA GLY D 1104 -21.29 -13.62 28.76
C GLY D 1104 -22.20 -13.70 27.56
N LEU D 1105 -22.92 -12.63 27.25
CA LEU D 1105 -23.82 -12.59 26.10
C LEU D 1105 -23.12 -11.90 24.93
N GLN D 1106 -23.18 -12.52 23.75
CA GLN D 1106 -22.54 -11.99 22.56
C GLN D 1106 -23.62 -11.59 21.57
N TYR D 1107 -23.83 -10.29 21.41
CA TYR D 1107 -24.87 -9.78 20.52
C TYR D 1107 -24.41 -8.50 19.87
N ASN D 1108 -25.09 -8.14 18.78
CA ASN D 1108 -24.90 -6.88 18.08
C ASN D 1108 -26.25 -6.44 17.54
N LEU D 1109 -26.26 -5.31 16.84
CA LEU D 1109 -27.50 -4.79 16.29
C LEU D 1109 -28.11 -5.74 15.26
N GLU D 1110 -27.27 -6.29 14.38
CA GLU D 1110 -27.79 -7.16 13.32
C GLU D 1110 -28.25 -8.50 13.88
N LYS D 1111 -27.51 -9.08 14.83
CA LYS D 1111 -27.94 -10.34 15.43
C LYS D 1111 -29.27 -10.17 16.18
N LEU D 1112 -29.39 -9.07 16.93
CA LEU D 1112 -30.63 -8.80 17.65
C LEU D 1112 -31.79 -8.55 16.69
N ASN D 1113 -31.51 -7.88 15.57
CA ASN D 1113 -32.56 -7.66 14.57
C ASN D 1113 -33.04 -8.97 13.96
N ARG D 1114 -32.10 -9.87 13.66
CA ARG D 1114 -32.47 -11.18 13.13
C ARG D 1114 -33.32 -11.95 14.14
N GLU D 1115 -32.93 -11.92 15.42
CA GLU D 1115 -33.73 -12.56 16.45
C GLU D 1115 -35.11 -11.94 16.58
N MET D 1116 -35.20 -10.61 16.45
CA MET D 1116 -36.48 -9.93 16.52
C MET D 1116 -37.40 -10.35 15.37
N VAL D 1117 -36.84 -10.44 14.16
CA VAL D 1117 -37.63 -10.87 13.01
C VAL D 1117 -38.10 -12.31 13.19
N GLU D 1118 -37.23 -13.18 13.69
CA GLU D 1118 -37.64 -14.55 13.97
C GLU D 1118 -38.76 -14.59 15.00
N LEU D 1119 -38.65 -13.79 16.06
CA LEU D 1119 -39.68 -13.75 17.08
C LEU D 1119 -41.01 -13.30 16.51
N LEU D 1120 -41.00 -12.27 15.66
CA LEU D 1120 -42.24 -11.78 15.07
C LEU D 1120 -42.84 -12.82 14.13
N GLN D 1121 -42.00 -13.54 13.37
CA GLN D 1121 -42.51 -14.60 12.51
C GLN D 1121 -43.13 -15.73 13.33
N ASN D 1122 -42.54 -16.06 14.47
CA ASN D 1122 -43.06 -17.14 15.30
C ASN D 1122 -44.42 -16.81 15.89
N GLU D 1123 -44.76 -15.54 16.04
CA GLU D 1123 -46.08 -15.13 16.49
C GLU D 1123 -47.03 -14.81 15.34
N ASN D 1124 -46.59 -15.01 14.09
CA ASN D 1124 -47.40 -14.73 12.91
C ASN D 1124 -47.85 -13.27 12.88
N LYS D 1125 -46.97 -12.37 13.34
CA LYS D 1125 -47.26 -10.94 13.43
C LYS D 1125 -46.31 -10.12 12.57
N TYR D 1126 -45.61 -10.75 11.64
CA TYR D 1126 -44.55 -10.09 10.87
C TYR D 1126 -45.08 -9.73 9.49
N ASN D 1127 -45.01 -8.44 9.15
CA ASN D 1127 -45.41 -7.93 7.83
C ASN D 1127 -46.84 -8.32 7.49
N GLN D 1128 -47.72 -8.27 8.48
CA GLN D 1128 -49.13 -8.59 8.30
C GLN D 1128 -49.94 -7.35 8.64
N GLN D 1129 -50.51 -6.71 7.62
CA GLN D 1129 -51.31 -5.52 7.86
C GLN D 1129 -52.64 -5.86 8.53
N ILE D 1130 -53.19 -7.03 8.24
CA ILE D 1130 -54.42 -7.50 8.85
C ILE D 1130 -54.14 -8.80 9.57
N LEU D 1131 -54.59 -8.91 10.82
CA LEU D 1131 -54.33 -10.07 11.66
C LEU D 1131 -55.52 -11.02 11.64
N TYR D 1132 -55.24 -12.29 11.90
CA TYR D 1132 -56.25 -13.34 12.01
C TYR D 1132 -57.05 -13.49 10.72
N THR D 1133 -56.37 -13.33 9.58
CA THR D 1133 -57.02 -13.54 8.29
C THR D 1133 -57.29 -15.01 8.04
N GLU D 1134 -56.42 -15.89 8.53
CA GLU D 1134 -56.65 -17.33 8.46
C GLU D 1134 -57.36 -17.83 9.71
N GLY D 1135 -56.80 -17.55 10.88
CA GLY D 1135 -57.40 -17.94 12.14
C GLY D 1135 -56.73 -17.19 13.27
N PHE D 1136 -57.34 -17.29 14.45
CA PHE D 1136 -56.87 -16.53 15.59
C PHE D 1136 -55.70 -17.25 16.27
N ALA D 1137 -54.97 -16.49 17.08
CA ALA D 1137 -53.73 -16.96 17.69
C ALA D 1137 -53.95 -17.73 18.98
N THR D 1138 -55.21 -17.93 19.38
CA THR D 1138 -55.50 -18.72 20.57
C THR D 1138 -55.12 -20.17 20.33
N PRO D 1139 -54.87 -20.94 21.40
CA PRO D 1139 -54.43 -22.34 21.21
C PRO D 1139 -55.38 -23.19 20.38
N ASP D 1140 -56.69 -22.94 20.46
CA ASP D 1140 -57.67 -23.63 19.64
C ASP D 1140 -58.05 -22.85 18.40
N LYS D 1141 -57.38 -21.73 18.13
CA LYS D 1141 -57.65 -20.89 16.97
C LYS D 1141 -59.11 -20.41 16.93
N THR D 1142 -59.63 -20.07 18.10
CA THR D 1142 -61.00 -19.58 18.22
C THR D 1142 -61.00 -18.36 19.13
N VAL D 1143 -62.03 -17.53 18.97
CA VAL D 1143 -62.17 -16.34 19.81
C VAL D 1143 -62.64 -16.76 21.19
N HIS D 1144 -61.93 -16.30 22.21
CA HIS D 1144 -62.33 -16.53 23.60
C HIS D 1144 -63.08 -15.27 24.05
N LEU D 1145 -64.40 -15.33 23.94
CA LEU D 1145 -65.21 -14.15 24.20
C LEU D 1145 -65.04 -13.68 25.64
N PHE D 1146 -65.05 -12.37 25.82
CA PHE D 1146 -64.70 -11.75 27.09
C PHE D 1146 -65.93 -11.69 27.98
N VAL D 1147 -65.91 -12.45 29.08
CA VAL D 1147 -66.98 -12.43 30.07
C VAL D 1147 -66.37 -11.93 31.37
N SER D 1148 -66.88 -10.81 31.87
CA SER D 1148 -66.37 -10.24 33.10
C SER D 1148 -67.40 -9.28 33.67
N LYS D 1149 -67.21 -8.93 34.94
CA LYS D 1149 -68.10 -7.99 35.61
C LYS D 1149 -67.87 -6.58 35.12
N ASP D 1150 -68.85 -5.71 35.37
CA ASP D 1150 -68.76 -4.32 34.92
C ASP D 1150 -67.66 -3.59 35.66
N ALA D 1151 -66.93 -2.75 34.93
CA ALA D 1151 -65.79 -2.01 35.43
C ALA D 1151 -65.87 -0.60 34.90
N PRO D 1152 -65.15 0.34 35.50
CA PRO D 1152 -65.07 1.69 34.91
C PRO D 1152 -64.52 1.63 33.49
N ALA D 1153 -65.11 2.44 32.62
CA ALA D 1153 -64.79 2.37 31.20
C ALA D 1153 -63.44 3.01 30.88
N PHE D 1154 -63.06 4.06 31.60
CA PHE D 1154 -61.87 4.83 31.28
C PHE D 1154 -61.02 5.01 32.52
N VAL D 1155 -59.71 5.09 32.31
CA VAL D 1155 -58.75 5.25 33.38
C VAL D 1155 -57.89 6.47 33.10
N GLU D 1156 -57.38 7.08 34.17
CA GLU D 1156 -56.45 8.20 34.07
C GLU D 1156 -55.17 7.80 34.79
N LYS D 1157 -54.09 7.66 34.03
CA LYS D 1157 -52.83 7.20 34.56
C LYS D 1157 -51.73 8.20 34.23
N ALA D 1158 -50.68 8.18 35.03
CA ALA D 1158 -49.54 9.05 34.81
C ALA D 1158 -48.61 8.48 33.74
N VAL D 1159 -47.70 9.30 33.28
CA VAL D 1159 -46.67 8.90 32.33
C VAL D 1159 -45.40 8.65 33.13
N PHE D 1160 -44.84 7.44 33.01
CA PHE D 1160 -43.64 7.09 33.74
C PHE D 1160 -42.37 7.23 32.92
N ASP D 1161 -42.49 7.32 31.60
CA ASP D 1161 -41.33 7.63 30.77
C ASP D 1161 -40.77 8.99 31.16
N THR D 1162 -39.45 9.05 31.35
CA THR D 1162 -38.84 10.25 31.91
C THR D 1162 -39.03 11.46 31.01
N VAL D 1163 -38.72 11.30 29.73
CA VAL D 1163 -38.70 12.44 28.81
C VAL D 1163 -40.12 12.94 28.53
N LYS D 1164 -41.05 12.04 28.27
CA LYS D 1164 -42.42 12.44 28.01
C LYS D 1164 -43.05 13.08 29.25
N ASN D 1165 -42.78 12.52 30.43
CA ASN D 1165 -43.26 13.12 31.66
C ASN D 1165 -42.69 14.52 31.84
N ARG D 1166 -41.40 14.69 31.56
CA ARG D 1166 -40.78 16.00 31.70
C ARG D 1166 -41.40 17.01 30.74
N PHE D 1167 -41.64 16.60 29.50
CA PHE D 1167 -42.23 17.53 28.53
C PHE D 1167 -43.68 17.86 28.88
N GLU D 1168 -44.44 16.88 29.39
CA GLU D 1168 -45.81 17.16 29.80
C GLU D 1168 -45.84 18.12 30.98
N LYS D 1169 -44.92 17.94 31.93
CA LYS D 1169 -44.82 18.90 33.04
C LYS D 1169 -44.44 20.28 32.53
N TYR D 1170 -43.54 20.35 31.55
CA TYR D 1170 -43.16 21.64 30.99
C TYR D 1170 -44.34 22.32 30.31
N LEU D 1171 -45.14 21.56 29.57
CA LEU D 1171 -46.32 22.13 28.94
C LEU D 1171 -47.32 22.61 29.97
N GLN D 1172 -47.51 21.84 31.04
CA GLN D 1172 -48.41 22.28 32.11
C GLN D 1172 -47.92 23.56 32.76
N ASP D 1173 -46.61 23.67 32.98
CA ASP D 1173 -46.07 24.87 33.63
C ASP D 1173 -46.25 26.10 32.77
N LYS D 1174 -46.19 25.96 31.45
CA LYS D 1174 -46.42 27.06 30.54
C LYS D 1174 -47.88 27.23 30.16
N HIS D 1175 -48.77 26.42 30.75
CA HIS D 1175 -50.22 26.50 30.50
C HIS D 1175 -50.55 26.24 29.04
N LEU D 1176 -49.84 25.30 28.43
CA LEU D 1176 -50.09 24.90 27.05
C LEU D 1176 -50.92 23.63 27.01
N LYS D 1177 -51.55 23.40 25.87
CA LYS D 1177 -52.27 22.17 25.57
C LYS D 1177 -51.54 21.41 24.48
N TYR D 1178 -52.01 20.20 24.22
CA TYR D 1178 -51.41 19.37 23.19
C TYR D 1178 -52.44 18.43 22.57
N MET E 1 -113.57 58.63 -2.61
CA MET E 1 -112.40 59.47 -2.41
C MET E 1 -111.37 58.79 -1.54
N LYS E 2 -110.11 58.83 -1.96
CA LYS E 2 -109.03 58.23 -1.21
C LYS E 2 -107.85 59.19 -1.17
N ILE E 3 -107.03 59.09 -0.14
CA ILE E 3 -105.83 59.91 0.01
C ILE E 3 -104.64 58.97 0.15
N ARG E 4 -103.61 59.19 -0.66
CA ARG E 4 -102.38 58.42 -0.59
C ARG E 4 -101.20 59.35 -0.36
N VAL E 5 -100.30 58.96 0.52
CA VAL E 5 -99.10 59.73 0.81
C VAL E 5 -97.89 58.89 0.45
N GLY E 6 -96.87 59.54 -0.11
CA GLY E 6 -95.74 58.77 -0.59
C GLY E 6 -94.74 58.47 0.51
N LEU E 7 -94.88 57.30 1.12
CA LEU E 7 -94.00 56.87 2.21
C LEU E 7 -92.96 55.89 1.70
N GLY E 8 -92.04 56.42 0.89
CA GLY E 8 -90.86 55.69 0.49
C GLY E 8 -89.70 55.98 1.43
N SER E 9 -88.52 55.50 1.03
CA SER E 9 -87.32 55.88 1.75
C SER E 9 -87.08 57.38 1.66
N CYS E 10 -87.31 57.96 0.47
CA CYS E 10 -87.19 59.40 0.30
C CYS E 10 -88.40 60.14 0.86
N GLY E 11 -89.59 59.55 0.74
CA GLY E 11 -90.79 60.21 1.23
C GLY E 11 -90.79 60.38 2.73
N MET E 12 -90.41 59.33 3.46
CA MET E 12 -90.32 59.42 4.91
C MET E 12 -89.20 60.35 5.36
N ALA E 13 -88.21 60.61 4.49
CA ALA E 13 -87.14 61.53 4.79
C ALA E 13 -87.45 62.97 4.38
N ALA E 14 -88.56 63.20 3.69
CA ALA E 14 -88.98 64.53 3.31
C ALA E 14 -90.13 65.06 4.17
N GLY E 15 -90.45 64.37 5.25
CA GLY E 15 -91.56 64.77 6.10
C GLY E 15 -92.88 64.11 5.77
N GLY E 16 -92.87 63.04 4.98
CA GLY E 16 -94.12 62.40 4.60
C GLY E 16 -94.87 61.81 5.77
N ASN E 17 -94.16 61.27 6.76
CA ASN E 17 -94.81 60.68 7.92
C ASN E 17 -95.61 61.73 8.70
N LYS E 18 -95.01 62.90 8.92
CA LYS E 18 -95.72 63.97 9.60
C LYS E 18 -96.91 64.46 8.77
N VAL E 19 -96.75 64.51 7.45
CA VAL E 19 -97.87 64.91 6.59
C VAL E 19 -99.03 63.93 6.73
N MET E 20 -98.73 62.62 6.73
CA MET E 20 -99.78 61.64 6.87
C MET E 20 -100.46 61.73 8.24
N GLU E 21 -99.66 61.94 9.29
CA GLU E 21 -100.23 62.07 10.63
C GLU E 21 -101.14 63.29 10.71
N CYS E 22 -100.71 64.41 10.13
CA CYS E 22 -101.54 65.60 10.14
C CYS E 22 -102.81 65.39 9.33
N ILE E 23 -102.71 64.68 8.21
CA ILE E 23 -103.89 64.39 7.39
C ILE E 23 -104.90 63.57 8.20
N GLN E 24 -104.42 62.53 8.88
CA GLN E 24 -105.31 61.70 9.68
C GLN E 24 -105.94 62.50 10.81
N GLN E 25 -105.15 63.34 11.49
CA GLN E 25 -105.69 64.15 12.58
C GLN E 25 -106.74 65.12 12.07
N GLU E 26 -106.49 65.76 10.94
CA GLU E 26 -107.47 66.71 10.38
C GLU E 26 -108.74 65.98 9.95
N LEU E 27 -108.61 64.80 9.37
CA LEU E 27 -109.79 64.04 8.98
C LEU E 27 -110.60 63.61 10.19
N ARG E 28 -109.92 63.20 11.27
CA ARG E 28 -110.63 62.80 12.47
C ARG E 28 -111.33 63.98 13.15
N SER E 29 -110.64 65.13 13.23
CA SER E 29 -111.24 66.30 13.87
C SER E 29 -112.41 66.84 13.06
N ARG E 30 -112.34 66.76 11.73
CA ARG E 30 -113.43 67.20 10.88
C ARG E 30 -114.57 66.20 10.81
N ASN E 31 -114.42 65.03 11.42
CA ASN E 31 -115.42 63.96 11.39
C ASN E 31 -115.70 63.53 9.96
N LEU E 32 -114.67 63.01 9.30
CA LEU E 32 -114.74 62.54 7.93
C LEU E 32 -114.23 61.12 7.85
N ASP E 33 -114.76 60.36 6.90
CA ASP E 33 -114.38 58.96 6.70
C ASP E 33 -113.81 58.83 5.29
N ILE E 34 -112.50 59.07 5.17
CA ILE E 34 -111.80 58.93 3.89
C ILE E 34 -110.59 58.04 4.09
N PRO E 35 -110.41 56.99 3.30
CA PRO E 35 -109.24 56.13 3.47
C PRO E 35 -107.95 56.90 3.24
N VAL E 36 -106.95 56.60 4.08
CA VAL E 36 -105.61 57.18 3.98
C VAL E 36 -104.63 56.03 3.86
N GLU E 37 -103.76 56.08 2.86
CA GLU E 37 -102.89 54.97 2.54
C GLU E 37 -101.47 55.45 2.32
N PRO E 38 -100.49 54.58 2.52
CA PRO E 38 -99.12 54.86 2.08
C PRO E 38 -98.87 54.32 0.67
N THR E 39 -97.85 54.88 0.03
CA THR E 39 -97.47 54.45 -1.30
C THR E 39 -95.99 54.73 -1.50
N GLY E 40 -95.41 54.08 -2.51
CA GLY E 40 -94.00 54.18 -2.78
C GLY E 40 -93.64 55.44 -3.53
N CYS E 41 -92.40 55.44 -4.04
CA CYS E 41 -91.89 56.58 -4.80
C CYS E 41 -92.31 56.45 -6.25
N ILE E 42 -93.11 57.42 -6.73
CA ILE E 42 -93.54 57.40 -8.12
C ILE E 42 -92.40 57.77 -9.06
N GLY E 43 -91.33 58.34 -8.54
CA GLY E 43 -90.21 58.80 -9.34
C GLY E 43 -89.92 60.28 -9.23
N LEU E 44 -90.91 61.09 -8.84
CA LEU E 44 -90.71 62.51 -8.64
C LEU E 44 -90.21 62.75 -7.21
N CYS E 45 -88.98 62.29 -6.97
CA CYS E 45 -88.37 62.42 -5.64
C CYS E 45 -88.05 63.86 -5.29
N PHE E 46 -88.07 64.77 -6.25
CA PHE E 46 -87.90 66.19 -5.99
C PHE E 46 -89.19 66.89 -5.64
N PHE E 47 -90.31 66.16 -5.62
CA PHE E 47 -91.61 66.71 -5.28
C PHE E 47 -92.16 66.17 -3.97
N GLU E 48 -91.40 65.34 -3.26
CA GLU E 48 -91.88 64.75 -2.03
C GLU E 48 -92.04 65.83 -0.96
N PRO E 49 -93.05 65.71 -0.09
CA PRO E 49 -94.05 64.63 -0.01
C PRO E 49 -95.11 64.75 -1.09
N LEU E 50 -95.63 63.64 -1.58
CA LEU E 50 -96.62 63.62 -2.65
C LEU E 50 -97.93 63.09 -2.11
N VAL E 51 -99.01 63.85 -2.30
CA VAL E 51 -100.34 63.47 -1.87
C VAL E 51 -101.18 63.23 -3.11
N ASP E 52 -101.61 61.99 -3.31
CA ASP E 52 -102.47 61.62 -4.42
C ASP E 52 -103.89 61.54 -3.89
N VAL E 53 -104.74 62.45 -4.32
CA VAL E 53 -106.17 62.39 -4.04
C VAL E 53 -106.84 61.69 -5.19
N ILE E 54 -107.58 60.62 -4.89
CA ILE E 54 -108.19 59.76 -5.89
C ILE E 54 -109.70 59.92 -5.81
N ASP E 55 -110.31 60.28 -6.92
CA ASP E 55 -111.76 60.39 -7.06
C ASP E 55 -112.13 59.47 -8.22
N GLY E 56 -112.72 58.32 -7.90
CA GLY E 56 -113.04 57.33 -8.92
C GLY E 56 -111.79 56.79 -9.57
N ASP E 57 -111.58 57.16 -10.84
CA ASP E 57 -110.37 56.79 -11.57
C ASP E 57 -109.44 57.97 -11.80
N ASP E 58 -109.76 59.14 -11.25
CA ASP E 58 -108.96 60.34 -11.44
C ASP E 58 -108.00 60.51 -10.26
N VAL E 59 -106.73 60.81 -10.57
CA VAL E 59 -105.69 60.96 -9.57
C VAL E 59 -105.10 62.35 -9.70
N TYR E 60 -105.06 63.09 -8.58
CA TYR E 60 -104.44 64.40 -8.52
C TYR E 60 -103.26 64.33 -7.57
N THR E 61 -102.07 64.68 -8.05
CA THR E 61 -100.83 64.56 -7.30
C THR E 61 -100.38 65.96 -6.89
N TYR E 62 -100.56 66.28 -5.61
CA TYR E 62 -100.04 67.49 -5.01
C TYR E 62 -98.62 67.24 -4.54
N GLY E 63 -97.69 68.11 -4.93
CA GLY E 63 -96.31 67.93 -4.56
C GLY E 63 -95.79 69.02 -3.64
N ASN E 64 -94.69 68.74 -2.95
CA ASN E 64 -94.09 69.66 -1.99
C ASN E 64 -95.12 70.11 -0.97
N VAL E 65 -95.94 69.17 -0.51
CA VAL E 65 -97.01 69.49 0.43
C VAL E 65 -96.42 69.72 1.81
N THR E 66 -97.11 70.54 2.60
CA THR E 66 -96.71 70.92 3.94
C THR E 66 -97.88 70.73 4.89
N PRO E 67 -97.61 70.52 6.18
CA PRO E 67 -98.73 70.37 7.13
C PRO E 67 -99.67 71.55 7.15
N GLU E 68 -99.16 72.77 6.95
CA GLU E 68 -100.03 73.94 6.91
C GLU E 68 -100.95 73.91 5.70
N MET E 69 -100.50 73.34 4.59
CA MET E 69 -101.30 73.24 3.38
C MET E 69 -102.38 72.16 3.49
N ILE E 70 -102.19 71.19 4.38
CA ILE E 70 -103.11 70.06 4.47
C ILE E 70 -104.56 70.49 4.72
N PRO E 71 -104.86 71.35 5.70
CA PRO E 71 -106.27 71.72 5.90
C PRO E 71 -106.91 72.35 4.68
N LYS E 72 -106.17 73.21 3.96
CA LYS E 72 -106.72 73.84 2.77
C LYS E 72 -107.06 72.79 1.71
N ILE E 73 -106.13 71.85 1.48
CA ILE E 73 -106.36 70.79 0.51
C ILE E 73 -107.57 69.96 0.91
N ILE E 74 -107.66 69.60 2.18
CA ILE E 74 -108.73 68.72 2.64
C ILE E 74 -110.09 69.42 2.49
N GLU E 75 -110.17 70.69 2.88
CA GLU E 75 -111.44 71.39 2.84
C GLU E 75 -111.79 71.90 1.46
N SER E 76 -110.85 71.94 0.51
CA SER E 76 -111.15 72.41 -0.83
C SER E 76 -111.34 71.29 -1.84
N HIS E 77 -110.75 70.11 -1.61
CA HIS E 77 -110.88 68.99 -2.54
C HIS E 77 -111.73 67.86 -1.97
N VAL E 78 -111.39 67.37 -0.77
CA VAL E 78 -112.18 66.31 -0.16
C VAL E 78 -113.56 66.83 0.26
N ILE E 79 -113.60 68.05 0.77
CA ILE E 79 -114.86 68.67 1.17
C ILE E 79 -115.37 69.65 0.12
N GLY E 80 -114.49 70.47 -0.44
CA GLY E 80 -114.90 71.45 -1.43
C GLY E 80 -115.30 70.83 -2.76
N LYS E 81 -114.91 69.59 -3.02
CA LYS E 81 -115.25 68.88 -4.26
C LYS E 81 -114.74 69.65 -5.48
N LYS E 82 -113.54 70.19 -5.38
CA LYS E 82 -112.92 70.89 -6.52
C LYS E 82 -111.41 70.85 -6.39
N PRO E 83 -110.69 70.44 -7.43
CA PRO E 83 -109.23 70.44 -7.36
C PRO E 83 -108.68 71.84 -7.15
N LEU E 84 -107.61 71.93 -6.37
CA LEU E 84 -107.03 73.24 -6.07
C LEU E 84 -106.43 73.89 -7.31
N ASP E 85 -105.74 73.10 -8.14
CA ASP E 85 -105.10 73.52 -9.39
C ASP E 85 -103.96 74.51 -9.18
N GLU E 86 -103.69 74.92 -7.94
CA GLU E 86 -102.60 75.83 -7.64
C GLU E 86 -101.41 75.13 -7.01
N PHE E 87 -101.65 74.21 -6.09
CA PHE E 87 -100.60 73.38 -5.50
C PHE E 87 -100.45 72.05 -6.23
N ILE E 88 -101.29 71.78 -7.23
CA ILE E 88 -101.20 70.52 -7.96
C ILE E 88 -99.94 70.52 -8.81
N VAL E 89 -99.16 69.44 -8.73
CA VAL E 89 -98.00 69.26 -9.58
C VAL E 89 -98.18 68.18 -10.63
N SER E 90 -99.22 67.36 -10.52
CA SER E 90 -99.50 66.39 -11.57
C SER E 90 -100.95 65.95 -11.49
N THR E 91 -101.43 65.35 -12.58
CA THR E 91 -102.77 64.80 -12.61
C THR E 91 -102.82 63.70 -13.66
N SER E 92 -103.83 62.84 -13.55
CA SER E 92 -103.98 61.76 -14.51
C SER E 92 -104.22 62.28 -15.92
N PHE E 93 -105.03 63.34 -16.04
CA PHE E 93 -105.27 63.94 -17.34
C PHE E 93 -104.00 64.53 -17.94
N GLU E 94 -103.22 65.24 -17.13
CA GLU E 94 -101.98 65.88 -17.57
C GLU E 94 -100.85 65.45 -16.66
N PRO E 95 -100.19 64.34 -16.98
CA PRO E 95 -99.06 63.90 -16.17
C PRO E 95 -97.84 64.79 -16.38
N TYR E 96 -96.93 64.71 -15.41
CA TYR E 96 -95.70 65.50 -15.49
C TYR E 96 -94.90 65.09 -16.72
N PRO E 97 -94.25 66.03 -17.40
CA PRO E 97 -93.46 65.66 -18.59
C PRO E 97 -92.35 64.67 -18.29
N MET E 98 -91.85 64.64 -17.05
CA MET E 98 -90.83 63.66 -16.68
C MET E 98 -91.37 62.23 -16.80
N LEU E 99 -92.68 62.06 -16.67
CA LEU E 99 -93.31 60.75 -16.77
C LEU E 99 -93.86 60.44 -18.15
N LYS E 100 -93.69 61.34 -19.12
CA LYS E 100 -94.26 61.13 -20.45
C LYS E 100 -93.33 60.38 -21.38
N SER E 101 -92.03 60.44 -21.17
CA SER E 101 -91.05 59.77 -22.01
C SER E 101 -90.57 58.45 -21.41
N GLN E 102 -91.21 57.98 -20.36
CA GLN E 102 -90.82 56.76 -19.67
C GLN E 102 -91.86 55.67 -19.94
N VAL E 103 -91.39 54.49 -20.33
CA VAL E 103 -92.21 53.29 -20.33
C VAL E 103 -91.79 52.46 -19.12
N ARG E 104 -92.78 52.00 -18.36
CA ARG E 104 -92.53 51.42 -17.05
C ARG E 104 -92.95 49.96 -17.04
N ILE E 105 -92.04 49.09 -16.62
CA ILE E 105 -92.32 47.66 -16.52
C ILE E 105 -92.01 47.18 -15.11
N ALA E 106 -90.79 47.42 -14.64
CA ALA E 106 -90.46 47.10 -13.25
C ALA E 106 -91.16 48.06 -12.30
N LEU E 107 -91.22 49.34 -12.66
CA LEU E 107 -91.88 50.36 -11.84
C LEU E 107 -93.33 50.59 -12.27
N LYS E 108 -93.99 49.57 -12.82
CA LYS E 108 -95.34 49.74 -13.30
C LYS E 108 -96.29 50.11 -12.18
N ASN E 109 -96.15 49.46 -11.03
CA ASN E 109 -97.03 49.71 -9.89
C ASN E 109 -96.39 50.60 -8.84
N CYS E 110 -95.17 51.08 -9.06
CA CYS E 110 -94.49 51.88 -8.05
C CYS E 110 -95.15 53.24 -7.94
N GLY E 111 -95.66 53.57 -6.74
CA GLY E 111 -96.33 54.83 -6.52
C GLY E 111 -97.79 54.86 -6.91
N ARG E 112 -98.35 53.74 -7.37
CA ARG E 112 -99.74 53.68 -7.80
C ARG E 112 -100.55 52.62 -7.07
N ILE E 113 -99.97 51.97 -6.06
CA ILE E 113 -100.63 50.92 -5.30
C ILE E 113 -100.38 51.16 -3.82
N ASN E 114 -100.89 50.24 -3.00
CA ASN E 114 -100.62 50.22 -1.57
C ASN E 114 -99.59 49.14 -1.29
N PRO E 115 -98.36 49.49 -0.94
CA PRO E 115 -97.33 48.46 -0.73
C PRO E 115 -97.64 47.51 0.41
N GLU E 116 -98.48 47.91 1.36
CA GLU E 116 -98.79 47.10 2.52
C GLU E 116 -100.16 46.43 2.43
N ASP E 117 -100.79 46.48 1.26
CA ASP E 117 -102.09 45.84 1.03
C ASP E 117 -102.01 45.01 -0.24
N ILE E 118 -102.15 43.69 -0.10
CA ILE E 118 -102.04 42.82 -1.26
C ILE E 118 -103.27 42.93 -2.15
N ASP E 119 -104.40 43.36 -1.58
CA ASP E 119 -105.61 43.47 -2.38
C ASP E 119 -105.46 44.51 -3.49
N ASP E 120 -104.78 45.63 -3.19
CA ASP E 120 -104.56 46.65 -4.21
C ASP E 120 -103.67 46.13 -5.33
N TYR E 121 -102.63 45.37 -4.99
CA TYR E 121 -101.78 44.77 -6.01
C TYR E 121 -102.56 43.78 -6.86
N ILE E 122 -103.42 42.98 -6.23
CA ILE E 122 -104.23 42.01 -6.97
C ILE E 122 -105.18 42.73 -7.91
N LYS E 123 -105.80 43.81 -7.44
CA LYS E 123 -106.77 44.53 -8.24
C LYS E 123 -106.17 45.06 -9.53
N ASN E 124 -104.92 45.52 -9.47
CA ASN E 124 -104.25 46.09 -10.64
C ASN E 124 -103.47 45.02 -11.42
N GLY E 125 -104.17 43.95 -11.80
CA GLY E 125 -103.56 42.89 -12.60
C GLY E 125 -102.39 42.21 -11.92
N GLY E 126 -102.52 41.90 -10.64
CA GLY E 126 -101.46 41.28 -9.88
C GLY E 126 -101.66 39.79 -9.70
N TYR E 127 -100.54 39.07 -9.62
CA TYR E 127 -100.49 37.63 -9.39
C TYR E 127 -101.20 36.83 -10.46
N GLU E 128 -101.60 37.45 -11.58
CA GLU E 128 -102.20 36.71 -12.67
C GLU E 128 -101.15 35.92 -13.46
N ALA E 129 -99.92 36.42 -13.50
CA ALA E 129 -98.85 35.66 -14.14
C ALA E 129 -98.61 34.35 -13.42
N LEU E 130 -98.61 34.38 -12.09
CA LEU E 130 -98.44 33.15 -11.32
C LEU E 130 -99.59 32.18 -11.57
N LYS E 131 -100.82 32.71 -11.64
CA LYS E 131 -101.97 31.87 -11.92
C LYS E 131 -101.84 31.20 -13.27
N LYS E 132 -101.49 31.97 -14.30
CA LYS E 132 -101.35 31.41 -15.64
C LYS E 132 -100.25 30.36 -15.68
N VAL E 133 -99.11 30.65 -15.06
CA VAL E 133 -97.98 29.72 -15.08
C VAL E 133 -98.36 28.42 -14.37
N LEU E 134 -99.03 28.52 -13.23
CA LEU E 134 -99.36 27.32 -12.46
C LEU E 134 -100.50 26.54 -13.10
N THR E 135 -101.37 27.19 -13.86
CA THR E 135 -102.50 26.48 -14.45
C THR E 135 -102.15 25.86 -15.80
N SER E 136 -101.62 26.65 -16.73
CA SER E 136 -101.46 26.20 -18.12
C SER E 136 -100.07 26.52 -18.64
N MET E 137 -99.04 26.19 -17.87
CA MET E 137 -97.68 26.40 -18.34
C MET E 137 -96.76 25.34 -17.74
N THR E 138 -95.63 25.14 -18.40
CA THR E 138 -94.56 24.21 -18.08
C THR E 138 -93.31 24.97 -17.69
N PRO E 139 -92.50 24.45 -16.76
CA PRO E 139 -91.23 25.14 -16.44
C PRO E 139 -90.35 25.37 -17.65
N GLU E 140 -90.29 24.40 -18.58
CA GLU E 140 -89.58 24.63 -19.83
C GLU E 140 -90.24 25.74 -20.63
N GLU E 141 -91.57 25.80 -20.60
CA GLU E 141 -92.28 26.90 -21.27
C GLU E 141 -91.93 28.24 -20.65
N VAL E 142 -91.81 28.29 -19.31
CA VAL E 142 -91.44 29.54 -18.65
C VAL E 142 -90.03 29.95 -19.05
N ILE E 143 -89.09 29.01 -19.06
CA ILE E 143 -87.72 29.33 -19.44
C ILE E 143 -87.68 29.81 -20.88
N GLU E 144 -88.43 29.16 -21.77
CA GLU E 144 -88.47 29.58 -23.17
C GLU E 144 -89.07 30.98 -23.30
N GLU E 145 -90.09 31.28 -22.50
CA GLU E 145 -90.69 32.62 -22.54
C GLU E 145 -89.68 33.68 -22.11
N ILE E 146 -88.94 33.41 -21.05
CA ILE E 146 -87.92 34.37 -20.61
C ILE E 146 -86.83 34.49 -21.65
N LYS E 147 -86.48 33.38 -22.31
CA LYS E 147 -85.47 33.42 -23.36
C LYS E 147 -85.92 34.29 -24.52
N ILE E 148 -87.16 34.14 -24.95
CA ILE E 148 -87.68 34.95 -26.05
C ILE E 148 -87.76 36.42 -25.64
N SER E 149 -88.12 36.68 -24.37
CA SER E 149 -88.25 38.06 -23.91
C SER E 149 -86.92 38.80 -23.96
N GLY E 150 -85.81 38.09 -23.87
CA GLY E 150 -84.51 38.73 -23.91
C GLY E 150 -84.10 39.40 -22.62
N LEU E 151 -84.80 39.14 -21.52
CA LEU E 151 -84.40 39.68 -20.23
C LEU E 151 -83.00 39.22 -19.88
N ARG E 152 -82.17 40.16 -19.42
CA ARG E 152 -80.78 39.81 -19.12
C ARG E 152 -80.22 40.79 -18.09
N GLY E 153 -79.96 40.29 -16.89
CA GLY E 153 -79.21 41.01 -15.87
C GLY E 153 -80.01 42.00 -15.04
N ARG E 154 -80.26 43.17 -15.60
CA ARG E 154 -80.94 44.26 -14.90
C ARG E 154 -80.33 44.50 -13.51
N GLY E 155 -79.06 44.87 -13.52
CA GLY E 155 -78.36 45.12 -12.28
C GLY E 155 -77.09 44.31 -12.09
N GLY E 156 -76.50 43.89 -13.19
CA GLY E 156 -75.24 43.17 -13.15
C GLY E 156 -74.41 43.38 -14.39
N ALA E 157 -73.44 42.50 -14.63
CA ALA E 157 -72.68 42.55 -15.87
C ALA E 157 -73.56 42.31 -17.07
N GLY E 158 -74.66 41.57 -16.89
CA GLY E 158 -75.61 41.33 -17.95
C GLY E 158 -75.45 39.95 -18.55
N PHE E 159 -76.29 39.02 -18.11
CA PHE E 159 -76.28 37.65 -18.62
C PHE E 159 -77.70 37.21 -18.90
N PRO E 160 -77.91 36.40 -19.93
CA PRO E 160 -79.26 35.92 -20.24
C PRO E 160 -79.86 35.18 -19.06
N THR E 161 -80.95 35.71 -18.53
CA THR E 161 -81.59 35.12 -17.35
C THR E 161 -82.08 33.70 -17.65
N TRP E 162 -82.54 33.46 -18.86
CA TRP E 162 -82.96 32.11 -19.23
C TRP E 162 -81.82 31.12 -19.10
N PHE E 163 -80.60 31.56 -19.45
CA PHE E 163 -79.45 30.66 -19.33
C PHE E 163 -79.20 30.27 -17.88
N LYS E 164 -79.26 31.25 -16.97
CA LYS E 164 -79.06 30.95 -15.55
C LYS E 164 -80.15 30.03 -15.03
N TRP E 165 -81.41 30.29 -15.41
CA TRP E 165 -82.51 29.46 -14.94
C TRP E 165 -82.39 28.04 -15.46
N ASP E 166 -82.02 27.88 -16.74
CA ASP E 166 -81.87 26.55 -17.31
C ASP E 166 -80.69 25.82 -16.67
N ALA E 167 -79.59 26.53 -16.40
CA ALA E 167 -78.45 25.90 -15.75
C ALA E 167 -78.81 25.44 -14.35
N ALA E 168 -79.58 26.26 -13.61
CA ALA E 168 -80.02 25.84 -12.28
C ALA E 168 -80.98 24.66 -12.34
N ARG E 169 -81.88 24.66 -13.33
CA ARG E 169 -82.88 23.61 -13.41
C ARG E 169 -82.26 22.27 -13.80
N LYS E 170 -81.38 22.28 -14.80
CA LYS E 170 -80.82 21.03 -15.29
C LYS E 170 -79.89 20.37 -14.28
N ALA E 171 -79.39 21.13 -13.30
CA ALA E 171 -78.51 20.56 -12.29
C ALA E 171 -79.26 19.57 -11.42
N SER E 172 -78.55 18.52 -10.99
CA SER E 172 -79.15 17.45 -10.22
C SER E 172 -79.09 17.79 -8.73
N GLY E 173 -80.25 17.73 -8.07
CA GLY E 173 -80.31 18.02 -6.65
C GLY E 173 -81.71 17.87 -6.09
N ASP E 174 -81.81 17.31 -4.88
CA ASP E 174 -83.12 17.18 -4.24
C ASP E 174 -83.70 18.55 -3.91
N ILE E 175 -82.86 19.47 -3.43
CA ILE E 175 -83.30 20.81 -3.04
C ILE E 175 -82.50 21.82 -3.84
N LYS E 176 -83.20 22.80 -4.39
CA LYS E 176 -82.59 23.92 -5.10
C LYS E 176 -83.03 25.23 -4.44
N TYR E 177 -82.20 26.25 -4.59
CA TYR E 177 -82.44 27.54 -3.97
C TYR E 177 -82.59 28.63 -5.02
N VAL E 178 -83.36 29.65 -4.68
CA VAL E 178 -83.58 30.82 -5.54
C VAL E 178 -83.42 32.06 -4.67
N VAL E 179 -82.32 32.78 -4.86
CA VAL E 179 -82.00 33.93 -4.04
C VAL E 179 -82.32 35.20 -4.80
N CYS E 180 -82.50 36.29 -4.06
CA CYS E 180 -82.79 37.60 -4.62
C CYS E 180 -81.81 38.60 -4.01
N ASN E 181 -80.89 39.11 -4.82
CA ASN E 181 -79.85 40.03 -4.36
C ASN E 181 -80.47 41.41 -4.19
N ALA E 182 -81.10 41.63 -3.05
CA ALA E 182 -81.71 42.92 -2.74
C ALA E 182 -80.69 43.93 -2.23
N ASP E 183 -79.44 43.52 -2.01
CA ASP E 183 -78.40 44.47 -1.64
C ASP E 183 -78.22 45.49 -2.75
N GLU E 184 -78.21 46.77 -2.38
CA GLU E 184 -78.05 47.82 -3.37
C GLU E 184 -76.65 47.86 -3.96
N GLY E 185 -75.64 47.81 -3.11
CA GLY E 185 -74.28 47.87 -3.61
C GLY E 185 -73.75 49.28 -3.77
N ASP E 186 -73.84 49.80 -5.00
CA ASP E 186 -73.43 51.15 -5.35
C ASP E 186 -73.92 52.15 -4.32
N PRO E 187 -73.02 52.88 -3.66
CA PRO E 187 -73.44 53.79 -2.58
C PRO E 187 -74.23 55.00 -3.05
N GLY E 188 -74.49 55.14 -4.35
CA GLY E 188 -75.25 56.28 -4.84
C GLY E 188 -76.47 55.85 -5.62
N ALA E 189 -77.05 54.71 -5.25
CA ALA E 189 -78.18 54.13 -5.95
C ALA E 189 -79.25 53.73 -4.96
N PHE E 190 -80.51 53.80 -5.40
CA PHE E 190 -81.64 53.49 -4.54
C PHE E 190 -82.77 52.75 -5.25
N MET E 191 -82.49 52.10 -6.38
CA MET E 191 -83.56 51.50 -7.17
C MET E 191 -84.20 50.32 -6.46
N ASP E 192 -83.38 49.38 -5.98
CA ASP E 192 -83.94 48.19 -5.35
C ASP E 192 -84.67 48.54 -4.07
N ARG E 193 -84.17 49.53 -3.33
CA ARG E 193 -84.86 49.99 -2.12
C ARG E 193 -86.25 50.50 -2.47
N SER E 194 -86.35 51.33 -3.52
CA SER E 194 -87.65 51.88 -3.89
C SER E 194 -88.58 50.81 -4.44
N ILE E 195 -88.04 49.82 -5.16
CA ILE E 195 -88.89 48.75 -5.66
C ILE E 195 -89.40 47.90 -4.51
N LEU E 196 -88.55 47.60 -3.54
CA LEU E 196 -88.99 46.79 -2.39
C LEU E 196 -89.95 47.56 -1.50
N GLU E 197 -89.83 48.89 -1.45
CA GLU E 197 -90.75 49.69 -0.66
C GLU E 197 -92.04 50.02 -1.37
N GLY E 198 -92.08 49.92 -2.70
CA GLY E 198 -93.28 50.25 -3.42
C GLY E 198 -93.97 49.07 -4.07
N ASP E 199 -93.19 48.10 -4.55
CA ASP E 199 -93.73 46.92 -5.23
C ASP E 199 -92.99 45.68 -4.77
N PRO E 200 -93.20 45.25 -3.52
CA PRO E 200 -92.56 44.01 -3.07
C PRO E 200 -93.24 42.77 -3.63
N HIS E 201 -94.54 42.84 -3.90
CA HIS E 201 -95.25 41.67 -4.41
C HIS E 201 -94.80 41.33 -5.82
N ALA E 202 -94.35 42.31 -6.60
CA ALA E 202 -93.79 42.00 -7.91
C ALA E 202 -92.54 41.14 -7.78
N VAL E 203 -91.66 41.49 -6.84
CA VAL E 203 -90.47 40.69 -6.59
C VAL E 203 -90.86 39.30 -6.09
N LEU E 204 -91.85 39.24 -5.19
CA LEU E 204 -92.28 37.95 -4.66
C LEU E 204 -92.81 37.04 -5.77
N GLU E 205 -93.64 37.60 -6.66
CA GLU E 205 -94.19 36.81 -7.75
C GLU E 205 -93.10 36.39 -8.75
N GLY E 206 -92.15 37.28 -9.01
CA GLY E 206 -91.04 36.91 -9.88
C GLY E 206 -90.22 35.78 -9.31
N MET E 207 -89.95 35.83 -8.00
CA MET E 207 -89.21 34.74 -7.37
C MET E 207 -90.01 33.44 -7.39
N THR E 208 -91.33 33.52 -7.18
CA THR E 208 -92.14 32.31 -7.23
C THR E 208 -92.15 31.68 -8.62
N ILE E 209 -92.26 32.51 -9.66
CA ILE E 209 -92.24 31.99 -11.02
C ILE E 209 -90.87 31.41 -11.35
N ALA E 210 -89.80 32.07 -10.90
CA ALA E 210 -88.46 31.54 -11.12
C ALA E 210 -88.28 30.21 -10.42
N ALA E 211 -88.81 30.07 -9.21
CA ALA E 211 -88.71 28.81 -8.50
C ALA E 211 -89.52 27.71 -9.18
N TYR E 212 -90.70 28.06 -9.71
CA TYR E 212 -91.47 27.08 -10.45
C TYR E 212 -90.72 26.60 -11.68
N ALA E 213 -90.09 27.53 -12.41
CA ALA E 213 -89.31 27.14 -13.57
C ALA E 213 -88.13 26.27 -13.18
N ILE E 214 -87.39 26.69 -12.15
CA ILE E 214 -86.20 25.96 -11.73
C ILE E 214 -86.58 24.65 -11.06
N GLY E 215 -87.57 24.67 -10.18
CA GLY E 215 -87.89 23.54 -9.34
C GLY E 215 -87.50 23.72 -7.89
N ALA E 216 -87.17 24.93 -7.47
CA ALA E 216 -86.76 25.19 -6.10
C ALA E 216 -87.94 25.07 -5.15
N LYS E 217 -87.63 24.92 -3.86
CA LYS E 217 -88.63 24.84 -2.82
C LYS E 217 -88.44 25.87 -1.73
N GLU E 218 -87.32 26.59 -1.71
CA GLU E 218 -87.07 27.63 -0.73
C GLU E 218 -86.31 28.77 -1.39
N GLY E 219 -86.51 29.98 -0.88
CA GLY E 219 -85.87 31.15 -1.45
C GLY E 219 -85.45 32.11 -0.37
N TYR E 220 -84.49 32.95 -0.72
CA TYR E 220 -83.91 33.92 0.21
C TYR E 220 -83.90 35.30 -0.42
N ILE E 221 -84.13 36.32 0.40
CA ILE E 221 -84.04 37.71 -0.02
C ILE E 221 -82.92 38.34 0.79
N TYR E 222 -81.76 38.54 0.16
CA TYR E 222 -80.62 39.13 0.84
C TYR E 222 -80.77 40.65 0.76
N VAL E 223 -81.49 41.21 1.73
CA VAL E 223 -81.70 42.64 1.83
C VAL E 223 -80.86 43.17 2.98
N ARG E 224 -80.22 44.31 2.76
CA ARG E 224 -79.38 44.90 3.80
C ARG E 224 -80.23 45.33 4.99
N ALA E 225 -79.68 45.11 6.19
CA ALA E 225 -80.40 45.48 7.40
C ALA E 225 -80.46 46.98 7.62
N GLU E 226 -79.71 47.77 6.85
CA GLU E 226 -79.74 49.22 6.97
C GLU E 226 -81.01 49.84 6.40
N TYR E 227 -81.85 49.05 5.72
CA TYR E 227 -83.09 49.53 5.12
C TYR E 227 -84.26 48.95 5.90
N PRO E 228 -84.71 49.58 6.99
CA PRO E 228 -85.78 48.97 7.77
C PRO E 228 -87.14 49.03 7.10
N LEU E 229 -87.42 50.09 6.33
CA LEU E 229 -88.70 50.18 5.65
C LEU E 229 -88.87 49.06 4.63
N ALA E 230 -87.82 48.78 3.86
CA ALA E 230 -87.90 47.70 2.88
C ALA E 230 -88.14 46.36 3.55
N ILE E 231 -87.44 46.09 4.65
CA ILE E 231 -87.63 44.83 5.36
C ILE E 231 -89.05 44.72 5.91
N LYS E 232 -89.56 45.81 6.48
CA LYS E 232 -90.90 45.79 7.05
C LYS E 232 -91.94 45.54 5.97
N ARG E 233 -91.83 46.23 4.83
CA ARG E 233 -92.78 46.03 3.75
C ARG E 233 -92.68 44.63 3.17
N LEU E 234 -91.45 44.10 3.07
CA LEU E 234 -91.29 42.73 2.57
C LEU E 234 -91.91 41.72 3.51
N GLU E 235 -91.73 41.90 4.82
CA GLU E 235 -92.35 40.99 5.78
C GLU E 235 -93.86 41.05 5.71
N ILE E 236 -94.42 42.27 5.61
CA ILE E 236 -95.86 42.41 5.50
C ILE E 236 -96.38 41.75 4.23
N ALA E 237 -95.68 41.96 3.10
CA ALA E 237 -96.10 41.36 1.85
C ALA E 237 -96.03 39.85 1.90
N ILE E 238 -94.97 39.32 2.51
CA ILE E 238 -94.81 37.86 2.60
C ILE E 238 -95.94 37.26 3.44
N GLU E 239 -96.25 37.90 4.58
CA GLU E 239 -97.34 37.38 5.41
C GLU E 239 -98.68 37.45 4.69
N GLN E 240 -98.94 38.56 3.99
CA GLN E 240 -100.19 38.69 3.25
C GLN E 240 -100.28 37.65 2.15
N ALA E 241 -99.17 37.40 1.45
CA ALA E 241 -99.18 36.39 0.39
C ALA E 241 -99.39 35.00 0.96
N ARG E 242 -98.78 34.70 2.10
CA ARG E 242 -98.98 33.40 2.73
C ARG E 242 -100.43 33.21 3.14
N ASN E 243 -101.05 34.26 3.70
CA ASN E 243 -102.43 34.15 4.16
C ASN E 243 -103.43 33.98 3.01
N ARG E 244 -103.00 34.21 1.77
CA ARG E 244 -103.87 34.02 0.61
C ARG E 244 -103.47 32.82 -0.23
N ASN E 245 -102.69 31.90 0.35
CA ASN E 245 -102.22 30.69 -0.33
C ASN E 245 -101.36 31.00 -1.56
N LEU E 246 -100.80 32.20 -1.61
CA LEU E 246 -99.91 32.61 -2.70
C LEU E 246 -98.45 32.34 -2.40
N LEU E 247 -98.13 31.86 -1.19
CA LEU E 247 -96.76 31.56 -0.82
C LEU E 247 -96.78 30.50 0.26
N GLY E 248 -95.80 29.60 0.23
CA GLY E 248 -95.72 28.58 1.25
C GLY E 248 -95.92 27.19 0.70
N ASN E 249 -96.70 26.37 1.40
CA ASN E 249 -96.98 25.00 0.99
C ASN E 249 -98.30 24.95 0.24
N ASN E 250 -98.32 24.17 -0.85
CA ASN E 250 -99.50 24.02 -1.70
C ASN E 250 -99.98 25.38 -2.22
N ILE E 251 -99.09 26.04 -2.97
CA ILE E 251 -99.42 27.34 -3.54
C ILE E 251 -100.53 27.17 -4.55
N LEU E 252 -101.58 28.00 -4.42
CA LEU E 252 -102.67 28.03 -5.39
C LEU E 252 -103.36 26.68 -5.54
N ASN E 253 -103.44 25.93 -4.43
CA ASN E 253 -104.11 24.64 -4.39
C ASN E 253 -103.58 23.68 -5.46
N THR E 254 -102.25 23.62 -5.56
CA THR E 254 -101.58 22.69 -6.46
C THR E 254 -100.35 22.13 -5.75
N ASN E 255 -99.67 21.20 -6.43
CA ASN E 255 -98.52 20.52 -5.82
C ASN E 255 -97.32 21.43 -5.63
N PHE E 256 -97.31 22.61 -6.24
CA PHE E 256 -96.19 23.54 -6.08
C PHE E 256 -96.12 24.05 -4.64
N SER E 257 -94.89 24.23 -4.14
CA SER E 257 -94.69 24.71 -2.78
C SER E 257 -93.40 25.51 -2.74
N PHE E 258 -93.50 26.82 -2.58
CA PHE E 258 -92.36 27.72 -2.52
C PHE E 258 -92.51 28.66 -1.35
N ASP E 259 -91.41 28.86 -0.62
CA ASP E 259 -91.41 29.74 0.54
C ASP E 259 -90.17 30.63 0.50
N ILE E 260 -90.27 31.77 1.18
CA ILE E 260 -89.23 32.80 1.16
C ILE E 260 -88.87 33.15 2.59
N LYS E 261 -87.57 33.17 2.87
CA LYS E 261 -87.05 33.60 4.18
C LYS E 261 -86.16 34.81 3.97
N LEU E 262 -86.43 35.88 4.71
CA LEU E 262 -85.65 37.10 4.58
C LEU E 262 -84.34 36.95 5.34
N LYS E 263 -83.23 37.06 4.62
CA LYS E 263 -81.89 36.99 5.21
C LYS E 263 -81.31 38.39 5.21
N LYS E 264 -81.35 39.04 6.37
CA LYS E 264 -80.87 40.41 6.48
C LYS E 264 -79.34 40.44 6.36
N GLY E 265 -78.85 41.32 5.47
CA GLY E 265 -77.42 41.44 5.31
C GLY E 265 -76.81 42.36 6.35
N ALA E 266 -75.57 42.04 6.73
CA ALA E 266 -74.86 42.84 7.72
C ALA E 266 -74.15 44.04 7.11
N GLY E 267 -74.08 44.14 5.78
CA GLY E 267 -73.55 45.31 5.14
C GLY E 267 -72.18 45.15 4.54
N ALA E 268 -72.12 44.94 3.23
CA ALA E 268 -70.87 44.84 2.49
C ALA E 268 -71.12 44.88 0.99
N PHE E 269 -70.45 45.80 0.29
CA PHE E 269 -70.47 45.80 -1.16
C PHE E 269 -69.84 44.54 -1.73
N VAL E 270 -68.90 43.93 -1.01
CA VAL E 270 -68.37 42.65 -1.46
C VAL E 270 -69.44 41.58 -1.38
N CYS E 271 -70.32 41.65 -0.38
CA CYS E 271 -71.35 40.64 -0.21
C CYS E 271 -72.32 40.58 -1.37
N GLY E 272 -72.34 41.61 -2.23
CA GLY E 272 -73.16 41.55 -3.42
C GLY E 272 -72.66 40.53 -4.44
N GLU E 273 -71.39 40.17 -4.38
CA GLU E 273 -70.85 39.13 -5.25
C GLU E 273 -71.52 37.80 -4.95
N GLU E 274 -71.74 37.00 -5.99
CA GLU E 274 -72.50 35.76 -5.85
C GLU E 274 -71.89 34.84 -4.79
N THR E 275 -70.58 34.57 -4.90
CA THR E 275 -69.94 33.69 -3.95
C THR E 275 -69.90 34.31 -2.55
N ALA E 276 -69.65 35.63 -2.46
CA ALA E 276 -69.67 36.28 -1.17
C ALA E 276 -71.07 36.30 -0.58
N LEU E 277 -72.09 36.48 -1.42
CA LEU E 277 -73.47 36.39 -0.94
C LEU E 277 -73.78 35.00 -0.40
N ILE E 278 -73.31 33.96 -1.10
CA ILE E 278 -73.52 32.60 -0.65
C ILE E 278 -72.83 32.38 0.70
N ALA E 279 -71.60 32.88 0.84
CA ALA E 279 -70.89 32.75 2.11
C ALA E 279 -71.61 33.48 3.23
N SER E 280 -72.11 34.68 2.96
CA SER E 280 -72.83 35.45 3.98
C SER E 280 -74.11 34.75 4.40
N ILE E 281 -74.84 34.17 3.45
CA ILE E 281 -76.03 33.41 3.79
C ILE E 281 -75.66 32.18 4.61
N GLU E 282 -74.53 31.54 4.27
CA GLU E 282 -74.09 30.35 4.99
C GLU E 282 -73.62 30.66 6.41
N GLY E 283 -73.47 31.94 6.76
CA GLY E 283 -73.05 32.31 8.10
C GLY E 283 -71.57 32.59 8.27
N GLU E 284 -70.78 32.41 7.22
CA GLU E 284 -69.36 32.73 7.29
C GLU E 284 -69.14 34.19 6.88
N ARG E 285 -67.88 34.62 6.91
CA ARG E 285 -67.56 35.95 6.42
C ARG E 285 -67.61 35.98 4.90
N GLY E 286 -68.06 37.10 4.35
CA GLY E 286 -68.28 37.19 2.93
C GLY E 286 -67.01 37.32 2.12
N MET E 287 -66.21 36.25 2.11
CA MET E 287 -65.00 36.21 1.31
C MET E 287 -65.28 35.45 0.03
N PRO E 288 -65.17 36.08 -1.14
CA PRO E 288 -65.48 35.39 -2.39
C PRO E 288 -64.63 34.15 -2.60
N ARG E 289 -65.24 33.09 -3.12
CA ARG E 289 -64.57 31.83 -3.35
C ARG E 289 -64.12 31.76 -4.81
N LEU E 290 -63.44 30.67 -5.17
CA LEU E 290 -63.02 30.46 -6.53
C LEU E 290 -64.23 30.10 -7.40
N LYS E 291 -64.10 30.35 -8.70
CA LYS E 291 -65.26 30.24 -9.59
C LYS E 291 -65.84 28.83 -9.63
N PRO E 292 -65.07 27.76 -9.79
CA PRO E 292 -65.64 26.42 -9.66
C PRO E 292 -65.70 26.00 -8.20
N PRO E 293 -66.82 25.43 -7.75
CA PRO E 293 -68.08 25.21 -8.48
C PRO E 293 -68.90 26.49 -8.61
N PHE E 294 -69.66 26.64 -9.68
CA PHE E 294 -70.44 27.84 -9.89
C PHE E 294 -71.70 27.82 -9.04
N PRO E 295 -72.24 29.01 -8.70
CA PRO E 295 -73.47 29.03 -7.88
C PRO E 295 -74.62 28.26 -8.48
N ALA E 296 -74.76 28.26 -9.81
CA ALA E 296 -75.82 27.47 -10.43
C ALA E 296 -75.61 25.98 -10.20
N GLN E 297 -74.37 25.51 -10.37
CA GLN E 297 -74.08 24.10 -10.15
C GLN E 297 -73.99 23.75 -8.67
N SER E 298 -73.42 24.65 -7.87
CA SER E 298 -73.30 24.41 -6.42
C SER E 298 -73.28 25.76 -5.73
N GLY E 299 -74.36 26.08 -5.03
CA GLY E 299 -74.48 27.37 -4.36
C GLY E 299 -74.57 27.28 -2.85
N LEU E 300 -75.76 27.51 -2.32
CA LEU E 300 -75.96 27.49 -0.87
C LEU E 300 -75.84 26.08 -0.35
N TRP E 301 -74.82 25.86 0.50
CA TRP E 301 -74.59 24.56 1.12
C TRP E 301 -74.45 23.45 0.08
N GLY E 302 -73.81 23.78 -1.04
CA GLY E 302 -73.51 22.80 -2.06
C GLY E 302 -74.66 22.45 -2.99
N ARG E 303 -75.81 23.08 -2.84
CA ARG E 303 -76.97 22.82 -3.68
C ARG E 303 -77.09 23.87 -4.77
N PRO E 304 -77.74 23.54 -5.88
CA PRO E 304 -77.90 24.52 -6.96
C PRO E 304 -78.60 25.78 -6.47
N THR E 305 -78.14 26.93 -6.97
CA THR E 305 -78.58 28.22 -6.46
C THR E 305 -78.59 29.22 -7.61
N ASN E 306 -79.69 29.94 -7.76
CA ASN E 306 -79.85 30.94 -8.82
C ASN E 306 -80.01 32.31 -8.16
N ILE E 307 -79.04 33.18 -8.39
CA ILE E 307 -79.02 34.52 -7.81
C ILE E 307 -79.37 35.53 -8.89
N ASN E 308 -80.35 36.38 -8.61
CA ASN E 308 -80.81 37.38 -9.54
C ASN E 308 -81.07 38.68 -8.79
N ASN E 309 -81.09 39.78 -9.53
CA ASN E 309 -81.35 41.08 -8.95
C ASN E 309 -82.84 41.26 -8.67
N VAL E 310 -83.18 42.38 -8.03
CA VAL E 310 -84.57 42.70 -7.76
C VAL E 310 -85.30 43.07 -9.04
N GLU E 311 -84.65 43.86 -9.90
CA GLU E 311 -85.31 44.36 -11.10
C GLU E 311 -85.61 43.24 -12.08
N THR E 312 -84.67 42.31 -12.27
CA THR E 312 -84.91 41.22 -13.20
C THR E 312 -86.00 40.28 -12.69
N TYR E 313 -86.17 40.18 -11.38
CA TYR E 313 -87.28 39.42 -10.83
C TYR E 313 -88.59 40.16 -10.98
N ALA E 314 -88.57 41.48 -10.84
CA ALA E 314 -89.79 42.27 -11.05
C ALA E 314 -90.23 42.23 -12.51
N ASN E 315 -89.29 42.07 -13.43
CA ASN E 315 -89.63 42.02 -14.84
C ASN E 315 -90.38 40.75 -15.22
N VAL E 316 -90.26 39.68 -14.42
CA VAL E 316 -90.78 38.37 -14.84
C VAL E 316 -92.30 38.35 -14.99
N PRO E 317 -93.10 38.80 -14.02
CA PRO E 317 -94.56 38.71 -14.20
C PRO E 317 -95.06 39.46 -15.41
N TRP E 318 -94.48 40.62 -15.71
CA TRP E 318 -94.87 41.37 -16.90
C TRP E 318 -94.58 40.57 -18.17
N ILE E 319 -93.42 39.93 -18.22
CA ILE E 319 -93.06 39.11 -19.37
C ILE E 319 -94.03 37.96 -19.54
N ILE E 320 -94.38 37.30 -18.42
CA ILE E 320 -95.27 36.15 -18.51
C ILE E 320 -96.67 36.58 -18.95
N THR E 321 -97.19 37.66 -18.37
CA THR E 321 -98.55 38.11 -18.69
C THR E 321 -98.64 38.61 -20.13
N ASN E 322 -97.73 39.50 -20.53
CA ASN E 322 -97.78 40.11 -21.84
C ASN E 322 -97.01 39.34 -22.90
N GLY E 323 -96.41 38.22 -22.55
CA GLY E 323 -95.69 37.45 -23.54
C GLY E 323 -94.26 37.91 -23.73
N GLY E 324 -93.40 36.97 -24.13
CA GLY E 324 -92.00 37.31 -24.35
C GLY E 324 -91.82 38.26 -25.52
N LYS E 325 -92.63 38.12 -26.56
CA LYS E 325 -92.47 38.96 -27.74
C LYS E 325 -92.73 40.43 -27.43
N ALA E 326 -93.67 40.72 -26.51
CA ALA E 326 -93.93 42.10 -26.14
C ALA E 326 -92.71 42.73 -25.48
N PHE E 327 -92.04 41.99 -24.61
CA PHE E 327 -90.79 42.49 -24.03
C PHE E 327 -89.71 42.63 -25.09
N ALA E 328 -89.62 41.68 -26.00
CA ALA E 328 -88.60 41.70 -27.04
C ALA E 328 -88.87 42.73 -28.12
N SER E 329 -90.05 43.35 -28.13
CA SER E 329 -90.34 44.40 -29.11
C SER E 329 -89.85 45.76 -28.67
N LEU E 330 -89.21 45.87 -27.51
CA LEU E 330 -88.70 47.13 -26.99
C LEU E 330 -87.19 47.06 -26.89
N GLY E 331 -86.53 48.16 -27.26
CA GLY E 331 -85.09 48.24 -27.11
C GLY E 331 -84.30 48.08 -28.39
N THR E 332 -83.08 47.58 -28.27
CA THR E 332 -82.18 47.41 -29.41
C THR E 332 -82.19 45.96 -29.89
N GLU E 333 -81.31 45.65 -30.83
CA GLU E 333 -81.22 44.29 -31.33
C GLU E 333 -80.54 43.36 -30.34
N LYS E 334 -79.67 43.88 -29.49
CA LYS E 334 -78.95 43.07 -28.51
C LYS E 334 -79.53 43.18 -27.11
N SER E 335 -79.77 44.40 -26.63
CA SER E 335 -80.35 44.63 -25.32
C SER E 335 -81.81 45.02 -25.47
N LYS E 336 -82.70 44.24 -24.86
CA LYS E 336 -84.13 44.44 -24.98
C LYS E 336 -84.73 44.73 -23.61
N GLY E 337 -85.80 45.53 -23.60
CA GLY E 337 -86.55 45.81 -22.40
C GLY E 337 -86.37 47.24 -21.93
N THR E 338 -86.51 47.42 -20.61
CA THR E 338 -86.37 48.72 -19.98
C THR E 338 -85.35 48.62 -18.86
N LYS E 339 -84.71 49.74 -18.55
CA LYS E 339 -83.72 49.81 -17.49
C LYS E 339 -84.10 50.91 -16.52
N VAL E 340 -83.93 50.64 -15.23
CA VAL E 340 -84.22 51.60 -14.17
C VAL E 340 -82.93 52.28 -13.76
N PHE E 341 -82.94 53.61 -13.77
CA PHE E 341 -81.80 54.42 -13.42
C PHE E 341 -82.16 55.32 -12.25
N ALA E 342 -81.27 55.37 -11.26
CA ALA E 342 -81.37 56.33 -10.16
C ALA E 342 -80.59 57.55 -10.57
N LEU E 343 -81.29 58.57 -11.06
CA LEU E 343 -80.66 59.81 -11.51
C LEU E 343 -80.37 60.70 -10.31
N ALA E 344 -79.12 61.09 -10.14
CA ALA E 344 -78.72 61.94 -9.03
C ALA E 344 -77.52 62.77 -9.45
N GLY E 345 -77.06 63.61 -8.53
CA GLY E 345 -75.92 64.47 -8.79
C GLY E 345 -76.35 65.89 -9.09
N LYS E 346 -75.65 66.55 -10.01
CA LYS E 346 -76.00 67.92 -10.41
C LYS E 346 -77.03 67.86 -11.55
N ILE E 347 -78.23 67.44 -11.19
CA ILE E 347 -79.33 67.29 -12.14
C ILE E 347 -80.52 68.09 -11.65
N LYS E 348 -81.34 68.56 -12.59
CA LYS E 348 -82.48 69.39 -12.23
C LYS E 348 -83.60 68.58 -11.60
N ARG E 349 -83.86 67.38 -12.14
CA ARG E 349 -84.95 66.52 -11.66
C ARG E 349 -84.40 65.10 -11.52
N GLY E 350 -84.00 64.72 -10.31
CA GLY E 350 -83.48 63.40 -10.05
C GLY E 350 -84.54 62.48 -9.46
N GLY E 351 -84.22 61.19 -9.45
CA GLY E 351 -85.11 60.19 -8.91
C GLY E 351 -85.06 58.94 -9.74
N LEU E 352 -86.09 58.11 -9.59
CA LEU E 352 -86.17 56.87 -10.35
C LEU E 352 -86.73 57.15 -11.74
N VAL E 353 -86.03 56.66 -12.77
CA VAL E 353 -86.51 56.77 -14.14
C VAL E 353 -86.33 55.42 -14.82
N GLU E 354 -87.41 54.87 -15.34
CA GLU E 354 -87.34 53.65 -16.13
C GLU E 354 -87.44 54.02 -17.60
N VAL E 355 -86.39 53.74 -18.35
CA VAL E 355 -86.29 54.18 -19.74
C VAL E 355 -86.09 52.98 -20.65
N PRO E 356 -86.62 53.00 -21.87
CA PRO E 356 -86.35 51.90 -22.80
C PRO E 356 -84.89 51.88 -23.20
N MET E 357 -84.38 50.68 -23.43
CA MET E 357 -83.01 50.53 -23.85
C MET E 357 -82.84 51.07 -25.27
N GLY E 358 -81.66 51.59 -25.56
CA GLY E 358 -81.40 52.28 -26.80
C GLY E 358 -81.65 53.78 -26.74
N MET E 359 -82.19 54.29 -25.64
CA MET E 359 -82.34 55.72 -25.47
C MET E 359 -80.98 56.38 -25.28
N SER E 360 -80.79 57.52 -25.93
CA SER E 360 -79.55 58.26 -25.79
C SER E 360 -79.44 58.85 -24.39
N LEU E 361 -78.23 58.83 -23.83
CA LEU E 361 -78.02 59.43 -22.52
C LEU E 361 -78.37 60.90 -22.52
N ARG E 362 -78.20 61.57 -23.66
CA ARG E 362 -78.62 62.96 -23.77
C ARG E 362 -80.12 63.08 -23.59
N GLU E 363 -80.89 62.15 -24.16
CA GLU E 363 -82.33 62.16 -23.96
C GLU E 363 -82.69 61.87 -22.51
N VAL E 364 -81.90 61.04 -21.83
CA VAL E 364 -82.20 60.72 -20.43
C VAL E 364 -81.93 61.93 -19.54
N ILE E 365 -80.86 62.67 -19.82
CA ILE E 365 -80.43 63.75 -18.93
C ILE E 365 -81.15 65.05 -19.27
N TYR E 366 -81.04 65.50 -20.51
CA TYR E 366 -81.57 66.81 -20.89
C TYR E 366 -83.08 66.79 -21.06
N ASN E 367 -83.65 65.68 -21.54
CA ASN E 367 -85.09 65.62 -21.81
C ASN E 367 -85.89 65.11 -20.62
N ILE E 368 -85.40 64.08 -19.93
CA ILE E 368 -86.09 63.54 -18.77
C ILE E 368 -85.63 64.23 -17.49
N GLY E 369 -84.33 64.30 -17.27
CA GLY E 369 -83.81 64.90 -16.05
C GLY E 369 -83.98 66.40 -15.97
N GLY E 370 -84.26 67.05 -17.09
CA GLY E 370 -84.50 68.47 -17.12
C GLY E 370 -83.28 69.34 -17.34
N GLY E 371 -82.08 68.76 -17.40
CA GLY E 371 -80.87 69.51 -17.65
C GLY E 371 -79.90 69.40 -16.48
N ILE E 372 -79.24 70.52 -16.18
CA ILE E 372 -78.25 70.59 -15.11
C ILE E 372 -78.71 71.64 -14.10
N LYS E 373 -78.47 71.34 -12.82
CA LYS E 373 -78.87 72.26 -11.76
C LYS E 373 -78.18 73.61 -11.94
N ASP E 374 -78.94 74.68 -11.73
CA ASP E 374 -78.52 76.06 -11.95
C ASP E 374 -78.19 76.34 -13.42
N ASP E 375 -78.57 75.45 -14.33
CA ASP E 375 -78.31 75.61 -15.77
C ASP E 375 -76.82 75.85 -16.03
N LYS E 376 -75.98 75.12 -15.32
CA LYS E 376 -74.54 75.21 -15.50
C LYS E 376 -74.13 74.33 -16.67
N ALA E 377 -72.82 74.14 -16.84
CA ALA E 377 -72.31 73.28 -17.90
C ALA E 377 -72.54 71.83 -17.51
N PHE E 378 -72.01 70.91 -18.31
CA PHE E 378 -72.13 69.49 -18.01
C PHE E 378 -70.83 68.81 -18.39
N LYS E 379 -70.15 68.23 -17.40
CA LYS E 379 -68.85 67.61 -17.64
C LYS E 379 -68.98 66.13 -17.98
N ALA E 380 -69.55 65.33 -17.09
CA ALA E 380 -69.58 63.90 -17.31
C ALA E 380 -70.72 63.26 -16.54
N VAL E 381 -71.06 62.04 -16.94
CA VAL E 381 -72.05 61.22 -16.27
C VAL E 381 -71.38 59.92 -15.84
N GLN E 382 -71.47 59.63 -14.55
CA GLN E 382 -70.92 58.39 -14.00
C GLN E 382 -71.99 57.31 -14.06
N MET E 383 -71.66 56.21 -14.72
CA MET E 383 -72.55 55.07 -14.91
C MET E 383 -71.98 53.88 -14.14
N GLY E 384 -72.83 53.24 -13.34
CA GLY E 384 -72.47 52.02 -12.64
C GLY E 384 -71.88 52.21 -11.27
N GLY E 385 -71.46 53.42 -10.92
CA GLY E 385 -70.91 53.68 -9.61
C GLY E 385 -69.43 53.36 -9.53
N PRO E 386 -68.99 52.80 -8.40
CA PRO E 386 -67.56 52.48 -8.24
C PRO E 386 -67.05 51.50 -9.27
N SER E 387 -67.89 50.60 -9.77
CA SER E 387 -67.49 49.72 -10.86
C SER E 387 -67.66 50.37 -12.22
N GLY E 388 -68.37 51.48 -12.32
CA GLY E 388 -68.67 52.12 -13.57
C GLY E 388 -67.60 53.10 -14.01
N GLY E 389 -67.99 53.99 -14.92
CA GLY E 389 -67.05 54.94 -15.48
C GLY E 389 -67.73 56.24 -15.86
N CYS E 390 -66.91 57.22 -16.21
CA CYS E 390 -67.36 58.56 -16.53
C CYS E 390 -67.46 58.71 -18.05
N ILE E 391 -68.68 58.81 -18.56
CA ILE E 391 -68.91 59.11 -19.96
C ILE E 391 -68.95 60.63 -20.11
N PRO E 392 -68.08 61.22 -20.91
CA PRO E 392 -68.00 62.69 -21.00
C PRO E 392 -69.13 63.25 -21.86
N ALA E 393 -69.08 64.57 -22.05
CA ALA E 393 -70.13 65.25 -22.78
C ALA E 393 -70.18 64.83 -24.25
N ASP E 394 -69.02 64.68 -24.89
CA ASP E 394 -69.00 64.36 -26.31
C ASP E 394 -69.50 62.96 -26.59
N LEU E 395 -69.44 62.05 -25.62
CA LEU E 395 -69.92 60.68 -25.77
C LEU E 395 -71.33 60.50 -25.23
N ILE E 396 -72.13 61.57 -25.22
CA ILE E 396 -73.49 61.50 -24.71
C ILE E 396 -74.47 60.83 -25.66
N ASP E 397 -74.13 60.70 -26.94
CA ASP E 397 -75.05 60.12 -27.91
C ASP E 397 -75.05 58.60 -27.85
N THR E 398 -74.32 57.99 -26.92
CA THR E 398 -74.33 56.55 -26.79
C THR E 398 -75.68 56.10 -26.25
N PRO E 399 -76.35 55.16 -26.91
CA PRO E 399 -77.65 54.70 -26.41
C PRO E 399 -77.51 53.91 -25.12
N VAL E 400 -78.61 53.87 -24.37
CA VAL E 400 -78.66 53.04 -23.17
C VAL E 400 -78.68 51.59 -23.61
N ASP E 401 -77.55 50.91 -23.44
CA ASP E 401 -77.34 49.56 -23.95
C ASP E 401 -76.05 49.03 -23.35
N TYR E 402 -76.05 47.74 -23.02
CA TYR E 402 -74.87 47.16 -22.37
C TYR E 402 -73.64 47.29 -23.26
N GLU E 403 -73.76 46.91 -24.52
CA GLU E 403 -72.62 46.93 -25.42
C GLU E 403 -72.15 48.36 -25.69
N SER E 404 -73.09 49.28 -25.93
CA SER E 404 -72.71 50.66 -26.23
C SER E 404 -72.06 51.32 -25.04
N ILE E 405 -72.56 51.07 -23.83
CA ILE E 405 -71.96 51.66 -22.63
C ILE E 405 -70.59 51.04 -22.38
N THR E 406 -70.47 49.72 -22.53
CA THR E 406 -69.18 49.08 -22.29
C THR E 406 -68.14 49.51 -23.31
N LYS E 407 -68.56 49.88 -24.52
CA LYS E 407 -67.61 50.37 -25.52
C LYS E 407 -66.97 51.69 -25.13
N THR E 408 -67.58 52.43 -24.21
CA THR E 408 -67.05 53.72 -23.77
C THR E 408 -66.18 53.60 -22.53
N GLY E 409 -65.92 52.40 -22.04
CA GLY E 409 -65.11 52.21 -20.86
C GLY E 409 -65.88 52.17 -19.56
N ALA E 410 -67.15 52.56 -19.58
CA ALA E 410 -68.01 52.45 -18.41
C ALA E 410 -68.80 51.15 -18.49
N ILE E 411 -69.59 50.88 -17.45
CA ILE E 411 -70.48 49.74 -17.43
C ILE E 411 -71.87 50.23 -17.04
N MET E 412 -72.90 49.49 -17.48
CA MET E 412 -74.25 49.83 -17.09
C MET E 412 -74.43 49.68 -15.59
N GLY E 413 -73.89 48.62 -15.01
CA GLY E 413 -73.92 48.44 -13.58
C GLY E 413 -75.34 48.24 -13.06
N SER E 414 -75.54 48.62 -11.80
CA SER E 414 -76.87 48.55 -11.22
C SER E 414 -77.82 49.52 -11.91
N GLY E 415 -77.37 50.76 -12.13
CA GLY E 415 -78.20 51.75 -12.76
C GLY E 415 -78.07 53.15 -12.19
N GLY E 416 -77.24 53.32 -11.18
CA GLY E 416 -77.00 54.65 -10.64
C GLY E 416 -76.35 55.57 -11.65
N MET E 417 -76.99 56.71 -11.94
CA MET E 417 -76.47 57.67 -12.90
C MET E 417 -76.20 58.98 -12.18
N ILE E 418 -74.92 59.33 -12.03
CA ILE E 418 -74.53 60.52 -11.30
C ILE E 418 -74.04 61.56 -12.28
N VAL E 419 -74.72 62.69 -12.35
CA VAL E 419 -74.39 63.76 -13.30
C VAL E 419 -73.50 64.76 -12.59
N MET E 420 -72.32 65.03 -13.16
CA MET E 420 -71.40 66.01 -12.61
C MET E 420 -71.09 67.07 -13.66
N ASP E 421 -71.22 68.33 -13.26
CA ASP E 421 -71.05 69.48 -14.14
C ASP E 421 -69.61 69.97 -14.08
N GLU E 422 -69.38 71.18 -14.59
CA GLU E 422 -68.03 71.73 -14.70
C GLU E 422 -67.39 72.05 -13.35
N THR E 423 -68.15 72.03 -12.26
CA THR E 423 -67.62 72.38 -10.95
C THR E 423 -67.22 71.15 -10.13
N THR E 424 -67.22 69.97 -10.74
CA THR E 424 -66.85 68.74 -10.06
C THR E 424 -65.54 68.22 -10.62
N CYS E 425 -64.54 68.07 -9.75
CA CYS E 425 -63.25 67.58 -10.17
C CYS E 425 -63.33 66.10 -10.56
N MET E 426 -62.47 65.70 -11.50
CA MET E 426 -62.46 64.32 -11.95
C MET E 426 -61.51 63.47 -11.11
N VAL E 427 -60.33 64.02 -10.79
CA VAL E 427 -59.39 63.31 -9.94
C VAL E 427 -60.00 63.09 -8.56
N ASP E 428 -60.75 64.08 -8.06
CA ASP E 428 -61.41 63.93 -6.77
C ASP E 428 -62.44 62.80 -6.81
N ILE E 429 -63.21 62.71 -7.90
CA ILE E 429 -64.21 61.66 -8.01
C ILE E 429 -63.56 60.29 -8.07
N ALA E 430 -62.48 60.16 -8.85
CA ALA E 430 -61.75 58.90 -8.89
C ALA E 430 -61.21 58.53 -7.52
N ARG E 431 -60.69 59.53 -6.79
CA ARG E 431 -60.19 59.29 -5.44
C ARG E 431 -61.31 58.83 -4.51
N PHE E 432 -62.50 59.43 -4.64
CA PHE E 432 -63.62 59.04 -3.80
C PHE E 432 -64.04 57.60 -4.05
N PHE E 433 -64.13 57.22 -5.33
CA PHE E 433 -64.50 55.85 -5.66
C PHE E 433 -63.46 54.86 -5.17
N LEU E 434 -62.18 55.20 -5.32
CA LEU E 434 -61.12 54.31 -4.86
C LEU E 434 -61.10 54.23 -3.34
N GLU E 435 -61.41 55.32 -2.65
CA GLU E 435 -61.51 55.28 -1.20
C GLU E 435 -62.63 54.35 -0.75
N PHE E 436 -63.78 54.41 -1.43
CA PHE E 436 -64.86 53.48 -1.12
C PHE E 436 -64.42 52.04 -1.33
N THR E 437 -63.77 51.77 -2.47
CA THR E 437 -63.34 50.40 -2.75
C THR E 437 -62.32 49.92 -1.73
N CYS E 438 -61.37 50.78 -1.35
CA CYS E 438 -60.39 50.41 -0.34
C CYS E 438 -61.05 50.14 1.02
N LYS E 439 -61.96 51.01 1.43
CA LYS E 439 -62.60 50.84 2.73
C LYS E 439 -63.51 49.63 2.76
N GLU E 440 -63.95 49.13 1.61
CA GLU E 440 -64.91 48.04 1.60
C GLU E 440 -64.40 46.77 0.89
N SER E 441 -63.16 46.74 0.45
CA SER E 441 -62.61 45.53 -0.16
C SER E 441 -62.36 44.46 0.89
N CYS E 442 -62.60 43.20 0.53
CA CYS E 442 -62.49 42.11 1.49
C CYS E 442 -61.05 41.79 1.85
N GLY E 443 -60.09 42.20 1.04
CA GLY E 443 -58.69 41.99 1.36
C GLY E 443 -58.22 40.55 1.38
N LYS E 444 -58.62 39.76 0.39
CA LYS E 444 -58.14 38.37 0.30
C LYS E 444 -56.94 38.26 -0.61
N CYS E 445 -56.98 38.86 -1.79
CA CYS E 445 -55.87 38.81 -2.74
C CYS E 445 -55.15 40.15 -2.77
N THR E 446 -53.84 40.08 -2.99
CA THR E 446 -52.98 41.25 -2.85
C THR E 446 -53.27 42.30 -3.91
N TYR E 447 -53.73 41.89 -5.10
CA TYR E 447 -53.95 42.83 -6.17
C TYR E 447 -55.04 43.84 -5.81
N CYS E 448 -56.11 43.38 -5.17
CA CYS E 448 -57.15 44.27 -4.70
C CYS E 448 -56.85 44.84 -3.33
N ARG E 449 -56.22 44.05 -2.45
CA ARG E 449 -55.95 44.51 -1.11
C ARG E 449 -54.88 45.59 -1.08
N VAL E 450 -53.82 45.43 -1.87
CA VAL E 450 -52.70 46.36 -1.86
C VAL E 450 -52.71 47.28 -3.07
N GLY E 451 -53.11 46.76 -4.23
CA GLY E 451 -53.13 47.58 -5.43
C GLY E 451 -54.07 48.76 -5.32
N THR E 452 -55.28 48.53 -4.81
CA THR E 452 -56.22 49.62 -4.62
C THR E 452 -55.70 50.62 -3.59
N ARG E 453 -55.02 50.14 -2.55
CA ARG E 453 -54.48 51.04 -1.55
C ARG E 453 -53.41 51.95 -2.15
N ARG E 454 -52.51 51.39 -2.96
CA ARG E 454 -51.49 52.22 -3.59
C ARG E 454 -52.09 53.17 -4.61
N MET E 455 -53.11 52.72 -5.33
CA MET E 455 -53.90 53.61 -6.18
C MET E 455 -54.41 54.81 -5.39
N LEU E 456 -55.03 54.54 -4.25
CA LEU E 456 -55.58 55.62 -3.43
C LEU E 456 -54.49 56.54 -2.92
N GLU E 457 -53.33 55.98 -2.57
CA GLU E 457 -52.21 56.82 -2.14
C GLU E 457 -51.74 57.73 -3.27
N ILE E 458 -51.68 57.20 -4.50
CA ILE E 458 -51.27 58.01 -5.65
C ILE E 458 -52.25 59.14 -5.87
N LEU E 459 -53.55 58.83 -5.82
CA LEU E 459 -54.56 59.85 -6.05
C LEU E 459 -54.57 60.89 -4.94
N ASP E 460 -54.32 60.46 -3.70
CA ASP E 460 -54.19 61.40 -2.59
C ASP E 460 -53.01 62.33 -2.81
N ARG E 461 -51.88 61.79 -3.27
CA ARG E 461 -50.73 62.63 -3.57
C ARG E 461 -51.05 63.63 -4.68
N ILE E 462 -51.77 63.19 -5.71
CA ILE E 462 -52.12 64.07 -6.81
C ILE E 462 -53.04 65.19 -6.32
N CYS E 463 -54.05 64.84 -5.52
CA CYS E 463 -55.01 65.84 -5.06
C CYS E 463 -54.41 66.77 -4.01
N ASN E 464 -53.41 66.30 -3.27
CA ASN E 464 -52.81 67.10 -2.21
C ASN E 464 -51.68 67.99 -2.70
N GLY E 465 -51.40 67.98 -3.99
CA GLY E 465 -50.34 68.80 -4.54
C GLY E 465 -48.96 68.22 -4.39
N GLU E 466 -48.84 67.00 -3.88
CA GLU E 466 -47.55 66.35 -3.70
C GLU E 466 -47.25 65.37 -4.82
N GLY E 467 -48.06 65.34 -5.87
CA GLY E 467 -47.90 64.37 -6.93
C GLY E 467 -46.63 64.57 -7.72
N ARG E 468 -45.68 63.65 -7.55
CA ARG E 468 -44.45 63.70 -8.31
C ARG E 468 -44.70 63.39 -9.78
N ASP E 469 -43.86 63.94 -10.64
CA ASP E 469 -43.98 63.64 -12.06
C ASP E 469 -43.67 62.17 -12.31
N GLY E 470 -44.40 61.58 -13.26
CA GLY E 470 -44.26 60.17 -13.54
C GLY E 470 -45.23 59.33 -12.73
N ASP E 471 -46.45 59.82 -12.57
CA ASP E 471 -47.49 59.10 -11.85
C ASP E 471 -48.68 58.71 -12.71
N LEU E 472 -48.87 59.35 -13.86
CA LEU E 472 -49.97 58.97 -14.74
C LEU E 472 -49.75 57.59 -15.34
N GLU E 473 -48.55 57.37 -15.91
CA GLU E 473 -48.27 56.07 -16.51
C GLU E 473 -48.19 54.98 -15.47
N LEU E 474 -47.68 55.30 -14.28
CA LEU E 474 -47.65 54.31 -13.21
C LEU E 474 -49.06 53.98 -12.73
N LEU E 475 -49.93 54.99 -12.65
CA LEU E 475 -51.32 54.72 -12.32
C LEU E 475 -51.99 53.85 -13.38
N GLU E 476 -51.71 54.10 -14.66
CA GLU E 476 -52.28 53.28 -15.72
C GLU E 476 -51.78 51.83 -15.61
N GLU E 477 -50.49 51.65 -15.36
CA GLU E 477 -49.94 50.31 -15.22
C GLU E 477 -50.54 49.59 -14.01
N LEU E 478 -50.70 50.31 -12.89
CA LEU E 478 -51.33 49.73 -11.72
C LEU E 478 -52.77 49.32 -12.02
N ALA E 479 -53.49 50.15 -12.76
CA ALA E 479 -54.87 49.82 -13.12
C ALA E 479 -54.93 48.58 -14.00
N VAL E 480 -54.03 48.49 -14.98
CA VAL E 480 -54.03 47.33 -15.87
C VAL E 480 -53.71 46.06 -15.08
N SER E 481 -52.74 46.14 -14.17
CA SER E 481 -52.38 44.97 -13.39
C SER E 481 -53.49 44.56 -12.44
N VAL E 482 -54.13 45.53 -11.78
CA VAL E 482 -55.17 45.21 -10.81
C VAL E 482 -56.40 44.65 -11.50
N LYS E 483 -56.74 45.20 -12.68
CA LYS E 483 -57.89 44.69 -13.42
C LYS E 483 -57.70 43.25 -13.87
N ASP E 484 -56.46 42.83 -14.10
CA ASP E 484 -56.16 41.51 -14.64
C ASP E 484 -55.58 40.56 -13.60
N GLY E 485 -55.59 40.93 -12.32
CA GLY E 485 -54.97 40.09 -11.33
C GLY E 485 -55.81 39.81 -10.10
N SER E 486 -56.91 40.53 -9.95
CA SER E 486 -57.78 40.33 -8.81
C SER E 486 -58.61 39.06 -8.99
N LEU E 487 -59.23 38.62 -7.88
CA LEU E 487 -60.01 37.39 -7.87
C LEU E 487 -61.46 37.65 -8.30
N CYS E 488 -62.15 38.54 -7.61
CA CYS E 488 -63.55 38.79 -7.81
C CYS E 488 -63.76 40.15 -8.48
N GLY E 489 -65.01 40.41 -8.87
CA GLY E 489 -65.32 41.58 -9.68
C GLY E 489 -65.10 42.89 -8.96
N LEU E 490 -64.93 42.86 -7.65
CA LEU E 490 -64.63 44.08 -6.91
C LEU E 490 -63.28 44.65 -7.29
N GLY E 491 -62.29 43.80 -7.56
CA GLY E 491 -60.97 44.26 -7.92
C GLY E 491 -60.80 44.43 -9.41
N GLN E 492 -61.49 43.60 -10.18
CA GLN E 492 -61.42 43.70 -11.63
C GLN E 492 -62.23 44.87 -12.17
N THR E 493 -63.05 45.51 -11.35
CA THR E 493 -63.78 46.69 -11.76
C THR E 493 -63.43 47.93 -10.95
N ALA E 494 -62.63 47.79 -9.89
CA ALA E 494 -62.18 48.97 -9.15
C ALA E 494 -61.40 49.96 -10.00
N PRO E 495 -60.49 49.57 -10.88
CA PRO E 495 -59.77 50.57 -11.68
C PRO E 495 -60.63 51.28 -12.72
N ASN E 496 -61.90 50.89 -12.88
CA ASN E 496 -62.70 51.47 -13.95
C ASN E 496 -62.87 52.98 -13.85
N PRO E 497 -63.20 53.57 -12.68
CA PRO E 497 -63.22 55.04 -12.62
C PRO E 497 -61.88 55.67 -12.93
N VAL E 498 -60.78 55.05 -12.49
CA VAL E 498 -59.45 55.58 -12.78
C VAL E 498 -59.12 55.41 -14.25
N LEU E 499 -59.46 54.26 -14.82
CA LEU E 499 -59.14 53.99 -16.22
C LEU E 499 -59.96 54.89 -17.15
N THR E 500 -61.24 55.09 -16.84
CA THR E 500 -62.08 55.92 -17.70
C THR E 500 -61.70 57.39 -17.58
N THR E 501 -61.52 57.88 -16.35
CA THR E 501 -61.20 59.29 -16.14
C THR E 501 -59.85 59.64 -16.77
N LEU E 502 -58.88 58.73 -16.69
CA LEU E 502 -57.59 58.96 -17.33
C LEU E 502 -57.67 58.93 -18.84
N ARG E 503 -58.79 58.49 -19.42
CA ARG E 503 -58.92 58.43 -20.87
C ARG E 503 -59.57 59.69 -21.44
N TYR E 504 -60.63 60.17 -20.81
CA TYR E 504 -61.35 61.34 -21.31
C TYR E 504 -60.93 62.63 -20.62
N PHE E 505 -60.43 62.57 -19.39
CA PHE E 505 -60.08 63.75 -18.61
C PHE E 505 -58.65 63.65 -18.13
N LYS E 506 -57.73 63.27 -19.02
CA LYS E 506 -56.33 63.22 -18.65
C LYS E 506 -55.75 64.61 -18.41
N ASP E 507 -56.28 65.62 -19.10
CA ASP E 507 -55.76 66.97 -18.94
C ASP E 507 -55.99 67.49 -17.52
N GLU E 508 -57.05 67.03 -16.86
CA GLU E 508 -57.24 67.39 -15.46
C GLU E 508 -56.11 66.83 -14.59
N TYR E 509 -55.73 65.59 -14.85
CA TYR E 509 -54.59 65.00 -14.14
C TYR E 509 -53.31 65.78 -14.43
N ILE E 510 -53.12 66.16 -15.70
CA ILE E 510 -51.92 66.91 -16.08
C ILE E 510 -51.86 68.25 -15.34
N ALA E 511 -52.98 68.97 -15.33
CA ALA E 511 -53.03 70.25 -14.63
C ALA E 511 -52.85 70.07 -13.13
N HIS E 512 -53.34 68.97 -12.57
CA HIS E 512 -53.10 68.69 -11.17
C HIS E 512 -51.63 68.42 -10.89
N ILE E 513 -50.94 67.77 -11.82
CA ILE E 513 -49.56 67.34 -11.63
C ILE E 513 -48.58 68.37 -12.15
N ARG E 514 -48.77 68.85 -13.38
CA ARG E 514 -47.81 69.78 -13.97
C ARG E 514 -47.96 71.19 -13.41
N ASP E 515 -49.14 71.79 -13.60
CA ASP E 515 -49.37 73.15 -13.12
C ASP E 515 -49.72 73.23 -11.65
N LYS E 516 -50.05 72.10 -11.02
CA LYS E 516 -50.46 72.08 -9.62
C LYS E 516 -51.64 73.03 -9.38
N LYS E 517 -52.61 72.97 -10.28
CA LYS E 517 -53.82 73.77 -10.19
C LYS E 517 -55.03 72.88 -10.44
N CYS E 518 -56.16 73.29 -9.87
CA CYS E 518 -57.39 72.51 -10.00
C CYS E 518 -58.30 73.16 -11.03
N PRO E 519 -58.51 72.57 -12.21
CA PRO E 519 -59.40 73.19 -13.19
C PRO E 519 -60.83 73.35 -12.72
N ALA E 520 -61.28 72.52 -11.78
CA ALA E 520 -62.65 72.62 -11.27
C ALA E 520 -62.73 73.33 -9.92
N LYS E 521 -61.59 73.66 -9.32
CA LYS E 521 -61.54 74.34 -8.02
C LYS E 521 -62.33 73.57 -6.96
N GLN E 522 -61.91 72.34 -6.73
CA GLN E 522 -62.54 71.47 -5.75
C GLN E 522 -61.56 70.94 -4.70
N CYS E 523 -60.34 70.58 -5.10
CA CYS E 523 -59.38 70.08 -4.13
C CYS E 523 -58.85 71.23 -3.28
N LYS E 524 -58.94 71.08 -1.96
CA LYS E 524 -58.61 72.19 -1.07
C LYS E 524 -57.15 72.58 -1.17
N ALA E 525 -56.26 71.59 -1.28
CA ALA E 525 -54.83 71.88 -1.26
C ALA E 525 -54.32 72.51 -2.55
N LEU E 526 -55.20 72.83 -3.51
CA LEU E 526 -54.77 73.40 -4.77
C LEU E 526 -55.59 74.64 -5.15
N ILE E 527 -56.30 75.24 -4.20
CA ILE E 527 -57.10 76.43 -4.46
C ILE E 527 -56.76 77.49 -3.43
N THR E 528 -57.09 78.73 -3.77
CA THR E 528 -56.86 79.89 -2.91
C THR E 528 -58.11 80.75 -2.87
N TYR E 529 -58.49 81.18 -1.66
CA TYR E 529 -59.64 82.04 -1.42
C TYR E 529 -59.12 83.44 -1.12
N SER E 530 -59.39 84.40 -2.00
CA SER E 530 -58.92 85.76 -1.83
C SER E 530 -60.08 86.74 -1.95
N ILE E 531 -60.01 87.85 -1.22
CA ILE E 531 -61.02 88.90 -1.28
C ILE E 531 -60.50 90.02 -2.17
N LEU E 532 -61.27 90.38 -3.18
CA LEU E 532 -60.99 91.59 -3.93
C LEU E 532 -61.34 92.78 -3.06
N PRO E 533 -60.39 93.68 -2.76
CA PRO E 533 -60.69 94.75 -1.80
C PRO E 533 -61.83 95.65 -2.22
N GLU E 534 -61.98 95.90 -3.52
CA GLU E 534 -63.03 96.80 -3.98
C GLU E 534 -64.41 96.14 -3.94
N LYS E 535 -64.47 94.81 -4.07
CA LYS E 535 -65.76 94.13 -4.04
C LYS E 535 -66.31 94.02 -2.62
N CYS E 536 -65.45 93.93 -1.62
CA CYS E 536 -65.89 93.75 -0.25
C CYS E 536 -66.60 94.99 0.27
N THR E 537 -67.53 94.76 1.21
CA THR E 537 -68.23 95.85 1.87
C THR E 537 -68.07 95.84 3.38
N GLY E 538 -67.30 94.92 3.93
CA GLY E 538 -67.01 94.90 5.36
C GLY E 538 -68.20 94.65 6.25
N CYS E 539 -69.11 93.76 5.85
CA CYS E 539 -70.24 93.43 6.70
C CYS E 539 -69.84 92.54 7.87
N GLY E 540 -68.74 91.80 7.74
CA GLY E 540 -68.22 90.96 8.81
C GLY E 540 -68.87 89.61 8.94
N LEU E 541 -69.83 89.26 8.07
CA LEU E 541 -70.47 87.97 8.15
C LEU E 541 -69.47 86.84 7.85
N CYS E 542 -68.66 87.01 6.82
CA CYS E 542 -67.67 85.98 6.50
C CYS E 542 -66.66 85.82 7.62
N ALA E 543 -66.20 86.94 8.19
CA ALA E 543 -65.25 86.87 9.29
C ALA E 543 -65.83 86.16 10.50
N ARG E 544 -67.09 86.45 10.82
CA ARG E 544 -67.73 85.80 11.96
C ARG E 544 -68.10 84.35 11.67
N LYS E 545 -68.18 83.95 10.40
CA LYS E 545 -68.55 82.60 10.04
C LYS E 545 -67.35 81.66 9.90
N CYS E 546 -66.14 82.17 9.99
CA CYS E 546 -64.96 81.31 9.88
C CYS E 546 -64.83 80.44 11.12
N PRO E 547 -64.78 79.11 10.98
CA PRO E 547 -64.45 78.27 12.14
C PRO E 547 -63.07 78.57 12.69
N THR E 548 -62.13 78.99 11.86
CA THR E 548 -60.78 79.31 12.29
C THR E 548 -60.53 80.80 12.44
N LYS E 549 -61.54 81.64 12.24
CA LYS E 549 -61.42 83.09 12.40
C LYS E 549 -60.25 83.65 11.57
N ALA E 550 -60.16 83.19 10.32
CA ALA E 550 -59.06 83.62 9.47
C ALA E 550 -59.26 85.06 8.99
N ILE E 551 -60.48 85.42 8.62
CA ILE E 551 -60.75 86.72 8.01
C ILE E 551 -60.79 87.79 9.08
N THR E 552 -59.94 88.80 8.94
CA THR E 552 -59.89 89.93 9.86
C THR E 552 -59.97 91.23 9.06
N GLY E 553 -60.51 92.27 9.69
CA GLY E 553 -60.61 93.56 9.04
C GLY E 553 -61.48 94.49 9.85
N GLU E 554 -61.48 95.75 9.42
CA GLU E 554 -62.27 96.78 10.07
C GLU E 554 -63.66 96.86 9.46
N ARG E 555 -64.56 97.54 10.18
CA ARG E 555 -65.93 97.70 9.70
C ARG E 555 -65.97 98.60 8.47
N LEU E 556 -66.80 98.22 7.50
CA LEU E 556 -66.96 98.97 6.25
C LEU E 556 -65.64 99.13 5.50
N LYS E 557 -64.73 98.19 5.70
CA LYS E 557 -63.42 98.20 5.07
C LYS E 557 -63.15 96.83 4.47
N PRO E 558 -62.31 96.76 3.42
CA PRO E 558 -62.01 95.46 2.81
C PRO E 558 -61.38 94.51 3.82
N HIS E 559 -61.76 93.24 3.72
CA HIS E 559 -61.21 92.20 4.57
C HIS E 559 -60.06 91.51 3.88
N VAL E 560 -59.18 90.91 4.67
CA VAL E 560 -58.00 90.22 4.19
C VAL E 560 -58.00 88.79 4.73
N ILE E 561 -57.69 87.83 3.87
CA ILE E 561 -57.65 86.43 4.27
C ILE E 561 -56.32 86.14 4.94
N ASP E 562 -56.37 85.53 6.12
CA ASP E 562 -55.16 85.02 6.76
C ASP E 562 -54.86 83.66 6.15
N GLN E 563 -54.10 83.65 5.06
CA GLN E 563 -53.82 82.42 4.33
C GLN E 563 -53.08 81.40 5.19
N SER E 564 -52.40 81.84 6.24
CA SER E 564 -51.71 80.91 7.12
C SER E 564 -52.68 79.99 7.84
N LYS E 565 -53.81 80.52 8.28
CA LYS E 565 -54.80 79.77 9.05
C LYS E 565 -56.12 79.66 8.31
N CYS E 566 -56.06 79.42 7.00
CA CYS E 566 -57.24 79.20 6.18
C CYS E 566 -57.34 77.70 5.86
N THR E 567 -58.44 77.08 6.27
CA THR E 567 -58.66 75.66 6.04
C THR E 567 -59.31 75.36 4.70
N LYS E 568 -59.59 76.40 3.90
CA LYS E 568 -60.16 76.23 2.56
C LYS E 568 -61.49 75.50 2.60
N CYS E 569 -62.28 75.74 3.65
CA CYS E 569 -63.57 75.09 3.77
C CYS E 569 -64.57 75.61 2.75
N GLY E 570 -64.45 76.88 2.36
CA GLY E 570 -65.35 77.47 1.40
C GLY E 570 -66.55 78.18 1.98
N THR E 571 -66.55 78.47 3.29
CA THR E 571 -67.67 79.17 3.89
C THR E 571 -67.80 80.59 3.35
N CYS E 572 -66.72 81.17 2.86
CA CYS E 572 -66.78 82.51 2.28
C CYS E 572 -67.71 82.55 1.08
N MET E 573 -67.62 81.55 0.20
CA MET E 573 -68.51 81.47 -0.95
C MET E 573 -69.96 81.39 -0.52
N ASN E 574 -70.23 80.58 0.52
CA ASN E 574 -71.60 80.40 0.98
C ASN E 574 -72.14 81.65 1.66
N VAL E 575 -71.28 82.43 2.29
CA VAL E 575 -71.75 83.53 3.15
C VAL E 575 -71.82 84.84 2.39
N CYS E 576 -70.77 85.23 1.68
CA CYS E 576 -70.72 86.53 1.02
C CYS E 576 -71.64 86.52 -0.19
N ARG E 577 -72.73 87.28 -0.12
CA ARG E 577 -73.66 87.43 -1.22
C ARG E 577 -73.28 88.54 -2.19
N PHE E 578 -72.21 89.27 -1.92
CA PHE E 578 -71.81 90.40 -2.75
C PHE E 578 -70.78 90.03 -3.81
N GLY E 579 -70.41 88.75 -3.89
CA GLY E 579 -69.42 88.32 -4.86
C GLY E 579 -68.03 88.89 -4.61
N ALA E 580 -67.66 89.05 -3.34
CA ALA E 580 -66.34 89.59 -3.01
C ALA E 580 -65.27 88.52 -2.95
N VAL E 581 -65.57 87.38 -2.32
CA VAL E 581 -64.60 86.30 -2.21
C VAL E 581 -64.51 85.55 -3.54
N ASN E 582 -63.29 85.24 -3.95
CA ASN E 582 -63.02 84.59 -5.21
C ASN E 582 -62.06 83.42 -4.97
N VAL E 583 -62.39 82.26 -5.53
CA VAL E 583 -61.58 81.06 -5.39
C VAL E 583 -60.90 80.79 -6.73
N GLU E 584 -59.57 80.73 -6.71
CA GLU E 584 -58.82 80.50 -7.94
C GLU E 584 -57.58 79.65 -7.71
N ASP F 22 -73.90 42.45 31.03
CA ASP F 22 -74.88 41.42 31.39
C ASP F 22 -74.88 40.31 30.35
N LEU F 23 -75.19 39.09 30.79
CA LEU F 23 -75.22 37.94 29.90
C LEU F 23 -76.47 37.10 30.21
N SER F 24 -77.61 37.76 30.26
CA SER F 24 -78.87 37.07 30.53
C SER F 24 -79.90 37.22 29.42
N LEU F 25 -79.92 38.36 28.73
CA LEU F 25 -80.92 38.58 27.69
C LEU F 25 -80.64 37.79 26.42
N LEU F 26 -79.48 37.17 26.30
CA LEU F 26 -79.14 36.44 25.09
C LEU F 26 -79.82 35.09 24.99
N ASP F 27 -80.44 34.61 26.07
CA ASP F 27 -81.05 33.28 26.06
C ASP F 27 -82.17 33.14 25.04
N PRO F 28 -83.17 34.04 24.97
CA PRO F 28 -84.23 33.84 23.98
C PRO F 28 -83.74 33.88 22.55
N VAL F 29 -82.84 34.80 22.23
CA VAL F 29 -82.30 34.89 20.87
C VAL F 29 -81.52 33.62 20.53
N LEU F 30 -80.68 33.18 21.45
CA LEU F 30 -79.85 32.01 21.19
C LEU F 30 -80.69 30.75 21.12
N ASP F 31 -81.84 30.72 21.81
CA ASP F 31 -82.73 29.58 21.72
C ASP F 31 -83.52 29.58 20.43
N GLU F 32 -83.94 30.76 19.96
CA GLU F 32 -84.68 30.82 18.71
C GLU F 32 -83.79 30.68 17.49
N TYR F 33 -82.48 30.82 17.65
CA TYR F 33 -81.53 30.63 16.55
C TYR F 33 -80.57 29.48 16.86
N LYS F 34 -81.09 28.41 17.45
CA LYS F 34 -80.28 27.27 17.84
C LYS F 34 -80.42 26.13 16.85
N GLY F 35 -79.39 25.26 16.83
CA GLY F 35 -79.39 24.07 16.02
C GLY F 35 -78.65 24.18 14.70
N GLU F 36 -78.40 25.40 14.23
CA GLU F 36 -77.70 25.62 12.97
C GLU F 36 -76.58 26.62 13.19
N LYS F 37 -75.39 26.30 12.66
CA LYS F 37 -74.25 27.20 12.72
C LYS F 37 -74.21 28.15 11.53
N SER F 38 -75.35 28.35 10.85
CA SER F 38 -75.47 29.29 9.75
C SER F 38 -76.26 30.54 10.13
N ASN F 39 -76.74 30.63 11.36
CA ASN F 39 -77.51 31.76 11.83
C ASN F 39 -76.69 32.71 12.71
N ILE F 40 -75.37 32.59 12.66
CA ILE F 40 -74.53 33.32 13.60
C ILE F 40 -74.59 34.83 13.35
N ILE F 41 -74.77 35.24 12.09
CA ILE F 41 -74.85 36.67 11.80
C ILE F 41 -76.13 37.26 12.39
N ALA F 42 -77.24 36.52 12.31
CA ALA F 42 -78.47 36.98 12.93
C ALA F 42 -78.33 37.06 14.45
N ILE F 43 -77.62 36.10 15.04
CA ILE F 43 -77.37 36.13 16.48
C ILE F 43 -76.55 37.36 16.85
N LEU F 44 -75.52 37.68 16.04
CA LEU F 44 -74.73 38.87 16.31
C LEU F 44 -75.56 40.14 16.16
N GLN F 45 -76.44 40.18 15.17
CA GLN F 45 -77.30 41.35 14.99
C GLN F 45 -78.23 41.53 16.18
N LYS F 46 -78.82 40.44 16.66
CA LYS F 46 -79.69 40.52 17.84
C LYS F 46 -78.90 40.91 19.08
N THR F 47 -77.68 40.41 19.21
CA THR F 47 -76.83 40.78 20.34
C THR F 47 -76.51 42.27 20.31
N GLN F 48 -76.22 42.81 19.12
CA GLN F 48 -75.95 44.24 19.01
C GLN F 48 -77.21 45.05 19.33
N GLU F 49 -78.38 44.56 18.91
CA GLU F 49 -79.61 45.24 19.27
C GLU F 49 -79.83 45.25 20.78
N ILE F 50 -79.55 44.13 21.45
CA ILE F 50 -79.80 44.02 22.88
C ILE F 50 -78.81 44.89 23.66
N TYR F 51 -77.52 44.79 23.36
CA TYR F 51 -76.49 45.39 24.18
C TYR F 51 -75.97 46.72 23.67
N ARG F 52 -76.46 47.19 22.52
CA ARG F 52 -76.02 48.40 21.84
C ARG F 52 -74.57 48.31 21.36
N PHE F 53 -73.90 47.19 21.58
CA PHE F 53 -72.56 46.92 21.08
C PHE F 53 -72.31 45.43 21.27
N LEU F 54 -71.12 44.98 20.88
CA LEU F 54 -70.79 43.56 20.99
C LEU F 54 -69.79 43.33 22.11
N PRO F 55 -70.21 42.79 23.26
CA PRO F 55 -69.26 42.53 24.34
C PRO F 55 -68.55 41.20 24.14
N LEU F 56 -67.30 41.15 24.61
CA LEU F 56 -66.48 39.95 24.42
C LEU F 56 -67.06 38.75 25.16
N ASP F 57 -67.62 38.98 26.35
CA ASP F 57 -68.25 37.89 27.08
C ASP F 57 -69.45 37.34 26.32
N ALA F 58 -70.22 38.21 25.69
CA ALA F 58 -71.33 37.75 24.85
C ALA F 58 -70.83 36.93 23.68
N LEU F 59 -69.72 37.34 23.08
CA LEU F 59 -69.12 36.56 21.99
C LEU F 59 -68.70 35.19 22.50
N ASN F 60 -68.10 35.13 23.69
CA ASN F 60 -67.73 33.84 24.28
C ASN F 60 -68.96 32.96 24.50
N TYR F 61 -70.04 33.55 25.00
CA TYR F 61 -71.25 32.78 25.24
C TYR F 61 -71.84 32.25 23.93
N ILE F 62 -71.85 33.08 22.89
CA ILE F 62 -72.36 32.63 21.59
C ILE F 62 -71.50 31.49 21.06
N SER F 63 -70.18 31.61 21.19
CA SER F 63 -69.31 30.52 20.75
C SER F 63 -69.57 29.25 21.54
N GLU F 64 -69.78 29.37 22.85
CA GLU F 64 -70.01 28.19 23.68
C GLU F 64 -71.32 27.50 23.31
N LYS F 65 -72.38 28.28 23.09
CA LYS F 65 -73.69 27.66 22.89
C LYS F 65 -73.90 27.20 21.44
N THR F 66 -73.60 28.08 20.48
CA THR F 66 -73.80 27.72 19.08
C THR F 66 -72.86 26.62 18.62
N GLY F 67 -71.73 26.44 19.30
CA GLY F 67 -70.73 25.50 18.85
C GLY F 67 -69.79 26.02 17.79
N VAL F 68 -69.91 27.30 17.44
CA VAL F 68 -69.01 27.90 16.45
C VAL F 68 -67.74 28.35 17.15
N LYS F 69 -66.61 28.23 16.46
CA LYS F 69 -65.33 28.58 17.04
C LYS F 69 -65.27 30.07 17.34
N LYS F 70 -64.58 30.42 18.42
CA LYS F 70 -64.46 31.82 18.82
C LYS F 70 -63.75 32.64 17.76
N ALA F 71 -62.77 32.03 17.07
CA ALA F 71 -62.05 32.73 16.01
C ALA F 71 -63.00 33.14 14.89
N LYS F 72 -63.91 32.25 14.50
CA LYS F 72 -64.88 32.60 13.46
C LYS F 72 -65.82 33.71 13.91
N ILE F 73 -66.22 33.69 15.19
CA ILE F 73 -67.08 34.75 15.70
C ILE F 73 -66.37 36.09 15.63
N TYR F 74 -65.10 36.12 16.04
CA TYR F 74 -64.35 37.37 15.97
C TYR F 74 -64.14 37.80 14.53
N GLY F 75 -63.90 36.85 13.63
CA GLY F 75 -63.70 37.19 12.23
C GLY F 75 -64.93 37.80 11.59
N ILE F 76 -66.10 37.25 11.89
CA ILE F 76 -67.34 37.84 11.38
C ILE F 76 -67.58 39.19 12.02
N ALA F 77 -67.36 39.30 13.34
CA ALA F 77 -67.66 40.53 14.05
C ALA F 77 -66.78 41.68 13.59
N THR F 78 -65.59 41.39 13.08
CA THR F 78 -64.68 42.42 12.61
C THR F 78 -64.68 42.56 11.10
N PHE F 79 -65.59 41.88 10.40
CA PHE F 79 -65.69 41.96 8.95
C PHE F 79 -66.75 42.93 8.46
N TYR F 80 -67.89 42.97 9.14
CA TYR F 80 -69.03 43.76 8.68
C TYR F 80 -69.04 45.12 9.36
N ALA F 81 -69.36 46.15 8.58
CA ALA F 81 -69.33 47.51 9.10
C ALA F 81 -70.42 47.77 10.12
N GLN F 82 -71.51 46.98 10.11
CA GLN F 82 -72.56 47.17 11.10
C GLN F 82 -72.05 46.89 12.50
N PHE F 83 -71.21 45.87 12.66
CA PHE F 83 -70.77 45.46 13.98
C PHE F 83 -69.73 46.42 14.54
N ARG F 84 -69.92 46.82 15.78
CA ARG F 84 -69.01 47.72 16.48
C ARG F 84 -68.56 47.05 17.77
N LEU F 85 -67.26 47.08 18.03
CA LEU F 85 -66.68 46.40 19.19
C LEU F 85 -66.57 47.29 20.42
N LYS F 86 -66.96 48.55 20.32
CA LYS F 86 -66.85 49.50 21.43
C LYS F 86 -68.19 50.15 21.66
N PRO F 87 -68.45 50.64 22.89
CA PRO F 87 -69.71 51.33 23.15
C PRO F 87 -69.86 52.57 22.28
N VAL F 88 -71.10 52.85 21.89
CA VAL F 88 -71.43 53.96 21.00
C VAL F 88 -72.26 54.96 21.78
N GLY F 89 -71.96 56.24 21.60
CA GLY F 89 -72.63 57.30 22.34
C GLY F 89 -74.12 57.35 22.08
N LYS F 90 -74.79 58.24 22.82
CA LYS F 90 -76.25 58.28 22.81
C LYS F 90 -76.79 58.65 21.43
N TYR F 91 -76.20 59.65 20.79
CA TYR F 91 -76.66 60.12 19.49
C TYR F 91 -75.73 59.64 18.39
N VAL F 92 -76.29 59.04 17.35
CA VAL F 92 -75.53 58.55 16.20
C VAL F 92 -75.78 59.49 15.03
N ILE F 93 -74.70 59.99 14.44
CA ILE F 93 -74.81 60.89 13.30
C ILE F 93 -74.44 60.13 12.03
N LEU F 94 -75.42 59.52 11.38
CA LEU F 94 -75.21 58.84 10.12
C LEU F 94 -75.05 59.91 9.04
N GLN F 95 -73.81 60.20 8.66
CA GLN F 95 -73.52 61.21 7.66
C GLN F 95 -73.37 60.51 6.32
N CYS F 96 -74.33 60.73 5.42
CA CYS F 96 -74.32 60.05 4.13
C CYS F 96 -73.13 60.53 3.30
N GLN F 97 -72.45 59.58 2.67
CA GLN F 97 -71.29 59.86 1.83
C GLN F 97 -71.42 59.13 0.50
N GLY F 98 -72.63 59.03 -0.02
CA GLY F 98 -72.85 58.44 -1.32
C GLY F 98 -72.33 59.36 -2.41
N THR F 99 -72.43 58.89 -3.65
CA THR F 99 -71.92 59.66 -4.77
C THR F 99 -72.69 60.96 -4.94
N ALA F 100 -74.02 60.91 -4.81
CA ALA F 100 -74.82 62.11 -5.00
C ALA F 100 -74.51 63.17 -3.95
N CYS F 101 -74.41 62.75 -2.69
CA CYS F 101 -74.10 63.71 -1.63
C CYS F 101 -72.69 64.27 -1.77
N HIS F 102 -71.73 63.40 -2.10
CA HIS F 102 -70.36 63.87 -2.25
C HIS F 102 -70.22 64.86 -3.40
N VAL F 103 -70.92 64.60 -4.51
CA VAL F 103 -70.90 65.53 -5.63
C VAL F 103 -71.49 66.87 -5.21
N ASN F 104 -72.55 66.84 -4.41
CA ASN F 104 -73.17 68.05 -3.89
C ASN F 104 -72.46 68.61 -2.66
N GLY F 105 -71.22 68.22 -2.43
CA GLY F 105 -70.44 68.78 -1.33
C GLY F 105 -70.78 68.20 0.02
N SER F 106 -70.54 66.91 0.21
CA SER F 106 -70.74 66.28 1.51
C SER F 106 -69.46 66.16 2.32
N GLU F 107 -68.29 66.26 1.67
CA GLU F 107 -67.03 66.21 2.41
C GLU F 107 -66.91 67.36 3.39
N GLU F 108 -67.34 68.56 2.98
CA GLU F 108 -67.27 69.71 3.87
C GLU F 108 -68.18 69.55 5.07
N ILE F 109 -69.32 68.90 4.89
CA ILE F 109 -70.22 68.64 6.03
C ILE F 109 -69.52 67.77 7.06
N LYS F 110 -68.89 66.69 6.60
CA LYS F 110 -68.19 65.79 7.51
C LYS F 110 -67.02 66.49 8.19
N ASN F 111 -66.28 67.31 7.44
CA ASN F 111 -65.16 68.03 8.03
C ASN F 111 -65.65 69.03 9.08
N ALA F 112 -66.76 69.72 8.80
CA ALA F 112 -67.32 70.66 9.76
C ALA F 112 -67.77 69.94 11.04
N LEU F 113 -68.43 68.79 10.89
CA LEU F 113 -68.86 68.04 12.07
C LEU F 113 -67.65 67.54 12.86
N CYS F 114 -66.62 67.06 12.17
CA CYS F 114 -65.42 66.59 12.86
C CYS F 114 -64.74 67.72 13.61
N ASP F 115 -64.66 68.90 13.00
CA ASP F 115 -64.04 70.04 13.68
C ASP F 115 -64.88 70.51 14.86
N GLU F 116 -66.21 70.48 14.71
CA GLU F 116 -67.08 70.90 15.80
C GLU F 116 -67.00 69.95 16.98
N LEU F 117 -67.01 68.65 16.73
CA LEU F 117 -66.97 67.66 17.80
C LEU F 117 -65.55 67.27 18.20
N ASN F 118 -64.53 67.72 17.48
CA ASN F 118 -63.13 67.40 17.77
C ASN F 118 -62.89 65.89 17.80
N ILE F 119 -63.57 65.16 16.91
CA ILE F 119 -63.40 63.71 16.80
C ILE F 119 -63.25 63.36 15.32
N LYS F 120 -62.66 62.19 15.10
CA LYS F 120 -62.49 61.63 13.77
C LYS F 120 -63.70 60.81 13.37
N PRO F 121 -63.93 60.60 12.07
CA PRO F 121 -65.07 59.78 11.65
C PRO F 121 -64.97 58.37 12.22
N GLY F 122 -66.12 57.83 12.62
CA GLY F 122 -66.18 56.53 13.22
C GLY F 122 -66.01 56.51 14.72
N ASP F 123 -65.56 57.61 15.32
CA ASP F 123 -65.29 57.68 16.76
C ASP F 123 -66.46 58.33 17.48
N THR F 124 -66.39 58.29 18.81
CA THR F 124 -67.38 58.91 19.68
C THR F 124 -66.70 59.94 20.57
N THR F 125 -67.44 60.99 20.92
CA THR F 125 -66.90 62.01 21.80
C THR F 125 -66.62 61.44 23.18
N GLU F 126 -65.62 62.02 23.85
CA GLU F 126 -65.30 61.58 25.21
C GLU F 126 -66.48 61.78 26.15
N ASP F 127 -67.34 62.74 25.86
CA ASP F 127 -68.55 62.95 26.66
C ASP F 127 -69.58 61.85 26.47
N GLY F 128 -69.38 60.96 25.51
CA GLY F 128 -70.35 59.92 25.23
C GLY F 128 -71.66 60.46 24.74
N MET F 129 -71.63 61.44 23.84
CA MET F 129 -72.82 62.13 23.37
C MET F 129 -73.12 61.87 21.90
N PHE F 130 -72.16 62.14 21.02
CA PHE F 130 -72.34 61.98 19.59
C PHE F 130 -71.44 60.86 19.07
N THR F 131 -71.80 60.34 17.90
CA THR F 131 -71.03 59.28 17.27
C THR F 131 -71.17 59.44 15.76
N LEU F 132 -70.17 60.01 15.12
CA LEU F 132 -70.17 60.17 13.67
C LEU F 132 -69.80 58.85 13.00
N GLU F 133 -70.50 58.54 11.91
CA GLU F 133 -70.16 57.36 11.11
C GLU F 133 -70.71 57.54 9.71
N GLU F 134 -69.83 57.46 8.72
CA GLU F 134 -70.23 57.61 7.33
C GLU F 134 -71.06 56.41 6.89
N VAL F 135 -72.05 56.65 6.04
CA VAL F 135 -72.94 55.62 5.54
C VAL F 135 -73.11 55.81 4.05
N ALA F 136 -73.72 54.82 3.41
CA ALA F 136 -74.04 54.88 1.99
C ALA F 136 -75.31 55.71 1.79
N CYS F 137 -75.89 55.64 0.60
CA CYS F 137 -77.08 56.42 0.29
C CYS F 137 -78.20 56.10 1.27
N LEU F 138 -78.84 57.14 1.79
CA LEU F 138 -79.96 57.00 2.69
C LEU F 138 -81.31 57.00 1.98
N GLY F 139 -81.31 57.06 0.64
CA GLY F 139 -82.51 57.05 -0.15
C GLY F 139 -82.98 58.42 -0.58
N CYS F 140 -82.73 59.45 0.22
CA CYS F 140 -83.15 60.81 -0.09
C CYS F 140 -82.01 61.57 -0.75
N CYS F 141 -81.74 61.20 -2.01
CA CYS F 141 -80.67 61.84 -2.75
C CYS F 141 -80.99 63.28 -3.08
N SER F 142 -82.27 63.61 -3.27
CA SER F 142 -82.66 64.96 -3.65
C SER F 142 -82.43 65.99 -2.55
N LEU F 143 -82.14 65.54 -1.33
CA LEU F 143 -81.82 66.43 -0.22
C LEU F 143 -80.33 66.49 0.06
N ALA F 144 -79.51 66.06 -0.90
CA ALA F 144 -78.08 65.95 -0.66
C ALA F 144 -77.48 67.33 -0.36
N PRO F 145 -76.59 67.44 0.63
CA PRO F 145 -76.13 66.39 1.55
C PRO F 145 -77.12 66.10 2.67
N VAL F 146 -77.13 64.86 3.19
CA VAL F 146 -78.11 64.42 4.18
C VAL F 146 -77.37 63.79 5.34
N MET F 147 -77.83 64.06 6.56
CA MET F 147 -77.38 63.30 7.71
C MET F 147 -78.56 63.01 8.62
N MET F 148 -78.53 61.83 9.24
CA MET F 148 -79.59 61.38 10.13
C MET F 148 -79.06 61.30 11.56
N ILE F 149 -79.76 61.94 12.49
CA ILE F 149 -79.34 61.97 13.90
C ILE F 149 -80.45 61.32 14.71
N ASN F 150 -80.33 60.01 14.94
CA ASN F 150 -81.29 59.24 15.71
C ASN F 150 -82.69 59.34 15.12
N GLY F 151 -82.83 58.87 13.88
CA GLY F 151 -84.12 58.85 13.23
C GLY F 151 -84.42 60.07 12.38
N GLU F 152 -84.36 61.25 13.00
CA GLU F 152 -84.64 62.48 12.26
C GLU F 152 -83.57 62.73 11.21
N THR F 153 -83.97 63.37 10.11
CA THR F 153 -83.11 63.56 8.96
C THR F 153 -82.95 65.05 8.67
N TYR F 154 -81.80 65.41 8.09
CA TYR F 154 -81.53 66.78 7.68
C TYR F 154 -80.92 66.75 6.28
N GLY F 155 -81.44 67.60 5.40
CA GLY F 155 -81.00 67.65 4.03
C GLY F 155 -80.73 69.08 3.59
N LYS F 156 -80.19 69.21 2.38
CA LYS F 156 -79.79 70.50 1.82
C LYS F 156 -78.86 71.24 2.76
N LEU F 157 -77.91 70.52 3.34
CA LEU F 157 -77.07 71.04 4.39
C LEU F 157 -75.86 71.80 3.81
N THR F 158 -75.29 72.64 4.65
CA THR F 158 -74.05 73.36 4.38
C THR F 158 -73.25 73.34 5.67
N PRO F 159 -71.92 73.54 5.59
CA PRO F 159 -71.10 73.44 6.81
C PRO F 159 -71.58 74.35 7.94
N ASP F 160 -72.01 75.57 7.62
CA ASP F 160 -72.54 76.44 8.65
C ASP F 160 -73.79 75.84 9.30
N LYS F 161 -74.76 75.44 8.47
CA LYS F 161 -75.95 74.80 9.02
C LYS F 161 -75.61 73.48 9.69
N ALA F 162 -74.62 72.75 9.15
CA ALA F 162 -74.23 71.49 9.76
C ALA F 162 -73.74 71.70 11.17
N ARG F 163 -72.95 72.76 11.40
CA ARG F 163 -72.55 73.09 12.76
C ARG F 163 -73.73 73.58 13.59
N GLU F 164 -74.65 74.33 12.96
CA GLU F 164 -75.76 74.90 13.70
C GLU F 164 -76.69 73.84 14.28
N ILE F 165 -76.95 72.77 13.52
CA ILE F 165 -77.82 71.71 14.06
C ILE F 165 -77.18 71.05 15.27
N ILE F 166 -75.88 70.78 15.20
CA ILE F 166 -75.20 70.15 16.34
C ILE F 166 -75.23 71.09 17.55
N ARG F 167 -75.00 72.38 17.31
CA ARG F 167 -75.06 73.35 18.40
C ARG F 167 -76.45 73.39 19.02
N ARG F 168 -77.49 73.36 18.18
CA ARG F 168 -78.86 73.40 18.68
C ARG F 168 -79.18 72.15 19.50
N ILE F 169 -78.75 70.98 19.02
CA ILE F 169 -78.98 69.75 19.77
C ILE F 169 -78.26 69.81 21.12
N TYR F 170 -77.01 70.28 21.12
CA TYR F 170 -76.25 70.36 22.36
C TYR F 170 -76.93 71.31 23.34
N GLU F 171 -77.35 72.49 22.87
CA GLU F 171 -78.01 73.45 23.74
C GLU F 171 -79.34 72.92 24.26
N ARG F 172 -80.11 72.26 23.40
CA ARG F 172 -81.40 71.71 23.82
C ARG F 172 -81.21 70.64 24.88
N GLU F 173 -80.20 69.78 24.72
CA GLU F 173 -79.97 68.74 25.73
C GLU F 173 -79.42 69.33 27.02
N LYS F 174 -78.57 70.35 26.93
CA LYS F 174 -78.05 70.98 28.13
C LYS F 174 -79.16 71.67 28.91
N ASN F 175 -80.12 72.28 28.21
CA ASN F 175 -81.25 72.91 28.87
C ASN F 175 -82.10 71.91 29.64
N VAL F 176 -82.05 70.63 29.26
CA VAL F 176 -82.78 69.60 29.97
C VAL F 176 -81.91 69.04 31.10
N MET G 1 54.18 -7.26 19.28
CA MET G 1 55.59 -7.41 18.94
C MET G 1 56.31 -6.08 18.87
N ARG G 2 57.59 -6.14 18.49
CA ARG G 2 58.33 -4.91 18.25
C ARG G 2 57.91 -4.29 16.93
N LEU G 3 57.57 -3.01 16.95
CA LEU G 3 57.07 -2.31 15.78
C LEU G 3 58.07 -1.26 15.33
N VAL G 4 58.31 -1.21 14.04
CA VAL G 4 59.11 -0.15 13.45
C VAL G 4 58.19 1.02 13.14
N ARG G 5 58.75 2.22 13.12
CA ARG G 5 58.01 3.43 12.81
C ARG G 5 58.52 3.95 11.47
N VAL G 6 57.62 4.12 10.51
CA VAL G 6 57.96 4.60 9.18
C VAL G 6 57.08 5.80 8.86
N ASN G 7 57.53 6.58 7.89
CA ASN G 7 56.77 7.72 7.38
C ASN G 7 56.69 7.55 5.87
N ILE G 8 55.55 7.06 5.38
CA ILE G 8 55.33 6.86 3.96
C ILE G 8 54.35 7.94 3.50
N ASP G 9 54.83 8.85 2.65
CA ASP G 9 54.00 9.92 2.09
C ASP G 9 53.35 10.76 3.19
N ASN G 10 54.18 11.24 4.11
CA ASN G 10 53.78 12.13 5.19
C ASN G 10 52.79 11.49 6.16
N LYS G 11 52.67 10.17 6.14
CA LYS G 11 51.76 9.45 7.04
C LYS G 11 52.58 8.56 7.94
N GLU G 12 52.41 8.73 9.25
CA GLU G 12 53.15 7.94 10.22
C GLU G 12 52.50 6.57 10.38
N ILE G 13 53.29 5.52 10.18
CA ILE G 13 52.79 4.14 10.17
C ILE G 13 53.62 3.33 11.15
N PHE G 14 52.95 2.55 11.98
CA PHE G 14 53.61 1.60 12.88
C PHE G 14 53.52 0.23 12.22
N ALA G 15 54.63 -0.20 11.62
CA ALA G 15 54.67 -1.46 10.88
C ALA G 15 55.38 -2.53 11.70
N GLU G 16 55.33 -3.74 11.20
CA GLU G 16 55.94 -4.89 11.84
C GLU G 16 57.28 -5.18 11.19
N GLU G 17 58.29 -5.46 12.02
CA GLU G 17 59.61 -5.74 11.50
C GLU G 17 59.61 -7.01 10.67
N GLY G 18 60.33 -6.99 9.55
CA GLY G 18 60.38 -8.11 8.64
C GLY G 18 59.56 -7.96 7.39
N LYS G 19 58.73 -6.92 7.30
CA LYS G 19 57.97 -6.63 6.09
C LYS G 19 58.78 -5.77 5.14
N THR G 20 58.42 -5.84 3.86
CA THR G 20 58.98 -4.94 2.86
C THR G 20 58.10 -3.70 2.74
N ILE G 21 58.61 -2.69 2.04
CA ILE G 21 57.85 -1.46 1.86
C ILE G 21 56.58 -1.73 1.06
N LEU G 22 56.64 -2.66 0.10
CA LEU G 22 55.45 -2.99 -0.67
C LEU G 22 54.32 -3.51 0.23
N GLU G 23 54.64 -4.44 1.13
CA GLU G 23 53.62 -4.98 2.03
C GLU G 23 53.08 -3.93 2.98
N VAL G 24 53.97 -3.11 3.55
CA VAL G 24 53.53 -2.08 4.48
C VAL G 24 52.61 -1.08 3.79
N ALA G 25 52.97 -0.68 2.57
CA ALA G 25 52.13 0.25 1.83
C ALA G 25 50.83 -0.38 1.37
N HIS G 26 50.84 -1.67 1.05
CA HIS G 26 49.60 -2.37 0.72
C HIS G 26 48.66 -2.41 1.91
N GLU G 27 49.21 -2.65 3.11
CA GLU G 27 48.38 -2.72 4.31
C GLU G 27 47.76 -1.36 4.63
N ASN G 28 48.49 -0.28 4.36
CA ASN G 28 48.04 1.07 4.67
C ASN G 28 47.39 1.75 3.47
N ASN G 29 46.98 0.97 2.46
CA ASN G 29 46.26 1.49 1.30
C ASN G 29 47.04 2.58 0.59
N ILE G 30 48.34 2.36 0.40
CA ILE G 30 49.20 3.22 -0.38
C ILE G 30 49.61 2.46 -1.63
N GLU G 31 49.36 3.05 -2.80
CA GLU G 31 49.55 2.37 -4.06
C GLU G 31 50.96 2.61 -4.57
N ILE G 32 51.75 1.55 -4.67
CA ILE G 32 53.08 1.58 -5.28
C ILE G 32 53.02 0.66 -6.48
N PRO G 33 53.39 1.13 -7.68
CA PRO G 33 53.36 0.26 -8.85
C PRO G 33 54.31 -0.92 -8.71
N HIS G 34 53.94 -2.03 -9.33
CA HIS G 34 54.80 -3.21 -9.35
C HIS G 34 54.33 -4.10 -10.49
N LEU G 35 55.28 -4.69 -11.20
CA LEU G 35 54.96 -5.59 -12.30
C LEU G 35 55.60 -6.95 -12.20
N CYS G 36 56.70 -7.12 -11.47
CA CYS G 36 57.40 -8.39 -11.36
C CYS G 36 57.34 -8.97 -9.97
N TYR G 37 56.45 -8.48 -9.12
CA TYR G 37 56.37 -8.91 -7.73
C TYR G 37 55.25 -9.93 -7.55
N ASP G 38 55.49 -10.88 -6.65
CA ASP G 38 54.48 -11.85 -6.23
C ASP G 38 54.81 -12.29 -4.81
N LYS G 39 53.79 -12.36 -3.96
CA LYS G 39 54.00 -12.70 -2.56
C LYS G 39 54.46 -14.15 -2.38
N ARG G 40 54.20 -15.02 -3.35
CA ARG G 40 54.62 -16.41 -3.25
C ARG G 40 56.05 -16.64 -3.71
N LEU G 41 56.67 -15.65 -4.33
CA LEU G 41 57.97 -15.82 -4.95
C LEU G 41 58.99 -14.91 -4.28
N LYS G 42 60.26 -15.31 -4.39
CA LYS G 42 61.34 -14.46 -3.95
C LYS G 42 61.44 -13.22 -4.84
N PRO G 43 61.91 -12.10 -4.31
CA PRO G 43 61.98 -10.88 -5.12
C PRO G 43 62.92 -11.04 -6.31
N TYR G 44 62.62 -10.30 -7.36
CA TYR G 44 63.28 -10.38 -8.65
C TYR G 44 63.91 -9.07 -9.09
N GLY G 45 63.29 -7.94 -8.78
CA GLY G 45 63.88 -6.64 -9.02
C GLY G 45 64.11 -6.31 -10.48
N ALA G 46 63.26 -6.79 -11.37
CA ALA G 46 63.48 -6.61 -12.80
C ALA G 46 62.80 -5.35 -13.34
N CYS G 47 61.49 -5.19 -13.09
CA CYS G 47 60.74 -4.13 -13.75
C CYS G 47 61.21 -2.75 -13.31
N GLY G 48 61.54 -2.59 -12.04
CA GLY G 48 61.94 -1.28 -11.55
C GLY G 48 60.84 -0.27 -11.43
N LEU G 49 59.59 -0.71 -11.31
CA LEU G 49 58.47 0.20 -11.14
C LEU G 49 58.20 0.55 -9.69
N CYS G 50 58.59 -0.29 -8.76
CA CYS G 50 58.29 -0.11 -7.35
C CYS G 50 59.28 0.79 -6.64
N VAL G 51 60.11 1.52 -7.38
CA VAL G 51 61.14 2.33 -6.75
C VAL G 51 60.51 3.43 -5.91
N VAL G 52 61.04 3.63 -4.71
CA VAL G 52 60.58 4.68 -3.82
C VAL G 52 61.81 5.46 -3.36
N GLU G 53 61.56 6.69 -2.93
CA GLU G 53 62.62 7.56 -2.42
C GLU G 53 62.66 7.44 -0.91
N ILE G 54 63.79 6.99 -0.38
CA ILE G 54 64.00 6.81 1.05
C ILE G 54 64.98 7.88 1.50
N GLU G 55 64.57 8.67 2.49
CA GLU G 55 65.42 9.75 2.97
C GLU G 55 66.69 9.18 3.61
N GLY G 56 67.83 9.65 3.14
CA GLY G 56 69.11 9.13 3.56
C GLY G 56 69.77 8.20 2.56
N SER G 57 69.06 7.76 1.54
CA SER G 57 69.62 6.92 0.49
C SER G 57 69.67 7.70 -0.81
N PRO G 58 70.86 7.94 -1.38
CA PRO G 58 70.92 8.66 -2.66
C PRO G 58 70.30 7.91 -3.82
N LYS G 59 70.15 6.59 -3.74
CA LYS G 59 69.63 5.78 -4.83
C LYS G 59 68.24 5.28 -4.49
N LEU G 60 67.33 5.35 -5.47
CA LEU G 60 65.98 4.87 -5.27
C LEU G 60 65.97 3.39 -4.96
N ALA G 61 65.13 2.99 -4.02
CA ALA G 61 65.08 1.63 -3.52
C ALA G 61 63.83 0.92 -4.00
N ARG G 62 63.97 -0.34 -4.39
CA ARG G 62 62.84 -1.14 -4.81
C ARG G 62 61.99 -1.50 -3.59
N ALA G 63 60.73 -1.09 -3.60
CA ALA G 63 59.85 -1.35 -2.47
C ALA G 63 59.54 -2.84 -2.30
N CYS G 64 59.69 -3.63 -3.36
CA CYS G 64 59.40 -5.06 -3.28
C CYS G 64 60.48 -5.85 -2.55
N SER G 65 61.70 -5.32 -2.47
CA SER G 65 62.81 -6.04 -1.86
C SER G 65 63.47 -5.30 -0.71
N THR G 66 63.08 -4.06 -0.43
CA THR G 66 63.64 -3.31 0.68
C THR G 66 62.75 -3.48 1.90
N TYR G 67 63.38 -3.77 3.04
CA TYR G 67 62.65 -3.97 4.28
C TYR G 67 62.56 -2.68 5.06
N VAL G 68 61.45 -2.52 5.78
CA VAL G 68 61.20 -1.31 6.55
C VAL G 68 62.03 -1.36 7.83
N THR G 69 62.70 -0.27 8.14
CA THR G 69 63.49 -0.13 9.35
C THR G 69 62.93 1.00 10.19
N ASP G 70 63.38 1.07 11.45
CA ASP G 70 62.84 2.03 12.38
C ASP G 70 63.22 3.46 11.98
N LYS G 71 62.26 4.37 12.12
CA LYS G 71 62.43 5.79 11.80
C LYS G 71 62.84 5.99 10.34
N MET G 72 62.04 5.44 9.45
CA MET G 72 62.24 5.51 8.01
C MET G 72 61.29 6.55 7.42
N VAL G 73 61.78 7.32 6.45
CA VAL G 73 60.96 8.28 5.73
C VAL G 73 60.98 7.88 4.26
N ILE G 74 59.80 7.61 3.70
CA ILE G 74 59.67 7.10 2.35
C ILE G 74 58.73 8.00 1.56
N LYS G 75 59.14 8.36 0.35
CA LYS G 75 58.27 9.03 -0.61
C LYS G 75 58.03 8.09 -1.78
N THR G 76 56.77 7.94 -2.17
CA THR G 76 56.40 7.06 -3.27
C THR G 76 55.89 7.80 -4.51
N ASP G 77 55.78 9.12 -4.45
CA ASP G 77 55.25 9.89 -5.57
C ASP G 77 56.03 11.19 -5.79
N SER G 78 57.28 11.24 -5.37
CA SER G 78 58.10 12.41 -5.61
C SER G 78 58.44 12.52 -7.09
N PRO G 79 58.79 13.72 -7.57
CA PRO G 79 59.10 13.88 -9.00
C PRO G 79 60.22 12.97 -9.49
N ARG G 80 61.23 12.69 -8.66
CA ARG G 80 62.27 11.75 -9.02
C ARG G 80 61.69 10.35 -9.26
N VAL G 81 60.83 9.91 -8.35
CA VAL G 81 60.21 8.59 -8.46
C VAL G 81 59.30 8.53 -9.67
N ARG G 82 58.51 9.58 -9.90
CA ARG G 82 57.62 9.61 -11.06
C ARG G 82 58.41 9.58 -12.35
N ASN G 83 59.53 10.32 -12.41
CA ASN G 83 60.36 10.31 -13.61
C ASN G 83 60.95 8.92 -13.85
N ALA G 84 61.43 8.27 -12.79
CA ALA G 84 61.99 6.92 -12.94
C ALA G 84 60.93 5.95 -13.46
N ARG G 85 59.72 6.00 -12.89
CA ARG G 85 58.67 5.10 -13.32
C ARG G 85 58.24 5.38 -14.75
N LYS G 86 58.15 6.66 -15.12
CA LYS G 86 57.79 7.01 -16.50
C LYS G 86 58.84 6.51 -17.48
N MET G 87 60.11 6.64 -17.13
CA MET G 87 61.18 6.16 -18.01
C MET G 87 61.12 4.64 -18.16
N ALA G 88 60.90 3.93 -17.05
CA ALA G 88 60.79 2.48 -17.12
C ALA G 88 59.61 2.06 -17.99
N LEU G 89 58.47 2.74 -17.85
CA LEU G 89 57.30 2.41 -18.63
C LEU G 89 57.51 2.70 -20.11
N GLU G 90 58.20 3.80 -20.44
CA GLU G 90 58.50 4.10 -21.84
C GLU G 90 59.42 3.05 -22.44
N LEU G 91 60.43 2.62 -21.67
CA LEU G 91 61.30 1.55 -22.14
C LEU G 91 60.51 0.28 -22.39
N LEU G 92 59.59 -0.05 -21.48
CA LEU G 92 58.77 -1.25 -21.67
C LEU G 92 57.88 -1.13 -22.90
N LEU G 93 57.29 0.05 -23.13
CA LEU G 93 56.46 0.26 -24.30
C LEU G 93 57.25 0.22 -25.59
N SER G 94 58.56 0.48 -25.54
CA SER G 94 59.36 0.42 -26.75
C SER G 94 59.38 -0.98 -27.36
N GLU G 95 59.27 -2.02 -26.56
CA GLU G 95 59.24 -3.38 -27.07
C GLU G 95 57.84 -3.85 -27.46
N HIS G 96 56.81 -3.08 -27.17
CA HIS G 96 55.45 -3.58 -27.16
C HIS G 96 54.82 -3.49 -28.56
N ARG G 97 54.17 -4.58 -28.96
CA ARG G 97 53.34 -4.62 -30.16
C ARG G 97 51.95 -5.09 -29.75
N GLY G 98 50.96 -4.22 -29.85
CA GLY G 98 49.61 -4.64 -29.58
C GLY G 98 48.62 -3.52 -29.80
N ASP G 99 47.35 -3.89 -29.76
CA ASP G 99 46.23 -2.95 -29.82
C ASP G 99 45.50 -3.02 -28.49
N CYS G 100 45.65 -1.97 -27.68
CA CYS G 100 44.86 -1.89 -26.45
C CYS G 100 43.38 -1.87 -26.77
N ARG G 101 42.99 -1.10 -27.78
CA ARG G 101 41.64 -1.07 -28.31
C ARG G 101 41.69 -1.24 -29.82
N PRO G 102 40.71 -1.93 -30.40
CA PRO G 102 40.74 -2.15 -31.85
C PRO G 102 40.44 -0.88 -32.61
N PRO G 103 40.83 -0.80 -33.89
CA PRO G 103 40.61 0.45 -34.64
C PRO G 103 39.15 0.82 -34.77
N CYS G 104 38.25 -0.16 -34.74
CA CYS G 104 36.82 0.13 -34.81
C CYS G 104 36.36 0.95 -33.60
N VAL G 105 36.84 0.61 -32.41
CA VAL G 105 36.45 1.37 -31.22
C VAL G 105 37.02 2.78 -31.27
N LEU G 106 38.26 2.91 -31.75
CA LEU G 106 38.91 4.22 -31.79
C LEU G 106 38.31 5.11 -32.88
N ALA G 107 37.73 4.53 -33.92
CA ALA G 107 37.11 5.33 -34.97
C ALA G 107 35.71 5.80 -34.62
N CYS G 108 35.07 5.22 -33.63
CA CYS G 108 33.76 5.68 -33.21
C CYS G 108 33.90 6.95 -32.38
N PRO G 109 33.18 8.02 -32.72
CA PRO G 109 33.25 9.24 -31.91
C PRO G 109 32.87 9.03 -30.44
N ALA G 110 31.93 8.13 -30.16
CA ALA G 110 31.53 7.83 -28.80
C ALA G 110 32.35 6.72 -28.18
N HIS G 111 33.30 6.15 -28.91
CA HIS G 111 34.15 5.06 -28.44
C HIS G 111 33.31 3.89 -27.95
N THR G 112 32.31 3.53 -28.75
CA THR G 112 31.51 2.34 -28.47
C THR G 112 32.38 1.10 -28.63
N ASP G 113 32.20 0.15 -27.71
CA ASP G 113 32.95 -1.11 -27.72
C ASP G 113 32.41 -1.97 -28.84
N CYS G 114 32.76 -1.62 -30.08
CA CYS G 114 32.30 -2.37 -31.24
C CYS G 114 32.72 -3.83 -31.15
N GLN G 115 34.00 -4.07 -30.88
CA GLN G 115 34.50 -5.44 -30.78
C GLN G 115 33.79 -6.19 -29.66
N GLY G 116 33.57 -5.53 -28.52
CA GLY G 116 32.95 -6.20 -27.39
C GLY G 116 31.56 -6.70 -27.70
N TYR G 117 30.69 -5.83 -28.21
CA TYR G 117 29.33 -6.26 -28.47
C TYR G 117 29.22 -7.09 -29.73
N VAL G 118 30.13 -6.94 -30.69
CA VAL G 118 30.15 -7.86 -31.82
C VAL G 118 30.49 -9.27 -31.36
N GLY G 119 31.49 -9.40 -30.49
CA GLY G 119 31.82 -10.70 -29.93
C GLY G 119 30.73 -11.27 -29.05
N LEU G 120 30.03 -10.41 -28.31
CA LEU G 120 28.88 -10.88 -27.52
C LEU G 120 27.75 -11.36 -28.43
N ILE G 121 27.53 -10.70 -29.56
CA ILE G 121 26.55 -11.18 -30.54
C ILE G 121 26.97 -12.53 -31.08
N ALA G 122 28.26 -12.69 -31.41
CA ALA G 122 28.74 -13.97 -31.91
C ALA G 122 28.62 -15.08 -30.87
N ASN G 123 28.49 -14.73 -29.59
CA ASN G 123 28.29 -15.69 -28.52
C ASN G 123 26.83 -15.85 -28.13
N GLY G 124 25.91 -15.15 -28.80
CA GLY G 124 24.50 -15.25 -28.51
C GLY G 124 24.02 -14.41 -27.35
N GLN G 125 24.86 -13.52 -26.82
CA GLN G 125 24.52 -12.69 -25.66
C GLN G 125 24.04 -11.33 -26.15
N PHE G 126 22.77 -11.30 -26.59
CA PHE G 126 22.22 -10.10 -27.17
C PHE G 126 21.90 -9.04 -26.12
N ARG G 127 21.36 -9.47 -24.98
CA ARG G 127 21.07 -8.53 -23.90
C ARG G 127 22.36 -7.92 -23.35
N GLU G 128 23.40 -8.73 -23.19
CA GLU G 128 24.69 -8.19 -22.74
C GLU G 128 25.28 -7.26 -23.79
N ALA G 129 25.08 -7.57 -25.08
CA ALA G 129 25.55 -6.67 -26.13
C ALA G 129 24.86 -5.32 -26.05
N VAL G 130 23.55 -5.31 -25.81
CA VAL G 130 22.84 -4.03 -25.68
C VAL G 130 23.31 -3.29 -24.43
N ALA G 131 23.51 -4.00 -23.33
CA ALA G 131 23.98 -3.36 -22.10
C ALA G 131 25.38 -2.78 -22.28
N LEU G 132 26.22 -3.42 -23.09
CA LEU G 132 27.55 -2.90 -23.35
C LEU G 132 27.51 -1.71 -24.30
N ILE G 133 26.61 -1.72 -25.28
CA ILE G 133 26.42 -0.56 -26.13
C ILE G 133 25.96 0.63 -25.31
N LYS G 134 25.02 0.42 -24.39
CA LYS G 134 24.44 1.52 -23.63
C LYS G 134 25.40 2.12 -22.61
N GLU G 135 26.61 1.59 -22.46
CA GLU G 135 27.60 2.24 -21.62
C GLU G 135 28.16 3.50 -22.28
N GLN G 136 28.05 3.61 -23.60
CA GLN G 136 28.50 4.78 -24.33
C GLN G 136 27.43 5.39 -25.23
N LEU G 137 26.38 4.65 -25.58
CA LEU G 137 25.39 5.09 -26.53
C LEU G 137 24.01 4.64 -26.10
N PRO G 138 23.11 5.56 -25.72
CA PRO G 138 21.81 5.15 -25.19
C PRO G 138 20.78 4.76 -26.24
N PHE G 139 21.07 4.93 -27.52
CA PHE G 139 20.10 4.66 -28.59
C PHE G 139 20.72 3.72 -29.62
N PRO G 140 20.80 2.42 -29.31
CA PRO G 140 21.40 1.49 -30.28
C PRO G 140 20.62 1.37 -31.59
N ALA G 141 19.31 1.16 -31.53
CA ALA G 141 18.54 0.94 -32.75
C ALA G 141 18.51 2.18 -33.63
N SER G 142 18.22 3.34 -33.04
CA SER G 142 18.12 4.57 -33.81
C SER G 142 19.44 4.92 -34.48
N ILE G 143 20.53 4.93 -33.70
CA ILE G 143 21.83 5.31 -34.24
C ILE G 143 22.33 4.26 -35.22
N GLY G 144 22.07 2.98 -34.94
CA GLY G 144 22.45 1.94 -35.88
C GLY G 144 21.70 2.04 -37.19
N ARG G 145 20.51 2.65 -37.18
CA ARG G 145 19.80 2.88 -38.43
C ARG G 145 20.40 4.03 -39.23
N VAL G 146 20.79 5.11 -38.57
CA VAL G 146 21.28 6.32 -39.24
C VAL G 146 22.67 6.61 -38.70
N CYS G 147 23.69 6.10 -39.38
CA CYS G 147 25.06 6.37 -38.99
C CYS G 147 25.98 6.09 -40.17
N PRO G 148 26.84 7.04 -40.55
CA PRO G 148 27.81 6.79 -41.63
C PRO G 148 28.86 5.76 -41.27
N HIS G 149 28.93 5.34 -40.01
CA HIS G 149 29.82 4.33 -39.45
C HIS G 149 31.26 4.46 -39.93
N PRO G 150 32.00 5.45 -39.41
CA PRO G 150 33.46 5.48 -39.66
C PRO G 150 34.18 4.28 -39.09
N CYS G 151 33.61 3.63 -38.07
CA CYS G 151 34.20 2.44 -37.49
C CYS G 151 34.39 1.36 -38.54
N GLU G 152 33.42 1.21 -39.44
CA GLU G 152 33.55 0.22 -40.50
C GLU G 152 34.62 0.62 -41.52
N GLU G 153 34.82 1.92 -41.72
CA GLU G 153 35.90 2.38 -42.58
C GLU G 153 37.26 2.07 -41.97
N ALA G 154 37.36 2.14 -40.65
CA ALA G 154 38.60 1.81 -39.95
C ALA G 154 38.74 0.34 -39.60
N CYS G 155 37.72 -0.48 -39.90
CA CYS G 155 37.76 -1.88 -39.55
C CYS G 155 38.91 -2.59 -40.26
N ARG G 156 39.58 -3.49 -39.54
CA ARG G 156 40.71 -4.20 -40.11
C ARG G 156 40.30 -5.32 -41.04
N ARG G 157 39.06 -5.77 -40.98
CA ARG G 157 38.59 -6.75 -41.95
C ARG G 157 38.54 -6.17 -43.35
N ASN G 158 38.61 -4.84 -43.48
CA ASN G 158 38.83 -4.23 -44.78
C ASN G 158 40.07 -4.80 -45.45
N MET G 159 41.09 -5.14 -44.66
CA MET G 159 42.31 -5.73 -45.18
C MET G 159 42.12 -7.16 -45.65
N VAL G 160 40.99 -7.79 -45.34
CA VAL G 160 40.78 -9.16 -45.79
C VAL G 160 39.75 -9.20 -46.91
N ASP G 161 38.48 -8.95 -46.59
CA ASP G 161 37.47 -8.85 -47.64
C ASP G 161 36.60 -7.61 -47.58
N GLN G 162 35.86 -7.44 -46.48
CA GLN G 162 34.85 -6.39 -46.31
C GLN G 162 34.68 -6.14 -44.83
N PRO G 163 34.49 -4.89 -44.41
CA PRO G 163 34.42 -4.60 -42.98
C PRO G 163 33.19 -5.23 -42.33
N ILE G 164 33.28 -5.39 -41.01
CA ILE G 164 32.15 -5.92 -40.25
C ILE G 164 30.99 -4.93 -40.31
N ALA G 165 29.78 -5.47 -40.41
CA ALA G 165 28.56 -4.68 -40.40
C ALA G 165 28.24 -4.25 -38.96
N ILE G 166 29.09 -3.36 -38.44
CA ILE G 166 29.00 -2.95 -37.05
C ILE G 166 27.68 -2.24 -36.78
N ALA G 167 27.33 -1.29 -37.63
CA ALA G 167 26.08 -0.55 -37.46
C ALA G 167 24.88 -1.46 -37.60
N GLU G 168 24.92 -2.39 -38.56
CA GLU G 168 23.81 -3.31 -38.76
C GLU G 168 23.63 -4.23 -37.56
N LEU G 169 24.74 -4.72 -36.99
CA LEU G 169 24.65 -5.56 -35.79
C LEU G 169 24.11 -4.77 -34.61
N LYS G 170 24.52 -3.51 -34.47
CA LYS G 170 23.97 -2.68 -33.41
C LYS G 170 22.48 -2.48 -33.58
N ARG G 171 22.02 -2.25 -34.81
CA ARG G 171 20.59 -2.14 -35.08
C ARG G 171 19.87 -3.43 -34.75
N PHE G 172 20.48 -4.57 -35.07
CA PHE G 172 19.88 -5.87 -34.77
C PHE G 172 19.65 -6.03 -33.27
N VAL G 173 20.69 -5.80 -32.46
CA VAL G 173 20.51 -5.99 -31.02
C VAL G 173 19.62 -4.92 -30.42
N GLY G 174 19.64 -3.69 -30.96
CA GLY G 174 18.74 -2.67 -30.46
C GLY G 174 17.29 -3.01 -30.69
N ASP G 175 16.98 -3.54 -31.87
CA ASP G 175 15.61 -3.99 -32.14
C ASP G 175 15.22 -5.15 -31.24
N ILE G 176 16.14 -6.10 -31.02
CA ILE G 176 15.85 -7.21 -30.13
C ILE G 176 15.54 -6.71 -28.72
N ASP G 177 16.31 -5.75 -28.24
CA ASP G 177 16.06 -5.17 -26.93
C ASP G 177 14.73 -4.43 -26.89
N LEU G 178 14.39 -3.71 -27.97
CA LEU G 178 13.14 -2.96 -28.00
C LEU G 178 11.93 -3.86 -28.14
N LEU G 179 12.12 -5.13 -28.53
CA LEU G 179 11.00 -6.06 -28.56
C LEU G 179 10.31 -6.13 -27.20
N ASP G 180 11.02 -6.60 -26.19
CA ASP G 180 10.53 -6.64 -24.83
C ASP G 180 10.88 -5.30 -24.15
N ASP G 181 10.76 -5.26 -22.83
CA ASP G 181 11.20 -4.08 -22.09
C ASP G 181 12.68 -3.81 -22.35
N GLY G 182 13.00 -2.56 -22.68
CA GLY G 182 14.36 -2.22 -22.98
C GLY G 182 15.25 -2.23 -21.75
N TYR G 183 16.56 -2.29 -22.01
CA TYR G 183 17.54 -2.31 -20.93
C TYR G 183 17.69 -0.94 -20.30
N ILE G 184 17.67 -0.89 -18.98
CA ILE G 184 17.88 0.34 -18.23
C ILE G 184 19.07 0.11 -17.30
N PRO G 185 20.12 0.91 -17.39
CA PRO G 185 21.30 0.69 -16.53
C PRO G 185 20.97 0.99 -15.08
N PRO G 186 21.76 0.44 -14.15
CA PRO G 186 21.55 0.78 -12.73
C PRO G 186 21.75 2.26 -12.48
N ILE G 187 20.95 2.79 -11.56
CA ILE G 187 20.96 4.20 -11.22
C ILE G 187 21.49 4.36 -9.80
N LYS G 188 22.46 5.24 -9.64
CA LYS G 188 23.02 5.51 -8.33
C LYS G 188 21.99 6.18 -7.43
N PRO G 189 22.15 6.07 -6.11
CA PRO G 189 21.21 6.73 -5.20
C PRO G 189 21.22 8.24 -5.41
N LYS G 190 20.07 8.87 -5.12
CA LYS G 190 19.87 10.28 -5.41
C LYS G 190 20.95 11.14 -4.75
N THR G 191 21.47 12.09 -5.50
CA THR G 191 22.54 12.96 -5.04
C THR G 191 22.06 14.33 -4.59
N GLY G 192 20.78 14.65 -4.80
CA GLY G 192 20.24 15.93 -4.39
C GLY G 192 20.58 17.09 -5.29
N LYS G 193 21.22 16.84 -6.43
CA LYS G 193 21.58 17.89 -7.37
C LYS G 193 20.57 17.95 -8.51
N LYS G 194 20.53 19.11 -9.17
CA LYS G 194 19.58 19.35 -10.25
C LYS G 194 20.31 19.91 -11.46
N VAL G 195 20.08 19.29 -12.61
CA VAL G 195 20.64 19.72 -13.89
C VAL G 195 19.49 19.95 -14.85
N ALA G 196 19.50 21.08 -15.53
CA ALA G 196 18.50 21.43 -16.53
C ALA G 196 19.15 21.39 -17.90
N ILE G 197 18.66 20.49 -18.75
CA ILE G 197 19.10 20.42 -20.14
C ILE G 197 18.07 21.09 -21.03
N VAL G 198 18.54 22.00 -21.88
CA VAL G 198 17.71 22.72 -22.82
C VAL G 198 17.92 22.09 -24.19
N GLY G 199 16.95 21.33 -24.65
CA GLY G 199 17.05 20.64 -25.93
C GLY G 199 17.03 19.14 -25.80
N GLY G 200 15.93 18.52 -26.22
CA GLY G 200 15.80 17.08 -26.16
C GLY G 200 16.24 16.39 -27.43
N GLY G 201 17.42 16.73 -27.93
CA GLY G 201 18.01 16.06 -29.05
C GLY G 201 18.95 14.96 -28.61
N PRO G 202 19.73 14.43 -29.55
CA PRO G 202 20.71 13.40 -29.16
C PRO G 202 21.68 13.84 -28.07
N ALA G 203 22.20 15.06 -28.14
CA ALA G 203 23.16 15.51 -27.14
C ALA G 203 22.50 15.73 -25.79
N GLY G 204 21.35 16.41 -25.78
CA GLY G 204 20.65 16.65 -24.53
C GLY G 204 20.15 15.37 -23.88
N LEU G 205 19.60 14.46 -24.68
CA LEU G 205 19.12 13.20 -24.14
C LEU G 205 20.26 12.31 -23.66
N THR G 206 21.42 12.37 -24.34
CA THR G 206 22.59 11.64 -23.85
C THR G 206 23.08 12.20 -22.52
N CYS G 207 23.12 13.53 -22.39
CA CYS G 207 23.52 14.12 -21.11
C CYS G 207 22.54 13.76 -20.01
N ALA G 208 21.24 13.77 -20.32
CA ALA G 208 20.24 13.36 -19.34
C ALA G 208 20.44 11.91 -18.93
N PHE G 209 20.69 11.02 -19.90
CA PHE G 209 20.92 9.61 -19.63
C PHE G 209 22.10 9.42 -18.67
N PHE G 210 23.23 10.03 -18.99
CA PHE G 210 24.45 9.78 -18.22
C PHE G 210 24.51 10.57 -16.93
N LEU G 211 23.66 11.60 -16.77
CA LEU G 211 23.55 12.25 -15.47
C LEU G 211 22.50 11.60 -14.57
N ALA G 212 21.48 10.98 -15.16
CA ALA G 212 20.56 10.19 -14.36
C ALA G 212 21.18 8.87 -13.94
N LYS G 213 22.16 8.37 -14.70
CA LYS G 213 22.93 7.23 -14.24
C LYS G 213 23.69 7.54 -12.95
N GLU G 214 24.10 8.79 -12.78
CA GLU G 214 24.87 9.21 -11.61
C GLU G 214 24.00 9.60 -10.42
N GLY G 215 22.67 9.57 -10.58
CA GLY G 215 21.77 9.84 -9.49
C GLY G 215 21.20 11.24 -9.42
N HIS G 216 21.61 12.14 -10.32
CA HIS G 216 21.11 13.50 -10.28
C HIS G 216 19.66 13.57 -10.76
N ASP G 217 18.97 14.62 -10.34
CA ASP G 217 17.59 14.88 -10.76
C ASP G 217 17.62 15.75 -12.01
N ILE G 218 17.07 15.22 -13.10
CA ILE G 218 17.23 15.80 -14.43
C ILE G 218 15.87 16.27 -14.94
N VAL G 219 15.83 17.50 -15.45
CA VAL G 219 14.67 18.04 -16.15
C VAL G 219 15.15 18.53 -17.51
N VAL G 220 14.50 18.07 -18.56
CA VAL G 220 14.83 18.45 -19.93
C VAL G 220 13.75 19.39 -20.45
N TYR G 221 14.17 20.53 -21.00
CA TYR G 221 13.27 21.50 -21.59
C TYR G 221 13.38 21.42 -23.10
N GLU G 222 12.27 21.12 -23.76
CA GLU G 222 12.24 20.95 -25.21
C GLU G 222 11.24 21.91 -25.80
N ALA G 223 11.64 22.63 -26.84
CA ALA G 223 10.76 23.59 -27.49
C ALA G 223 9.71 22.91 -28.36
N MET G 224 10.01 21.70 -28.83
CA MET G 224 9.15 20.99 -29.75
C MET G 224 8.08 20.20 -29.01
N PRO G 225 7.02 19.78 -29.70
CA PRO G 225 6.00 18.95 -29.03
C PRO G 225 6.55 17.63 -28.51
N LYS G 226 7.52 17.04 -29.20
CA LYS G 226 8.13 15.79 -28.79
C LYS G 226 9.64 15.94 -28.77
N ALA G 227 10.30 15.11 -27.97
CA ALA G 227 11.74 15.09 -27.92
C ALA G 227 12.30 14.26 -29.07
N GLY G 228 13.60 14.40 -29.30
CA GLY G 228 14.25 13.66 -30.36
C GLY G 228 15.11 14.54 -31.24
N GLY G 229 14.76 15.83 -31.32
CA GLY G 229 15.56 16.75 -32.10
C GLY G 229 15.51 16.43 -33.57
N MET G 230 16.64 16.64 -34.25
CA MET G 230 16.72 16.38 -35.68
C MET G 230 16.59 14.91 -36.02
N LEU G 231 16.74 14.02 -35.04
CA LEU G 231 16.43 12.61 -35.28
C LEU G 231 14.95 12.44 -35.61
N ARG G 232 14.08 13.27 -35.06
CA ARG G 232 12.65 13.24 -35.34
C ARG G 232 12.25 14.17 -36.47
N TYR G 233 12.79 15.39 -36.50
CA TYR G 233 12.33 16.42 -37.40
C TYR G 233 13.25 16.64 -38.60
N GLY G 234 14.46 16.08 -38.58
CA GLY G 234 15.33 16.19 -39.73
C GLY G 234 15.43 14.91 -40.53
N ILE G 235 15.57 13.78 -39.86
CA ILE G 235 15.71 12.50 -40.56
C ILE G 235 14.32 11.98 -40.92
N PRO G 236 14.09 11.65 -42.19
CA PRO G 236 12.75 11.22 -42.60
C PRO G 236 12.38 9.85 -42.04
N GLU G 237 11.07 9.56 -42.10
CA GLU G 237 10.54 8.32 -41.53
C GLU G 237 11.06 7.09 -42.26
N TYR G 238 11.29 7.18 -43.57
CA TYR G 238 11.74 6.01 -44.31
C TYR G 238 13.17 5.61 -43.98
N ARG G 239 13.93 6.46 -43.30
CA ARG G 239 15.26 6.12 -42.84
C ARG G 239 15.32 5.84 -41.35
N LEU G 240 14.46 6.47 -40.55
CA LEU G 240 14.39 6.24 -39.12
C LEU G 240 12.94 6.36 -38.69
N PRO G 241 12.23 5.24 -38.53
CA PRO G 241 10.86 5.28 -38.03
C PRO G 241 10.82 5.90 -36.63
N LYS G 242 9.76 6.67 -36.38
CA LYS G 242 9.66 7.41 -35.13
C LYS G 242 9.14 6.57 -33.98
N GLY G 243 8.62 5.36 -34.26
CA GLY G 243 8.27 4.48 -33.16
C GLY G 243 9.48 4.04 -32.35
N ILE G 244 10.58 3.73 -33.04
CA ILE G 244 11.83 3.38 -32.36
C ILE G 244 12.33 4.54 -31.51
N LEU G 245 12.29 5.75 -32.09
CA LEU G 245 12.71 6.93 -31.36
C LEU G 245 11.83 7.17 -30.14
N ASP G 246 10.51 7.00 -30.30
CA ASP G 246 9.62 7.15 -29.16
C ASP G 246 9.93 6.13 -28.08
N LYS G 247 10.19 4.89 -28.47
CA LYS G 247 10.48 3.84 -27.49
C LYS G 247 11.76 4.15 -26.71
N GLU G 248 12.79 4.64 -27.40
CA GLU G 248 14.04 4.94 -26.71
C GLU G 248 13.89 6.16 -25.79
N ILE G 249 13.12 7.16 -26.22
CA ILE G 249 12.88 8.30 -25.34
C ILE G 249 12.05 7.89 -24.13
N GLU G 250 11.10 6.96 -24.30
CA GLU G 250 10.39 6.41 -23.15
C GLU G 250 11.33 5.68 -22.22
N LEU G 251 12.31 4.96 -22.77
CA LEU G 251 13.31 4.31 -21.94
C LEU G 251 14.09 5.33 -21.11
N ILE G 252 14.47 6.45 -21.73
CA ILE G 252 15.18 7.49 -21.00
C ILE G 252 14.28 8.10 -19.92
N GLU G 253 13.00 8.31 -20.23
CA GLU G 253 12.07 8.86 -19.24
C GLU G 253 11.84 7.89 -18.09
N LYS G 254 11.98 6.59 -18.34
CA LYS G 254 11.80 5.57 -17.31
C LYS G 254 12.93 5.56 -16.28
N MET G 255 14.01 6.29 -16.54
CA MET G 255 15.13 6.37 -15.61
C MET G 255 14.98 7.52 -14.62
N GLY G 256 13.86 8.24 -14.65
CA GLY G 256 13.66 9.37 -13.78
C GLY G 256 13.86 10.71 -14.43
N VAL G 257 14.24 10.74 -15.70
CA VAL G 257 14.38 12.00 -16.42
C VAL G 257 13.00 12.52 -16.78
N GLN G 258 12.75 13.78 -16.49
CA GLN G 258 11.48 14.42 -16.79
C GLN G 258 11.68 15.38 -17.95
N ILE G 259 10.86 15.22 -18.99
CA ILE G 259 10.98 15.99 -20.22
C ILE G 259 9.80 16.94 -20.30
N LYS G 260 10.10 18.24 -20.32
CA LYS G 260 9.08 19.29 -20.37
C LYS G 260 9.04 19.83 -21.80
N THR G 261 8.21 19.20 -22.63
CA THR G 261 8.10 19.61 -24.02
C THR G 261 7.32 20.91 -24.15
N ASN G 262 7.43 21.52 -25.32
CA ASN G 262 6.78 22.81 -25.62
C ASN G 262 7.23 23.89 -24.64
N MET G 263 8.52 23.89 -24.29
CA MET G 263 9.09 24.82 -23.32
C MET G 263 10.35 25.42 -23.93
N ARG G 264 10.19 26.47 -24.73
CA ARG G 264 11.31 27.07 -25.42
C ARG G 264 12.06 28.03 -24.51
N LEU G 265 13.39 27.98 -24.58
CA LEU G 265 14.22 28.88 -23.80
C LEU G 265 14.22 30.28 -24.43
N GLY G 266 13.97 31.29 -23.60
CA GLY G 266 13.87 32.65 -24.07
C GLY G 266 12.47 33.08 -24.45
N VAL G 267 11.51 32.16 -24.49
CA VAL G 267 10.12 32.52 -24.76
C VAL G 267 9.27 32.06 -23.58
N ASP G 268 9.21 30.75 -23.36
CA ASP G 268 8.45 30.21 -22.24
C ASP G 268 9.24 30.29 -20.95
N ILE G 269 10.56 30.09 -21.03
CA ILE G 269 11.43 30.06 -19.86
C ILE G 269 12.66 30.88 -20.18
N SER G 270 13.33 31.35 -19.13
CA SER G 270 14.50 32.18 -19.27
C SER G 270 15.74 31.44 -18.77
N LEU G 271 16.90 31.83 -19.30
CA LEU G 271 18.15 31.24 -18.85
C LEU G 271 18.42 31.57 -17.39
N GLU G 272 18.12 32.79 -16.96
CA GLU G 272 18.41 33.21 -15.59
C GLU G 272 17.61 32.40 -14.58
N TYR G 273 16.36 32.07 -14.90
CA TYR G 273 15.58 31.19 -14.03
C TYR G 273 16.24 29.82 -13.89
N LEU G 274 16.74 29.28 -15.02
CA LEU G 274 17.42 27.99 -14.97
C LEU G 274 18.67 28.08 -14.10
N ARG G 275 19.44 29.16 -14.23
CA ARG G 275 20.62 29.34 -13.40
C ARG G 275 20.24 29.48 -11.93
N LYS G 276 19.09 30.09 -11.64
CA LYS G 276 18.71 30.31 -10.25
C LYS G 276 18.27 29.02 -9.58
N ASN G 277 17.42 28.22 -10.24
CA ASN G 277 16.84 27.06 -9.58
C ASN G 277 17.41 25.72 -10.03
N TYR G 278 18.56 25.69 -10.69
CA TYR G 278 19.21 24.43 -11.03
C TYR G 278 20.70 24.50 -10.73
N ASP G 279 21.25 23.38 -10.27
CA ASP G 279 22.67 23.33 -9.95
C ASP G 279 23.53 23.46 -11.20
N ALA G 280 23.13 22.82 -12.29
CA ALA G 280 23.86 22.96 -13.55
C ALA G 280 22.88 23.12 -14.70
N VAL G 281 23.33 23.76 -15.77
CA VAL G 281 22.54 23.94 -16.98
C VAL G 281 23.37 23.50 -18.16
N PHE G 282 22.81 22.60 -18.97
CA PHE G 282 23.41 22.13 -20.21
C PHE G 282 22.56 22.61 -21.37
N LEU G 283 23.19 23.15 -22.42
CA LEU G 283 22.49 23.67 -23.57
C LEU G 283 22.84 22.86 -24.79
N ALA G 284 21.85 22.21 -25.39
CA ALA G 284 22.02 21.35 -26.54
C ALA G 284 20.97 21.70 -27.59
N VAL G 285 20.85 22.99 -27.89
CA VAL G 285 19.78 23.49 -28.74
C VAL G 285 19.97 23.17 -30.21
N GLY G 286 21.14 22.71 -30.61
CA GLY G 286 21.34 22.38 -32.00
C GLY G 286 21.40 23.60 -32.90
N ALA G 287 21.44 23.34 -34.20
CA ALA G 287 21.52 24.37 -35.23
C ALA G 287 20.21 24.33 -36.02
N TRP G 288 19.22 25.09 -35.56
CA TRP G 288 17.86 25.00 -36.05
C TRP G 288 17.46 26.18 -36.93
N LYS G 289 18.41 26.92 -37.45
CA LYS G 289 18.16 28.00 -38.40
C LYS G 289 18.85 27.67 -39.71
N SER G 290 18.09 27.60 -40.79
CA SER G 290 18.65 27.21 -42.08
C SER G 290 19.29 28.39 -42.79
N SER G 291 20.21 28.08 -43.69
CA SER G 291 20.91 29.10 -44.46
C SER G 291 20.12 29.44 -45.71
N THR G 292 19.90 30.74 -45.92
CA THR G 292 19.17 31.20 -47.09
C THR G 292 20.04 31.05 -48.34
N LEU G 293 19.41 31.22 -49.50
CA LEU G 293 20.12 31.07 -50.76
C LEU G 293 21.24 32.09 -50.92
N GLY G 294 21.18 33.21 -50.20
CA GLY G 294 22.19 34.23 -50.33
C GLY G 294 22.24 34.89 -51.69
N CYS G 295 21.10 35.06 -52.33
CA CYS G 295 20.99 35.68 -53.64
C CYS G 295 19.75 36.56 -53.65
N PRO G 296 19.69 37.54 -54.55
CA PRO G 296 18.47 38.34 -54.66
C PRO G 296 17.27 37.47 -55.03
N GLY G 297 16.13 37.80 -54.44
CA GLY G 297 14.92 37.04 -54.66
C GLY G 297 14.78 35.79 -53.80
N ASP G 298 15.66 35.58 -52.84
CA ASP G 298 15.59 34.40 -51.99
C ASP G 298 14.54 34.52 -50.88
N SER G 299 13.66 35.52 -50.97
CA SER G 299 12.58 35.67 -50.01
C SER G 299 11.21 35.63 -50.70
N ALA G 300 11.15 35.03 -51.89
CA ALA G 300 9.89 34.95 -52.63
C ALA G 300 8.97 33.92 -52.00
N GLU G 301 7.80 33.76 -52.60
CA GLU G 301 6.83 32.75 -52.18
C GLU G 301 7.10 31.48 -52.97
N GLY G 302 7.69 30.49 -52.31
CA GLY G 302 8.07 29.26 -52.98
C GLY G 302 9.49 28.86 -52.70
N VAL G 303 10.19 29.66 -51.90
CA VAL G 303 11.51 29.30 -51.39
C VAL G 303 11.35 28.97 -49.91
N ILE G 304 11.92 27.84 -49.49
CA ILE G 304 11.79 27.38 -48.12
C ILE G 304 13.12 26.73 -47.70
N GLY G 305 13.42 26.81 -46.42
CA GLY G 305 14.62 26.16 -45.92
C GLY G 305 14.48 24.66 -45.93
N GLY G 306 15.63 23.98 -46.02
CA GLY G 306 15.60 22.52 -46.07
C GLY G 306 15.08 21.92 -44.78
N ILE G 307 15.59 22.38 -43.64
CA ILE G 307 15.15 21.78 -42.39
C ILE G 307 13.77 22.28 -41.99
N GLU G 308 13.40 23.51 -42.38
CA GLU G 308 12.02 23.95 -42.15
C GLU G 308 11.03 23.10 -42.96
N PHE G 309 11.37 22.81 -44.22
CA PHE G 309 10.54 21.95 -45.03
C PHE G 309 10.44 20.55 -44.45
N LEU G 310 11.58 20.00 -44.01
CA LEU G 310 11.57 18.66 -43.43
C LEU G 310 10.81 18.62 -42.11
N ARG G 311 10.90 19.68 -41.31
CA ARG G 311 10.14 19.75 -40.07
C ARG G 311 8.65 19.86 -40.34
N LYS G 312 8.26 20.60 -41.38
CA LYS G 312 6.86 20.66 -41.77
C LYS G 312 6.35 19.29 -42.21
N VAL G 313 7.15 18.56 -43.00
CA VAL G 313 6.72 17.25 -43.46
C VAL G 313 6.66 16.26 -42.29
N SER G 314 7.59 16.38 -41.34
CA SER G 314 7.60 15.48 -40.20
C SER G 314 6.36 15.67 -39.33
N MET G 315 5.94 16.91 -39.14
CA MET G 315 4.75 17.20 -38.34
C MET G 315 3.45 16.98 -39.11
N ASN G 316 3.53 16.57 -40.37
CA ASN G 316 2.37 16.37 -41.24
C ASN G 316 1.65 17.69 -41.50
N GLN G 317 2.38 18.79 -41.46
CA GLN G 317 1.80 20.08 -41.80
C GLN G 317 1.85 20.32 -43.30
N PRO G 318 0.90 21.07 -43.84
CA PRO G 318 0.87 21.27 -45.30
C PRO G 318 2.10 22.02 -45.80
N VAL G 319 2.59 21.58 -46.95
CA VAL G 319 3.71 22.21 -47.63
C VAL G 319 3.25 22.53 -49.06
N ASN G 320 3.56 23.74 -49.52
CA ASN G 320 3.16 24.16 -50.86
C ASN G 320 4.20 23.74 -51.89
N LEU G 321 4.48 22.44 -51.92
CA LEU G 321 5.43 21.88 -52.86
C LEU G 321 4.81 21.80 -54.25
N GLY G 322 5.49 22.36 -55.24
CA GLY G 322 4.93 22.38 -56.58
C GLY G 322 5.12 21.09 -57.32
N GLN G 323 5.44 21.18 -58.62
CA GLN G 323 5.80 20.03 -59.41
C GLN G 323 7.24 20.06 -59.91
N ARG G 324 7.88 21.22 -59.86
CA ARG G 324 9.30 21.37 -60.19
C ARG G 324 10.00 21.89 -58.95
N VAL G 325 10.83 21.04 -58.34
CA VAL G 325 11.51 21.34 -57.09
C VAL G 325 13.00 21.43 -57.37
N LEU G 326 13.63 22.48 -56.88
CA LEU G 326 15.07 22.66 -56.97
C LEU G 326 15.63 22.65 -55.56
N VAL G 327 16.38 21.61 -55.21
CA VAL G 327 17.03 21.52 -53.92
C VAL G 327 18.47 22.01 -54.09
N VAL G 328 18.82 23.10 -53.41
CA VAL G 328 20.14 23.70 -53.49
C VAL G 328 20.96 23.19 -52.32
N GLY G 329 22.11 22.58 -52.62
CA GLY G 329 22.97 21.99 -51.63
C GLY G 329 23.36 20.57 -51.98
N GLY G 330 24.25 20.03 -51.17
CA GLY G 330 24.75 18.68 -51.41
C GLY G 330 24.95 17.85 -50.17
N GLY G 331 24.42 18.31 -49.04
CA GLY G 331 24.56 17.61 -47.77
C GLY G 331 23.47 16.59 -47.54
N ASN G 332 23.40 16.12 -46.30
CA ASN G 332 22.35 15.18 -45.93
C ASN G 332 20.98 15.83 -45.98
N THR G 333 20.90 17.11 -45.60
CA THR G 333 19.64 17.83 -45.68
C THR G 333 19.13 17.93 -47.11
N ALA G 334 20.03 18.18 -48.06
CA ALA G 334 19.61 18.27 -49.46
C ALA G 334 19.08 16.92 -49.95
N MET G 335 19.77 15.84 -49.64
CA MET G 335 19.32 14.52 -50.07
C MET G 335 17.98 14.16 -49.46
N ASP G 336 17.84 14.41 -48.15
CA ASP G 336 16.57 14.10 -47.48
C ASP G 336 15.43 14.93 -48.05
N ALA G 337 15.68 16.23 -48.30
CA ALA G 337 14.65 17.08 -48.88
C ALA G 337 14.26 16.61 -50.28
N ALA G 338 15.26 16.24 -51.09
CA ALA G 338 14.96 15.81 -52.46
C ALA G 338 14.14 14.52 -52.46
N ARG G 339 14.53 13.55 -51.63
CA ARG G 339 13.80 12.29 -51.62
C ARG G 339 12.41 12.44 -51.00
N THR G 340 12.27 13.31 -50.00
CA THR G 340 10.95 13.58 -49.45
C THR G 340 10.07 14.26 -50.47
N ALA G 341 10.63 15.19 -51.25
CA ALA G 341 9.86 15.85 -52.31
C ALA G 341 9.45 14.83 -53.36
N ILE G 342 10.32 13.87 -53.68
CA ILE G 342 9.94 12.79 -54.60
C ILE G 342 8.77 12.01 -54.02
N ARG G 343 8.82 11.69 -52.73
CA ARG G 343 7.76 10.91 -52.11
C ARG G 343 6.50 11.73 -51.89
N LEU G 344 6.58 13.06 -51.95
CA LEU G 344 5.42 13.92 -51.79
C LEU G 344 4.73 14.21 -53.12
N GLY G 345 5.17 13.56 -54.20
CA GLY G 345 4.48 13.64 -55.47
C GLY G 345 5.07 14.59 -56.49
N ALA G 346 6.21 15.21 -56.19
CA ALA G 346 6.81 16.13 -57.15
C ALA G 346 7.25 15.39 -58.40
N LYS G 347 6.86 15.92 -59.56
CA LYS G 347 7.15 15.24 -60.82
C LYS G 347 8.60 15.37 -61.25
N GLU G 348 9.26 16.45 -60.82
CA GLU G 348 10.66 16.67 -61.16
C GLU G 348 11.36 17.26 -59.94
N VAL G 349 12.39 16.57 -59.46
CA VAL G 349 13.23 17.06 -58.37
C VAL G 349 14.66 17.10 -58.88
N THR G 350 15.29 18.26 -58.76
CA THR G 350 16.67 18.45 -59.20
C THR G 350 17.49 18.99 -58.04
N VAL G 351 18.71 18.47 -57.89
CA VAL G 351 19.63 18.89 -56.84
C VAL G 351 20.77 19.66 -57.50
N LEU G 352 21.00 20.89 -57.03
CA LEU G 352 22.06 21.74 -57.54
C LEU G 352 23.13 21.89 -56.47
N TYR G 353 24.36 21.54 -56.81
CA TYR G 353 25.48 21.60 -55.89
C TYR G 353 26.57 22.49 -56.44
N ARG G 354 27.17 23.31 -55.58
CA ARG G 354 28.25 24.20 -55.99
C ARG G 354 29.46 23.43 -56.51
N ARG G 355 29.82 22.35 -55.83
CA ARG G 355 31.03 21.61 -56.12
C ARG G 355 30.72 20.38 -56.96
N THR G 356 31.70 19.51 -57.13
CA THR G 356 31.57 18.34 -57.98
C THR G 356 30.91 17.18 -57.22
N ARG G 357 30.54 16.15 -57.98
CA ARG G 357 29.86 14.99 -57.38
C ARG G 357 30.78 14.22 -56.44
N GLU G 358 32.03 14.01 -56.84
CA GLU G 358 32.96 13.16 -56.12
C GLU G 358 33.44 13.78 -54.82
N GLU G 359 32.94 14.95 -54.41
CA GLU G 359 33.29 15.52 -53.12
C GLU G 359 32.06 16.00 -52.38
N MET G 360 30.92 15.35 -52.62
CA MET G 360 29.68 15.72 -51.96
C MET G 360 29.75 15.38 -50.47
N PRO G 361 29.28 16.28 -49.59
CA PRO G 361 29.24 15.94 -48.15
C PRO G 361 28.32 14.77 -47.85
N ALA G 362 27.33 14.52 -48.69
CA ALA G 362 26.39 13.43 -48.45
C ALA G 362 27.06 12.08 -48.68
N GLU G 363 26.49 11.05 -48.07
CA GLU G 363 26.99 9.70 -48.25
C GLU G 363 26.67 9.19 -49.65
N ASP G 364 27.54 8.33 -50.17
CA ASP G 364 27.38 7.83 -51.52
C ASP G 364 26.12 6.97 -51.64
N ILE G 365 25.79 6.21 -50.59
CA ILE G 365 24.61 5.34 -50.65
C ILE G 365 23.34 6.17 -50.75
N GLU G 366 23.26 7.28 -50.01
CA GLU G 366 22.08 8.14 -50.08
C GLU G 366 21.93 8.75 -51.47
N VAL G 367 23.03 9.21 -52.05
CA VAL G 367 22.98 9.79 -53.39
C VAL G 367 22.57 8.75 -54.41
N ASN G 368 23.10 7.53 -54.28
CA ASN G 368 22.73 6.47 -55.20
C ASN G 368 21.26 6.11 -55.09
N GLU G 369 20.74 6.06 -53.86
CA GLU G 369 19.32 5.76 -53.67
C GLU G 369 18.45 6.88 -54.22
N ALA G 370 18.86 8.13 -54.05
CA ALA G 370 18.13 9.24 -54.64
C ALA G 370 18.12 9.15 -56.16
N GLU G 371 19.26 8.80 -56.76
CA GLU G 371 19.31 8.61 -58.20
C GLU G 371 18.38 7.49 -58.64
N GLU G 372 18.34 6.39 -57.88
CA GLU G 372 17.44 5.29 -58.21
C GLU G 372 15.99 5.71 -58.12
N GLU G 373 15.65 6.59 -57.17
CA GLU G 373 14.27 7.01 -56.97
C GLU G 373 13.82 8.09 -57.95
N GLY G 374 14.72 8.60 -58.78
CA GLY G 374 14.35 9.57 -59.79
C GLY G 374 14.81 10.99 -59.57
N VAL G 375 15.64 11.24 -58.56
CA VAL G 375 16.18 12.58 -58.34
C VAL G 375 17.30 12.83 -59.35
N LYS G 376 17.31 14.04 -59.91
CA LYS G 376 18.32 14.45 -60.88
C LYS G 376 19.30 15.40 -60.21
N PHE G 377 20.55 15.38 -60.70
CA PHE G 377 21.63 16.13 -60.06
C PHE G 377 22.31 17.05 -61.07
N GLN G 378 22.56 18.28 -60.64
CA GLN G 378 23.34 19.24 -61.41
C GLN G 378 24.48 19.74 -60.54
N PHE G 379 25.69 19.70 -61.07
CA PHE G 379 26.89 20.05 -60.30
C PHE G 379 27.56 21.27 -60.92
N LEU G 380 28.43 21.90 -60.12
CA LEU G 380 29.23 23.05 -60.53
C LEU G 380 28.36 24.23 -60.92
N VAL G 381 27.20 24.37 -60.28
CA VAL G 381 26.32 25.52 -60.48
C VAL G 381 25.98 26.11 -59.12
N ALA G 382 25.80 27.44 -59.10
CA ALA G 382 25.46 28.15 -57.88
C ALA G 382 24.38 29.18 -58.20
N PRO G 383 23.42 29.36 -57.30
CA PRO G 383 22.31 30.29 -57.59
C PRO G 383 22.78 31.75 -57.51
N ILE G 384 22.45 32.52 -58.54
CA ILE G 384 22.70 33.95 -58.53
C ILE G 384 21.43 34.79 -58.53
N GLU G 385 20.29 34.24 -58.94
CA GLU G 385 19.05 35.02 -58.90
C GLU G 385 17.87 34.07 -58.82
N VAL G 386 16.77 34.56 -58.25
CA VAL G 386 15.51 33.84 -58.23
C VAL G 386 14.53 34.61 -59.08
N ILE G 387 14.11 34.03 -60.20
CA ILE G 387 13.15 34.67 -61.10
C ILE G 387 11.75 34.45 -60.51
N THR G 388 11.13 35.54 -60.05
CA THR G 388 9.78 35.50 -59.50
C THR G 388 8.86 36.30 -60.40
N ASP G 389 7.70 35.71 -60.74
CA ASP G 389 6.78 36.37 -61.67
C ASP G 389 5.88 37.36 -60.95
N GLY G 390 5.05 36.87 -60.04
CA GLY G 390 4.11 37.72 -59.34
C GLY G 390 4.27 37.63 -57.83
N GLY G 391 5.52 37.57 -57.37
CA GLY G 391 5.80 37.29 -55.99
C GLY G 391 5.98 35.82 -55.68
N ARG G 392 5.72 34.94 -56.64
CA ARG G 392 5.93 33.51 -56.50
C ARG G 392 7.10 33.09 -57.38
N VAL G 393 7.78 32.02 -56.95
CA VAL G 393 8.97 31.56 -57.66
C VAL G 393 8.57 31.04 -59.04
N ARG G 394 9.28 31.50 -60.06
CA ARG G 394 9.09 31.03 -61.42
C ARG G 394 10.27 30.24 -61.95
N ALA G 395 11.49 30.65 -61.63
CA ALA G 395 12.68 29.94 -62.07
C ALA G 395 13.85 30.33 -61.16
N LEU G 396 15.00 29.71 -61.41
CA LEU G 396 16.23 30.04 -60.69
C LEU G 396 17.34 30.22 -61.71
N LYS G 397 17.98 31.39 -61.68
CA LYS G 397 19.15 31.67 -62.50
C LYS G 397 20.40 31.28 -61.73
N CYS G 398 21.12 30.29 -62.23
CA CYS G 398 22.29 29.72 -61.60
C CYS G 398 23.53 30.04 -62.42
N GLN G 399 24.65 30.22 -61.74
CA GLN G 399 25.92 30.53 -62.36
C GLN G 399 26.74 29.25 -62.47
N ARG G 400 27.03 28.83 -63.71
CA ARG G 400 27.92 27.69 -63.91
C ARG G 400 29.31 28.03 -63.40
N MET G 401 29.97 27.04 -62.80
CA MET G 401 31.21 27.28 -62.09
C MET G 401 32.19 26.16 -62.42
N ARG G 402 33.44 26.33 -61.99
CA ARG G 402 34.47 25.35 -62.28
C ARG G 402 35.44 25.28 -61.11
N LEU G 403 36.12 24.14 -60.99
CA LEU G 403 37.05 23.93 -59.89
C LEU G 403 38.37 24.62 -60.20
N GLY G 404 38.57 25.82 -59.64
CA GLY G 404 39.72 26.63 -59.98
C GLY G 404 41.04 26.29 -59.30
N ASP G 405 41.10 26.45 -57.98
CA ASP G 405 42.35 26.29 -57.25
C ASP G 405 42.04 25.89 -55.80
N MET G 406 43.05 25.96 -54.95
CA MET G 406 42.93 25.51 -53.57
C MET G 406 42.07 26.50 -52.76
N ASP G 407 41.90 26.19 -51.48
CA ASP G 407 41.06 27.00 -50.60
C ASP G 407 41.41 26.68 -49.15
N GLU G 408 40.63 27.24 -48.22
CA GLU G 408 40.77 26.87 -46.82
C GLU G 408 40.50 25.39 -46.60
N SER G 409 39.59 24.82 -47.38
CA SER G 409 39.40 23.37 -47.37
C SER G 409 40.68 22.66 -47.79
N GLY G 410 41.39 23.22 -48.75
CA GLY G 410 42.66 22.69 -49.21
C GLY G 410 42.56 21.77 -50.41
N ARG G 411 41.37 21.24 -50.70
CA ARG G 411 41.23 20.31 -51.81
C ARG G 411 41.11 21.06 -53.14
N ARG G 412 40.03 21.84 -53.30
CA ARG G 412 39.84 22.62 -54.52
C ARG G 412 38.70 23.60 -54.29
N ARG G 413 38.91 24.86 -54.64
CA ARG G 413 37.88 25.87 -54.50
C ARG G 413 37.10 26.00 -55.81
N PRO G 414 35.77 25.98 -55.77
CA PRO G 414 35.00 26.28 -56.98
C PRO G 414 34.85 27.79 -57.17
N VAL G 415 35.07 28.24 -58.40
CA VAL G 415 35.03 29.66 -58.74
C VAL G 415 34.14 29.85 -59.96
N PRO G 416 33.49 31.01 -60.11
CA PRO G 416 32.54 31.19 -61.21
C PRO G 416 33.21 31.13 -62.58
N ILE G 417 32.45 30.66 -63.57
CA ILE G 417 32.82 30.74 -64.97
C ILE G 417 32.07 31.91 -65.57
N GLU G 418 32.80 32.85 -66.16
CA GLU G 418 32.18 34.04 -66.72
C GLU G 418 31.60 33.75 -68.10
N GLY G 419 30.39 34.23 -68.33
CA GLY G 419 29.69 34.00 -69.58
C GLY G 419 28.79 32.79 -69.62
N ALA G 420 28.81 31.97 -68.58
CA ALA G 420 27.97 30.77 -68.51
C ALA G 420 26.94 30.94 -67.40
N GLU G 421 25.67 30.86 -67.76
CA GLU G 421 24.57 30.97 -66.81
C GLU G 421 23.42 30.11 -67.33
N VAL G 422 22.73 29.44 -66.41
CA VAL G 422 21.69 28.48 -66.75
C VAL G 422 20.44 28.78 -65.95
N ILE G 423 19.28 28.71 -66.61
CA ILE G 423 18.00 28.93 -65.96
C ILE G 423 17.32 27.59 -65.75
N PHE G 424 16.91 27.30 -64.52
CA PHE G 424 16.19 26.09 -64.18
C PHE G 424 14.77 26.46 -63.80
N GLU G 425 13.79 25.86 -64.49
CA GLU G 425 12.40 26.08 -64.13
C GLU G 425 12.08 25.38 -62.82
N ALA G 426 11.32 26.06 -61.96
CA ALA G 426 11.06 25.54 -60.62
C ALA G 426 9.80 26.16 -60.05
N ASP G 427 8.85 25.31 -59.64
CA ASP G 427 7.73 25.77 -58.84
C ASP G 427 8.14 26.05 -57.40
N THR G 428 9.20 25.41 -56.91
CA THR G 428 9.67 25.65 -55.56
C THR G 428 11.16 25.41 -55.47
N ILE G 429 11.81 26.15 -54.58
CA ILE G 429 13.24 26.02 -54.31
C ILE G 429 13.42 25.75 -52.82
N ILE G 430 14.17 24.71 -52.49
CA ILE G 430 14.48 24.33 -51.12
C ILE G 430 15.95 24.64 -50.90
N SER G 431 16.22 25.63 -50.06
CA SER G 431 17.60 26.02 -49.74
C SER G 431 18.14 25.10 -48.66
N ALA G 432 19.12 24.29 -49.00
CA ALA G 432 19.65 23.25 -48.12
C ALA G 432 21.16 23.29 -48.09
N ILE G 433 21.73 24.48 -47.91
CA ILE G 433 23.18 24.66 -47.92
C ILE G 433 23.75 24.75 -46.51
N GLY G 434 23.04 24.24 -45.52
CA GLY G 434 23.56 24.22 -44.16
C GLY G 434 22.69 24.94 -43.17
N GLN G 435 22.92 24.70 -41.87
CA GLN G 435 22.12 25.29 -40.82
C GLN G 435 23.03 26.00 -39.82
N LYS G 436 22.45 26.95 -39.11
CA LYS G 436 23.18 27.78 -38.16
C LYS G 436 22.42 27.83 -36.85
N VAL G 437 23.14 28.06 -35.76
CA VAL G 437 22.52 28.18 -34.45
C VAL G 437 21.68 29.46 -34.41
N ARG G 438 20.46 29.34 -33.90
CA ARG G 438 19.58 30.51 -33.78
C ARG G 438 20.11 31.46 -32.72
N VAL G 439 20.05 32.75 -33.03
CA VAL G 439 20.52 33.77 -32.10
C VAL G 439 19.69 33.79 -30.83
N GLU G 440 18.36 33.64 -30.97
CA GLU G 440 17.47 33.70 -29.82
C GLU G 440 17.73 32.56 -28.84
N ASP G 441 18.13 31.39 -29.33
CA ASP G 441 18.43 30.28 -28.45
C ASP G 441 19.63 30.58 -27.55
N VAL G 442 20.60 31.31 -28.08
CA VAL G 442 21.89 31.48 -27.41
C VAL G 442 22.01 32.89 -26.86
N GLU G 443 20.88 33.49 -26.50
CA GLU G 443 20.88 34.84 -25.94
C GLU G 443 21.69 34.86 -24.65
N GLY G 444 22.41 35.97 -24.44
CA GLY G 444 23.20 36.15 -23.24
C GLY G 444 24.44 35.30 -23.16
N LEU G 445 24.97 34.85 -24.30
CA LEU G 445 26.15 33.99 -24.32
C LEU G 445 27.15 34.50 -25.34
N GLU G 446 28.41 34.15 -25.12
CA GLU G 446 29.48 34.50 -26.04
C GLU G 446 29.59 33.43 -27.11
N LEU G 447 29.52 33.86 -28.37
CA LEU G 447 29.52 32.96 -29.51
C LEU G 447 30.84 33.06 -30.27
N THR G 448 31.05 32.13 -31.18
CA THR G 448 32.22 32.13 -32.03
C THR G 448 31.93 32.91 -33.32
N ARG G 449 32.83 32.80 -34.30
CA ARG G 449 32.64 33.51 -35.56
C ARG G 449 31.56 32.87 -36.43
N HIS G 450 31.25 31.60 -36.20
CA HIS G 450 30.21 30.91 -36.95
C HIS G 450 28.84 31.00 -36.27
N GLY G 451 28.75 31.66 -35.13
CA GLY G 451 27.51 31.78 -34.40
C GLY G 451 27.26 30.69 -33.38
N THR G 452 28.06 29.63 -33.38
CA THR G 452 27.91 28.56 -32.41
C THR G 452 28.36 29.04 -31.03
N ILE G 453 27.87 28.36 -29.99
CA ILE G 453 28.26 28.71 -28.64
C ILE G 453 29.75 28.48 -28.45
N LYS G 454 30.42 29.43 -27.82
CA LYS G 454 31.83 29.33 -27.54
C LYS G 454 32.01 28.67 -26.17
N VAL G 455 32.66 27.51 -26.15
CA VAL G 455 32.89 26.77 -24.92
C VAL G 455 34.38 26.47 -24.80
N ASP G 456 34.82 26.26 -23.57
CA ASP G 456 36.19 25.84 -23.30
C ASP G 456 36.30 24.34 -23.58
N GLU G 457 37.21 23.96 -24.47
CA GLU G 457 37.37 22.56 -24.81
C GLU G 457 37.85 21.77 -23.60
N GLY G 458 37.32 20.56 -23.46
CA GLY G 458 37.63 19.71 -22.33
C GLY G 458 36.69 19.88 -21.16
N THR G 459 36.14 21.08 -20.97
CA THR G 459 35.20 21.34 -19.89
C THR G 459 33.79 21.65 -20.37
N TYR G 460 33.62 22.04 -21.63
CA TYR G 460 32.33 22.34 -22.24
C TYR G 460 31.61 23.51 -21.59
N GLN G 461 32.29 24.29 -20.76
CA GLN G 461 31.66 25.40 -20.06
C GLN G 461 31.67 26.64 -20.95
N THR G 462 30.55 27.36 -20.93
CA THR G 462 30.37 28.56 -21.74
C THR G 462 30.94 29.77 -21.01
N SER G 463 30.70 30.97 -21.54
CA SER G 463 31.14 32.19 -20.87
C SER G 463 30.44 32.34 -19.53
N LEU G 464 29.15 32.03 -19.48
CA LEU G 464 28.44 32.01 -18.21
C LEU G 464 28.94 30.85 -17.34
N GLU G 465 28.97 31.09 -16.03
CA GLU G 465 29.46 30.09 -15.09
C GLU G 465 28.33 29.16 -14.68
N GLY G 466 28.63 27.87 -14.64
CA GLY G 466 27.64 26.86 -14.33
C GLY G 466 26.76 26.46 -15.49
N VAL G 467 27.01 27.01 -16.69
CA VAL G 467 26.21 26.73 -17.87
C VAL G 467 27.12 26.09 -18.92
N PHE G 468 26.80 24.87 -19.31
CA PHE G 468 27.58 24.10 -20.27
C PHE G 468 26.82 23.99 -21.58
N ALA G 469 27.52 23.52 -22.62
CA ALA G 469 26.89 23.38 -23.92
C ALA G 469 27.62 22.30 -24.72
N GLY G 470 26.95 21.80 -25.74
CA GLY G 470 27.53 20.79 -26.60
C GLY G 470 26.58 20.46 -27.73
N GLY G 471 27.09 19.65 -28.65
CA GLY G 471 26.29 19.23 -29.79
C GLY G 471 26.41 20.17 -30.96
N ASP G 472 25.39 20.15 -31.81
CA ASP G 472 25.35 21.02 -32.97
C ASP G 472 25.32 22.50 -32.61
N ALA G 473 24.93 22.82 -31.37
CA ALA G 473 24.97 24.19 -30.91
C ALA G 473 26.39 24.70 -30.71
N VAL G 474 27.35 23.77 -30.57
CA VAL G 474 28.72 24.12 -30.28
C VAL G 474 29.64 23.83 -31.46
N THR G 475 29.48 22.67 -32.10
CA THR G 475 30.35 22.25 -33.19
C THR G 475 29.76 22.49 -34.57
N GLY G 476 28.51 22.93 -34.66
CA GLY G 476 27.84 23.04 -35.94
C GLY G 476 27.30 21.71 -36.39
N PRO G 477 26.69 21.67 -37.58
CA PRO G 477 26.11 20.43 -38.08
C PRO G 477 27.15 19.32 -38.27
N LYS G 478 26.91 18.20 -37.61
CA LYS G 478 27.74 17.01 -37.72
C LYS G 478 26.81 15.79 -37.76
N ILE G 479 27.38 14.60 -37.58
CA ILE G 479 26.56 13.39 -37.49
C ILE G 479 26.11 13.22 -36.05
N ALA G 480 25.12 12.35 -35.83
CA ALA G 480 24.47 12.27 -34.52
C ALA G 480 25.37 11.66 -33.46
N ILE G 481 26.27 10.76 -33.84
CA ILE G 481 27.12 10.12 -32.85
C ILE G 481 28.14 11.11 -32.28
N GLU G 482 28.54 12.12 -33.06
CA GLU G 482 29.36 13.20 -32.50
C GLU G 482 28.59 13.96 -31.43
N ALA G 483 27.31 14.23 -31.67
CA ALA G 483 26.50 14.90 -30.65
C ALA G 483 26.34 14.03 -29.41
N ILE G 484 26.19 12.73 -29.60
CA ILE G 484 26.09 11.82 -28.45
C ILE G 484 27.39 11.81 -27.66
N ALA G 485 28.53 11.80 -28.36
CA ALA G 485 29.82 11.86 -27.68
C ALA G 485 29.95 13.15 -26.89
N GLN G 486 29.54 14.28 -27.49
CA GLN G 486 29.58 15.55 -26.79
C GLN G 486 28.69 15.54 -25.56
N GLY G 487 27.49 14.98 -25.68
CA GLY G 487 26.59 14.91 -24.55
C GLY G 487 27.14 14.06 -23.41
N LYS G 488 27.75 12.92 -23.75
CA LYS G 488 28.33 12.05 -22.73
C LYS G 488 29.51 12.72 -22.03
N ASN G 489 30.41 13.35 -22.81
CA ASN G 489 31.55 14.03 -22.20
C ASN G 489 31.09 15.19 -21.34
N ALA G 490 30.09 15.95 -21.80
CA ALA G 490 29.56 17.04 -21.01
C ALA G 490 28.90 16.52 -19.74
N ALA G 491 28.24 15.37 -19.80
CA ALA G 491 27.67 14.77 -18.60
C ALA G 491 28.76 14.42 -17.60
N ARG G 492 29.87 13.87 -18.09
CA ARG G 492 30.98 13.55 -17.20
C ARG G 492 31.54 14.80 -16.53
N VAL G 493 31.77 15.85 -17.32
CA VAL G 493 32.33 17.08 -16.77
C VAL G 493 31.35 17.75 -15.82
N ILE G 494 30.05 17.68 -16.13
CA ILE G 494 29.04 18.27 -15.28
C ILE G 494 28.94 17.51 -13.95
N ASP G 495 29.08 16.19 -13.99
CA ASP G 495 29.09 15.41 -12.76
C ASP G 495 30.29 15.78 -11.90
N SER G 496 31.46 15.94 -12.53
CA SER G 496 32.63 16.38 -11.78
C SER G 496 32.41 17.76 -11.17
N TYR G 497 31.81 18.67 -11.93
CA TYR G 497 31.53 20.01 -11.43
C TYR G 497 30.54 19.97 -10.26
N LEU G 498 29.53 19.12 -10.36
CA LEU G 498 28.56 18.98 -9.27
C LEU G 498 29.21 18.40 -8.03
N ARG G 499 30.22 17.55 -8.20
CA ARG G 499 31.01 17.11 -7.06
C ARG G 499 31.97 18.17 -6.55
N GLY G 500 32.06 19.32 -7.23
CA GLY G 500 32.94 20.39 -6.83
C GLY G 500 34.37 20.26 -7.30
N LYS G 501 34.65 19.33 -8.21
CA LYS G 501 36.01 18.99 -8.62
C LYS G 501 36.09 18.94 -10.14
N LEU G 502 35.66 20.02 -10.79
CA LEU G 502 35.65 20.12 -12.25
C LEU G 502 36.94 19.59 -12.88
N GLU G 503 36.81 18.55 -13.69
CA GLU G 503 37.92 17.91 -14.35
C GLU G 503 37.68 17.89 -15.85
N PRO G 504 38.63 18.32 -16.67
CA PRO G 504 38.49 18.16 -18.12
C PRO G 504 38.57 16.70 -18.52
N ILE G 505 38.15 16.42 -19.75
CA ILE G 505 38.14 15.06 -20.27
C ILE G 505 39.56 14.68 -20.66
N LYS G 506 40.05 13.57 -20.13
CA LYS G 506 41.41 13.11 -20.39
C LYS G 506 41.38 11.93 -21.34
N GLU G 507 42.11 12.04 -22.44
CA GLU G 507 42.20 10.97 -23.42
C GLU G 507 43.22 9.94 -22.96
N PRO G 508 42.84 8.67 -22.83
CA PRO G 508 43.81 7.66 -22.44
C PRO G 508 44.83 7.39 -23.54
N TYR G 509 45.97 6.83 -23.13
CA TYR G 509 46.98 6.37 -24.08
C TYR G 509 46.73 4.91 -24.39
N TYR G 510 46.65 4.59 -25.68
CA TYR G 510 46.48 3.22 -26.15
C TYR G 510 47.67 2.83 -27.01
N VAL G 511 48.13 1.60 -26.83
CA VAL G 511 49.10 1.01 -27.75
C VAL G 511 48.37 0.58 -29.01
N LYS G 512 48.88 0.98 -30.16
CA LYS G 512 48.26 0.70 -31.44
C LYS G 512 49.28 0.06 -32.38
N GLN G 513 48.77 -0.53 -33.45
CA GLN G 513 49.60 -1.11 -34.51
C GLN G 513 49.26 -0.39 -35.82
N GLU G 514 50.10 0.56 -36.20
CA GLU G 514 49.90 1.31 -37.44
C GLU G 514 50.64 0.70 -38.62
N ASP G 515 51.40 -0.37 -38.40
CA ASP G 515 52.22 -0.98 -39.44
C ASP G 515 51.53 -2.13 -40.14
N LEU G 516 50.30 -2.46 -39.77
CA LEU G 516 49.63 -3.63 -40.33
C LEU G 516 49.21 -3.36 -41.77
N THR G 517 49.50 -4.31 -42.64
CA THR G 517 49.19 -4.25 -44.05
C THR G 517 48.49 -5.54 -44.45
N PRO G 518 47.83 -5.57 -45.62
CA PRO G 518 47.00 -6.74 -45.96
C PRO G 518 47.71 -8.08 -45.91
N GLU G 519 49.01 -8.14 -46.20
CA GLU G 519 49.68 -9.43 -46.21
C GLU G 519 49.80 -10.02 -44.80
N ASP G 520 49.58 -9.22 -43.76
CA ASP G 520 49.52 -9.75 -42.40
C ASP G 520 48.23 -10.52 -42.14
N PHE G 521 47.23 -10.40 -43.00
CA PHE G 521 45.97 -11.11 -42.85
C PHE G 521 45.69 -12.04 -44.04
N LYS G 522 46.73 -12.39 -44.79
CA LYS G 522 46.54 -13.16 -46.02
C LYS G 522 46.19 -14.62 -45.75
N ASP G 523 46.36 -15.10 -44.53
CA ASP G 523 46.04 -16.48 -44.20
C ASP G 523 44.62 -16.68 -43.70
N ARG G 524 43.87 -15.61 -43.46
CA ARG G 524 42.51 -15.72 -42.97
C ARG G 524 41.57 -16.17 -44.08
N GLU G 525 40.58 -16.98 -43.73
CA GLU G 525 39.57 -17.39 -44.68
C GLU G 525 38.66 -16.21 -45.02
N ARG G 526 38.41 -16.02 -46.31
CA ARG G 526 37.56 -14.92 -46.76
C ARG G 526 36.10 -15.32 -46.62
N LYS G 527 35.31 -14.44 -46.00
CA LYS G 527 33.90 -14.70 -45.75
C LYS G 527 33.06 -13.52 -46.22
N PRO G 528 31.99 -13.76 -46.96
CA PRO G 528 31.19 -12.64 -47.46
C PRO G 528 30.46 -11.89 -46.35
N ARG G 529 30.29 -10.60 -46.57
CA ARG G 529 29.55 -9.76 -45.65
C ARG G 529 28.06 -10.08 -45.72
N VAL G 530 27.35 -9.76 -44.64
CA VAL G 530 25.90 -9.96 -44.62
C VAL G 530 25.26 -9.05 -45.66
N PRO G 531 24.41 -9.57 -46.54
CA PRO G 531 23.78 -8.70 -47.55
C PRO G 531 22.71 -7.82 -46.94
N LEU G 532 22.66 -6.57 -47.41
CA LEU G 532 21.69 -5.59 -46.93
C LEU G 532 20.46 -5.61 -47.82
N LYS G 533 19.30 -5.92 -47.23
CA LYS G 533 18.05 -5.98 -47.97
C LYS G 533 17.53 -4.56 -48.20
N VAL G 534 17.36 -4.19 -49.47
CA VAL G 534 16.94 -2.84 -49.85
C VAL G 534 15.63 -2.97 -50.61
N ALA G 535 14.65 -2.15 -50.22
CA ALA G 535 13.36 -2.16 -50.89
C ALA G 535 13.50 -1.67 -52.33
N ASN G 536 12.65 -2.22 -53.21
CA ASN G 536 12.68 -1.86 -54.62
C ASN G 536 12.42 -0.36 -54.80
N ALA G 537 13.18 0.25 -55.70
CA ALA G 537 13.13 1.71 -55.86
C ALA G 537 11.75 2.17 -56.31
N GLU G 538 11.15 1.47 -57.26
CA GLU G 538 9.88 1.89 -57.82
C GLU G 538 8.78 1.91 -56.77
N GLU G 539 8.72 0.89 -55.92
CA GLU G 539 7.70 0.86 -54.88
C GLU G 539 8.05 1.80 -53.73
N ARG G 540 9.34 1.90 -53.39
CA ARG G 540 9.72 2.69 -52.22
C ARG G 540 9.63 4.19 -52.46
N LYS G 541 9.74 4.63 -53.71
CA LYS G 541 9.69 6.07 -53.97
C LYS G 541 8.29 6.65 -53.79
N ASN G 542 7.26 5.81 -53.64
CA ASN G 542 5.89 6.28 -53.49
C ASN G 542 5.42 6.31 -52.05
N ASN G 543 6.19 5.75 -51.12
CA ASN G 543 5.76 5.65 -49.73
C ASN G 543 6.91 6.06 -48.81
N PHE G 544 6.59 6.16 -47.52
CA PHE G 544 7.54 6.52 -46.48
C PHE G 544 7.90 5.32 -45.60
N ARG G 545 7.85 4.12 -46.17
CA ARG G 545 8.21 2.93 -45.42
C ARG G 545 9.72 2.79 -45.33
N GLU G 546 10.17 2.06 -44.32
CA GLU G 546 11.59 1.82 -44.12
C GLU G 546 12.18 1.14 -45.35
N ILE G 547 13.37 1.61 -45.76
CA ILE G 547 13.98 1.10 -46.97
C ILE G 547 14.71 -0.21 -46.71
N THR G 548 15.47 -0.28 -45.61
CA THR G 548 16.30 -1.43 -45.30
C THR G 548 15.70 -2.22 -44.15
N SER G 549 16.00 -3.51 -44.12
CA SER G 549 15.46 -4.43 -43.12
C SER G 549 16.54 -4.82 -42.13
N THR G 550 16.11 -5.17 -40.92
CA THR G 550 17.01 -5.71 -39.91
C THR G 550 17.39 -7.15 -40.27
N MET G 551 18.65 -7.50 -40.04
CA MET G 551 19.12 -8.83 -40.34
C MET G 551 18.52 -9.84 -39.36
N THR G 552 18.60 -11.12 -39.74
CA THR G 552 18.10 -12.20 -38.91
C THR G 552 19.16 -12.63 -37.90
N GLU G 553 18.76 -13.45 -36.94
CA GLU G 553 19.67 -13.91 -35.91
C GLU G 553 20.80 -14.75 -36.50
N LYS G 554 20.48 -15.61 -37.45
CA LYS G 554 21.50 -16.42 -38.11
C LYS G 554 22.52 -15.54 -38.82
N GLU G 555 22.03 -14.56 -39.57
CA GLU G 555 22.93 -13.63 -40.26
C GLU G 555 23.72 -12.79 -39.26
N ALA G 556 23.10 -12.43 -38.14
CA ALA G 556 23.79 -11.65 -37.13
C ALA G 556 24.96 -12.43 -36.54
N ILE G 557 24.74 -13.69 -36.19
CA ILE G 557 25.80 -14.49 -35.60
C ILE G 557 26.88 -14.77 -36.63
N ALA G 558 26.49 -15.06 -37.87
CA ALA G 558 27.48 -15.31 -38.92
C ALA G 558 28.32 -14.07 -39.20
N GLU G 559 27.71 -12.88 -39.12
CA GLU G 559 28.44 -11.65 -39.38
C GLU G 559 29.35 -11.29 -38.22
N ALA G 560 28.89 -11.51 -37.00
CA ALA G 560 29.73 -11.24 -35.84
C ALA G 560 30.90 -12.22 -35.78
N SER G 561 30.72 -13.44 -36.27
CA SER G 561 31.81 -14.41 -36.30
C SER G 561 32.91 -14.05 -37.28
N ARG G 562 32.70 -13.05 -38.14
CA ARG G 562 33.71 -12.61 -39.08
C ARG G 562 34.76 -11.70 -38.45
N CYS G 563 34.52 -11.23 -37.23
CA CYS G 563 35.44 -10.29 -36.59
C CYS G 563 36.80 -10.94 -36.38
N LEU G 564 37.85 -10.15 -36.57
CA LEU G 564 39.23 -10.63 -36.43
C LEU G 564 39.76 -10.48 -35.01
N GLU G 565 38.99 -9.89 -34.10
CA GLU G 565 39.38 -9.70 -32.70
C GLU G 565 40.71 -8.98 -32.59
N CYS G 566 40.72 -7.72 -33.06
CA CYS G 566 41.95 -6.96 -33.12
C CYS G 566 42.41 -6.46 -31.76
N GLY G 567 41.48 -6.20 -30.84
CA GLY G 567 41.85 -5.67 -29.55
C GLY G 567 42.50 -6.70 -28.65
N CYS G 568 43.27 -6.22 -27.71
CA CYS G 568 43.95 -7.10 -26.77
C CYS G 568 42.94 -7.80 -25.86
N MET G 569 43.16 -9.09 -25.63
CA MET G 569 42.26 -9.85 -24.77
C MET G 569 42.46 -9.54 -23.30
N ASP G 570 43.57 -8.90 -22.93
CA ASP G 570 43.88 -8.58 -21.55
C ASP G 570 43.62 -7.13 -21.22
N TYR G 571 42.84 -6.42 -22.05
CA TYR G 571 42.70 -4.99 -21.90
C TYR G 571 42.12 -4.61 -20.53
N PHE G 572 41.15 -5.37 -20.06
CA PHE G 572 40.45 -5.02 -18.83
C PHE G 572 41.20 -5.45 -17.58
N GLU G 573 42.33 -6.13 -17.72
CA GLU G 573 43.13 -6.52 -16.57
C GLU G 573 44.62 -6.28 -16.76
N CYS G 574 45.06 -5.70 -17.87
CA CYS G 574 46.48 -5.48 -18.09
C CYS G 574 47.00 -4.41 -17.15
N GLN G 575 48.10 -4.73 -16.45
CA GLN G 575 48.69 -3.78 -15.52
C GLN G 575 49.59 -2.78 -16.24
N LEU G 576 50.16 -3.17 -17.38
CA LEU G 576 50.98 -2.24 -18.14
C LEU G 576 50.15 -1.08 -18.67
N TYR G 577 48.95 -1.37 -19.18
CA TYR G 577 48.08 -0.31 -19.66
C TYR G 577 47.71 0.64 -18.52
N LYS G 578 47.35 0.08 -17.38
CA LYS G 578 46.97 0.90 -16.23
C LYS G 578 48.13 1.78 -15.77
N TYR G 579 49.35 1.24 -15.75
CA TYR G 579 50.48 2.02 -15.27
C TYR G 579 50.90 3.08 -16.28
N VAL G 580 50.89 2.76 -17.58
CA VAL G 580 51.24 3.79 -18.56
C VAL G 580 50.16 4.85 -18.65
N ASN G 581 48.95 4.56 -18.17
CA ASN G 581 47.95 5.62 -18.07
C ASN G 581 48.00 6.36 -16.75
N GLN G 582 48.68 5.81 -15.74
CA GLN G 582 48.90 6.54 -14.49
C GLN G 582 50.07 7.51 -14.59
N TYR G 583 51.01 7.27 -15.50
CA TYR G 583 52.18 8.12 -15.68
C TYR G 583 52.21 8.63 -17.11
N ASP G 584 52.39 9.93 -17.27
CA ASP G 584 52.32 10.53 -18.59
C ASP G 584 53.54 10.16 -19.43
N VAL G 585 53.41 9.10 -20.22
CA VAL G 585 54.51 8.55 -20.99
C VAL G 585 54.52 9.16 -22.37
N ASP G 586 55.72 9.35 -22.92
CA ASP G 586 55.92 9.80 -24.29
C ASP G 586 56.86 8.80 -24.94
N PRO G 587 56.34 7.65 -25.35
CA PRO G 587 57.21 6.55 -25.79
C PRO G 587 57.72 6.66 -27.21
N GLN G 588 57.33 7.69 -27.95
CA GLN G 588 57.79 7.81 -29.33
C GLN G 588 59.24 8.25 -29.43
N ARG G 589 59.79 8.85 -28.38
CA ARG G 589 61.18 9.28 -28.43
C ARG G 589 62.13 8.09 -28.32
N LEU G 590 61.81 7.12 -27.47
CA LEU G 590 62.59 5.90 -27.34
C LEU G 590 62.03 4.78 -28.22
N SER G 591 61.83 5.07 -29.50
CA SER G 591 61.28 4.10 -30.44
C SER G 591 62.37 3.67 -31.41
N GLY G 592 62.51 2.37 -31.59
CA GLY G 592 63.53 1.83 -32.48
C GLY G 592 63.18 0.45 -32.96
N TYR G 593 64.17 -0.44 -33.01
CA TYR G 593 63.92 -1.82 -33.38
C TYR G 593 62.97 -2.48 -32.39
N LYS G 594 62.00 -3.22 -32.94
CA LYS G 594 61.02 -3.92 -32.14
C LYS G 594 60.90 -5.34 -32.67
N HIS G 595 61.00 -6.32 -31.78
CA HIS G 595 60.86 -7.71 -32.18
C HIS G 595 59.44 -7.98 -32.67
N LYS G 596 59.32 -8.92 -33.61
CA LYS G 596 58.04 -9.49 -34.02
C LYS G 596 58.22 -11.00 -34.09
N ARG G 597 58.00 -11.67 -32.96
CA ARG G 597 58.28 -13.10 -32.84
C ARG G 597 57.04 -13.91 -32.47
N TYR G 598 55.84 -13.33 -32.66
CA TYR G 598 54.62 -14.03 -32.33
C TYR G 598 54.28 -15.07 -33.39
N GLU G 599 54.03 -16.30 -32.96
CA GLU G 599 53.61 -17.37 -33.84
C GLU G 599 52.32 -18.00 -33.30
N PRO G 600 51.37 -18.32 -34.18
CA PRO G 600 50.14 -18.97 -33.71
C PRO G 600 50.41 -20.37 -33.18
N GLN G 601 49.64 -20.76 -32.18
CA GLN G 601 49.82 -22.04 -31.51
C GLN G 601 48.50 -22.79 -31.44
N LYS G 602 48.61 -24.12 -31.31
CA LYS G 602 47.46 -25.00 -31.32
C LYS G 602 46.99 -25.38 -29.92
N HIS G 603 47.57 -24.80 -28.87
CA HIS G 603 47.19 -25.19 -27.52
C HIS G 603 45.75 -24.79 -27.25
N PRO G 604 44.92 -25.68 -26.69
CA PRO G 604 43.51 -25.36 -26.50
C PRO G 604 43.23 -24.36 -25.38
N PHE G 605 44.19 -24.08 -24.51
CA PHE G 605 43.91 -23.36 -23.27
C PHE G 605 44.74 -22.11 -23.08
N ILE G 606 46.01 -22.12 -23.45
CA ILE G 606 46.93 -21.03 -23.16
C ILE G 606 47.47 -20.46 -24.47
N GLU G 607 47.39 -19.15 -24.62
CA GLU G 607 47.95 -18.44 -25.76
C GLU G 607 49.06 -17.52 -25.27
N ARG G 608 50.24 -17.60 -25.91
CA ARG G 608 51.40 -16.83 -25.53
C ARG G 608 51.81 -15.91 -26.67
N ASN G 609 51.98 -14.62 -26.36
CA ASN G 609 52.40 -13.62 -27.33
C ASN G 609 53.71 -12.98 -26.88
N PRO G 610 54.85 -13.30 -27.51
CA PRO G 610 56.11 -12.67 -27.10
C PRO G 610 56.12 -11.16 -27.26
N ASP G 611 55.34 -10.62 -28.19
CA ASP G 611 55.35 -9.19 -28.47
C ASP G 611 54.73 -8.36 -27.37
N LYS G 612 54.05 -8.98 -26.41
CA LYS G 612 53.46 -8.28 -25.28
C LYS G 612 54.16 -8.62 -23.97
N CYS G 613 55.32 -9.25 -24.03
CA CYS G 613 56.03 -9.70 -22.84
C CYS G 613 56.95 -8.60 -22.32
N ILE G 614 56.80 -8.27 -21.05
CA ILE G 614 57.67 -7.28 -20.40
C ILE G 614 58.82 -7.95 -19.66
N LEU G 615 58.98 -9.27 -19.82
CA LEU G 615 60.10 -10.02 -19.28
C LEU G 615 60.24 -9.82 -17.77
N CYS G 616 59.11 -9.85 -17.07
CA CYS G 616 59.11 -9.84 -15.62
C CYS G 616 59.51 -11.18 -15.03
N GLY G 617 59.42 -12.26 -15.80
CA GLY G 617 59.81 -13.57 -15.36
C GLY G 617 58.81 -14.30 -14.50
N LEU G 618 57.63 -13.71 -14.27
CA LEU G 618 56.70 -14.26 -13.29
C LEU G 618 56.22 -15.65 -13.68
N CYS G 619 56.00 -15.89 -14.97
CA CYS G 619 55.55 -17.20 -15.43
C CYS G 619 56.58 -18.27 -15.14
N ILE G 620 57.85 -17.98 -15.44
CA ILE G 620 58.94 -18.91 -15.16
C ILE G 620 59.03 -19.16 -13.67
N ARG G 621 58.99 -18.09 -12.89
CA ARG G 621 59.16 -18.20 -11.45
C ARG G 621 58.02 -18.94 -10.79
N VAL G 622 56.81 -18.84 -11.33
CA VAL G 622 55.69 -19.55 -10.73
C VAL G 622 55.68 -21.00 -11.19
N CYS G 623 56.10 -21.29 -12.41
CA CYS G 623 56.18 -22.68 -12.84
C CYS G 623 57.29 -23.42 -12.09
N GLU G 624 58.34 -22.71 -11.71
CA GLU G 624 59.46 -23.33 -11.02
C GLU G 624 59.24 -23.39 -9.50
N GLU G 625 58.77 -22.30 -8.91
CA GLU G 625 58.72 -22.19 -7.45
C GLU G 625 57.40 -22.68 -6.85
N VAL G 626 56.28 -22.51 -7.56
CA VAL G 626 54.99 -22.86 -6.98
C VAL G 626 54.52 -24.19 -7.55
N VAL G 627 54.36 -24.25 -8.87
CA VAL G 627 53.90 -25.49 -9.50
C VAL G 627 54.95 -26.58 -9.37
N GLY G 628 56.20 -26.24 -9.65
CA GLY G 628 57.29 -27.20 -9.60
C GLY G 628 57.51 -27.96 -10.89
N VAL G 629 56.69 -27.74 -11.91
CA VAL G 629 56.88 -28.42 -13.18
C VAL G 629 58.10 -27.87 -13.91
N CYS G 630 58.27 -26.55 -13.90
CA CYS G 630 59.41 -25.88 -14.53
C CYS G 630 59.45 -26.13 -16.04
N ALA G 631 58.36 -25.76 -16.71
CA ALA G 631 58.24 -25.98 -18.13
C ALA G 631 58.71 -24.80 -18.96
N LEU G 632 58.83 -23.62 -18.36
CA LEU G 632 59.22 -22.40 -19.06
C LEU G 632 60.61 -21.97 -18.67
N GLY G 633 61.23 -21.18 -19.52
CA GLY G 633 62.56 -20.65 -19.20
C GLY G 633 62.93 -19.51 -20.11
N PHE G 634 64.04 -18.87 -19.76
CA PHE G 634 64.60 -17.81 -20.57
C PHE G 634 65.46 -18.39 -21.68
N VAL G 635 65.30 -17.84 -22.88
CA VAL G 635 66.09 -18.22 -24.04
C VAL G 635 66.75 -16.95 -24.58
N ASN G 636 67.95 -17.12 -25.14
CA ASN G 636 68.79 -16.02 -25.62
C ASN G 636 69.24 -15.14 -24.45
N ARG G 637 69.69 -13.94 -24.75
CA ARG G 637 70.31 -13.09 -23.76
C ARG G 637 70.24 -11.65 -24.24
N GLY G 638 70.01 -10.73 -23.32
CA GLY G 638 69.97 -9.31 -23.65
C GLY G 638 68.67 -8.88 -24.28
N PHE G 639 68.77 -8.00 -25.29
CA PHE G 639 67.59 -7.55 -26.01
C PHE G 639 66.87 -8.70 -26.70
N GLU G 640 67.54 -9.81 -26.93
CA GLU G 640 66.96 -10.97 -27.61
C GLU G 640 66.30 -11.94 -26.65
N THR G 641 66.26 -11.63 -25.36
CA THR G 641 65.71 -12.55 -24.38
C THR G 641 64.24 -12.82 -24.66
N ILE G 642 63.86 -14.09 -24.61
CA ILE G 642 62.48 -14.50 -24.82
C ILE G 642 62.14 -15.54 -23.77
N VAL G 643 60.86 -15.72 -23.51
CA VAL G 643 60.38 -16.78 -22.63
C VAL G 643 59.84 -17.88 -23.51
N LYS G 644 60.34 -19.10 -23.32
CA LYS G 644 59.94 -20.20 -24.17
C LYS G 644 59.75 -21.45 -23.32
N PRO G 645 58.89 -22.37 -23.77
CA PRO G 645 58.83 -23.69 -23.12
C PRO G 645 60.12 -24.47 -23.34
N GLU G 646 60.18 -25.70 -22.84
CA GLU G 646 61.40 -26.48 -22.94
C GLU G 646 61.80 -26.67 -24.40
N PHE G 647 63.06 -26.34 -24.70
CA PHE G 647 63.64 -26.49 -26.04
C PHE G 647 62.86 -25.76 -27.11
N GLY G 648 62.09 -24.73 -26.74
CA GLY G 648 61.27 -24.03 -27.69
C GLY G 648 60.13 -24.84 -28.25
N LEU G 649 59.79 -25.95 -27.60
CA LEU G 649 58.73 -26.81 -28.08
C LEU G 649 57.37 -26.19 -27.81
N PRO G 650 56.32 -26.67 -28.48
CA PRO G 650 54.96 -26.28 -28.10
C PRO G 650 54.67 -26.73 -26.68
N LEU G 651 53.81 -25.97 -26.01
CA LEU G 651 53.48 -26.26 -24.62
C LEU G 651 52.95 -27.68 -24.45
N GLU G 652 52.29 -28.21 -25.47
CA GLU G 652 51.72 -29.56 -25.38
C GLU G 652 52.82 -30.61 -25.26
N GLU G 653 53.95 -30.39 -25.93
CA GLU G 653 55.02 -31.38 -26.01
C GLU G 653 56.01 -31.30 -24.86
N THR G 654 55.87 -30.34 -23.96
CA THR G 654 56.74 -30.22 -22.80
C THR G 654 56.11 -30.95 -21.63
N SER G 655 56.66 -30.73 -20.43
CA SER G 655 56.14 -31.31 -19.20
C SER G 655 55.02 -30.46 -18.59
N CYS G 656 54.53 -29.46 -19.31
CA CYS G 656 53.49 -28.58 -18.80
C CYS G 656 52.24 -29.38 -18.45
N ILE G 657 51.63 -29.04 -17.31
CA ILE G 657 50.44 -29.72 -16.82
C ILE G 657 49.19 -28.88 -17.00
N SER G 658 49.28 -27.79 -17.77
CA SER G 658 48.12 -26.99 -18.17
C SER G 658 47.36 -26.43 -16.98
N CYS G 659 48.05 -26.09 -15.90
CA CYS G 659 47.39 -25.55 -14.73
C CYS G 659 46.93 -24.11 -14.95
N GLY G 660 47.58 -23.40 -15.86
CA GLY G 660 47.24 -22.02 -16.14
C GLY G 660 47.85 -21.00 -15.21
N GLN G 661 48.78 -21.41 -14.35
CA GLN G 661 49.35 -20.47 -13.38
C GLN G 661 50.15 -19.37 -14.07
N CYS G 662 50.84 -19.71 -15.16
CA CYS G 662 51.58 -18.71 -15.92
C CYS G 662 50.63 -17.67 -16.49
N ALA G 663 49.50 -18.10 -17.04
CA ALA G 663 48.54 -17.17 -17.60
C ALA G 663 47.84 -16.38 -16.51
N ASP G 664 47.71 -16.94 -15.32
CA ASP G 664 47.08 -16.24 -14.21
C ASP G 664 47.99 -15.19 -13.61
N ILE G 665 49.30 -15.41 -13.63
CA ILE G 665 50.25 -14.47 -13.03
C ILE G 665 50.73 -13.40 -14.00
N CYS G 666 50.45 -13.53 -15.29
CA CYS G 666 51.01 -12.62 -16.28
C CYS G 666 50.40 -11.22 -16.13
N PRO G 667 51.20 -10.17 -16.12
CA PRO G 667 50.65 -8.82 -15.95
C PRO G 667 50.20 -8.16 -17.25
N THR G 668 50.76 -8.53 -18.39
CA THR G 668 50.57 -7.77 -19.62
C THR G 668 50.16 -8.65 -20.78
N GLY G 669 49.18 -9.52 -20.58
CA GLY G 669 48.54 -10.20 -21.69
C GLY G 669 49.41 -10.95 -22.68
N ALA G 670 50.69 -11.16 -22.35
CA ALA G 670 51.57 -12.00 -23.15
C ALA G 670 51.34 -13.47 -22.91
N CYS G 671 50.61 -13.82 -21.85
CA CYS G 671 50.18 -15.19 -21.59
C CYS G 671 48.75 -15.09 -21.09
N ILE G 672 47.81 -15.62 -21.86
CA ILE G 672 46.39 -15.54 -21.54
C ILE G 672 45.81 -16.95 -21.57
N GLY G 673 44.77 -17.15 -20.77
CA GLY G 673 43.99 -18.37 -20.82
C GLY G 673 42.73 -18.14 -21.64
N LYS G 674 42.54 -18.99 -22.64
CA LYS G 674 41.44 -18.82 -23.57
C LYS G 674 40.11 -18.99 -22.86
N GLN G 675 39.14 -18.18 -23.25
CA GLN G 675 37.80 -18.21 -22.68
C GLN G 675 37.01 -19.40 -23.24
N PRO G 676 36.28 -20.12 -22.39
CA PRO G 676 35.52 -21.28 -22.85
C PRO G 676 34.23 -20.91 -23.58
N VAL G 677 34.37 -20.09 -24.63
CA VAL G 677 33.23 -19.58 -25.38
C VAL G 677 33.51 -19.78 -26.86
N ALA G 678 32.49 -19.48 -27.68
CA ALA G 678 32.58 -19.75 -29.11
C ALA G 678 33.50 -18.75 -29.81
N LYS G 679 33.45 -17.49 -29.40
CA LYS G 679 34.30 -16.45 -29.98
C LYS G 679 34.94 -15.66 -28.86
N GLN G 680 36.25 -15.43 -28.98
CA GLN G 680 36.97 -14.68 -27.96
C GLN G 680 36.60 -13.21 -28.04
N VAL G 681 36.32 -12.61 -26.89
CA VAL G 681 35.97 -11.20 -26.83
C VAL G 681 36.45 -10.63 -25.50
N PRO G 682 37.24 -9.56 -25.49
CA PRO G 682 37.64 -8.96 -24.22
C PRO G 682 36.48 -8.23 -23.57
N VAL G 683 36.02 -8.74 -22.43
CA VAL G 683 34.85 -8.20 -21.76
C VAL G 683 35.18 -7.94 -20.29
N ASN G 684 34.38 -7.08 -19.68
CA ASN G 684 34.44 -6.86 -18.25
C ASN G 684 33.46 -7.81 -17.57
N THR G 685 33.99 -8.69 -16.73
CA THR G 685 33.23 -9.77 -16.14
C THR G 685 32.97 -9.49 -14.66
N VAL G 686 32.08 -10.29 -14.09
CA VAL G 686 31.79 -10.26 -12.65
C VAL G 686 32.21 -11.61 -12.07
N ALA G 687 32.93 -11.57 -10.95
CA ALA G 687 33.54 -12.76 -10.36
C ALA G 687 32.78 -13.20 -9.12
N THR G 688 32.47 -14.49 -9.06
CA THR G 688 31.86 -15.12 -7.89
C THR G 688 32.76 -16.25 -7.41
N LYS G 689 32.92 -16.36 -6.10
CA LYS G 689 33.76 -17.40 -5.52
C LYS G 689 32.96 -18.69 -5.33
N THR G 690 33.54 -19.81 -5.76
CA THR G 690 32.94 -21.12 -5.57
C THR G 690 34.08 -22.13 -5.40
N VAL G 691 33.72 -23.41 -5.37
CA VAL G 691 34.65 -24.49 -5.05
C VAL G 691 34.73 -25.43 -6.25
N CYS G 692 35.95 -25.81 -6.62
CA CYS G 692 36.14 -26.84 -7.63
C CYS G 692 35.68 -28.19 -7.10
N THR G 693 34.97 -28.94 -7.93
CA THR G 693 34.37 -30.21 -7.52
C THR G 693 35.04 -31.41 -8.18
N PHE G 694 36.23 -31.25 -8.74
CA PHE G 694 36.82 -32.31 -9.54
C PHE G 694 37.75 -33.21 -8.77
N CYS G 695 38.19 -32.81 -7.58
CA CYS G 695 38.88 -33.73 -6.69
C CYS G 695 38.69 -33.23 -5.26
N GLY G 696 39.23 -33.97 -4.31
CA GLY G 696 38.98 -33.70 -2.92
C GLY G 696 39.80 -32.60 -2.30
N MET G 697 40.74 -32.01 -3.04
CA MET G 697 41.52 -30.91 -2.50
C MET G 697 40.66 -29.70 -2.21
N GLY G 698 39.52 -29.57 -2.87
CA GLY G 698 38.59 -28.49 -2.57
C GLY G 698 39.15 -27.11 -2.82
N CYS G 699 39.86 -26.93 -3.92
CA CYS G 699 40.42 -25.63 -4.25
C CYS G 699 39.31 -24.66 -4.61
N GLU G 700 39.42 -23.43 -4.11
CA GLU G 700 38.45 -22.39 -4.40
C GLU G 700 38.86 -21.61 -5.64
N MET G 701 37.88 -21.05 -6.32
CA MET G 701 38.12 -20.31 -7.55
C MET G 701 37.12 -19.19 -7.66
N LEU G 702 37.46 -18.20 -8.48
CA LEU G 702 36.57 -17.11 -8.83
C LEU G 702 36.18 -17.30 -10.28
N VAL G 703 34.90 -17.57 -10.50
CA VAL G 703 34.34 -17.72 -11.83
C VAL G 703 33.89 -16.35 -12.30
N GLU G 704 34.44 -15.89 -13.41
CA GLU G 704 34.15 -14.58 -13.98
C GLU G 704 33.24 -14.77 -15.19
N THR G 705 32.03 -14.24 -15.08
CA THR G 705 30.96 -14.43 -16.06
C THR G 705 30.48 -13.10 -16.59
N LYS G 706 29.78 -13.17 -17.72
CA LYS G 706 29.09 -12.01 -18.29
C LYS G 706 27.83 -12.53 -18.97
N GLY G 707 26.71 -12.45 -18.27
CA GLY G 707 25.46 -13.02 -18.76
C GLY G 707 25.24 -14.41 -18.20
N ASN G 708 24.87 -15.35 -19.07
CA ASN G 708 24.74 -16.75 -18.69
C ASN G 708 25.92 -17.58 -19.18
N LEU G 709 27.03 -16.93 -19.53
CA LEU G 709 28.24 -17.59 -20.00
C LEU G 709 29.36 -17.37 -19.01
N ILE G 710 30.20 -18.39 -18.84
CA ILE G 710 31.42 -18.29 -18.04
C ILE G 710 32.55 -17.87 -18.97
N PHE G 711 33.28 -16.83 -18.58
CA PHE G 711 34.36 -16.32 -19.41
C PHE G 711 35.75 -16.59 -18.88
N ASP G 712 35.93 -16.68 -17.57
CA ASP G 712 37.28 -16.91 -17.05
C ASP G 712 37.19 -17.53 -15.67
N VAL G 713 38.32 -18.07 -15.22
CA VAL G 713 38.45 -18.62 -13.87
C VAL G 713 39.78 -18.16 -13.29
N SER G 714 39.76 -17.68 -12.04
CA SER G 714 40.97 -17.21 -11.38
C SER G 714 41.13 -17.94 -10.05
N PRO G 715 42.35 -18.39 -9.72
CA PRO G 715 42.56 -18.97 -8.40
C PRO G 715 42.51 -17.90 -7.32
N VAL G 716 42.07 -18.31 -6.13
CA VAL G 716 42.05 -17.39 -5.00
C VAL G 716 43.45 -17.32 -4.38
N GLN G 717 43.70 -16.24 -3.66
CA GLN G 717 45.00 -16.01 -3.03
C GLN G 717 44.96 -16.47 -1.58
N SER G 718 44.94 -17.80 -1.42
CA SER G 718 44.80 -18.39 -0.11
C SER G 718 46.04 -19.17 0.32
N ASN G 719 46.44 -20.19 -0.45
CA ASN G 719 47.59 -21.02 -0.12
C ASN G 719 48.12 -21.58 -1.43
N GLU G 720 49.27 -21.07 -1.87
CA GLU G 720 49.88 -21.40 -3.16
C GLU G 720 49.06 -20.85 -4.31
N GLY G 721 47.88 -20.29 -4.01
CA GLY G 721 47.00 -19.68 -4.99
C GLY G 721 46.93 -20.39 -6.32
N MET G 722 46.78 -21.71 -6.27
CA MET G 722 46.94 -22.56 -7.44
C MET G 722 45.66 -23.34 -7.73
N LEU G 723 45.38 -23.52 -9.01
CA LEU G 723 44.44 -24.50 -9.52
C LEU G 723 45.19 -25.41 -10.48
N CYS G 724 44.58 -26.55 -10.79
CA CYS G 724 45.15 -27.45 -11.78
C CYS G 724 44.39 -27.31 -13.10
N ALA G 725 44.69 -28.19 -14.04
CA ALA G 725 44.00 -28.12 -15.34
C ALA G 725 42.50 -28.26 -15.18
N PHE G 726 42.06 -29.16 -14.29
CA PHE G 726 40.63 -29.34 -14.07
C PHE G 726 39.99 -28.08 -13.55
N GLY G 727 40.39 -27.64 -12.36
CA GLY G 727 39.77 -26.48 -11.74
C GLY G 727 39.86 -25.21 -12.55
N ARG G 728 40.85 -25.09 -13.43
CA ARG G 728 41.04 -23.87 -14.20
C ARG G 728 40.35 -23.92 -15.55
N PHE G 729 40.31 -25.07 -16.20
CA PHE G 729 39.86 -25.14 -17.58
C PHE G 729 38.71 -26.11 -17.85
N GLY G 730 38.34 -26.95 -16.89
CA GLY G 730 37.27 -27.90 -17.10
C GLY G 730 35.91 -27.36 -16.80
N ILE G 731 35.81 -26.08 -16.45
CA ILE G 731 34.55 -25.40 -16.24
C ILE G 731 33.93 -25.08 -17.60
N LYS G 732 34.62 -25.48 -18.66
CA LYS G 732 34.13 -25.24 -20.01
C LYS G 732 32.85 -26.01 -20.31
N TYR G 733 32.54 -27.05 -19.52
CA TYR G 733 31.33 -27.81 -19.76
C TYR G 733 30.07 -27.04 -19.39
N VAL G 734 30.20 -25.96 -18.62
CA VAL G 734 29.04 -25.16 -18.25
C VAL G 734 28.47 -24.45 -19.47
N ASN G 735 29.33 -24.03 -20.40
CA ASN G 735 28.91 -23.34 -21.61
C ASN G 735 28.67 -24.29 -22.77
N ASP G 736 28.80 -25.60 -22.56
CA ASP G 736 28.66 -26.55 -23.64
C ASP G 736 27.26 -26.49 -24.23
N LYS G 737 27.18 -26.51 -25.56
CA LYS G 737 25.89 -26.49 -26.25
C LYS G 737 25.23 -27.86 -26.30
N ASP G 738 25.94 -28.91 -25.89
CA ASP G 738 25.40 -30.26 -25.86
C ASP G 738 24.77 -30.63 -24.53
N ARG G 739 24.71 -29.69 -23.58
CA ARG G 739 24.00 -29.94 -22.34
C ARG G 739 22.52 -30.10 -22.62
N ILE G 740 21.92 -31.12 -22.00
CA ILE G 740 20.47 -31.32 -22.12
C ILE G 740 19.77 -30.42 -21.11
N LEU G 741 18.72 -29.74 -21.56
CA LEU G 741 17.95 -28.87 -20.70
C LEU G 741 16.52 -29.34 -20.48
N ALA G 742 16.06 -30.33 -21.23
CA ALA G 742 14.71 -30.85 -21.10
C ALA G 742 14.75 -32.36 -20.97
N PRO G 743 13.80 -32.95 -20.26
CA PRO G 743 13.82 -34.40 -20.04
C PRO G 743 13.45 -35.16 -21.29
N LEU G 744 13.82 -36.45 -21.30
CA LEU G 744 13.50 -37.35 -22.39
C LEU G 744 12.83 -38.60 -21.84
N ILE G 745 11.77 -39.04 -22.50
CA ILE G 745 11.12 -40.30 -22.18
C ILE G 745 10.97 -41.09 -23.47
N LYS G 746 10.89 -42.41 -23.34
CA LYS G 746 10.87 -43.30 -24.49
C LYS G 746 9.45 -43.43 -25.02
N VAL G 747 9.18 -42.80 -26.16
CA VAL G 747 7.94 -42.98 -26.89
C VAL G 747 8.27 -43.68 -28.20
N ASN G 748 7.44 -44.65 -28.57
CA ASN G 748 7.66 -45.50 -29.73
C ASN G 748 9.03 -46.17 -29.73
N GLY G 749 9.62 -46.34 -28.56
CA GLY G 749 10.93 -46.96 -28.45
C GLY G 749 12.10 -46.03 -28.61
N GLU G 750 11.89 -44.72 -28.71
CA GLU G 750 12.98 -43.77 -28.86
C GLU G 750 12.79 -42.62 -27.87
N LEU G 751 13.91 -42.06 -27.41
CA LEU G 751 13.85 -40.97 -26.45
C LEU G 751 13.39 -39.69 -27.12
N SER G 752 12.38 -39.05 -26.54
CA SER G 752 11.83 -37.82 -27.07
C SER G 752 11.64 -36.83 -25.94
N LYS G 753 11.67 -35.54 -26.30
CA LYS G 753 11.53 -34.47 -25.33
C LYS G 753 10.15 -34.47 -24.69
N THR G 754 10.09 -34.08 -23.43
CA THR G 754 8.84 -34.00 -22.69
C THR G 754 8.98 -32.91 -21.63
N THR G 755 7.99 -32.83 -20.75
CA THR G 755 7.98 -31.86 -19.67
C THR G 755 8.52 -32.49 -18.38
N PHE G 756 8.90 -31.64 -17.44
CA PHE G 756 9.48 -32.12 -16.19
C PHE G 756 8.47 -32.91 -15.38
N ASP G 757 7.22 -32.45 -15.32
CA ASP G 757 6.20 -33.16 -14.54
C ASP G 757 5.95 -34.54 -15.10
N GLN G 758 5.80 -34.65 -16.42
CA GLN G 758 5.54 -35.95 -17.04
C GLN G 758 6.72 -36.89 -16.83
N ALA G 759 7.95 -36.39 -16.99
CA ALA G 759 9.13 -37.23 -16.82
C ALA G 759 9.27 -37.71 -15.39
N LEU G 760 9.03 -36.82 -14.42
CA LEU G 760 9.13 -37.22 -13.02
C LEU G 760 8.06 -38.23 -12.64
N ILE G 761 6.83 -38.04 -13.14
CA ILE G 761 5.77 -39.00 -12.89
C ILE G 761 6.13 -40.35 -13.49
N GLU G 762 6.69 -40.34 -14.70
CA GLU G 762 7.11 -41.58 -15.33
C GLU G 762 8.22 -42.26 -14.53
N THR G 763 9.18 -41.49 -14.03
CA THR G 763 10.25 -42.05 -13.22
C THR G 763 9.69 -42.69 -11.95
N ALA G 764 8.80 -41.99 -11.25
CA ALA G 764 8.24 -42.51 -10.02
C ALA G 764 7.45 -43.79 -10.29
N LYS G 765 6.67 -43.80 -11.37
CA LYS G 765 5.89 -45.00 -11.68
C LYS G 765 6.78 -46.16 -12.07
N LYS G 766 7.85 -45.92 -12.83
CA LYS G 766 8.75 -47.00 -13.21
C LYS G 766 9.43 -47.60 -11.99
N LEU G 767 9.94 -46.75 -11.09
CA LEU G 767 10.60 -47.25 -9.90
C LEU G 767 9.62 -47.99 -8.99
N GLN G 768 8.41 -47.45 -8.84
CA GLN G 768 7.42 -48.14 -8.01
C GLN G 768 7.01 -49.47 -8.61
N ALA G 769 6.90 -49.56 -9.94
CA ALA G 769 6.57 -50.82 -10.59
C ALA G 769 7.67 -51.85 -10.36
N ILE G 770 8.93 -51.42 -10.46
CA ILE G 770 10.04 -52.34 -10.21
C ILE G 770 9.99 -52.84 -8.77
N ARG G 771 9.79 -51.91 -7.82
CA ARG G 771 9.74 -52.31 -6.42
C ARG G 771 8.58 -53.25 -6.14
N ALA G 772 7.43 -53.00 -6.76
CA ALA G 772 6.27 -53.87 -6.57
C ALA G 772 6.54 -55.27 -7.12
N SER G 773 6.96 -55.36 -8.38
CA SER G 773 7.10 -56.65 -9.02
C SER G 773 8.35 -57.41 -8.57
N TYR G 774 9.30 -56.77 -7.89
CA TYR G 774 10.52 -57.46 -7.50
C TYR G 774 10.89 -57.33 -6.03
N GLY G 775 10.25 -56.46 -5.27
CA GLY G 775 10.44 -56.44 -3.83
C GLY G 775 11.53 -55.50 -3.36
N LYS G 776 11.92 -55.72 -2.10
CA LYS G 776 12.89 -54.87 -1.43
C LYS G 776 14.27 -54.99 -2.07
N ASP G 777 15.01 -53.88 -2.02
CA ASP G 777 16.40 -53.83 -2.48
C ASP G 777 16.53 -54.29 -3.94
N SER G 778 15.59 -53.87 -4.77
CA SER G 778 15.61 -54.20 -6.19
C SER G 778 15.98 -53.01 -7.07
N ILE G 779 16.15 -51.83 -6.48
CA ILE G 779 16.54 -50.62 -7.20
C ILE G 779 17.87 -50.15 -6.63
N ALA G 780 18.82 -49.88 -7.51
CA ALA G 780 20.11 -49.34 -7.12
C ALA G 780 20.16 -47.86 -7.48
N ILE G 781 20.61 -47.04 -6.53
CA ILE G 781 20.76 -45.61 -6.75
C ILE G 781 22.25 -45.33 -6.80
N ILE G 782 22.79 -45.13 -7.99
CA ILE G 782 24.20 -44.87 -8.20
C ILE G 782 24.38 -43.39 -8.49
N ALA G 783 25.07 -42.69 -7.60
CA ALA G 783 25.15 -41.25 -7.64
C ALA G 783 26.59 -40.80 -7.81
N SER G 784 26.78 -39.72 -8.55
CA SER G 784 28.10 -39.12 -8.70
C SER G 784 28.53 -38.48 -7.38
N GLN G 785 29.82 -38.57 -7.10
CA GLN G 785 30.37 -38.00 -5.87
C GLN G 785 30.64 -36.51 -5.98
N ARG G 786 30.18 -35.86 -7.05
CA ARG G 786 30.28 -34.42 -7.18
C ARG G 786 29.03 -33.69 -6.69
N LEU G 787 27.99 -34.42 -6.29
CA LEU G 787 26.79 -33.79 -5.76
C LEU G 787 27.07 -33.21 -4.38
N THR G 788 26.28 -32.21 -4.01
CA THR G 788 26.44 -31.60 -2.70
C THR G 788 25.92 -32.56 -1.61
N ASN G 789 26.19 -32.20 -0.36
CA ASN G 789 25.82 -33.06 0.75
C ASN G 789 24.31 -33.21 0.86
N GLU G 790 23.57 -32.14 0.59
CA GLU G 790 22.13 -32.18 0.69
C GLU G 790 21.53 -33.11 -0.37
N GLU G 791 22.06 -33.07 -1.59
CA GLU G 791 21.56 -33.96 -2.64
C GLU G 791 21.85 -35.42 -2.32
N ALA G 792 23.04 -35.71 -1.77
CA ALA G 792 23.34 -37.08 -1.36
C ALA G 792 22.42 -37.55 -0.25
N LEU G 793 22.18 -36.69 0.75
CA LEU G 793 21.28 -37.06 1.84
C LEU G 793 19.86 -37.28 1.33
N LEU G 794 19.40 -36.42 0.42
CA LEU G 794 18.07 -36.59 -0.16
C LEU G 794 17.99 -37.86 -0.98
N LEU G 795 19.08 -38.24 -1.65
CA LEU G 795 19.09 -39.50 -2.38
C LEU G 795 19.02 -40.69 -1.44
N THR G 796 19.66 -40.60 -0.28
CA THR G 796 19.52 -41.66 0.71
C THR G 796 18.09 -41.75 1.21
N LYS G 797 17.45 -40.61 1.44
CA LYS G 797 16.04 -40.63 1.86
C LYS G 797 15.14 -41.18 0.76
N LEU G 798 15.47 -40.91 -0.50
CA LEU G 798 14.70 -41.47 -1.61
C LEU G 798 14.87 -42.99 -1.68
N ALA G 799 16.08 -43.49 -1.43
CA ALA G 799 16.28 -44.93 -1.33
C ALA G 799 15.49 -45.51 -0.17
N GLN G 800 15.41 -44.77 0.94
CA GLN G 800 14.61 -45.21 2.08
C GLN G 800 13.13 -45.30 1.71
N LYS G 801 12.62 -44.32 0.95
CA LYS G 801 11.23 -44.36 0.54
C LYS G 801 10.99 -45.38 -0.56
N LEU G 802 12.00 -45.67 -1.38
CA LEU G 802 11.88 -46.67 -2.42
C LEU G 802 12.13 -48.07 -1.92
N ASP G 803 12.41 -48.22 -0.62
CA ASP G 803 12.55 -49.53 0.04
C ASP G 803 13.80 -50.27 -0.47
N THR G 804 14.90 -49.54 -0.64
CA THR G 804 16.14 -50.11 -1.11
C THR G 804 17.31 -49.58 -0.30
N THR G 805 18.22 -50.48 0.05
CA THR G 805 19.47 -50.10 0.71
C THR G 805 20.64 -50.04 -0.25
N VAL G 806 20.40 -50.32 -1.53
CA VAL G 806 21.48 -50.37 -2.53
C VAL G 806 21.63 -48.95 -3.06
N ILE G 807 22.42 -48.15 -2.34
CA ILE G 807 22.81 -46.82 -2.80
C ILE G 807 24.32 -46.72 -2.69
N GLY G 808 24.96 -46.39 -3.79
CA GLY G 808 26.41 -46.30 -3.82
C GLY G 808 26.88 -45.52 -5.00
N SER G 809 28.14 -45.74 -5.35
CA SER G 809 28.74 -45.07 -6.49
C SER G 809 29.64 -46.06 -7.22
N PHE G 810 29.80 -45.84 -8.52
CA PHE G 810 30.74 -46.63 -9.32
C PHE G 810 32.16 -46.13 -9.19
N ASP G 811 32.36 -44.94 -8.64
CA ASP G 811 33.68 -44.40 -8.35
C ASP G 811 34.10 -44.63 -6.90
N LEU G 812 33.31 -45.35 -6.12
CA LEU G 812 33.55 -45.46 -4.69
C LEU G 812 34.58 -46.54 -4.41
N ARG G 813 35.67 -46.14 -3.78
CA ARG G 813 36.74 -47.06 -3.41
C ARG G 813 36.33 -47.88 -2.19
N GLU G 814 36.87 -49.09 -2.10
CA GLU G 814 36.60 -49.94 -0.95
C GLU G 814 37.17 -49.30 0.31
N SER G 815 36.41 -49.39 1.40
CA SER G 815 36.74 -48.70 2.63
C SER G 815 37.46 -49.62 3.59
N VAL G 816 38.54 -49.12 4.18
CA VAL G 816 39.27 -49.86 5.20
C VAL G 816 39.50 -49.06 6.47
N LEU G 817 39.39 -47.74 6.45
CA LEU G 817 39.67 -46.95 7.64
C LEU G 817 38.55 -47.03 8.66
N ASP G 818 37.32 -47.33 8.23
CA ASP G 818 36.24 -47.47 9.18
C ASP G 818 36.34 -48.78 9.96
N ARG G 819 36.99 -49.79 9.36
CA ARG G 819 37.23 -51.05 10.08
C ARG G 819 38.37 -50.94 11.07
N ILE G 820 39.24 -49.94 10.93
CA ILE G 820 40.42 -49.79 11.78
C ILE G 820 40.21 -48.70 12.82
N PHE G 821 39.84 -47.50 12.39
CA PHE G 821 39.67 -46.38 13.30
C PHE G 821 38.21 -46.07 13.62
N GLY G 822 37.29 -46.42 12.73
CA GLY G 822 35.88 -46.19 12.99
C GLY G 822 35.19 -45.36 11.93
N LEU G 823 35.88 -44.36 11.42
CA LEU G 823 35.35 -43.48 10.39
C LEU G 823 36.22 -43.57 9.14
N ASN G 824 35.56 -43.63 7.98
CA ASN G 824 36.28 -43.60 6.70
C ASN G 824 36.53 -42.15 6.32
N ALA G 825 37.53 -41.56 6.97
CA ALA G 825 37.77 -40.13 6.84
C ALA G 825 39.24 -39.85 7.11
N SER G 826 39.68 -38.68 6.66
CA SER G 826 41.01 -38.19 6.99
C SER G 826 41.10 -37.86 8.47
N THR G 827 42.27 -38.13 9.05
CA THR G 827 42.46 -37.94 10.47
C THR G 827 42.80 -36.49 10.81
N ASN G 828 43.60 -35.84 9.97
CA ASN G 828 44.10 -34.49 10.23
C ASN G 828 43.65 -33.55 9.12
N SER G 829 44.06 -32.29 9.25
CA SER G 829 43.71 -31.23 8.30
C SER G 829 44.89 -30.92 7.38
N PHE G 830 44.59 -30.16 6.32
CA PHE G 830 45.62 -29.81 5.35
C PHE G 830 46.68 -28.90 5.95
N ASP G 831 46.27 -27.97 6.81
CA ASP G 831 47.21 -26.99 7.36
C ASP G 831 48.36 -27.65 8.11
N GLU G 832 48.05 -28.72 8.85
CA GLU G 832 49.09 -29.40 9.62
C GLU G 832 50.19 -29.97 8.74
N ILE G 833 49.92 -30.13 7.43
CA ILE G 833 50.96 -30.58 6.50
C ILE G 833 52.15 -29.64 6.55
N TYR G 834 51.89 -28.34 6.70
CA TYR G 834 52.99 -27.37 6.75
C TYR G 834 53.83 -27.49 8.01
N SER G 835 53.37 -28.21 9.03
CA SER G 835 54.06 -28.25 10.30
C SER G 835 54.51 -29.64 10.72
N THR G 836 54.22 -30.67 9.94
CA THR G 836 54.62 -32.02 10.31
C THR G 836 56.11 -32.24 10.04
N ASP G 837 56.70 -33.16 10.80
CA ASP G 837 58.12 -33.45 10.63
C ASP G 837 58.39 -34.22 9.35
N LEU G 838 57.57 -35.20 9.04
CA LEU G 838 57.78 -36.09 7.91
C LEU G 838 56.47 -36.27 7.15
N ILE G 839 56.57 -36.31 5.83
CA ILE G 839 55.43 -36.55 4.96
C ILE G 839 55.68 -37.83 4.18
N VAL G 840 54.74 -38.75 4.22
CA VAL G 840 54.76 -39.95 3.41
C VAL G 840 53.66 -39.82 2.37
N ALA G 841 54.04 -39.59 1.12
CA ALA G 841 53.09 -39.45 0.02
C ALA G 841 53.04 -40.76 -0.74
N VAL G 842 51.87 -41.40 -0.75
CA VAL G 842 51.68 -42.72 -1.35
C VAL G 842 50.80 -42.57 -2.57
N GLY G 843 51.26 -43.11 -3.69
CA GLY G 843 50.53 -43.03 -4.93
C GLY G 843 50.87 -41.79 -5.73
N LYS G 844 50.06 -41.56 -6.77
CA LYS G 844 50.22 -40.40 -7.64
C LYS G 844 49.56 -39.17 -7.03
N VAL G 845 50.11 -38.77 -5.88
CA VAL G 845 49.53 -37.65 -5.14
C VAL G 845 49.66 -36.35 -5.93
N ALA G 846 50.84 -36.09 -6.47
CA ALA G 846 51.06 -34.87 -7.24
C ALA G 846 50.48 -34.95 -8.64
N GLU G 847 50.48 -36.15 -9.23
CA GLU G 847 49.98 -36.30 -10.60
C GLU G 847 48.47 -36.12 -10.65
N ASN G 848 47.74 -36.79 -9.76
CA ASN G 848 46.29 -36.69 -9.76
C ASN G 848 45.79 -35.37 -9.17
N HIS G 849 46.55 -34.79 -8.25
CA HIS G 849 46.16 -33.55 -7.58
C HIS G 849 47.39 -32.64 -7.59
N ALA G 850 47.49 -31.76 -8.58
CA ALA G 850 48.68 -30.94 -8.76
C ALA G 850 48.86 -29.95 -7.61
N VAL G 851 47.75 -29.45 -7.06
CA VAL G 851 47.84 -28.51 -5.95
C VAL G 851 48.43 -29.18 -4.72
N MET G 852 48.14 -30.47 -4.52
CA MET G 852 48.80 -31.18 -3.44
C MET G 852 50.29 -31.34 -3.70
N GLY G 853 50.70 -31.48 -4.96
CA GLY G 853 52.12 -31.48 -5.26
C GLY G 853 52.77 -30.16 -4.93
N ALA G 854 52.10 -29.05 -5.24
CA ALA G 854 52.59 -27.74 -4.83
C ALA G 854 52.66 -27.61 -3.32
N LYS G 855 51.67 -28.14 -2.62
CA LYS G 855 51.65 -28.08 -1.16
C LYS G 855 52.78 -28.90 -0.55
N LEU G 856 53.07 -30.06 -1.13
CA LEU G 856 54.22 -30.85 -0.67
C LEU G 856 55.53 -30.13 -0.93
N LYS G 857 55.65 -29.49 -2.09
CA LYS G 857 56.85 -28.71 -2.38
C LYS G 857 57.04 -27.60 -1.36
N LYS G 858 55.95 -26.88 -1.04
CA LYS G 858 56.02 -25.82 -0.05
C LYS G 858 56.37 -26.36 1.33
N ALA G 859 55.78 -27.50 1.71
CA ALA G 859 56.04 -28.07 3.03
C ALA G 859 57.48 -28.52 3.16
N VAL G 860 58.03 -29.13 2.11
CA VAL G 860 59.43 -29.54 2.15
C VAL G 860 60.34 -28.31 2.20
N GLU G 861 59.96 -27.24 1.49
CA GLU G 861 60.72 -26.00 1.60
C GLU G 861 60.66 -25.42 3.00
N LEU G 862 59.53 -25.59 3.69
CA LEU G 862 59.38 -25.07 5.04
C LEU G 862 60.14 -25.87 6.08
N GLY G 863 60.55 -27.10 5.77
CA GLY G 863 61.38 -27.86 6.69
C GLY G 863 61.00 -29.31 6.88
N ALA G 864 59.99 -29.79 6.16
CA ALA G 864 59.55 -31.16 6.31
C ALA G 864 60.43 -32.10 5.51
N LYS G 865 60.28 -33.39 5.77
CA LYS G 865 60.98 -34.45 5.07
C LYS G 865 59.97 -35.29 4.32
N LEU G 866 60.23 -35.52 3.03
CA LEU G 866 59.28 -36.16 2.14
C LEU G 866 59.75 -37.56 1.79
N VAL G 867 58.84 -38.53 1.90
CA VAL G 867 59.06 -39.89 1.46
C VAL G 867 57.94 -40.25 0.50
N THR G 868 58.27 -40.65 -0.72
CA THR G 868 57.28 -40.99 -1.73
C THR G 868 57.31 -42.48 -1.99
N ILE G 869 56.14 -43.12 -1.87
CA ILE G 869 55.96 -44.53 -2.18
C ILE G 869 55.03 -44.61 -3.38
N ASN G 870 55.51 -45.25 -4.45
CA ASN G 870 54.74 -45.33 -5.68
C ASN G 870 55.30 -46.48 -6.52
N ASN G 871 54.55 -46.87 -7.55
CA ASN G 871 55.01 -47.88 -8.49
C ASN G 871 55.73 -47.28 -9.69
N GLY G 872 55.74 -45.96 -9.83
CA GLY G 872 56.40 -45.31 -10.93
C GLY G 872 56.96 -43.96 -10.54
N GLU G 873 57.33 -43.14 -11.51
CA GLU G 873 57.94 -41.84 -11.22
C GLU G 873 56.87 -40.82 -10.86
N THR G 874 57.28 -39.85 -10.03
CA THR G 874 56.42 -38.76 -9.62
C THR G 874 57.21 -37.47 -9.61
N ARG G 875 56.49 -36.34 -9.66
CA ARG G 875 57.14 -35.04 -9.57
C ARG G 875 57.59 -34.71 -8.16
N ALA G 876 57.16 -35.47 -7.16
CA ALA G 876 57.56 -35.23 -5.79
C ALA G 876 58.88 -35.90 -5.42
N ASP G 877 59.43 -36.73 -6.31
CA ASP G 877 60.70 -37.39 -6.04
C ASP G 877 61.88 -36.42 -6.05
N GLU G 878 61.72 -35.21 -6.59
CA GLU G 878 62.84 -34.29 -6.70
C GLU G 878 63.39 -33.89 -5.34
N ARG G 879 62.50 -33.62 -4.38
CA ARG G 879 62.91 -33.17 -3.05
C ARG G 879 62.64 -34.21 -1.98
N ALA G 880 62.57 -35.47 -2.35
CA ALA G 880 62.32 -36.54 -1.40
C ALA G 880 63.63 -37.08 -0.84
N ILE G 881 63.64 -37.38 0.46
CA ILE G 881 64.81 -37.99 1.07
C ILE G 881 64.83 -39.50 0.88
N ALA G 882 63.69 -40.10 0.55
CA ALA G 882 63.61 -41.53 0.33
C ALA G 882 62.52 -41.80 -0.69
N THR G 883 62.86 -42.58 -1.72
CA THR G 883 61.94 -42.89 -2.81
C THR G 883 61.86 -44.40 -2.94
N TYR G 884 60.65 -44.94 -2.84
CA TYR G 884 60.43 -46.38 -2.86
C TYR G 884 59.52 -46.74 -4.02
N LYS G 885 59.98 -47.66 -4.86
CA LYS G 885 59.22 -48.13 -6.01
C LYS G 885 58.76 -49.55 -5.68
N ILE G 886 57.56 -49.66 -5.13
CA ILE G 886 57.02 -50.93 -4.69
C ILE G 886 55.84 -51.31 -5.57
N ASP G 887 55.53 -52.60 -5.58
CA ASP G 887 54.38 -53.11 -6.32
C ASP G 887 53.49 -54.00 -5.46
N ASN G 888 53.87 -54.27 -4.22
CA ASN G 888 53.16 -55.20 -3.37
C ASN G 888 53.04 -54.63 -1.96
N THR G 889 52.00 -55.08 -1.25
CA THR G 889 51.77 -54.66 0.13
C THR G 889 52.82 -55.22 1.09
N ALA G 890 53.53 -56.28 0.68
CA ALA G 890 54.52 -56.89 1.57
C ALA G 890 55.55 -55.89 2.07
N PHE G 891 55.87 -54.88 1.25
CA PHE G 891 56.84 -53.86 1.66
C PHE G 891 56.45 -53.23 2.99
N PHE G 892 55.17 -53.00 3.20
CA PHE G 892 54.71 -52.44 4.47
C PHE G 892 54.81 -53.49 5.58
N LYS G 893 54.43 -54.73 5.30
CA LYS G 893 54.49 -55.78 6.31
C LYS G 893 55.90 -55.92 6.86
N ALA G 894 56.88 -56.05 5.96
CA ALA G 894 58.27 -56.07 6.40
C ALA G 894 58.59 -54.86 7.25
N THR G 895 58.15 -53.67 6.82
CA THR G 895 58.33 -52.47 7.61
C THR G 895 57.84 -52.69 9.03
N ILE G 896 56.61 -53.20 9.15
CA ILE G 896 56.05 -53.46 10.48
C ILE G 896 56.97 -54.40 11.25
N LYS G 897 57.40 -55.49 10.61
CA LYS G 897 58.32 -56.40 11.28
C LYS G 897 59.60 -55.68 11.68
N ALA G 898 60.14 -54.85 10.79
CA ALA G 898 61.31 -54.07 11.13
C ALA G 898 61.03 -53.17 12.33
N LEU G 899 59.84 -52.56 12.35
CA LEU G 899 59.48 -51.71 13.47
C LEU G 899 59.50 -52.48 14.78
N PHE G 900 59.16 -53.77 14.74
CA PHE G 900 59.22 -54.58 15.94
C PHE G 900 60.66 -54.96 16.29
N GLU G 901 61.52 -55.14 15.29
CA GLU G 901 62.88 -55.58 15.55
C GLU G 901 63.70 -54.51 16.23
N MET G 902 63.53 -53.24 15.85
CA MET G 902 64.27 -52.15 16.46
C MET G 902 63.66 -51.69 17.77
N LYS G 903 62.65 -52.41 18.28
CA LYS G 903 61.98 -52.05 19.53
C LYS G 903 61.40 -50.64 19.46
N ALA G 904 60.86 -50.29 18.30
CA ALA G 904 60.28 -48.97 18.07
C ALA G 904 58.79 -48.92 18.33
N VAL G 905 58.19 -50.02 18.78
CA VAL G 905 56.77 -50.08 19.09
C VAL G 905 56.62 -50.26 20.59
N ASP G 906 56.07 -49.25 21.25
CA ASP G 906 55.79 -49.31 22.68
C ASP G 906 54.56 -50.18 22.88
N GLU G 907 54.77 -51.49 22.97
CA GLU G 907 53.67 -52.44 23.02
C GLU G 907 52.78 -52.24 24.24
N ASP G 908 53.30 -51.65 25.32
CA ASP G 908 52.48 -51.37 26.48
C ASP G 908 51.36 -50.40 26.14
N TYR G 909 51.68 -49.33 25.42
CA TYR G 909 50.68 -48.35 25.03
C TYR G 909 49.74 -48.92 23.96
N VAL G 910 50.30 -49.62 22.98
CA VAL G 910 49.51 -50.12 21.87
C VAL G 910 48.51 -51.17 22.35
N SER G 911 48.91 -51.98 23.34
CA SER G 911 48.00 -52.99 23.87
C SER G 911 46.79 -52.35 24.52
N LYS G 912 46.96 -51.20 25.16
CA LYS G 912 45.83 -50.50 25.76
C LYS G 912 44.98 -49.81 24.69
N ILE G 913 45.61 -49.25 23.66
CA ILE G 913 44.83 -48.49 22.68
C ILE G 913 44.36 -49.31 21.49
N ALA G 914 44.97 -50.48 21.24
CA ALA G 914 44.66 -51.25 20.04
C ALA G 914 44.45 -52.71 20.39
N VAL G 915 43.68 -53.39 19.54
CA VAL G 915 43.49 -54.83 19.65
C VAL G 915 44.12 -55.48 18.42
N ASN G 916 44.09 -56.81 18.37
CA ASN G 916 44.70 -57.58 17.28
C ASN G 916 46.21 -57.36 17.17
N LEU G 917 46.85 -56.96 18.27
CA LEU G 917 48.29 -56.71 18.22
C LEU G 917 49.07 -58.02 18.10
N ASP G 918 48.68 -59.03 18.87
CA ASP G 918 49.35 -60.33 18.77
C ASP G 918 49.13 -60.97 17.40
N GLU G 919 47.94 -60.80 16.84
CA GLU G 919 47.68 -61.29 15.49
C GLU G 919 48.55 -60.57 14.48
N LEU G 920 48.75 -59.26 14.66
CA LEU G 920 49.66 -58.52 13.78
C LEU G 920 51.09 -59.03 13.91
N LYS G 921 51.54 -59.29 15.15
CA LYS G 921 52.90 -59.80 15.34
C LYS G 921 53.06 -61.16 14.69
N ASP G 922 52.06 -62.03 14.81
CA ASP G 922 52.13 -63.33 14.17
C ASP G 922 52.11 -63.21 12.65
N ASP G 923 51.34 -62.28 12.12
CA ASP G 923 51.21 -62.13 10.67
C ASP G 923 52.54 -61.71 10.04
N VAL G 924 53.26 -60.79 10.69
CA VAL G 924 54.46 -60.20 10.10
C VAL G 924 55.73 -60.86 10.61
N LYS G 925 55.62 -61.97 11.35
CA LYS G 925 56.82 -62.57 11.94
C LYS G 925 57.66 -63.32 10.91
N ASN G 926 57.05 -63.88 9.87
CA ASN G 926 57.77 -64.70 8.90
C ASN G 926 58.18 -63.94 7.66
N VAL G 927 57.78 -62.69 7.49
CA VAL G 927 58.17 -61.93 6.32
C VAL G 927 59.66 -61.60 6.39
N GLU G 928 60.23 -61.27 5.24
CA GLU G 928 61.64 -60.93 5.13
C GLU G 928 61.79 -59.41 5.12
N VAL G 929 62.60 -58.90 6.04
CA VAL G 929 62.85 -57.47 6.11
C VAL G 929 63.92 -57.12 5.06
N THR G 930 63.56 -56.23 4.15
CA THR G 930 64.49 -55.78 3.13
C THR G 930 65.22 -54.53 3.58
N ASP G 931 66.22 -54.12 2.79
CA ASP G 931 66.94 -52.90 3.10
C ASP G 931 66.03 -51.68 2.96
N GLU G 932 65.18 -51.67 1.93
CA GLU G 932 64.24 -50.57 1.75
C GLU G 932 63.25 -50.50 2.92
N ALA G 933 62.72 -51.64 3.34
CA ALA G 933 61.77 -51.66 4.44
C ALA G 933 62.42 -51.23 5.75
N SER G 934 63.66 -51.68 6.00
CA SER G 934 64.36 -51.28 7.20
C SER G 934 64.67 -49.79 7.20
N GLU G 935 65.05 -49.24 6.05
CA GLU G 935 65.29 -47.80 5.96
C GLU G 935 64.01 -47.01 6.18
N PHE G 936 62.89 -47.47 5.62
CA PHE G 936 61.62 -46.81 5.85
C PHE G 936 61.24 -46.86 7.34
N ALA G 937 61.46 -48.00 7.98
CA ALA G 937 61.16 -48.12 9.41
C ALA G 937 62.04 -47.19 10.22
N LYS G 938 63.31 -47.06 9.85
CA LYS G 938 64.21 -46.13 10.53
C LYS G 938 63.73 -44.70 10.38
N ILE G 939 63.28 -44.33 9.17
CA ILE G 939 62.76 -42.98 8.94
C ILE G 939 61.51 -42.74 9.78
N ILE G 940 60.62 -43.72 9.82
CA ILE G 940 59.37 -43.57 10.56
C ILE G 940 59.64 -43.42 12.05
N ALA G 941 60.49 -44.29 12.61
CA ALA G 941 60.74 -44.27 14.05
C ALA G 941 61.49 -43.01 14.47
N GLY G 942 62.30 -42.45 13.59
CA GLY G 942 63.07 -41.26 13.92
C GLY G 942 62.34 -39.95 13.77
N ALA G 943 61.07 -39.98 13.41
CA ALA G 943 60.28 -38.76 13.21
C ALA G 943 59.35 -38.56 14.39
N LYS G 944 59.35 -37.34 14.93
CA LYS G 944 58.48 -37.04 16.06
C LYS G 944 57.02 -36.98 15.62
N THR G 945 56.76 -36.38 14.46
CA THR G 945 55.42 -36.28 13.89
C THR G 945 55.47 -36.79 12.46
N ALA G 946 54.36 -37.37 12.00
CA ALA G 946 54.28 -37.87 10.64
C ALA G 946 52.85 -37.83 10.14
N MET G 947 52.70 -37.48 8.88
CA MET G 947 51.42 -37.47 8.18
C MET G 947 51.56 -38.24 6.89
N VAL G 948 50.62 -39.14 6.64
CA VAL G 948 50.63 -39.98 5.44
C VAL G 948 49.60 -39.41 4.48
N ILE G 949 50.05 -38.89 3.34
CA ILE G 949 49.14 -38.42 2.30
C ILE G 949 48.94 -39.55 1.31
N VAL G 950 47.70 -39.98 1.14
CA VAL G 950 47.35 -41.14 0.33
C VAL G 950 46.43 -40.69 -0.78
N ASP G 951 46.80 -40.99 -2.02
CA ASP G 951 45.94 -40.75 -3.17
C ASP G 951 44.99 -41.94 -3.28
N GLU G 952 43.75 -41.77 -2.81
CA GLU G 952 42.82 -42.89 -2.71
C GLU G 952 42.32 -43.37 -4.06
N GLU G 953 42.57 -42.65 -5.14
CA GLU G 953 42.15 -43.09 -6.46
C GLU G 953 43.25 -43.82 -7.21
N SER G 954 44.41 -44.04 -6.59
CA SER G 954 45.47 -44.84 -7.19
C SER G 954 46.11 -45.78 -6.18
N VAL G 955 45.50 -45.99 -5.02
CA VAL G 955 46.09 -46.76 -3.93
C VAL G 955 45.04 -47.75 -3.44
N SER G 956 45.45 -49.01 -3.26
CA SER G 956 44.54 -50.03 -2.79
C SER G 956 44.24 -49.85 -1.29
N ASP G 957 43.17 -50.50 -0.85
CA ASP G 957 42.77 -50.37 0.55
C ASP G 957 43.69 -51.16 1.49
N THR G 958 44.36 -52.19 0.98
CA THR G 958 45.35 -52.90 1.78
C THR G 958 46.52 -51.98 2.12
N THR G 959 46.95 -51.15 1.17
CA THR G 959 48.01 -50.19 1.44
C THR G 959 47.60 -49.21 2.53
N ILE G 960 46.37 -48.70 2.46
CA ILE G 960 45.90 -47.75 3.47
C ILE G 960 45.80 -48.43 4.82
N GLY G 961 45.36 -49.69 4.84
CA GLY G 961 45.30 -50.41 6.09
C GLY G 961 46.67 -50.61 6.72
N GLN G 962 47.67 -50.96 5.90
CA GLN G 962 49.01 -51.15 6.43
C GLN G 962 49.63 -49.83 6.89
N LEU G 963 49.37 -48.75 6.17
CA LEU G 963 49.86 -47.43 6.62
C LEU G 963 49.19 -47.02 7.92
N ALA G 964 47.91 -47.32 8.07
CA ALA G 964 47.23 -47.06 9.35
C ALA G 964 47.83 -47.89 10.47
N ASN G 965 48.17 -49.15 10.17
CA ASN G 965 48.85 -49.99 11.16
C ASN G 965 50.18 -49.36 11.59
N ILE G 966 50.95 -48.90 10.62
CA ILE G 966 52.25 -48.29 10.93
C ILE G 966 52.07 -47.03 11.76
N LEU G 967 51.07 -46.21 11.42
CA LEU G 967 50.81 -45.00 12.18
C LEU G 967 50.38 -45.31 13.61
N THR G 968 49.54 -46.34 13.79
CA THR G 968 49.09 -46.71 15.12
C THR G 968 50.24 -47.26 15.96
N LEU G 969 51.09 -48.11 15.37
CA LEU G 969 52.16 -48.73 16.13
C LEU G 969 53.15 -47.70 16.64
N THR G 970 53.45 -46.68 15.85
CA THR G 970 54.40 -45.65 16.22
C THR G 970 53.74 -44.49 16.97
N GLN G 971 52.47 -44.62 17.33
CA GLN G 971 51.74 -43.61 18.11
C GLN G 971 51.66 -42.29 17.35
N LYS G 972 51.30 -42.37 16.07
CA LYS G 972 51.20 -41.19 15.23
C LYS G 972 49.78 -41.00 14.72
N ILE G 973 48.80 -41.13 15.60
CA ILE G 973 47.39 -40.95 15.24
C ILE G 973 46.68 -40.27 16.41
N GLY G 974 45.73 -39.41 16.09
CA GLY G 974 44.98 -38.71 17.12
C GLY G 974 45.71 -37.55 17.75
N ARG G 975 46.79 -37.08 17.17
CA ARG G 975 47.61 -36.00 17.68
C ARG G 975 47.78 -34.95 16.60
N PRO G 976 48.09 -33.71 16.98
CA PRO G 976 48.42 -32.70 15.97
C PRO G 976 49.62 -33.12 15.14
N ARG G 977 49.54 -32.85 13.83
CA ARG G 977 50.57 -33.09 12.84
C ARG G 977 50.88 -34.56 12.62
N CYS G 978 50.12 -35.47 13.22
CA CYS G 978 50.30 -36.90 13.04
C CYS G 978 48.98 -37.50 12.58
N GLY G 979 49.00 -38.18 11.44
CA GLY G 979 47.77 -38.82 11.00
C GLY G 979 47.85 -39.23 9.54
N ILE G 980 46.68 -39.47 8.97
CA ILE G 980 46.55 -39.90 7.58
C ILE G 980 45.51 -39.03 6.90
N ILE G 981 45.85 -38.53 5.71
CA ILE G 981 44.96 -37.73 4.89
C ILE G 981 44.78 -38.45 3.56
N LYS G 982 43.54 -38.79 3.22
CA LYS G 982 43.22 -39.36 1.93
C LYS G 982 42.70 -38.25 1.03
N VAL G 983 43.40 -38.01 -0.08
CA VAL G 983 42.92 -37.05 -1.07
C VAL G 983 41.91 -37.77 -1.95
N THR G 984 40.64 -37.42 -1.82
CA THR G 984 39.59 -38.13 -2.51
C THR G 984 39.55 -37.75 -3.99
N GLY G 985 39.02 -38.67 -4.80
CA GLY G 985 39.07 -38.52 -6.25
C GLY G 985 38.07 -37.54 -6.83
N LEU G 986 37.01 -37.21 -6.09
CA LEU G 986 36.00 -36.28 -6.56
C LEU G 986 35.74 -35.23 -5.49
N GLY G 987 34.91 -34.25 -5.84
CA GLY G 987 34.77 -33.08 -5.01
C GLY G 987 34.14 -33.37 -3.65
N ASN G 988 33.10 -34.19 -3.63
CA ASN G 988 32.35 -34.48 -2.41
C ASN G 988 32.26 -35.98 -2.17
N THR G 989 33.41 -36.65 -2.27
CA THR G 989 33.48 -38.07 -1.91
C THR G 989 33.25 -38.27 -0.42
N GLN G 990 33.91 -37.45 0.40
CA GLN G 990 33.76 -37.57 1.84
C GLN G 990 32.34 -37.24 2.29
N GLY G 991 31.75 -36.19 1.72
CA GLY G 991 30.38 -35.84 2.07
C GLY G 991 29.39 -36.90 1.65
N ALA G 992 29.60 -37.50 0.47
CA ALA G 992 28.74 -38.59 0.01
C ALA G 992 28.85 -39.79 0.92
N TRP G 993 30.08 -40.12 1.36
CA TRP G 993 30.23 -41.22 2.31
C TRP G 993 29.54 -40.91 3.63
N ASP G 994 29.68 -39.68 4.12
CA ASP G 994 29.07 -39.31 5.39
C ASP G 994 27.56 -39.35 5.33
N MET G 995 26.97 -38.97 4.18
CA MET G 995 25.52 -38.92 4.06
C MET G 995 24.88 -40.29 3.90
N GLY G 996 25.67 -41.34 3.71
CA GLY G 996 25.14 -42.69 3.63
C GLY G 996 25.25 -43.37 2.28
N ILE G 997 26.00 -42.80 1.34
CA ILE G 997 26.22 -43.42 0.03
C ILE G 997 27.53 -44.21 0.16
N ARG G 998 27.42 -45.48 0.53
CA ARG G 998 28.58 -46.25 0.98
C ARG G 998 28.72 -47.59 0.29
N MET G 999 28.08 -47.78 -0.86
CA MET G 999 28.19 -49.03 -1.60
C MET G 999 29.13 -48.84 -2.79
N SER G 1000 29.91 -49.87 -3.08
CA SER G 1000 30.93 -49.79 -4.12
C SER G 1000 30.42 -50.36 -5.43
N LYS G 1001 31.22 -50.16 -6.48
CA LYS G 1001 30.86 -50.66 -7.80
C LYS G 1001 30.77 -52.18 -7.81
N GLU G 1002 31.71 -52.85 -7.14
CA GLU G 1002 31.75 -54.30 -7.14
C GLU G 1002 30.50 -54.89 -6.51
N GLY G 1003 30.05 -54.31 -5.39
CA GLY G 1003 28.85 -54.82 -4.73
C GLY G 1003 27.60 -54.63 -5.58
N ILE G 1004 27.45 -53.45 -6.18
CA ILE G 1004 26.29 -53.18 -7.02
C ILE G 1004 26.27 -54.11 -8.23
N VAL G 1005 27.42 -54.30 -8.87
CA VAL G 1005 27.50 -55.17 -10.04
C VAL G 1005 27.24 -56.61 -9.65
N LYS G 1006 27.73 -57.03 -8.47
CA LYS G 1006 27.45 -58.38 -7.99
C LYS G 1006 25.96 -58.57 -7.77
N LEU G 1007 25.28 -57.56 -7.21
CA LEU G 1007 23.83 -57.66 -7.03
C LEU G 1007 23.11 -57.73 -8.36
N ILE G 1008 23.52 -56.93 -9.34
CA ILE G 1008 22.87 -56.94 -10.65
C ILE G 1008 23.07 -58.31 -11.32
N ASN G 1009 24.28 -58.84 -11.26
CA ASN G 1009 24.58 -60.11 -11.92
C ASN G 1009 23.87 -61.29 -11.28
N GLU G 1010 23.44 -61.16 -10.03
CA GLU G 1010 22.72 -62.21 -9.34
C GLU G 1010 21.21 -62.08 -9.48
N GLY G 1011 20.73 -61.09 -10.23
CA GLY G 1011 19.31 -60.91 -10.44
C GLY G 1011 18.58 -60.26 -9.30
N LYS G 1012 19.30 -59.74 -8.29
CA LYS G 1012 18.62 -59.13 -7.15
C LYS G 1012 18.24 -57.68 -7.43
N VAL G 1013 19.04 -56.96 -8.21
CA VAL G 1013 18.79 -55.57 -8.55
C VAL G 1013 18.31 -55.51 -9.99
N LYS G 1014 17.17 -54.87 -10.21
CA LYS G 1014 16.53 -54.85 -11.52
C LYS G 1014 16.38 -53.46 -12.11
N ALA G 1015 16.50 -52.40 -11.32
CA ALA G 1015 16.42 -51.04 -11.81
C ALA G 1015 17.56 -50.22 -11.24
N ALA G 1016 18.00 -49.22 -11.99
CA ALA G 1016 19.08 -48.35 -11.58
C ALA G 1016 18.67 -46.90 -11.80
N PHE G 1017 18.85 -46.08 -10.77
CA PHE G 1017 18.72 -44.63 -10.89
C PHE G 1017 20.13 -44.07 -10.83
N ILE G 1018 20.66 -43.68 -11.98
CA ILE G 1018 22.05 -43.25 -12.12
C ILE G 1018 22.08 -41.74 -12.21
N VAL G 1019 22.85 -41.11 -11.32
CA VAL G 1019 22.90 -39.66 -11.21
C VAL G 1019 24.29 -39.20 -11.65
N SER G 1020 24.39 -38.73 -12.89
CA SER G 1020 25.59 -38.09 -13.42
C SER G 1020 26.80 -39.03 -13.38
N GLU G 1021 26.58 -40.26 -13.82
CA GLU G 1021 27.67 -41.21 -14.02
C GLU G 1021 27.56 -41.78 -15.43
N ASP G 1022 28.67 -42.32 -15.92
CA ASP G 1022 28.77 -42.82 -17.28
C ASP G 1022 29.36 -44.23 -17.27
N PRO G 1023 28.59 -45.21 -16.80
CA PRO G 1023 29.10 -46.60 -16.81
C PRO G 1023 29.38 -47.12 -18.21
N GLN G 1024 28.59 -46.71 -19.20
CA GLN G 1024 28.76 -47.22 -20.56
C GLN G 1024 30.04 -46.72 -21.21
N ALA G 1025 30.47 -45.50 -20.88
CA ALA G 1025 31.68 -44.94 -21.46
C ALA G 1025 32.93 -45.29 -20.66
N ALA G 1026 32.87 -45.17 -19.34
CA ALA G 1026 34.03 -45.44 -18.50
C ALA G 1026 34.41 -46.90 -18.44
N ASP G 1027 33.56 -47.81 -18.92
CA ASP G 1027 33.85 -49.23 -18.89
C ASP G 1027 33.10 -49.91 -20.03
N LYS G 1028 33.76 -50.90 -20.64
CA LYS G 1028 33.14 -51.67 -21.70
C LYS G 1028 32.46 -52.93 -21.21
N ASN G 1029 32.90 -53.47 -20.07
CA ASN G 1029 32.26 -54.65 -19.50
C ASN G 1029 30.93 -54.34 -18.84
N LEU G 1030 30.68 -53.09 -18.48
CA LEU G 1030 29.42 -52.73 -17.82
C LEU G 1030 28.26 -52.69 -18.79
N GLY G 1031 28.53 -52.57 -20.09
CA GLY G 1031 27.45 -52.57 -21.07
C GLY G 1031 26.64 -53.85 -21.06
N GLU G 1032 27.25 -54.96 -20.66
CA GLU G 1032 26.49 -56.19 -20.45
C GLU G 1032 25.73 -56.16 -19.13
N VAL G 1033 26.33 -55.56 -18.08
CA VAL G 1033 25.65 -55.49 -16.80
C VAL G 1033 24.41 -54.62 -16.90
N LEU G 1034 24.53 -53.47 -17.56
CA LEU G 1034 23.37 -52.64 -17.81
C LEU G 1034 22.32 -53.34 -18.67
N ASP G 1035 22.71 -54.41 -19.37
CA ASP G 1035 21.75 -55.18 -20.13
C ASP G 1035 20.81 -55.98 -19.23
N LYS G 1036 21.21 -56.26 -17.99
CA LYS G 1036 20.35 -57.02 -17.09
C LYS G 1036 19.28 -56.17 -16.43
N LEU G 1037 19.39 -54.86 -16.50
CA LEU G 1037 18.39 -53.99 -15.89
C LEU G 1037 17.13 -53.93 -16.73
N GLU G 1038 15.98 -53.88 -16.06
CA GLU G 1038 14.71 -53.72 -16.74
C GLU G 1038 14.31 -52.25 -16.84
N CYS G 1039 14.74 -51.43 -15.89
CA CYS G 1039 14.45 -50.00 -15.90
C CYS G 1039 15.75 -49.25 -15.64
N LEU G 1040 16.03 -48.24 -16.45
CA LEU G 1040 17.21 -47.40 -16.32
C LEU G 1040 16.78 -45.95 -16.32
N ILE G 1041 16.94 -45.28 -15.19
CA ILE G 1041 16.69 -43.84 -15.08
C ILE G 1041 18.04 -43.16 -14.93
N VAL G 1042 18.32 -42.20 -15.81
CA VAL G 1042 19.61 -41.55 -15.87
C VAL G 1042 19.41 -40.04 -15.73
N ALA G 1043 20.08 -39.44 -14.76
CA ALA G 1043 20.13 -37.99 -14.61
C ALA G 1043 21.55 -37.54 -14.90
N ASP G 1044 21.71 -36.63 -15.86
CA ASP G 1044 23.05 -36.24 -16.27
C ASP G 1044 23.02 -34.86 -16.91
N VAL G 1045 24.20 -34.25 -16.98
CA VAL G 1045 24.34 -32.94 -17.62
C VAL G 1045 24.38 -33.08 -19.14
N PHE G 1046 24.82 -34.24 -19.65
CA PHE G 1046 24.86 -34.51 -21.08
C PHE G 1046 24.12 -35.80 -21.36
N LEU G 1047 23.67 -35.94 -22.60
CA LEU G 1047 23.10 -37.20 -23.07
C LEU G 1047 24.26 -38.11 -23.45
N THR G 1048 24.59 -39.04 -22.57
CA THR G 1048 25.76 -39.89 -22.72
C THR G 1048 25.34 -41.25 -23.28
N GLU G 1049 26.32 -42.14 -23.41
CA GLU G 1049 26.05 -43.48 -23.92
C GLU G 1049 25.19 -44.29 -22.96
N THR G 1050 25.36 -44.09 -21.65
CA THR G 1050 24.49 -44.77 -20.69
C THR G 1050 23.11 -44.14 -20.65
N GLY G 1051 23.02 -42.83 -20.93
CA GLY G 1051 21.72 -42.18 -20.98
C GLY G 1051 20.97 -42.39 -22.26
N LYS G 1052 21.64 -42.87 -23.31
CA LYS G 1052 20.97 -43.17 -24.56
C LYS G 1052 20.23 -44.51 -24.52
N ARG G 1053 20.53 -45.35 -23.52
CA ARG G 1053 19.82 -46.60 -23.31
C ARG G 1053 18.91 -46.55 -22.09
N ALA G 1054 18.65 -45.35 -21.56
CA ALA G 1054 17.80 -45.19 -20.40
C ALA G 1054 16.34 -45.03 -20.81
N ASP G 1055 15.44 -45.40 -19.90
CA ASP G 1055 14.02 -45.18 -20.13
C ASP G 1055 13.66 -43.72 -19.96
N VAL G 1056 14.19 -43.08 -18.92
CA VAL G 1056 13.95 -41.67 -18.62
C VAL G 1056 15.29 -40.98 -18.43
N VAL G 1057 15.48 -39.84 -19.08
CA VAL G 1057 16.68 -39.04 -18.92
C VAL G 1057 16.28 -37.71 -18.31
N LEU G 1058 16.84 -37.39 -17.15
CA LEU G 1058 16.53 -36.16 -16.43
C LEU G 1058 17.73 -35.22 -16.51
N PRO G 1059 17.57 -34.01 -17.02
CA PRO G 1059 18.71 -33.10 -17.11
C PRO G 1059 19.22 -32.69 -15.74
N LEU G 1060 20.52 -32.42 -15.69
CA LEU G 1060 21.17 -31.87 -14.51
C LEU G 1060 21.89 -30.58 -14.89
N VAL G 1061 22.06 -29.70 -13.93
CA VAL G 1061 22.78 -28.46 -14.15
C VAL G 1061 24.19 -28.60 -13.63
N SER G 1062 25.05 -27.65 -13.98
CA SER G 1062 26.43 -27.67 -13.53
C SER G 1062 26.51 -27.30 -12.05
N HIS G 1063 27.69 -27.47 -11.48
CA HIS G 1063 27.89 -27.18 -10.06
C HIS G 1063 27.96 -25.69 -9.77
N VAL G 1064 28.17 -24.85 -10.79
CA VAL G 1064 28.15 -23.40 -10.57
C VAL G 1064 26.73 -22.85 -10.57
N GLU G 1065 25.76 -23.65 -10.98
CA GLU G 1065 24.35 -23.31 -10.85
C GLU G 1065 23.71 -23.93 -9.62
N SER G 1066 24.52 -24.51 -8.74
CA SER G 1066 24.04 -25.19 -7.55
C SER G 1066 24.58 -24.50 -6.31
N THR G 1067 23.76 -24.47 -5.26
CA THR G 1067 24.15 -23.97 -3.96
C THR G 1067 24.07 -25.10 -2.95
N GLY G 1068 25.07 -25.20 -2.09
CA GLY G 1068 25.05 -26.26 -1.10
C GLY G 1068 26.37 -26.34 -0.36
N THR G 1069 26.66 -27.52 0.17
CA THR G 1069 27.90 -27.75 0.89
C THR G 1069 28.61 -28.97 0.31
N VAL G 1070 29.93 -28.92 0.30
CA VAL G 1070 30.77 -30.01 -0.14
C VAL G 1070 31.84 -30.25 0.92
N THR G 1071 32.10 -31.51 1.22
CA THR G 1071 33.10 -31.86 2.21
C THR G 1071 34.45 -32.11 1.53
N ARG G 1072 35.48 -31.40 2.01
CA ARG G 1072 36.82 -31.58 1.49
C ARG G 1072 37.36 -32.95 1.88
N ALA G 1073 38.46 -33.32 1.24
CA ALA G 1073 39.08 -34.62 1.52
C ALA G 1073 39.57 -34.70 2.96
N ASP G 1074 39.99 -33.57 3.54
CA ASP G 1074 40.44 -33.53 4.92
C ASP G 1074 39.30 -33.35 5.91
N GLY G 1075 38.06 -33.24 5.43
CA GLY G 1075 36.90 -33.15 6.29
C GLY G 1075 36.28 -31.78 6.38
N LYS G 1076 36.94 -30.75 5.87
CA LYS G 1076 36.40 -29.40 5.92
C LYS G 1076 35.15 -29.30 5.04
N ILE G 1077 34.22 -28.46 5.47
CA ILE G 1077 32.96 -28.23 4.76
C ILE G 1077 33.03 -26.85 4.13
N GLN G 1078 32.84 -26.78 2.82
CA GLN G 1078 32.85 -25.54 2.08
C GLN G 1078 31.51 -25.34 1.39
N ASN G 1079 31.26 -24.11 0.96
CA ASN G 1079 29.98 -23.72 0.39
C ASN G 1079 30.09 -23.60 -1.12
N LEU G 1080 29.23 -24.32 -1.82
CA LEU G 1080 29.01 -24.11 -3.25
C LEU G 1080 28.06 -22.93 -3.41
N ASN G 1081 28.60 -21.80 -3.84
CA ASN G 1081 27.83 -20.60 -4.11
C ASN G 1081 27.30 -20.61 -5.53
N LEU G 1082 26.16 -19.95 -5.74
CA LEU G 1082 25.56 -19.89 -7.05
C LEU G 1082 26.25 -18.83 -7.89
N VAL G 1083 26.80 -19.24 -9.03
CA VAL G 1083 27.44 -18.34 -9.97
C VAL G 1083 26.49 -17.95 -11.10
N LEU G 1084 25.75 -18.92 -11.63
CA LEU G 1084 24.77 -18.70 -12.69
C LEU G 1084 23.44 -19.31 -12.30
N LYS G 1085 22.37 -18.67 -12.70
CA LYS G 1085 21.05 -19.26 -12.50
C LYS G 1085 20.90 -20.50 -13.39
N PRO G 1086 20.21 -21.53 -12.92
CA PRO G 1086 20.08 -22.75 -13.71
C PRO G 1086 19.47 -22.48 -15.07
N LYS G 1087 20.03 -23.13 -16.10
CA LYS G 1087 19.67 -22.83 -17.47
C LYS G 1087 18.31 -23.39 -17.87
N ASN G 1088 17.78 -24.36 -17.13
CA ASN G 1088 16.44 -24.85 -17.35
C ASN G 1088 15.48 -24.43 -16.25
N GLY G 1089 15.92 -23.58 -15.33
CA GLY G 1089 15.10 -23.12 -14.23
C GLY G 1089 15.08 -24.02 -13.02
N LEU G 1090 15.70 -25.19 -13.10
CA LEU G 1090 15.70 -26.17 -12.02
C LEU G 1090 17.12 -26.51 -11.63
N SER G 1091 17.42 -26.44 -10.34
CA SER G 1091 18.70 -26.93 -9.85
C SER G 1091 18.61 -28.44 -9.63
N ASN G 1092 19.76 -29.04 -9.35
CA ASN G 1092 19.79 -30.48 -9.06
C ASN G 1092 19.00 -30.81 -7.81
N LEU G 1093 19.15 -30.00 -6.77
CA LEU G 1093 18.35 -30.19 -5.56
C LEU G 1093 16.87 -29.97 -5.83
N ASP G 1094 16.54 -28.99 -6.68
CA ASP G 1094 15.14 -28.76 -7.02
C ASP G 1094 14.52 -29.95 -7.75
N LEU G 1095 15.26 -30.52 -8.70
CA LEU G 1095 14.75 -31.69 -9.42
C LEU G 1095 14.58 -32.87 -8.48
N LEU G 1096 15.59 -33.13 -7.63
CA LEU G 1096 15.48 -34.23 -6.69
C LEU G 1096 14.38 -33.98 -5.67
N LEU G 1097 14.11 -32.73 -5.32
CA LEU G 1097 13.05 -32.43 -4.37
C LEU G 1097 11.68 -32.59 -5.01
N LYS G 1098 11.53 -32.30 -6.30
CA LYS G 1098 10.28 -32.62 -6.98
C LYS G 1098 10.07 -34.13 -7.02
N LEU G 1099 11.11 -34.89 -7.35
CA LEU G 1099 10.99 -36.34 -7.33
C LEU G 1099 10.69 -36.86 -5.93
N ALA G 1100 11.19 -36.18 -4.90
CA ALA G 1100 10.92 -36.59 -3.52
C ALA G 1100 9.49 -36.26 -3.10
N GLU G 1101 9.00 -35.08 -3.49
CA GLU G 1101 7.62 -34.72 -3.20
C GLU G 1101 6.65 -35.63 -3.93
N LEU G 1102 7.07 -36.24 -5.03
CA LEU G 1102 6.28 -37.31 -5.62
C LEU G 1102 6.18 -38.54 -4.71
N PHE G 1103 7.09 -38.68 -3.75
CA PHE G 1103 7.12 -39.82 -2.84
C PHE G 1103 6.72 -39.43 -1.42
N GLY G 1104 6.10 -38.27 -1.24
CA GLY G 1104 5.62 -37.87 0.07
C GLY G 1104 6.67 -37.33 1.01
N LEU G 1105 7.84 -36.95 0.51
CA LEU G 1105 8.92 -36.40 1.34
C LEU G 1105 8.90 -34.89 1.26
N GLN G 1106 8.97 -34.24 2.41
CA GLN G 1106 8.92 -32.78 2.51
C GLN G 1106 10.27 -32.29 3.00
N TYR G 1107 11.05 -31.68 2.11
CA TYR G 1107 12.38 -31.20 2.45
C TYR G 1107 12.69 -29.94 1.67
N ASN G 1108 13.70 -29.22 2.15
CA ASN G 1108 14.25 -28.08 1.45
C ASN G 1108 15.76 -28.04 1.72
N LEU G 1109 16.42 -27.02 1.21
CA LEU G 1109 17.86 -26.90 1.41
C LEU G 1109 18.21 -26.74 2.88
N GLU G 1110 17.44 -25.92 3.60
CA GLU G 1110 17.74 -25.65 5.01
C GLU G 1110 17.48 -26.87 5.88
N LYS G 1111 16.36 -27.56 5.67
CA LYS G 1111 16.06 -28.76 6.44
C LYS G 1111 17.10 -29.84 6.19
N LEU G 1112 17.49 -30.03 4.93
CA LEU G 1112 18.52 -31.02 4.62
C LEU G 1112 19.86 -30.63 5.22
N ASN G 1113 20.18 -29.34 5.24
CA ASN G 1113 21.42 -28.90 5.87
C ASN G 1113 21.42 -29.17 7.37
N ARG G 1114 20.29 -28.92 8.03
CA ARG G 1114 20.19 -29.21 9.45
C ARG G 1114 20.34 -30.70 9.72
N GLU G 1115 19.71 -31.53 8.89
CA GLU G 1115 19.87 -32.98 9.03
C GLU G 1115 21.32 -33.41 8.80
N MET G 1116 21.99 -32.79 7.83
CA MET G 1116 23.39 -33.11 7.56
C MET G 1116 24.28 -32.76 8.74
N VAL G 1117 24.05 -31.59 9.35
CA VAL G 1117 24.82 -31.19 10.52
C VAL G 1117 24.58 -32.15 11.67
N GLU G 1118 23.31 -32.54 11.89
CA GLU G 1118 23.01 -33.52 12.93
C GLU G 1118 23.72 -34.84 12.67
N LEU G 1119 23.72 -35.30 11.42
CA LEU G 1119 24.39 -36.55 11.07
C LEU G 1119 25.88 -36.47 11.35
N LEU G 1120 26.51 -35.35 10.99
CA LEU G 1120 27.94 -35.21 11.23
C LEU G 1120 28.25 -35.17 12.72
N GLN G 1121 27.40 -34.50 13.50
CA GLN G 1121 27.59 -34.48 14.95
C GLN G 1121 27.44 -35.88 15.55
N ASN G 1122 26.50 -36.67 15.02
CA ASN G 1122 26.28 -38.01 15.56
C ASN G 1122 27.47 -38.92 15.33
N GLU G 1123 28.27 -38.65 14.30
CA GLU G 1123 29.50 -39.41 14.04
C GLU G 1123 30.73 -38.76 14.65
N ASN G 1124 30.56 -37.66 15.39
CA ASN G 1124 31.68 -36.95 16.01
C ASN G 1124 32.70 -36.50 14.97
N LYS G 1125 32.22 -36.11 13.80
CA LYS G 1125 33.06 -35.71 12.68
C LYS G 1125 32.80 -34.27 12.26
N TYR G 1126 32.14 -33.49 13.10
CA TYR G 1126 31.70 -32.14 12.75
C TYR G 1126 32.65 -31.12 13.35
N ASN G 1127 33.22 -30.28 12.50
CA ASN G 1127 34.10 -29.18 12.92
C ASN G 1127 35.27 -29.69 13.77
N GLN G 1128 35.84 -30.82 13.37
CA GLN G 1128 36.97 -31.42 14.07
C GLN G 1128 38.13 -31.53 13.09
N GLN G 1129 39.14 -30.68 13.28
CA GLN G 1129 40.30 -30.72 12.38
C GLN G 1129 41.15 -31.96 12.62
N ILE G 1130 41.16 -32.48 13.84
CA ILE G 1130 41.88 -33.70 14.18
C ILE G 1130 40.89 -34.69 14.75
N LEU G 1131 40.94 -35.93 14.27
CA LEU G 1131 40.02 -36.98 14.67
C LEU G 1131 40.66 -37.88 15.72
N TYR G 1132 39.79 -38.50 16.53
CA TYR G 1132 40.20 -39.46 17.55
C TYR G 1132 41.14 -38.83 18.58
N THR G 1133 40.89 -37.57 18.91
CA THR G 1133 41.68 -36.91 19.95
C THR G 1133 41.33 -37.45 21.33
N GLU G 1134 40.07 -37.82 21.55
CA GLU G 1134 39.67 -38.48 22.79
C GLU G 1134 39.77 -40.00 22.65
N GLY G 1135 39.12 -40.56 21.65
CA GLY G 1135 39.17 -41.99 21.41
C GLY G 1135 38.65 -42.29 20.02
N PHE G 1136 38.84 -43.53 19.61
CA PHE G 1136 38.48 -43.93 18.26
C PHE G 1136 37.00 -44.26 18.17
N ALA G 1137 36.49 -44.27 16.95
CA ALA G 1137 35.07 -44.43 16.69
C ALA G 1137 34.62 -45.88 16.64
N THR G 1138 35.52 -46.82 16.88
CA THR G 1138 35.14 -48.22 16.92
C THR G 1138 34.25 -48.49 18.13
N PRO G 1139 33.45 -49.56 18.09
CA PRO G 1139 32.50 -49.80 19.20
C PRO G 1139 33.16 -49.91 20.56
N ASP G 1140 34.39 -50.42 20.64
CA ASP G 1140 35.14 -50.48 21.89
C ASP G 1140 36.11 -49.32 22.05
N LYS G 1141 36.08 -48.36 21.13
CA LYS G 1141 36.96 -47.19 21.18
C LYS G 1141 38.43 -47.59 21.17
N THR G 1142 38.76 -48.61 20.38
CA THR G 1142 40.13 -49.09 20.24
C THR G 1142 40.44 -49.29 18.77
N VAL G 1143 41.73 -49.26 18.44
CA VAL G 1143 42.16 -49.49 17.08
C VAL G 1143 42.04 -50.97 16.76
N HIS G 1144 41.39 -51.29 15.65
CA HIS G 1144 41.31 -52.66 15.16
C HIS G 1144 42.38 -52.82 14.10
N LEU G 1145 43.55 -53.32 14.51
CA LEU G 1145 44.69 -53.39 13.63
C LEU G 1145 44.40 -54.27 12.41
N PHE G 1146 44.92 -53.86 11.26
CA PHE G 1146 44.58 -54.46 9.98
C PHE G 1146 45.46 -55.68 9.75
N VAL G 1147 44.85 -56.85 9.74
CA VAL G 1147 45.54 -58.11 9.45
C VAL G 1147 44.92 -58.68 8.19
N SER G 1148 45.73 -58.82 7.13
CA SER G 1148 45.23 -59.35 5.87
C SER G 1148 46.40 -59.83 5.04
N LYS G 1149 46.08 -60.62 4.02
CA LYS G 1149 47.10 -61.14 3.12
C LYS G 1149 47.62 -60.05 2.20
N ASP G 1150 48.78 -60.31 1.61
CA ASP G 1150 49.41 -59.33 0.73
C ASP G 1150 48.58 -59.14 -0.53
N ALA G 1151 48.49 -57.89 -0.97
CA ALA G 1151 47.69 -57.48 -2.12
C ALA G 1151 48.51 -56.50 -2.93
N PRO G 1152 48.14 -56.27 -4.20
CA PRO G 1152 48.79 -55.20 -4.97
C PRO G 1152 48.64 -53.86 -4.26
N ALA G 1153 49.71 -53.07 -4.29
CA ALA G 1153 49.74 -51.83 -3.52
C ALA G 1153 48.93 -50.73 -4.17
N PHE G 1154 48.87 -50.69 -5.51
CA PHE G 1154 48.24 -49.60 -6.23
C PHE G 1154 47.29 -50.15 -7.28
N VAL G 1155 46.23 -49.38 -7.54
CA VAL G 1155 45.20 -49.76 -8.49
C VAL G 1155 45.05 -48.64 -9.51
N GLU G 1156 44.61 -49.01 -10.71
CA GLU G 1156 44.31 -48.07 -11.78
C GLU G 1156 42.85 -48.25 -12.15
N LYS G 1157 42.04 -47.25 -11.89
CA LYS G 1157 40.60 -47.32 -12.12
C LYS G 1157 40.16 -46.16 -13.00
N ALA G 1158 39.04 -46.36 -13.68
CA ALA G 1158 38.48 -45.33 -14.54
C ALA G 1158 37.70 -44.32 -13.71
N VAL G 1159 37.37 -43.19 -14.34
CA VAL G 1159 36.53 -42.17 -13.73
C VAL G 1159 35.11 -42.37 -14.29
N PHE G 1160 34.15 -42.54 -13.39
CA PHE G 1160 32.78 -42.76 -13.81
C PHE G 1160 31.93 -41.50 -13.76
N ASP G 1161 32.38 -40.45 -13.07
CA ASP G 1161 31.72 -39.17 -13.15
C ASP G 1161 31.73 -38.66 -14.59
N THR G 1162 30.56 -38.22 -15.06
CA THR G 1162 30.40 -37.90 -16.48
C THR G 1162 31.30 -36.75 -16.90
N VAL G 1163 31.28 -35.66 -16.14
CA VAL G 1163 31.98 -34.44 -16.55
C VAL G 1163 33.49 -34.62 -16.45
N LYS G 1164 33.98 -35.20 -15.36
CA LYS G 1164 35.41 -35.40 -15.21
C LYS G 1164 35.93 -36.39 -16.25
N ASN G 1165 35.17 -37.45 -16.52
CA ASN G 1165 35.54 -38.39 -17.56
C ASN G 1165 35.61 -37.70 -18.92
N ARG G 1166 34.63 -36.86 -19.21
CA ARG G 1166 34.63 -36.14 -20.48
C ARG G 1166 35.82 -35.22 -20.61
N PHE G 1167 36.17 -34.50 -19.53
CA PHE G 1167 37.31 -33.59 -19.60
C PHE G 1167 38.62 -34.36 -19.71
N GLU G 1168 38.73 -35.50 -19.02
CA GLU G 1168 39.95 -36.31 -19.15
C GLU G 1168 40.10 -36.85 -20.55
N LYS G 1169 39.00 -37.30 -21.16
CA LYS G 1169 39.06 -37.73 -22.56
C LYS G 1169 39.44 -36.58 -23.47
N TYR G 1170 38.93 -35.38 -23.20
CA TYR G 1170 39.28 -34.22 -24.01
C TYR G 1170 40.76 -33.90 -23.90
N LEU G 1171 41.32 -33.98 -22.69
CA LEU G 1171 42.74 -33.74 -22.51
C LEU G 1171 43.57 -34.79 -23.22
N GLN G 1172 43.14 -36.05 -23.15
CA GLN G 1172 43.86 -37.11 -23.87
C GLN G 1172 43.83 -36.88 -25.37
N ASP G 1173 42.68 -36.45 -25.90
CA ASP G 1173 42.57 -36.21 -27.34
C ASP G 1173 43.47 -35.08 -27.80
N LYS G 1174 43.66 -34.06 -26.98
CA LYS G 1174 44.55 -32.96 -27.29
C LYS G 1174 45.98 -33.22 -26.85
N HIS G 1175 46.26 -34.41 -26.32
CA HIS G 1175 47.61 -34.83 -25.91
C HIS G 1175 48.16 -33.92 -24.82
N LEU G 1176 47.30 -33.52 -23.89
CA LEU G 1176 47.69 -32.70 -22.76
C LEU G 1176 47.87 -33.55 -21.52
N LYS G 1177 48.61 -33.01 -20.56
CA LYS G 1177 48.76 -33.60 -19.24
C LYS G 1177 48.06 -32.74 -18.21
N TYR G 1178 48.00 -33.23 -16.98
CA TYR G 1178 47.38 -32.49 -15.90
C TYR G 1178 48.00 -32.84 -14.56
N MET H 1 124.56 -21.91 -17.91
CA MET H 1 123.90 -21.36 -19.09
C MET H 1 122.50 -21.93 -19.26
N LYS H 2 121.51 -21.05 -19.34
CA LYS H 2 120.12 -21.45 -19.53
C LYS H 2 119.49 -20.58 -20.60
N ILE H 3 118.48 -21.10 -21.27
CA ILE H 3 117.75 -20.36 -22.30
C ILE H 3 116.28 -20.35 -21.90
N ARG H 4 115.68 -19.16 -21.89
CA ARG H 4 114.26 -19.01 -21.60
C ARG H 4 113.58 -18.29 -22.76
N VAL H 5 112.42 -18.80 -23.17
CA VAL H 5 111.64 -18.20 -24.24
C VAL H 5 110.32 -17.74 -23.67
N GLY H 6 109.85 -16.58 -24.09
CA GLY H 6 108.66 -16.03 -23.49
C GLY H 6 107.40 -16.59 -24.10
N LEU H 7 106.86 -17.65 -23.48
CA LEU H 7 105.65 -18.31 -23.96
C LEU H 7 104.44 -17.86 -23.14
N GLY H 8 104.08 -16.59 -23.32
CA GLY H 8 102.83 -16.07 -22.81
C GLY H 8 101.72 -16.22 -23.84
N SER H 9 100.58 -15.61 -23.53
CA SER H 9 99.52 -15.51 -24.53
C SER H 9 99.98 -14.69 -25.71
N CYS H 10 100.70 -13.60 -25.47
CA CYS H 10 101.26 -12.79 -26.54
C CYS H 10 102.48 -13.44 -27.16
N GLY H 11 103.31 -14.10 -26.35
CA GLY H 11 104.52 -14.71 -26.87
C GLY H 11 104.22 -15.85 -27.82
N MET H 12 103.26 -16.72 -27.47
CA MET H 12 102.87 -17.80 -28.36
C MET H 12 102.19 -17.28 -29.62
N ALA H 13 101.67 -16.06 -29.59
CA ALA H 13 101.04 -15.45 -30.76
C ALA H 13 102.03 -14.65 -31.59
N ALA H 14 103.27 -14.49 -31.13
CA ALA H 14 104.30 -13.79 -31.88
C ALA H 14 105.31 -14.75 -32.50
N GLY H 15 105.04 -16.05 -32.48
CA GLY H 15 105.97 -17.03 -32.99
C GLY H 15 106.92 -17.61 -31.97
N GLY H 16 106.64 -17.43 -30.69
CA GLY H 16 107.55 -17.94 -29.66
C GLY H 16 107.66 -19.45 -29.65
N ASN H 17 106.56 -20.15 -29.94
CA ASN H 17 106.59 -21.61 -29.95
C ASN H 17 107.55 -22.13 -31.02
N LYS H 18 107.48 -21.55 -32.22
CA LYS H 18 108.40 -21.96 -33.29
C LYS H 18 109.84 -21.60 -32.94
N VAL H 19 110.05 -20.46 -32.27
CA VAL H 19 111.39 -20.08 -31.85
C VAL H 19 111.95 -21.10 -30.87
N MET H 20 111.14 -21.52 -29.90
CA MET H 20 111.59 -22.51 -28.92
C MET H 20 111.88 -23.85 -29.60
N GLU H 21 111.03 -24.26 -30.53
CA GLU H 21 111.26 -25.52 -31.24
C GLU H 21 112.55 -25.46 -32.05
N CYS H 22 112.80 -24.35 -32.73
CA CYS H 22 114.03 -24.20 -33.49
C CYS H 22 115.24 -24.19 -32.56
N ILE H 23 115.13 -23.55 -31.40
CA ILE H 23 116.23 -23.54 -30.44
C ILE H 23 116.55 -24.95 -29.98
N GLN H 24 115.52 -25.73 -29.64
CA GLN H 24 115.74 -27.10 -29.21
C GLN H 24 116.35 -27.94 -30.31
N GLN H 25 115.87 -27.79 -31.55
CA GLN H 25 116.42 -28.55 -32.67
C GLN H 25 117.88 -28.19 -32.91
N GLU H 26 118.22 -26.90 -32.86
CA GLU H 26 119.59 -26.48 -33.06
C GLU H 26 120.50 -27.00 -31.95
N LEU H 27 120.03 -26.96 -30.71
CA LEU H 27 120.83 -27.49 -29.61
C LEU H 27 121.04 -28.99 -29.74
N ARG H 28 120.01 -29.72 -30.17
CA ARG H 28 120.16 -31.17 -30.35
C ARG H 28 121.12 -31.49 -31.49
N SER H 29 120.99 -30.78 -32.62
CA SER H 29 121.86 -31.06 -33.76
C SER H 29 123.30 -30.68 -33.48
N ARG H 30 123.54 -29.63 -32.68
CA ARG H 30 124.88 -29.23 -32.31
C ARG H 30 125.46 -30.10 -31.20
N ASN H 31 124.68 -31.03 -30.65
CA ASN H 31 125.10 -31.89 -29.55
C ASN H 31 125.50 -31.06 -28.33
N LEU H 32 124.53 -30.32 -27.82
CA LEU H 32 124.70 -29.46 -26.66
C LEU H 32 123.64 -29.79 -25.63
N ASP H 33 123.99 -29.59 -24.36
CA ASP H 33 123.11 -29.88 -23.22
C ASP H 33 122.89 -28.58 -22.46
N ILE H 34 121.89 -27.82 -22.88
CA ILE H 34 121.59 -26.54 -22.24
C ILE H 34 120.10 -26.51 -21.92
N PRO H 35 119.72 -26.21 -20.68
CA PRO H 35 118.29 -26.18 -20.34
C PRO H 35 117.54 -25.11 -21.15
N VAL H 36 116.35 -25.48 -21.60
CA VAL H 36 115.45 -24.60 -22.33
C VAL H 36 114.13 -24.56 -21.59
N GLU H 37 113.63 -23.37 -21.32
CA GLU H 37 112.47 -23.20 -20.46
C GLU H 37 111.49 -22.20 -21.07
N PRO H 38 110.21 -22.32 -20.72
CA PRO H 38 109.25 -21.26 -21.04
C PRO H 38 109.13 -20.27 -19.89
N THR H 39 108.68 -19.07 -20.24
CA THR H 39 108.47 -18.02 -19.24
C THR H 39 107.35 -17.10 -19.72
N GLY H 40 106.80 -16.35 -18.77
CA GLY H 40 105.67 -15.49 -19.06
C GLY H 40 106.09 -14.18 -19.71
N CYS H 41 105.13 -13.26 -19.76
CA CYS H 41 105.36 -11.95 -20.36
C CYS H 41 106.04 -11.04 -19.36
N ILE H 42 107.24 -10.56 -19.68
CA ILE H 42 107.95 -9.65 -18.80
C ILE H 42 107.36 -8.25 -18.84
N GLY H 43 106.54 -7.96 -19.85
CA GLY H 43 105.95 -6.65 -20.04
C GLY H 43 106.31 -5.99 -21.36
N LEU H 44 107.43 -6.37 -21.96
CA LEU H 44 107.83 -5.86 -23.27
C LEU H 44 107.14 -6.68 -24.36
N CYS H 45 105.82 -6.54 -24.42
CA CYS H 45 105.03 -7.28 -25.40
C CYS H 45 105.29 -6.82 -26.82
N PHE H 46 105.93 -5.67 -27.02
CA PHE H 46 106.32 -5.20 -28.34
C PHE H 46 107.67 -5.74 -28.76
N PHE H 47 108.32 -6.55 -27.93
CA PHE H 47 109.61 -7.15 -28.24
C PHE H 47 109.52 -8.67 -28.40
N GLU H 48 108.34 -9.25 -28.31
CA GLU H 48 108.20 -10.69 -28.42
C GLU H 48 108.55 -11.16 -29.83
N PRO H 49 109.16 -12.34 -29.97
CA PRO H 49 109.56 -13.29 -28.91
C PRO H 49 110.80 -12.82 -28.15
N LEU H 50 110.88 -13.12 -26.86
CA LEU H 50 111.99 -12.69 -26.02
C LEU H 50 112.78 -13.92 -25.59
N VAL H 51 114.08 -13.93 -25.86
CA VAL H 51 114.95 -15.02 -25.47
C VAL H 51 115.91 -14.49 -24.42
N ASP H 52 115.81 -15.02 -23.21
CA ASP H 52 116.69 -14.64 -22.11
C ASP H 52 117.75 -15.72 -21.95
N VAL H 53 118.99 -15.37 -22.22
CA VAL H 53 120.12 -16.25 -21.95
C VAL H 53 120.68 -15.90 -20.59
N ILE H 54 120.81 -16.91 -19.73
CA ILE H 54 121.20 -16.73 -18.34
C ILE H 54 122.56 -17.38 -18.14
N ASP H 55 123.52 -16.59 -17.67
CA ASP H 55 124.86 -17.05 -17.33
C ASP H 55 125.03 -16.69 -15.86
N GLY H 56 124.92 -17.70 -14.99
CA GLY H 56 124.99 -17.47 -13.57
C GLY H 56 123.85 -16.59 -13.08
N ASP H 57 124.16 -15.35 -12.70
CA ASP H 57 123.15 -14.39 -12.30
C ASP H 57 122.90 -13.32 -13.35
N ASP H 58 123.56 -13.39 -14.50
CA ASP H 58 123.41 -12.40 -15.56
C ASP H 58 122.37 -12.85 -16.57
N VAL H 59 121.50 -11.94 -16.97
CA VAL H 59 120.41 -12.22 -17.89
C VAL H 59 120.53 -11.27 -19.08
N TYR H 60 120.54 -11.85 -20.29
CA TYR H 60 120.55 -11.06 -21.52
C TYR H 60 119.27 -11.36 -22.28
N THR H 61 118.49 -10.31 -22.57
CA THR H 61 117.18 -10.45 -23.19
C THR H 61 117.28 -9.98 -24.64
N TYR H 62 117.31 -10.94 -25.56
CA TYR H 62 117.21 -10.65 -26.98
C TYR H 62 115.74 -10.52 -27.37
N GLY H 63 115.41 -9.46 -28.08
CA GLY H 63 114.03 -9.23 -28.49
C GLY H 63 113.83 -9.29 -29.98
N ASN H 64 112.58 -9.48 -30.41
CA ASN H 64 112.24 -9.61 -31.82
C ASN H 64 113.08 -10.68 -32.50
N VAL H 65 113.27 -11.79 -31.80
CA VAL H 65 114.11 -12.86 -32.31
C VAL H 65 113.37 -13.62 -33.39
N THR H 66 114.13 -14.21 -34.31
CA THR H 66 113.62 -14.94 -35.45
C THR H 66 114.33 -16.29 -35.54
N PRO H 67 113.70 -17.29 -36.16
CA PRO H 67 114.37 -18.59 -36.30
C PRO H 67 115.70 -18.50 -37.02
N GLU H 68 115.83 -17.61 -38.01
CA GLU H 68 117.10 -17.47 -38.71
C GLU H 68 118.18 -16.91 -37.80
N MET H 69 117.81 -16.05 -36.85
CA MET H 69 118.77 -15.48 -35.91
C MET H 69 119.20 -16.48 -34.84
N ILE H 70 118.41 -17.53 -34.62
CA ILE H 70 118.70 -18.47 -33.53
C ILE H 70 120.06 -19.11 -33.65
N PRO H 71 120.47 -19.66 -34.81
CA PRO H 71 121.81 -20.28 -34.87
C PRO H 71 122.93 -19.31 -34.55
N LYS H 72 122.83 -18.06 -35.01
CA LYS H 72 123.87 -17.08 -34.71
C LYS H 72 123.96 -16.81 -33.22
N ILE H 73 122.80 -16.64 -32.57
CA ILE H 73 122.79 -16.41 -31.13
C ILE H 73 123.39 -17.59 -30.39
N ILE H 74 122.99 -18.81 -30.78
CA ILE H 74 123.45 -20.01 -30.08
C ILE H 74 124.95 -20.18 -30.23
N GLU H 75 125.49 -19.99 -31.44
CA GLU H 75 126.91 -20.19 -31.66
C GLU H 75 127.76 -19.02 -31.21
N SER H 76 127.18 -17.85 -30.96
CA SER H 76 127.96 -16.69 -30.52
C SER H 76 127.89 -16.45 -29.02
N HIS H 77 126.82 -16.89 -28.34
CA HIS H 77 126.67 -16.69 -26.91
C HIS H 77 126.80 -17.98 -26.12
N VAL H 78 126.01 -19.00 -26.46
CA VAL H 78 126.11 -20.28 -25.77
C VAL H 78 127.43 -20.97 -26.09
N ILE H 79 127.87 -20.89 -27.35
CA ILE H 79 129.13 -21.49 -27.78
C ILE H 79 130.23 -20.45 -27.87
N GLY H 80 129.94 -19.26 -28.40
CA GLY H 80 130.94 -18.24 -28.52
C GLY H 80 131.35 -17.60 -27.21
N LYS H 81 130.52 -17.76 -26.17
CA LYS H 81 130.80 -17.19 -24.85
C LYS H 81 130.99 -15.67 -24.92
N LYS H 82 130.14 -15.00 -25.68
CA LYS H 82 130.18 -13.54 -25.77
C LYS H 82 128.82 -13.01 -26.21
N PRO H 83 128.27 -12.03 -25.49
CA PRO H 83 126.97 -11.48 -25.89
C PRO H 83 127.05 -10.84 -27.26
N LEU H 84 125.96 -10.99 -28.04
CA LEU H 84 125.95 -10.43 -29.38
C LEU H 84 125.97 -8.91 -29.37
N ASP H 85 125.20 -8.30 -28.45
CA ASP H 85 125.21 -6.87 -28.18
C ASP H 85 124.61 -6.12 -29.37
N GLU H 86 124.29 -6.83 -30.44
CA GLU H 86 123.66 -6.24 -31.61
C GLU H 86 122.16 -6.49 -31.65
N PHE H 87 121.73 -7.71 -31.38
CA PHE H 87 120.32 -8.03 -31.28
C PHE H 87 119.79 -7.95 -29.85
N ILE H 88 120.64 -7.63 -28.88
CA ILE H 88 120.21 -7.54 -27.49
C ILE H 88 119.32 -6.32 -27.33
N VAL H 89 118.17 -6.51 -26.68
CA VAL H 89 117.27 -5.40 -26.36
C VAL H 89 117.22 -5.11 -24.87
N SER H 90 117.74 -5.99 -24.02
CA SER H 90 117.81 -5.68 -22.61
C SER H 90 118.86 -6.56 -21.95
N THR H 91 119.27 -6.16 -20.75
CA THR H 91 120.20 -6.97 -19.95
C THR H 91 120.02 -6.59 -18.50
N SER H 92 120.52 -7.47 -17.61
CA SER H 92 120.41 -7.22 -16.18
C SER H 92 121.18 -5.96 -15.79
N PHE H 93 122.36 -5.77 -16.37
CA PHE H 93 123.16 -4.58 -16.05
C PHE H 93 122.46 -3.31 -16.52
N GLU H 94 121.94 -3.30 -17.75
CA GLU H 94 121.25 -2.14 -18.30
C GLU H 94 119.86 -2.62 -18.69
N PRO H 95 118.87 -2.44 -17.84
CA PRO H 95 117.50 -2.82 -18.18
C PRO H 95 116.87 -1.77 -19.09
N TYR H 96 115.82 -2.19 -19.78
CA TYR H 96 115.10 -1.29 -20.66
C TYR H 96 114.51 -0.13 -19.85
N PRO H 97 114.52 1.09 -20.39
CA PRO H 97 113.96 2.22 -19.63
C PRO H 97 112.50 2.05 -19.25
N MET H 98 111.75 1.26 -20.03
CA MET H 98 110.36 0.99 -19.70
C MET H 98 110.24 0.26 -18.37
N LEU H 99 111.27 -0.47 -17.98
CA LEU H 99 111.28 -1.24 -16.74
C LEU H 99 111.97 -0.50 -15.60
N LYS H 100 112.44 0.73 -15.83
CA LYS H 100 113.16 1.45 -14.79
C LYS H 100 112.26 2.28 -13.90
N SER H 101 111.09 2.69 -14.38
CA SER H 101 110.17 3.51 -13.62
C SER H 101 109.05 2.68 -13.00
N GLN H 102 109.15 1.36 -13.04
CA GLN H 102 108.14 0.47 -12.51
C GLN H 102 108.67 -0.23 -11.26
N VAL H 103 107.88 -0.20 -10.19
CA VAL H 103 108.11 -1.06 -9.03
C VAL H 103 107.08 -2.18 -9.10
N ARG H 104 107.55 -3.41 -8.96
CA ARG H 104 106.73 -4.59 -9.25
C ARG H 104 106.47 -5.40 -8.00
N ILE H 105 105.19 -5.73 -7.78
CA ILE H 105 104.79 -6.54 -6.63
C ILE H 105 104.00 -7.74 -7.13
N ALA H 106 102.90 -7.48 -7.84
CA ALA H 106 102.14 -8.58 -8.45
C ALA H 106 102.90 -9.22 -9.59
N LEU H 107 103.57 -8.40 -10.42
CA LEU H 107 104.39 -8.89 -11.52
C LEU H 107 105.84 -9.09 -11.11
N LYS H 108 106.10 -9.36 -9.83
CA LYS H 108 107.47 -9.49 -9.37
C LYS H 108 108.18 -10.65 -10.05
N ASN H 109 107.50 -11.77 -10.21
CA ASN H 109 108.08 -12.96 -10.82
C ASN H 109 107.67 -13.15 -12.27
N CYS H 110 106.86 -12.25 -12.82
CA CYS H 110 106.38 -12.43 -14.19
C CYS H 110 107.50 -12.22 -15.18
N GLY H 111 107.80 -13.24 -15.98
CA GLY H 111 108.87 -13.17 -16.95
C GLY H 111 110.24 -13.48 -16.40
N ARG H 112 110.36 -13.85 -15.12
CA ARG H 112 111.65 -14.14 -14.52
C ARG H 112 111.70 -15.51 -13.87
N ILE H 113 110.69 -16.35 -14.06
CA ILE H 113 110.63 -17.67 -13.47
C ILE H 113 110.15 -18.66 -14.53
N ASN H 114 110.01 -19.91 -14.11
CA ASN H 114 109.42 -20.95 -14.95
C ASN H 114 108.00 -21.19 -14.50
N PRO H 115 106.99 -20.80 -15.27
CA PRO H 115 105.60 -20.94 -14.81
C PRO H 115 105.18 -22.39 -14.61
N GLU H 116 105.86 -23.34 -15.25
CA GLU H 116 105.49 -24.75 -15.17
C GLU H 116 106.41 -25.54 -14.25
N ASP H 117 107.27 -24.86 -13.49
CA ASP H 117 108.17 -25.51 -12.53
C ASP H 117 108.05 -24.81 -11.19
N ILE H 118 107.58 -25.53 -10.18
CA ILE H 118 107.40 -24.94 -8.86
C ILE H 118 108.74 -24.71 -8.17
N ASP H 119 109.78 -25.45 -8.53
CA ASP H 119 111.07 -25.29 -7.89
C ASP H 119 111.65 -23.91 -8.16
N ASP H 120 111.47 -23.40 -9.37
CA ASP H 120 111.98 -22.07 -9.68
C ASP H 120 111.25 -20.99 -8.88
N TYR H 121 109.94 -21.14 -8.72
CA TYR H 121 109.18 -20.21 -7.89
C TYR H 121 109.64 -20.27 -6.44
N ILE H 122 109.88 -21.48 -5.93
CA ILE H 122 110.34 -21.64 -4.55
C ILE H 122 111.71 -21.00 -4.37
N LYS H 123 112.59 -21.16 -5.35
CA LYS H 123 113.94 -20.64 -5.24
C LYS H 123 113.95 -19.12 -5.07
N ASN H 124 113.07 -18.43 -5.76
CA ASN H 124 113.02 -16.96 -5.71
C ASN H 124 112.02 -16.49 -4.65
N GLY H 125 112.26 -16.93 -3.42
CA GLY H 125 111.45 -16.49 -2.30
C GLY H 125 109.98 -16.84 -2.41
N GLY H 126 109.68 -18.06 -2.84
CA GLY H 126 108.31 -18.50 -3.05
C GLY H 126 107.79 -19.33 -1.89
N TYR H 127 106.50 -19.21 -1.64
CA TYR H 127 105.76 -19.96 -0.62
C TYR H 127 106.28 -19.73 0.79
N GLU H 128 107.18 -18.76 0.98
CA GLU H 128 107.66 -18.47 2.33
C GLU H 128 106.62 -17.73 3.14
N ALA H 129 105.77 -16.92 2.48
CA ALA H 129 104.67 -16.28 3.18
C ALA H 129 103.71 -17.31 3.76
N LEU H 130 103.39 -18.34 2.98
CA LEU H 130 102.51 -19.40 3.48
C LEU H 130 103.13 -20.12 4.66
N LYS H 131 104.43 -20.41 4.59
CA LYS H 131 105.11 -21.07 5.70
C LYS H 131 105.07 -20.22 6.95
N LYS H 132 105.37 -18.92 6.81
CA LYS H 132 105.35 -18.02 7.96
C LYS H 132 103.96 -17.95 8.57
N VAL H 133 102.93 -17.81 7.72
CA VAL H 133 101.56 -17.70 8.22
C VAL H 133 101.15 -18.97 8.94
N LEU H 134 101.48 -20.12 8.37
CA LEU H 134 101.07 -21.39 8.96
C LEU H 134 101.85 -21.72 10.23
N THR H 135 103.07 -21.21 10.35
CA THR H 135 103.87 -21.55 11.52
C THR H 135 103.65 -20.58 12.68
N SER H 136 103.77 -19.28 12.43
CA SER H 136 103.79 -18.30 13.52
C SER H 136 102.86 -17.13 13.23
N MET H 137 101.63 -17.42 12.82
CA MET H 137 100.66 -16.37 12.59
C MET H 137 99.26 -16.89 12.90
N THR H 138 98.35 -15.94 13.14
CA THR H 138 96.95 -16.13 13.46
C THR H 138 96.09 -15.57 12.32
N PRO H 139 94.94 -16.18 12.03
CA PRO H 139 94.06 -15.60 11.00
C PRO H 139 93.69 -14.16 11.27
N GLU H 140 93.44 -13.81 12.54
CA GLU H 140 93.22 -12.41 12.88
C GLU H 140 94.47 -11.58 12.60
N GLU H 141 95.65 -12.15 12.85
CA GLU H 141 96.89 -11.46 12.52
C GLU H 141 97.02 -11.25 11.02
N VAL H 142 96.61 -12.23 10.21
CA VAL H 142 96.67 -12.07 8.76
C VAL H 142 95.72 -10.97 8.30
N ILE H 143 94.50 -10.96 8.84
CA ILE H 143 93.54 -9.93 8.47
C ILE H 143 94.05 -8.55 8.87
N GLU H 144 94.64 -8.44 10.06
CA GLU H 144 95.19 -7.17 10.49
C GLU H 144 96.35 -6.73 9.61
N GLU H 145 97.18 -7.68 9.17
CA GLU H 145 98.29 -7.35 8.27
C GLU H 145 97.76 -6.81 6.96
N ILE H 146 96.74 -7.46 6.38
CA ILE H 146 96.16 -6.96 5.14
C ILE H 146 95.51 -5.60 5.35
N LYS H 147 94.89 -5.40 6.51
CA LYS H 147 94.29 -4.11 6.82
C LYS H 147 95.33 -3.00 6.88
N ILE H 148 96.46 -3.27 7.54
CA ILE H 148 97.52 -2.27 7.62
C ILE H 148 98.11 -2.00 6.25
N SER H 149 98.24 -3.06 5.43
CA SER H 149 98.84 -2.90 4.11
C SER H 149 98.02 -1.97 3.22
N GLY H 150 96.72 -1.86 3.46
CA GLY H 150 95.88 -1.01 2.65
C GLY H 150 95.50 -1.59 1.30
N LEU H 151 95.72 -2.87 1.08
CA LEU H 151 95.31 -3.51 -0.16
C LEU H 151 93.80 -3.38 -0.33
N ARG H 152 93.37 -3.00 -1.53
CA ARG H 152 91.95 -2.77 -1.76
C ARG H 152 91.64 -2.93 -3.24
N GLY H 153 90.90 -3.99 -3.57
CA GLY H 153 90.31 -4.18 -4.88
C GLY H 153 91.23 -4.77 -5.93
N ARG H 154 92.10 -3.95 -6.50
CA ARG H 154 92.99 -4.35 -7.58
C ARG H 154 92.22 -5.09 -8.69
N GLY H 155 91.27 -4.37 -9.29
CA GLY H 155 90.49 -4.96 -10.36
C GLY H 155 88.99 -4.91 -10.12
N GLY H 156 88.56 -3.93 -9.33
CA GLY H 156 87.14 -3.73 -9.11
C GLY H 156 86.81 -2.29 -8.77
N ALA H 157 85.65 -2.06 -8.17
CA ALA H 157 85.31 -0.72 -7.72
C ALA H 157 86.27 -0.25 -6.64
N GLY H 158 86.84 -1.18 -5.89
CA GLY H 158 87.83 -0.85 -4.88
C GLY H 158 87.25 -0.88 -3.48
N PHE H 159 87.44 -1.98 -2.78
CA PHE H 159 86.98 -2.14 -1.41
C PHE H 159 88.10 -2.71 -0.56
N PRO H 160 88.17 -2.34 0.71
CA PRO H 160 89.22 -2.88 1.59
C PRO H 160 89.12 -4.39 1.66
N THR H 161 90.19 -5.06 1.23
CA THR H 161 90.20 -6.52 1.21
C THR H 161 90.08 -7.09 2.61
N TRP H 162 90.67 -6.42 3.60
CA TRP H 162 90.55 -6.88 4.97
C TRP H 162 89.09 -6.90 5.41
N PHE H 163 88.30 -5.92 4.96
CA PHE H 163 86.89 -5.91 5.32
C PHE H 163 86.16 -7.12 4.77
N LYS H 164 86.41 -7.47 3.51
CA LYS H 164 85.77 -8.64 2.93
C LYS H 164 86.21 -9.91 3.65
N TRP H 165 87.50 -10.03 3.95
CA TRP H 165 87.98 -11.23 4.63
C TRP H 165 87.39 -11.35 6.03
N ASP H 166 87.32 -10.24 6.77
CA ASP H 166 86.74 -10.28 8.10
C ASP H 166 85.25 -10.59 8.05
N ALA H 167 84.54 -10.04 7.06
CA ALA H 167 83.12 -10.33 6.93
C ALA H 167 82.89 -11.80 6.61
N ALA H 168 83.74 -12.38 5.76
CA ALA H 168 83.61 -13.81 5.45
C ALA H 168 83.97 -14.67 6.65
N ARG H 169 84.99 -14.26 7.42
CA ARG H 169 85.42 -15.07 8.55
C ARG H 169 84.40 -15.05 9.68
N LYS H 170 83.87 -13.87 10.01
CA LYS H 170 82.96 -13.76 11.14
C LYS H 170 81.62 -14.46 10.87
N ALA H 171 81.29 -14.71 9.61
CA ALA H 171 80.04 -15.37 9.28
C ALA H 171 80.05 -16.81 9.78
N SER H 172 78.89 -17.29 10.20
CA SER H 172 78.76 -18.63 10.77
C SER H 172 78.50 -19.64 9.67
N GLY H 173 79.31 -20.69 9.63
CA GLY H 173 79.14 -21.74 8.64
C GLY H 173 80.15 -22.86 8.79
N ASP H 174 79.72 -24.10 8.60
CA ASP H 174 80.63 -25.22 8.66
C ASP H 174 81.65 -25.16 7.52
N ILE H 175 81.20 -24.80 6.32
CA ILE H 175 82.06 -24.73 5.14
C ILE H 175 82.00 -23.32 4.59
N LYS H 176 83.16 -22.75 4.28
CA LYS H 176 83.27 -21.47 3.63
C LYS H 176 84.05 -21.62 2.34
N TYR H 177 83.82 -20.70 1.41
CA TYR H 177 84.43 -20.76 0.09
C TYR H 177 85.28 -19.52 -0.15
N VAL H 178 86.35 -19.70 -0.91
CA VAL H 178 87.24 -18.62 -1.30
C VAL H 178 87.43 -18.70 -2.81
N VAL H 179 86.78 -17.80 -3.54
CA VAL H 179 86.82 -17.82 -4.99
C VAL H 179 87.82 -16.80 -5.48
N CYS H 180 88.34 -17.02 -6.69
CA CYS H 180 89.25 -16.09 -7.35
C CYS H 180 88.81 -16.00 -8.80
N ASN H 181 88.14 -14.90 -9.14
CA ASN H 181 87.63 -14.73 -10.50
C ASN H 181 88.79 -14.34 -11.39
N ALA H 182 89.13 -15.21 -12.34
CA ALA H 182 90.17 -14.94 -13.32
C ALA H 182 89.59 -14.46 -14.64
N ASP H 183 88.27 -14.30 -14.71
CA ASP H 183 87.63 -13.76 -15.91
C ASP H 183 88.12 -12.34 -16.11
N GLU H 184 88.61 -12.05 -17.31
CA GLU H 184 89.02 -10.70 -17.69
C GLU H 184 87.91 -10.12 -18.55
N GLY H 185 86.94 -9.49 -17.89
CA GLY H 185 85.74 -9.06 -18.57
C GLY H 185 85.98 -7.97 -19.61
N ASP H 186 86.90 -7.05 -19.31
CA ASP H 186 87.14 -5.93 -20.20
C ASP H 186 87.73 -6.43 -21.52
N PRO H 187 87.08 -6.16 -22.65
CA PRO H 187 87.64 -6.61 -23.93
C PRO H 187 88.80 -5.74 -24.40
N GLY H 188 90.00 -6.05 -23.91
CA GLY H 188 91.15 -5.21 -24.17
C GLY H 188 92.10 -5.19 -22.98
N ALA H 189 91.73 -5.93 -21.94
CA ALA H 189 92.56 -6.11 -20.76
C ALA H 189 93.16 -7.51 -20.77
N PHE H 190 94.41 -7.62 -20.33
CA PHE H 190 95.05 -8.93 -20.29
C PHE H 190 95.95 -9.11 -19.06
N MET H 191 95.71 -8.36 -17.98
CA MET H 191 96.56 -8.50 -16.80
C MET H 191 96.39 -9.86 -16.15
N ASP H 192 95.14 -10.31 -15.98
CA ASP H 192 94.88 -11.57 -15.30
C ASP H 192 95.44 -12.74 -16.09
N ARG H 193 95.27 -12.71 -17.42
CA ARG H 193 95.80 -13.78 -18.26
C ARG H 193 97.31 -13.88 -18.13
N SER H 194 98.01 -12.75 -18.19
CA SER H 194 99.46 -12.77 -18.12
C SER H 194 99.94 -13.18 -16.74
N ILE H 195 99.23 -12.77 -15.68
CA ILE H 195 99.60 -13.18 -14.34
C ILE H 195 99.43 -14.69 -14.17
N LEU H 196 98.32 -15.24 -14.69
CA LEU H 196 98.12 -16.69 -14.60
C LEU H 196 99.17 -17.45 -15.41
N GLU H 197 99.50 -16.95 -16.60
CA GLU H 197 100.46 -17.64 -17.45
C GLU H 197 101.89 -17.47 -16.98
N GLY H 198 102.18 -16.46 -16.16
CA GLY H 198 103.53 -16.23 -15.71
C GLY H 198 103.76 -16.55 -14.24
N ASP H 199 102.78 -16.24 -13.39
CA ASP H 199 102.90 -16.44 -11.96
C ASP H 199 101.60 -17.03 -11.40
N PRO H 200 101.31 -18.29 -11.71
CA PRO H 200 100.10 -18.90 -11.16
C PRO H 200 100.27 -19.25 -9.68
N HIS H 201 101.50 -19.56 -9.29
CA HIS H 201 101.76 -19.96 -7.91
C HIS H 201 101.56 -18.79 -6.95
N ALA H 202 101.78 -17.55 -7.40
CA ALA H 202 101.48 -16.41 -6.56
C ALA H 202 99.99 -16.35 -6.24
N VAL H 203 99.15 -16.56 -7.26
CA VAL H 203 97.71 -16.59 -7.03
C VAL H 203 97.32 -17.75 -6.12
N LEU H 204 97.94 -18.91 -6.32
CA LEU H 204 97.63 -20.06 -5.47
C LEU H 204 97.98 -19.79 -4.01
N GLU H 205 99.16 -19.20 -3.77
CA GLU H 205 99.57 -18.89 -2.41
C GLU H 205 98.68 -17.82 -1.80
N GLY H 206 98.30 -16.81 -2.57
CA GLY H 206 97.39 -15.81 -2.07
C GLY H 206 96.05 -16.39 -1.67
N MET H 207 95.51 -17.29 -2.51
CA MET H 207 94.26 -17.94 -2.17
C MET H 207 94.40 -18.81 -0.92
N THR H 208 95.51 -19.51 -0.77
CA THR H 208 95.72 -20.33 0.41
C THR H 208 95.80 -19.49 1.67
N ILE H 209 96.50 -18.36 1.62
CA ILE H 209 96.59 -17.47 2.78
C ILE H 209 95.22 -16.87 3.10
N ALA H 210 94.48 -16.49 2.06
CA ALA H 210 93.13 -15.96 2.28
C ALA H 210 92.23 -17.00 2.92
N ALA H 211 92.35 -18.26 2.49
CA ALA H 211 91.54 -19.32 3.07
C ALA H 211 91.94 -19.59 4.51
N TYR H 212 93.23 -19.52 4.82
CA TYR H 212 93.66 -19.68 6.20
C TYR H 212 93.10 -18.57 7.08
N ALA H 213 93.13 -17.34 6.59
CA ALA H 213 92.57 -16.23 7.35
C ALA H 213 91.07 -16.39 7.54
N ILE H 214 90.35 -16.71 6.46
CA ILE H 214 88.90 -16.84 6.52
C ILE H 214 88.50 -18.09 7.29
N GLY H 215 89.15 -19.21 7.02
CA GLY H 215 88.73 -20.48 7.55
C GLY H 215 88.14 -21.42 6.51
N ALA H 216 88.26 -21.09 5.23
CA ALA H 216 87.68 -21.91 4.18
C ALA H 216 88.44 -23.23 4.02
N LYS H 217 87.80 -24.18 3.36
CA LYS H 217 88.39 -25.48 3.09
C LYS H 217 88.41 -25.83 1.61
N GLU H 218 87.73 -25.05 0.77
CA GLU H 218 87.73 -25.28 -0.67
C GLU H 218 87.72 -23.95 -1.39
N GLY H 219 88.27 -23.93 -2.60
CA GLY H 219 88.35 -22.71 -3.37
C GLY H 219 88.16 -22.99 -4.85
N TYR H 220 87.75 -21.93 -5.56
CA TYR H 220 87.46 -22.03 -6.98
C TYR H 220 88.20 -20.94 -7.74
N ILE H 221 88.66 -21.27 -8.94
CA ILE H 221 89.30 -20.32 -9.84
C ILE H 221 88.42 -20.22 -11.06
N TYR H 222 87.62 -19.16 -11.12
CA TYR H 222 86.72 -18.95 -12.27
C TYR H 222 87.52 -18.30 -13.39
N VAL H 223 88.09 -19.13 -14.24
CA VAL H 223 88.86 -18.68 -15.40
C VAL H 223 88.06 -19.00 -16.65
N ARG H 224 88.06 -18.08 -17.60
CA ARG H 224 87.34 -18.29 -18.85
C ARG H 224 87.97 -19.43 -19.63
N ALA H 225 87.11 -20.26 -20.23
CA ALA H 225 87.60 -21.38 -21.01
C ALA H 225 88.27 -20.95 -22.31
N GLU H 226 88.15 -19.68 -22.69
CA GLU H 226 88.77 -19.19 -23.92
C GLU H 226 90.28 -19.04 -23.80
N TYR H 227 90.83 -19.17 -22.59
CA TYR H 227 92.27 -19.02 -22.34
C TYR H 227 92.84 -20.39 -22.02
N PRO H 228 93.25 -21.18 -23.02
CA PRO H 228 93.73 -22.54 -22.71
C PRO H 228 95.10 -22.55 -22.07
N LEU H 229 95.99 -21.62 -22.42
CA LEU H 229 97.31 -21.59 -21.80
C LEU H 229 97.22 -21.32 -20.29
N ALA H 230 96.36 -20.37 -19.91
CA ALA H 230 96.20 -20.07 -18.49
C ALA H 230 95.68 -21.27 -17.72
N ILE H 231 94.69 -21.97 -18.29
CA ILE H 231 94.13 -23.14 -17.62
C ILE H 231 95.19 -24.24 -17.50
N LYS H 232 95.96 -24.46 -18.57
CA LYS H 232 96.98 -25.49 -18.53
C LYS H 232 98.04 -25.18 -17.48
N ARG H 233 98.51 -23.94 -17.43
CA ARG H 233 99.52 -23.57 -16.45
C ARG H 233 98.96 -23.65 -15.03
N LEU H 234 97.69 -23.27 -14.84
CA LEU H 234 97.09 -23.36 -13.53
C LEU H 234 96.97 -24.81 -13.08
N GLU H 235 96.57 -25.71 -13.99
CA GLU H 235 96.47 -27.12 -13.64
C GLU H 235 97.83 -27.69 -13.29
N ILE H 236 98.86 -27.34 -14.07
CA ILE H 236 100.21 -27.81 -13.78
C ILE H 236 100.67 -27.30 -12.42
N ALA H 237 100.43 -26.02 -12.14
CA ALA H 237 100.84 -25.45 -10.86
C ALA H 237 100.11 -26.11 -9.70
N ILE H 238 98.81 -26.36 -9.86
CA ILE H 238 98.04 -26.99 -8.80
C ILE H 238 98.55 -28.40 -8.53
N GLU H 239 98.82 -29.17 -9.59
CA GLU H 239 99.35 -30.51 -9.41
C GLU H 239 100.72 -30.49 -8.73
N GLN H 240 101.58 -29.57 -9.13
CA GLN H 240 102.90 -29.47 -8.52
C GLN H 240 102.80 -29.06 -7.05
N ALA H 241 101.90 -28.14 -6.74
CA ALA H 241 101.72 -27.72 -5.36
C ALA H 241 101.17 -28.86 -4.50
N ARG H 242 100.22 -29.63 -5.04
CA ARG H 242 99.70 -30.77 -4.31
C ARG H 242 100.79 -31.81 -4.05
N ASN H 243 101.63 -32.06 -5.04
CA ASN H 243 102.68 -33.07 -4.88
C ASN H 243 103.74 -32.65 -3.87
N ARG H 244 103.78 -31.39 -3.46
CA ARG H 244 104.73 -30.92 -2.46
C ARG H 244 104.07 -30.57 -1.13
N ASN H 245 102.86 -31.08 -0.90
CA ASN H 245 102.11 -30.85 0.34
C ASN H 245 101.80 -29.38 0.56
N LEU H 246 101.85 -28.57 -0.50
CA LEU H 246 101.51 -27.15 -0.42
C LEU H 246 100.05 -26.88 -0.73
N LEU H 247 99.27 -27.90 -1.08
CA LEU H 247 97.86 -27.74 -1.37
C LEU H 247 97.16 -29.06 -1.11
N GLY H 248 95.90 -28.97 -0.67
CA GLY H 248 95.12 -30.17 -0.44
C GLY H 248 94.84 -30.42 1.03
N ASN H 249 95.16 -31.62 1.50
CA ASN H 249 94.93 -32.00 2.88
C ASN H 249 96.24 -31.96 3.66
N ASN H 250 96.18 -31.38 4.85
CA ASN H 250 97.35 -31.26 5.74
C ASN H 250 98.48 -30.50 5.05
N ILE H 251 98.19 -29.24 4.72
CA ILE H 251 99.19 -28.38 4.11
C ILE H 251 100.30 -28.12 5.12
N LEU H 252 101.55 -28.30 4.68
CA LEU H 252 102.72 -28.02 5.51
C LEU H 252 102.72 -28.83 6.81
N ASN H 253 102.17 -30.05 6.76
CA ASN H 253 102.14 -30.96 7.90
C ASN H 253 101.48 -30.31 9.12
N THR H 254 100.38 -29.61 8.90
CA THR H 254 99.60 -29.01 9.98
C THR H 254 98.13 -29.29 9.73
N ASN H 255 97.29 -28.87 10.68
CA ASN H 255 95.86 -29.16 10.61
C ASN H 255 95.15 -28.41 9.48
N PHE H 256 95.79 -27.43 8.88
CA PHE H 256 95.17 -26.68 7.78
C PHE H 256 94.99 -27.57 6.57
N SER H 257 93.89 -27.38 5.85
CA SER H 257 93.60 -28.18 4.66
C SER H 257 92.80 -27.32 3.69
N PHE H 258 93.42 -26.93 2.59
CA PHE H 258 92.80 -26.10 1.57
C PHE H 258 93.05 -26.70 0.20
N ASP H 259 92.02 -26.75 -0.63
CA ASP H 259 92.11 -27.29 -1.97
C ASP H 259 91.42 -26.37 -2.96
N ILE H 260 91.84 -26.45 -4.22
CA ILE H 260 91.36 -25.57 -5.28
C ILE H 260 90.85 -26.43 -6.42
N LYS H 261 89.64 -26.11 -6.91
CA LYS H 261 89.07 -26.76 -8.07
C LYS H 261 88.87 -25.71 -9.16
N LEU H 262 89.38 -25.98 -10.35
CA LEU H 262 89.30 -25.04 -11.45
C LEU H 262 87.93 -25.10 -12.10
N LYS H 263 87.21 -23.99 -12.06
CA LYS H 263 85.87 -23.90 -12.65
C LYS H 263 85.96 -23.04 -13.90
N LYS H 264 85.97 -23.71 -15.06
CA LYS H 264 86.11 -23.00 -16.33
C LYS H 264 84.83 -22.23 -16.64
N GLY H 265 84.97 -20.97 -17.00
CA GLY H 265 83.82 -20.16 -17.35
C GLY H 265 83.43 -20.34 -18.80
N ALA H 266 82.12 -20.26 -19.06
CA ALA H 266 81.61 -20.44 -20.41
C ALA H 266 81.67 -19.17 -21.24
N GLY H 267 81.94 -18.03 -20.62
CA GLY H 267 82.11 -16.79 -21.38
C GLY H 267 80.94 -15.84 -21.28
N ALA H 268 81.07 -14.84 -20.43
CA ALA H 268 80.05 -13.81 -20.28
C ALA H 268 80.60 -12.64 -19.47
N PHE H 269 80.43 -11.41 -19.99
CA PHE H 269 80.87 -10.25 -19.24
C PHE H 269 80.08 -10.08 -17.96
N VAL H 270 78.82 -10.47 -17.96
CA VAL H 270 78.00 -10.38 -16.75
C VAL H 270 78.48 -11.36 -15.70
N CYS H 271 79.08 -12.47 -16.11
CA CYS H 271 79.53 -13.49 -15.18
C CYS H 271 80.63 -13.01 -14.25
N GLY H 272 81.27 -11.88 -14.56
CA GLY H 272 82.25 -11.32 -13.65
C GLY H 272 81.64 -10.74 -12.39
N GLU H 273 80.37 -10.35 -12.43
CA GLU H 273 79.68 -9.86 -11.25
C GLU H 273 79.58 -10.97 -10.20
N GLU H 274 79.71 -10.60 -8.93
CA GLU H 274 79.76 -11.59 -7.86
C GLU H 274 78.50 -12.44 -7.84
N THR H 275 77.34 -11.81 -7.86
CA THR H 275 76.08 -12.55 -7.80
C THR H 275 75.80 -13.33 -9.07
N ALA H 276 76.48 -13.02 -10.17
CA ALA H 276 76.36 -13.82 -11.39
C ALA H 276 77.44 -14.88 -11.47
N LEU H 277 78.64 -14.59 -10.95
CA LEU H 277 79.67 -15.61 -10.86
C LEU H 277 79.23 -16.75 -9.95
N ILE H 278 78.55 -16.42 -8.85
CA ILE H 278 78.03 -17.44 -7.95
C ILE H 278 77.04 -18.33 -8.69
N ALA H 279 76.14 -17.73 -9.47
CA ALA H 279 75.18 -18.53 -10.23
C ALA H 279 75.87 -19.40 -11.28
N SER H 280 76.88 -18.85 -11.96
CA SER H 280 77.60 -19.62 -12.97
C SER H 280 78.31 -20.81 -12.33
N ILE H 281 78.90 -20.61 -11.15
CA ILE H 281 79.52 -21.73 -10.45
C ILE H 281 78.47 -22.74 -10.01
N GLU H 282 77.29 -22.26 -9.61
CA GLU H 282 76.22 -23.15 -9.17
C GLU H 282 75.60 -23.94 -10.32
N GLY H 283 75.94 -23.63 -11.57
CA GLY H 283 75.42 -24.34 -12.71
C GLY H 283 74.23 -23.71 -13.38
N GLU H 284 73.70 -22.63 -12.82
CA GLU H 284 72.59 -21.91 -13.43
C GLU H 284 73.11 -20.88 -14.43
N ARG H 285 72.20 -20.19 -15.10
CA ARG H 285 72.60 -19.10 -15.98
C ARG H 285 73.03 -17.90 -15.14
N GLY H 286 74.05 -17.19 -15.62
CA GLY H 286 74.62 -16.11 -14.86
C GLY H 286 73.77 -14.86 -14.80
N MET H 287 72.61 -14.96 -14.17
CA MET H 287 71.74 -13.80 -13.98
C MET H 287 71.99 -13.22 -12.61
N PRO H 288 72.42 -11.97 -12.49
CA PRO H 288 72.71 -11.39 -11.17
C PRO H 288 71.49 -11.39 -10.27
N ARG H 289 71.71 -11.69 -8.99
CA ARG H 289 70.65 -11.75 -8.00
C ARG H 289 70.58 -10.44 -7.24
N LEU H 290 69.59 -10.33 -6.36
CA LEU H 290 69.46 -9.14 -5.53
C LEU H 290 70.58 -9.12 -4.49
N LYS H 291 70.89 -7.90 -4.02
CA LYS H 291 72.06 -7.73 -3.17
C LYS H 291 71.99 -8.52 -1.86
N PRO H 292 70.90 -8.50 -1.10
CA PRO H 292 70.80 -9.38 0.06
C PRO H 292 70.23 -10.73 -0.35
N PRO H 293 70.84 -11.84 0.13
CA PRO H 293 72.03 -11.92 0.98
C PRO H 293 73.31 -11.64 0.20
N PHE H 294 74.31 -11.07 0.85
CA PHE H 294 75.55 -10.73 0.19
C PHE H 294 76.44 -11.96 0.04
N PRO H 295 77.33 -11.97 -0.95
CA PRO H 295 78.21 -13.14 -1.15
C PRO H 295 79.04 -13.48 0.08
N ALA H 296 79.47 -12.48 0.85
CA ALA H 296 80.22 -12.77 2.06
C ALA H 296 79.34 -13.49 3.08
N GLN H 297 78.10 -13.02 3.25
CA GLN H 297 77.19 -13.66 4.20
C GLN H 297 76.61 -14.95 3.63
N SER H 298 76.29 -14.96 2.34
CA SER H 298 75.74 -16.16 1.71
C SER H 298 76.14 -16.14 0.24
N GLY H 299 77.04 -17.04 -0.14
CA GLY H 299 77.53 -17.09 -1.50
C GLY H 299 77.21 -18.37 -2.24
N LEU H 300 78.22 -19.21 -2.43
CA LEU H 300 78.03 -20.46 -3.17
C LEU H 300 77.19 -21.43 -2.35
N TRP H 301 76.02 -21.76 -2.88
CA TRP H 301 75.10 -22.71 -2.25
C TRP H 301 74.75 -22.27 -0.82
N GLY H 302 74.60 -20.96 -0.64
CA GLY H 302 74.18 -20.42 0.63
C GLY H 302 75.24 -20.34 1.70
N ARG H 303 76.49 -20.67 1.40
CA ARG H 303 77.57 -20.62 2.36
C ARG H 303 78.40 -19.36 2.15
N PRO H 304 79.09 -18.89 3.18
CA PRO H 304 79.91 -17.68 3.04
C PRO H 304 80.95 -17.85 1.93
N THR H 305 81.16 -16.77 1.18
CA THR H 305 81.98 -16.81 -0.02
C THR H 305 82.69 -15.48 -0.18
N ASN H 306 84.00 -15.54 -0.40
CA ASN H 306 84.82 -14.34 -0.59
C ASN H 306 85.38 -14.37 -2.00
N ILE H 307 84.99 -13.39 -2.81
CA ILE H 307 85.41 -13.30 -4.20
C ILE H 307 86.39 -12.14 -4.35
N ASN H 308 87.55 -12.43 -4.93
CA ASN H 308 88.60 -11.43 -5.12
C ASN H 308 89.21 -11.62 -6.49
N ASN H 309 89.86 -10.57 -6.97
CA ASN H 309 90.51 -10.59 -8.27
C ASN H 309 91.82 -11.39 -8.19
N VAL H 310 92.43 -11.60 -9.36
CA VAL H 310 93.71 -12.28 -9.42
C VAL H 310 94.82 -11.41 -8.84
N GLU H 311 94.81 -10.12 -9.16
CA GLU H 311 95.90 -9.24 -8.75
C GLU H 311 95.91 -9.04 -7.23
N THR H 312 94.73 -8.87 -6.62
CA THR H 312 94.69 -8.69 -5.17
C THR H 312 95.12 -9.94 -4.43
N TYR H 313 94.91 -11.11 -5.04
CA TYR H 313 95.40 -12.34 -4.44
C TYR H 313 96.90 -12.50 -4.64
N ALA H 314 97.42 -12.03 -5.78
CA ALA H 314 98.86 -12.06 -6.00
C ALA H 314 99.58 -11.11 -5.06
N ASN H 315 98.92 -10.02 -4.66
CA ASN H 315 99.55 -9.07 -3.75
C ASN H 315 99.74 -9.62 -2.34
N VAL H 316 98.98 -10.66 -1.96
CA VAL H 316 98.98 -11.09 -0.56
C VAL H 316 100.32 -11.64 -0.09
N PRO H 317 100.99 -12.57 -0.79
CA PRO H 317 102.25 -13.09 -0.26
C PRO H 317 103.31 -12.03 -0.07
N TRP H 318 103.38 -11.05 -0.97
CA TRP H 318 104.33 -9.96 -0.81
C TRP H 318 104.03 -9.16 0.45
N ILE H 319 102.76 -8.90 0.71
CA ILE H 319 102.38 -8.16 1.90
C ILE H 319 102.76 -8.93 3.15
N ILE H 320 102.52 -10.24 3.15
CA ILE H 320 102.82 -11.05 4.32
C ILE H 320 104.33 -11.10 4.57
N THR H 321 105.11 -11.35 3.50
CA THR H 321 106.55 -11.48 3.67
C THR H 321 107.20 -10.16 4.08
N ASN H 322 106.87 -9.08 3.37
CA ASN H 322 107.51 -7.80 3.62
C ASN H 322 106.76 -6.94 4.63
N GLY H 323 105.67 -7.43 5.18
CA GLY H 323 104.94 -6.66 6.18
C GLY H 323 103.95 -5.70 5.56
N GLY H 324 102.90 -5.40 6.32
CA GLY H 324 101.89 -4.48 5.83
C GLY H 324 102.42 -3.07 5.66
N LYS H 325 103.32 -2.65 6.56
CA LYS H 325 103.84 -1.28 6.50
C LYS H 325 104.64 -1.03 5.22
N ALA H 326 105.34 -2.05 4.73
CA ALA H 326 106.08 -1.88 3.47
C ALA H 326 105.14 -1.61 2.31
N PHE H 327 104.01 -2.33 2.26
CA PHE H 327 103.00 -2.05 1.24
C PHE H 327 102.40 -0.67 1.43
N ALA H 328 102.13 -0.29 2.68
CA ALA H 328 101.51 1.01 2.97
C ALA H 328 102.47 2.17 2.80
N SER H 329 103.76 1.92 2.61
CA SER H 329 104.72 3.00 2.39
C SER H 329 104.78 3.43 0.94
N LEU H 330 104.02 2.80 0.05
CA LEU H 330 103.97 3.15 -1.36
C LEU H 330 102.60 3.70 -1.71
N GLY H 331 102.57 4.71 -2.57
CA GLY H 331 101.31 5.23 -3.05
C GLY H 331 100.87 6.52 -2.39
N THR H 332 99.55 6.71 -2.30
CA THR H 332 98.97 7.92 -1.73
C THR H 332 98.44 7.64 -0.32
N GLU H 333 97.79 8.64 0.26
CA GLU H 333 97.23 8.48 1.59
C GLU H 333 95.97 7.63 1.60
N LYS H 334 95.25 7.58 0.48
CA LYS H 334 94.02 6.79 0.38
C LYS H 334 94.22 5.49 -0.38
N SER H 335 94.77 5.55 -1.58
CA SER H 335 95.07 4.37 -2.37
C SER H 335 96.56 4.07 -2.28
N LYS H 336 96.89 2.89 -1.77
CA LYS H 336 98.27 2.51 -1.51
C LYS H 336 98.59 1.22 -2.26
N GLY H 337 99.84 1.12 -2.72
CA GLY H 337 100.32 -0.07 -3.39
C GLY H 337 100.69 0.20 -4.84
N THR H 338 100.57 -0.85 -5.66
CA THR H 338 100.86 -0.76 -7.08
C THR H 338 99.66 -1.28 -7.87
N LYS H 339 99.53 -0.78 -9.09
CA LYS H 339 98.43 -1.19 -9.95
C LYS H 339 98.98 -1.67 -11.30
N VAL H 340 98.37 -2.72 -11.82
CA VAL H 340 98.74 -3.30 -13.11
C VAL H 340 97.85 -2.71 -14.18
N PHE H 341 98.46 -2.18 -15.24
CA PHE H 341 97.76 -1.60 -16.37
C PHE H 341 98.17 -2.33 -17.64
N ALA H 342 97.19 -2.63 -18.48
CA ALA H 342 97.45 -3.13 -19.82
C ALA H 342 97.41 -1.93 -20.75
N LEU H 343 98.58 -1.42 -21.11
CA LEU H 343 98.68 -0.28 -22.00
C LEU H 343 98.50 -0.75 -23.43
N ALA H 344 97.50 -0.21 -24.12
CA ALA H 344 97.24 -0.58 -25.50
C ALA H 344 96.66 0.61 -26.23
N GLY H 345 96.38 0.42 -27.52
CA GLY H 345 95.84 1.48 -28.34
C GLY H 345 96.91 2.13 -29.19
N LYS H 346 96.81 3.43 -29.39
CA LYS H 346 97.79 4.18 -30.17
C LYS H 346 98.93 4.63 -29.24
N ILE H 347 99.72 3.65 -28.82
CA ILE H 347 100.82 3.86 -27.90
C ILE H 347 102.08 3.29 -28.51
N LYS H 348 103.23 3.89 -28.17
CA LYS H 348 104.50 3.46 -28.77
C LYS H 348 104.96 2.13 -28.18
N ARG H 349 104.82 1.95 -26.87
CA ARG H 349 105.27 0.73 -26.20
C ARG H 349 104.15 0.26 -25.28
N GLY H 350 103.35 -0.70 -25.75
CA GLY H 350 102.26 -1.24 -24.97
C GLY H 350 102.63 -2.54 -24.30
N GLY H 351 101.80 -2.94 -23.34
CA GLY H 351 102.02 -4.18 -22.62
C GLY H 351 101.65 -4.02 -21.17
N LEU H 352 102.15 -4.92 -20.33
CA LEU H 352 101.88 -4.87 -18.91
C LEU H 352 102.81 -3.87 -18.24
N VAL H 353 102.23 -2.95 -17.47
CA VAL H 353 103.01 -2.00 -16.69
C VAL H 353 102.43 -1.94 -15.29
N GLU H 354 103.24 -2.27 -14.29
CA GLU H 354 102.80 -2.16 -12.91
C GLU H 354 103.43 -0.93 -12.29
N VAL H 355 102.60 0.07 -12.00
CA VAL H 355 103.07 1.38 -11.59
C VAL H 355 102.60 1.68 -10.16
N PRO H 356 103.38 2.42 -9.38
CA PRO H 356 102.91 2.81 -8.05
C PRO H 356 101.72 3.76 -8.16
N MET H 357 100.83 3.66 -7.20
CA MET H 357 99.66 4.53 -7.18
C MET H 357 100.09 5.96 -6.86
N GLY H 358 99.35 6.92 -7.39
CA GLY H 358 99.72 8.31 -7.31
C GLY H 358 100.56 8.80 -8.48
N MET H 359 100.99 7.90 -9.36
CA MET H 359 101.70 8.31 -10.56
C MET H 359 100.75 9.03 -11.51
N SER H 360 101.24 10.11 -12.11
CA SER H 360 100.43 10.84 -13.08
C SER H 360 100.26 10.02 -14.35
N LEU H 361 99.07 10.10 -14.95
CA LEU H 361 98.82 9.39 -16.19
C LEU H 361 99.77 9.85 -17.30
N ARG H 362 100.18 11.12 -17.26
CA ARG H 362 101.18 11.61 -18.19
C ARG H 362 102.49 10.86 -18.02
N GLU H 363 102.89 10.61 -16.78
CA GLU H 363 104.09 9.83 -16.55
C GLU H 363 103.94 8.39 -17.02
N VAL H 364 102.72 7.83 -16.94
CA VAL H 364 102.51 6.47 -17.39
C VAL H 364 102.58 6.37 -18.91
N ILE H 365 102.04 7.37 -19.60
CA ILE H 365 101.90 7.29 -21.06
C ILE H 365 103.16 7.81 -21.74
N TYR H 366 103.55 9.05 -21.45
CA TYR H 366 104.67 9.66 -22.15
C TYR H 366 106.02 9.15 -21.67
N ASN H 367 106.15 8.82 -20.39
CA ASN H 367 107.44 8.40 -19.86
C ASN H 367 107.63 6.88 -19.92
N ILE H 368 106.62 6.11 -19.54
CA ILE H 368 106.72 4.65 -19.59
C ILE H 368 106.30 4.13 -20.96
N GLY H 369 105.15 4.55 -21.45
CA GLY H 369 104.65 4.04 -22.72
C GLY H 369 105.42 4.54 -23.92
N GLY H 370 106.21 5.60 -23.76
CA GLY H 370 107.04 6.11 -24.83
C GLY H 370 106.41 7.18 -25.69
N GLY H 371 105.12 7.49 -25.49
CA GLY H 371 104.45 8.53 -26.25
C GLY H 371 103.29 7.96 -27.04
N ILE H 372 103.12 8.48 -28.26
CA ILE H 372 102.03 8.08 -29.16
C ILE H 372 102.63 7.52 -30.43
N LYS H 373 102.00 6.47 -30.97
CA LYS H 373 102.47 5.85 -32.19
C LYS H 373 102.49 6.86 -33.33
N ASP H 374 103.57 6.83 -34.11
CA ASP H 374 103.85 7.78 -35.18
C ASP H 374 104.03 9.20 -34.68
N ASP H 375 104.18 9.38 -33.37
CA ASP H 375 104.37 10.70 -32.75
C ASP H 375 103.25 11.66 -33.13
N LYS H 376 102.02 11.14 -33.14
CA LYS H 376 100.85 11.94 -33.44
C LYS H 376 100.39 12.66 -32.16
N ALA H 377 99.21 13.27 -32.21
CA ALA H 377 98.67 13.96 -31.05
C ALA H 377 98.16 12.94 -30.05
N PHE H 378 97.51 13.41 -28.99
CA PHE H 378 96.94 12.53 -27.97
C PHE H 378 95.60 13.09 -27.56
N LYS H 379 94.52 12.42 -27.97
CA LYS H 379 93.18 12.90 -27.67
C LYS H 379 92.74 12.51 -26.26
N ALA H 380 92.66 11.21 -25.98
CA ALA H 380 92.14 10.78 -24.70
C ALA H 380 92.68 9.41 -24.34
N VAL H 381 92.54 9.07 -23.06
CA VAL H 381 92.89 7.75 -22.55
C VAL H 381 91.65 7.15 -21.90
N GLN H 382 91.27 5.96 -22.36
CA GLN H 382 90.14 5.25 -21.81
C GLN H 382 90.61 4.36 -20.67
N MET H 383 90.01 4.56 -19.50
CA MET H 383 90.33 3.83 -18.27
C MET H 383 89.15 2.98 -17.88
N GLY H 384 89.41 1.69 -17.62
CA GLY H 384 88.40 0.79 -17.10
C GLY H 384 87.61 0.03 -18.15
N GLY H 385 87.75 0.37 -19.42
CA GLY H 385 87.05 -0.32 -20.47
C GLY H 385 85.61 0.15 -20.61
N PRO H 386 84.71 -0.79 -20.92
CA PRO H 386 83.30 -0.41 -21.10
C PRO H 386 82.67 0.22 -19.87
N SER H 387 83.13 -0.13 -18.68
CA SER H 387 82.67 0.53 -17.47
C SER H 387 83.43 1.82 -17.18
N GLY H 388 84.54 2.06 -17.86
CA GLY H 388 85.39 3.20 -17.59
C GLY H 388 84.97 4.42 -18.39
N GLY H 389 85.91 5.37 -18.50
CA GLY H 389 85.63 6.61 -19.18
C GLY H 389 86.87 7.17 -19.85
N CYS H 390 86.66 8.22 -20.64
CA CYS H 390 87.71 8.85 -21.42
C CYS H 390 88.22 10.08 -20.68
N ILE H 391 89.43 10.00 -20.15
CA ILE H 391 90.12 11.14 -19.57
C ILE H 391 90.82 11.90 -20.69
N PRO H 392 90.51 13.17 -20.92
CA PRO H 392 91.10 13.88 -22.06
C PRO H 392 92.55 14.28 -21.84
N ALA H 393 93.11 15.00 -22.81
CA ALA H 393 94.51 15.41 -22.71
C ALA H 393 94.73 16.41 -21.58
N ASP H 394 93.80 17.35 -21.39
CA ASP H 394 93.98 18.36 -20.37
C ASP H 394 93.91 17.80 -18.96
N LEU H 395 93.26 16.66 -18.77
CA LEU H 395 93.15 16.02 -17.46
C LEU H 395 94.17 14.91 -17.28
N ILE H 396 95.33 15.03 -17.95
CA ILE H 396 96.37 14.02 -17.86
C ILE H 396 97.09 14.00 -16.52
N ASP H 397 97.03 15.09 -15.76
CA ASP H 397 97.82 15.19 -14.53
C ASP H 397 97.15 14.49 -13.35
N THR H 398 96.04 13.80 -13.56
CA THR H 398 95.40 13.08 -12.48
C THR H 398 96.27 11.90 -12.07
N PRO H 399 96.60 11.77 -10.78
CA PRO H 399 97.41 10.64 -10.34
C PRO H 399 96.64 9.33 -10.46
N VAL H 400 97.40 8.24 -10.58
CA VAL H 400 96.79 6.92 -10.58
C VAL H 400 96.29 6.64 -9.18
N ASP H 401 94.97 6.73 -9.00
CA ASP H 401 94.33 6.67 -7.70
C ASP H 401 92.84 6.53 -7.92
N TYR H 402 92.19 5.71 -7.08
CA TYR H 402 90.77 5.45 -7.27
C TYR H 402 89.96 6.74 -7.18
N GLU H 403 90.21 7.54 -6.14
CA GLU H 403 89.44 8.76 -5.95
C GLU H 403 89.70 9.77 -7.06
N SER H 404 90.97 9.96 -7.42
CA SER H 404 91.31 10.94 -8.45
C SER H 404 90.74 10.54 -9.81
N ILE H 405 90.78 9.26 -10.14
CA ILE H 405 90.23 8.81 -11.42
C ILE H 405 88.70 8.92 -11.40
N THR H 406 88.06 8.55 -10.29
CA THR H 406 86.60 8.64 -10.22
C THR H 406 86.13 10.10 -10.25
N LYS H 407 86.95 11.04 -9.78
CA LYS H 407 86.58 12.44 -9.85
C LYS H 407 86.51 12.95 -11.28
N THR H 408 87.14 12.28 -12.23
CA THR H 408 87.12 12.69 -13.62
C THR H 408 86.01 12.01 -14.43
N GLY H 409 85.17 11.21 -13.79
CA GLY H 409 84.10 10.53 -14.49
C GLY H 409 84.45 9.15 -14.98
N ALA H 410 85.72 8.77 -14.95
CA ALA H 410 86.13 7.42 -15.31
C ALA H 410 86.29 6.60 -14.04
N ILE H 411 86.60 5.32 -14.22
CA ILE H 411 86.89 4.42 -13.11
C ILE H 411 88.21 3.72 -13.38
N MET H 412 88.88 3.31 -12.32
CA MET H 412 90.14 2.58 -12.47
C MET H 412 89.92 1.25 -13.17
N GLY H 413 88.86 0.54 -12.79
CA GLY H 413 88.52 -0.71 -13.44
C GLY H 413 89.57 -1.79 -13.22
N SER H 414 89.57 -2.76 -14.14
CA SER H 414 90.56 -3.83 -14.07
C SER H 414 91.97 -3.29 -14.29
N GLY H 415 92.12 -2.38 -15.25
CA GLY H 415 93.43 -1.80 -15.52
C GLY H 415 93.71 -1.56 -16.99
N GLY H 416 92.78 -1.92 -17.87
CA GLY H 416 92.98 -1.66 -19.28
C GLY H 416 93.07 -0.18 -19.57
N MET H 417 94.18 0.26 -20.16
CA MET H 417 94.39 1.66 -20.50
C MET H 417 94.55 1.77 -22.00
N ILE H 418 93.56 2.33 -22.67
CA ILE H 418 93.55 2.42 -24.13
C ILE H 418 93.81 3.87 -24.53
N VAL H 419 94.91 4.10 -25.23
CA VAL H 419 95.31 5.44 -25.63
C VAL H 419 94.79 5.69 -27.04
N MET H 420 94.01 6.76 -27.22
CA MET H 420 93.47 7.11 -28.52
C MET H 420 93.91 8.53 -28.88
N ASP H 421 94.48 8.68 -30.08
CA ASP H 421 95.03 9.93 -30.55
C ASP H 421 93.98 10.71 -31.33
N GLU H 422 94.42 11.73 -32.07
CA GLU H 422 93.51 12.63 -32.78
C GLU H 422 92.77 11.97 -33.93
N THR H 423 93.17 10.76 -34.34
CA THR H 423 92.54 10.09 -35.46
C THR H 423 91.46 9.10 -35.03
N THR H 424 91.12 9.07 -33.75
CA THR H 424 90.10 8.16 -33.22
C THR H 424 88.88 8.96 -32.81
N CYS H 425 87.74 8.65 -33.41
CA CYS H 425 86.49 9.34 -33.10
C CYS H 425 86.03 8.98 -31.70
N MET H 426 85.33 9.92 -31.07
CA MET H 426 84.81 9.71 -29.72
C MET H 426 83.42 9.11 -29.73
N VAL H 427 82.55 9.60 -30.60
CA VAL H 427 81.22 9.01 -30.75
C VAL H 427 81.34 7.56 -31.19
N ASP H 428 82.30 7.28 -32.06
CA ASP H 428 82.51 5.91 -32.51
C ASP H 428 82.92 4.99 -31.37
N ILE H 429 83.82 5.46 -30.50
CA ILE H 429 84.27 4.60 -29.41
C ILE H 429 83.16 4.40 -28.39
N ALA H 430 82.35 5.44 -28.15
CA ALA H 430 81.19 5.27 -27.28
C ALA H 430 80.21 4.26 -27.87
N ARG H 431 80.00 4.33 -29.18
CA ARG H 431 79.14 3.35 -29.84
C ARG H 431 79.69 1.94 -29.71
N PHE H 432 81.02 1.79 -29.84
CA PHE H 432 81.63 0.47 -29.72
C PHE H 432 81.42 -0.10 -28.32
N PHE H 433 81.64 0.73 -27.28
CA PHE H 433 81.46 0.26 -25.92
C PHE H 433 80.00 -0.10 -25.65
N LEU H 434 79.07 0.71 -26.16
CA LEU H 434 77.66 0.40 -25.95
C LEU H 434 77.23 -0.85 -26.73
N GLU H 435 77.81 -1.08 -27.91
CA GLU H 435 77.53 -2.32 -28.64
C GLU H 435 78.01 -3.52 -27.85
N PHE H 436 79.20 -3.43 -27.27
CA PHE H 436 79.69 -4.52 -26.43
C PHE H 436 78.78 -4.75 -25.24
N THR H 437 78.35 -3.68 -24.58
CA THR H 437 77.46 -3.83 -23.43
C THR H 437 76.13 -4.45 -23.84
N CYS H 438 75.58 -4.04 -24.98
CA CYS H 438 74.34 -4.61 -25.47
C CYS H 438 74.49 -6.10 -25.75
N LYS H 439 75.61 -6.49 -26.37
CA LYS H 439 75.82 -7.89 -26.69
C LYS H 439 76.18 -8.72 -25.46
N GLU H 440 76.60 -8.09 -24.36
CA GLU H 440 77.03 -8.83 -23.18
C GLU H 440 76.18 -8.51 -21.94
N SER H 441 74.93 -8.12 -22.13
CA SER H 441 74.02 -7.87 -21.01
C SER H 441 73.07 -9.05 -20.86
N CYS H 442 72.82 -9.45 -19.61
CA CYS H 442 71.98 -10.61 -19.36
C CYS H 442 70.51 -10.36 -19.68
N GLY H 443 70.10 -9.10 -19.75
CA GLY H 443 68.73 -8.77 -20.11
C GLY H 443 67.69 -9.19 -19.09
N LYS H 444 67.95 -8.95 -17.80
CA LYS H 444 66.97 -9.28 -16.77
C LYS H 444 66.05 -8.10 -16.47
N CYS H 445 66.62 -6.92 -16.25
CA CYS H 445 65.83 -5.73 -15.94
C CYS H 445 65.67 -4.86 -17.18
N THR H 446 64.51 -4.21 -17.27
CA THR H 446 64.21 -3.42 -18.46
C THR H 446 65.15 -2.25 -18.61
N TYR H 447 65.65 -1.69 -17.52
CA TYR H 447 66.50 -0.50 -17.60
C TYR H 447 67.76 -0.79 -18.40
N CYS H 448 68.59 -1.72 -17.92
CA CYS H 448 69.83 -2.03 -18.64
C CYS H 448 69.54 -2.39 -20.09
N ARG H 449 68.64 -3.34 -20.31
CA ARG H 449 68.32 -3.82 -21.65
C ARG H 449 67.92 -2.70 -22.59
N VAL H 450 66.78 -2.08 -22.31
CA VAL H 450 66.20 -1.13 -23.25
C VAL H 450 67.03 0.14 -23.32
N GLY H 451 67.53 0.62 -22.18
CA GLY H 451 68.35 1.81 -22.19
C GLY H 451 69.61 1.63 -23.01
N THR H 452 70.31 0.52 -22.82
CA THR H 452 71.52 0.27 -23.62
C THR H 452 71.17 0.13 -25.08
N ARG H 453 70.08 -0.57 -25.40
CA ARG H 453 69.69 -0.73 -26.80
C ARG H 453 69.36 0.61 -27.44
N ARG H 454 68.61 1.46 -26.74
CA ARG H 454 68.19 2.73 -27.30
C ARG H 454 69.36 3.71 -27.40
N MET H 455 70.26 3.70 -26.42
CA MET H 455 71.45 4.53 -26.52
C MET H 455 72.33 4.08 -27.68
N LEU H 456 72.45 2.77 -27.88
CA LEU H 456 73.19 2.28 -29.04
C LEU H 456 72.52 2.72 -30.34
N GLU H 457 71.19 2.70 -30.37
CA GLU H 457 70.48 3.16 -31.56
C GLU H 457 70.72 4.64 -31.81
N ILE H 458 70.73 5.45 -30.76
CA ILE H 458 70.98 6.87 -30.89
C ILE H 458 72.39 7.12 -31.42
N LEU H 459 73.37 6.40 -30.88
CA LEU H 459 74.74 6.57 -31.35
C LEU H 459 74.90 6.08 -32.78
N ASP H 460 74.17 5.03 -33.15
CA ASP H 460 74.19 4.57 -34.54
C ASP H 460 73.63 5.65 -35.46
N ARG H 461 72.53 6.29 -35.06
CA ARG H 461 71.98 7.37 -35.86
C ARG H 461 72.94 8.54 -35.97
N ILE H 462 73.62 8.88 -34.87
CA ILE H 462 74.56 10.00 -34.89
C ILE H 462 75.73 9.69 -35.82
N CYS H 463 76.27 8.47 -35.73
CA CYS H 463 77.40 8.08 -36.56
C CYS H 463 77.02 7.84 -38.01
N ASN H 464 75.75 7.54 -38.29
CA ASN H 464 75.31 7.26 -39.65
C ASN H 464 74.82 8.52 -40.37
N GLY H 465 74.89 9.67 -39.72
CA GLY H 465 74.44 10.90 -40.33
C GLY H 465 72.95 11.14 -40.27
N GLU H 466 72.21 10.27 -39.60
CA GLU H 466 70.77 10.40 -39.49
C GLU H 466 70.35 11.02 -38.17
N GLY H 467 71.30 11.50 -37.37
CA GLY H 467 71.00 12.02 -36.06
C GLY H 467 70.16 13.28 -36.09
N ARG H 468 68.90 13.15 -35.68
CA ARG H 468 68.02 14.31 -35.63
C ARG H 468 68.47 15.27 -34.52
N ASP H 469 68.23 16.56 -34.75
CA ASP H 469 68.55 17.55 -33.74
C ASP H 469 67.71 17.32 -32.50
N GLY H 470 68.34 17.41 -31.34
CA GLY H 470 67.69 17.11 -30.08
C GLY H 470 67.96 15.74 -29.54
N ASP H 471 69.15 15.18 -29.76
CA ASP H 471 69.50 13.86 -29.26
C ASP H 471 70.56 13.88 -28.18
N LEU H 472 71.27 14.99 -27.99
CA LEU H 472 72.29 15.05 -26.96
C LEU H 472 71.66 15.05 -25.57
N GLU H 473 70.66 15.91 -25.35
CA GLU H 473 70.02 15.96 -24.05
C GLU H 473 69.23 14.70 -23.78
N LEU H 474 68.63 14.11 -24.81
CA LEU H 474 67.92 12.85 -24.61
C LEU H 474 68.89 11.72 -24.30
N LEU H 475 70.07 11.71 -24.94
CA LEU H 475 71.10 10.74 -24.59
C LEU H 475 71.55 10.92 -23.15
N GLU H 476 71.75 12.17 -22.71
CA GLU H 476 72.16 12.41 -21.33
C GLU H 476 71.09 11.93 -20.35
N GLU H 477 69.82 12.22 -20.64
CA GLU H 477 68.74 11.78 -19.76
C GLU H 477 68.65 10.26 -19.72
N LEU H 478 68.78 9.61 -20.87
CA LEU H 478 68.76 8.14 -20.91
C LEU H 478 69.91 7.56 -20.11
N ALA H 479 71.11 8.12 -20.26
CA ALA H 479 72.26 7.62 -19.52
C ALA H 479 72.07 7.79 -18.01
N VAL H 480 71.53 8.95 -17.60
CA VAL H 480 71.31 9.19 -16.18
C VAL H 480 70.29 8.22 -15.63
N SER H 481 69.20 7.99 -16.36
CA SER H 481 68.18 7.06 -15.89
C SER H 481 68.71 5.63 -15.83
N VAL H 482 69.49 5.22 -16.83
CA VAL H 482 70.04 3.86 -16.84
C VAL H 482 71.03 3.67 -15.70
N LYS H 483 71.84 4.68 -15.42
CA LYS H 483 72.81 4.58 -14.33
C LYS H 483 72.12 4.42 -12.98
N ASP H 484 70.92 4.98 -12.83
CA ASP H 484 70.22 5.00 -11.55
C ASP H 484 69.06 4.01 -11.48
N GLY H 485 68.92 3.14 -12.47
CA GLY H 485 67.77 2.26 -12.49
C GLY H 485 68.08 0.80 -12.75
N SER H 486 69.31 0.50 -13.14
CA SER H 486 69.69 -0.87 -13.43
C SER H 486 69.92 -1.65 -12.14
N LEU H 487 69.96 -2.97 -12.27
CA LEU H 487 70.10 -3.86 -11.11
C LEU H 487 71.57 -4.03 -10.71
N CYS H 488 72.39 -4.50 -11.63
CA CYS H 488 73.78 -4.85 -11.36
C CYS H 488 74.72 -3.80 -11.93
N GLY H 489 76.01 -4.01 -11.70
CA GLY H 489 77.01 -3.02 -12.09
C GLY H 489 77.21 -2.89 -13.58
N LEU H 490 76.77 -3.87 -14.37
CA LEU H 490 76.88 -3.75 -15.81
C LEU H 490 76.02 -2.61 -16.34
N GLY H 491 74.78 -2.50 -15.87
CA GLY H 491 73.92 -1.42 -16.31
C GLY H 491 74.22 -0.09 -15.66
N GLN H 492 74.67 -0.10 -14.41
CA GLN H 492 74.98 1.14 -13.72
C GLN H 492 76.31 1.74 -14.14
N THR H 493 77.13 1.00 -14.89
CA THR H 493 78.37 1.53 -15.42
C THR H 493 78.42 1.54 -16.93
N ALA H 494 77.43 0.96 -17.61
CA ALA H 494 77.37 1.05 -19.07
C ALA H 494 77.32 2.48 -19.59
N PRO H 495 76.56 3.42 -19.03
CA PRO H 495 76.54 4.78 -19.57
C PRO H 495 77.82 5.56 -19.35
N ASN H 496 78.80 5.01 -18.64
CA ASN H 496 80.00 5.77 -18.31
C ASN H 496 80.76 6.27 -19.53
N PRO H 497 81.02 5.46 -20.55
CA PRO H 497 81.68 6.03 -21.75
C PRO H 497 80.85 7.11 -22.42
N VAL H 498 79.53 6.96 -22.43
CA VAL H 498 78.66 7.98 -23.02
C VAL H 498 78.64 9.22 -22.15
N LEU H 499 78.57 9.05 -20.83
CA LEU H 499 78.52 10.19 -19.93
C LEU H 499 79.84 10.95 -19.92
N THR H 500 80.96 10.25 -19.93
CA THR H 500 82.25 10.91 -19.91
C THR H 500 82.54 11.61 -21.24
N THR H 501 82.30 10.92 -22.35
CA THR H 501 82.58 11.49 -23.66
C THR H 501 81.73 12.72 -23.93
N LEU H 502 80.46 12.69 -23.49
CA LEU H 502 79.60 13.85 -23.63
C LEU H 502 80.02 15.01 -22.75
N ARG H 503 80.94 14.80 -21.81
CA ARG H 503 81.38 15.88 -20.94
C ARG H 503 82.62 16.59 -21.46
N TYR H 504 83.60 15.83 -21.94
CA TYR H 504 84.84 16.42 -22.44
C TYR H 504 84.88 16.58 -23.95
N PHE H 505 84.12 15.79 -24.69
CA PHE H 505 84.13 15.81 -26.15
C PHE H 505 82.73 16.00 -26.69
N LYS H 506 81.99 16.95 -26.12
CA LYS H 506 80.65 17.24 -26.61
C LYS H 506 80.69 17.89 -28.00
N ASP H 507 81.75 18.64 -28.28
CA ASP H 507 81.85 19.30 -29.59
C ASP H 507 81.93 18.30 -30.72
N GLU H 508 82.50 17.12 -30.47
CA GLU H 508 82.48 16.07 -31.48
C GLU H 508 81.05 15.62 -31.78
N TYR H 509 80.23 15.47 -30.74
CA TYR H 509 78.82 15.16 -30.96
C TYR H 509 78.11 16.27 -31.71
N ILE H 510 78.43 17.53 -31.37
CA ILE H 510 77.80 18.66 -32.05
C ILE H 510 78.15 18.65 -33.53
N ALA H 511 79.43 18.45 -33.86
CA ALA H 511 79.85 18.39 -35.25
C ALA H 511 79.26 17.20 -35.97
N HIS H 512 79.08 16.07 -35.28
CA HIS H 512 78.41 14.94 -35.88
C HIS H 512 76.94 15.23 -36.16
N ILE H 513 76.30 16.03 -35.32
CA ILE H 513 74.87 16.26 -35.39
C ILE H 513 74.55 17.54 -36.16
N ARG H 514 75.22 18.65 -35.81
CA ARG H 514 74.91 19.93 -36.45
C ARG H 514 75.49 19.99 -37.86
N ASP H 515 76.81 19.89 -37.97
CA ASP H 515 77.48 20.01 -39.26
C ASP H 515 77.49 18.72 -40.06
N LYS H 516 77.16 17.59 -39.43
CA LYS H 516 77.19 16.28 -40.08
C LYS H 516 78.56 16.00 -40.70
N LYS H 517 79.60 16.28 -39.92
CA LYS H 517 80.97 16.03 -40.31
C LYS H 517 81.71 15.34 -39.17
N CYS H 518 82.74 14.58 -39.53
CA CYS H 518 83.50 13.83 -38.55
C CYS H 518 84.81 14.54 -38.29
N PRO H 519 85.03 15.12 -37.10
CA PRO H 519 86.31 15.79 -36.83
C PRO H 519 87.50 14.86 -36.86
N ALA H 520 87.31 13.56 -36.65
CA ALA H 520 88.40 12.61 -36.67
C ALA H 520 88.46 11.79 -37.95
N LYS H 521 87.46 11.93 -38.83
CA LYS H 521 87.40 11.20 -40.10
C LYS H 521 87.49 9.69 -39.87
N GLN H 522 86.54 9.18 -39.11
CA GLN H 522 86.48 7.75 -38.81
C GLN H 522 85.16 7.11 -39.21
N CYS H 523 84.04 7.78 -39.00
CA CYS H 523 82.74 7.22 -39.36
C CYS H 523 82.58 7.26 -40.87
N LYS H 524 82.27 6.09 -41.46
CA LYS H 524 82.26 5.98 -42.91
C LYS H 524 81.18 6.86 -43.54
N ALA H 525 80.02 6.95 -42.90
CA ALA H 525 78.89 7.67 -43.48
C ALA H 525 79.03 9.18 -43.41
N LEU H 526 80.15 9.69 -42.89
CA LEU H 526 80.33 11.14 -42.77
C LEU H 526 81.67 11.60 -43.34
N ILE H 527 82.32 10.78 -44.18
CA ILE H 527 83.59 11.14 -44.79
C ILE H 527 83.50 10.91 -46.29
N THR H 528 84.39 11.57 -47.02
CA THR H 528 84.47 11.47 -48.47
C THR H 528 85.92 11.26 -48.88
N TYR H 529 86.14 10.30 -49.78
CA TYR H 529 87.45 9.99 -50.34
C TYR H 529 87.51 10.55 -51.76
N SER H 530 88.46 11.43 -52.02
CA SER H 530 88.59 12.05 -53.33
C SER H 530 90.05 12.14 -53.73
N ILE H 531 90.32 11.99 -55.02
CA ILE H 531 91.68 12.10 -55.56
C ILE H 531 91.86 13.50 -56.11
N LEU H 532 92.91 14.18 -55.66
CA LEU H 532 93.31 15.42 -56.29
C LEU H 532 93.96 15.09 -57.64
N PRO H 533 93.45 15.62 -58.75
CA PRO H 533 94.00 15.22 -60.06
C PRO H 533 95.47 15.53 -60.22
N GLU H 534 95.94 16.62 -59.61
CA GLU H 534 97.36 16.97 -59.72
C GLU H 534 98.24 15.94 -59.04
N LYS H 535 97.84 15.47 -57.85
CA LYS H 535 98.71 14.59 -57.06
C LYS H 535 98.77 13.18 -57.64
N CYS H 536 97.72 12.75 -58.34
CA CYS H 536 97.67 11.38 -58.84
C CYS H 536 98.70 11.15 -59.94
N THR H 537 99.15 9.91 -60.06
CA THR H 537 100.08 9.50 -61.10
C THR H 537 99.55 8.36 -61.96
N GLY H 538 98.35 7.86 -61.68
CA GLY H 538 97.74 6.86 -62.53
C GLY H 538 98.47 5.52 -62.55
N CYS H 539 98.96 5.07 -61.39
CA CYS H 539 99.60 3.77 -61.33
C CYS H 539 98.60 2.62 -61.35
N GLY H 540 97.34 2.90 -60.99
CA GLY H 540 96.29 1.89 -61.04
C GLY H 540 96.23 0.95 -59.85
N LEU H 541 97.12 1.10 -58.87
CA LEU H 541 97.09 0.21 -57.72
C LEU H 541 95.82 0.40 -56.91
N CYS H 542 95.43 1.65 -56.66
CA CYS H 542 94.20 1.91 -55.91
C CYS H 542 92.98 1.37 -56.64
N ALA H 543 92.92 1.59 -57.96
CA ALA H 543 91.80 1.09 -58.75
C ALA H 543 91.71 -0.43 -58.70
N ARG H 544 92.87 -1.11 -58.79
CA ARG H 544 92.86 -2.57 -58.76
C ARG H 544 92.62 -3.11 -57.36
N LYS H 545 92.84 -2.31 -56.32
CA LYS H 545 92.66 -2.76 -54.94
C LYS H 545 91.25 -2.54 -54.42
N CYS H 546 90.39 -1.84 -55.16
CA CYS H 546 89.02 -1.64 -54.70
C CYS H 546 88.24 -2.95 -54.77
N PRO H 547 87.64 -3.39 -53.67
CA PRO H 547 86.72 -4.54 -53.75
C PRO H 547 85.54 -4.27 -54.66
N THR H 548 85.12 -3.01 -54.77
CA THR H 548 83.98 -2.62 -55.60
C THR H 548 84.39 -1.98 -56.92
N LYS H 549 85.69 -1.88 -57.19
CA LYS H 549 86.19 -1.32 -58.45
C LYS H 549 85.61 0.08 -58.70
N ALA H 550 85.59 0.89 -57.64
CA ALA H 550 85.02 2.22 -57.77
C ALA H 550 85.91 3.15 -58.60
N ILE H 551 87.22 3.08 -58.40
CA ILE H 551 88.14 4.01 -59.03
C ILE H 551 88.41 3.57 -60.47
N THR H 552 88.15 4.48 -61.41
CA THR H 552 88.39 4.23 -62.83
C THR H 552 89.21 5.38 -63.41
N GLY H 553 89.98 5.08 -64.44
CA GLY H 553 90.77 6.09 -65.10
C GLY H 553 91.75 5.47 -66.06
N GLU H 554 92.39 6.35 -66.84
CA GLU H 554 93.37 5.92 -67.82
C GLU H 554 94.76 5.82 -67.19
N ARG H 555 95.66 5.17 -67.91
CA ARG H 555 97.02 4.99 -67.41
C ARG H 555 97.77 6.31 -67.44
N LEU H 556 98.53 6.58 -66.37
CA LEU H 556 99.27 7.83 -66.20
C LEU H 556 98.36 9.05 -66.28
N LYS H 557 97.11 8.89 -65.86
CA LYS H 557 96.14 9.97 -65.85
C LYS H 557 95.46 10.01 -64.50
N PRO H 558 94.97 11.18 -64.08
CA PRO H 558 94.27 11.27 -62.80
C PRO H 558 93.05 10.36 -62.76
N HIS H 559 92.82 9.76 -61.61
CA HIS H 559 91.69 8.87 -61.40
C HIS H 559 90.52 9.65 -60.79
N VAL H 560 89.32 9.13 -61.01
CA VAL H 560 88.09 9.77 -60.55
C VAL H 560 87.33 8.77 -59.68
N ILE H 561 86.85 9.23 -58.54
CA ILE H 561 86.15 8.36 -57.60
C ILE H 561 84.70 8.22 -58.03
N ASP H 562 84.23 6.97 -58.11
CA ASP H 562 82.81 6.72 -58.33
C ASP H 562 82.11 6.73 -56.97
N GLN H 563 81.75 7.93 -56.53
CA GLN H 563 81.13 8.10 -55.21
C GLN H 563 79.85 7.30 -55.06
N SER H 564 79.18 6.96 -56.16
CA SER H 564 77.96 6.18 -56.08
C SER H 564 78.21 4.80 -55.51
N LYS H 565 79.34 4.18 -55.87
CA LYS H 565 79.67 2.83 -55.46
C LYS H 565 80.98 2.79 -54.67
N CYS H 566 81.14 3.71 -53.73
CA CYS H 566 82.29 3.72 -52.83
C CYS H 566 81.83 3.32 -51.44
N THR H 567 82.43 2.26 -50.90
CA THR H 567 82.08 1.74 -49.59
C THR H 567 82.86 2.40 -48.46
N LYS H 568 83.74 3.35 -48.78
CA LYS H 568 84.49 4.10 -47.78
C LYS H 568 85.32 3.19 -46.88
N CYS H 569 85.88 2.13 -47.47
CA CYS H 569 86.70 1.19 -46.70
C CYS H 569 88.07 1.75 -46.39
N GLY H 570 88.51 2.80 -47.07
CA GLY H 570 89.79 3.42 -46.79
C GLY H 570 90.99 2.74 -47.40
N THR H 571 90.79 1.81 -48.35
CA THR H 571 91.93 1.14 -48.96
C THR H 571 92.77 2.10 -49.80
N CYS H 572 92.18 3.21 -50.25
CA CYS H 572 92.95 4.21 -50.98
C CYS H 572 94.06 4.78 -50.12
N MET H 573 93.76 5.08 -48.85
CA MET H 573 94.79 5.58 -47.95
C MET H 573 95.93 4.58 -47.80
N ASN H 574 95.59 3.29 -47.67
CA ASN H 574 96.61 2.27 -47.46
C ASN H 574 97.44 2.02 -48.72
N VAL H 575 96.84 2.19 -49.90
CA VAL H 575 97.49 1.78 -51.14
C VAL H 575 98.32 2.90 -51.75
N CYS H 576 97.75 4.09 -51.91
CA CYS H 576 98.45 5.17 -52.58
C CYS H 576 99.53 5.75 -51.69
N ARG H 577 100.79 5.56 -52.08
CA ARG H 577 101.94 6.09 -51.36
C ARG H 577 102.32 7.50 -51.80
N PHE H 578 101.64 8.06 -52.80
CA PHE H 578 101.98 9.36 -53.34
C PHE H 578 101.18 10.50 -52.70
N GLY H 579 100.32 10.18 -51.73
CA GLY H 579 99.50 11.20 -51.10
C GLY H 579 98.49 11.83 -52.03
N ALA H 580 97.94 11.05 -52.95
CA ALA H 580 96.98 11.56 -53.91
C ALA H 580 95.55 11.53 -53.37
N VAL H 581 95.16 10.42 -52.74
CA VAL H 581 93.82 10.30 -52.18
C VAL H 581 93.76 11.09 -50.88
N ASN H 582 92.62 11.73 -50.65
CA ASN H 582 92.40 12.58 -49.49
C ASN H 582 91.01 12.32 -48.94
N VAL H 583 90.94 12.18 -47.62
CA VAL H 583 89.68 11.92 -46.92
C VAL H 583 89.30 13.17 -46.14
N GLU H 584 88.11 13.70 -46.41
CA GLU H 584 87.66 14.92 -45.73
C GLU H 584 86.17 14.90 -45.47
N ASP I 22 75.00 -38.72 -33.19
CA ASP I 22 75.32 -39.87 -32.33
C ASP I 22 75.10 -39.50 -30.88
N LEU I 23 74.72 -40.50 -30.07
CA LEU I 23 74.46 -40.29 -28.66
C LEU I 23 75.10 -41.42 -27.85
N SER I 24 76.37 -41.69 -28.13
CA SER I 24 77.10 -42.75 -27.43
C SER I 24 78.31 -42.25 -26.68
N LEU I 25 79.01 -41.24 -27.19
CA LEU I 25 80.22 -40.75 -26.55
C LEU I 25 79.94 -39.94 -25.30
N LEU I 26 78.69 -39.60 -25.02
CA LEU I 26 78.36 -38.79 -23.86
C LEU I 26 78.40 -39.58 -22.56
N ASP I 27 78.48 -40.91 -22.63
CA ASP I 27 78.44 -41.72 -21.41
C ASP I 27 79.60 -41.45 -20.47
N PRO I 28 80.87 -41.44 -20.89
CA PRO I 28 81.95 -41.18 -19.93
C PRO I 28 81.87 -39.81 -19.29
N VAL I 29 81.55 -38.78 -20.08
CA VAL I 29 81.43 -37.42 -19.53
C VAL I 29 80.31 -37.36 -18.51
N LEU I 30 79.16 -37.93 -18.87
CA LEU I 30 78.00 -37.87 -18.00
C LEU I 30 78.21 -38.71 -16.74
N ASP I 31 79.04 -39.75 -16.83
CA ASP I 31 79.36 -40.55 -15.65
C ASP I 31 80.36 -39.84 -14.75
N GLU I 32 81.32 -39.12 -15.33
CA GLU I 32 82.30 -38.41 -14.52
C GLU I 32 81.76 -37.10 -13.96
N TYR I 33 80.63 -36.61 -14.46
CA TYR I 33 79.97 -35.43 -13.91
C TYR I 33 78.58 -35.76 -13.38
N LYS I 34 78.44 -36.92 -12.74
CA LYS I 34 77.15 -37.38 -12.25
C LYS I 34 77.02 -37.12 -10.75
N GLY I 35 75.77 -37.01 -10.31
CA GLY I 35 75.45 -36.85 -8.90
C GLY I 35 75.18 -35.43 -8.45
N GLU I 36 75.60 -34.44 -9.23
CA GLU I 36 75.40 -33.04 -8.89
C GLU I 36 74.79 -32.31 -10.08
N LYS I 37 73.76 -31.51 -9.82
CA LYS I 37 73.15 -30.68 -10.85
C LYS I 37 73.81 -29.32 -10.96
N SER I 38 75.04 -29.19 -10.47
CA SER I 38 75.81 -27.96 -10.59
C SER I 38 76.96 -28.08 -11.60
N ASN I 39 77.10 -29.24 -12.23
CA ASN I 39 78.15 -29.46 -13.21
C ASN I 39 77.63 -29.42 -14.64
N ILE I 40 76.44 -28.86 -14.85
CA ILE I 40 75.80 -28.94 -16.15
C ILE I 40 76.55 -28.12 -17.19
N ILE I 41 77.20 -27.03 -16.79
CA ILE I 41 77.95 -26.24 -17.75
C ILE I 41 79.18 -27.00 -18.22
N ALA I 42 79.83 -27.74 -17.33
CA ALA I 42 80.95 -28.57 -17.73
C ALA I 42 80.50 -29.67 -18.69
N ILE I 43 79.33 -30.25 -18.44
CA ILE I 43 78.79 -31.27 -19.33
C ILE I 43 78.51 -30.67 -20.70
N LEU I 44 77.94 -29.47 -20.74
CA LEU I 44 77.70 -28.81 -22.03
C LEU I 44 79.01 -28.51 -22.75
N GLN I 45 80.03 -28.08 -22.01
CA GLN I 45 81.33 -27.82 -22.64
C GLN I 45 81.91 -29.10 -23.23
N LYS I 46 81.84 -30.21 -22.49
CA LYS I 46 82.33 -31.49 -23.01
C LYS I 46 81.53 -31.93 -24.22
N THR I 47 80.21 -31.74 -24.20
CA THR I 47 79.38 -32.10 -25.35
C THR I 47 79.74 -31.26 -26.56
N GLN I 48 79.99 -29.97 -26.37
CA GLN I 48 80.39 -29.12 -27.49
C GLN I 48 81.74 -29.53 -28.04
N GLU I 49 82.68 -29.90 -27.18
CA GLU I 49 83.98 -30.34 -27.66
C GLU I 49 83.92 -31.72 -28.31
N ILE I 50 82.92 -32.53 -27.97
CA ILE I 50 82.80 -33.87 -28.57
C ILE I 50 82.11 -33.79 -29.93
N TYR I 51 80.95 -33.14 -29.99
CA TYR I 51 80.13 -33.14 -31.19
C TYR I 51 80.37 -31.93 -32.10
N ARG I 52 81.27 -31.03 -31.72
CA ARG I 52 81.56 -29.77 -32.41
C ARG I 52 80.38 -28.81 -32.41
N PHE I 53 79.26 -29.17 -31.80
CA PHE I 53 78.10 -28.31 -31.61
C PHE I 53 77.22 -29.00 -30.56
N LEU I 54 76.07 -28.39 -30.28
CA LEU I 54 75.15 -28.94 -29.30
C LEU I 54 73.92 -29.50 -29.99
N PRO I 55 73.78 -30.82 -30.09
CA PRO I 55 72.57 -31.39 -30.70
C PRO I 55 71.43 -31.47 -29.70
N LEU I 56 70.21 -31.33 -30.23
CA LEU I 56 69.03 -31.32 -29.37
C LEU I 56 68.83 -32.67 -28.69
N ASP I 57 69.13 -33.77 -29.39
CA ASP I 57 69.02 -35.09 -28.77
C ASP I 57 70.01 -35.24 -27.62
N ALA I 58 71.23 -34.71 -27.79
CA ALA I 58 72.20 -34.73 -26.70
C ALA I 58 71.69 -33.90 -25.51
N LEU I 59 71.07 -32.77 -25.79
CA LEU I 59 70.48 -31.97 -24.71
C LEU I 59 69.40 -32.75 -23.98
N ASN I 60 68.56 -33.47 -24.74
CA ASN I 60 67.53 -34.30 -24.11
C ASN I 60 68.16 -35.38 -23.24
N TYR I 61 69.23 -36.01 -23.72
CA TYR I 61 69.89 -37.05 -22.94
C TYR I 61 70.49 -36.48 -21.66
N ILE I 62 71.11 -35.31 -21.75
CA ILE I 62 71.68 -34.67 -20.56
C ILE I 62 70.58 -34.35 -19.55
N SER I 63 69.45 -33.83 -20.04
CA SER I 63 68.34 -33.54 -19.14
C SER I 63 67.80 -34.81 -18.49
N GLU I 64 67.73 -35.91 -19.25
CA GLU I 64 67.22 -37.15 -18.70
C GLU I 64 68.15 -37.72 -17.64
N LYS I 65 69.46 -37.70 -17.88
CA LYS I 65 70.37 -38.37 -16.96
C LYS I 65 70.72 -37.50 -15.76
N THR I 66 71.07 -36.23 -16.00
CA THR I 66 71.43 -35.35 -14.90
C THR I 66 70.25 -35.07 -13.98
N GLY I 67 69.03 -35.18 -14.49
CA GLY I 67 67.86 -34.79 -13.73
C GLY I 67 67.53 -33.33 -13.80
N VAL I 68 68.26 -32.54 -14.58
CA VAL I 68 67.98 -31.12 -14.75
C VAL I 68 66.89 -30.95 -15.80
N LYS I 69 66.04 -29.96 -15.60
CA LYS I 69 64.93 -29.72 -16.51
C LYS I 69 65.46 -29.31 -17.88
N LYS I 70 64.74 -29.74 -18.92
CA LYS I 70 65.14 -29.40 -20.29
C LYS I 70 65.12 -27.90 -20.53
N ALA I 71 64.19 -27.19 -19.89
CA ALA I 71 64.12 -25.74 -20.05
C ALA I 71 65.38 -25.07 -19.52
N LYS I 72 65.89 -25.54 -18.37
CA LYS I 72 67.12 -24.98 -17.84
C LYS I 72 68.31 -25.27 -18.75
N ILE I 73 68.36 -26.47 -19.34
CA ILE I 73 69.43 -26.81 -20.26
C ILE I 73 69.41 -25.87 -21.46
N TYR I 74 68.22 -25.65 -22.02
CA TYR I 74 68.12 -24.74 -23.16
C TYR I 74 68.47 -23.31 -22.75
N GLY I 75 68.07 -22.90 -21.55
CA GLY I 75 68.38 -21.55 -21.10
C GLY I 75 69.86 -21.32 -20.94
N ILE I 76 70.58 -22.29 -20.36
CA ILE I 76 72.02 -22.17 -20.26
C ILE I 76 72.67 -22.21 -21.63
N ALA I 77 72.20 -23.13 -22.50
CA ALA I 77 72.83 -23.30 -23.80
C ALA I 77 72.69 -22.07 -24.68
N THR I 78 71.64 -21.28 -24.47
CA THR I 78 71.40 -20.08 -25.25
C THR I 78 71.85 -18.81 -24.53
N PHE I 79 72.50 -18.93 -23.38
CA PHE I 79 72.97 -17.78 -22.62
C PHE I 79 74.43 -17.45 -22.88
N TYR I 80 75.27 -18.46 -23.01
CA TYR I 80 76.71 -18.26 -23.12
C TYR I 80 77.14 -18.26 -24.58
N ALA I 81 78.08 -17.36 -24.91
CA ALA I 81 78.50 -17.20 -26.29
C ALA I 81 79.32 -18.37 -26.79
N GLN I 82 79.92 -19.16 -25.88
CA GLN I 82 80.70 -20.31 -26.32
C GLN I 82 79.81 -21.34 -27.00
N PHE I 83 78.61 -21.55 -26.47
CA PHE I 83 77.72 -22.58 -27.00
C PHE I 83 77.10 -22.15 -28.32
N ARG I 84 77.12 -23.06 -29.29
CA ARG I 84 76.53 -22.82 -30.60
C ARG I 84 75.55 -23.94 -30.90
N LEU I 85 74.35 -23.56 -31.35
CA LEU I 85 73.27 -24.52 -31.57
C LEU I 85 73.25 -25.08 -32.99
N LYS I 86 74.14 -24.62 -33.86
CA LYS I 86 74.20 -25.05 -35.25
C LYS I 86 75.60 -25.54 -35.58
N PRO I 87 75.73 -26.43 -36.57
CA PRO I 87 77.06 -26.89 -36.96
C PRO I 87 77.94 -25.74 -37.44
N VAL I 88 79.22 -25.86 -37.16
CA VAL I 88 80.21 -24.82 -37.48
C VAL I 88 81.18 -25.38 -38.51
N GLY I 89 81.51 -24.58 -39.51
CA GLY I 89 82.37 -25.01 -40.60
C GLY I 89 83.75 -25.42 -40.12
N LYS I 90 84.53 -25.92 -41.09
CA LYS I 90 85.82 -26.52 -40.76
C LYS I 90 86.78 -25.49 -40.16
N TYR I 91 86.85 -24.30 -40.73
CA TYR I 91 87.76 -23.27 -40.28
C TYR I 91 87.01 -22.20 -39.51
N VAL I 92 87.50 -21.87 -38.32
CA VAL I 92 86.91 -20.84 -37.47
C VAL I 92 87.80 -19.61 -37.51
N ILE I 93 87.20 -18.46 -37.80
CA ILE I 93 87.96 -17.21 -37.85
C ILE I 93 87.62 -16.37 -36.63
N LEU I 94 88.39 -16.54 -35.56
CA LEU I 94 88.23 -15.73 -34.35
C LEU I 94 88.87 -14.38 -34.63
N GLN I 95 88.06 -13.41 -35.04
CA GLN I 95 88.56 -12.10 -35.41
C GLN I 95 88.35 -11.16 -34.23
N CYS I 96 89.44 -10.67 -33.66
CA CYS I 96 89.38 -9.92 -32.41
C CYS I 96 88.67 -8.59 -32.60
N GLN I 97 87.88 -8.22 -31.60
CA GLN I 97 87.17 -6.95 -31.55
C GLN I 97 87.36 -6.26 -30.21
N GLY I 98 88.54 -6.44 -29.61
CA GLY I 98 88.84 -5.76 -28.38
C GLY I 98 89.03 -4.27 -28.63
N THR I 99 89.20 -3.54 -27.53
CA THR I 99 89.34 -2.09 -27.65
C THR I 99 90.60 -1.71 -28.42
N ALA I 100 91.72 -2.39 -28.14
CA ALA I 100 92.97 -2.06 -28.80
C ALA I 100 92.89 -2.33 -30.30
N CYS I 101 92.33 -3.47 -30.68
CA CYS I 101 92.21 -3.79 -32.10
C CYS I 101 91.26 -2.84 -32.80
N HIS I 102 90.12 -2.53 -32.17
CA HIS I 102 89.16 -1.62 -32.79
C HIS I 102 89.74 -0.23 -32.96
N VAL I 103 90.51 0.25 -31.98
CA VAL I 103 91.17 1.54 -32.11
C VAL I 103 92.15 1.52 -33.27
N ASN I 104 92.88 0.41 -33.44
CA ASN I 104 93.81 0.24 -34.54
C ASN I 104 93.14 -0.21 -35.83
N GLY I 105 91.82 -0.03 -35.95
CA GLY I 105 91.13 -0.34 -37.19
C GLY I 105 90.85 -1.80 -37.41
N SER I 106 90.05 -2.41 -36.53
CA SER I 106 89.64 -3.80 -36.69
C SER I 106 88.29 -3.95 -37.36
N GLU I 107 87.46 -2.90 -37.34
CA GLU I 107 86.16 -2.97 -38.00
C GLU I 107 86.31 -3.20 -39.50
N GLU I 108 87.28 -2.53 -40.11
CA GLU I 108 87.50 -2.70 -41.54
C GLU I 108 87.94 -4.12 -41.89
N ILE I 109 88.70 -4.76 -41.00
CA ILE I 109 89.09 -6.14 -41.24
C ILE I 109 87.86 -7.05 -41.27
N LYS I 110 86.97 -6.87 -40.29
CA LYS I 110 85.75 -7.67 -40.26
C LYS I 110 84.88 -7.42 -41.46
N ASN I 111 84.76 -6.15 -41.88
CA ASN I 111 83.96 -5.84 -43.06
C ASN I 111 84.58 -6.46 -44.31
N ALA I 112 85.90 -6.44 -44.43
CA ALA I 112 86.55 -7.06 -45.58
C ALA I 112 86.32 -8.56 -45.60
N LEU I 113 86.43 -9.22 -44.44
CA LEU I 113 86.17 -10.66 -44.39
C LEU I 113 84.72 -10.98 -44.72
N CYS I 114 83.79 -10.17 -44.21
CA CYS I 114 82.37 -10.38 -44.51
C CYS I 114 82.09 -10.22 -46.00
N ASP I 115 82.69 -9.21 -46.63
CA ASP I 115 82.49 -9.01 -48.06
C ASP I 115 83.16 -10.09 -48.88
N GLU I 116 84.31 -10.61 -48.43
CA GLU I 116 84.99 -11.67 -49.17
C GLU I 116 84.23 -12.98 -49.08
N LEU I 117 83.73 -13.32 -47.89
CA LEU I 117 83.01 -14.58 -47.70
C LEU I 117 81.52 -14.45 -47.95
N ASN I 118 81.00 -13.24 -48.16
CA ASN I 118 79.58 -13.01 -48.41
C ASN I 118 78.71 -13.56 -47.29
N ILE I 119 79.20 -13.45 -46.05
CA ILE I 119 78.45 -13.88 -44.87
C ILE I 119 78.51 -12.80 -43.81
N LYS I 120 77.56 -12.85 -42.90
CA LYS I 120 77.48 -11.95 -41.76
C LYS I 120 78.27 -12.50 -40.59
N PRO I 121 78.70 -11.65 -39.66
CA PRO I 121 79.44 -12.14 -38.49
C PRO I 121 78.61 -13.14 -37.69
N GLY I 122 79.27 -14.18 -37.20
CA GLY I 122 78.62 -15.23 -36.47
C GLY I 122 78.10 -16.37 -37.33
N ASP I 123 78.04 -16.19 -38.64
CA ASP I 123 77.50 -17.19 -39.55
C ASP I 123 78.61 -18.00 -40.19
N THR I 124 78.22 -19.06 -40.88
CA THR I 124 79.14 -19.91 -41.61
C THR I 124 78.78 -19.91 -43.09
N THR I 125 79.79 -20.06 -43.94
CA THR I 125 79.56 -20.08 -45.38
C THR I 125 78.73 -21.29 -45.76
N GLU I 126 77.95 -21.15 -46.84
CA GLU I 126 77.14 -22.26 -47.31
C GLU I 126 78.00 -23.45 -47.71
N ASP I 127 79.25 -23.20 -48.11
CA ASP I 127 80.17 -24.28 -48.43
C ASP I 127 80.63 -25.05 -47.22
N GLY I 128 80.31 -24.57 -46.01
CA GLY I 128 80.80 -25.21 -44.79
C GLY I 128 82.30 -25.13 -44.66
N MET I 129 82.88 -23.96 -44.95
CA MET I 129 84.33 -23.80 -45.00
C MET I 129 84.84 -22.88 -43.90
N PHE I 130 84.31 -21.67 -43.81
CA PHE I 130 84.77 -20.68 -42.84
C PHE I 130 83.64 -20.34 -41.87
N THR I 131 84.02 -19.82 -40.72
CA THR I 131 83.05 -19.42 -39.70
C THR I 131 83.62 -18.20 -38.98
N LEU I 132 83.12 -17.02 -39.32
CA LEU I 132 83.55 -15.79 -38.68
C LEU I 132 82.83 -15.65 -37.35
N GLU I 133 83.57 -15.25 -36.31
CA GLU I 133 82.96 -14.97 -35.02
C GLU I 133 83.85 -14.00 -34.25
N GLU I 134 83.28 -12.86 -33.88
CA GLU I 134 84.03 -11.86 -33.13
C GLU I 134 84.34 -12.36 -31.72
N VAL I 135 85.51 -12.00 -31.22
CA VAL I 135 85.97 -12.42 -29.90
C VAL I 135 86.55 -11.21 -29.19
N ALA I 136 86.80 -11.38 -27.89
CA ALA I 136 87.43 -10.35 -27.09
C ALA I 136 88.94 -10.39 -27.32
N CYS I 137 89.69 -9.69 -26.47
CA CYS I 137 91.14 -9.62 -26.63
C CYS I 137 91.76 -11.01 -26.62
N LEU I 138 92.64 -11.26 -27.58
CA LEU I 138 93.34 -12.53 -27.68
C LEU I 138 94.68 -12.54 -26.96
N GLY I 139 95.03 -11.44 -26.27
CA GLY I 139 96.26 -11.33 -25.53
C GLY I 139 97.37 -10.63 -26.28
N CYS I 140 97.41 -10.76 -27.61
CA CYS I 140 98.44 -10.13 -28.42
C CYS I 140 97.94 -8.80 -28.95
N CYS I 141 97.85 -7.84 -28.03
CA CYS I 141 97.38 -6.50 -28.40
C CYS I 141 98.37 -5.77 -29.30
N SER I 142 99.66 -6.06 -29.14
CA SER I 142 100.68 -5.34 -29.90
C SER I 142 100.65 -5.70 -31.39
N LEU I 143 99.92 -6.74 -31.78
CA LEU I 143 99.75 -7.10 -33.18
C LEU I 143 98.41 -6.64 -33.74
N ALA I 144 97.74 -5.72 -33.06
CA ALA I 144 96.40 -5.34 -33.45
C ALA I 144 96.39 -4.74 -34.85
N PRO I 145 95.42 -5.11 -35.70
CA PRO I 145 94.35 -6.09 -35.46
C PRO I 145 94.82 -7.52 -35.62
N VAL I 146 94.18 -8.47 -34.91
CA VAL I 146 94.60 -9.86 -34.87
C VAL I 146 93.41 -10.74 -35.20
N MET I 147 93.64 -11.82 -35.95
CA MET I 147 92.63 -12.85 -36.11
C MET I 147 93.30 -14.22 -36.10
N MET I 148 92.61 -15.19 -35.50
CA MET I 148 93.12 -16.56 -35.40
C MET I 148 92.27 -17.47 -36.29
N ILE I 149 92.93 -18.28 -37.10
CA ILE I 149 92.26 -19.19 -38.02
C ILE I 149 92.73 -20.60 -37.68
N ASN I 150 92.01 -21.28 -36.82
CA ASN I 150 92.33 -22.65 -36.39
C ASN I 150 93.74 -22.72 -35.79
N GLY I 151 93.93 -21.98 -34.72
CA GLY I 151 95.21 -21.98 -34.02
C GLY I 151 96.21 -20.94 -34.46
N GLU I 152 96.53 -20.89 -35.75
CA GLU I 152 97.48 -19.92 -36.24
C GLU I 152 96.91 -18.50 -36.12
N THR I 153 97.80 -17.54 -35.92
CA THR I 153 97.42 -16.16 -35.66
C THR I 153 97.98 -15.24 -36.73
N TYR I 154 97.27 -14.14 -36.97
CA TYR I 154 97.72 -13.11 -37.90
C TYR I 154 97.53 -11.75 -37.25
N GLY I 155 98.55 -10.90 -37.36
CA GLY I 155 98.51 -9.58 -36.74
C GLY I 155 99.01 -8.51 -37.70
N LYS I 156 98.86 -7.26 -37.26
CA LYS I 156 99.23 -6.10 -38.06
C LYS I 156 98.54 -6.14 -39.42
N LEU I 157 97.26 -6.48 -39.43
CA LEU I 157 96.51 -6.70 -40.65
C LEU I 157 95.87 -5.42 -41.16
N THR I 158 95.62 -5.40 -42.46
CA THR I 158 94.82 -4.40 -43.15
C THR I 158 93.81 -5.15 -43.99
N PRO I 159 92.70 -4.50 -44.39
CA PRO I 159 91.66 -5.21 -45.14
C PRO I 159 92.19 -5.95 -46.37
N ASP I 160 93.10 -5.31 -47.12
CA ASP I 160 93.69 -5.99 -48.27
C ASP I 160 94.48 -7.21 -47.83
N LYS I 161 95.28 -7.06 -46.78
CA LYS I 161 96.07 -8.20 -46.29
C LYS I 161 95.17 -9.32 -45.81
N ALA I 162 94.10 -9.00 -45.07
CA ALA I 162 93.20 -10.04 -44.57
C ALA I 162 92.53 -10.77 -45.72
N ARG I 163 92.09 -10.03 -46.75
CA ARG I 163 91.53 -10.68 -47.92
C ARG I 163 92.55 -11.58 -48.60
N GLU I 164 93.82 -11.14 -48.62
CA GLU I 164 94.86 -11.98 -49.21
C GLU I 164 95.05 -13.27 -48.43
N ILE I 165 95.02 -13.21 -47.10
CA ILE I 165 95.14 -14.44 -46.31
C ILE I 165 93.96 -15.37 -46.59
N ILE I 166 92.75 -14.82 -46.64
CA ILE I 166 91.59 -15.67 -46.92
C ILE I 166 91.73 -16.33 -48.29
N ARG I 167 92.14 -15.56 -49.30
CA ARG I 167 92.31 -16.11 -50.63
C ARG I 167 93.40 -17.18 -50.66
N ARG I 168 94.50 -16.95 -49.93
CA ARG I 168 95.59 -17.92 -49.90
C ARG I 168 95.14 -19.21 -49.24
N ILE I 169 94.39 -19.13 -48.15
CA ILE I 169 93.87 -20.33 -47.50
C ILE I 169 92.95 -21.07 -48.44
N TYR I 170 92.05 -20.34 -49.12
CA TYR I 170 91.12 -20.98 -50.05
C TYR I 170 91.86 -21.70 -51.17
N GLU I 171 92.84 -21.02 -51.78
CA GLU I 171 93.59 -21.62 -52.87
C GLU I 171 94.41 -22.81 -52.40
N ARG I 172 95.03 -22.70 -51.22
CA ARG I 172 95.82 -23.81 -50.69
C ARG I 172 94.96 -25.04 -50.45
N GLU I 173 93.75 -24.84 -49.90
CA GLU I 173 92.88 -25.99 -49.67
C GLU I 173 92.34 -26.55 -50.98
N LYS I 174 92.05 -25.67 -51.95
CA LYS I 174 91.56 -26.15 -53.24
C LYS I 174 92.62 -26.98 -53.96
N ASN I 175 93.89 -26.58 -53.84
CA ASN I 175 94.96 -27.35 -54.44
C ASN I 175 95.08 -28.75 -53.84
N VAL I 176 94.59 -28.95 -52.63
CA VAL I 176 94.61 -30.27 -52.01
C VAL I 176 93.49 -31.11 -52.59
N MET J 1 56.38 -11.63 6.66
CA MET J 1 57.48 -11.89 7.57
C MET J 1 57.65 -13.38 7.84
N ARG J 2 58.57 -13.70 8.75
CA ARG J 2 58.73 -15.08 9.20
C ARG J 2 57.60 -15.42 10.16
N LEU J 3 56.93 -16.54 9.90
CA LEU J 3 55.78 -16.96 10.67
C LEU J 3 56.10 -18.24 11.43
N VAL J 4 55.70 -18.28 12.68
CA VAL J 4 55.78 -19.49 13.49
C VAL J 4 54.51 -20.27 13.29
N ARG J 5 54.60 -21.58 13.45
CA ARG J 5 53.46 -22.48 13.33
C ARG J 5 53.14 -23.02 14.72
N VAL J 6 51.91 -22.81 15.17
CA VAL J 6 51.47 -23.29 16.48
C VAL J 6 50.22 -24.12 16.29
N ASN J 7 49.93 -24.93 17.31
CA ASN J 7 48.71 -25.73 17.35
C ASN J 7 48.04 -25.43 18.69
N ILE J 8 47.02 -24.58 18.66
CA ILE J 8 46.27 -24.21 19.86
C ILE J 8 44.91 -24.89 19.76
N ASP J 9 44.66 -25.83 20.67
CA ASP J 9 43.38 -26.53 20.74
C ASP J 9 43.04 -27.21 19.41
N ASN J 10 43.99 -28.00 18.91
CA ASN J 10 43.84 -28.80 17.69
C ASN J 10 43.61 -27.95 16.44
N LYS J 11 43.95 -26.67 16.49
CA LYS J 11 43.80 -25.77 15.35
C LYS J 11 45.17 -25.25 14.95
N GLU J 12 45.54 -25.46 13.70
CA GLU J 12 46.83 -25.01 13.20
C GLU J 12 46.77 -23.52 12.88
N ILE J 13 47.68 -22.75 13.48
CA ILE J 13 47.69 -21.31 13.39
C ILE J 13 49.07 -20.86 12.93
N PHE J 14 49.10 -19.97 11.94
CA PHE J 14 50.34 -19.34 11.50
C PHE J 14 50.41 -17.97 12.15
N ALA J 15 51.23 -17.87 13.20
CA ALA J 15 51.35 -16.62 13.96
C ALA J 15 52.66 -15.93 13.60
N GLU J 16 52.83 -14.73 14.15
CA GLU J 16 54.01 -13.93 13.92
C GLU J 16 54.94 -14.02 15.12
N GLU J 17 56.24 -14.14 14.83
CA GLU J 17 57.23 -14.23 15.89
C GLU J 17 57.24 -12.96 16.74
N GLY J 18 57.30 -13.13 18.04
CA GLY J 18 57.30 -12.01 18.97
C GLY J 18 56.00 -11.78 19.69
N LYS J 19 54.96 -12.55 19.40
CA LYS J 19 53.70 -12.47 20.12
C LYS J 19 53.67 -13.46 21.27
N THR J 20 52.83 -13.17 22.26
CA THR J 20 52.58 -14.10 23.34
C THR J 20 51.41 -15.00 22.96
N ILE J 21 51.22 -16.08 23.73
CA ILE J 21 50.12 -17.00 23.47
C ILE J 21 48.79 -16.29 23.65
N LEU J 22 48.71 -15.36 24.60
CA LEU J 22 47.48 -14.61 24.81
C LEU J 22 47.09 -13.82 23.56
N GLU J 23 48.06 -13.12 22.97
CA GLU J 23 47.77 -12.33 21.77
C GLU J 23 47.39 -13.20 20.59
N VAL J 24 48.11 -14.31 20.39
CA VAL J 24 47.82 -15.20 19.27
C VAL J 24 46.43 -15.80 19.43
N ALA J 25 46.07 -16.22 20.64
CA ALA J 25 44.75 -16.79 20.87
C ALA J 25 43.65 -15.74 20.77
N HIS J 26 43.93 -14.50 21.17
CA HIS J 26 42.96 -13.44 20.98
C HIS J 26 42.71 -13.17 19.51
N GLU J 27 43.77 -13.20 18.69
CA GLU J 27 43.61 -12.98 17.26
C GLU J 27 42.78 -14.08 16.62
N ASN J 28 42.97 -15.32 17.06
CA ASN J 28 42.29 -16.47 16.49
C ASN J 28 41.00 -16.81 17.23
N ASN J 29 40.46 -15.88 18.01
CA ASN J 29 39.18 -16.05 18.70
C ASN J 29 39.18 -17.29 19.60
N ILE J 30 40.27 -17.47 20.35
CA ILE J 30 40.37 -18.51 21.36
C ILE J 30 40.41 -17.82 22.72
N GLU J 31 39.51 -18.22 23.60
CA GLU J 31 39.33 -17.55 24.89
C GLU J 31 40.23 -18.18 25.94
N ILE J 32 41.19 -17.42 26.44
CA ILE J 32 42.02 -17.82 27.57
C ILE J 32 41.75 -16.84 28.69
N PRO J 33 41.40 -17.31 29.89
CA PRO J 33 41.13 -16.39 31.00
C PRO J 33 42.37 -15.59 31.37
N HIS J 34 42.15 -14.37 31.84
CA HIS J 34 43.23 -13.53 32.32
C HIS J 34 42.62 -12.46 33.21
N LEU J 35 43.30 -12.14 34.31
CA LEU J 35 42.83 -11.12 35.22
C LEU J 35 43.85 -10.02 35.52
N CYS J 36 45.14 -10.27 35.33
CA CYS J 36 46.18 -9.30 35.64
C CYS J 36 46.93 -8.84 34.40
N TYR J 37 46.38 -9.08 33.22
CA TYR J 37 47.05 -8.75 31.98
C TYR J 37 46.51 -7.44 31.40
N ASP J 38 47.40 -6.69 30.77
CA ASP J 38 47.04 -5.49 30.02
C ASP J 38 48.07 -5.28 28.93
N LYS J 39 47.60 -4.96 27.72
CA LYS J 39 48.50 -4.79 26.58
C LYS J 39 49.42 -3.59 26.73
N ARG J 40 49.05 -2.60 27.54
CA ARG J 40 49.88 -1.44 27.75
C ARG J 40 50.96 -1.64 28.80
N LEU J 41 50.90 -2.73 29.55
CA LEU J 41 51.79 -2.93 30.69
C LEU J 41 52.65 -4.16 30.46
N LYS J 42 53.80 -4.17 31.14
CA LYS J 42 54.64 -5.35 31.14
C LYS J 42 53.95 -6.48 31.90
N PRO J 43 54.22 -7.73 31.54
CA PRO J 43 53.54 -8.85 32.20
C PRO J 43 53.87 -8.91 33.69
N TYR J 44 52.93 -9.44 34.45
CA TYR J 44 52.96 -9.47 35.91
C TYR J 44 52.89 -10.87 36.48
N GLY J 45 52.15 -11.78 35.84
CA GLY J 45 52.13 -13.17 36.22
C GLY J 45 51.61 -13.45 37.62
N ALA J 46 50.62 -12.68 38.08
CA ALA J 46 50.13 -12.81 39.44
C ALA J 46 48.92 -13.74 39.55
N CYS J 47 47.88 -13.49 38.75
CA CYS J 47 46.62 -14.21 38.94
C CYS J 47 46.77 -15.70 38.66
N GLY J 48 47.55 -16.06 37.63
CA GLY J 48 47.69 -17.46 37.29
C GLY J 48 46.48 -18.06 36.61
N LEU J 49 45.64 -17.27 35.97
CA LEU J 49 44.47 -17.78 35.27
C LEU J 49 44.77 -18.14 33.82
N CYS J 50 45.76 -17.52 33.22
CA CYS J 50 46.06 -17.70 31.81
C CYS J 50 46.93 -18.92 31.54
N VAL J 51 47.08 -19.82 32.51
CA VAL J 51 47.97 -20.95 32.33
C VAL J 51 47.44 -21.86 31.22
N VAL J 52 48.35 -22.30 30.36
CA VAL J 52 48.02 -23.22 29.29
C VAL J 52 49.01 -24.39 29.35
N GLU J 53 48.61 -25.50 28.76
CA GLU J 53 49.44 -26.69 28.71
C GLU J 53 50.17 -26.71 27.37
N ILE J 54 51.50 -26.68 27.42
CA ILE J 54 52.35 -26.69 26.24
C ILE J 54 53.04 -28.05 26.17
N GLU J 55 52.87 -28.73 25.05
CA GLU J 55 53.46 -30.06 24.90
C GLU J 55 54.98 -29.97 24.92
N GLY J 56 55.60 -30.74 25.80
CA GLY J 56 57.03 -30.68 26.03
C GLY J 56 57.44 -29.93 27.28
N SER J 57 56.53 -29.21 27.92
CA SER J 57 56.81 -28.51 29.17
C SER J 57 56.05 -29.18 30.30
N PRO J 58 56.73 -29.73 31.30
CA PRO J 58 55.99 -30.34 32.43
C PRO J 58 55.21 -29.35 33.27
N LYS J 59 55.53 -28.06 33.22
CA LYS J 59 54.88 -27.05 34.03
C LYS J 59 54.00 -26.16 33.16
N LEU J 60 52.80 -25.87 33.65
CA LEU J 60 51.88 -25.01 32.92
C LEU J 60 52.49 -23.62 32.75
N ALA J 61 52.30 -23.05 31.56
CA ALA J 61 52.91 -21.78 31.20
C ALA J 61 51.85 -20.69 31.14
N ARG J 62 52.22 -19.51 31.65
CA ARG J 62 51.34 -18.36 31.58
C ARG J 62 51.27 -17.84 30.15
N ALA J 63 50.07 -17.82 29.58
CA ALA J 63 49.90 -17.38 28.20
C ALA J 63 50.19 -15.90 28.03
N CYS J 64 50.10 -15.11 29.10
CA CYS J 64 50.35 -13.68 29.01
C CYS J 64 51.82 -13.33 28.88
N SER J 65 52.72 -14.22 29.31
CA SER J 65 54.15 -13.95 29.30
C SER J 65 54.96 -14.92 28.47
N THR J 66 54.38 -16.02 28.02
CA THR J 66 55.08 -16.98 27.17
C THR J 66 54.90 -16.60 25.71
N TYR J 67 56.01 -16.65 24.97
CA TYR J 67 56.01 -16.30 23.55
C TYR J 67 55.86 -17.56 22.71
N VAL J 68 55.18 -17.41 21.58
CA VAL J 68 54.93 -18.53 20.69
C VAL J 68 56.20 -18.83 19.89
N THR J 69 56.56 -20.11 19.83
CA THR J 69 57.71 -20.57 19.08
C THR J 69 57.24 -21.52 17.99
N ASP J 70 58.15 -21.83 17.06
CA ASP J 70 57.79 -22.64 15.91
C ASP J 70 57.49 -24.08 16.33
N LYS J 71 56.45 -24.65 15.72
CA LYS J 71 56.01 -26.02 15.98
C LYS J 71 55.66 -26.23 17.44
N MET J 72 54.77 -25.39 17.94
CA MET J 72 54.30 -25.42 19.32
C MET J 72 52.91 -26.04 19.36
N VAL J 73 52.66 -26.86 20.38
CA VAL J 73 51.35 -27.46 20.60
C VAL J 73 50.85 -26.98 21.97
N ILE J 74 49.71 -26.31 21.97
CA ILE J 74 49.17 -25.69 23.17
C ILE J 74 47.75 -26.18 23.40
N LYS J 75 47.45 -26.56 24.64
CA LYS J 75 46.09 -26.85 25.08
C LYS J 75 45.68 -25.80 26.10
N THR J 76 44.49 -25.23 25.92
CA THR J 76 43.99 -24.21 26.82
C THR J 76 42.79 -24.65 27.64
N ASP J 77 42.29 -25.87 27.43
CA ASP J 77 41.12 -26.34 28.16
C ASP J 77 41.26 -27.80 28.58
N SER J 78 42.49 -28.27 28.76
CA SER J 78 42.71 -29.62 29.24
C SER J 78 42.33 -29.73 30.71
N PRO J 79 42.04 -30.94 31.20
CA PRO J 79 41.63 -31.08 32.62
C PRO J 79 42.65 -30.54 33.60
N ARG J 80 43.94 -30.66 33.30
CA ARG J 80 44.97 -30.07 34.16
C ARG J 80 44.81 -28.54 34.22
N VAL J 81 44.61 -27.92 33.06
CA VAL J 81 44.47 -26.47 33.00
C VAL J 81 43.18 -26.03 33.70
N ARG J 82 42.09 -26.76 33.47
CA ARG J 82 40.83 -26.43 34.13
C ARG J 82 40.94 -26.55 35.64
N ASN J 83 41.63 -27.59 36.12
CA ASN J 83 41.81 -27.75 37.56
C ASN J 83 42.65 -26.62 38.14
N ALA J 84 43.72 -26.22 37.44
CA ALA J 84 44.54 -25.12 37.92
C ALA J 84 43.74 -23.83 37.99
N ARG J 85 42.96 -23.54 36.96
CA ARG J 85 42.16 -22.32 36.95
C ARG J 85 41.09 -22.35 38.03
N LYS J 86 40.45 -23.50 38.22
CA LYS J 86 39.44 -23.62 39.28
C LYS J 86 40.05 -23.41 40.65
N MET J 87 41.24 -23.96 40.88
CA MET J 87 41.90 -23.76 42.17
C MET J 87 42.27 -22.30 42.39
N ALA J 88 42.79 -21.63 41.36
CA ALA J 88 43.12 -20.22 41.48
C ALA J 88 41.88 -19.39 41.78
N LEU J 89 40.77 -19.70 41.10
CA LEU J 89 39.53 -18.95 41.32
C LEU J 89 38.97 -19.19 42.72
N GLU J 90 39.08 -20.43 43.22
CA GLU J 90 38.64 -20.71 44.59
C GLU J 90 39.47 -19.96 45.61
N LEU J 91 40.79 -19.91 45.40
CA LEU J 91 41.64 -19.13 46.29
C LEU J 91 41.26 -17.65 46.25
N LEU J 92 40.98 -17.13 45.07
CA LEU J 92 40.54 -15.74 44.96
C LEU J 92 39.22 -15.50 45.67
N LEU J 93 38.27 -16.43 45.53
CA LEU J 93 36.98 -16.28 46.19
C LEU J 93 37.08 -16.44 47.70
N SER J 94 38.14 -17.09 48.19
CA SER J 94 38.28 -17.25 49.63
C SER J 94 38.39 -15.90 50.34
N GLU J 95 39.11 -14.94 49.74
CA GLU J 95 39.33 -13.65 50.35
C GLU J 95 38.38 -12.58 49.84
N HIS J 96 37.20 -12.97 49.38
CA HIS J 96 36.27 -12.07 48.72
C HIS J 96 35.05 -11.83 49.61
N ARG J 97 34.66 -10.57 49.75
CA ARG J 97 33.44 -10.19 50.45
C ARG J 97 32.60 -9.34 49.51
N GLY J 98 31.43 -9.83 49.13
CA GLY J 98 30.53 -9.02 48.33
C GLY J 98 29.25 -9.76 48.03
N ASP J 99 28.30 -9.02 47.47
CA ASP J 99 27.05 -9.56 46.97
C ASP J 99 27.03 -9.36 45.46
N CYS J 100 27.16 -10.46 44.72
CA CYS J 100 27.01 -10.38 43.27
C CYS J 100 25.61 -9.91 42.91
N ARG J 101 24.60 -10.44 43.59
CA ARG J 101 23.22 -10.01 43.48
C ARG J 101 22.67 -9.74 44.87
N PRO J 102 21.80 -8.74 45.02
CA PRO J 102 21.26 -8.43 46.35
C PRO J 102 20.29 -9.49 46.81
N PRO J 103 20.03 -9.59 48.12
CA PRO J 103 19.12 -10.64 48.61
C PRO J 103 17.71 -10.52 48.06
N CYS J 104 17.28 -9.31 47.72
CA CYS J 104 15.96 -9.12 47.13
C CYS J 104 15.83 -9.86 45.79
N VAL J 105 16.85 -9.77 44.95
CA VAL J 105 16.81 -10.45 43.66
C VAL J 105 16.83 -11.96 43.84
N LEU J 106 17.63 -12.45 44.80
CA LEU J 106 17.74 -13.88 45.03
C LEU J 106 16.48 -14.46 45.69
N ALA J 107 15.71 -13.65 46.41
CA ALA J 107 14.48 -14.15 47.02
C ALA J 107 13.30 -14.17 46.07
N CYS J 108 13.39 -13.49 44.94
CA CYS J 108 12.32 -13.54 43.95
C CYS J 108 12.39 -14.85 43.18
N PRO J 109 11.30 -15.61 43.10
CA PRO J 109 11.34 -16.84 42.30
C PRO J 109 11.71 -16.63 40.84
N ALA J 110 11.32 -15.51 40.25
CA ALA J 110 11.67 -15.21 38.86
C ALA J 110 12.98 -14.45 38.75
N HIS J 111 13.64 -14.16 39.87
CA HIS J 111 14.91 -13.43 39.89
C HIS J 111 14.79 -12.09 39.17
N THR J 112 13.71 -11.38 39.49
CA THR J 112 13.53 -10.02 38.98
C THR J 112 14.57 -9.11 39.59
N ASP J 113 15.13 -8.23 38.75
CA ASP J 113 16.15 -7.27 39.18
C ASP J 113 15.48 -6.20 40.02
N CYS J 114 15.14 -6.55 41.26
CA CYS J 114 14.47 -5.61 42.15
C CYS J 114 15.33 -4.37 42.37
N GLN J 115 16.61 -4.57 42.69
CA GLN J 115 17.50 -3.43 42.91
C GLN J 115 17.63 -2.58 41.67
N GLY J 116 17.72 -3.22 40.50
CA GLY J 116 17.90 -2.48 39.27
C GLY J 116 16.75 -1.54 38.98
N TYR J 117 15.52 -2.05 38.99
CA TYR J 117 14.39 -1.20 38.67
C TYR J 117 14.02 -0.28 39.82
N VAL J 118 14.32 -0.64 41.06
CA VAL J 118 14.14 0.31 42.16
C VAL J 118 15.08 1.49 41.99
N GLY J 119 16.35 1.24 41.65
CA GLY J 119 17.27 2.32 41.39
C GLY J 119 16.91 3.15 40.17
N LEU J 120 16.36 2.49 39.14
CA LEU J 120 15.89 3.24 37.97
C LEU J 120 14.69 4.12 38.33
N ILE J 121 13.80 3.65 39.20
CA ILE J 121 12.71 4.48 39.69
C ILE J 121 13.25 5.68 40.46
N ALA J 122 14.24 5.44 41.32
CA ALA J 122 14.84 6.54 42.07
C ALA J 122 15.53 7.55 41.17
N ASN J 123 15.87 7.16 39.94
CA ASN J 123 16.47 8.06 38.96
C ASN J 123 15.45 8.64 37.99
N GLY J 124 14.17 8.32 38.15
CA GLY J 124 13.14 8.83 37.28
C GLY J 124 12.97 8.10 35.96
N GLN J 125 13.63 6.96 35.79
CA GLN J 125 13.59 6.21 34.54
C GLN J 125 12.55 5.10 34.67
N PHE J 126 11.28 5.49 34.51
CA PHE J 126 10.17 4.58 34.71
C PHE J 126 10.03 3.60 33.53
N ARG J 127 10.20 4.10 32.31
CA ARG J 127 10.14 3.22 31.15
C ARG J 127 11.26 2.19 31.17
N GLU J 128 12.46 2.61 31.54
CA GLU J 128 13.57 1.67 31.66
C GLU J 128 13.33 0.68 32.78
N ALA J 129 12.70 1.12 33.88
CA ALA J 129 12.35 0.21 34.95
C ALA J 129 11.38 -0.86 34.49
N VAL J 130 10.37 -0.47 33.71
CA VAL J 130 9.43 -1.46 33.18
C VAL J 130 10.12 -2.41 32.21
N ALA J 131 11.01 -1.88 31.36
CA ALA J 131 11.72 -2.72 30.41
C ALA J 131 12.65 -3.70 31.12
N LEU J 132 13.19 -3.31 32.27
CA LEU J 132 14.04 -4.20 33.05
C LEU J 132 13.22 -5.25 33.80
N ILE J 133 12.04 -4.87 34.28
CA ILE J 133 11.14 -5.86 34.89
C ILE J 133 10.73 -6.89 33.86
N LYS J 134 10.40 -6.45 32.64
CA LYS J 134 9.89 -7.36 31.62
C LYS J 134 10.96 -8.30 31.07
N GLU J 135 12.18 -8.26 31.58
CA GLU J 135 13.18 -9.26 31.20
C GLU J 135 13.00 -10.56 31.94
N GLN J 136 12.23 -10.57 33.01
CA GLN J 136 11.98 -11.77 33.80
C GLN J 136 10.49 -11.94 34.04
N LEU J 137 9.74 -10.85 34.02
CA LEU J 137 8.34 -10.86 34.40
C LEU J 137 7.52 -10.01 33.43
N PRO J 138 6.64 -10.63 32.64
CA PRO J 138 5.90 -9.88 31.62
C PRO J 138 4.68 -9.11 32.13
N PHE J 139 4.32 -9.26 33.41
CA PHE J 139 3.12 -8.61 33.97
C PHE J 139 3.49 -7.84 35.22
N PRO J 140 4.10 -6.66 35.07
CA PRO J 140 4.48 -5.90 36.27
C PRO J 140 3.29 -5.45 37.11
N ALA J 141 2.27 -4.84 36.51
CA ALA J 141 1.17 -4.30 37.29
C ALA J 141 0.37 -5.40 37.98
N SER J 142 0.02 -6.45 37.25
CA SER J 142 -0.80 -7.53 37.81
C SER J 142 -0.07 -8.22 38.95
N ILE J 143 1.17 -8.63 38.72
CA ILE J 143 1.91 -9.35 39.74
C ILE J 143 2.25 -8.45 40.92
N GLY J 144 2.55 -7.17 40.65
CA GLY J 144 2.78 -6.23 41.72
C GLY J 144 1.56 -6.01 42.58
N ARG J 145 0.37 -6.21 42.00
CA ARG J 145 -0.84 -6.11 42.80
C ARG J 145 -1.06 -7.33 43.69
N VAL J 146 -0.77 -8.52 43.19
CA VAL J 146 -1.03 -9.77 43.92
C VAL J 146 0.28 -10.53 44.02
N CYS J 147 1.01 -10.31 45.10
CA CYS J 147 2.26 -11.02 45.33
C CYS J 147 2.61 -10.96 46.81
N PRO J 148 2.88 -12.11 47.45
CA PRO J 148 3.30 -12.09 48.85
C PRO J 148 4.67 -11.48 49.07
N HIS J 149 5.42 -11.19 48.00
CA HIS J 149 6.73 -10.56 47.96
C HIS J 149 7.69 -11.11 49.00
N PRO J 150 8.23 -12.31 48.80
CA PRO J 150 9.34 -12.78 49.65
C PRO J 150 10.57 -11.91 49.54
N CYS J 151 10.75 -11.22 48.43
CA CYS J 151 11.87 -10.30 48.25
C CYS J 151 11.91 -9.26 49.35
N GLU J 152 10.75 -8.81 49.82
CA GLU J 152 10.71 -7.85 50.91
C GLU J 152 11.05 -8.48 52.25
N GLU J 153 10.72 -9.76 52.42
CA GLU J 153 11.16 -10.45 53.63
C GLU J 153 12.67 -10.61 53.65
N ALA J 154 13.29 -10.78 52.48
CA ALA J 154 14.74 -10.90 52.40
C ALA J 154 15.45 -9.57 52.25
N CYS J 155 14.71 -8.47 52.13
CA CYS J 155 15.33 -7.16 51.94
C CYS J 155 16.20 -6.81 53.14
N ARG J 156 17.37 -6.21 52.85
CA ARG J 156 18.30 -5.86 53.91
C ARG J 156 17.91 -4.60 54.65
N ARG J 157 17.02 -3.79 54.08
CA ARG J 157 16.51 -2.64 54.81
C ARG J 157 15.67 -3.07 56.02
N ASN J 158 15.26 -4.34 56.07
CA ASN J 158 14.69 -4.90 57.28
C ASN J 158 15.62 -4.69 58.46
N MET J 159 16.92 -4.74 58.23
CA MET J 159 17.91 -4.51 59.28
C MET J 159 18.00 -3.05 59.70
N VAL J 160 17.37 -2.13 58.96
CA VAL J 160 17.44 -0.72 59.36
C VAL J 160 16.09 -0.26 59.92
N ASP J 161 15.09 -0.12 59.06
CA ASP J 161 13.75 0.17 59.56
C ASP J 161 12.67 -0.78 59.05
N GLN J 162 12.47 -0.82 57.73
CA GLN J 162 11.36 -1.51 57.08
C GLN J 162 11.77 -1.82 55.66
N PRO J 163 11.41 -2.97 55.11
CA PRO J 163 11.86 -3.33 53.77
C PRO J 163 11.30 -2.39 52.70
N ILE J 164 12.01 -2.34 51.57
CA ILE J 164 11.56 -1.54 50.44
C ILE J 164 10.25 -2.09 49.92
N ALA J 165 9.35 -1.19 49.53
CA ALA J 165 8.07 -1.57 48.93
C ALA J 165 8.29 -1.98 47.47
N ILE J 166 8.96 -3.12 47.32
CA ILE J 166 9.35 -3.59 45.99
C ILE J 166 8.14 -3.86 45.12
N ALA J 167 7.17 -4.59 45.66
CA ALA J 167 5.96 -4.91 44.90
C ALA J 167 5.17 -3.66 44.58
N GLU J 168 5.08 -2.73 45.53
CA GLU J 168 4.35 -1.49 45.30
C GLU J 168 5.01 -0.65 44.21
N LEU J 169 6.34 -0.57 44.21
CA LEU J 169 7.05 0.16 43.16
C LEU J 169 6.86 -0.50 41.80
N LYS J 170 6.87 -1.84 41.77
CA LYS J 170 6.61 -2.53 40.52
C LYS J 170 5.20 -2.24 40.00
N ARG J 171 4.22 -2.22 40.90
CA ARG J 171 2.86 -1.85 40.51
C ARG J 171 2.80 -0.43 39.99
N PHE J 172 3.53 0.48 40.63
CA PHE J 172 3.57 1.88 40.20
C PHE J 172 4.07 1.99 38.77
N VAL J 173 5.23 1.39 38.47
CA VAL J 173 5.76 1.51 37.12
C VAL J 173 4.93 0.74 36.11
N GLY J 174 4.33 -0.39 36.51
CA GLY J 174 3.46 -1.11 35.60
C GLY J 174 2.25 -0.31 35.20
N ASP J 175 1.64 0.37 36.16
CA ASP J 175 0.51 1.25 35.85
C ASP J 175 0.94 2.41 34.95
N ILE J 176 2.11 2.99 35.23
CA ILE J 176 2.60 4.08 34.38
C ILE J 176 2.79 3.59 32.95
N ASP J 177 3.34 2.40 32.77
CA ASP J 177 3.52 1.84 31.44
C ASP J 177 2.18 1.55 30.78
N LEU J 178 1.21 1.06 31.55
CA LEU J 178 -0.10 0.74 30.98
C LEU J 178 -0.90 1.99 30.65
N LEU J 179 -0.51 3.15 31.16
CA LEU J 179 -1.17 4.40 30.77
C LEU J 179 -1.14 4.59 29.26
N ASP J 180 0.06 4.73 28.70
CA ASP J 180 0.24 4.80 27.26
C ASP J 180 0.41 3.39 26.71
N ASP J 181 0.87 3.28 25.47
CA ASP J 181 1.17 1.97 24.91
C ASP J 181 2.23 1.28 25.77
N GLY J 182 1.95 0.02 26.11
CA GLY J 182 2.87 -0.73 26.94
C GLY J 182 4.15 -1.09 26.23
N TYR J 183 5.17 -1.43 27.02
CA TYR J 183 6.46 -1.79 26.49
C TYR J 183 6.42 -3.18 25.90
N ILE J 184 6.95 -3.34 24.69
CA ILE J 184 7.09 -4.63 24.04
C ILE J 184 8.57 -4.83 23.72
N PRO J 185 9.19 -5.91 24.19
CA PRO J 185 10.62 -6.11 23.95
C PRO J 185 10.89 -6.40 22.48
N PRO J 186 12.12 -6.20 22.02
CA PRO J 186 12.45 -6.56 20.63
C PRO J 186 12.26 -8.04 20.38
N ILE J 187 11.82 -8.37 19.17
CA ILE J 187 11.51 -9.74 18.78
C ILE J 187 12.52 -10.16 17.73
N LYS J 188 13.14 -11.32 17.93
CA LYS J 188 14.10 -11.84 16.98
C LYS J 188 13.40 -12.22 15.67
N PRO J 189 14.14 -12.27 14.57
CA PRO J 189 13.53 -12.66 13.30
C PRO J 189 12.98 -14.07 13.36
N LYS J 190 11.94 -14.32 12.57
CA LYS J 190 11.20 -15.57 12.65
C LYS J 190 12.12 -16.77 12.43
N THR J 191 11.95 -17.79 13.27
CA THR J 191 12.78 -18.98 13.25
C THR J 191 12.14 -20.16 12.53
N GLY J 192 10.87 -20.05 12.14
CA GLY J 192 10.19 -21.12 11.46
C GLY J 192 9.70 -22.25 12.33
N LYS J 193 9.85 -22.14 13.65
CA LYS J 193 9.40 -23.18 14.56
C LYS J 193 8.04 -22.83 15.16
N LYS J 194 7.35 -23.87 15.63
CA LYS J 194 6.00 -23.71 16.17
C LYS J 194 5.91 -24.38 17.54
N VAL J 195 5.41 -23.63 18.52
CA VAL J 195 5.20 -24.12 19.87
C VAL J 195 3.74 -23.90 20.21
N ALA J 196 3.10 -24.94 20.75
CA ALA J 196 1.72 -24.86 21.19
C ALA J 196 1.68 -24.93 22.71
N ILE J 197 1.18 -23.87 23.33
CA ILE J 197 0.97 -23.84 24.78
C ILE J 197 -0.49 -24.08 25.08
N VAL J 198 -0.75 -25.03 25.97
CA VAL J 198 -2.09 -25.38 26.40
C VAL J 198 -2.31 -24.74 27.77
N GLY J 199 -3.09 -23.68 27.82
CA GLY J 199 -3.34 -22.98 29.07
C GLY J 199 -2.83 -21.55 29.05
N GLY J 200 -3.75 -20.59 29.00
CA GLY J 200 -3.37 -19.19 28.99
C GLY J 200 -3.33 -18.58 30.38
N GLY J 201 -2.67 -19.24 31.31
CA GLY J 201 -2.45 -18.71 32.63
C GLY J 201 -1.12 -18.00 32.72
N PRO J 202 -0.69 -17.66 33.95
CA PRO J 202 0.63 -17.02 34.10
C PRO J 202 1.78 -17.83 33.50
N ALA J 203 1.80 -19.14 33.70
CA ALA J 203 2.91 -19.95 33.18
C ALA J 203 2.86 -20.05 31.66
N GLY J 204 1.68 -20.33 31.11
CA GLY J 204 1.56 -20.44 29.67
C GLY J 204 1.82 -19.12 28.97
N LEU J 205 1.29 -18.02 29.51
CA LEU J 205 1.52 -16.72 28.89
C LEU J 205 2.98 -16.28 29.05
N THR J 206 3.63 -16.64 30.15
CA THR J 206 5.06 -16.35 30.27
C THR J 206 5.88 -17.13 29.24
N CYS J 207 5.55 -18.41 29.05
CA CYS J 207 6.26 -19.19 28.04
C CYS J 207 6.03 -18.62 26.64
N ALA J 208 4.79 -18.22 26.35
CA ALA J 208 4.50 -17.59 25.07
C ALA J 208 5.29 -16.30 24.90
N PHE J 209 5.35 -15.48 25.94
CA PHE J 209 6.10 -14.23 25.89
C PHE J 209 7.57 -14.48 25.56
N PHE J 210 8.21 -15.37 26.31
CA PHE J 210 9.64 -15.57 26.15
C PHE J 210 10.01 -16.43 24.96
N LEU J 211 9.06 -17.16 24.38
CA LEU J 211 9.32 -17.85 23.13
C LEU J 211 9.03 -16.97 21.91
N ALA J 212 8.11 -16.02 22.04
CA ALA J 212 7.92 -15.04 20.98
C ALA J 212 9.04 -14.02 20.96
N LYS J 213 9.71 -13.81 22.11
CA LYS J 213 10.92 -13.00 22.11
C LYS J 213 12.01 -13.63 21.26
N GLU J 214 12.05 -14.96 21.19
CA GLU J 214 13.07 -15.68 20.45
C GLU J 214 12.72 -15.86 18.97
N GLY J 215 11.54 -15.40 18.54
CA GLY J 215 11.18 -15.46 17.14
C GLY J 215 10.28 -16.61 16.74
N HIS J 216 9.96 -17.52 17.66
CA HIS J 216 9.13 -18.66 17.31
C HIS J 216 7.68 -18.23 17.11
N ASP J 217 6.94 -19.04 16.34
CA ASP J 217 5.52 -18.82 16.11
C ASP J 217 4.73 -19.55 17.19
N ILE J 218 3.94 -18.80 17.95
CA ILE J 218 3.32 -19.29 19.17
C ILE J 218 1.80 -19.28 19.01
N VAL J 219 1.17 -20.40 19.36
CA VAL J 219 -0.29 -20.49 19.45
C VAL J 219 -0.64 -21.00 20.84
N VAL J 220 -1.51 -20.29 21.54
CA VAL J 220 -1.93 -20.65 22.88
C VAL J 220 -3.37 -21.15 22.82
N TYR J 221 -3.61 -22.31 23.41
CA TYR J 221 -4.94 -22.92 23.47
C TYR J 221 -5.47 -22.77 24.89
N GLU J 222 -6.61 -22.09 25.02
CA GLU J 222 -7.20 -21.81 26.32
C GLU J 222 -8.62 -22.35 26.36
N ALA J 223 -8.95 -23.07 27.43
CA ALA J 223 -10.28 -23.65 27.57
C ALA J 223 -11.33 -22.60 27.92
N MET J 224 -10.94 -21.54 28.62
CA MET J 224 -11.85 -20.53 29.10
C MET J 224 -12.13 -19.49 28.02
N PRO J 225 -13.20 -18.70 28.17
CA PRO J 225 -13.47 -17.66 27.18
C PRO J 225 -12.37 -16.62 27.05
N LYS J 226 -11.66 -16.32 28.13
CA LYS J 226 -10.57 -15.36 28.13
C LYS J 226 -9.34 -15.98 28.75
N ALA J 227 -8.18 -15.46 28.38
CA ALA J 227 -6.93 -15.90 28.96
C ALA J 227 -6.69 -15.20 30.30
N GLY J 228 -5.73 -15.71 31.06
CA GLY J 228 -5.43 -15.15 32.36
C GLY J 228 -5.36 -16.18 33.45
N GLY J 229 -6.08 -17.29 33.27
CA GLY J 229 -6.04 -18.36 34.25
C GLY J 229 -6.63 -17.94 35.57
N MET J 230 -6.03 -18.44 36.66
CA MET J 230 -6.51 -18.11 37.99
C MET J 230 -6.31 -16.65 38.35
N LEU J 231 -5.48 -15.93 37.60
CA LEU J 231 -5.40 -14.48 37.79
C LEU J 231 -6.73 -13.83 37.45
N ARG J 232 -7.49 -14.39 36.53
CA ARG J 232 -8.80 -13.88 36.15
C ARG J 232 -9.92 -14.55 36.93
N TYR J 233 -9.86 -15.87 37.09
CA TYR J 233 -10.98 -16.64 37.63
C TYR J 233 -10.78 -17.04 39.09
N GLY J 234 -9.59 -16.89 39.64
CA GLY J 234 -9.37 -17.20 41.03
C GLY J 234 -9.24 -15.95 41.90
N ILE J 235 -8.47 -14.98 41.44
CA ILE J 235 -8.25 -13.76 42.22
C ILE J 235 -9.42 -12.81 41.99
N PRO J 236 -10.07 -12.32 43.05
CA PRO J 236 -11.24 -11.46 42.87
C PRO J 236 -10.88 -10.09 42.31
N GLU J 237 -11.91 -9.41 41.81
CA GLU J 237 -11.73 -8.12 41.17
C GLU J 237 -11.21 -7.05 42.13
N TYR J 238 -11.61 -7.11 43.41
CA TYR J 238 -11.19 -6.09 44.35
C TYR J 238 -9.71 -6.19 44.70
N ARG J 239 -9.04 -7.28 44.36
CA ARG J 239 -7.61 -7.41 44.55
C ARG J 239 -6.82 -7.28 43.26
N LEU J 240 -7.41 -7.66 42.13
CA LEU J 240 -6.77 -7.53 40.83
C LEU J 240 -7.85 -7.21 39.80
N PRO J 241 -8.02 -5.94 39.43
CA PRO J 241 -8.98 -5.60 38.38
C PRO J 241 -8.60 -6.28 37.07
N LYS J 242 -9.62 -6.68 36.32
CA LYS J 242 -9.40 -7.44 35.09
C LYS J 242 -9.07 -6.56 33.89
N GLY J 243 -9.25 -5.24 34.01
CA GLY J 243 -8.80 -4.37 32.94
C GLY J 243 -7.29 -4.40 32.77
N ILE J 244 -6.56 -4.41 33.89
CA ILE J 244 -5.10 -4.51 33.84
C ILE J 244 -4.69 -5.84 33.21
N LEU J 245 -5.34 -6.92 33.62
CA LEU J 245 -5.05 -8.24 33.06
C LEU J 245 -5.33 -8.26 31.56
N ASP J 246 -6.45 -7.68 31.14
CA ASP J 246 -6.76 -7.63 29.71
C ASP J 246 -5.71 -6.83 28.95
N LYS J 247 -5.26 -5.70 29.52
CA LYS J 247 -4.26 -4.89 28.85
C LYS J 247 -2.94 -5.64 28.68
N GLU J 248 -2.53 -6.37 29.72
CA GLU J 248 -1.27 -7.10 29.62
C GLU J 248 -1.37 -8.28 28.66
N ILE J 249 -2.52 -8.96 28.62
CA ILE J 249 -2.69 -10.04 27.66
C ILE J 249 -2.73 -9.48 26.24
N GLU J 250 -3.31 -8.28 26.06
CA GLU J 250 -3.25 -7.63 24.76
C GLU J 250 -1.82 -7.31 24.38
N LEU J 251 -1.01 -6.88 25.34
CA LEU J 251 0.40 -6.64 25.08
C LEU J 251 1.10 -7.91 24.61
N ILE J 252 0.81 -9.04 25.25
CA ILE J 252 1.41 -10.31 24.83
C ILE J 252 0.93 -10.68 23.42
N GLU J 253 -0.36 -10.47 23.13
CA GLU J 253 -0.87 -10.75 21.79
C GLU J 253 -0.26 -9.84 20.74
N LYS J 254 0.20 -8.65 21.13
CA LYS J 254 0.79 -7.72 20.19
C LYS J 254 2.18 -8.13 19.74
N MET J 255 2.77 -9.14 20.37
CA MET J 255 4.08 -9.66 19.99
C MET J 255 3.99 -10.80 18.99
N GLY J 256 2.80 -11.08 18.46
CA GLY J 256 2.62 -12.15 17.51
C GLY J 256 2.07 -13.44 18.09
N VAL J 257 1.86 -13.49 19.40
CA VAL J 257 1.26 -14.67 20.03
C VAL J 257 -0.23 -14.69 19.70
N GLN J 258 -0.71 -15.83 19.23
CA GLN J 258 -2.11 -16.01 18.91
C GLN J 258 -2.76 -16.89 19.97
N ILE J 259 -3.85 -16.41 20.55
CA ILE J 259 -4.52 -17.08 21.65
C ILE J 259 -5.86 -17.62 21.14
N LYS J 260 -6.02 -18.93 21.18
CA LYS J 260 -7.23 -19.60 20.72
C LYS J 260 -8.06 -19.99 21.94
N THR J 261 -8.92 -19.07 22.36
CA THR J 261 -9.73 -19.32 23.54
C THR J 261 -10.87 -20.29 23.22
N ASN J 262 -11.48 -20.83 24.28
CA ASN J 262 -12.56 -21.81 24.17
C ASN J 262 -12.11 -23.05 23.40
N MET J 263 -10.87 -23.46 23.63
CA MET J 263 -10.28 -24.61 22.94
C MET J 263 -9.65 -25.53 23.99
N ARG J 264 -10.46 -26.40 24.58
CA ARG J 264 -10.00 -27.27 25.64
C ARG J 264 -9.27 -28.48 25.07
N LEU J 265 -8.18 -28.86 25.73
CA LEU J 265 -7.41 -30.04 25.33
C LEU J 265 -8.13 -31.30 25.77
N GLY J 266 -8.29 -32.24 24.86
CA GLY J 266 -9.01 -33.47 25.14
C GLY J 266 -10.49 -33.41 24.84
N VAL J 267 -11.03 -32.24 24.53
CA VAL J 267 -12.43 -32.11 24.14
C VAL J 267 -12.50 -31.50 22.75
N ASP J 268 -12.03 -30.25 22.62
CA ASP J 268 -12.02 -29.60 21.32
C ASP J 268 -10.81 -30.00 20.50
N ILE J 269 -9.67 -30.23 21.15
CA ILE J 269 -8.43 -30.56 20.48
C ILE J 269 -7.78 -31.70 21.24
N SER J 270 -6.91 -32.43 20.55
CA SER J 270 -6.23 -33.58 21.12
C SER J 270 -4.75 -33.30 21.27
N LEU J 271 -4.12 -34.01 22.21
CA LEU J 271 -2.68 -33.87 22.40
C LEU J 271 -1.91 -34.36 21.19
N GLU J 272 -2.38 -35.45 20.57
CA GLU J 272 -1.66 -36.04 19.43
C GLU J 272 -1.65 -35.10 18.24
N TYR J 273 -2.75 -34.38 18.02
CA TYR J 273 -2.77 -33.37 16.95
C TYR J 273 -1.73 -32.29 17.23
N LEU J 274 -1.62 -31.84 18.48
CA LEU J 274 -0.60 -30.85 18.84
C LEU J 274 0.79 -31.39 18.58
N ARG J 275 1.05 -32.64 18.97
CA ARG J 275 2.35 -33.24 18.72
C ARG J 275 2.63 -33.36 17.23
N LYS J 276 1.59 -33.59 16.42
CA LYS J 276 1.81 -33.78 14.99
C LYS J 276 2.14 -32.48 14.28
N ASN J 277 1.39 -31.41 14.56
CA ASN J 277 1.56 -30.17 13.81
C ASN J 277 2.30 -29.06 14.54
N TYR J 278 2.95 -29.34 15.66
CA TYR J 278 3.75 -28.33 16.35
C TYR J 278 5.11 -28.88 16.71
N ASP J 279 6.14 -28.03 16.63
CA ASP J 279 7.49 -28.46 16.95
C ASP J 279 7.63 -28.76 18.43
N ALA J 280 7.01 -27.96 19.29
CA ALA J 280 7.05 -28.23 20.73
C ALA J 280 5.67 -27.98 21.32
N VAL J 281 5.39 -28.66 22.43
CA VAL J 281 4.14 -28.49 23.16
C VAL J 281 4.46 -28.24 24.62
N PHE J 282 3.92 -27.16 25.17
CA PHE J 282 4.03 -26.82 26.59
C PHE J 282 2.66 -26.90 27.22
N LEU J 283 2.57 -27.54 28.39
CA LEU J 283 1.31 -27.74 29.08
C LEU J 283 1.34 -26.98 30.39
N ALA J 284 0.44 -26.01 30.54
CA ALA J 284 0.36 -25.16 31.72
C ALA J 284 -1.09 -25.08 32.18
N VAL J 285 -1.73 -26.24 32.30
CA VAL J 285 -3.16 -26.32 32.56
C VAL J 285 -3.54 -25.97 33.99
N GLY J 286 -2.58 -25.87 34.89
CA GLY J 286 -2.90 -25.52 36.25
C GLY J 286 -3.63 -26.63 36.99
N ALA J 287 -4.07 -26.29 38.20
CA ALA J 287 -4.78 -27.21 39.08
C ALA J 287 -6.22 -26.70 39.22
N TRP J 288 -7.08 -27.15 38.32
CA TRP J 288 -8.42 -26.59 38.18
C TRP J 288 -9.52 -27.51 38.70
N LYS J 289 -9.17 -28.47 39.54
CA LYS J 289 -10.14 -29.34 40.19
C LYS J 289 -10.02 -29.15 41.69
N SER J 290 -11.11 -28.74 42.32
CA SER J 290 -11.09 -28.46 43.75
C SER J 290 -11.23 -29.74 44.57
N SER J 291 -10.79 -29.65 45.83
CA SER J 291 -10.83 -30.79 46.74
C SER J 291 -12.15 -30.79 47.50
N THR J 292 -12.83 -31.93 47.49
CA THR J 292 -14.09 -32.06 48.20
C THR J 292 -13.84 -32.11 49.71
N LEU J 293 -14.93 -31.97 50.47
CA LEU J 293 -14.81 -31.96 51.93
C LEU J 293 -14.27 -33.26 52.48
N GLY J 294 -14.37 -34.35 51.72
CA GLY J 294 -13.88 -35.64 52.19
C GLY J 294 -14.64 -36.17 53.38
N CYS J 295 -15.94 -35.93 53.45
CA CYS J 295 -16.79 -36.39 54.54
C CYS J 295 -18.12 -36.82 53.95
N PRO J 296 -18.87 -37.67 54.65
CA PRO J 296 -20.20 -38.03 54.17
C PRO J 296 -21.10 -36.80 54.04
N GLY J 297 -21.91 -36.79 52.98
CA GLY J 297 -22.78 -35.67 52.72
C GLY J 297 -22.14 -34.52 51.99
N ASP J 298 -20.91 -34.66 51.51
CA ASP J 298 -20.21 -33.60 50.80
C ASP J 298 -20.67 -33.45 49.35
N SER J 299 -21.77 -34.11 48.97
CA SER J 299 -22.32 -33.99 47.63
C SER J 299 -23.75 -33.47 47.66
N ALA J 300 -24.13 -32.79 48.73
CA ALA J 300 -25.48 -32.27 48.87
C ALA J 300 -25.68 -31.04 47.99
N GLU J 301 -26.87 -30.47 48.04
CA GLU J 301 -27.18 -29.25 47.32
C GLU J 301 -26.88 -28.07 48.24
N GLY J 302 -25.80 -27.36 47.95
CA GLY J 302 -25.38 -26.27 48.81
C GLY J 302 -23.93 -26.37 49.21
N VAL J 303 -23.24 -27.40 48.73
CA VAL J 303 -21.79 -27.53 48.87
C VAL J 303 -21.19 -27.27 47.50
N ILE J 304 -20.16 -26.43 47.46
CA ILE J 304 -19.52 -26.06 46.21
C ILE J 304 -18.03 -25.88 46.46
N GLY J 305 -17.22 -26.16 45.44
CA GLY J 305 -15.80 -25.96 45.55
C GLY J 305 -15.44 -24.49 45.60
N GLY J 306 -14.32 -24.19 46.24
CA GLY J 306 -13.90 -22.80 46.38
C GLY J 306 -13.59 -22.16 45.04
N ILE J 307 -12.82 -22.84 44.21
CA ILE J 307 -12.45 -22.23 42.93
C ILE J 307 -13.60 -22.30 41.93
N GLU J 308 -14.47 -23.31 42.04
CA GLU J 308 -15.67 -23.32 41.20
C GLU J 308 -16.59 -22.15 41.56
N PHE J 309 -16.76 -21.88 42.85
CA PHE J 309 -17.55 -20.73 43.29
C PHE J 309 -16.93 -19.43 42.83
N LEU J 310 -15.60 -19.29 42.97
CA LEU J 310 -14.94 -18.07 42.55
C LEU J 310 -14.99 -17.89 41.03
N ARG J 311 -14.91 -18.98 40.28
CA ARG J 311 -15.04 -18.89 38.82
C ARG J 311 -16.45 -18.50 38.42
N LYS J 312 -17.45 -19.00 39.14
CA LYS J 312 -18.83 -18.59 38.87
C LYS J 312 -19.01 -17.11 39.14
N VAL J 313 -18.45 -16.61 40.24
CA VAL J 313 -18.59 -15.20 40.57
C VAL J 313 -17.83 -14.33 39.57
N SER J 314 -16.65 -14.78 39.14
CA SER J 314 -15.86 -14.01 38.18
C SER J 314 -16.58 -13.90 36.84
N MET J 315 -17.22 -14.99 36.40
CA MET J 315 -17.94 -15.00 35.15
C MET J 315 -19.34 -14.40 35.27
N ASN J 316 -19.68 -13.85 36.45
CA ASN J 316 -20.98 -13.23 36.70
C ASN J 316 -22.12 -14.23 36.55
N GLN J 317 -21.86 -15.49 36.81
CA GLN J 317 -22.91 -16.48 36.75
C GLN J 317 -23.59 -16.60 38.12
N PRO J 318 -24.88 -16.96 38.13
CA PRO J 318 -25.60 -17.02 39.40
C PRO J 318 -25.03 -18.08 40.34
N VAL J 319 -24.98 -17.74 41.62
CA VAL J 319 -24.52 -18.64 42.67
C VAL J 319 -25.60 -18.70 43.72
N ASN J 320 -25.95 -19.92 44.16
CA ASN J 320 -26.98 -20.11 45.17
C ASN J 320 -26.35 -19.99 46.56
N LEU J 321 -25.96 -18.77 46.89
CA LEU J 321 -25.30 -18.46 48.15
C LEU J 321 -26.36 -18.02 49.16
N GLY J 322 -26.46 -18.73 50.27
CA GLY J 322 -27.50 -18.43 51.24
C GLY J 322 -27.18 -17.24 52.11
N GLN J 323 -27.52 -17.33 53.39
CA GLN J 323 -27.17 -16.31 54.36
C GLN J 323 -26.19 -16.79 55.41
N ARG J 324 -25.97 -18.10 55.52
CA ARG J 324 -24.97 -18.68 56.41
C ARG J 324 -24.00 -19.48 55.56
N VAL J 325 -22.79 -18.97 55.42
CA VAL J 325 -21.76 -19.57 54.58
C VAL J 325 -20.65 -20.10 55.47
N LEU J 326 -20.24 -21.33 55.24
CA LEU J 326 -19.12 -21.95 55.93
C LEU J 326 -18.03 -22.22 54.91
N VAL J 327 -16.92 -21.51 55.01
CA VAL J 327 -15.78 -21.73 54.13
C VAL J 327 -14.80 -22.62 54.87
N VAL J 328 -14.55 -23.81 54.32
CA VAL J 328 -13.66 -24.80 54.93
C VAL J 328 -12.29 -24.65 54.27
N GLY J 329 -11.27 -24.41 55.08
CA GLY J 329 -9.92 -24.20 54.61
C GLY J 329 -9.30 -22.96 55.20
N GLY J 330 -8.02 -22.79 54.90
CA GLY J 330 -7.29 -21.65 55.43
C GLY J 330 -6.31 -21.02 54.46
N GLY J 331 -6.42 -21.38 53.18
CA GLY J 331 -5.53 -20.86 52.17
C GLY J 331 -6.03 -19.56 51.56
N ASN J 332 -5.40 -19.19 50.45
CA ASN J 332 -5.83 -17.99 49.73
C ASN J 332 -7.21 -18.17 49.13
N THR J 333 -7.52 -19.39 48.67
CA THR J 333 -8.84 -19.66 48.12
C THR J 333 -9.92 -19.49 49.19
N ALA J 334 -9.67 -19.94 50.41
CA ALA J 334 -10.64 -19.78 51.48
C ALA J 334 -10.89 -18.31 51.79
N MET J 335 -9.82 -17.52 51.89
CA MET J 335 -9.98 -16.10 52.18
C MET J 335 -10.73 -15.39 51.06
N ASP J 336 -10.37 -15.67 49.81
CA ASP J 336 -11.05 -15.03 48.69
C ASP J 336 -12.51 -15.43 48.66
N ALA J 337 -12.82 -16.70 48.89
CA ALA J 337 -14.21 -17.14 48.90
C ALA J 337 -14.99 -16.48 50.02
N ALA J 338 -14.40 -16.37 51.20
CA ALA J 338 -15.09 -15.77 52.34
C ALA J 338 -15.38 -14.30 52.08
N ARG J 339 -14.40 -13.56 51.57
CA ARG J 339 -14.60 -12.14 51.34
C ARG J 339 -15.55 -11.89 50.17
N THR J 340 -15.51 -12.73 49.14
CA THR J 340 -16.47 -12.62 48.06
C THR J 340 -17.88 -12.91 48.55
N ALA J 341 -18.03 -13.91 49.41
CA ALA J 341 -19.34 -14.20 49.99
C ALA J 341 -19.84 -13.04 50.83
N ILE J 342 -18.93 -12.38 51.56
CA ILE J 342 -19.32 -11.18 52.29
C ILE J 342 -19.81 -10.11 51.34
N ARG J 343 -19.09 -9.92 50.23
CA ARG J 343 -19.47 -8.90 49.26
C ARG J 343 -20.70 -9.29 48.46
N LEU J 344 -21.07 -10.56 48.44
CA LEU J 344 -22.26 -11.03 47.74
C LEU J 344 -23.51 -10.98 48.61
N GLY J 345 -23.40 -10.42 49.82
CA GLY J 345 -24.55 -10.19 50.65
C GLY J 345 -24.81 -11.21 51.75
N ALA J 346 -23.91 -12.18 51.93
CA ALA J 346 -24.11 -13.17 52.99
C ALA J 346 -24.06 -12.50 54.35
N LYS J 347 -25.05 -12.81 55.19
CA LYS J 347 -25.15 -12.16 56.49
C LYS J 347 -24.14 -12.71 57.48
N GLU J 348 -23.75 -13.97 57.33
CA GLU J 348 -22.77 -14.60 58.22
C GLU J 348 -21.84 -15.46 57.39
N VAL J 349 -20.54 -15.16 57.45
CA VAL J 349 -19.52 -15.96 56.81
C VAL J 349 -18.54 -16.42 57.88
N THR J 350 -18.32 -17.72 57.96
CA THR J 350 -17.41 -18.30 58.93
C THR J 350 -16.39 -19.16 58.21
N VAL J 351 -15.13 -19.07 58.64
CA VAL J 351 -14.03 -19.84 58.06
C VAL J 351 -13.60 -20.88 59.09
N LEU J 352 -13.58 -22.14 58.68
CA LEU J 352 -13.18 -23.24 59.54
C LEU J 352 -11.85 -23.80 59.03
N TYR J 353 -10.85 -23.83 59.90
CA TYR J 353 -9.53 -24.31 59.55
C TYR J 353 -9.13 -25.46 60.46
N ARG J 354 -8.50 -26.49 59.88
CA ARG J 354 -8.06 -27.64 60.66
C ARG J 354 -7.02 -27.26 61.69
N ARG J 355 -6.08 -26.41 61.33
CA ARG J 355 -4.95 -26.06 62.17
C ARG J 355 -5.19 -24.74 62.88
N THR J 356 -4.16 -24.22 63.54
CA THR J 356 -4.27 -23.00 64.32
C THR J 356 -4.14 -21.75 63.44
N ARG J 357 -4.45 -20.60 64.03
CA ARG J 357 -4.41 -19.34 63.29
C ARG J 357 -2.97 -18.98 62.91
N GLU J 358 -2.03 -19.14 63.82
CA GLU J 358 -0.66 -18.69 63.64
C GLU J 358 0.11 -19.51 62.63
N GLU J 359 -0.51 -20.48 61.96
CA GLU J 359 0.18 -21.22 60.90
C GLU J 359 -0.70 -21.36 59.66
N MET J 360 -1.56 -20.36 59.43
CA MET J 360 -2.43 -20.37 58.27
C MET J 360 -1.61 -20.18 57.00
N PRO J 361 -1.91 -20.94 55.94
CA PRO J 361 -1.22 -20.72 54.66
C PRO J 361 -1.49 -19.35 54.07
N ALA J 362 -2.61 -18.72 54.41
CA ALA J 362 -2.95 -17.43 53.87
C ALA J 362 -2.07 -16.34 54.47
N GLU J 363 -1.95 -15.24 53.75
CA GLU J 363 -1.18 -14.10 54.23
C GLU J 363 -1.91 -13.41 55.38
N ASP J 364 -1.13 -12.85 56.29
CA ASP J 364 -1.71 -12.20 57.47
C ASP J 364 -2.54 -10.98 57.10
N ILE J 365 -2.13 -10.24 56.07
CA ILE J 365 -2.87 -9.05 55.68
C ILE J 365 -4.25 -9.41 55.15
N GLU J 366 -4.34 -10.49 54.37
CA GLU J 366 -5.63 -10.93 53.86
C GLU J 366 -6.56 -11.36 54.99
N VAL J 367 -6.03 -12.11 55.96
CA VAL J 367 -6.84 -12.54 57.09
C VAL J 367 -7.30 -11.35 57.92
N ASN J 368 -6.40 -10.37 58.12
CA ASN J 368 -6.78 -9.18 58.87
C ASN J 368 -7.87 -8.38 58.15
N GLU J 369 -7.75 -8.26 56.83
CA GLU J 369 -8.77 -7.55 56.06
C GLU J 369 -10.11 -8.29 56.11
N ALA J 370 -10.08 -9.62 56.03
CA ALA J 370 -11.30 -10.40 56.16
C ALA J 370 -11.93 -10.21 57.53
N GLU J 371 -11.12 -10.18 58.58
CA GLU J 371 -11.64 -9.92 59.92
C GLU J 371 -12.27 -8.53 59.99
N GLU J 372 -11.63 -7.53 59.37
CA GLU J 372 -12.19 -6.18 59.36
C GLU J 372 -13.51 -6.13 58.62
N GLU J 373 -13.65 -6.92 57.55
CA GLU J 373 -14.86 -6.90 56.74
C GLU J 373 -16.00 -7.70 57.34
N GLY J 374 -15.78 -8.41 58.44
CA GLY J 374 -16.84 -9.13 59.12
C GLY J 374 -16.79 -10.64 59.01
N VAL J 375 -15.73 -11.22 58.45
CA VAL J 375 -15.60 -12.66 58.40
C VAL J 375 -15.18 -13.18 59.76
N LYS J 376 -15.79 -14.28 60.19
CA LYS J 376 -15.48 -14.92 61.46
C LYS J 376 -14.67 -16.18 61.23
N PHE J 377 -13.82 -16.52 62.19
CA PHE J 377 -12.87 -17.61 62.04
C PHE J 377 -13.02 -18.62 63.17
N GLN J 378 -13.01 -19.90 62.80
CA GLN J 378 -12.99 -20.99 63.75
C GLN J 378 -11.81 -21.89 63.43
N PHE J 379 -10.99 -22.19 64.43
CA PHE J 379 -9.78 -22.96 64.24
C PHE J 379 -9.85 -24.28 65.00
N LEU J 380 -8.97 -25.20 64.61
CA LEU J 380 -8.84 -26.51 65.24
C LEU J 380 -10.12 -27.33 65.13
N VAL J 381 -10.86 -27.15 64.04
CA VAL J 381 -12.05 -27.94 63.75
C VAL J 381 -11.93 -28.49 62.34
N ALA J 382 -12.49 -29.69 62.14
CA ALA J 382 -12.47 -30.35 60.85
C ALA J 382 -13.85 -30.96 60.58
N PRO J 383 -14.33 -30.89 59.34
CA PRO J 383 -15.67 -31.41 59.05
C PRO J 383 -15.70 -32.93 59.08
N ILE J 384 -16.68 -33.48 59.80
CA ILE J 384 -16.90 -34.92 59.80
C ILE J 384 -18.24 -35.31 59.19
N GLU J 385 -19.21 -34.40 59.11
CA GLU J 385 -20.48 -34.76 58.48
C GLU J 385 -21.15 -33.49 57.97
N VAL J 386 -21.98 -33.65 56.94
CA VAL J 386 -22.81 -32.57 56.43
C VAL J 386 -24.25 -32.95 56.71
N ILE J 387 -24.91 -32.17 57.58
CA ILE J 387 -26.31 -32.41 57.91
C ILE J 387 -27.16 -31.81 56.81
N THR J 388 -27.83 -32.67 56.04
CA THR J 388 -28.72 -32.24 54.97
C THR J 388 -30.15 -32.64 55.31
N ASP J 389 -31.08 -31.71 55.17
CA ASP J 389 -32.47 -31.96 55.55
C ASP J 389 -33.24 -32.66 54.43
N GLY J 390 -33.38 -32.01 53.28
CA GLY J 390 -34.13 -32.58 52.19
C GLY J 390 -33.32 -32.65 50.91
N GLY J 391 -32.05 -33.02 51.04
CA GLY J 391 -31.11 -32.94 49.94
C GLY J 391 -30.37 -31.63 49.85
N ARG J 392 -30.74 -30.65 50.67
CA ARG J 392 -30.05 -29.37 50.74
C ARG J 392 -29.30 -29.28 52.07
N VAL J 393 -28.21 -28.51 52.06
CA VAL J 393 -27.37 -28.39 53.25
C VAL J 393 -28.13 -27.67 54.35
N ARG J 394 -28.15 -28.27 55.54
CA ARG J 394 -28.74 -27.67 56.72
C ARG J 394 -27.71 -27.24 57.76
N ALA J 395 -26.68 -28.05 57.98
CA ALA J 395 -25.63 -27.71 58.93
C ALA J 395 -24.39 -28.51 58.60
N LEU J 396 -23.33 -28.28 59.36
CA LEU J 396 -22.08 -29.03 59.22
C LEU J 396 -21.64 -29.47 60.61
N LYS J 397 -21.44 -30.78 60.78
CA LYS J 397 -20.91 -31.34 62.00
C LYS J 397 -19.40 -31.43 61.87
N CYS J 398 -18.70 -30.68 62.72
CA CYS J 398 -17.24 -30.56 62.70
C CYS J 398 -16.67 -31.18 63.95
N GLN J 399 -15.47 -31.74 63.81
CA GLN J 399 -14.76 -32.38 64.91
C GLN J 399 -13.72 -31.42 65.46
N ARG J 400 -13.87 -31.01 66.71
CA ARG J 400 -12.86 -30.21 67.36
C ARG J 400 -11.58 -31.01 67.49
N MET J 401 -10.45 -30.35 67.29
CA MET J 401 -9.16 -31.04 67.17
C MET J 401 -8.11 -30.27 67.96
N ARG J 402 -6.95 -30.89 68.14
CA ARG J 402 -5.88 -30.29 68.92
C ARG J 402 -4.55 -30.64 68.29
N LEU J 403 -3.54 -29.81 68.57
CA LEU J 403 -2.21 -29.99 68.01
C LEU J 403 -1.47 -31.06 68.82
N GLY J 404 -1.42 -32.28 68.30
CA GLY J 404 -0.85 -33.39 69.04
C GLY J 404 0.66 -33.57 68.96
N ASP J 405 1.19 -33.83 67.77
CA ASP J 405 2.60 -34.17 67.62
C ASP J 405 3.09 -33.68 66.26
N MET J 406 4.24 -34.19 65.83
CA MET J 406 4.83 -33.77 64.57
C MET J 406 4.19 -34.49 63.39
N ASP J 407 4.68 -34.19 62.19
CA ASP J 407 4.11 -34.74 60.96
C ASP J 407 5.16 -34.70 59.88
N GLU J 408 4.75 -34.96 58.63
CA GLU J 408 5.63 -34.76 57.49
C GLU J 408 6.03 -33.30 57.36
N SER J 409 5.10 -32.39 57.70
CA SER J 409 5.45 -30.98 57.81
C SER J 409 6.52 -30.78 58.88
N GLY J 410 6.45 -31.56 59.96
CA GLY J 410 7.45 -31.54 61.01
C GLY J 410 7.16 -30.56 62.13
N ARG J 411 6.27 -29.60 61.91
CA ARG J 411 6.02 -28.58 62.93
C ARG J 411 5.06 -29.08 64.00
N ARG J 412 3.83 -29.38 63.62
CA ARG J 412 2.81 -29.78 64.59
C ARG J 412 1.64 -30.38 63.84
N ARG J 413 1.35 -31.66 64.07
CA ARG J 413 0.23 -32.31 63.39
C ARG J 413 -1.04 -32.15 64.22
N PRO J 414 -2.15 -31.71 63.61
CA PRO J 414 -3.43 -31.68 64.33
C PRO J 414 -4.09 -33.05 64.30
N VAL J 415 -4.61 -33.48 65.45
CA VAL J 415 -5.27 -34.78 65.60
C VAL J 415 -6.60 -34.58 66.31
N PRO J 416 -7.59 -35.44 66.09
CA PRO J 416 -8.91 -35.22 66.67
C PRO J 416 -8.91 -35.28 68.19
N ILE J 417 -9.83 -34.52 68.78
CA ILE J 417 -10.15 -34.61 70.20
C ILE J 417 -11.41 -35.45 70.34
N GLU J 418 -11.33 -36.52 71.11
CA GLU J 418 -12.47 -37.43 71.27
C GLU J 418 -13.46 -36.83 72.26
N GLY J 419 -14.75 -36.89 71.91
CA GLY J 419 -15.80 -36.37 72.74
C GLY J 419 -16.20 -34.94 72.47
N ALA J 420 -15.48 -34.23 71.61
CA ALA J 420 -15.79 -32.84 71.27
C ALA J 420 -16.23 -32.76 69.82
N GLU J 421 -17.44 -32.25 69.60
CA GLU J 421 -17.99 -32.07 68.27
C GLU J 421 -18.90 -30.85 68.29
N VAL J 422 -18.88 -30.06 67.22
CA VAL J 422 -19.60 -28.80 67.16
C VAL J 422 -20.40 -28.75 65.87
N ILE J 423 -21.64 -28.28 65.96
CA ILE J 423 -22.51 -28.15 64.80
C ILE J 423 -22.58 -26.67 64.42
N PHE J 424 -22.30 -26.37 63.16
CA PHE J 424 -22.38 -25.02 62.63
C PHE J 424 -23.54 -24.95 61.65
N GLU J 425 -24.47 -24.02 61.89
CA GLU J 425 -25.55 -23.82 60.95
C GLU J 425 -25.04 -23.15 59.68
N ALA J 426 -25.52 -23.62 58.53
CA ALA J 426 -25.00 -23.14 57.26
C ALA J 426 -26.00 -23.36 56.14
N ASP J 427 -26.36 -22.30 55.43
CA ASP J 427 -27.10 -22.44 54.19
C ASP J 427 -26.22 -22.94 53.05
N THR J 428 -24.92 -22.71 53.12
CA THR J 428 -24.01 -23.18 52.09
C THR J 428 -22.64 -23.43 52.68
N ILE J 429 -21.93 -24.41 52.11
CA ILE J 429 -20.57 -24.75 52.49
C ILE J 429 -19.69 -24.66 51.25
N ILE J 430 -18.58 -23.94 51.36
CA ILE J 430 -17.60 -23.78 50.29
C ILE J 430 -16.37 -24.55 50.71
N SER J 431 -16.08 -25.64 50.00
CA SER J 431 -14.91 -26.46 50.29
C SER J 431 -13.69 -25.85 49.61
N ALA J 432 -12.76 -25.37 50.41
CA ALA J 432 -11.60 -24.62 49.91
C ALA J 432 -10.32 -25.13 50.56
N ILE J 433 -10.15 -26.46 50.55
CA ILE J 433 -8.99 -27.08 51.19
C ILE J 433 -7.92 -27.44 50.16
N GLY J 434 -7.93 -26.81 48.98
CA GLY J 434 -6.90 -27.05 48.00
C GLY J 434 -7.41 -27.53 46.67
N GLN J 435 -6.59 -27.47 45.63
CA GLN J 435 -6.98 -27.86 44.29
C GLN J 435 -6.01 -28.90 43.75
N LYS J 436 -6.49 -29.67 42.77
CA LYS J 436 -5.72 -30.74 42.17
C LYS J 436 -5.82 -30.66 40.67
N VAL J 437 -4.81 -31.18 39.99
CA VAL J 437 -4.81 -31.20 38.53
C VAL J 437 -5.89 -32.15 38.04
N ARG J 438 -6.68 -31.68 37.07
CA ARG J 438 -7.73 -32.53 36.48
C ARG J 438 -7.11 -33.67 35.69
N VAL J 439 -7.69 -34.85 35.85
CA VAL J 439 -7.20 -36.04 35.14
C VAL J 439 -7.39 -35.89 33.65
N GLU J 440 -8.52 -35.29 33.23
CA GLU J 440 -8.80 -35.14 31.81
C GLU J 440 -7.79 -34.23 31.10
N ASP J 441 -7.29 -33.22 31.81
CA ASP J 441 -6.29 -32.33 31.20
C ASP J 441 -5.00 -33.07 30.89
N VAL J 442 -4.64 -34.03 31.75
CA VAL J 442 -3.32 -34.65 31.70
C VAL J 442 -3.42 -36.07 31.15
N GLU J 443 -4.41 -36.30 30.29
CA GLU J 443 -4.59 -37.61 29.68
C GLU J 443 -3.36 -37.99 28.88
N GLY J 444 -3.01 -39.28 28.92
CA GLY J 444 -1.87 -39.78 28.16
C GLY J 444 -0.53 -39.38 28.70
N LEU J 445 -0.43 -39.04 29.99
CA LEU J 445 0.82 -38.59 30.58
C LEU J 445 1.07 -39.31 31.89
N GLU J 446 2.34 -39.39 32.27
CA GLU J 446 2.74 -40.00 33.53
C GLU J 446 2.70 -38.93 34.63
N LEU J 447 1.96 -39.23 35.69
CA LEU J 447 1.75 -38.29 36.78
C LEU J 447 2.50 -38.75 38.02
N THR J 448 2.57 -37.86 39.01
CA THR J 448 3.19 -38.16 40.29
C THR J 448 2.15 -38.72 41.25
N ARG J 449 2.51 -38.82 42.53
CA ARG J 449 1.58 -39.34 43.52
C ARG J 449 0.50 -38.34 43.89
N HIS J 450 0.73 -37.05 43.64
CA HIS J 450 -0.26 -36.02 43.91
C HIS J 450 -1.13 -35.72 42.71
N GLY J 451 -0.92 -36.40 41.58
CA GLY J 451 -1.70 -36.17 40.38
C GLY J 451 -1.12 -35.14 39.45
N THR J 452 -0.11 -34.39 39.87
CA THR J 452 0.52 -33.40 39.01
C THR J 452 1.34 -34.10 37.93
N ILE J 453 1.59 -33.38 36.85
CA ILE J 453 2.40 -33.94 35.76
C ILE J 453 3.81 -34.20 36.26
N LYS J 454 4.34 -35.35 35.91
CA LYS J 454 5.70 -35.73 36.28
C LYS J 454 6.65 -35.27 35.18
N VAL J 455 7.57 -34.38 35.53
CA VAL J 455 8.54 -33.84 34.58
C VAL J 455 9.93 -34.03 35.14
N ASP J 456 10.91 -34.07 34.24
CA ASP J 456 12.31 -34.12 34.61
C ASP J 456 12.74 -32.72 35.03
N GLU J 457 13.25 -32.59 36.25
CA GLU J 457 13.67 -31.28 36.74
C GLU J 457 14.85 -30.77 35.93
N GLY J 458 14.85 -29.46 35.66
CA GLY J 458 15.86 -28.83 34.85
C GLY J 458 15.53 -28.79 33.37
N THR J 459 14.78 -29.77 32.88
CA THR J 459 14.37 -29.80 31.48
C THR J 459 12.88 -29.62 31.27
N TYR J 460 12.06 -29.84 32.29
CA TYR J 460 10.61 -29.66 32.26
C TYR J 460 9.92 -30.60 31.27
N GLN J 461 10.62 -31.61 30.76
CA GLN J 461 10.02 -32.51 29.80
C GLN J 461 9.25 -33.62 30.49
N THR J 462 8.10 -33.96 29.93
CA THR J 462 7.22 -34.97 30.49
C THR J 462 7.64 -36.35 30.00
N SER J 463 6.83 -37.37 30.29
CA SER J 463 7.09 -38.71 29.78
C SER J 463 7.04 -38.74 28.25
N LEU J 464 6.08 -38.03 27.66
CA LEU J 464 6.04 -37.88 26.22
C LEU J 464 7.20 -37.01 25.75
N GLU J 465 7.72 -37.34 24.57
CA GLU J 465 8.86 -36.62 24.01
C GLU J 465 8.38 -35.41 23.22
N GLY J 466 9.06 -34.29 23.41
CA GLY J 466 8.66 -33.05 22.79
C GLY J 466 7.55 -32.31 23.47
N VAL J 467 7.07 -32.81 24.61
CA VAL J 467 5.96 -32.21 25.35
C VAL J 467 6.48 -31.82 26.73
N PHE J 468 6.43 -30.53 27.04
CA PHE J 468 6.91 -29.98 28.30
C PHE J 468 5.74 -29.54 29.15
N ALA J 469 6.02 -29.25 30.43
CA ALA J 469 4.97 -28.82 31.33
C ALA J 469 5.58 -27.96 32.44
N GLY J 470 4.73 -27.20 33.10
CA GLY J 470 5.16 -26.36 34.20
C GLY J 470 3.98 -25.67 34.83
N GLY J 471 4.26 -24.99 35.94
CA GLY J 471 3.23 -24.26 36.65
C GLY J 471 2.52 -25.10 37.68
N ASP J 472 1.30 -24.70 38.00
CA ASP J 472 0.49 -25.43 38.96
C ASP J 472 0.16 -26.84 38.51
N ALA J 473 0.26 -27.11 37.21
CA ALA J 473 0.06 -28.47 36.72
C ALA J 473 1.19 -29.40 37.11
N VAL J 474 2.35 -28.84 37.47
CA VAL J 474 3.53 -29.62 37.78
C VAL J 474 3.88 -29.55 39.26
N THR J 475 3.83 -28.35 39.85
CA THR J 475 4.23 -28.14 41.23
C THR J 475 3.05 -28.07 42.20
N GLY J 476 1.82 -28.10 41.70
CA GLY J 476 0.67 -27.91 42.55
C GLY J 476 0.44 -26.43 42.83
N PRO J 477 -0.59 -26.12 43.63
CA PRO J 477 -0.90 -24.72 43.92
C PRO J 477 0.24 -24.00 44.61
N LYS J 478 0.68 -22.90 44.01
CA LYS J 478 1.71 -22.02 44.56
C LYS J 478 1.29 -20.59 44.27
N ILE J 479 2.22 -19.65 44.44
CA ILE J 479 1.96 -18.26 44.10
C ILE J 479 2.26 -18.05 42.63
N ALA J 480 1.79 -16.94 42.06
CA ALA J 480 1.83 -16.75 40.62
C ALA J 480 3.25 -16.54 40.10
N ILE J 481 4.12 -15.94 40.90
CA ILE J 481 5.47 -15.68 40.43
C ILE J 481 6.26 -16.98 40.28
N GLU J 482 5.94 -18.00 41.08
CA GLU J 482 6.53 -19.31 40.86
C GLU J 482 6.12 -19.88 39.51
N ALA J 483 4.85 -19.72 39.14
CA ALA J 483 4.39 -20.16 37.83
C ALA J 483 5.07 -19.38 36.71
N ILE J 484 5.27 -18.09 36.91
CA ILE J 484 5.97 -17.29 35.91
C ILE J 484 7.41 -17.74 35.76
N ALA J 485 8.08 -18.04 36.89
CA ALA J 485 9.44 -18.56 36.83
C ALA J 485 9.49 -19.88 36.08
N GLN J 486 8.53 -20.77 36.36
CA GLN J 486 8.47 -22.04 35.65
C GLN J 486 8.25 -21.84 34.16
N GLY J 487 7.36 -20.92 33.79
CA GLY J 487 7.12 -20.66 32.38
C GLY J 487 8.34 -20.11 31.67
N LYS J 488 9.07 -19.20 32.33
CA LYS J 488 10.27 -18.64 31.72
C LYS J 488 11.36 -19.69 31.56
N ASN J 489 11.58 -20.51 32.59
CA ASN J 489 12.59 -21.56 32.50
C ASN J 489 12.22 -22.58 31.43
N ALA J 490 10.95 -22.95 31.36
CA ALA J 490 10.49 -23.87 30.34
C ALA J 490 10.64 -23.27 28.96
N ALA J 491 10.42 -21.96 28.81
CA ALA J 491 10.65 -21.31 27.53
C ALA J 491 12.11 -21.39 27.13
N ARG J 492 13.03 -21.19 28.09
CA ARG J 492 14.45 -21.30 27.80
C ARG J 492 14.81 -22.71 27.34
N VAL J 493 14.33 -23.72 28.07
CA VAL J 493 14.65 -25.10 27.73
C VAL J 493 14.02 -25.49 26.40
N ILE J 494 12.82 -24.99 26.12
CA ILE J 494 12.14 -25.28 24.87
C ILE J 494 12.87 -24.64 23.70
N ASP J 495 13.38 -23.43 23.90
CA ASP J 495 14.18 -22.79 22.84
C ASP J 495 15.45 -23.59 22.57
N SER J 496 16.11 -24.05 23.62
CA SER J 496 17.29 -24.90 23.43
C SER J 496 16.94 -26.17 22.68
N TYR J 497 15.81 -26.79 23.04
CA TYR J 497 15.36 -28.01 22.36
C TYR J 497 15.06 -27.75 20.89
N LEU J 498 14.41 -26.61 20.60
CA LEU J 498 14.11 -26.26 19.22
C LEU J 498 15.38 -26.02 18.42
N ARG J 499 16.44 -25.52 19.07
CA ARG J 499 17.74 -25.43 18.43
C ARG J 499 18.42 -26.78 18.31
N GLY J 500 17.84 -27.85 18.87
CA GLY J 500 18.42 -29.17 18.82
C GLY J 500 19.46 -29.46 19.87
N LYS J 501 19.57 -28.62 20.90
CA LYS J 501 20.64 -28.68 21.88
C LYS J 501 20.08 -28.55 23.29
N LEU J 502 19.09 -29.39 23.62
CA LEU J 502 18.43 -29.36 24.93
C LEU J 502 19.44 -29.23 26.07
N GLU J 503 19.32 -28.13 26.80
CA GLU J 503 20.18 -27.83 27.94
C GLU J 503 19.33 -27.60 29.18
N PRO J 504 19.64 -28.26 30.30
CA PRO J 504 18.93 -27.95 31.55
C PRO J 504 19.29 -26.57 32.05
N ILE J 505 18.47 -26.09 32.98
CA ILE J 505 18.67 -24.75 33.54
C ILE J 505 19.81 -24.81 34.55
N LYS J 506 20.82 -23.96 34.36
CA LYS J 506 21.99 -23.93 35.22
C LYS J 506 21.93 -22.73 36.14
N GLU J 507 22.03 -22.99 37.44
CA GLU J 507 22.01 -21.93 38.44
C GLU J 507 23.40 -21.30 38.54
N PRO J 508 23.54 -19.99 38.35
CA PRO J 508 24.85 -19.37 38.50
C PRO J 508 25.31 -19.37 39.96
N TYR J 509 26.62 -19.21 40.12
CA TYR J 509 27.22 -19.03 41.43
C TYR J 509 27.33 -17.55 41.73
N TYR J 510 26.80 -17.13 42.87
CA TYR J 510 26.89 -15.75 43.32
C TYR J 510 27.65 -15.69 44.63
N VAL J 511 28.51 -14.68 44.76
CA VAL J 511 29.11 -14.37 46.05
C VAL J 511 28.08 -13.64 46.90
N LYS J 512 27.90 -14.09 48.13
CA LYS J 512 26.89 -13.53 49.02
C LYS J 512 27.55 -13.18 50.36
N GLN J 513 26.84 -12.38 51.14
CA GLN J 513 27.26 -12.02 52.50
C GLN J 513 26.19 -12.49 53.46
N GLU J 514 26.42 -13.63 54.09
CA GLU J 514 25.48 -14.18 55.06
C GLU J 514 25.78 -13.74 56.49
N ASP J 515 26.86 -12.99 56.71
CA ASP J 515 27.28 -12.59 58.03
C ASP J 515 26.77 -11.22 58.43
N LEU J 516 26.02 -10.53 57.57
CA LEU J 516 25.56 -9.20 57.89
C LEU J 516 24.50 -9.23 58.97
N THR J 517 24.64 -8.34 59.94
CA THR J 517 23.74 -8.23 61.08
C THR J 517 23.40 -6.75 61.24
N PRO J 518 22.37 -6.43 62.04
CA PRO J 518 21.88 -5.04 62.06
C PRO J 518 22.92 -3.98 62.39
N GLU J 519 23.93 -4.27 63.22
CA GLU J 519 24.85 -3.20 63.60
C GLU J 519 25.78 -2.81 62.45
N ASP J 520 25.82 -3.59 61.38
CA ASP J 520 26.53 -3.18 60.18
C ASP J 520 25.78 -2.09 59.41
N PHE J 521 24.53 -1.83 59.76
CA PHE J 521 23.72 -0.78 59.15
C PHE J 521 23.27 0.26 60.16
N LYS J 522 23.90 0.29 61.34
CA LYS J 522 23.47 1.19 62.41
C LYS J 522 23.77 2.64 62.12
N ASP J 523 24.55 2.94 61.08
CA ASP J 523 24.89 4.32 60.75
C ASP J 523 23.92 4.95 59.76
N ARG J 524 23.13 4.14 59.06
CA ARG J 524 22.22 4.67 58.05
C ARG J 524 21.09 5.46 58.71
N GLU J 525 20.68 6.54 58.05
CA GLU J 525 19.54 7.30 58.52
C GLU J 525 18.26 6.49 58.35
N ARG J 526 17.43 6.50 59.38
CA ARG J 526 16.17 5.76 59.35
C ARG J 526 15.11 6.57 58.61
N LYS J 527 14.45 5.95 57.64
CA LYS J 527 13.46 6.61 56.82
C LYS J 527 12.18 5.78 56.82
N PRO J 528 11.01 6.39 56.96
CA PRO J 528 9.77 5.62 57.00
C PRO J 528 9.39 5.07 55.63
N ARG J 529 8.75 3.91 55.65
CA ARG J 529 8.25 3.28 54.44
C ARG J 529 7.06 4.07 53.89
N VAL J 530 6.83 3.92 52.59
CA VAL J 530 5.67 4.58 51.97
C VAL J 530 4.39 4.00 52.55
N PRO J 531 3.45 4.81 53.02
CA PRO J 531 2.21 4.27 53.58
C PRO J 531 1.30 3.73 52.49
N LEU J 532 0.64 2.62 52.80
CA LEU J 532 -0.27 1.95 51.87
C LEU J 532 -1.70 2.42 52.14
N LYS J 533 -2.32 3.03 51.14
CA LYS J 533 -3.68 3.53 51.27
C LYS J 533 -4.67 2.38 51.14
N VAL J 534 -5.47 2.17 52.18
CA VAL J 534 -6.42 1.06 52.24
C VAL J 534 -7.82 1.65 52.36
N ALA J 535 -8.73 1.16 51.52
CA ALA J 535 -10.10 1.62 51.57
C ALA J 535 -10.77 1.22 52.88
N ASN J 536 -11.69 2.06 53.33
CA ASN J 536 -12.39 1.82 54.59
C ASN J 536 -13.16 0.51 54.53
N ALA J 537 -13.10 -0.26 55.63
CA ALA J 537 -13.67 -1.60 55.64
C ALA J 537 -15.18 -1.58 55.40
N GLU J 538 -15.87 -0.65 56.06
CA GLU J 538 -17.33 -0.60 55.98
C GLU J 538 -17.80 -0.36 54.56
N GLU J 539 -17.16 0.57 53.85
CA GLU J 539 -17.55 0.84 52.47
C GLU J 539 -17.07 -0.25 51.52
N ARG J 540 -15.86 -0.77 51.76
CA ARG J 540 -15.28 -1.71 50.82
C ARG J 540 -15.93 -3.09 50.89
N LYS J 541 -16.52 -3.46 52.03
CA LYS J 541 -17.13 -4.77 52.12
C LYS J 541 -18.42 -4.90 51.31
N ASN J 542 -18.96 -3.80 50.81
CA ASN J 542 -20.19 -3.81 50.05
C ASN J 542 -19.97 -3.79 48.54
N ASN J 543 -18.74 -3.61 48.07
CA ASN J 543 -18.47 -3.48 46.65
C ASN J 543 -17.23 -4.28 46.29
N PHE J 544 -16.98 -4.38 44.99
CA PHE J 544 -15.82 -5.09 44.44
C PHE J 544 -14.77 -4.13 43.90
N ARG J 545 -14.68 -2.94 44.47
CA ARG J 545 -13.68 -1.98 44.04
C ARG J 545 -12.32 -2.33 44.63
N GLU J 546 -11.27 -1.86 43.96
CA GLU J 546 -9.91 -2.09 44.43
C GLU J 546 -9.73 -1.55 45.83
N ILE J 547 -9.06 -2.33 46.67
CA ILE J 547 -8.90 -1.95 48.07
C ILE J 547 -7.76 -0.96 48.25
N THR J 548 -6.62 -1.23 47.61
CA THR J 548 -5.43 -0.42 47.78
C THR J 548 -5.19 0.43 46.53
N SER J 549 -4.51 1.56 46.73
CA SER J 549 -4.24 2.52 45.67
C SER J 549 -2.78 2.49 45.28
N THR J 550 -2.52 2.86 44.03
CA THR J 550 -1.14 3.01 43.56
C THR J 550 -0.53 4.28 44.14
N MET J 551 0.74 4.20 44.51
CA MET J 551 1.44 5.34 45.09
C MET J 551 1.67 6.41 44.03
N THR J 552 1.98 7.62 44.50
CA THR J 552 2.26 8.73 43.61
C THR J 552 3.73 8.72 43.21
N GLU J 553 4.06 9.56 42.22
CA GLU J 553 5.43 9.63 41.72
C GLU J 553 6.38 10.11 42.81
N LYS J 554 5.97 11.11 43.59
CA LYS J 554 6.81 11.60 44.68
C LYS J 554 7.08 10.50 45.70
N GLU J 555 6.03 9.77 46.09
CA GLU J 555 6.21 8.66 47.03
C GLU J 555 7.04 7.55 46.41
N ALA J 556 6.89 7.32 45.11
CA ALA J 556 7.67 6.29 44.44
C ALA J 556 9.15 6.61 44.48
N ILE J 557 9.51 7.85 44.16
CA ILE J 557 10.92 8.23 44.15
C ILE J 557 11.47 8.23 45.57
N ALA J 558 10.70 8.72 46.53
CA ALA J 558 11.15 8.72 47.92
C ALA J 558 11.34 7.30 48.45
N GLU J 559 10.48 6.37 48.02
CA GLU J 559 10.61 4.99 48.49
C GLU J 559 11.77 4.28 47.80
N ALA J 560 11.98 4.54 46.52
CA ALA J 560 13.10 3.94 45.83
C ALA J 560 14.43 4.48 46.35
N SER J 561 14.45 5.73 46.81
CA SER J 561 15.67 6.31 47.38
C SER J 561 16.05 5.70 48.71
N ARG J 562 15.19 4.89 49.31
CA ARG J 562 15.50 4.22 50.57
C ARG J 562 16.37 2.98 50.39
N CYS J 563 16.55 2.51 49.16
CA CYS J 563 17.30 1.30 48.92
C CYS J 563 18.75 1.46 49.36
N LEU J 564 19.31 0.40 49.93
CA LEU J 564 20.68 0.41 50.43
C LEU J 564 21.70 0.00 49.38
N GLU J 565 21.26 -0.40 48.19
CA GLU J 565 22.13 -0.80 47.09
C GLU J 565 23.08 -1.91 47.51
N CYS J 566 22.49 -3.06 47.83
CA CYS J 566 23.25 -4.17 48.38
C CYS J 566 24.08 -4.88 47.31
N GLY J 567 23.61 -4.91 46.07
CA GLY J 567 24.31 -5.62 45.03
C GLY J 567 25.57 -4.92 44.58
N CYS J 568 26.49 -5.69 44.02
CA CYS J 568 27.75 -5.14 43.54
C CYS J 568 27.51 -4.22 42.34
N MET J 569 28.20 -3.09 42.33
CA MET J 569 28.05 -2.15 41.23
C MET J 569 28.76 -2.61 39.97
N ASP J 570 29.65 -3.60 40.07
CA ASP J 570 30.41 -4.11 38.93
C ASP J 570 29.88 -5.42 38.42
N TYR J 571 28.64 -5.78 38.78
CA TYR J 571 28.13 -7.11 38.47
C TYR J 571 28.12 -7.38 36.97
N PHE J 572 27.74 -6.39 36.18
CA PHE J 572 27.58 -6.59 34.74
C PHE J 572 28.89 -6.51 33.98
N GLU J 573 30.00 -6.21 34.65
CA GLU J 573 31.29 -6.19 33.99
C GLU J 573 32.39 -6.87 34.79
N CYS J 574 32.09 -7.47 35.94
CA CYS J 574 33.13 -8.11 36.73
C CYS J 574 33.64 -9.36 36.04
N GLN J 575 34.96 -9.45 35.89
CA GLN J 575 35.57 -10.61 35.26
C GLN J 575 35.70 -11.78 36.21
N LEU J 576 35.82 -11.52 37.51
CA LEU J 576 35.89 -12.60 38.47
C LEU J 576 34.59 -13.39 38.52
N TYR J 577 33.46 -12.69 38.48
CA TYR J 577 32.16 -13.37 38.48
C TYR J 577 32.03 -14.27 37.25
N LYS J 578 32.37 -13.74 36.09
CA LYS J 578 32.25 -14.50 34.85
C LYS J 578 33.21 -15.68 34.82
N TYR J 579 34.40 -15.54 35.39
CA TYR J 579 35.35 -16.66 35.39
C TYR J 579 34.94 -17.73 36.39
N VAL J 580 34.48 -17.34 37.58
CA VAL J 580 34.03 -18.35 38.53
C VAL J 580 32.73 -19.00 38.07
N ASN J 581 32.02 -18.39 37.14
CA ASN J 581 30.89 -19.07 36.54
C ASN J 581 31.26 -19.89 35.31
N GLN J 582 32.44 -19.66 34.73
CA GLN J 582 32.93 -20.51 33.67
C GLN J 582 33.58 -21.79 34.18
N TYR J 583 34.06 -21.80 35.42
CA TYR J 583 34.70 -22.96 36.03
C TYR J 583 33.94 -23.34 37.29
N ASP J 584 33.61 -24.62 37.42
CA ASP J 584 32.79 -25.08 38.53
C ASP J 584 33.59 -25.04 39.84
N VAL J 585 33.46 -23.94 40.57
CA VAL J 585 34.23 -23.71 41.78
C VAL J 585 33.45 -24.18 42.99
N ASP J 586 34.16 -24.71 43.98
CA ASP J 586 33.59 -25.09 45.27
C ASP J 586 34.42 -24.40 46.34
N PRO J 587 34.17 -23.10 46.57
CA PRO J 587 35.06 -22.31 47.42
C PRO J 587 34.84 -22.47 48.91
N GLN J 588 33.87 -23.28 49.34
CA GLN J 588 33.62 -23.43 50.77
C GLN J 588 34.68 -24.29 51.45
N ARG J 589 35.39 -25.13 50.70
CA ARG J 589 36.41 -25.97 51.33
C ARG J 589 37.64 -25.14 51.71
N LEU J 590 38.02 -24.17 50.89
CA LEU J 590 39.12 -23.27 51.19
C LEU J 590 38.62 -21.97 51.84
N SER J 591 37.81 -22.10 52.88
CA SER J 591 37.24 -20.96 53.57
C SER J 591 37.89 -20.83 54.94
N GLY J 592 38.30 -19.61 55.28
CA GLY J 592 38.94 -19.35 56.54
C GLY J 592 38.90 -17.88 56.91
N TYR J 593 40.00 -17.36 57.43
CA TYR J 593 40.07 -15.94 57.76
C TYR J 593 39.90 -15.10 56.52
N LYS J 594 39.09 -14.05 56.62
CA LYS J 594 38.83 -13.12 55.54
C LYS J 594 38.94 -11.71 56.08
N HIS J 595 39.71 -10.87 55.40
CA HIS J 595 39.86 -9.49 55.79
C HIS J 595 38.53 -8.74 55.64
N LYS J 596 38.32 -7.75 56.49
CA LYS J 596 37.24 -6.78 56.35
C LYS J 596 37.84 -5.41 56.60
N ARG J 597 38.35 -4.78 55.54
CA ARG J 597 39.09 -3.52 55.65
C ARG J 597 38.45 -2.40 54.85
N TYR J 598 37.19 -2.56 54.46
CA TYR J 598 36.51 -1.53 53.68
C TYR J 598 36.10 -0.36 54.57
N GLU J 599 36.46 0.85 54.16
CA GLU J 599 36.06 2.07 54.84
C GLU J 599 35.40 3.02 53.85
N PRO J 600 34.33 3.69 54.25
CA PRO J 600 33.69 4.67 53.35
C PRO J 600 34.59 5.86 53.09
N GLN J 601 34.50 6.40 51.89
CA GLN J 601 35.34 7.50 51.46
C GLN J 601 34.49 8.62 50.88
N LYS J 602 35.07 9.83 50.91
CA LYS J 602 34.37 11.03 50.48
C LYS J 602 34.70 11.43 49.05
N HIS J 603 35.46 10.64 48.32
CA HIS J 603 35.85 11.00 46.96
C HIS J 603 34.62 11.07 46.07
N PRO J 604 34.45 12.13 45.28
CA PRO J 604 33.24 12.26 44.46
C PRO J 604 33.18 11.33 43.26
N PHE J 605 34.27 10.69 42.89
CA PHE J 605 34.34 10.00 41.60
C PHE J 605 34.74 8.54 41.69
N ILE J 606 35.65 8.18 42.58
CA ILE J 606 36.21 6.83 42.64
C ILE J 606 35.92 6.22 44.00
N GLU J 607 35.37 5.02 44.00
CA GLU J 607 35.13 4.25 45.22
C GLU J 607 35.98 3.00 45.19
N ARG J 608 36.72 2.76 46.28
CA ARG J 608 37.64 1.62 46.38
C ARG J 608 37.19 0.71 47.52
N ASN J 609 37.06 -0.58 47.22
CA ASN J 609 36.69 -1.59 48.20
C ASN J 609 37.79 -2.64 48.32
N PRO J 610 38.57 -2.65 49.40
CA PRO J 610 39.61 -3.67 49.53
C PRO J 610 39.08 -5.09 49.57
N ASP J 611 37.85 -5.29 50.03
CA ASP J 611 37.28 -6.63 50.18
C ASP J 611 36.98 -7.30 48.85
N LYS J 612 37.01 -6.57 47.75
CA LYS J 612 36.79 -7.13 46.42
C LYS J 612 38.05 -7.13 45.58
N CYS J 613 39.21 -6.89 46.18
CA CYS J 613 40.46 -6.78 45.45
C CYS J 613 41.11 -8.15 45.31
N ILE J 614 41.45 -8.52 44.07
CA ILE J 614 42.14 -9.76 43.80
C ILE J 614 43.64 -9.55 43.68
N LEU J 615 44.13 -8.35 43.98
CA LEU J 615 45.55 -8.02 44.04
C LEU J 615 46.25 -8.36 42.72
N CYS J 616 45.60 -8.03 41.61
CA CYS J 616 46.23 -8.15 40.30
C CYS J 616 47.26 -7.06 40.05
N GLY J 617 47.18 -5.95 40.79
CA GLY J 617 48.12 -4.86 40.66
C GLY J 617 47.86 -3.92 39.51
N LEU J 618 46.79 -4.12 38.75
CA LEU J 618 46.61 -3.38 37.50
C LEU J 618 46.47 -1.89 37.75
N CYS J 619 45.80 -1.50 38.84
CA CYS J 619 45.63 -0.08 39.15
C CYS J 619 46.97 0.59 39.42
N ILE J 620 47.82 -0.06 40.22
CA ILE J 620 49.15 0.46 40.51
C ILE J 620 49.96 0.55 39.23
N ARG J 621 49.91 -0.51 38.42
CA ARG J 621 50.73 -0.57 37.22
C ARG J 621 50.28 0.45 36.18
N VAL J 622 48.99 0.77 36.14
CA VAL J 622 48.53 1.75 35.17
C VAL J 622 48.78 3.17 35.68
N CYS J 623 48.69 3.40 36.98
CA CYS J 623 49.01 4.72 37.50
C CYS J 623 50.50 5.01 37.37
N GLU J 624 51.34 3.97 37.43
CA GLU J 624 52.78 4.16 37.34
C GLU J 624 53.27 4.18 35.88
N GLU J 625 52.80 3.24 35.06
CA GLU J 625 53.34 3.05 33.73
C GLU J 625 52.66 3.88 32.66
N VAL J 626 51.35 4.13 32.80
CA VAL J 626 50.62 4.83 31.74
C VAL J 626 50.38 6.27 32.14
N VAL J 627 49.71 6.48 33.26
CA VAL J 627 49.42 7.84 33.73
C VAL J 627 50.71 8.53 34.15
N GLY J 628 51.54 7.84 34.91
CA GLY J 628 52.78 8.41 35.41
C GLY J 628 52.65 9.14 36.73
N VAL J 629 51.44 9.27 37.27
CA VAL J 629 51.27 9.96 38.54
C VAL J 629 51.81 9.11 39.69
N CYS J 630 51.56 7.80 39.65
CA CYS J 630 52.04 6.84 40.66
C CYS J 630 51.50 7.18 42.05
N ALA J 631 50.17 7.24 42.15
CA ALA J 631 49.52 7.58 43.40
C ALA J 631 49.18 6.37 44.25
N LEU J 632 49.16 5.18 43.68
CA LEU J 632 48.80 3.96 44.38
C LEU J 632 50.02 3.08 44.60
N GLY J 633 49.91 2.20 45.58
CA GLY J 633 50.99 1.26 45.83
C GLY J 633 50.55 0.13 46.72
N PHE J 634 51.44 -0.86 46.85
CA PHE J 634 51.23 -1.97 47.74
C PHE J 634 51.66 -1.62 49.15
N VAL J 635 50.84 -2.00 50.12
CA VAL J 635 51.13 -1.82 51.53
C VAL J 635 51.04 -3.18 52.20
N ASN J 636 51.87 -3.37 53.23
CA ASN J 636 52.01 -4.63 53.95
C ASN J 636 52.62 -5.68 53.04
N ARG J 637 52.49 -6.95 53.42
CA ARG J 637 53.18 -8.03 52.73
C ARG J 637 52.46 -9.33 53.02
N GLY J 638 52.37 -10.20 52.02
CA GLY J 638 51.75 -11.49 52.19
C GLY J 638 50.25 -11.48 52.15
N PHE J 639 49.61 -12.22 53.05
CA PHE J 639 48.16 -12.23 53.15
C PHE J 639 47.62 -10.86 53.54
N GLU J 640 48.44 -9.99 54.13
CA GLU J 640 48.02 -8.68 54.56
C GLU J 640 48.18 -7.62 53.49
N THR J 641 48.61 -7.99 52.29
CA THR J 641 48.87 -7.03 51.24
C THR J 641 47.58 -6.29 50.87
N ILE J 642 47.68 -4.96 50.77
CA ILE J 642 46.56 -4.13 50.39
C ILE J 642 47.06 -3.11 49.37
N VAL J 643 46.14 -2.56 48.60
CA VAL J 643 46.46 -1.46 47.68
C VAL J 643 45.96 -0.18 48.32
N LYS J 644 46.85 0.80 48.45
CA LYS J 644 46.50 2.03 49.12
C LYS J 644 47.10 3.21 48.38
N PRO J 645 46.49 4.39 48.48
CA PRO J 645 47.14 5.61 47.98
C PRO J 645 48.37 5.95 48.80
N GLU J 646 49.03 7.06 48.48
CA GLU J 646 50.26 7.42 49.16
C GLU J 646 50.03 7.59 50.66
N PHE J 647 50.84 6.90 51.45
CA PHE J 647 50.77 6.92 52.91
C PHE J 647 49.40 6.54 53.44
N GLY J 648 48.62 5.79 52.67
CA GLY J 648 47.27 5.45 53.08
C GLY J 648 46.33 6.62 53.17
N LEU J 649 46.68 7.74 52.55
CA LEU J 649 45.85 8.93 52.60
C LEU J 649 44.62 8.77 51.71
N PRO J 650 43.61 9.60 51.91
CA PRO J 650 42.50 9.65 50.95
C PRO J 650 43.00 10.05 49.57
N LEU J 651 42.33 9.55 48.54
CA LEU J 651 42.76 9.83 47.17
C LEU J 651 42.83 11.32 46.90
N GLU J 652 42.00 12.12 47.55
CA GLU J 652 42.00 13.56 47.33
C GLU J 652 43.32 14.18 47.78
N GLU J 653 43.89 13.68 48.87
CA GLU J 653 45.07 14.29 49.47
C GLU J 653 46.38 13.82 48.86
N THR J 654 46.34 12.88 47.92
CA THR J 654 47.55 12.41 47.25
C THR J 654 47.75 13.21 45.97
N SER J 655 48.66 12.73 45.13
CA SER J 655 48.93 13.35 43.84
C SER J 655 48.00 12.87 42.74
N CYS J 656 46.95 12.13 43.10
CA CYS J 656 46.02 11.59 42.13
C CYS J 656 45.37 12.71 41.32
N ILE J 657 45.24 12.50 40.01
CA ILE J 657 44.67 13.48 39.11
C ILE J 657 43.27 13.09 38.67
N SER J 658 42.66 12.09 39.30
CA SER J 658 41.26 11.73 39.10
C SER J 658 40.95 11.34 37.66
N CYS J 659 41.91 10.73 36.97
CA CYS J 659 41.69 10.34 35.59
C CYS J 659 40.74 9.14 35.49
N GLY J 660 40.67 8.33 36.54
CA GLY J 660 39.83 7.15 36.54
C GLY J 660 40.43 5.93 35.89
N GLN J 661 41.72 5.95 35.55
CA GLN J 661 42.33 4.81 34.87
C GLN J 661 42.35 3.58 35.74
N CYS J 662 42.57 3.75 37.04
CA CYS J 662 42.55 2.63 37.97
C CYS J 662 41.17 1.99 38.01
N ALA J 663 40.12 2.80 38.03
CA ALA J 663 38.77 2.26 38.05
C ALA J 663 38.39 1.66 36.71
N ASP J 664 38.98 2.14 35.63
CA ASP J 664 38.71 1.59 34.30
C ASP J 664 39.41 0.26 34.08
N ILE J 665 40.58 0.06 34.69
CA ILE J 665 41.34 -1.17 34.49
C ILE J 665 40.99 -2.26 35.49
N CYS J 666 40.24 -1.95 36.54
CA CYS J 666 39.99 -2.92 37.60
C CYS J 666 39.10 -4.05 37.09
N PRO J 667 39.45 -5.31 37.36
CA PRO J 667 38.63 -6.43 36.87
C PRO J 667 37.48 -6.82 37.78
N THR J 668 37.57 -6.55 39.08
CA THR J 668 36.65 -7.13 40.05
C THR J 668 36.08 -6.07 40.99
N GLY J 669 35.60 -4.96 40.45
CA GLY J 669 34.79 -4.04 41.22
C GLY J 669 35.34 -3.52 42.54
N ALA J 670 36.62 -3.75 42.80
CA ALA J 670 37.28 -3.17 43.97
C ALA J 670 37.66 -1.72 43.76
N CYS J 671 37.62 -1.25 42.53
CA CYS J 671 37.79 0.15 42.20
C CYS J 671 36.77 0.48 41.13
N ILE J 672 35.81 1.34 41.45
CA ILE J 672 34.73 1.69 40.53
C ILE J 672 34.67 3.21 40.42
N GLY J 673 34.20 3.67 39.26
CA GLY J 673 33.91 5.07 39.06
C GLY J 673 32.42 5.31 39.24
N LYS J 674 32.09 6.25 40.12
CA LYS J 674 30.70 6.51 40.46
C LYS J 674 29.94 7.03 39.25
N GLN J 675 28.70 6.60 39.12
CA GLN J 675 27.83 7.01 38.03
C GLN J 675 27.30 8.42 38.28
N PRO J 676 27.27 9.27 37.25
CA PRO J 676 26.80 10.66 37.42
C PRO J 676 25.27 10.75 37.49
N VAL J 677 24.69 10.02 38.43
CA VAL J 677 23.23 9.95 38.57
C VAL J 677 22.88 10.16 40.04
N ALA J 678 21.58 10.26 40.32
CA ALA J 678 21.13 10.58 41.66
C ALA J 678 21.29 9.40 42.61
N LYS J 679 21.00 8.19 42.14
CA LYS J 679 21.14 6.99 42.95
C LYS J 679 21.92 5.95 42.17
N GLN J 680 22.91 5.34 42.82
CA GLN J 680 23.72 4.32 42.16
C GLN J 680 22.91 3.05 41.95
N VAL J 681 22.99 2.49 40.76
CA VAL J 681 22.27 1.26 40.44
C VAL J 681 23.08 0.48 39.41
N PRO J 682 23.41 -0.79 39.67
CA PRO J 682 24.11 -1.58 38.66
C PRO J 682 23.18 -1.95 37.51
N VAL J 683 23.45 -1.41 36.33
CA VAL J 683 22.58 -1.60 35.18
C VAL J 683 23.41 -2.05 34.00
N ASN J 684 22.73 -2.67 33.04
CA ASN J 684 23.33 -3.00 31.75
C ASN J 684 23.10 -1.84 30.80
N THR J 685 24.19 -1.24 30.33
CA THR J 685 24.14 -0.03 29.55
C THR J 685 24.47 -0.31 28.09
N VAL J 686 24.23 0.69 27.24
CA VAL J 686 24.61 0.64 25.83
C VAL J 686 25.63 1.74 25.58
N ALA J 687 26.71 1.40 24.89
CA ALA J 687 27.86 2.28 24.71
C ALA J 687 27.89 2.85 23.30
N THR J 688 28.08 4.15 23.21
CA THR J 688 28.26 4.86 21.94
C THR J 688 29.58 5.60 21.98
N LYS J 689 30.32 5.57 20.88
CA LYS J 689 31.61 6.25 20.80
C LYS J 689 31.42 7.70 20.39
N THR J 690 32.06 8.61 21.11
CA THR J 690 32.06 10.03 20.78
C THR J 690 33.40 10.61 21.19
N VAL J 691 33.54 11.93 21.10
CA VAL J 691 34.79 12.63 21.31
C VAL J 691 34.64 13.58 22.49
N CYS J 692 35.63 13.58 23.38
CA CYS J 692 35.66 14.58 24.44
C CYS J 692 35.93 15.97 23.86
N THR J 693 35.22 16.97 24.37
CA THR J 693 35.30 18.32 23.84
C THR J 693 35.95 19.30 24.79
N PHE J 694 36.66 18.81 25.80
CA PHE J 694 37.14 19.68 26.86
C PHE J 694 38.55 20.20 26.64
N CYS J 695 39.32 19.59 25.73
CA CYS J 695 40.58 20.16 25.30
C CYS J 695 40.86 19.64 23.89
N GLY J 696 41.98 20.10 23.33
CA GLY J 696 42.28 19.83 21.95
C GLY J 696 42.89 18.48 21.67
N MET J 697 43.18 17.68 22.69
CA MET J 697 43.73 16.35 22.46
C MET J 697 42.75 15.45 21.74
N GLY J 698 41.45 15.74 21.83
CA GLY J 698 40.46 14.99 21.08
C GLY J 698 40.38 13.53 21.44
N CYS J 699 40.46 13.21 22.73
CA CYS J 699 40.37 11.83 23.16
C CYS J 699 38.96 11.29 22.93
N GLU J 700 38.90 10.05 22.45
CA GLU J 700 37.61 9.41 22.21
C GLU J 700 37.19 8.62 23.44
N MET J 701 35.88 8.45 23.58
CA MET J 701 35.32 7.78 24.74
C MET J 701 34.07 7.03 24.32
N LEU J 702 33.70 6.05 25.12
CA LEU J 702 32.45 5.31 24.98
C LEU J 702 31.55 5.74 26.13
N VAL J 703 30.46 6.42 25.79
CA VAL J 703 29.46 6.83 26.76
C VAL J 703 28.44 5.70 26.88
N GLU J 704 28.28 5.18 28.09
CA GLU J 704 27.38 4.08 28.37
C GLU J 704 26.15 4.63 29.06
N THR J 705 25.00 4.51 28.40
CA THR J 705 23.75 5.10 28.84
C THR J 705 22.69 4.03 29.02
N LYS J 706 21.61 4.41 29.71
CA LYS J 706 20.42 3.57 29.83
C LYS J 706 19.22 4.51 29.94
N GLY J 707 18.54 4.72 28.83
CA GLY J 707 17.46 5.69 28.79
C GLY J 707 17.96 7.02 28.29
N ASN J 708 17.57 8.09 28.97
CA ASN J 708 18.07 9.44 28.68
C ASN J 708 19.13 9.88 29.68
N LEU J 709 19.70 8.95 30.43
CA LEU J 709 20.72 9.24 31.43
C LEU J 709 22.04 8.60 31.02
N ILE J 710 23.14 9.29 31.30
CA ILE J 710 24.47 8.75 31.10
C ILE J 710 24.90 8.07 32.40
N PHE J 711 25.37 6.82 32.29
CA PHE J 711 25.74 6.06 33.47
C PHE J 711 27.23 5.83 33.62
N ASP J 712 27.98 5.76 32.52
CA ASP J 712 29.42 5.52 32.66
C ASP J 712 30.14 6.04 31.42
N VAL J 713 31.46 6.16 31.55
CA VAL J 713 32.33 6.54 30.43
C VAL J 713 33.55 5.62 30.45
N SER J 714 33.92 5.09 29.30
CA SER J 714 35.08 4.23 29.18
C SER J 714 36.02 4.77 28.13
N PRO J 715 37.33 4.76 28.37
CA PRO J 715 38.27 5.16 27.33
C PRO J 715 38.38 4.08 26.25
N VAL J 716 38.53 4.53 25.02
CA VAL J 716 38.78 3.60 23.92
C VAL J 716 40.22 3.10 24.00
N GLN J 717 40.46 1.92 23.44
CA GLN J 717 41.78 1.29 23.48
C GLN J 717 42.50 1.59 22.17
N SER J 718 42.98 2.82 22.04
CA SER J 718 43.62 3.27 20.81
C SER J 718 45.10 3.59 21.03
N ASN J 719 45.42 4.51 21.94
CA ASN J 719 46.80 4.91 22.18
C ASN J 719 46.86 5.40 23.63
N GLU J 720 47.43 4.55 24.50
CA GLU J 720 47.49 4.77 25.94
C GLU J 720 46.12 4.59 26.59
N GLY J 721 45.09 4.45 25.75
CA GLY J 721 43.72 4.22 26.20
C GLY J 721 43.32 5.00 27.43
N MET J 722 43.63 6.28 27.43
CA MET J 722 43.52 7.11 28.62
C MET J 722 42.58 8.28 28.40
N LEU J 723 41.83 8.62 29.44
CA LEU J 723 41.12 9.89 29.56
C LEU J 723 41.63 10.58 30.81
N CYS J 724 41.34 11.87 30.92
CA CYS J 724 41.68 12.62 32.11
C CYS J 724 40.43 12.82 32.96
N ALA J 725 40.53 13.64 34.00
CA ALA J 725 39.38 13.88 34.87
C ALA J 725 38.22 14.48 34.08
N PHE J 726 38.51 15.39 33.15
CA PHE J 726 37.46 16.01 32.36
C PHE J 726 36.74 14.96 31.51
N GLY J 727 37.46 14.33 30.58
CA GLY J 727 36.82 13.41 29.67
C GLY J 727 36.14 12.24 30.34
N ARG J 728 36.59 11.88 31.55
CA ARG J 728 36.03 10.72 32.24
C ARG J 728 34.87 11.08 33.16
N PHE J 729 34.92 12.24 33.82
CA PHE J 729 33.96 12.55 34.87
C PHE J 729 33.18 13.83 34.66
N GLY J 730 33.56 14.68 33.72
CA GLY J 730 32.85 15.93 33.51
C GLY J 730 31.66 15.83 32.61
N ILE J 731 31.33 14.62 32.16
CA ILE J 731 30.14 14.36 31.37
C ILE J 731 28.93 14.35 32.30
N LYS J 732 29.18 14.59 33.58
CA LYS J 732 28.10 14.62 34.56
C LYS J 732 27.13 15.77 34.33
N TYR J 733 27.54 16.80 33.57
CA TYR J 733 26.66 17.92 33.31
C TYR J 733 25.51 17.55 32.38
N VAL J 734 25.62 16.44 31.67
CA VAL J 734 24.54 16.02 30.77
C VAL J 734 23.31 15.62 31.58
N ASN J 735 23.50 15.02 32.74
CA ASN J 735 22.41 14.60 33.60
C ASN J 735 22.00 15.65 34.60
N ASP J 736 22.61 16.83 34.57
CA ASP J 736 22.33 17.86 35.56
C ASP J 736 20.87 18.30 35.47
N LYS J 737 20.23 18.42 36.63
CA LYS J 737 18.85 18.86 36.69
C LYS J 737 18.70 20.36 36.54
N ASP J 738 19.80 21.11 36.56
CA ASP J 738 19.78 22.55 36.41
C ASP J 738 19.95 22.99 34.97
N ARG J 739 20.01 22.05 34.02
CA ARG J 739 20.03 22.42 32.62
C ARG J 739 18.71 23.06 32.23
N ILE J 740 18.78 24.17 31.49
CA ILE J 740 17.58 24.82 30.99
C ILE J 740 17.14 24.13 29.71
N LEU J 741 15.85 23.85 29.61
CA LEU J 741 15.28 23.20 28.43
C LEU J 741 14.33 24.09 27.65
N ALA J 742 13.92 25.22 28.20
CA ALA J 742 13.01 26.13 27.54
C ALA J 742 13.57 27.54 27.56
N PRO J 743 13.26 28.34 26.54
CA PRO J 743 13.84 29.69 26.46
C PRO J 743 13.22 30.63 27.47
N LEU J 744 13.93 31.71 27.73
CA LEU J 744 13.47 32.75 28.64
C LEU J 744 13.54 34.10 27.95
N ILE J 745 12.49 34.91 28.12
CA ILE J 745 12.49 36.28 27.65
C ILE J 745 12.05 37.17 28.79
N LYS J 746 12.45 38.43 28.74
CA LYS J 746 12.22 39.37 29.83
C LYS J 746 10.82 39.98 29.70
N VAL J 747 9.91 39.55 30.56
CA VAL J 747 8.60 40.16 30.69
C VAL J 747 8.53 40.82 32.06
N ASN J 748 7.98 42.03 32.11
CA ASN J 748 7.93 42.85 33.31
C ASN J 748 9.29 43.05 33.95
N GLY J 749 10.36 42.94 33.17
CA GLY J 749 11.70 43.11 33.68
C GLY J 749 12.33 41.87 34.27
N GLU J 750 11.69 40.71 34.17
CA GLU J 750 12.25 39.47 34.71
C GLU J 750 12.16 38.37 33.65
N LEU J 751 13.12 37.46 33.68
CA LEU J 751 13.15 36.37 32.71
C LEU J 751 12.06 35.36 33.02
N SER J 752 11.26 35.02 32.02
CA SER J 752 10.18 34.07 32.16
C SER J 752 10.20 33.11 30.99
N LYS J 753 9.66 31.92 31.23
CA LYS J 753 9.62 30.87 30.22
C LYS J 753 8.74 31.26 29.05
N THR J 754 9.12 30.81 27.85
CA THR J 754 8.35 31.07 26.64
C THR J 754 8.59 29.92 25.67
N THR J 755 8.11 30.09 24.44
CA THR J 755 8.28 29.09 23.39
C THR J 755 9.48 29.43 22.53
N PHE J 756 9.94 28.42 21.78
CA PHE J 756 11.12 28.60 20.95
C PHE J 756 10.88 29.62 19.84
N ASP J 757 9.71 29.57 19.21
CA ASP J 757 9.42 30.49 18.12
C ASP J 757 9.39 31.94 18.62
N GLN J 758 8.71 32.18 19.74
CA GLN J 758 8.63 33.52 20.28
C GLN J 758 10.01 34.04 20.68
N ALA J 759 10.82 33.19 21.33
CA ALA J 759 12.15 33.60 21.73
C ALA J 759 13.05 33.90 20.55
N LEU J 760 12.98 33.08 19.51
CA LEU J 760 13.81 33.32 18.33
C LEU J 760 13.38 34.58 17.60
N ILE J 761 12.07 34.82 17.50
CA ILE J 761 11.60 36.05 16.88
C ILE J 761 12.06 37.26 17.68
N GLU J 762 12.00 37.16 19.01
CA GLU J 762 12.48 38.25 19.85
C GLU J 762 13.97 38.48 19.66
N THR J 763 14.76 37.42 19.57
CA THR J 763 16.19 37.54 19.35
C THR J 763 16.47 38.24 18.02
N ALA J 764 15.80 37.79 16.96
CA ALA J 764 16.03 38.38 15.64
C ALA J 764 15.65 39.85 15.62
N LYS J 765 14.52 40.19 16.26
CA LYS J 765 14.11 41.59 16.29
C LYS J 765 15.06 42.44 17.12
N LYS J 766 15.55 41.93 18.24
CA LYS J 766 16.49 42.70 19.06
C LYS J 766 17.78 42.96 18.31
N LEU J 767 18.33 41.93 17.66
CA LEU J 767 19.57 42.11 16.91
C LEU J 767 19.36 43.05 15.73
N GLN J 768 18.24 42.92 15.02
CA GLN J 768 17.97 43.80 13.90
C GLN J 768 17.79 45.25 14.36
N ALA J 769 17.15 45.45 15.51
CA ALA J 769 16.99 46.81 16.04
C ALA J 769 18.34 47.41 16.39
N ILE J 770 19.23 46.62 17.00
CA ILE J 770 20.56 47.13 17.32
C ILE J 770 21.30 47.50 16.04
N ARG J 771 21.25 46.62 15.04
CA ARG J 771 21.94 46.91 13.78
C ARG J 771 21.37 48.15 13.11
N ALA J 772 20.05 48.32 13.14
CA ALA J 772 19.44 49.49 12.53
C ALA J 772 19.86 50.76 13.24
N SER J 773 19.70 50.81 14.57
CA SER J 773 19.95 52.04 15.30
C SER J 773 21.43 52.35 15.48
N TYR J 774 22.33 51.39 15.26
CA TYR J 774 23.75 51.62 15.48
C TYR J 774 24.66 51.29 14.31
N GLY J 775 24.20 50.54 13.32
CA GLY J 775 24.94 50.38 12.09
C GLY J 775 25.81 49.13 12.04
N LYS J 776 26.77 49.17 11.14
CA LYS J 776 27.65 48.04 10.86
C LYS J 776 28.53 47.73 12.07
N ASP J 777 28.81 46.43 12.25
CA ASP J 777 29.75 45.95 13.27
C ASP J 777 29.37 46.46 14.66
N SER J 778 28.08 46.43 14.97
CA SER J 778 27.58 46.82 16.27
C SER J 778 27.15 45.65 17.13
N ILE J 779 27.18 44.43 16.59
CA ILE J 779 26.81 43.22 17.32
C ILE J 779 28.03 42.31 17.34
N ALA J 780 28.38 41.84 18.53
CA ALA J 780 29.47 40.88 18.71
C ALA J 780 28.88 39.50 18.93
N ILE J 781 29.41 38.51 18.21
CA ILE J 781 28.99 37.12 18.37
C ILE J 781 30.14 36.39 19.03
N ILE J 782 30.00 36.11 20.32
CA ILE J 782 31.03 35.44 21.11
C ILE J 782 30.59 34.00 21.33
N ALA J 783 31.34 33.05 20.78
CA ALA J 783 30.93 31.67 20.75
C ALA J 783 31.94 30.80 21.50
N SER J 784 31.43 29.77 22.16
CA SER J 784 32.30 28.81 22.81
C SER J 784 33.03 27.97 21.78
N GLN J 785 34.28 27.62 22.09
CA GLN J 785 35.09 26.83 21.18
C GLN J 785 34.80 25.34 21.29
N ARG J 786 33.74 24.96 22.00
CA ARG J 786 33.31 23.56 22.05
C ARG J 786 32.24 23.23 21.01
N LEU J 787 31.76 24.23 20.26
CA LEU J 787 30.79 23.96 19.22
C LEU J 787 31.45 23.22 18.05
N THR J 788 30.62 22.50 17.31
CA THR J 788 31.13 21.78 16.15
C THR J 788 31.47 22.76 15.03
N ASN J 789 32.12 22.24 14.00
CA ASN J 789 32.56 23.09 12.90
C ASN J 789 31.38 23.71 12.16
N GLU J 790 30.31 22.93 11.99
CA GLU J 790 29.14 23.43 11.29
C GLU J 790 28.47 24.57 12.04
N GLU J 791 28.39 24.47 13.37
CA GLU J 791 27.78 25.54 14.16
C GLU J 791 28.62 26.81 14.10
N ALA J 792 29.95 26.67 14.15
CA ALA J 792 30.82 27.84 14.02
C ALA J 792 30.68 28.49 12.65
N LEU J 793 30.64 27.68 11.58
CA LEU J 793 30.46 28.23 10.25
C LEU J 793 29.11 28.91 10.11
N LEU J 794 28.06 28.32 10.66
CA LEU J 794 26.74 28.93 10.62
C LEU J 794 26.72 30.24 11.41
N LEU J 795 27.46 30.30 12.51
CA LEU J 795 27.55 31.54 13.27
C LEU J 795 28.27 32.62 12.48
N THR J 796 29.30 32.24 11.72
CA THR J 796 29.95 33.22 10.84
C THR J 796 28.98 33.72 9.77
N LYS J 797 28.17 32.83 9.20
CA LYS J 797 27.17 33.26 8.22
C LYS J 797 26.11 34.15 8.86
N LEU J 798 25.75 33.87 10.11
CA LEU J 798 24.81 34.73 10.82
C LEU J 798 25.39 36.11 11.06
N ALA J 799 26.68 36.19 11.40
CA ALA J 799 27.33 37.49 11.51
C ALA J 799 27.36 38.19 10.16
N GLN J 800 27.54 37.44 9.09
CA GLN J 800 27.50 38.01 7.75
C GLN J 800 26.13 38.60 7.44
N LYS J 801 25.06 37.89 7.82
CA LYS J 801 23.71 38.39 7.59
C LYS J 801 23.34 39.50 8.55
N LEU J 802 23.93 39.51 9.75
CA LEU J 802 23.70 40.57 10.72
C LEU J 802 24.56 41.79 10.47
N ASP J 803 25.41 41.75 9.44
CA ASP J 803 26.22 42.88 9.01
C ASP J 803 27.28 43.24 10.04
N THR J 804 27.92 42.22 10.62
CA THR J 804 28.95 42.42 11.63
C THR J 804 30.12 41.49 11.37
N THR J 805 31.32 42.02 11.51
CA THR J 805 32.54 41.23 11.44
C THR J 805 33.09 40.87 12.81
N VAL J 806 32.43 41.30 13.87
CA VAL J 806 32.93 41.09 15.24
C VAL J 806 32.38 39.73 15.68
N ILE J 807 33.11 38.68 15.31
CA ILE J 807 32.82 37.33 15.79
C ILE J 807 34.11 36.75 16.35
N GLY J 808 34.07 36.32 17.59
CA GLY J 808 35.25 35.79 18.23
C GLY J 808 34.89 34.98 19.44
N SER J 809 35.87 34.82 20.33
CA SER J 809 35.68 34.08 21.56
C SER J 809 36.43 34.78 22.68
N PHE J 810 35.93 34.62 23.89
CA PHE J 810 36.62 35.13 25.07
C PHE J 810 37.72 34.20 25.54
N ASP J 811 37.76 32.96 25.04
CA ASP J 811 38.82 32.01 25.31
C ASP J 811 39.88 31.99 24.21
N LEU J 812 39.76 32.87 23.22
CA LEU J 812 40.62 32.81 22.04
C LEU J 812 41.97 33.48 22.34
N ARG J 813 43.03 32.70 22.21
CA ARG J 813 44.38 33.21 22.41
C ARG J 813 44.83 34.01 21.19
N GLU J 814 45.70 34.99 21.44
CA GLU J 814 46.24 35.79 20.35
C GLU J 814 47.07 34.92 19.42
N SER J 815 46.93 35.16 18.13
CA SER J 815 47.52 34.31 17.10
C SER J 815 48.83 34.89 16.62
N VAL J 816 49.85 34.02 16.52
CA VAL J 816 51.14 34.43 15.97
C VAL J 816 51.63 33.51 14.88
N LEU J 817 51.11 32.29 14.74
CA LEU J 817 51.62 31.36 13.75
C LEU J 817 51.14 31.73 12.35
N ASP J 818 50.00 32.41 12.22
CA ASP J 818 49.55 32.82 10.90
C ASP J 818 50.39 33.97 10.36
N ARG J 819 50.98 34.76 11.24
CA ARG J 819 51.89 35.82 10.82
C ARG J 819 53.25 35.30 10.40
N ILE J 820 53.61 34.08 10.82
CA ILE J 820 54.93 33.51 10.58
C ILE J 820 54.87 32.46 9.46
N PHE J 821 53.99 31.48 9.60
CA PHE J 821 53.90 30.40 8.62
C PHE J 821 52.71 30.55 7.69
N GLY J 822 51.65 31.23 8.11
CA GLY J 822 50.50 31.44 7.24
C GLY J 822 49.20 30.95 7.82
N LEU J 823 49.24 29.82 8.52
CA LEU J 823 48.07 29.24 9.15
C LEU J 823 48.28 29.14 10.65
N ASN J 824 47.25 29.49 11.42
CA ASN J 824 47.29 29.34 12.87
C ASN J 824 46.87 27.92 13.21
N ALA J 825 47.81 26.99 13.02
CA ALA J 825 47.51 25.59 13.14
C ALA J 825 48.78 24.83 13.51
N SER J 826 48.58 23.62 14.03
CA SER J 826 49.69 22.71 14.27
C SER J 826 50.31 22.26 12.95
N THR J 827 51.62 22.09 12.96
CA THR J 827 52.35 21.73 11.76
C THR J 827 52.35 20.23 11.50
N ASN J 828 52.47 19.41 12.53
CA ASN J 828 52.57 17.96 12.41
C ASN J 828 51.41 17.30 13.14
N SER J 829 51.40 15.97 13.12
CA SER J 829 50.35 15.16 13.73
C SER J 829 50.81 14.57 15.06
N PHE J 830 49.86 14.00 15.78
CA PHE J 830 50.15 13.44 17.10
C PHE J 830 50.99 12.17 17.00
N ASP J 831 50.87 11.42 15.90
CA ASP J 831 51.59 10.16 15.76
C ASP J 831 53.09 10.39 15.67
N GLU J 832 53.51 11.45 14.96
CA GLU J 832 54.93 11.70 14.77
C GLU J 832 55.66 11.93 16.08
N ILE J 833 54.94 12.25 17.16
CA ILE J 833 55.55 12.41 18.47
C ILE J 833 56.27 11.12 18.87
N TYR J 834 55.70 9.97 18.54
CA TYR J 834 56.32 8.70 18.89
C TYR J 834 57.62 8.45 18.12
N SER J 835 57.88 9.19 17.05
CA SER J 835 59.03 8.93 16.20
C SER J 835 60.03 10.07 16.13
N THR J 836 59.76 11.19 16.79
CA THR J 836 60.68 12.32 16.73
C THR J 836 61.88 12.08 17.63
N ASP J 837 63.00 12.73 17.27
CA ASP J 837 64.23 12.57 18.03
C ASP J 837 64.14 13.29 19.37
N LEU J 838 63.63 14.52 19.36
CA LEU J 838 63.59 15.37 20.54
C LEU J 838 62.22 15.99 20.68
N ILE J 839 61.74 16.11 21.92
CA ILE J 839 60.48 16.75 22.22
C ILE J 839 60.76 17.94 23.13
N VAL J 840 60.27 19.11 22.75
CA VAL J 840 60.32 20.29 23.58
C VAL J 840 58.89 20.59 24.02
N ALA J 841 58.60 20.36 25.30
CA ALA J 841 57.28 20.60 25.86
C ALA J 841 57.31 21.92 26.62
N VAL J 842 56.53 22.88 26.16
CA VAL J 842 56.52 24.23 26.71
C VAL J 842 55.20 24.47 27.42
N GLY J 843 55.27 24.92 28.67
CA GLY J 843 54.09 25.16 29.45
C GLY J 843 53.64 23.94 30.23
N LYS J 844 52.44 24.05 30.79
CA LYS J 844 51.82 22.97 31.56
C LYS J 844 51.15 21.96 30.63
N VAL J 845 51.99 21.32 29.81
CA VAL J 845 51.48 20.39 28.81
C VAL J 845 50.83 19.19 29.48
N ALA J 846 51.51 18.60 30.47
CA ALA J 846 50.97 17.44 31.16
C ALA J 846 49.90 17.81 32.17
N GLU J 847 50.02 18.98 32.80
CA GLU J 847 49.05 19.38 33.81
C GLU J 847 47.69 19.69 33.18
N ASN J 848 47.67 20.49 32.12
CA ASN J 848 46.42 20.86 31.49
C ASN J 848 45.85 19.73 30.65
N HIS J 849 46.70 18.87 30.10
CA HIS J 849 46.28 17.76 29.23
C HIS J 849 47.02 16.52 29.70
N ALA J 850 46.39 15.75 30.59
CA ALA J 850 47.05 14.59 31.19
C ALA J 850 47.39 13.52 30.17
N VAL J 851 46.54 13.35 29.16
CA VAL J 851 46.81 12.35 28.13
C VAL J 851 48.05 12.72 27.33
N MET J 852 48.31 14.01 27.12
CA MET J 852 49.56 14.41 26.49
C MET J 852 50.76 14.10 27.39
N GLY J 853 50.60 14.20 28.71
CA GLY J 853 51.66 13.76 29.59
C GLY J 853 51.93 12.27 29.48
N ALA J 854 50.88 11.46 29.38
CA ALA J 854 51.06 10.04 29.13
C ALA J 854 51.74 9.78 27.79
N LYS J 855 51.37 10.54 26.78
CA LYS J 855 51.96 10.39 25.46
C LYS J 855 53.44 10.76 25.45
N LEU J 856 53.81 11.81 26.19
CA LEU J 856 55.22 12.16 26.33
C LEU J 856 55.98 11.08 27.08
N LYS J 857 55.38 10.53 28.13
CA LYS J 857 56.02 9.43 28.85
C LYS J 857 56.27 8.25 27.93
N LYS J 858 55.27 7.89 27.13
CA LYS J 858 55.43 6.79 26.18
C LYS J 858 56.49 7.09 25.13
N ALA J 859 56.51 8.32 24.63
CA ALA J 859 57.48 8.68 23.60
C ALA J 859 58.90 8.64 24.14
N VAL J 860 59.10 9.13 25.36
CA VAL J 860 60.43 9.06 25.97
C VAL J 860 60.83 7.62 26.22
N GLU J 861 59.87 6.77 26.61
CA GLU J 861 60.17 5.35 26.76
C GLU J 861 60.53 4.71 25.41
N LEU J 862 59.93 5.19 24.32
CA LEU J 862 60.22 4.64 23.00
C LEU J 862 61.58 5.08 22.47
N GLY J 863 62.17 6.14 23.01
CA GLY J 863 63.51 6.52 22.62
C GLY J 863 63.73 8.00 22.38
N ALA J 864 62.71 8.81 22.61
CA ALA J 864 62.83 10.24 22.39
C ALA J 864 63.54 10.92 23.57
N LYS J 865 63.92 12.18 23.36
CA LYS J 865 64.55 13.01 24.37
C LYS J 865 63.63 14.18 24.68
N LEU J 866 63.36 14.41 25.96
CA LEU J 866 62.38 15.38 26.40
C LEU J 866 63.07 16.59 27.02
N VAL J 867 62.66 17.78 26.60
CA VAL J 867 63.08 19.03 27.19
C VAL J 867 61.83 19.80 27.59
N THR J 868 61.70 20.16 28.86
CA THR J 868 60.54 20.86 29.36
C THR J 868 60.92 22.30 29.71
N ILE J 869 60.19 23.25 29.15
CA ILE J 869 60.35 24.66 29.45
C ILE J 869 59.07 25.13 30.14
N ASN J 870 59.20 25.66 31.35
CA ASN J 870 58.04 26.07 32.13
C ASN J 870 58.51 27.05 33.20
N ASN J 871 57.56 27.72 33.84
CA ASN J 871 57.86 28.60 34.96
C ASN J 871 57.75 27.91 36.30
N GLY J 872 57.29 26.65 36.33
CA GLY J 872 57.16 25.91 37.56
C GLY J 872 57.39 24.43 37.35
N GLU J 873 57.02 23.61 38.33
CA GLU J 873 57.24 22.17 38.24
C GLU J 873 56.18 21.51 37.37
N THR J 874 56.57 20.41 36.73
CA THR J 874 55.69 19.62 35.89
C THR J 874 55.95 18.14 36.14
N ARG J 875 54.96 17.32 35.79
CA ARG J 875 55.14 15.87 35.91
C ARG J 875 56.03 15.30 34.81
N ALA J 876 56.34 16.09 33.78
CA ALA J 876 57.19 15.63 32.70
C ALA J 876 58.68 15.82 32.99
N ASP J 877 59.02 16.49 34.09
CA ASP J 877 60.42 16.70 34.45
C ASP J 877 61.11 15.41 34.90
N GLU J 878 60.35 14.36 35.22
CA GLU J 878 60.96 13.14 35.74
C GLU J 878 61.89 12.49 34.73
N ARG J 879 61.47 12.43 33.46
CA ARG J 879 62.25 11.79 32.41
C ARG J 879 62.81 12.78 31.41
N ALA J 880 63.00 14.03 31.80
CA ALA J 880 63.53 15.04 30.92
C ALA J 880 65.05 15.10 31.03
N ILE J 881 65.71 15.29 29.89
CA ILE J 881 67.17 15.45 29.89
C ILE J 881 67.57 16.88 30.18
N ALA J 882 66.65 17.84 30.04
CA ALA J 882 66.95 19.24 30.30
C ALA J 882 65.66 19.92 30.76
N THR J 883 65.75 20.62 31.89
CA THR J 883 64.60 21.28 32.49
C THR J 883 64.95 22.75 32.69
N TYR J 884 64.15 23.63 32.12
CA TYR J 884 64.40 25.06 32.14
C TYR J 884 63.24 25.78 32.81
N LYS J 885 63.54 26.55 33.84
CA LYS J 885 62.55 27.33 34.58
C LYS J 885 62.75 28.79 34.20
N ILE J 886 62.04 29.22 33.16
CA ILE J 886 62.18 30.57 32.64
C ILE J 886 60.91 31.36 32.95
N ASP J 887 61.05 32.68 32.94
CA ASP J 887 59.93 33.58 33.13
C ASP J 887 59.83 34.64 32.04
N ASN J 888 60.79 34.70 31.13
CA ASN J 888 60.83 35.73 30.12
C ASN J 888 61.16 35.12 28.77
N THR J 889 60.75 35.83 27.71
CA THR J 889 61.01 35.39 26.35
C THR J 889 62.48 35.53 25.97
N ALA J 890 63.25 36.33 26.72
CA ALA J 890 64.66 36.54 26.39
C ALA J 890 65.43 35.23 26.31
N PHE J 891 65.02 34.23 27.10
CA PHE J 891 65.69 32.93 27.08
C PHE J 891 65.75 32.36 25.67
N PHE J 892 64.68 32.54 24.90
CA PHE J 892 64.67 32.07 23.53
C PHE J 892 65.56 32.94 22.64
N LYS J 893 65.51 34.26 22.84
CA LYS J 893 66.32 35.16 22.02
C LYS J 893 67.80 34.80 22.15
N ALA J 894 68.29 34.67 23.38
CA ALA J 894 69.65 34.22 23.61
C ALA J 894 69.91 32.91 22.90
N THR J 895 68.97 31.96 23.00
CA THR J 895 69.10 30.70 22.28
C THR J 895 69.35 30.96 20.81
N ILE J 896 68.54 31.82 20.20
CA ILE J 896 68.73 32.15 18.79
C ILE J 896 70.12 32.69 18.57
N LYS J 897 70.55 33.64 19.41
CA LYS J 897 71.91 34.16 19.29
C LYS J 897 72.93 33.05 19.42
N ALA J 898 72.73 32.15 20.40
CA ALA J 898 73.63 31.02 20.54
C ALA J 898 73.63 30.18 19.28
N LEU J 899 72.45 29.97 18.68
CA LEU J 899 72.37 29.19 17.46
C LEU J 899 73.19 29.82 16.35
N PHE J 900 73.30 31.15 16.35
CA PHE J 900 74.13 31.82 15.35
C PHE J 900 75.61 31.69 15.68
N GLU J 901 75.95 31.67 16.97
CA GLU J 901 77.35 31.64 17.36
C GLU J 901 78.00 30.32 17.02
N MET J 902 77.30 29.20 17.21
CA MET J 902 77.85 27.89 16.91
C MET J 902 77.76 27.54 15.43
N LYS J 903 77.36 28.50 14.59
CA LYS J 903 77.21 28.27 13.15
C LYS J 903 76.25 27.13 12.86
N ALA J 904 75.18 27.06 13.64
CA ALA J 904 74.18 26.00 13.50
C ALA J 904 73.02 26.41 12.61
N VAL J 905 73.06 27.60 12.03
CA VAL J 905 72.01 28.08 11.13
C VAL J 905 72.60 28.18 9.73
N ASP J 906 72.09 27.36 8.81
CA ASP J 906 72.50 27.40 7.42
C ASP J 906 71.81 28.60 6.77
N GLU J 907 72.46 29.76 6.87
CA GLU J 907 71.84 31.00 6.42
C GLU J 907 71.57 31.01 4.92
N ASP J 908 72.29 30.20 4.14
CA ASP J 908 72.01 30.12 2.72
C ASP J 908 70.61 29.57 2.47
N TYR J 909 70.22 28.51 3.19
CA TYR J 909 68.89 27.93 3.02
C TYR J 909 67.83 28.83 3.60
N VAL J 910 68.09 29.39 4.80
CA VAL J 910 67.10 30.19 5.48
C VAL J 910 66.80 31.47 4.70
N SER J 911 67.81 32.04 4.05
CA SER J 911 67.59 33.24 3.26
C SER J 911 66.65 32.98 2.09
N LYS J 912 66.72 31.78 1.50
CA LYS J 912 65.79 31.45 0.42
C LYS J 912 64.40 31.14 0.96
N ILE J 913 64.31 30.47 2.10
CA ILE J 913 62.99 30.06 2.60
C ILE J 913 62.34 31.09 3.52
N ALA J 914 63.10 32.00 4.10
CA ALA J 914 62.57 32.92 5.10
C ALA J 914 63.00 34.34 4.79
N VAL J 915 62.20 35.30 5.27
CA VAL J 915 62.54 36.72 5.21
C VAL J 915 62.74 37.22 6.62
N ASN J 916 63.11 38.49 6.76
CA ASN J 916 63.38 39.11 8.06
C ASN J 916 64.54 38.44 8.79
N LEU J 917 65.44 37.77 8.07
CA LEU J 917 66.55 37.09 8.72
C LEU J 917 67.57 38.09 9.26
N ASP J 918 67.90 39.12 8.49
CA ASP J 918 68.84 40.12 8.96
C ASP J 918 68.26 40.91 10.12
N GLU J 919 66.96 41.17 10.10
CA GLU J 919 66.31 41.82 11.24
C GLU J 919 66.38 40.94 12.48
N LEU J 920 66.22 39.63 12.31
CA LEU J 920 66.36 38.71 13.43
C LEU J 920 67.79 38.72 13.97
N LYS J 921 68.78 38.74 13.08
CA LYS J 921 70.17 38.78 13.53
C LYS J 921 70.47 40.06 14.29
N ASP J 922 69.95 41.19 13.79
CA ASP J 922 70.13 42.46 14.50
C ASP J 922 69.43 42.46 15.85
N ASP J 923 68.25 41.85 15.92
CA ASP J 923 67.47 41.87 17.16
C ASP J 923 68.18 41.09 18.27
N VAL J 924 68.77 39.95 17.95
CA VAL J 924 69.34 39.05 18.94
C VAL J 924 70.84 39.24 19.10
N LYS J 925 71.43 40.27 18.48
CA LYS J 925 72.87 40.42 18.51
C LYS J 925 73.37 40.93 19.86
N ASN J 926 72.59 41.76 20.56
CA ASN J 926 73.05 42.37 21.80
C ASN J 926 72.61 41.61 23.05
N VAL J 927 71.80 40.55 22.91
CA VAL J 927 71.39 39.80 24.08
C VAL J 927 72.57 39.01 24.63
N GLU J 928 72.44 38.60 25.88
CA GLU J 928 73.48 37.84 26.57
C GLU J 928 73.13 36.37 26.52
N VAL J 929 74.05 35.55 26.01
CA VAL J 929 73.83 34.11 25.96
C VAL J 929 74.17 33.53 27.33
N THR J 930 73.19 32.86 27.94
CA THR J 930 73.39 32.22 29.23
C THR J 930 73.81 30.78 29.04
N ASP J 931 74.19 30.14 30.16
CA ASP J 931 74.54 28.72 30.10
C ASP J 931 73.33 27.88 29.74
N GLU J 932 72.16 28.21 30.30
CA GLU J 932 70.94 27.48 29.96
C GLU J 932 70.59 27.63 28.48
N ALA J 933 70.68 28.86 27.96
CA ALA J 933 70.36 29.09 26.56
C ALA J 933 71.35 28.37 25.64
N SER J 934 72.64 28.40 25.98
CA SER J 934 73.64 27.70 25.18
C SER J 934 73.42 26.19 25.20
N GLU J 935 73.07 25.65 26.37
CA GLU J 935 72.79 24.21 26.44
C GLU J 935 71.55 23.84 25.63
N PHE J 936 70.52 24.68 25.68
CA PHE J 936 69.33 24.44 24.87
C PHE J 936 69.67 24.49 23.38
N ALA J 937 70.49 25.46 22.98
CA ALA J 937 70.89 25.55 21.58
C ALA J 937 71.70 24.33 21.15
N LYS J 938 72.57 23.84 22.03
CA LYS J 938 73.32 22.63 21.74
C LYS J 938 72.40 21.44 21.57
N ILE J 939 71.38 21.32 22.43
CA ILE J 939 70.42 20.23 22.31
C ILE J 939 69.64 20.33 21.01
N ILE J 940 69.23 21.55 20.64
CA ILE J 940 68.44 21.74 19.43
C ILE J 940 69.27 21.40 18.19
N ALA J 941 70.51 21.91 18.13
CA ALA J 941 71.33 21.70 16.94
C ALA J 941 71.76 20.25 16.79
N GLY J 942 71.88 19.53 17.89
CA GLY J 942 72.29 18.14 17.84
C GLY J 942 71.21 17.14 17.57
N ALA J 943 69.98 17.60 17.33
CA ALA J 943 68.85 16.71 17.09
C ALA J 943 68.51 16.72 15.61
N LYS J 944 68.36 15.52 15.04
CA LYS J 944 68.02 15.43 13.63
C LYS J 944 66.59 15.88 13.37
N THR J 945 65.66 15.49 14.24
CA THR J 945 64.26 15.90 14.19
C THR J 945 63.86 16.48 15.54
N ALA J 946 62.89 17.39 15.51
CA ALA J 946 62.39 17.98 16.74
C ALA J 946 60.95 18.43 16.56
N MET J 947 60.15 18.20 17.59
CA MET J 947 58.76 18.64 17.65
C MET J 947 58.57 19.43 18.93
N VAL J 948 57.97 20.60 18.82
CA VAL J 948 57.71 21.47 19.96
C VAL J 948 56.25 21.34 20.34
N ILE J 949 55.97 20.80 21.51
CA ILE J 949 54.60 20.71 22.03
C ILE J 949 54.36 21.91 22.92
N VAL J 950 53.38 22.73 22.56
CA VAL J 950 53.11 23.99 23.22
C VAL J 950 51.69 23.94 23.79
N ASP J 951 51.57 24.20 25.08
CA ASP J 951 50.27 24.34 25.72
C ASP J 951 49.79 25.77 25.50
N GLU J 952 48.90 25.96 24.53
CA GLU J 952 48.51 27.31 24.11
C GLU J 952 47.66 28.04 25.15
N GLU J 953 47.15 27.35 26.16
CA GLU J 953 46.37 27.99 27.21
C GLU J 953 47.22 28.39 28.41
N SER J 954 48.53 28.17 28.37
CA SER J 954 49.41 28.64 29.42
C SER J 954 50.70 29.25 28.87
N VAL J 955 50.75 29.55 27.58
CA VAL J 955 51.95 30.01 26.91
C VAL J 955 51.60 31.25 26.09
N SER J 956 52.41 32.29 26.20
CA SER J 956 52.17 33.52 25.45
C SER J 956 52.52 33.32 23.98
N ASP J 957 52.02 34.24 23.15
CA ASP J 957 52.25 34.16 21.71
C ASP J 957 53.68 34.55 21.33
N THR J 958 54.35 35.35 22.15
CA THR J 958 55.76 35.64 21.92
C THR J 958 56.60 34.38 22.05
N THR J 959 56.29 33.53 23.02
CA THR J 959 56.99 32.26 23.17
C THR J 959 56.80 31.38 21.94
N ILE J 960 55.57 31.29 21.44
CA ILE J 960 55.32 30.47 20.26
C ILE J 960 56.02 31.05 19.05
N GLY J 961 56.06 32.37 18.93
CA GLY J 961 56.79 32.98 17.84
C GLY J 961 58.27 32.69 17.88
N GLN J 962 58.87 32.76 19.07
CA GLN J 962 60.31 32.48 19.19
C GLN J 962 60.61 31.01 18.95
N LEU J 963 59.73 30.11 19.41
CA LEU J 963 59.93 28.69 19.12
C LEU J 963 59.80 28.40 17.63
N ALA J 964 58.87 29.08 16.96
CA ALA J 964 58.77 28.96 15.50
C ALA J 964 60.03 29.47 14.82
N ASN J 965 60.59 30.57 15.33
CA ASN J 965 61.85 31.08 14.80
C ASN J 965 62.95 30.04 14.94
N ILE J 966 63.05 29.43 16.12
CA ILE J 966 64.08 28.42 16.36
C ILE J 966 63.89 27.22 15.43
N LEU J 967 62.65 26.79 15.25
CA LEU J 967 62.37 25.66 14.36
C LEU J 967 62.74 25.99 12.92
N THR J 968 62.41 27.22 12.47
CA THR J 968 62.74 27.61 11.10
C THR J 968 64.25 27.71 10.89
N LEU J 969 64.96 28.29 11.84
CA LEU J 969 66.40 28.48 11.68
C LEU J 969 67.14 27.15 11.57
N THR J 970 66.72 26.16 12.34
CA THR J 970 67.35 24.85 12.34
C THR J 970 66.77 23.91 11.30
N GLN J 971 65.89 24.40 10.43
CA GLN J 971 65.29 23.62 9.34
C GLN J 971 64.48 22.45 9.89
N LYS J 972 63.65 22.74 10.88
CA LYS J 972 62.82 21.71 11.51
C LYS J 972 61.34 22.02 11.34
N ILE J 973 60.94 22.38 10.13
CA ILE J 973 59.54 22.68 9.83
C ILE J 973 59.25 22.18 8.43
N GLY J 974 58.02 21.70 8.23
CA GLY J 974 57.61 21.19 6.93
C GLY J 974 58.14 19.81 6.58
N ARG J 975 58.65 19.07 7.55
CA ARG J 975 59.23 17.75 7.37
C ARG J 975 58.56 16.78 8.33
N PRO J 976 58.59 15.49 8.03
CA PRO J 976 58.12 14.50 9.01
C PRO J 976 58.90 14.59 10.31
N ARG J 977 58.19 14.45 11.43
CA ARG J 977 58.71 14.43 12.79
C ARG J 977 59.34 15.74 13.22
N CYS J 978 59.25 16.80 12.42
CA CYS J 978 59.78 18.10 12.77
C CYS J 978 58.65 19.12 12.66
N GLY J 979 58.38 19.84 13.74
CA GLY J 979 57.36 20.87 13.64
C GLY J 979 56.91 21.34 15.02
N ILE J 980 55.75 21.97 15.05
CA ILE J 980 55.17 22.52 16.26
C ILE J 980 53.72 22.06 16.37
N ILE J 981 53.34 21.60 17.55
CA ILE J 981 51.98 21.17 17.85
C ILE J 981 51.49 21.99 19.02
N LYS J 982 50.39 22.72 18.82
CA LYS J 982 49.75 23.46 19.88
C LYS J 982 48.57 22.66 20.40
N VAL J 983 48.59 22.29 21.68
CA VAL J 983 47.44 21.63 22.29
C VAL J 983 46.45 22.72 22.67
N THR J 984 45.32 22.77 21.96
CA THR J 984 44.34 23.82 22.18
C THR J 984 43.56 23.58 23.47
N GLY J 985 43.05 24.67 24.04
CA GLY J 985 42.41 24.61 25.34
C GLY J 985 41.01 24.04 25.35
N LEU J 986 40.34 24.01 24.20
CA LEU J 986 38.98 23.47 24.12
C LEU J 986 38.91 22.49 22.97
N GLY J 987 37.75 21.85 22.85
CA GLY J 987 37.62 20.71 21.94
C GLY J 987 37.77 21.09 20.48
N ASN J 988 37.17 22.20 20.07
CA ASN J 988 37.14 22.62 18.67
C ASN J 988 37.65 24.04 18.53
N THR J 989 38.79 24.33 19.17
CA THR J 989 39.45 25.62 18.98
C THR J 989 39.96 25.78 17.56
N GLN J 990 40.63 24.73 17.04
CA GLN J 990 41.15 24.79 15.69
C GLN J 990 40.05 24.88 14.66
N GLY J 991 38.97 24.12 14.84
CA GLY J 991 37.86 24.19 13.90
C GLY J 991 37.17 25.54 13.92
N ALA J 992 37.03 26.12 15.12
CA ALA J 992 36.45 27.46 15.24
C ALA J 992 37.31 28.50 14.56
N TRP J 993 38.65 28.40 14.72
CA TRP J 993 39.53 29.31 14.01
C TRP J 993 39.43 29.14 12.51
N ASP J 994 39.37 27.90 12.04
CA ASP J 994 39.28 27.64 10.60
C ASP J 994 37.99 28.16 10.01
N MET J 995 36.89 28.07 10.76
CA MET J 995 35.59 28.49 10.23
C MET J 995 35.42 30.00 10.20
N GLY J 996 36.33 30.76 10.79
CA GLY J 996 36.27 32.21 10.73
C GLY J 996 36.00 32.92 12.04
N ILE J 997 36.05 32.21 13.17
CA ILE J 997 35.86 32.83 14.49
C ILE J 997 37.26 33.15 15.00
N ARG J 998 37.73 34.36 14.71
CA ARG J 998 39.14 34.69 14.86
C ARG J 998 39.39 35.97 15.65
N MET J 999 38.41 36.43 16.42
CA MET J 999 38.57 37.64 17.23
C MET J 999 38.79 37.25 18.68
N SER J 1000 39.65 38.00 19.36
CA SER J 1000 40.04 37.67 20.72
C SER J 1000 39.22 38.47 21.73
N LYS J 1001 39.38 38.11 23.00
CA LYS J 1001 38.65 38.80 24.07
C LYS J 1001 39.06 40.26 24.15
N GLU J 1002 40.36 40.54 24.01
CA GLU J 1002 40.83 41.91 24.13
C GLU J 1002 40.25 42.81 23.06
N GLY J 1003 40.18 42.33 21.82
CA GLY J 1003 39.60 43.13 20.75
C GLY J 1003 38.12 43.41 20.95
N ILE J 1004 37.36 42.39 21.34
CA ILE J 1004 35.92 42.56 21.57
C ILE J 1004 35.68 43.54 22.72
N VAL J 1005 36.44 43.40 23.80
CA VAL J 1005 36.26 44.28 24.96
C VAL J 1005 36.67 45.70 24.60
N LYS J 1006 37.72 45.86 23.79
CA LYS J 1006 38.12 47.18 23.34
C LYS J 1006 37.02 47.82 22.50
N LEU J 1007 36.37 47.04 21.64
CA LEU J 1007 35.26 47.57 20.84
C LEU J 1007 34.09 47.96 21.73
N ILE J 1008 33.78 47.14 22.74
CA ILE J 1008 32.66 47.46 23.63
C ILE J 1008 32.96 48.73 24.41
N ASN J 1009 34.18 48.86 24.93
CA ASN J 1009 34.54 50.01 25.74
C ASN J 1009 34.59 51.31 24.94
N GLU J 1010 34.73 51.23 23.62
CA GLU J 1010 34.75 52.41 22.78
C GLU J 1010 33.38 52.77 22.24
N GLY J 1011 32.34 52.05 22.63
CA GLY J 1011 30.99 52.32 22.18
C GLY J 1011 30.67 51.86 20.78
N LYS J 1012 31.54 51.05 20.16
CA LYS J 1012 31.28 50.61 18.79
C LYS J 1012 30.38 49.38 18.77
N VAL J 1013 30.47 48.52 19.78
CA VAL J 1013 29.68 47.30 19.87
C VAL J 1013 28.63 47.51 20.95
N LYS J 1014 27.37 47.28 20.60
CA LYS J 1014 26.26 47.55 21.50
C LYS J 1014 25.43 46.32 21.86
N ALA J 1015 25.55 45.23 21.12
CA ALA J 1015 24.83 44.00 21.42
C ALA J 1015 25.79 42.83 21.35
N ALA J 1016 25.52 41.80 22.14
CA ALA J 1016 26.34 40.60 22.18
C ALA J 1016 25.44 39.38 22.10
N PHE J 1017 25.78 38.47 21.20
CA PHE J 1017 25.17 37.15 21.13
C PHE J 1017 26.21 36.16 21.64
N ILE J 1018 26.03 35.71 22.88
CA ILE J 1018 27.00 34.88 23.58
C ILE J 1018 26.52 33.45 23.54
N VAL J 1019 27.35 32.55 23.04
CA VAL J 1019 26.98 31.15 22.85
C VAL J 1019 27.82 30.31 23.82
N SER J 1020 27.22 29.93 24.94
CA SER J 1020 27.80 28.98 25.90
C SER J 1020 29.13 29.48 26.45
N GLU J 1021 29.15 30.75 26.85
CA GLU J 1021 30.28 31.32 27.57
C GLU J 1021 29.75 32.01 28.83
N ASP J 1022 30.65 32.19 29.79
CA ASP J 1022 30.31 32.75 31.10
C ASP J 1022 31.25 33.90 31.44
N PRO J 1023 31.13 35.03 30.75
CA PRO J 1023 31.98 36.18 31.09
C PRO J 1023 31.77 36.69 32.50
N GLN J 1024 30.54 36.61 33.02
CA GLN J 1024 30.26 37.16 34.35
C GLN J 1024 30.90 36.33 35.45
N ALA J 1025 31.03 35.01 35.25
CA ALA J 1025 31.62 34.14 36.25
C ALA J 1025 33.14 34.02 36.11
N ALA J 1026 33.62 33.85 34.88
CA ALA J 1026 35.05 33.67 34.66
C ALA J 1026 35.86 34.95 34.89
N ASP J 1027 35.20 36.10 35.02
CA ASP J 1027 35.91 37.36 35.21
C ASP J 1027 34.99 38.31 35.96
N LYS J 1028 35.58 39.11 36.86
CA LYS J 1028 34.82 40.10 37.61
C LYS J 1028 34.83 41.47 36.96
N ASN J 1029 35.85 41.78 36.15
CA ASN J 1029 35.88 43.05 35.46
C ASN J 1029 34.87 43.11 34.33
N LEU J 1030 34.60 41.98 33.68
CA LEU J 1030 33.69 41.97 32.54
C LEU J 1030 32.27 42.35 32.92
N GLY J 1031 31.92 42.26 34.20
CA GLY J 1031 30.62 42.74 34.63
C GLY J 1031 30.44 44.22 34.39
N GLU J 1032 31.53 44.98 34.37
CA GLU J 1032 31.47 46.37 33.94
C GLU J 1032 31.39 46.50 32.43
N VAL J 1033 32.04 45.59 31.70
CA VAL J 1033 31.98 45.63 30.23
C VAL J 1033 30.60 45.23 29.74
N LEU J 1034 30.00 44.22 30.36
CA LEU J 1034 28.66 43.77 29.97
C LEU J 1034 27.61 44.82 30.28
N ASP J 1035 27.90 45.79 31.13
CA ASP J 1035 26.94 46.85 31.43
C ASP J 1035 26.76 47.79 30.24
N LYS J 1036 27.80 47.98 29.43
CA LYS J 1036 27.71 48.90 28.30
C LYS J 1036 26.82 48.36 27.19
N LEU J 1037 26.53 47.07 27.19
CA LEU J 1037 25.68 46.50 26.15
C LEU J 1037 24.24 46.93 26.34
N GLU J 1038 23.55 47.18 25.23
CA GLU J 1038 22.13 47.46 25.25
C GLU J 1038 21.29 46.20 25.11
N CYS J 1039 21.78 45.21 24.38
CA CYS J 1039 21.09 43.95 24.17
C CYS J 1039 22.06 42.80 24.44
N LEU J 1040 21.62 41.83 25.22
CA LEU J 1040 22.41 40.65 25.55
C LEU J 1040 21.58 39.41 25.25
N ILE J 1041 22.01 38.63 24.26
CA ILE J 1041 21.38 37.35 23.94
C ILE J 1041 22.37 36.27 24.35
N VAL J 1042 21.92 35.35 25.19
CA VAL J 1042 22.78 34.31 25.76
C VAL J 1042 22.20 32.95 25.43
N ALA J 1043 23.00 32.09 24.81
CA ALA J 1043 22.66 30.69 24.58
C ALA J 1043 23.58 29.84 25.43
N ASP J 1044 23.01 29.00 26.28
CA ASP J 1044 23.84 28.24 27.21
C ASP J 1044 23.10 26.99 27.67
N VAL J 1045 23.87 26.04 28.20
CA VAL J 1045 23.30 24.82 28.74
C VAL J 1045 22.72 25.05 30.13
N PHE J 1046 23.24 26.04 30.87
CA PHE J 1046 22.74 26.38 32.18
C PHE J 1046 22.40 27.87 32.21
N LEU J 1047 21.51 28.24 33.14
CA LEU J 1047 21.23 29.64 33.41
C LEU J 1047 22.34 30.16 34.33
N THR J 1048 23.29 30.87 33.75
CA THR J 1048 24.48 31.32 34.45
C THR J 1048 24.31 32.78 34.87
N GLU J 1049 25.36 33.32 35.48
CA GLU J 1049 25.33 34.72 35.92
C GLU J 1049 25.28 35.67 34.74
N THR J 1050 25.93 35.34 33.63
CA THR J 1050 25.83 36.19 32.44
C THR J 1050 24.48 36.01 31.75
N GLY J 1051 23.87 34.83 31.87
CA GLY J 1051 22.55 34.62 31.31
C GLY J 1051 21.42 35.16 32.15
N LYS J 1052 21.69 35.47 33.42
CA LYS J 1052 20.67 36.07 34.27
C LYS J 1052 20.49 37.56 34.01
N ARG J 1053 21.43 38.18 33.31
CA ARG J 1053 21.32 39.58 32.91
C ARG J 1053 21.06 39.72 31.41
N ALA J 1054 20.70 38.64 30.73
CA ALA J 1054 20.44 38.67 29.31
C ALA J 1054 18.98 39.00 29.03
N ASP J 1055 18.73 39.58 27.85
CA ASP J 1055 17.36 39.83 27.43
C ASP J 1055 16.67 38.55 27.00
N VAL J 1056 17.37 37.70 26.25
CA VAL J 1056 16.85 36.42 25.78
C VAL J 1056 17.85 35.34 26.13
N VAL J 1057 17.37 34.25 26.72
CA VAL J 1057 18.20 33.09 27.04
C VAL J 1057 17.70 31.92 26.22
N LEU J 1058 18.58 31.35 25.40
CA LEU J 1058 18.24 30.23 24.52
C LEU J 1058 18.92 28.97 25.04
N PRO J 1059 18.18 27.92 25.35
CA PRO J 1059 18.82 26.70 25.86
C PRO J 1059 19.71 26.05 24.82
N LEU J 1060 20.75 25.38 25.31
CA LEU J 1060 21.63 24.57 24.49
C LEU J 1060 21.67 23.16 25.06
N VAL J 1061 21.96 22.20 24.20
CA VAL J 1061 22.07 20.81 24.62
C VAL J 1061 23.54 20.46 24.77
N SER J 1062 23.80 19.32 25.39
CA SER J 1062 25.17 18.87 25.58
C SER J 1062 25.77 18.37 24.27
N HIS J 1063 27.07 18.11 24.29
CA HIS J 1063 27.76 17.68 23.08
C HIS J 1063 27.48 16.22 22.73
N VAL J 1064 26.95 15.43 23.68
CA VAL J 1064 26.56 14.07 23.36
C VAL J 1064 25.19 13.99 22.69
N GLU J 1065 24.44 15.08 22.70
CA GLU J 1065 23.20 15.20 21.95
C GLU J 1065 23.40 15.89 20.62
N SER J 1066 24.65 16.14 20.23
CA SER J 1066 24.98 16.85 19.01
C SER J 1066 25.75 15.94 18.07
N THR J 1067 25.52 16.10 16.78
CA THR J 1067 26.24 15.39 15.73
C THR J 1067 26.98 16.40 14.88
N GLY J 1068 28.22 16.09 14.54
CA GLY J 1068 28.98 17.03 13.72
C GLY J 1068 30.42 16.63 13.62
N THR J 1069 31.28 17.62 13.36
CA THR J 1069 32.71 17.40 13.28
C THR J 1069 33.43 18.37 14.20
N VAL J 1070 34.52 17.91 14.78
CA VAL J 1070 35.39 18.72 15.62
C VAL J 1070 36.83 18.53 15.15
N THR J 1071 37.58 19.62 15.09
CA THR J 1071 38.96 19.57 14.65
C THR J 1071 39.87 19.41 15.85
N ARG J 1072 40.73 18.39 15.82
CA ARG J 1072 41.70 18.17 16.88
C ARG J 1072 42.75 19.27 16.88
N ALA J 1073 43.53 19.33 17.97
CA ALA J 1073 44.58 20.34 18.07
C ALA J 1073 45.64 20.15 17.00
N ASP J 1074 45.89 18.91 16.58
CA ASP J 1074 46.85 18.62 15.53
C ASP J 1074 46.26 18.74 14.13
N GLY J 1075 44.98 19.06 14.02
CA GLY J 1075 44.34 19.28 12.73
C GLY J 1075 43.43 18.17 12.28
N LYS J 1076 43.44 17.02 12.95
CA LYS J 1076 42.58 15.92 12.57
C LYS J 1076 41.11 16.28 12.82
N ILE J 1077 40.24 15.75 11.96
CA ILE J 1077 38.81 15.98 12.04
C ILE J 1077 38.15 14.70 12.53
N GLN J 1078 37.40 14.80 13.62
CA GLN J 1078 36.70 13.67 14.19
C GLN J 1078 35.21 13.95 14.22
N ASN J 1079 34.42 12.89 14.39
CA ASN J 1079 32.98 12.97 14.32
C ASN J 1079 32.38 12.94 15.72
N LEU J 1080 31.56 13.93 16.03
CA LEU J 1080 30.70 13.91 17.20
C LEU J 1080 29.46 13.11 16.86
N ASN J 1081 29.36 11.90 17.40
CA ASN J 1081 28.22 11.03 17.20
C ASN J 1081 27.16 11.31 18.26
N LEU J 1082 25.91 11.07 17.90
CA LEU J 1082 24.80 11.30 18.81
C LEU J 1082 24.70 10.14 19.79
N VAL J 1083 24.80 10.44 21.08
CA VAL J 1083 24.64 9.45 22.13
C VAL J 1083 23.23 9.47 22.71
N LEU J 1084 22.68 10.66 22.93
CA LEU J 1084 21.34 10.84 23.46
C LEU J 1084 20.58 11.80 22.56
N LYS J 1085 19.28 11.57 22.44
CA LYS J 1085 18.43 12.52 21.73
C LYS J 1085 18.31 13.80 22.54
N PRO J 1086 18.26 14.97 21.88
CA PRO J 1086 18.20 16.23 22.62
C PRO J 1086 17.01 16.27 23.56
N LYS J 1087 17.24 16.78 24.78
CA LYS J 1087 16.24 16.71 25.83
C LYS J 1087 15.10 17.70 25.65
N ASN J 1088 15.27 18.72 24.82
CA ASN J 1088 14.20 19.64 24.48
C ASN J 1088 13.74 19.45 23.03
N GLY J 1089 14.24 18.44 22.35
CA GLY J 1089 13.88 18.18 20.97
C GLY J 1089 14.67 18.95 19.94
N LEU J 1090 15.53 19.86 20.36
CA LEU J 1090 16.30 20.71 19.46
C LEU J 1090 17.79 20.56 19.76
N SER J 1091 18.57 20.30 18.72
CA SER J 1091 20.02 20.33 18.88
C SER J 1091 20.51 21.77 18.75
N ASN J 1092 21.81 21.95 19.04
CA ASN J 1092 22.40 23.29 18.90
C ASN J 1092 22.38 23.75 17.46
N LEU J 1093 22.70 22.86 16.52
CA LEU J 1093 22.62 23.20 15.11
C LEU J 1093 21.18 23.48 14.69
N ASP J 1094 20.22 22.73 15.25
CA ASP J 1094 18.82 22.97 14.92
C ASP J 1094 18.36 24.34 15.39
N LEU J 1095 18.74 24.72 16.61
CA LEU J 1095 18.38 26.04 17.12
C LEU J 1095 19.01 27.15 16.30
N LEU J 1096 20.31 27.01 15.99
CA LEU J 1096 20.97 28.01 15.18
C LEU J 1096 20.41 28.06 13.77
N LEU J 1097 19.95 26.92 13.24
CA LEU J 1097 19.36 26.90 11.91
C LEU J 1097 17.98 27.55 11.89
N LYS J 1098 17.20 27.40 12.97
CA LYS J 1098 15.96 28.15 13.07
C LYS J 1098 16.23 29.65 13.12
N LEU J 1099 17.20 30.06 13.93
CA LEU J 1099 17.57 31.48 13.96
C LEU J 1099 18.09 31.96 12.61
N ALA J 1100 18.74 31.08 11.85
CA ALA J 1100 19.25 31.46 10.54
C ALA J 1100 18.12 31.57 9.52
N GLU J 1101 17.17 30.63 9.55
CA GLU J 1101 16.02 30.70 8.66
C GLU J 1101 15.17 31.93 8.97
N LEU J 1102 15.23 32.45 10.19
CA LEU J 1102 14.64 33.75 10.45
C LEU J 1102 15.34 34.87 9.67
N PHE J 1103 16.58 34.66 9.25
CA PHE J 1103 17.36 35.66 8.51
C PHE J 1103 17.50 35.31 7.04
N GLY J 1104 16.71 34.39 6.53
CA GLY J 1104 16.73 34.07 5.13
C GLY J 1104 17.86 33.16 4.68
N LEU J 1105 18.51 32.46 5.61
CA LEU J 1105 19.59 31.55 5.29
C LEU J 1105 19.07 30.12 5.24
N GLN J 1106 19.43 29.40 4.18
CA GLN J 1106 18.98 28.03 3.97
C GLN J 1106 20.18 27.10 4.08
N TYR J 1107 20.25 26.34 5.16
CA TYR J 1107 21.38 25.45 5.40
C TYR J 1107 20.90 24.22 6.14
N ASN J 1108 21.72 23.18 6.10
CA ASN J 1108 21.53 21.97 6.88
C ASN J 1108 22.91 21.45 7.28
N LEU J 1109 22.92 20.31 7.96
CA LEU J 1109 24.19 19.73 8.40
C LEU J 1109 25.07 19.35 7.21
N GLU J 1110 24.47 18.77 6.17
CA GLU J 1110 25.25 18.32 5.02
C GLU J 1110 25.80 19.49 4.21
N LYS J 1111 24.96 20.51 3.97
CA LYS J 1111 25.43 21.69 3.24
C LYS J 1111 26.54 22.40 3.99
N LEU J 1112 26.39 22.54 5.30
CA LEU J 1112 27.43 23.18 6.10
C LEU J 1112 28.70 22.35 6.11
N ASN J 1113 28.58 21.02 6.14
CA ASN J 1113 29.76 20.18 6.09
C ASN J 1113 30.49 20.31 4.76
N ARG J 1114 29.74 20.38 3.66
CA ARG J 1114 30.36 20.58 2.36
C ARG J 1114 31.08 21.92 2.29
N GLU J 1115 30.45 22.97 2.82
CA GLU J 1115 31.11 24.28 2.87
C GLU J 1115 32.36 24.25 3.74
N MET J 1116 32.32 23.51 4.86
CA MET J 1116 33.48 23.40 5.74
C MET J 1116 34.63 22.70 5.03
N VAL J 1117 34.34 21.63 4.30
CA VAL J 1117 35.37 20.91 3.55
C VAL J 1117 35.96 21.82 2.48
N GLU J 1118 35.11 22.57 1.77
CA GLU J 1118 35.61 23.52 0.77
C GLU J 1118 36.52 24.56 1.41
N LEU J 1119 36.11 25.09 2.57
CA LEU J 1119 36.92 26.08 3.26
C LEU J 1119 38.29 25.51 3.66
N LEU J 1120 38.31 24.29 4.18
CA LEU J 1120 39.57 23.68 4.57
C LEU J 1120 40.47 23.43 3.36
N GLN J 1121 39.88 23.01 2.24
CA GLN J 1121 40.66 22.83 1.02
C GLN J 1121 41.24 24.15 0.52
N ASN J 1122 40.47 25.23 0.63
CA ASN J 1122 40.94 26.53 0.17
C ASN J 1122 42.12 27.04 0.98
N GLU J 1123 42.27 26.61 2.22
CA GLU J 1123 43.43 26.96 3.03
C GLU J 1123 44.53 25.92 2.98
N ASN J 1124 44.36 24.87 2.16
CA ASN J 1124 45.35 23.80 2.03
C ASN J 1124 45.62 23.13 3.37
N LYS J 1125 44.57 23.00 4.18
CA LYS J 1125 44.68 22.44 5.52
C LYS J 1125 43.83 21.19 5.68
N TYR J 1126 43.39 20.59 4.57
CA TYR J 1126 42.44 19.48 4.61
C TYR J 1126 43.18 18.17 4.39
N ASN J 1127 43.03 17.26 5.35
CA ASN J 1127 43.61 15.91 5.28
C ASN J 1127 45.12 15.95 5.07
N GLN J 1128 45.78 16.89 5.73
CA GLN J 1128 47.23 17.06 5.63
C GLN J 1128 47.81 16.86 7.02
N GLN J 1129 48.48 15.73 7.23
CA GLN J 1129 49.07 15.47 8.54
C GLN J 1129 50.28 16.36 8.79
N ILE J 1130 51.01 16.73 7.75
CA ILE J 1130 52.15 17.63 7.86
C ILE J 1130 51.88 18.85 6.98
N LEU J 1131 52.09 20.03 7.54
CA LEU J 1131 51.82 21.29 6.86
C LEU J 1131 53.09 21.86 6.24
N TYR J 1132 52.91 22.66 5.20
CA TYR J 1132 54.00 23.37 4.52
C TYR J 1132 55.04 22.41 3.96
N THR J 1133 54.58 21.25 3.47
CA THR J 1133 55.48 20.31 2.83
C THR J 1133 55.96 20.82 1.48
N GLU J 1134 55.12 21.55 0.77
CA GLU J 1134 55.52 22.22 -0.47
C GLU J 1134 56.02 23.63 -0.21
N GLY J 1135 55.22 24.45 0.46
CA GLY J 1135 55.61 25.80 0.80
C GLY J 1135 54.66 26.36 1.83
N PHE J 1136 55.04 27.50 2.38
CA PHE J 1136 54.28 28.08 3.47
C PHE J 1136 53.09 28.87 2.93
N ALA J 1137 52.14 29.15 3.81
CA ALA J 1137 50.87 29.75 3.45
C ALA J 1137 50.92 31.27 3.39
N THR J 1138 52.08 31.87 3.64
CA THR J 1138 52.22 33.30 3.55
C THR J 1138 52.08 33.75 2.09
N PRO J 1139 51.73 35.02 1.86
CA PRO J 1139 51.48 35.47 0.48
C PRO J 1139 52.67 35.25 -0.46
N ASP J 1140 53.89 35.36 0.04
CA ASP J 1140 55.08 35.09 -0.75
C ASP J 1140 55.62 33.67 -0.55
N LYS J 1141 54.89 32.84 0.19
CA LYS J 1141 55.28 31.45 0.44
C LYS J 1141 56.65 31.37 1.11
N THR J 1142 56.90 32.28 2.04
CA THR J 1142 58.15 32.31 2.79
C THR J 1142 57.84 32.52 4.27
N VAL J 1143 58.77 32.09 5.12
CA VAL J 1143 58.61 32.28 6.55
C VAL J 1143 58.85 33.75 6.90
N HIS J 1144 57.92 34.33 7.63
CA HIS J 1144 58.06 35.69 8.13
C HIS J 1144 58.56 35.58 9.57
N LEU J 1145 59.88 35.66 9.73
CA LEU J 1145 60.48 35.43 11.03
C LEU J 1145 59.99 36.44 12.05
N PHE J 1146 59.80 35.97 13.28
CA PHE J 1146 59.15 36.74 14.32
C PHE J 1146 60.17 37.64 15.01
N VAL J 1147 60.03 38.95 14.84
CA VAL J 1147 60.87 39.93 15.50
C VAL J 1147 59.98 40.77 16.41
N SER J 1148 60.25 40.73 17.71
CA SER J 1148 59.44 41.46 18.66
C SER J 1148 60.23 41.63 19.95
N LYS J 1149 59.77 42.55 20.79
CA LYS J 1149 60.40 42.80 22.08
C LYS J 1149 60.10 41.65 23.05
N ASP J 1150 60.90 41.58 24.11
CA ASP J 1150 60.74 40.52 25.10
C ASP J 1150 59.43 40.69 25.86
N ALA J 1151 58.78 39.58 26.14
CA ALA J 1151 57.48 39.52 26.78
C ALA J 1151 57.50 38.39 27.80
N PRO J 1152 56.57 38.39 28.74
CA PRO J 1152 56.44 37.23 29.64
C PRO J 1152 56.20 35.96 28.84
N ALA J 1153 56.84 34.88 29.27
CA ALA J 1153 56.81 33.63 28.50
C ALA J 1153 55.49 32.89 28.66
N PHE J 1154 54.86 32.98 29.82
CA PHE J 1154 53.68 32.20 30.12
C PHE J 1154 52.58 33.09 30.68
N VAL J 1155 51.34 32.72 30.41
CA VAL J 1155 50.17 33.47 30.84
C VAL J 1155 49.25 32.54 31.61
N GLU J 1156 48.48 33.12 32.52
CA GLU J 1156 47.46 32.39 33.27
C GLU J 1156 46.13 33.07 32.99
N LYS J 1157 45.23 32.34 32.34
CA LYS J 1157 43.94 32.89 31.93
C LYS J 1157 42.82 31.98 32.44
N ALA J 1158 41.65 32.59 32.58
CA ALA J 1158 40.48 31.85 33.03
C ALA J 1158 39.86 31.08 31.87
N VAL J 1159 38.96 30.16 32.20
CA VAL J 1159 38.18 29.42 31.22
C VAL J 1159 36.81 30.09 31.12
N PHE J 1160 36.44 30.49 29.91
CA PHE J 1160 35.17 31.16 29.70
C PHE J 1160 34.07 30.23 29.20
N ASP J 1161 34.43 29.05 28.71
CA ASP J 1161 33.43 28.05 28.39
C ASP J 1161 32.65 27.67 29.65
N THR J 1162 31.32 27.65 29.53
CA THR J 1162 30.48 27.51 30.72
C THR J 1162 30.69 26.17 31.40
N VAL J 1163 30.66 25.09 30.62
CA VAL J 1163 30.69 23.74 31.20
C VAL J 1163 32.06 23.43 31.78
N LYS J 1164 33.13 23.74 31.06
CA LYS J 1164 34.46 23.47 31.56
C LYS J 1164 34.77 24.32 32.79
N ASN J 1165 34.34 25.59 32.78
CA ASN J 1165 34.50 26.43 33.95
C ASN J 1165 33.75 25.87 35.14
N ARG J 1166 32.52 25.40 34.92
CA ARG J 1166 31.74 24.81 36.01
C ARG J 1166 32.42 23.57 36.57
N PHE J 1167 32.94 22.71 35.71
CA PHE J 1167 33.59 21.49 36.19
C PHE J 1167 34.90 21.81 36.92
N GLU J 1168 35.65 22.80 36.43
CA GLU J 1168 36.88 23.19 37.13
C GLU J 1168 36.57 23.76 38.50
N LYS J 1169 35.52 24.58 38.61
CA LYS J 1169 35.09 25.07 39.91
C LYS J 1169 34.66 23.93 40.82
N TYR J 1170 33.96 22.94 40.26
CA TYR J 1170 33.55 21.79 41.06
C TYR J 1170 34.74 21.01 41.58
N LEU J 1171 35.76 20.82 40.74
CA LEU J 1171 36.96 20.13 41.17
C LEU J 1171 37.69 20.91 42.25
N GLN J 1172 37.76 22.24 42.10
CA GLN J 1172 38.38 23.06 43.13
C GLN J 1172 37.62 22.96 44.45
N ASP J 1173 36.29 22.96 44.39
CA ASP J 1173 35.49 22.88 45.62
C ASP J 1173 35.70 21.57 46.34
N LYS J 1174 35.92 20.48 45.60
CA LYS J 1174 36.18 19.18 46.19
C LYS J 1174 37.67 18.94 46.43
N HIS J 1175 38.50 19.95 46.18
CA HIS J 1175 39.95 19.87 46.42
C HIS J 1175 40.59 18.76 45.61
N LEU J 1176 40.15 18.59 44.37
CA LEU J 1176 40.70 17.61 43.47
C LEU J 1176 41.67 18.26 42.49
N LYS J 1177 42.53 17.44 41.92
CA LYS J 1177 43.42 17.86 40.84
C LYS J 1177 43.00 17.19 39.55
N TYR J 1178 43.65 17.59 38.46
CA TYR J 1178 43.34 17.01 37.16
C TYR J 1178 44.58 17.03 36.26
N MET K 1 104.35 -16.99 71.70
CA MET K 1 103.07 -17.33 72.32
C MET K 1 101.98 -16.35 71.92
N LYS K 2 100.83 -16.89 71.52
CA LYS K 2 99.69 -16.08 71.12
C LYS K 2 98.43 -16.64 71.76
N ILE K 3 97.44 -15.77 71.98
CA ILE K 3 96.16 -16.18 72.52
C ILE K 3 95.08 -15.75 71.55
N ARG K 4 94.19 -16.67 71.18
CA ARG K 4 93.07 -16.39 70.30
C ARG K 4 91.77 -16.75 71.00
N VAL K 5 90.77 -15.89 70.87
CA VAL K 5 89.47 -16.12 71.47
C VAL K 5 88.43 -16.16 70.36
N GLY K 6 87.49 -17.09 70.47
CA GLY K 6 86.54 -17.28 69.40
C GLY K 6 85.39 -16.31 69.42
N LEU K 7 85.43 -15.30 68.54
CA LEU K 7 84.35 -14.33 68.41
C LEU K 7 83.66 -14.53 67.07
N GLY K 8 82.67 -15.41 67.07
CA GLY K 8 81.70 -15.49 66.00
C GLY K 8 80.37 -14.90 66.42
N SER K 9 79.33 -15.25 65.67
CA SER K 9 77.98 -14.96 66.13
C SER K 9 77.68 -15.75 67.40
N CYS K 10 78.11 -17.01 67.45
CA CYS K 10 77.94 -17.82 68.64
C CYS K 10 78.96 -17.48 69.73
N GLY K 11 80.18 -17.14 69.34
CA GLY K 11 81.22 -16.89 70.33
C GLY K 11 80.92 -15.69 71.21
N MET K 12 80.49 -14.58 70.60
CA MET K 12 80.11 -13.42 71.38
C MET K 12 78.83 -13.64 72.17
N ALA K 13 78.04 -14.65 71.80
CA ALA K 13 76.82 -14.98 72.53
C ALA K 13 77.06 -15.97 73.65
N ALA K 14 78.26 -16.53 73.76
CA ALA K 14 78.61 -17.45 74.84
C ALA K 14 79.50 -16.80 75.88
N GLY K 15 79.72 -15.49 75.80
CA GLY K 15 80.57 -14.80 76.75
C GLY K 15 82.01 -14.61 76.30
N GLY K 16 82.30 -14.83 75.02
CA GLY K 16 83.68 -14.70 74.55
C GLY K 16 84.25 -13.30 74.70
N ASN K 17 83.40 -12.27 74.52
CA ASN K 17 83.86 -10.90 74.65
C ASN K 17 84.36 -10.63 76.07
N LYS K 18 83.59 -11.05 77.07
CA LYS K 18 84.03 -10.90 78.45
C LYS K 18 85.27 -11.73 78.74
N VAL K 19 85.38 -12.91 78.13
CA VAL K 19 86.57 -13.75 78.32
C VAL K 19 87.81 -13.03 77.81
N MET K 20 87.72 -12.44 76.61
CA MET K 20 88.88 -11.73 76.08
C MET K 20 89.19 -10.47 76.89
N GLU K 21 88.16 -9.77 77.37
CA GLU K 21 88.41 -8.60 78.20
C GLU K 21 89.14 -9.00 79.48
N CYS K 22 88.71 -10.09 80.11
CA CYS K 22 89.38 -10.57 81.31
C CYS K 22 90.81 -11.01 81.00
N ILE K 23 91.01 -11.65 79.85
CA ILE K 23 92.35 -12.08 79.46
C ILE K 23 93.28 -10.88 79.31
N GLN K 24 92.81 -9.84 78.62
CA GLN K 24 93.62 -8.63 78.44
C GLN K 24 93.90 -7.96 79.78
N GLN K 25 92.89 -7.88 80.65
CA GLN K 25 93.11 -7.26 81.95
C GLN K 25 94.14 -8.03 82.78
N GLU K 26 94.04 -9.36 82.76
CA GLU K 26 94.99 -10.18 83.51
C GLU K 26 96.40 -10.04 82.95
N LEU K 27 96.53 -10.02 81.62
CA LEU K 27 97.84 -9.86 81.01
C LEU K 27 98.44 -8.51 81.34
N ARG K 28 97.63 -7.45 81.31
CA ARG K 28 98.12 -6.12 81.65
C ARG K 28 98.53 -6.03 83.12
N SER K 29 97.71 -6.58 84.02
CA SER K 29 98.03 -6.51 85.44
C SER K 29 99.27 -7.34 85.78
N ARG K 30 99.46 -8.47 85.10
CA ARG K 30 100.64 -9.30 85.31
C ARG K 30 101.87 -8.75 84.61
N ASN K 31 101.74 -7.67 83.84
CA ASN K 31 102.84 -7.08 83.09
C ASN K 31 103.43 -8.10 82.11
N LEU K 32 102.58 -8.53 81.17
CA LEU K 32 102.96 -9.49 80.15
C LEU K 32 102.63 -8.92 78.78
N ASP K 33 103.41 -9.34 77.78
CA ASP K 33 103.26 -8.88 76.40
C ASP K 33 103.01 -10.10 75.53
N ILE K 34 101.75 -10.50 75.41
CA ILE K 34 101.35 -11.64 74.59
C ILE K 34 100.23 -11.19 73.66
N PRO K 35 100.35 -11.39 72.35
CA PRO K 35 99.28 -10.98 71.44
C PRO K 35 97.97 -11.69 71.75
N VAL K 36 96.87 -10.93 71.69
CA VAL K 36 95.52 -11.43 71.89
C VAL K 36 94.72 -11.09 70.65
N GLU K 37 94.04 -12.09 70.09
CA GLU K 37 93.38 -11.94 68.81
C GLU K 37 91.98 -12.53 68.86
N PRO K 38 91.07 -12.05 68.00
CA PRO K 38 89.81 -12.73 67.80
C PRO K 38 89.88 -13.72 66.64
N THR K 39 88.96 -14.68 66.66
CA THR K 39 88.89 -15.69 65.61
C THR K 39 87.46 -16.16 65.47
N GLY K 40 87.17 -16.79 64.35
CA GLY K 40 85.83 -17.23 64.04
C GLY K 40 85.48 -18.55 64.71
N CYS K 41 84.38 -19.14 64.26
CA CYS K 41 83.88 -20.39 64.80
C CYS K 41 84.59 -21.55 64.12
N ILE K 42 85.34 -22.34 64.91
CA ILE K 42 86.03 -23.49 64.35
C ILE K 42 85.06 -24.62 64.03
N GLY K 43 83.84 -24.57 64.56
CA GLY K 43 82.85 -25.61 64.37
C GLY K 43 82.38 -26.25 65.66
N LEU K 44 83.18 -26.18 66.73
CA LEU K 44 82.77 -26.70 68.03
C LEU K 44 81.99 -25.63 68.78
N CYS K 45 80.80 -25.35 68.25
CA CYS K 45 79.94 -24.32 68.85
C CYS K 45 79.40 -24.74 70.21
N PHE K 46 79.49 -26.01 70.57
CA PHE K 46 79.11 -26.48 71.89
C PHE K 46 80.24 -26.35 72.90
N PHE K 47 81.40 -25.85 72.49
CA PHE K 47 82.54 -25.66 73.36
C PHE K 47 82.88 -24.20 73.59
N GLU K 48 82.10 -23.28 73.03
CA GLU K 48 82.40 -21.87 73.18
C GLU K 48 82.22 -21.42 74.63
N PRO K 49 83.05 -20.48 75.10
CA PRO K 49 84.13 -19.80 74.40
C PRO K 49 85.37 -20.67 74.22
N LEU K 50 86.08 -20.54 73.12
CA LEU K 50 87.25 -21.35 72.82
C LEU K 50 88.48 -20.47 72.84
N VAL K 51 89.47 -20.85 73.65
CA VAL K 51 90.73 -20.12 73.75
C VAL K 51 91.83 -20.99 73.17
N ASP K 52 92.44 -20.52 72.09
CA ASP K 52 93.53 -21.21 71.43
C ASP K 52 94.84 -20.55 71.86
N VAL K 53 95.64 -21.28 72.62
CA VAL K 53 96.99 -20.83 72.97
C VAL K 53 97.94 -21.44 71.96
N ILE K 54 98.73 -20.59 71.30
CA ILE K 54 99.61 -20.99 70.21
C ILE K 54 101.04 -20.81 70.67
N ASP K 55 101.81 -21.89 70.61
CA ASP K 55 103.24 -21.88 70.90
C ASP K 55 103.92 -22.40 69.65
N GLY K 56 104.56 -21.49 68.90
CA GLY K 56 105.17 -21.86 67.65
C GLY K 56 104.15 -22.35 66.64
N ASP K 57 104.16 -23.65 66.37
CA ASP K 57 103.18 -24.27 65.48
C ASP K 57 102.16 -25.11 66.23
N ASP K 58 102.25 -25.19 67.56
CA ASP K 58 101.35 -26.01 68.36
C ASP K 58 100.18 -25.17 68.85
N VAL K 59 98.98 -25.73 68.76
CA VAL K 59 97.75 -25.04 69.13
C VAL K 59 97.03 -25.88 70.18
N TYR K 60 96.66 -25.25 71.30
CA TYR K 60 95.89 -25.90 72.36
C TYR K 60 94.57 -25.16 72.49
N THR K 61 93.46 -25.89 72.36
CA THR K 61 92.12 -25.33 72.34
C THR K 61 91.43 -25.69 73.66
N TYR K 62 91.35 -24.70 74.56
CA TYR K 62 90.57 -24.83 75.78
C TYR K 62 89.13 -24.47 75.49
N GLY K 63 88.20 -25.32 75.91
CA GLY K 63 86.79 -25.08 75.66
C GLY K 63 85.99 -24.85 76.93
N ASN K 64 84.81 -24.25 76.79
CA ASN K 64 83.95 -23.91 77.92
C ASN K 64 84.72 -23.12 78.96
N VAL K 65 85.53 -22.17 78.49
CA VAL K 65 86.36 -21.38 79.38
C VAL K 65 85.51 -20.35 80.10
N THR K 66 85.95 -19.97 81.30
CA THR K 66 85.25 -19.02 82.15
C THR K 66 86.24 -17.98 82.64
N PRO K 67 85.76 -16.79 83.00
CA PRO K 67 86.69 -15.76 83.51
C PRO K 67 87.47 -16.21 84.74
N GLU K 68 86.87 -17.02 85.61
CA GLU K 68 87.60 -17.51 86.77
C GLU K 68 88.73 -18.46 86.38
N MET K 69 88.55 -19.20 85.29
CA MET K 69 89.59 -20.11 84.81
C MET K 69 90.74 -19.38 84.11
N ILE K 70 90.49 -18.16 83.64
CA ILE K 70 91.51 -17.43 82.87
C ILE K 70 92.82 -17.26 83.63
N PRO K 71 92.83 -16.79 84.89
CA PRO K 71 94.12 -16.64 85.57
C PRO K 71 94.92 -17.92 85.68
N LYS K 72 94.25 -19.05 85.93
CA LYS K 72 94.96 -20.32 86.01
C LYS K 72 95.60 -20.68 84.67
N ILE K 73 94.86 -20.48 83.58
CA ILE K 73 95.40 -20.76 82.25
C ILE K 73 96.59 -19.87 81.97
N ILE K 74 96.49 -18.58 82.29
CA ILE K 74 97.55 -17.63 81.98
C ILE K 74 98.81 -17.95 82.77
N GLU K 75 98.65 -18.21 84.07
CA GLU K 75 99.82 -18.44 84.91
C GLU K 75 100.38 -19.84 84.80
N SER K 76 99.62 -20.79 84.23
CA SER K 76 100.10 -22.16 84.13
C SER K 76 100.57 -22.53 82.73
N HIS K 77 100.10 -21.83 81.70
CA HIS K 77 100.52 -22.12 80.33
C HIS K 77 101.37 -21.01 79.74
N VAL K 78 100.90 -19.76 79.77
CA VAL K 78 101.70 -18.65 79.27
C VAL K 78 102.90 -18.42 80.17
N ILE K 79 102.72 -18.48 81.47
CA ILE K 79 103.79 -18.29 82.44
C ILE K 79 104.36 -19.61 82.92
N GLY K 80 103.49 -20.59 83.18
CA GLY K 80 103.95 -21.89 83.66
C GLY K 80 104.70 -22.70 82.61
N LYS K 81 104.53 -22.37 81.34
CA LYS K 81 105.18 -23.09 80.24
C LYS K 81 104.83 -24.57 80.26
N LYS K 82 103.56 -24.87 80.54
CA LYS K 82 103.10 -26.26 80.53
C LYS K 82 101.60 -26.30 80.27
N PRO K 83 101.13 -27.11 79.32
CA PRO K 83 99.69 -27.21 79.09
C PRO K 83 98.98 -27.77 80.30
N LEU K 84 97.75 -27.27 80.52
CA LEU K 84 96.99 -27.70 81.69
C LEU K 84 96.54 -29.15 81.57
N ASP K 85 96.10 -29.56 80.38
CA ASP K 85 95.66 -30.91 80.04
C ASP K 85 94.39 -31.33 80.76
N GLU K 86 93.85 -30.49 81.64
CA GLU K 86 92.61 -30.80 82.35
C GLU K 86 91.40 -30.08 81.76
N PHE K 87 91.52 -28.80 81.45
CA PHE K 87 90.48 -28.06 80.77
C PHE K 87 90.66 -28.03 79.27
N ILE K 88 91.70 -28.67 78.74
CA ILE K 88 91.91 -28.72 77.30
C ILE K 88 90.84 -29.60 76.68
N VAL K 89 90.22 -29.11 75.62
CA VAL K 89 89.24 -29.89 74.86
C VAL K 89 89.74 -30.26 73.47
N SER K 90 90.81 -29.65 72.99
CA SER K 90 91.37 -30.05 71.72
C SER K 90 92.83 -29.61 71.66
N THR K 91 93.57 -30.20 70.73
CA THR K 91 94.95 -29.80 70.50
C THR K 91 95.35 -30.23 69.10
N SER K 92 96.44 -29.62 68.61
CA SER K 92 96.89 -29.92 67.25
C SER K 92 97.31 -31.37 67.11
N PHE K 93 98.02 -31.91 68.11
CA PHE K 93 98.47 -33.30 68.01
C PHE K 93 97.30 -34.27 68.09
N GLU K 94 96.34 -34.02 68.98
CA GLU K 94 95.13 -34.86 69.10
C GLU K 94 93.91 -33.97 68.92
N PRO K 95 93.45 -33.78 67.69
CA PRO K 95 92.24 -32.97 67.48
C PRO K 95 90.99 -33.72 67.92
N TYR K 96 89.92 -32.95 68.10
CA TYR K 96 88.65 -33.53 68.52
C TYR K 96 88.16 -34.50 67.44
N PRO K 97 87.54 -35.61 67.83
CA PRO K 97 87.03 -36.56 66.81
C PRO K 97 86.01 -35.95 65.88
N MET K 98 85.28 -34.91 66.31
CA MET K 98 84.33 -34.25 65.43
C MET K 98 85.02 -33.61 64.24
N LEU K 99 86.30 -33.27 64.38
CA LEU K 99 87.08 -32.65 63.32
C LEU K 99 87.92 -33.64 62.54
N LYS K 100 87.82 -34.94 62.84
CA LYS K 100 88.66 -35.93 62.18
C LYS K 100 88.03 -36.49 60.91
N SER K 101 86.71 -36.47 60.81
CA SER K 101 86.00 -37.00 59.65
C SER K 101 85.59 -35.91 58.67
N GLN K 102 86.10 -34.70 58.82
CA GLN K 102 85.76 -33.58 57.96
C GLN K 102 86.96 -33.17 57.13
N VAL K 103 86.75 -32.98 55.83
CA VAL K 103 87.72 -32.32 54.97
C VAL K 103 87.16 -30.93 54.66
N ARG K 104 87.98 -29.91 54.92
CA ARG K 104 87.49 -28.53 54.91
C ARG K 104 88.08 -27.77 53.73
N ILE K 105 87.20 -27.13 52.97
CA ILE K 105 87.62 -26.34 51.81
C ILE K 105 87.13 -24.90 51.98
N ALA K 106 85.80 -24.73 52.08
CA ALA K 106 85.26 -23.41 52.39
C ALA K 106 85.62 -23.00 53.81
N LEU K 107 85.57 -23.93 54.75
CA LEU K 107 85.90 -23.68 56.14
C LEU K 107 87.36 -23.94 56.46
N LYS K 108 88.24 -23.86 55.46
CA LYS K 108 89.64 -24.20 55.65
C LYS K 108 90.30 -23.28 56.67
N ASN K 109 90.02 -21.98 56.60
CA ASN K 109 90.63 -21.00 57.47
C ASN K 109 89.72 -20.58 58.61
N CYS K 110 88.52 -21.13 58.70
CA CYS K 110 87.57 -20.70 59.73
C CYS K 110 88.04 -21.19 61.11
N GLY K 111 88.27 -20.25 62.02
CA GLY K 111 88.75 -20.57 63.34
C GLY K 111 90.23 -20.76 63.48
N ARG K 112 91.00 -20.55 62.41
CA ARG K 112 92.44 -20.73 62.44
C ARG K 112 93.21 -19.50 61.98
N ILE K 113 92.53 -18.37 61.77
CA ILE K 113 93.16 -17.13 61.31
C ILE K 113 92.60 -15.98 62.13
N ASN K 114 93.04 -14.77 61.80
CA ASN K 114 92.49 -13.55 62.38
C ASN K 114 91.56 -12.91 61.37
N PRO K 115 90.24 -12.92 61.60
CA PRO K 115 89.32 -12.37 60.60
C PRO K 115 89.50 -10.89 60.35
N GLU K 116 90.09 -10.16 61.28
CA GLU K 116 90.28 -8.72 61.15
C GLU K 116 91.70 -8.33 60.78
N ASP K 117 92.54 -9.29 60.41
CA ASP K 117 93.92 -9.03 60.00
C ASP K 117 94.18 -9.76 58.70
N ILE K 118 94.43 -9.00 57.63
CA ILE K 118 94.69 -9.60 56.33
C ILE K 118 96.04 -10.28 56.28
N ASP K 119 96.98 -9.88 57.13
CA ASP K 119 98.31 -10.48 57.09
C ASP K 119 98.26 -11.95 57.48
N ASP K 120 97.41 -12.30 58.45
CA ASP K 120 97.28 -13.71 58.83
C ASP K 120 96.68 -14.54 57.70
N TYR K 121 95.68 -14.00 57.00
CA TYR K 121 95.12 -14.70 55.85
C TYR K 121 96.15 -14.88 54.76
N ILE K 122 96.95 -13.85 54.50
CA ILE K 122 98.00 -13.94 53.48
C ILE K 122 99.03 -14.99 53.87
N LYS K 123 99.41 -15.03 55.14
CA LYS K 123 100.44 -15.95 55.59
C LYS K 123 100.03 -17.41 55.36
N ASN K 124 98.75 -17.71 55.54
CA ASN K 124 98.26 -19.08 55.38
C ASN K 124 97.78 -19.35 53.96
N GLY K 125 98.64 -19.08 52.99
CA GLY K 125 98.32 -19.35 51.59
C GLY K 125 97.14 -18.57 51.07
N GLY K 126 97.05 -17.29 51.40
CA GLY K 126 95.93 -16.46 51.01
C GLY K 126 96.27 -15.56 49.83
N TYR K 127 95.25 -15.28 49.02
CA TYR K 127 95.32 -14.40 47.85
C TYR K 127 96.31 -14.88 46.80
N GLU K 128 96.85 -16.09 46.94
CA GLU K 128 97.74 -16.62 45.91
C GLU K 128 96.97 -17.05 44.68
N ALA K 129 95.71 -17.48 44.85
CA ALA K 129 94.88 -17.79 43.69
C ALA K 129 94.66 -16.57 42.82
N LEU K 130 94.39 -15.42 43.45
CA LEU K 130 94.22 -14.19 42.69
C LEU K 130 95.48 -13.82 41.95
N LYS K 131 96.64 -13.96 42.62
CA LYS K 131 97.91 -13.65 41.97
C LYS K 131 98.13 -14.55 40.76
N LYS K 132 97.90 -15.85 40.92
CA LYS K 132 98.09 -16.77 39.80
C LYS K 132 97.15 -16.45 38.65
N VAL K 133 95.88 -16.17 38.96
CA VAL K 133 94.90 -15.89 37.92
C VAL K 133 95.28 -14.61 37.18
N LEU K 134 95.69 -13.57 37.91
CA LEU K 134 96.00 -12.30 37.28
C LEU K 134 97.32 -12.34 36.52
N THR K 135 98.24 -13.22 36.91
CA THR K 135 99.53 -13.26 36.24
C THR K 135 99.54 -14.19 35.03
N SER K 136 99.10 -15.43 35.20
CA SER K 136 99.27 -16.45 34.16
C SER K 136 97.97 -17.23 33.94
N MET K 137 96.86 -16.52 33.78
CA MET K 137 95.60 -17.18 33.49
C MET K 137 94.72 -16.27 32.65
N THR K 138 93.76 -16.88 31.97
CA THR K 138 92.77 -16.28 31.10
C THR K 138 91.39 -16.44 31.71
N PRO K 139 90.48 -15.47 31.51
CA PRO K 139 89.11 -15.67 32.01
C PRO K 139 88.46 -16.95 31.51
N GLU K 140 88.68 -17.29 30.24
CA GLU K 140 88.20 -18.58 29.74
C GLU K 140 88.88 -19.74 30.46
N GLU K 141 90.17 -19.58 30.79
CA GLU K 141 90.85 -20.60 31.58
C GLU K 141 90.24 -20.74 32.96
N VAL K 142 89.87 -19.61 33.59
CA VAL K 142 89.23 -19.67 34.90
C VAL K 142 87.89 -20.39 34.81
N ILE K 143 87.09 -20.05 33.80
CA ILE K 143 85.78 -20.70 33.65
C ILE K 143 85.95 -22.19 33.40
N GLU K 144 86.94 -22.56 32.58
CA GLU K 144 87.19 -23.98 32.33
C GLU K 144 87.65 -24.69 33.59
N GLU K 145 88.46 -24.02 34.42
CA GLU K 145 88.90 -24.62 35.67
C GLU K 145 87.72 -24.87 36.60
N ILE K 146 86.81 -23.89 36.71
CA ILE K 146 85.63 -24.10 37.55
C ILE K 146 84.74 -25.20 36.97
N LYS K 147 84.66 -25.27 35.65
CA LYS K 147 83.87 -26.33 35.01
C LYS K 147 84.43 -27.71 35.33
N ILE K 148 85.75 -27.86 35.24
CA ILE K 148 86.38 -29.14 35.53
C ILE K 148 86.21 -29.48 37.02
N SER K 149 86.30 -28.47 37.88
CA SER K 149 86.17 -28.72 39.31
C SER K 149 84.81 -29.27 39.69
N GLY K 150 83.79 -29.00 38.88
CA GLY K 150 82.46 -29.48 39.18
C GLY K 150 81.74 -28.72 40.25
N LEU K 151 82.24 -27.56 40.66
CA LEU K 151 81.55 -26.74 41.65
C LEU K 151 80.16 -26.40 41.14
N ARG K 152 79.16 -26.56 42.01
CA ARG K 152 77.78 -26.33 41.58
C ARG K 152 76.93 -25.98 42.80
N GLY K 153 76.50 -24.71 42.85
CA GLY K 153 75.50 -24.26 43.79
C GLY K 153 76.00 -23.89 45.18
N ARG K 154 76.22 -24.89 46.02
CA ARG K 154 76.64 -24.70 47.40
C ARG K 154 75.75 -23.66 48.09
N GLY K 155 74.46 -23.97 48.18
CA GLY K 155 73.52 -23.09 48.84
C GLY K 155 72.35 -22.68 47.99
N GLY K 156 71.98 -23.51 47.02
CA GLY K 156 70.83 -23.24 46.20
C GLY K 156 70.22 -24.51 45.64
N ALA K 157 69.44 -24.37 44.56
CA ALA K 157 68.92 -25.55 43.88
C ALA K 157 70.04 -26.39 43.31
N GLY K 158 71.16 -25.76 42.96
CA GLY K 158 72.31 -26.46 42.46
C GLY K 158 72.44 -26.38 40.95
N PHE K 159 73.27 -25.45 40.49
CA PHE K 159 73.53 -25.26 39.07
C PHE K 159 75.03 -25.15 38.84
N PRO K 160 75.52 -25.62 37.70
CA PRO K 160 76.95 -25.51 37.41
C PRO K 160 77.39 -24.06 37.40
N THR K 161 78.29 -23.71 38.33
CA THR K 161 78.75 -22.34 38.45
C THR K 161 79.44 -21.86 37.19
N TRP K 162 80.15 -22.75 36.50
CA TRP K 162 80.79 -22.38 35.25
C TRP K 162 79.75 -21.94 34.22
N PHE K 163 78.58 -22.57 34.22
CA PHE K 163 77.54 -22.18 33.28
C PHE K 163 77.06 -20.76 33.54
N LYS K 164 76.84 -20.41 34.82
CA LYS K 164 76.42 -19.06 35.15
C LYS K 164 77.49 -18.05 34.78
N TRP K 165 78.76 -18.37 35.08
CA TRP K 165 79.84 -17.44 34.77
C TRP K 165 79.99 -17.25 33.26
N ASP K 166 79.89 -18.32 32.49
CA ASP K 166 79.99 -18.20 31.04
C ASP K 166 78.80 -17.43 30.46
N ALA K 167 77.61 -17.67 31.00
CA ALA K 167 76.44 -16.92 30.53
C ALA K 167 76.57 -15.44 30.83
N ALA K 168 77.10 -15.09 32.00
CA ALA K 168 77.30 -13.69 32.33
C ALA K 168 78.41 -13.07 31.47
N ARG K 169 79.46 -13.83 31.19
CA ARG K 169 80.57 -13.29 30.42
C ARG K 169 80.21 -13.07 28.96
N LYS K 170 79.53 -14.05 28.34
CA LYS K 170 79.21 -13.94 26.93
C LYS K 170 78.18 -12.85 26.64
N ALA K 171 77.44 -12.41 27.66
CA ALA K 171 76.45 -11.36 27.45
C ALA K 171 77.12 -10.05 27.12
N SER K 172 76.47 -9.25 26.26
CA SER K 172 77.04 -8.00 25.79
C SER K 172 76.65 -6.87 26.75
N GLY K 173 77.65 -6.13 27.22
CA GLY K 173 77.41 -5.01 28.11
C GLY K 173 78.67 -4.28 28.50
N ASP K 174 78.61 -2.96 28.57
CA ASP K 174 79.76 -2.18 29.01
C ASP K 174 80.11 -2.47 30.45
N ILE K 175 79.11 -2.59 31.32
CA ILE K 175 79.31 -2.83 32.73
C ILE K 175 78.56 -4.10 33.12
N LYS K 176 79.24 -4.98 33.86
CA LYS K 176 78.64 -6.18 34.40
C LYS K 176 78.81 -6.18 35.91
N TYR K 177 77.96 -6.95 36.58
CA TYR K 177 77.94 -6.99 38.04
C TYR K 177 78.19 -8.41 38.54
N VAL K 178 78.70 -8.50 39.76
CA VAL K 178 78.95 -9.77 40.42
C VAL K 178 78.45 -9.65 41.85
N VAL K 179 77.33 -10.26 42.16
CA VAL K 179 76.69 -10.14 43.45
C VAL K 179 77.02 -11.36 44.30
N CYS K 180 76.91 -11.20 45.61
CA CYS K 180 77.13 -12.28 46.57
C CYS K 180 75.95 -12.33 47.52
N ASN K 181 75.19 -13.43 47.45
CA ASN K 181 73.98 -13.56 48.27
C ASN K 181 74.38 -14.01 49.67
N ALA K 182 74.88 -13.05 50.45
CA ALA K 182 75.23 -13.31 51.84
C ALA K 182 74.02 -13.45 52.73
N ASP K 183 72.82 -13.16 52.22
CA ASP K 183 71.60 -13.33 53.00
C ASP K 183 71.43 -14.80 53.35
N GLU K 184 71.11 -15.06 54.62
CA GLU K 184 70.84 -16.41 55.11
C GLU K 184 69.34 -16.48 55.42
N GLY K 185 68.55 -16.80 54.41
CA GLY K 185 67.10 -16.77 54.57
C GLY K 185 66.57 -17.82 55.52
N ASP K 186 67.18 -19.00 55.51
CA ASP K 186 66.69 -20.12 56.30
C ASP K 186 66.76 -19.79 57.79
N PRO K 187 65.64 -19.83 58.51
CA PRO K 187 65.68 -19.55 59.96
C PRO K 187 66.21 -20.73 60.76
N GLY K 188 67.53 -20.84 60.85
CA GLY K 188 68.14 -21.99 61.49
C GLY K 188 69.44 -22.37 60.82
N ALA K 189 69.81 -21.60 59.80
CA ALA K 189 71.07 -21.77 59.09
C ALA K 189 72.01 -20.64 59.47
N PHE K 190 73.28 -20.98 59.68
CA PHE K 190 74.27 -19.96 60.04
C PHE K 190 75.62 -20.19 59.36
N MET K 191 75.65 -20.92 58.23
CA MET K 191 76.93 -21.14 57.55
C MET K 191 77.48 -19.85 56.99
N ASP K 192 76.63 -19.05 56.32
CA ASP K 192 77.10 -17.82 55.70
C ASP K 192 77.59 -16.82 56.75
N ARG K 193 76.86 -16.72 57.85
CA ARG K 193 77.28 -15.81 58.92
C ARG K 193 78.65 -16.19 59.46
N SER K 194 78.86 -17.48 59.73
CA SER K 194 80.11 -17.92 60.30
C SER K 194 81.26 -17.78 59.30
N ILE K 195 80.98 -18.01 58.01
CA ILE K 195 82.02 -17.83 57.01
C ILE K 195 82.39 -16.36 56.88
N LEU K 196 81.40 -15.47 56.92
CA LEU K 196 81.70 -14.04 56.81
C LEU K 196 82.37 -13.51 58.07
N GLU K 197 82.12 -14.13 59.22
CA GLU K 197 82.74 -13.68 60.46
C GLU K 197 84.10 -14.31 60.70
N GLY K 198 84.42 -15.43 60.05
CA GLY K 198 85.68 -16.09 60.29
C GLY K 198 86.63 -16.04 59.12
N ASP K 199 86.08 -16.06 57.90
CA ASP K 199 86.87 -15.99 56.66
C ASP K 199 86.25 -14.97 55.72
N PRO K 200 86.28 -13.69 56.08
CA PRO K 200 85.70 -12.67 55.19
C PRO K 200 86.52 -12.42 53.95
N HIS K 201 87.76 -12.87 53.90
CA HIS K 201 88.62 -12.62 52.74
C HIS K 201 88.50 -13.69 51.66
N ALA K 202 88.10 -14.91 52.03
CA ALA K 202 87.88 -15.94 51.03
C ALA K 202 86.76 -15.54 50.08
N VAL K 203 85.68 -14.99 50.63
CA VAL K 203 84.57 -14.51 49.81
C VAL K 203 85.03 -13.39 48.89
N LEU K 204 85.84 -12.47 49.41
CA LEU K 204 86.33 -11.36 48.60
C LEU K 204 87.20 -11.86 47.46
N GLU K 205 88.10 -12.79 47.74
CA GLU K 205 88.96 -13.33 46.69
C GLU K 205 88.15 -14.11 45.66
N GLY K 206 87.16 -14.88 46.10
CA GLY K 206 86.32 -15.59 45.15
C GLY K 206 85.54 -14.64 44.27
N MET K 207 85.01 -13.55 44.84
CA MET K 207 84.30 -12.56 44.04
C MET K 207 85.23 -11.88 43.05
N THR K 208 86.46 -11.59 43.46
CA THR K 208 87.42 -10.96 42.55
C THR K 208 87.76 -11.88 41.39
N ILE K 209 87.97 -13.17 41.67
CA ILE K 209 88.27 -14.12 40.61
C ILE K 209 87.07 -14.28 39.67
N ALA K 210 85.86 -14.33 40.25
CA ALA K 210 84.66 -14.42 39.43
C ALA K 210 84.50 -13.20 38.54
N ALA K 211 84.83 -12.01 39.07
CA ALA K 211 84.72 -10.80 38.27
C ALA K 211 85.78 -10.77 37.18
N TYR K 212 86.98 -11.25 37.47
CA TYR K 212 87.99 -11.36 36.42
C TYR K 212 87.54 -12.28 35.31
N ALA K 213 86.96 -13.43 35.67
CA ALA K 213 86.46 -14.35 34.65
C ALA K 213 85.33 -13.72 33.85
N ILE K 214 84.36 -13.11 34.54
CA ILE K 214 83.20 -12.52 33.87
C ILE K 214 83.60 -11.28 33.09
N GLY K 215 84.40 -10.41 33.71
CA GLY K 215 84.67 -9.10 33.17
C GLY K 215 84.01 -7.96 33.91
N ALA K 216 83.43 -8.22 35.08
CA ALA K 216 82.74 -7.20 35.84
C ALA K 216 83.73 -6.20 36.41
N LYS K 217 83.20 -5.02 36.77
CA LYS K 217 84.00 -3.97 37.38
C LYS K 217 83.48 -3.54 38.74
N GLU K 218 82.30 -3.98 39.14
CA GLU K 218 81.75 -3.65 40.45
C GLU K 218 80.99 -4.85 40.99
N GLY K 219 80.97 -4.99 42.31
CA GLY K 219 80.31 -6.11 42.94
C GLY K 219 79.58 -5.68 44.19
N TYR K 220 78.59 -6.48 44.57
CA TYR K 220 77.75 -6.19 45.72
C TYR K 220 77.68 -7.40 46.63
N ILE K 221 77.68 -7.13 47.94
CA ILE K 221 77.48 -8.17 48.95
C ILE K 221 76.16 -7.87 49.64
N TYR K 222 75.15 -8.70 49.37
CA TYR K 222 73.84 -8.52 49.97
C TYR K 222 73.83 -9.27 51.29
N VAL K 223 74.31 -8.62 52.35
CA VAL K 223 74.32 -9.17 53.69
C VAL K 223 73.22 -8.51 54.50
N ARG K 224 72.49 -9.30 55.27
CA ARG K 224 71.40 -8.77 56.07
C ARG K 224 71.95 -7.83 57.14
N ALA K 225 71.22 -6.75 57.39
CA ALA K 225 71.62 -5.78 58.40
C ALA K 225 71.46 -6.32 59.81
N GLU K 226 70.79 -7.47 59.99
CA GLU K 226 70.62 -8.06 61.31
C GLU K 226 71.90 -8.68 61.84
N TYR K 227 72.94 -8.80 61.03
CA TYR K 227 74.21 -9.41 61.42
C TYR K 227 75.27 -8.33 61.48
N PRO K 228 75.41 -7.62 62.61
CA PRO K 228 76.38 -6.53 62.65
C PRO K 228 77.82 -7.00 62.66
N LEU K 229 78.12 -8.15 63.27
CA LEU K 229 79.49 -8.65 63.28
C LEU K 229 79.97 -8.97 61.87
N ALA K 230 79.12 -9.62 61.07
CA ALA K 230 79.52 -9.95 59.72
C ALA K 230 79.79 -8.70 58.89
N ILE K 231 78.93 -7.68 59.03
CA ILE K 231 79.12 -6.45 58.29
C ILE K 231 80.41 -5.75 58.73
N LYS K 232 80.67 -5.72 60.04
CA LYS K 232 81.87 -5.06 60.54
C LYS K 232 83.12 -5.76 60.02
N ARG K 233 83.15 -7.09 60.10
CA ARG K 233 84.32 -7.83 59.63
C ARG K 233 84.49 -7.69 58.12
N LEU K 234 83.38 -7.66 57.38
CA LEU K 234 83.47 -7.47 55.92
C LEU K 234 84.02 -6.09 55.58
N GLU K 235 83.57 -5.06 56.30
CA GLU K 235 84.09 -3.72 56.05
C GLU K 235 85.58 -3.64 56.36
N ILE K 236 85.99 -4.24 57.48
CA ILE K 236 87.40 -4.24 57.85
C ILE K 236 88.23 -4.97 56.79
N ALA K 237 87.74 -6.12 56.34
CA ALA K 237 88.46 -6.90 55.33
C ALA K 237 88.54 -6.14 54.02
N ILE K 238 87.46 -5.46 53.62
CA ILE K 238 87.47 -4.71 52.36
C ILE K 238 88.47 -3.57 52.44
N GLU K 239 88.48 -2.84 53.57
CA GLU K 239 89.44 -1.74 53.70
C GLU K 239 90.87 -2.25 53.70
N GLN K 240 91.14 -3.35 54.39
CA GLN K 240 92.48 -3.92 54.42
C GLN K 240 92.91 -4.39 53.03
N ALA K 241 91.99 -5.00 52.29
CA ALA K 241 92.31 -5.44 50.93
C ALA K 241 92.58 -4.26 50.01
N ARG K 242 91.79 -3.19 50.14
CA ARG K 242 92.02 -2.01 49.33
C ARG K 242 93.37 -1.39 49.63
N ASN K 243 93.75 -1.32 50.91
CA ASN K 243 95.02 -0.72 51.29
C ASN K 243 96.23 -1.52 50.82
N ARG K 244 96.03 -2.75 50.37
CA ARG K 244 97.12 -3.58 49.86
C ARG K 244 97.02 -3.80 48.36
N ASN K 245 96.26 -2.95 47.67
CA ASN K 245 96.08 -3.02 46.22
C ASN K 245 95.46 -4.34 45.76
N LEU K 246 94.77 -5.03 46.67
CA LEU K 246 94.08 -6.27 46.36
C LEU K 246 92.62 -6.06 45.99
N LEU K 247 92.13 -4.82 46.05
CA LEU K 247 90.76 -4.51 45.69
C LEU K 247 90.69 -3.06 45.26
N GLY K 248 89.83 -2.77 44.30
CA GLY K 248 89.66 -1.41 43.84
C GLY K 248 90.12 -1.19 42.42
N ASN K 249 90.92 -0.15 42.20
CA ASN K 249 91.42 0.17 40.87
C ASN K 249 92.86 -0.30 40.74
N ASN K 250 93.17 -0.91 39.58
CA ASN K 250 94.50 -1.43 39.29
C ASN K 250 94.93 -2.46 40.33
N ILE K 251 94.16 -3.54 40.42
CA ILE K 251 94.48 -4.61 41.35
C ILE K 251 95.78 -5.27 40.92
N LEU K 252 96.71 -5.42 41.87
CA LEU K 252 97.98 -6.10 41.64
C LEU K 252 98.78 -5.46 40.50
N ASN K 253 98.69 -4.15 40.37
CA ASN K 253 99.45 -3.40 39.37
C ASN K 253 99.21 -3.93 37.96
N THR K 254 97.94 -4.18 37.63
CA THR K 254 97.55 -4.60 36.30
C THR K 254 96.28 -3.87 35.90
N ASN K 255 95.83 -4.09 34.66
CA ASN K 255 94.68 -3.38 34.13
C ASN K 255 93.37 -3.78 34.79
N PHE K 256 93.34 -4.88 35.54
CA PHE K 256 92.12 -5.31 36.22
C PHE K 256 91.73 -4.32 37.30
N SER K 257 90.42 -4.11 37.45
CA SER K 257 89.90 -3.18 38.45
C SER K 257 88.54 -3.67 38.91
N PHE K 258 88.47 -4.15 40.15
CA PHE K 258 87.24 -4.65 40.73
C PHE K 258 87.04 -4.06 42.11
N ASP K 259 85.81 -3.65 42.42
CA ASP K 259 85.49 -3.07 43.70
C ASP K 259 84.18 -3.66 44.21
N ILE K 260 84.02 -3.61 45.54
CA ILE K 260 82.89 -4.23 46.22
C ILE K 260 82.22 -3.19 47.10
N LYS K 261 80.90 -3.10 47.01
CA LYS K 261 80.10 -2.24 47.86
C LYS K 261 79.12 -3.09 48.65
N LEU K 262 79.12 -2.92 49.97
CA LEU K 262 78.23 -3.68 50.84
C LEU K 262 76.83 -3.10 50.78
N LYS K 263 75.87 -3.90 50.34
CA LYS K 263 74.46 -3.51 50.28
C LYS K 263 73.73 -4.23 51.40
N LYS K 264 73.47 -3.54 52.50
CA LYS K 264 72.83 -4.15 53.64
C LYS K 264 71.37 -4.46 53.33
N GLY K 265 70.96 -5.70 53.59
CA GLY K 265 69.59 -6.07 53.36
C GLY K 265 68.68 -5.65 54.52
N ALA K 266 67.45 -5.31 54.17
CA ALA K 266 66.48 -4.87 55.16
C ALA K 266 65.76 -6.02 55.85
N GLY K 267 65.89 -7.24 55.34
CA GLY K 267 65.32 -8.39 56.00
C GLY K 267 64.07 -8.93 55.33
N ALA K 268 64.24 -10.00 54.55
CA ALA K 268 63.13 -10.67 53.89
C ALA K 268 63.58 -12.01 53.34
N PHE K 269 62.83 -13.08 53.64
CA PHE K 269 63.15 -14.38 53.08
C PHE K 269 63.01 -14.39 51.56
N VAL K 270 62.06 -13.62 51.03
CA VAL K 270 61.87 -13.55 49.59
C VAL K 270 63.06 -12.87 48.93
N CYS K 271 63.74 -11.97 49.64
CA CYS K 271 64.82 -11.20 49.04
C CYS K 271 66.00 -12.07 48.65
N GLY K 272 66.06 -13.32 49.12
CA GLY K 272 67.09 -14.23 48.66
C GLY K 272 66.91 -14.68 47.22
N GLU K 273 65.69 -14.59 46.71
CA GLU K 273 65.44 -14.93 45.32
C GLU K 273 66.19 -13.96 44.42
N GLU K 274 66.67 -14.47 43.29
CA GLU K 274 67.55 -13.67 42.43
C GLU K 274 66.88 -12.37 42.00
N THR K 275 65.68 -12.46 41.44
CA THR K 275 64.99 -11.27 40.98
C THR K 275 64.59 -10.36 42.14
N ALA K 276 64.16 -10.96 43.26
CA ALA K 276 63.86 -10.15 44.44
C ALA K 276 65.10 -9.48 44.99
N LEU K 277 66.23 -10.18 44.98
CA LEU K 277 67.49 -9.55 45.41
C LEU K 277 67.86 -8.40 44.49
N ILE K 278 67.67 -8.57 43.19
CA ILE K 278 67.94 -7.51 42.23
C ILE K 278 67.05 -6.30 42.51
N ALA K 279 65.77 -6.55 42.77
CA ALA K 279 64.86 -5.44 43.08
C ALA K 279 65.26 -4.74 44.36
N SER K 280 65.65 -5.50 45.39
CA SER K 280 66.05 -4.90 46.66
C SER K 280 67.30 -4.05 46.49
N ILE K 281 68.26 -4.52 45.69
CA ILE K 281 69.45 -3.71 45.41
C ILE K 281 69.07 -2.47 44.63
N GLU K 282 68.11 -2.59 43.72
CA GLU K 282 67.67 -1.44 42.92
C GLU K 282 66.91 -0.41 43.73
N GLY K 283 66.54 -0.72 44.97
CA GLY K 283 65.84 0.22 45.82
C GLY K 283 64.33 0.05 45.86
N GLU K 284 63.77 -0.87 45.07
CA GLU K 284 62.34 -1.14 45.10
C GLU K 284 62.04 -2.20 46.15
N ARG K 285 60.76 -2.54 46.30
CA ARG K 285 60.38 -3.63 47.17
C ARG K 285 60.73 -4.96 46.52
N GLY K 286 61.15 -5.92 47.34
CA GLY K 286 61.63 -7.19 46.83
C GLY K 286 60.54 -8.10 46.31
N MET K 287 59.86 -7.68 45.25
CA MET K 287 58.85 -8.50 44.62
C MET K 287 59.47 -9.23 43.44
N PRO K 288 59.50 -10.56 43.43
CA PRO K 288 60.13 -11.29 42.32
C PRO K 288 59.48 -10.96 40.99
N ARG K 289 60.30 -10.85 39.95
CA ARG K 289 59.84 -10.53 38.61
C ARG K 289 59.68 -11.82 37.81
N LEU K 290 59.24 -11.69 36.57
CA LEU K 290 59.10 -12.83 35.69
C LEU K 290 60.48 -13.30 35.24
N LYS K 291 60.56 -14.56 34.83
CA LYS K 291 61.87 -15.17 34.55
C LYS K 291 62.62 -14.47 33.42
N PRO K 292 62.01 -14.17 32.26
CA PRO K 292 62.72 -13.35 31.27
C PRO K 292 62.55 -11.87 31.57
N PRO K 293 63.62 -11.08 31.51
CA PRO K 293 65.01 -11.46 31.24
C PRO K 293 65.67 -12.09 32.46
N PHE K 294 66.64 -12.97 32.26
CA PHE K 294 67.29 -13.65 33.37
C PHE K 294 68.37 -12.76 33.98
N PRO K 295 68.69 -12.97 35.25
CA PRO K 295 69.73 -12.16 35.89
C PRO K 295 71.07 -12.23 35.18
N ALA K 296 71.41 -13.37 34.57
CA ALA K 296 72.64 -13.46 33.82
C ALA K 296 72.61 -12.54 32.59
N GLN K 297 71.47 -12.49 31.90
CA GLN K 297 71.33 -11.66 30.71
C GLN K 297 70.97 -10.22 31.06
N SER K 298 70.14 -10.01 32.08
CA SER K 298 69.77 -8.65 32.49
C SER K 298 69.46 -8.68 33.99
N GLY K 299 70.33 -8.07 34.79
CA GLY K 299 70.14 -8.07 36.22
C GLY K 299 69.94 -6.70 36.83
N LEU K 300 70.94 -6.22 37.55
CA LEU K 300 70.87 -4.91 38.19
C LEU K 300 70.83 -3.81 37.13
N TRP K 301 69.72 -3.09 37.08
CA TRP K 301 69.54 -1.97 36.16
C TRP K 301 69.79 -2.41 34.71
N GLY K 302 69.34 -3.62 34.39
CA GLY K 302 69.38 -4.11 33.03
C GLY K 302 70.74 -4.58 32.57
N ARG K 303 71.71 -4.65 33.48
CA ARG K 303 73.03 -5.10 33.08
C ARG K 303 73.28 -6.53 33.55
N PRO K 304 74.09 -7.29 32.84
CA PRO K 304 74.34 -8.69 33.23
C PRO K 304 74.94 -8.77 34.63
N THR K 305 74.47 -9.76 35.39
CA THR K 305 74.94 -10.00 36.74
C THR K 305 75.23 -11.48 36.92
N ASN K 306 75.68 -11.83 38.12
CA ASN K 306 75.95 -13.21 38.47
C ASN K 306 75.81 -13.34 39.98
N ILE K 307 74.67 -13.86 40.42
CA ILE K 307 74.38 -14.02 41.84
C ILE K 307 74.82 -15.40 42.28
N ASN K 308 75.65 -15.46 43.31
CA ASN K 308 76.16 -16.71 43.84
C ASN K 308 76.17 -16.63 45.35
N ASN K 309 76.19 -17.80 45.99
CA ASN K 309 76.19 -17.88 47.44
C ASN K 309 77.58 -17.55 47.99
N VAL K 310 77.65 -17.47 49.31
CA VAL K 310 78.93 -17.23 49.98
C VAL K 310 79.83 -18.45 49.86
N GLU K 311 79.27 -19.65 50.05
CA GLU K 311 80.08 -20.86 50.06
C GLU K 311 80.70 -21.15 48.70
N THR K 312 79.92 -20.99 47.63
CA THR K 312 80.46 -21.25 46.29
C THR K 312 81.54 -20.24 45.92
N TYR K 313 81.45 -19.01 46.44
CA TYR K 313 82.52 -18.05 46.22
C TYR K 313 83.74 -18.37 47.06
N ALA K 314 83.55 -18.89 48.28
CA ALA K 314 84.68 -19.30 49.09
C ALA K 314 85.40 -20.49 48.49
N ASN K 315 84.68 -21.35 47.77
CA ASN K 315 85.29 -22.51 47.15
C ASN K 315 86.23 -22.14 46.01
N VAL K 316 86.09 -20.96 45.42
CA VAL K 316 86.82 -20.63 44.19
C VAL K 316 88.34 -20.59 44.39
N PRO K 317 88.88 -19.85 45.38
CA PRO K 317 90.35 -19.80 45.50
C PRO K 317 90.99 -21.16 45.71
N TRP K 318 90.34 -22.04 46.47
CA TRP K 318 90.88 -23.39 46.66
C TRP K 318 90.92 -24.14 45.34
N ILE K 319 89.86 -24.01 44.54
CA ILE K 319 89.84 -24.68 43.23
C ILE K 319 90.95 -24.15 42.35
N ILE K 320 91.15 -22.84 42.34
CA ILE K 320 92.17 -22.27 41.47
C ILE K 320 93.56 -22.70 41.91
N THR K 321 93.84 -22.63 43.22
CA THR K 321 95.17 -22.97 43.71
C THR K 321 95.48 -24.45 43.53
N ASN K 322 94.56 -25.31 43.95
CA ASN K 322 94.80 -26.76 43.91
C ASN K 322 94.35 -27.41 42.62
N GLY K 323 93.80 -26.64 41.68
CA GLY K 323 93.39 -27.22 40.42
C GLY K 323 91.99 -27.78 40.48
N GLY K 324 91.33 -27.78 39.30
CA GLY K 324 89.97 -28.30 39.24
C GLY K 324 89.90 -29.80 39.51
N LYS K 325 90.91 -30.54 39.05
CA LYS K 325 90.90 -31.99 39.23
C LYS K 325 90.94 -32.37 40.70
N ALA K 326 91.65 -31.61 41.53
CA ALA K 326 91.68 -31.91 42.96
C ALA K 326 90.29 -31.77 43.58
N PHE K 327 89.55 -30.73 43.21
CA PHE K 327 88.17 -30.60 43.67
C PHE K 327 87.30 -31.73 43.13
N ALA K 328 87.49 -32.09 41.87
CA ALA K 328 86.68 -33.13 41.25
C ALA K 328 87.05 -34.53 41.72
N SER K 329 88.14 -34.69 42.45
CA SER K 329 88.50 -36.00 42.98
C SER K 329 87.79 -36.33 44.29
N LEU K 330 86.95 -35.43 44.80
CA LEU K 330 86.20 -35.66 46.02
C LEU K 330 84.71 -35.69 45.70
N GLY K 331 83.99 -36.59 46.37
CA GLY K 331 82.55 -36.64 46.22
C GLY K 331 82.05 -37.77 45.36
N THR K 332 80.95 -37.54 44.65
CA THR K 332 80.30 -38.54 43.81
C THR K 332 80.57 -38.22 42.34
N GLU K 333 79.93 -39.01 41.46
CA GLU K 333 80.10 -38.79 40.04
C GLU K 333 79.31 -37.57 39.57
N LYS K 334 78.23 -37.22 40.25
CA LYS K 334 77.40 -36.08 39.88
C LYS K 334 77.66 -34.86 40.74
N SER K 335 77.58 -35.01 42.07
CA SER K 335 77.86 -33.92 42.99
C SER K 335 79.26 -34.12 43.56
N LYS K 336 80.13 -33.13 43.33
CA LYS K 336 81.53 -33.23 43.73
C LYS K 336 81.89 -32.06 44.63
N GLY K 337 82.78 -32.31 45.60
CA GLY K 337 83.26 -31.28 46.50
C GLY K 337 82.86 -31.57 47.93
N THR K 338 82.73 -30.49 48.71
CA THR K 338 82.32 -30.56 50.10
C THR K 338 81.15 -29.62 50.33
N LYS K 339 80.32 -29.97 51.31
CA LYS K 339 79.14 -29.18 51.64
C LYS K 339 79.17 -28.81 53.11
N VAL K 340 78.79 -27.58 53.41
CA VAL K 340 78.73 -27.07 54.78
C VAL K 340 77.32 -27.26 55.31
N PHE K 341 77.20 -27.85 56.49
CA PHE K 341 75.93 -28.08 57.15
C PHE K 341 75.95 -27.45 58.54
N ALA K 342 74.86 -26.77 58.88
CA ALA K 342 74.65 -26.28 60.23
C ALA K 342 73.83 -27.33 60.97
N LEU K 343 74.50 -28.15 61.76
CA LEU K 343 73.83 -29.20 62.52
C LEU K 343 73.22 -28.59 63.76
N ALA K 344 71.90 -28.72 63.90
CA ALA K 344 71.19 -28.18 65.06
C ALA K 344 70.01 -29.08 65.37
N GLY K 345 69.28 -28.71 66.41
CA GLY K 345 68.15 -29.50 66.85
C GLY K 345 68.48 -30.39 68.03
N LYS K 346 67.88 -31.58 68.08
CA LYS K 346 68.15 -32.53 69.14
C LYS K 346 69.37 -33.38 68.76
N ILE K 347 70.52 -32.72 68.79
CA ILE K 347 71.79 -33.35 68.43
C ILE K 347 72.78 -33.16 69.57
N LYS K 348 73.70 -34.12 69.71
CA LYS K 348 74.64 -34.06 70.82
C LYS K 348 75.71 -33.00 70.61
N ARG K 349 76.22 -32.87 69.39
CA ARG K 349 77.27 -31.92 69.06
C ARG K 349 76.89 -31.17 67.79
N GLY K 350 76.27 -30.00 67.95
CA GLY K 350 75.87 -29.19 66.84
C GLY K 350 76.91 -28.15 66.46
N GLY K 351 76.73 -27.55 65.30
CA GLY K 351 77.64 -26.52 64.84
C GLY K 351 77.87 -26.65 63.35
N LEU K 352 78.95 -26.02 62.88
CA LEU K 352 79.29 -26.07 61.46
C LEU K 352 80.11 -27.32 61.17
N VAL K 353 79.67 -28.10 60.20
CA VAL K 353 80.40 -29.29 59.77
C VAL K 353 80.48 -29.27 58.25
N GLU K 354 81.68 -29.31 57.70
CA GLU K 354 81.85 -29.39 56.26
C GLU K 354 82.27 -30.81 55.90
N VAL K 355 81.38 -31.52 55.21
CA VAL K 355 81.56 -32.94 54.95
C VAL K 355 81.68 -33.18 53.45
N PRO K 356 82.45 -34.17 53.01
CA PRO K 356 82.50 -34.47 51.58
C PRO K 356 81.16 -35.00 51.10
N MET K 357 80.85 -34.70 49.85
CA MET K 357 79.60 -35.16 49.28
C MET K 357 79.66 -36.67 49.07
N GLY K 358 78.50 -37.31 49.15
CA GLY K 358 78.41 -38.75 49.15
C GLY K 358 78.44 -39.39 50.52
N MET K 359 78.70 -38.62 51.58
CA MET K 359 78.64 -39.15 52.92
C MET K 359 77.19 -39.44 53.31
N SER K 360 76.99 -40.56 53.99
CA SER K 360 75.65 -40.92 54.45
C SER K 360 75.23 -39.99 55.57
N LEU K 361 73.93 -39.63 55.57
CA LEU K 361 73.41 -38.79 56.63
C LEU K 361 73.57 -39.45 57.99
N ARG K 362 73.50 -40.78 58.04
CA ARG K 362 73.76 -41.50 59.28
C ARG K 362 75.18 -41.26 59.76
N GLU K 363 76.14 -41.24 58.83
CA GLU K 363 77.51 -40.93 59.20
C GLU K 363 77.65 -39.49 59.66
N VAL K 364 76.87 -38.57 59.09
CA VAL K 364 76.95 -37.17 59.50
C VAL K 364 76.39 -36.99 60.90
N ILE K 365 75.30 -37.68 61.23
CA ILE K 365 74.61 -37.45 62.49
C ILE K 365 75.21 -38.28 63.61
N TYR K 366 75.29 -39.60 63.42
CA TYR K 366 75.73 -40.48 64.49
C TYR K 366 77.24 -40.44 64.69
N ASN K 367 78.02 -40.28 63.62
CA ASN K 367 79.47 -40.33 63.73
C ASN K 367 80.08 -38.95 63.98
N ILE K 368 79.60 -37.92 63.29
CA ILE K 368 80.12 -36.57 63.47
C ILE K 368 79.35 -35.83 64.54
N GLY K 369 78.02 -35.81 64.45
CA GLY K 369 77.22 -35.08 65.41
C GLY K 369 77.18 -35.70 66.79
N GLY K 370 77.60 -36.96 66.91
CA GLY K 370 77.66 -37.62 68.20
C GLY K 370 76.42 -38.39 68.60
N GLY K 371 75.33 -38.28 67.84
CA GLY K 371 74.11 -38.99 68.14
C GLY K 371 72.95 -38.04 68.41
N ILE K 372 72.12 -38.40 69.37
CA ILE K 372 70.93 -37.63 69.73
C ILE K 372 71.06 -37.20 71.19
N LYS K 373 70.63 -35.97 71.48
CA LYS K 373 70.70 -35.46 72.83
C LYS K 373 69.91 -36.34 73.79
N ASP K 374 70.49 -36.60 74.96
CA ASP K 374 69.97 -37.50 75.97
C ASP K 374 69.87 -38.94 75.49
N ASP K 375 70.52 -39.27 74.36
CA ASP K 375 70.51 -40.61 73.79
C ASP K 375 69.09 -41.12 73.58
N LYS K 376 68.22 -40.23 73.11
CA LYS K 376 66.84 -40.59 72.81
C LYS K 376 66.76 -41.22 71.43
N ALA K 377 65.55 -41.41 70.93
CA ALA K 377 65.35 -41.97 69.60
C ALA K 377 65.72 -40.93 68.55
N PHE K 378 65.48 -41.26 67.28
CA PHE K 378 65.79 -40.35 66.17
C PHE K 378 64.67 -40.48 65.15
N LYS K 379 63.79 -39.48 65.10
CA LYS K 379 62.64 -39.53 64.20
C LYS K 379 63.02 -39.12 62.78
N ALA K 380 63.44 -37.86 62.60
CA ALA K 380 63.68 -37.40 61.23
C ALA K 380 64.63 -36.22 61.25
N VAL K 381 65.24 -35.97 60.10
CA VAL K 381 66.14 -34.84 59.90
C VAL K 381 65.56 -33.93 58.83
N GLN K 382 65.43 -32.65 59.15
CA GLN K 382 64.97 -31.65 58.20
C GLN K 382 66.16 -31.10 57.44
N MET K 383 66.10 -31.21 56.11
CA MET K 383 67.13 -30.74 55.20
C MET K 383 66.58 -29.56 54.41
N GLY K 384 67.32 -28.46 54.38
CA GLY K 384 66.99 -27.32 53.57
C GLY K 384 66.08 -26.30 54.24
N GLY K 385 65.55 -26.59 55.41
CA GLY K 385 64.70 -25.66 56.11
C GLY K 385 63.28 -25.62 55.56
N PRO K 386 62.69 -24.43 55.52
CA PRO K 386 61.31 -24.31 55.04
C PRO K 386 61.12 -24.78 53.61
N SER K 387 62.15 -24.69 52.77
CA SER K 387 62.07 -25.26 51.44
C SER K 387 62.42 -26.74 51.40
N GLY K 388 63.00 -27.27 52.47
CA GLY K 388 63.45 -28.64 52.51
C GLY K 388 62.38 -29.61 52.96
N GLY K 389 62.82 -30.78 53.41
CA GLY K 389 61.90 -31.82 53.81
C GLY K 389 62.48 -32.68 54.92
N CYS K 390 61.62 -33.55 55.45
CA CYS K 390 61.96 -34.42 56.57
C CYS K 390 62.31 -35.80 56.05
N ILE K 391 63.59 -36.14 56.11
CA ILE K 391 64.06 -37.49 55.80
C ILE K 391 63.95 -38.33 57.06
N PRO K 392 63.20 -39.42 57.05
CA PRO K 392 62.97 -40.20 58.28
C PRO K 392 64.18 -41.06 58.61
N ALA K 393 64.03 -41.85 59.68
CA ALA K 393 65.14 -42.67 60.17
C ALA K 393 65.51 -43.77 59.17
N ASP K 394 64.51 -44.41 58.56
CA ASP K 394 64.79 -45.52 57.66
C ASP K 394 65.48 -45.06 56.38
N LEU K 395 65.30 -43.80 55.98
CA LEU K 395 65.89 -43.27 54.76
C LEU K 395 67.17 -42.48 55.03
N ILE K 396 67.88 -42.81 56.12
CA ILE K 396 69.05 -42.05 56.53
C ILE K 396 70.33 -42.55 55.91
N ASP K 397 70.29 -43.64 55.15
CA ASP K 397 71.48 -44.11 54.44
C ASP K 397 71.73 -43.35 53.13
N THR K 398 70.89 -42.38 52.81
CA THR K 398 71.07 -41.61 51.59
C THR K 398 72.36 -40.79 51.68
N PRO K 399 73.21 -40.83 50.66
CA PRO K 399 74.43 -40.02 50.69
C PRO K 399 74.12 -38.54 50.58
N VAL K 400 75.05 -37.73 51.07
CA VAL K 400 74.94 -36.28 50.92
C VAL K 400 75.20 -35.96 49.45
N ASP K 401 74.13 -35.66 48.72
CA ASP K 401 74.18 -35.49 47.27
C ASP K 401 72.87 -34.85 46.83
N TYR K 402 72.95 -33.95 45.87
CA TYR K 402 71.76 -33.24 45.41
C TYR K 402 70.71 -34.21 44.89
N GLU K 403 71.11 -35.12 44.01
CA GLU K 403 70.17 -36.06 43.41
C GLU K 403 69.59 -37.01 44.46
N SER K 404 70.44 -37.56 45.32
CA SER K 404 69.97 -38.51 46.31
C SER K 404 69.03 -37.86 47.31
N ILE K 405 69.34 -36.62 47.73
CA ILE K 405 68.45 -35.93 48.66
C ILE K 405 67.14 -35.56 47.98
N THR K 406 67.19 -35.09 46.73
CA THR K 406 65.96 -34.72 46.04
C THR K 406 65.09 -35.94 45.75
N LYS K 407 65.69 -37.12 45.61
CA LYS K 407 64.90 -38.32 45.41
C LYS K 407 64.07 -38.68 46.62
N THR K 408 64.40 -38.17 47.80
CA THR K 408 63.66 -38.45 49.02
C THR K 408 62.59 -37.40 49.32
N GLY K 409 62.39 -36.43 48.43
CA GLY K 409 61.41 -35.39 48.64
C GLY K 409 61.91 -34.16 49.34
N ALA K 410 63.14 -34.19 49.87
CA ALA K 410 63.76 -33.02 50.47
C ALA K 410 64.69 -32.37 49.46
N ILE K 411 65.29 -31.24 49.86
CA ILE K 411 66.29 -30.57 49.05
C ILE K 411 67.50 -30.30 49.93
N MET K 412 68.67 -30.21 49.29
CA MET K 412 69.89 -29.91 50.03
C MET K 412 69.81 -28.53 50.66
N GLY K 413 69.33 -27.54 49.91
CA GLY K 413 69.15 -26.20 50.44
C GLY K 413 70.47 -25.54 50.78
N SER K 414 70.38 -24.55 51.68
CA SER K 414 71.57 -23.86 52.14
C SER K 414 72.49 -24.81 52.91
N GLY K 415 71.92 -25.66 53.76
CA GLY K 415 72.71 -26.60 54.51
C GLY K 415 72.25 -26.82 55.93
N GLY K 416 71.19 -26.13 56.35
CA GLY K 416 70.68 -26.34 57.69
C GLY K 416 70.15 -27.75 57.89
N MET K 417 70.70 -28.47 58.86
CA MET K 417 70.27 -29.83 59.16
C MET K 417 69.72 -29.85 60.58
N ILE K 418 68.40 -30.01 60.70
CA ILE K 418 67.73 -29.97 61.99
C ILE K 418 67.31 -31.39 62.36
N VAL K 419 67.88 -31.92 63.44
CA VAL K 419 67.60 -33.28 63.86
C VAL K 419 66.47 -33.26 64.88
N MET K 420 65.44 -34.08 64.66
CA MET K 420 64.32 -34.18 65.57
C MET K 420 64.14 -35.63 66.01
N ASP K 421 64.04 -35.84 67.32
CA ASP K 421 63.89 -37.15 67.91
C ASP K 421 62.41 -37.48 68.07
N GLU K 422 62.12 -38.51 68.86
CA GLU K 422 60.76 -39.03 69.01
C GLU K 422 59.83 -38.07 69.76
N THR K 423 60.36 -37.01 70.36
CA THR K 423 59.55 -36.08 71.13
C THR K 423 59.16 -34.83 70.35
N THR K 424 59.41 -34.80 69.05
CA THR K 424 59.08 -33.66 68.21
C THR K 424 57.95 -34.06 67.26
N CYS K 425 56.84 -33.36 67.34
CA CYS K 425 55.70 -33.63 66.46
C CYS K 425 56.02 -33.24 65.03
N MET K 426 55.44 -33.98 64.08
CA MET K 426 55.66 -33.72 62.68
C MET K 426 54.68 -32.69 62.12
N VAL K 427 53.40 -32.83 62.48
CA VAL K 427 52.41 -31.85 62.07
C VAL K 427 52.76 -30.48 62.63
N ASP K 428 53.29 -30.45 63.86
CA ASP K 428 53.68 -29.18 64.47
C ASP K 428 54.82 -28.53 63.69
N ILE K 429 55.81 -29.31 63.25
CA ILE K 429 56.93 -28.73 62.52
C ILE K 429 56.48 -28.27 61.14
N ALA K 430 55.56 -29.00 60.50
CA ALA K 430 55.03 -28.55 59.22
C ALA K 430 54.26 -27.24 59.40
N ARG K 431 53.49 -27.15 60.49
CA ARG K 431 52.78 -25.91 60.79
C ARG K 431 53.75 -24.76 61.02
N PHE K 432 54.86 -25.01 61.71
CA PHE K 432 55.85 -23.97 61.97
C PHE K 432 56.46 -23.47 60.67
N PHE K 433 56.83 -24.39 59.78
CA PHE K 433 57.43 -23.99 58.52
C PHE K 433 56.43 -23.22 57.66
N LEU K 434 55.17 -23.65 57.65
CA LEU K 434 54.16 -22.94 56.87
C LEU K 434 53.86 -21.57 57.47
N GLU K 435 53.90 -21.45 58.80
CA GLU K 435 53.73 -20.14 59.42
C GLU K 435 54.86 -19.20 59.04
N PHE K 436 56.08 -19.71 59.02
CA PHE K 436 57.21 -18.87 58.58
C PHE K 436 57.04 -18.45 57.13
N THR K 437 56.62 -19.38 56.26
CA THR K 437 56.43 -19.04 54.85
C THR K 437 55.33 -18.01 54.69
N CYS K 438 54.23 -18.15 55.42
CA CYS K 438 53.14 -17.18 55.34
C CYS K 438 53.61 -15.80 55.81
N LYS K 439 54.40 -15.75 56.88
CA LYS K 439 54.87 -14.47 57.38
C LYS K 439 55.96 -13.86 56.52
N GLU K 440 56.64 -14.66 55.70
CA GLU K 440 57.74 -14.16 54.87
C GLU K 440 57.47 -14.36 53.38
N SER K 441 56.23 -14.19 52.94
CA SER K 441 55.86 -14.29 51.54
C SER K 441 55.51 -12.92 51.01
N CYS K 442 55.96 -12.62 49.79
CA CYS K 442 55.75 -11.28 49.23
C CYS K 442 54.29 -11.03 48.88
N GLY K 443 53.48 -12.06 48.73
CA GLY K 443 52.06 -11.91 48.46
C GLY K 443 51.74 -11.28 47.11
N LYS K 444 52.41 -11.71 46.04
CA LYS K 444 52.11 -11.20 44.71
C LYS K 444 51.13 -12.09 43.98
N CYS K 445 51.32 -13.40 44.00
CA CYS K 445 50.44 -14.33 43.32
C CYS K 445 49.58 -15.08 44.33
N THR K 446 48.36 -15.39 43.93
CA THR K 446 47.36 -15.92 44.84
C THR K 446 47.73 -17.31 45.34
N TYR K 447 48.46 -18.08 44.54
CA TYR K 447 48.78 -19.45 44.93
C TYR K 447 49.65 -19.49 46.18
N CYS K 448 50.61 -18.58 46.27
CA CYS K 448 51.42 -18.47 47.49
C CYS K 448 50.77 -17.57 48.53
N ARG K 449 50.13 -16.48 48.10
CA ARG K 449 49.54 -15.55 49.04
C ARG K 449 48.36 -16.17 49.79
N VAL K 450 47.51 -16.90 49.08
CA VAL K 450 46.31 -17.48 49.68
C VAL K 450 46.48 -18.97 49.96
N GLY K 451 47.13 -19.69 49.04
CA GLY K 451 47.28 -21.13 49.22
C GLY K 451 48.05 -21.49 50.48
N THR K 452 49.15 -20.79 50.74
CA THR K 452 49.91 -21.04 51.96
C THR K 452 49.09 -20.68 53.19
N ARG K 453 48.29 -19.62 53.11
CA ARG K 453 47.46 -19.24 54.24
C ARG K 453 46.43 -20.32 54.56
N ARG K 454 45.77 -20.85 53.52
CA ARG K 454 44.79 -21.91 53.73
C ARG K 454 45.46 -23.18 54.24
N MET K 455 46.63 -23.50 53.71
CA MET K 455 47.46 -24.58 54.26
C MET K 455 47.67 -24.41 55.75
N LEU K 456 48.09 -23.22 56.17
CA LEU K 456 48.34 -22.96 57.57
C LEU K 456 47.05 -23.09 58.39
N GLU K 457 45.92 -22.66 57.83
CA GLU K 457 44.65 -22.81 58.53
C GLU K 457 44.31 -24.28 58.72
N ILE K 458 44.54 -25.10 57.70
CA ILE K 458 44.27 -26.53 57.81
C ILE K 458 45.16 -27.16 58.89
N LEU K 459 46.44 -26.80 58.89
CA LEU K 459 47.36 -27.37 59.86
C LEU K 459 47.02 -26.91 61.27
N ASP K 460 46.60 -25.65 61.43
CA ASP K 460 46.17 -25.15 62.73
C ASP K 460 44.94 -25.91 63.22
N ARG K 461 44.00 -26.18 62.31
CA ARG K 461 42.83 -26.96 62.70
C ARG K 461 43.23 -28.36 63.12
N ILE K 462 44.16 -28.97 62.39
CA ILE K 462 44.60 -30.33 62.72
C ILE K 462 45.27 -30.35 64.09
N CYS K 463 46.16 -29.39 64.33
CA CYS K 463 46.91 -29.35 65.59
C CYS K 463 46.09 -28.86 66.77
N ASN K 464 44.97 -28.19 66.53
CA ASN K 464 44.13 -27.69 67.60
C ASN K 464 43.02 -28.65 67.97
N GLY K 465 42.96 -29.82 67.35
CA GLY K 465 41.93 -30.78 67.64
C GLY K 465 40.62 -30.53 66.93
N GLU K 466 40.55 -29.54 66.05
CA GLU K 466 39.34 -29.22 65.30
C GLU K 466 39.37 -29.77 63.89
N GLY K 467 40.37 -30.59 63.56
CA GLY K 467 40.53 -31.08 62.21
C GLY K 467 39.42 -31.99 61.75
N ARG K 468 38.58 -31.51 60.86
CA ARG K 468 37.50 -32.33 60.30
C ARG K 468 38.09 -33.42 59.41
N ASP K 469 37.37 -34.52 59.29
CA ASP K 469 37.80 -35.60 58.41
C ASP K 469 37.77 -35.13 56.96
N GLY K 470 38.69 -35.64 56.17
CA GLY K 470 38.83 -35.19 54.80
C GLY K 470 39.76 -34.01 54.63
N ASP K 471 40.69 -33.80 55.54
CA ASP K 471 41.66 -32.72 55.45
C ASP K 471 43.04 -33.19 55.03
N LEU K 472 43.22 -34.48 54.76
CA LEU K 472 44.51 -34.97 54.31
C LEU K 472 44.64 -34.91 52.79
N GLU K 473 43.69 -35.52 52.08
CA GLU K 473 43.74 -35.46 50.61
C GLU K 473 43.54 -34.04 50.12
N LEU K 474 42.76 -33.23 50.84
CA LEU K 474 42.63 -31.82 50.48
C LEU K 474 43.95 -31.08 50.70
N LEU K 475 44.67 -31.39 51.78
CA LEU K 475 45.98 -30.80 51.98
C LEU K 475 46.95 -31.19 50.88
N GLU K 476 46.91 -32.46 50.45
CA GLU K 476 47.78 -32.90 49.36
C GLU K 476 47.43 -32.20 48.06
N GLU K 477 46.13 -32.05 47.77
CA GLU K 477 45.72 -31.34 46.56
C GLU K 477 46.15 -29.89 46.60
N LEU K 478 46.00 -29.24 47.76
CA LEU K 478 46.45 -27.86 47.92
C LEU K 478 47.96 -27.76 47.70
N ALA K 479 48.72 -28.71 48.24
CA ALA K 479 50.16 -28.71 48.05
C ALA K 479 50.54 -28.87 46.58
N VAL K 480 49.88 -29.80 45.88
CA VAL K 480 50.19 -30.00 44.47
C VAL K 480 49.87 -28.75 43.66
N SER K 481 48.73 -28.12 43.94
CA SER K 481 48.36 -26.91 43.20
C SER K 481 49.31 -25.76 43.51
N VAL K 482 49.69 -25.58 44.77
CA VAL K 482 50.56 -24.47 45.14
C VAL K 482 51.95 -24.67 44.56
N LYS K 483 52.43 -25.91 44.55
CA LYS K 483 53.76 -26.19 44.01
C LYS K 483 53.83 -25.89 42.52
N ASP K 484 52.73 -26.08 41.79
CA ASP K 484 52.71 -25.93 40.35
C ASP K 484 52.04 -24.64 39.88
N GLY K 485 51.74 -23.73 40.79
CA GLY K 485 51.03 -22.52 40.41
C GLY K 485 51.66 -21.23 40.88
N SER K 486 52.61 -21.33 41.79
CA SER K 486 53.26 -20.14 42.32
C SER K 486 54.25 -19.58 41.30
N LEU K 487 54.65 -18.33 41.52
CA LEU K 487 55.51 -17.63 40.57
C LEU K 487 56.99 -17.86 40.87
N CYS K 488 57.42 -17.53 42.09
CA CYS K 488 58.82 -17.64 42.49
C CYS K 488 59.04 -18.87 43.34
N GLY K 489 60.31 -19.15 43.62
CA GLY K 489 60.71 -20.37 44.30
C GLY K 489 60.22 -20.50 45.72
N LEU K 490 59.79 -19.40 46.35
CA LEU K 490 59.25 -19.50 47.70
C LEU K 490 57.96 -20.30 47.72
N GLY K 491 57.06 -20.03 46.77
CA GLY K 491 55.79 -20.74 46.73
C GLY K 491 55.90 -22.15 46.19
N GLN K 492 56.82 -22.39 45.27
CA GLN K 492 56.98 -23.72 44.71
C GLN K 492 57.73 -24.67 45.62
N THR K 493 58.36 -24.16 46.68
CA THR K 493 59.00 -25.01 47.67
C THR K 493 58.36 -24.93 49.04
N ALA K 494 57.40 -24.03 49.25
CA ALA K 494 56.69 -23.99 50.52
C ALA K 494 55.96 -25.29 50.85
N PRO K 495 55.28 -25.98 49.93
CA PRO K 495 54.60 -27.23 50.30
C PRO K 495 55.55 -28.37 50.61
N ASN K 496 56.85 -28.19 50.47
CA ASN K 496 57.78 -29.31 50.63
C ASN K 496 57.73 -29.93 52.02
N PRO K 497 57.77 -29.16 53.12
CA PRO K 497 57.61 -29.82 54.43
C PRO K 497 56.29 -30.54 54.59
N VAL K 498 55.21 -29.98 54.04
CA VAL K 498 53.91 -30.64 54.11
C VAL K 498 53.89 -31.88 53.23
N LEU K 499 54.47 -31.79 52.03
CA LEU K 499 54.46 -32.92 51.11
C LEU K 499 55.33 -34.05 51.63
N THR K 500 56.49 -33.74 52.18
CA THR K 500 57.38 -34.77 52.69
C THR K 500 56.82 -35.43 53.94
N THR K 501 56.35 -34.61 54.89
CA THR K 501 55.84 -35.14 56.14
C THR K 501 54.61 -36.01 55.92
N LEU K 502 53.75 -35.62 54.98
CA LEU K 502 52.59 -36.43 54.65
C LEU K 502 52.97 -37.73 53.95
N ARG K 503 54.22 -37.89 53.52
CA ARG K 503 54.63 -39.11 52.85
C ARG K 503 55.23 -40.13 53.81
N TYR K 504 56.07 -39.69 54.73
CA TYR K 504 56.72 -40.60 55.66
C TYR K 504 56.03 -40.66 57.02
N PHE K 505 55.32 -39.61 57.41
CA PHE K 505 54.69 -39.53 58.73
C PHE K 505 53.21 -39.22 58.58
N LYS K 506 52.54 -39.94 57.68
CA LYS K 506 51.10 -39.75 57.53
C LYS K 506 50.33 -40.27 58.74
N ASP K 507 50.87 -41.29 59.40
CA ASP K 507 50.18 -41.86 60.56
C ASP K 507 50.08 -40.84 61.69
N GLU K 508 51.03 -39.92 61.80
CA GLU K 508 50.91 -38.84 62.77
C GLU K 508 49.71 -37.95 62.46
N TYR K 509 49.51 -37.63 61.18
CA TYR K 509 48.34 -36.87 60.78
C TYR K 509 47.06 -37.63 61.07
N ILE K 510 47.07 -38.95 60.81
CA ILE K 510 45.90 -39.77 61.05
C ILE K 510 45.55 -39.77 62.54
N ALA K 511 46.55 -39.96 63.40
CA ALA K 511 46.32 -39.95 64.83
C ALA K 511 45.87 -38.58 65.32
N HIS K 512 46.37 -37.51 64.70
CA HIS K 512 45.91 -36.18 65.04
C HIS K 512 44.45 -35.97 64.64
N ILE K 513 44.03 -36.57 63.53
CA ILE K 513 42.71 -36.35 62.97
C ILE K 513 41.71 -37.40 63.43
N ARG K 514 42.07 -38.68 63.32
CA ARG K 514 41.14 -39.75 63.66
C ARG K 514 41.01 -39.89 65.18
N ASP K 515 42.11 -40.20 65.85
CA ASP K 515 42.09 -40.44 67.29
C ASP K 515 42.15 -39.16 68.11
N LYS K 516 42.50 -38.03 67.48
CA LYS K 516 42.65 -36.75 68.19
C LYS K 516 43.64 -36.88 69.35
N LYS K 517 44.77 -37.53 69.08
CA LYS K 517 45.83 -37.69 70.06
C LYS K 517 47.16 -37.35 69.41
N CYS K 518 48.11 -36.91 70.23
CA CYS K 518 49.42 -36.52 69.74
C CYS K 518 50.41 -37.63 70.02
N PRO K 519 50.92 -38.33 69.00
CA PRO K 519 51.90 -39.39 69.26
C PRO K 519 53.19 -38.89 69.88
N ALA K 520 53.54 -37.62 69.70
CA ALA K 520 54.75 -37.06 70.26
C ALA K 520 54.50 -36.21 71.50
N LYS K 521 53.24 -35.96 71.84
CA LYS K 521 52.86 -35.16 73.01
C LYS K 521 53.51 -33.78 72.96
N GLN K 522 53.21 -33.05 71.91
CA GLN K 522 53.73 -31.70 71.71
C GLN K 522 52.64 -30.65 71.54
N CYS K 523 51.58 -30.95 70.81
CA CYS K 523 50.50 -30.00 70.62
C CYS K 523 49.69 -29.86 71.90
N LYS K 524 49.54 -28.62 72.38
CA LYS K 524 48.93 -28.40 73.68
C LYS K 524 47.48 -28.84 73.70
N ALA K 525 46.74 -28.60 72.62
CA ALA K 525 45.31 -28.88 72.61
C ALA K 525 44.99 -30.37 72.50
N LEU K 526 45.99 -31.25 72.46
CA LEU K 526 45.75 -32.68 72.33
C LEU K 526 46.47 -33.49 73.40
N ILE K 527 46.92 -32.87 74.48
CA ILE K 527 47.62 -33.56 75.56
C ILE K 527 46.96 -33.20 76.88
N THR K 528 47.18 -34.06 77.88
CA THR K 528 46.67 -33.87 79.23
C THR K 528 47.78 -34.10 80.23
N TYR K 529 47.88 -33.20 81.21
CA TYR K 529 48.86 -33.29 82.29
C TYR K 529 48.12 -33.76 83.54
N SER K 530 48.44 -34.97 84.00
CA SER K 530 47.76 -35.57 85.14
C SER K 530 48.77 -35.97 86.20
N ILE K 531 48.40 -35.80 87.46
CA ILE K 531 49.28 -36.13 88.58
C ILE K 531 48.86 -37.47 89.14
N LEU K 532 49.78 -38.42 89.18
CA LEU K 532 49.51 -39.70 89.84
C LEU K 532 49.57 -39.49 91.34
N PRO K 533 48.49 -39.77 92.09
CA PRO K 533 48.51 -39.52 93.54
C PRO K 533 49.60 -40.27 94.27
N GLU K 534 49.92 -41.49 93.84
CA GLU K 534 50.95 -42.27 94.51
C GLU K 534 52.32 -41.64 94.35
N LYS K 535 52.64 -41.16 93.16
CA LYS K 535 53.99 -40.66 92.89
C LYS K 535 54.23 -39.30 93.53
N CYS K 536 53.18 -38.51 93.73
CA CYS K 536 53.34 -37.17 94.26
C CYS K 536 53.80 -37.19 95.71
N THR K 537 54.53 -36.15 96.11
CA THR K 537 54.99 -35.99 97.48
C THR K 537 54.53 -34.68 98.12
N GLY K 538 53.79 -33.85 97.39
CA GLY K 538 53.23 -32.65 97.97
C GLY K 538 54.25 -31.61 98.40
N CYS K 539 55.32 -31.43 97.62
CA CYS K 539 56.30 -30.40 97.94
C CYS K 539 55.80 -29.00 97.61
N GLY K 540 54.82 -28.88 96.71
CA GLY K 540 54.23 -27.60 96.38
C GLY K 540 54.99 -26.78 95.36
N LEU K 541 56.13 -27.26 94.86
CA LEU K 541 56.89 -26.50 93.88
C LEU K 541 56.10 -26.33 92.59
N CYS K 542 55.49 -27.41 92.10
CA CYS K 542 54.71 -27.33 90.87
C CYS K 542 53.53 -26.39 91.04
N ALA K 543 52.84 -26.47 92.18
CA ALA K 543 51.70 -25.59 92.42
C ALA K 543 52.13 -24.14 92.45
N ARG K 544 53.26 -23.84 93.08
CA ARG K 544 53.74 -22.46 93.15
C ARG K 544 54.31 -21.98 91.82
N LYS K 545 54.70 -22.90 90.93
CA LYS K 545 55.27 -22.52 89.66
C LYS K 545 54.24 -22.33 88.56
N CYS K 546 52.98 -22.66 88.80
CA CYS K 546 51.95 -22.47 87.79
C CYS K 546 51.66 -20.98 87.60
N PRO K 547 51.76 -20.47 86.37
CA PRO K 547 51.31 -19.09 86.14
C PRO K 547 49.84 -18.89 86.42
N THR K 548 49.03 -19.93 86.23
CA THR K 548 47.60 -19.87 86.48
C THR K 548 47.20 -20.47 87.82
N LYS K 549 48.15 -20.98 88.60
CA LYS K 549 47.86 -21.59 89.89
C LYS K 549 46.81 -22.69 89.77
N ALA K 550 46.97 -23.54 88.75
CA ALA K 550 46.00 -24.61 88.52
C ALA K 550 46.13 -25.70 89.57
N ILE K 551 47.34 -26.02 89.99
CA ILE K 551 47.58 -27.14 90.90
C ILE K 551 47.28 -26.71 92.33
N THR K 552 46.36 -27.42 92.97
CA THR K 552 46.01 -27.18 94.37
C THR K 552 46.10 -28.49 95.14
N GLY K 553 46.40 -28.37 96.43
CA GLY K 553 46.46 -29.54 97.28
C GLY K 553 47.07 -29.19 98.62
N GLU K 554 46.97 -30.15 99.54
CA GLU K 554 47.51 -29.98 100.88
C GLU K 554 48.98 -30.37 100.92
N ARG K 555 49.63 -30.00 102.02
CA ARG K 555 51.05 -30.29 102.18
C ARG K 555 51.27 -31.78 102.44
N LEU K 556 52.29 -32.35 101.80
CA LEU K 556 52.61 -33.78 101.89
C LEU K 556 51.44 -34.65 101.47
N LYS K 557 50.60 -34.14 100.57
CA LYS K 557 49.44 -34.86 100.05
C LYS K 557 49.44 -34.78 98.55
N PRO K 558 48.83 -35.76 97.87
CA PRO K 558 48.78 -35.71 96.40
C PRO K 558 48.07 -34.45 95.92
N HIS K 559 48.59 -33.88 94.84
CA HIS K 559 48.01 -32.70 94.22
C HIS K 559 47.09 -33.11 93.08
N VAL K 560 46.13 -32.24 92.78
CA VAL K 560 45.14 -32.49 91.73
C VAL K 560 45.23 -31.35 90.72
N ILE K 561 45.29 -31.69 89.44
CA ILE K 561 45.37 -30.70 88.38
C ILE K 561 43.98 -30.18 88.08
N ASP K 562 43.80 -28.87 88.14
CA ASP K 562 42.52 -28.24 87.79
C ASP K 562 42.51 -28.08 86.28
N GLN K 563 41.98 -29.09 85.59
CA GLN K 563 42.04 -29.14 84.14
C GLN K 563 41.29 -27.99 83.48
N SER K 564 40.34 -27.36 84.19
CA SER K 564 39.59 -26.27 83.60
C SER K 564 40.48 -25.08 83.28
N LYS K 565 41.44 -24.78 84.16
CA LYS K 565 42.31 -23.63 84.03
C LYS K 565 43.77 -24.06 83.90
N CYS K 566 44.02 -25.09 83.10
CA CYS K 566 45.37 -25.55 82.80
C CYS K 566 45.72 -25.13 81.38
N THR K 567 46.78 -24.35 81.23
CA THR K 567 47.22 -23.85 79.94
C THR K 567 48.16 -24.81 79.21
N LYS K 568 48.45 -25.96 79.80
CA LYS K 568 49.29 -26.98 79.18
C LYS K 568 50.67 -26.43 78.83
N CYS K 569 51.20 -25.57 79.70
CA CYS K 569 52.51 -24.98 79.46
C CYS K 569 53.65 -25.94 79.73
N GLY K 570 53.40 -27.05 80.41
CA GLY K 570 54.42 -28.04 80.66
C GLY K 570 55.38 -27.72 81.78
N THR K 571 55.07 -26.72 82.62
CA THR K 571 55.96 -26.37 83.72
C THR K 571 56.05 -27.50 84.74
N CYS K 572 55.01 -28.33 84.85
CA CYS K 572 55.05 -29.45 85.79
C CYS K 572 56.18 -30.41 85.45
N MET K 573 56.37 -30.73 84.17
CA MET K 573 57.46 -31.60 83.77
C MET K 573 58.80 -31.00 84.15
N ASN K 574 58.95 -29.69 83.96
CA ASN K 574 60.22 -29.04 84.27
C ASN K 574 60.48 -28.96 85.77
N VAL K 575 59.42 -28.89 86.58
CA VAL K 575 59.58 -28.61 88.01
C VAL K 575 59.65 -29.89 88.83
N CYS K 576 58.71 -30.80 88.63
CA CYS K 576 58.65 -32.00 89.47
C CYS K 576 59.77 -32.95 89.09
N ARG K 577 60.74 -33.12 90.00
CA ARG K 577 61.84 -34.04 89.81
C ARG K 577 61.53 -35.47 90.25
N PHE K 578 60.36 -35.70 90.82
CA PHE K 578 59.99 -37.00 91.36
C PHE K 578 59.23 -37.87 90.36
N GLY K 579 59.04 -37.38 89.14
CA GLY K 579 58.30 -38.14 88.13
C GLY K 579 56.84 -38.36 88.46
N ALA K 580 56.20 -37.38 89.10
CA ALA K 580 54.80 -37.51 89.47
C ALA K 580 53.87 -37.07 88.36
N VAL K 581 54.18 -35.96 87.70
CA VAL K 581 53.35 -35.44 86.63
C VAL K 581 53.59 -36.24 85.36
N ASN K 582 52.51 -36.65 84.70
CA ASN K 582 52.57 -37.46 83.50
C ASN K 582 51.74 -36.80 82.41
N VAL K 583 52.31 -36.68 81.22
CA VAL K 583 51.63 -36.08 80.08
C VAL K 583 51.25 -37.20 79.11
N GLU K 584 49.97 -37.29 78.79
CA GLU K 584 49.50 -38.33 77.90
C GLU K 584 48.35 -37.87 77.01
N ASP L 22 61.13 15.44 65.14
CA ASP L 22 62.12 16.36 64.60
C ASP L 22 62.46 15.98 63.16
N LEU L 23 62.80 16.99 62.36
CA LEU L 23 63.14 16.78 60.95
C LEU L 23 64.38 17.60 60.61
N SER L 24 65.41 17.47 61.42
CA SER L 24 66.65 18.18 61.18
C SER L 24 67.86 17.28 61.00
N LEU L 25 67.89 16.13 61.68
CA LEU L 25 69.04 15.24 61.60
C LEU L 25 69.09 14.46 60.29
N LEU L 26 68.05 14.52 59.47
CA LEU L 26 68.01 13.77 58.22
C LEU L 26 68.85 14.41 57.13
N ASP L 27 69.29 15.65 57.31
CA ASP L 27 70.03 16.34 56.26
C ASP L 27 71.34 15.65 55.89
N PRO L 28 72.22 15.28 56.83
CA PRO L 28 73.47 14.63 56.40
C PRO L 28 73.25 13.31 55.70
N VAL L 29 72.29 12.51 56.17
CA VAL L 29 72.01 11.22 55.53
C VAL L 29 71.48 11.44 54.12
N LEU L 30 70.52 12.35 53.98
CA LEU L 30 69.93 12.60 52.67
C LEU L 30 70.96 13.21 51.72
N ASP L 31 71.93 13.95 52.24
CA ASP L 31 72.97 14.53 51.40
C ASP L 31 73.99 13.48 50.98
N GLU L 32 74.33 12.55 51.87
CA GLU L 32 75.29 11.51 51.51
C GLU L 32 74.67 10.39 50.68
N TYR L 33 73.34 10.33 50.60
CA TYR L 33 72.67 9.35 49.75
C TYR L 33 71.82 10.05 48.69
N LYS L 34 72.32 11.15 48.14
CA LYS L 34 71.58 11.94 47.17
C LYS L 34 72.05 11.62 45.75
N GLY L 35 71.16 11.90 44.79
CA GLY L 35 71.45 11.76 43.39
C GLY L 35 70.97 10.47 42.76
N GLU L 36 70.68 9.44 43.56
CA GLU L 36 70.22 8.16 43.06
C GLU L 36 68.96 7.75 43.81
N LYS L 37 67.94 7.31 43.08
CA LYS L 37 66.72 6.79 43.67
C LYS L 37 66.81 5.30 43.96
N SER L 38 68.02 4.75 44.04
CA SER L 38 68.23 3.35 44.39
C SER L 38 68.80 3.18 45.79
N ASN L 39 69.02 4.28 46.52
CA ASN L 39 69.55 4.23 47.86
C ASN L 39 68.47 4.45 48.93
N ILE L 40 67.21 4.32 48.55
CA ILE L 40 66.12 4.69 49.45
C ILE L 40 66.04 3.76 50.64
N ILE L 41 66.43 2.49 50.48
CA ILE L 41 66.39 1.56 51.61
C ILE L 41 67.45 1.94 52.63
N ALA L 42 68.63 2.35 52.16
CA ALA L 42 69.66 2.82 53.09
C ALA L 42 69.23 4.07 53.81
N ILE L 43 68.52 4.97 53.11
CA ILE L 43 68.01 6.18 53.74
C ILE L 43 66.99 5.81 54.82
N LEU L 44 66.11 4.86 54.54
CA LEU L 44 65.14 4.41 55.53
C LEU L 44 65.83 3.79 56.73
N GLN L 45 66.89 3.00 56.49
CA GLN L 45 67.63 2.40 57.60
C GLN L 45 68.28 3.46 58.47
N LYS L 46 68.88 4.47 57.85
CA LYS L 46 69.48 5.57 58.62
C LYS L 46 68.41 6.36 59.37
N THR L 47 67.25 6.56 58.76
CA THR L 47 66.15 7.25 59.44
C THR L 47 65.69 6.47 60.65
N GLN L 48 65.58 5.15 60.53
CA GLN L 48 65.20 4.31 61.66
C GLN L 48 66.26 4.37 62.75
N GLU L 49 67.53 4.41 62.37
CA GLU L 49 68.59 4.55 63.37
C GLU L 49 68.49 5.88 64.10
N ILE L 50 68.19 6.96 63.36
CA ILE L 50 68.19 8.29 63.96
C ILE L 50 66.98 8.47 64.87
N TYR L 51 65.79 8.14 64.38
CA TYR L 51 64.55 8.42 65.10
C TYR L 51 64.03 7.24 65.91
N ARG L 52 64.69 6.09 65.84
CA ARG L 52 64.30 4.89 66.57
C ARG L 52 62.96 4.34 66.07
N PHE L 53 62.39 4.99 65.06
CA PHE L 53 61.20 4.54 64.36
C PHE L 53 61.09 5.39 63.09
N LEU L 54 60.07 5.11 62.29
CA LEU L 54 59.88 5.83 61.03
C LEU L 54 58.72 6.80 61.15
N PRO L 55 58.95 8.10 61.23
CA PRO L 55 57.84 9.06 61.28
C PRO L 55 57.33 9.39 59.89
N LEU L 56 56.04 9.72 59.83
CA LEU L 56 55.42 10.01 58.54
C LEU L 56 55.97 11.29 57.93
N ASP L 57 56.23 12.30 58.76
CA ASP L 57 56.81 13.54 58.24
C ASP L 57 58.21 13.28 57.68
N ALA L 58 58.98 12.40 58.32
CA ALA L 58 60.28 12.04 57.78
C ALA L 58 60.15 11.36 56.42
N LEU L 59 59.16 10.48 56.28
CA LEU L 59 58.92 9.86 54.98
C LEU L 59 58.54 10.89 53.93
N ASN L 60 57.73 11.87 54.31
CA ASN L 60 57.39 12.95 53.40
C ASN L 60 58.63 13.72 52.96
N TYR L 61 59.52 14.01 53.91
CA TYR L 61 60.75 14.72 53.59
C TYR L 61 61.64 13.91 52.67
N ILE L 62 61.75 12.60 52.92
CA ILE L 62 62.56 11.74 52.05
C ILE L 62 61.98 11.73 50.64
N SER L 63 60.65 11.64 50.53
CA SER L 63 60.03 11.67 49.22
C SER L 63 60.28 13.00 48.51
N GLU L 64 60.21 14.11 49.26
CA GLU L 64 60.43 15.42 48.65
C GLU L 64 61.87 15.58 48.17
N LYS L 65 62.84 15.12 48.95
CA LYS L 65 64.24 15.36 48.60
C LYS L 65 64.75 14.36 47.58
N THR L 66 64.54 13.07 47.81
CA THR L 66 65.06 12.07 46.89
C THR L 66 64.32 12.09 45.56
N GLY L 67 63.11 12.63 45.53
CA GLY L 67 62.30 12.59 44.33
C GLY L 67 61.55 11.30 44.11
N VAL L 68 61.61 10.36 45.06
CA VAL L 68 60.87 9.12 44.96
C VAL L 68 59.44 9.36 45.40
N LYS L 69 58.50 8.69 44.73
CA LYS L 69 57.09 8.88 45.03
C LYS L 69 56.78 8.40 46.45
N LYS L 70 55.86 9.10 47.11
CA LYS L 70 55.51 8.75 48.49
C LYS L 70 54.92 7.36 48.59
N ALA L 71 54.17 6.94 47.56
CA ALA L 71 53.59 5.61 47.55
C ALA L 71 54.68 4.53 47.60
N LYS L 72 55.75 4.71 46.84
CA LYS L 72 56.85 3.75 46.88
C LYS L 72 57.54 3.75 48.24
N ILE L 73 57.68 4.92 48.86
CA ILE L 73 58.29 4.99 50.19
C ILE L 73 57.45 4.20 51.19
N TYR L 74 56.13 4.39 51.16
CA TYR L 74 55.27 3.66 52.07
C TYR L 74 55.28 2.17 51.76
N GLY L 75 55.35 1.80 50.47
CA GLY L 75 55.38 0.40 50.11
C GLY L 75 56.63 -0.30 50.62
N ILE L 76 57.78 0.36 50.49
CA ILE L 76 59.01 -0.22 51.03
C ILE L 76 58.96 -0.27 52.54
N ALA L 77 58.49 0.80 53.17
CA ALA L 77 58.50 0.87 54.63
C ALA L 77 57.60 -0.18 55.26
N THR L 78 56.57 -0.61 54.54
CA THR L 78 55.64 -1.62 55.06
C THR L 78 55.94 -3.01 54.52
N PHE L 79 57.03 -3.19 53.78
CA PHE L 79 57.39 -4.48 53.22
C PHE L 79 58.40 -5.23 54.07
N TYR L 80 59.41 -4.55 54.58
CA TYR L 80 60.51 -5.20 55.29
C TYR L 80 60.23 -5.22 56.78
N ALA L 81 60.59 -6.34 57.42
CA ALA L 81 60.30 -6.53 58.83
C ALA L 81 61.14 -5.63 59.73
N GLN L 82 62.28 -5.15 59.24
CA GLN L 82 63.11 -4.27 60.06
C GLN L 82 62.40 -2.96 60.37
N PHE L 83 61.67 -2.42 59.40
CA PHE L 83 61.02 -1.13 59.55
C PHE L 83 59.78 -1.24 60.43
N ARG L 84 59.66 -0.32 61.38
CA ARG L 84 58.53 -0.26 62.28
C ARG L 84 57.91 1.13 62.20
N LEU L 85 56.59 1.20 62.07
CA LEU L 85 55.89 2.45 61.88
C LEU L 85 55.43 3.10 63.18
N LYS L 86 55.67 2.44 64.32
CA LYS L 86 55.24 2.95 65.61
C LYS L 86 56.43 2.99 66.56
N PRO L 87 56.39 3.85 67.57
CA PRO L 87 57.49 3.88 68.54
C PRO L 87 57.65 2.55 69.26
N VAL L 88 58.89 2.21 69.56
CA VAL L 88 59.23 0.94 70.20
C VAL L 88 59.80 1.22 71.58
N GLY L 89 59.38 0.42 72.56
CA GLY L 89 59.78 0.62 73.94
C GLY L 89 61.28 0.57 74.14
N LYS L 90 61.68 0.90 75.37
CA LYS L 90 63.11 1.05 75.67
C LYS L 90 63.86 -0.27 75.49
N TYR L 91 63.31 -1.37 76.00
CA TYR L 91 63.96 -2.67 75.93
C TYR L 91 63.32 -3.51 74.83
N VAL L 92 64.15 -4.09 73.98
CA VAL L 92 63.69 -4.93 72.87
C VAL L 92 64.04 -6.37 73.19
N ILE L 93 63.04 -7.24 73.14
CA ILE L 93 63.25 -8.66 73.42
C ILE L 93 63.17 -9.44 72.12
N LEU L 94 64.31 -9.63 71.47
CA LEU L 94 64.39 -10.44 70.27
C LEU L 94 64.35 -11.91 70.70
N GLN L 95 63.17 -12.52 70.56
CA GLN L 95 62.98 -13.92 70.92
C GLN L 95 63.19 -14.77 69.68
N CYS L 96 64.30 -15.49 69.64
CA CYS L 96 64.63 -16.30 68.46
C CYS L 96 63.59 -17.39 68.28
N GLN L 97 63.14 -17.57 67.05
CA GLN L 97 62.16 -18.58 66.68
C GLN L 97 62.61 -19.36 65.47
N GLY L 98 63.91 -19.62 65.38
CA GLY L 98 64.44 -20.45 64.32
C GLY L 98 64.04 -21.90 64.54
N THR L 99 64.43 -22.74 63.58
CA THR L 99 64.06 -24.14 63.64
C THR L 99 64.68 -24.82 64.86
N ALA L 100 65.95 -24.54 65.14
CA ALA L 100 66.64 -25.19 66.26
C ALA L 100 66.00 -24.82 67.59
N CYS L 101 65.72 -23.53 67.78
CA CYS L 101 65.10 -23.09 69.03
C CYS L 101 63.69 -23.65 69.17
N HIS L 102 62.91 -23.63 68.09
CA HIS L 102 61.55 -24.14 68.16
C HIS L 102 61.53 -25.64 68.47
N VAL L 103 62.46 -26.39 67.88
CA VAL L 103 62.55 -27.82 68.19
C VAL L 103 62.90 -28.01 69.67
N ASN L 104 63.78 -27.18 70.20
CA ASN L 104 64.14 -27.24 71.61
C ASN L 104 63.16 -26.51 72.51
N GLY L 105 61.94 -26.25 72.04
CA GLY L 105 60.91 -25.66 72.87
C GLY L 105 61.05 -24.16 73.06
N SER L 106 60.95 -23.40 71.97
CA SER L 106 60.96 -21.95 72.05
C SER L 106 59.57 -21.34 72.05
N GLU L 107 58.54 -22.08 71.63
CA GLU L 107 57.19 -21.55 71.65
C GLU L 107 56.74 -21.25 73.08
N GLU L 108 57.08 -22.15 74.01
CA GLU L 108 56.70 -21.93 75.41
C GLU L 108 57.38 -20.70 75.99
N ILE L 109 58.60 -20.40 75.56
CA ILE L 109 59.28 -19.20 76.02
C ILE L 109 58.50 -17.96 75.59
N LYS L 110 58.10 -17.92 74.32
CA LYS L 110 57.34 -16.78 73.81
C LYS L 110 56.00 -16.66 74.52
N ASN L 111 55.33 -17.79 74.73
CA ASN L 111 54.05 -17.75 75.43
C ASN L 111 54.20 -17.25 76.85
N ALA L 112 55.26 -17.69 77.54
CA ALA L 112 55.50 -17.24 78.91
C ALA L 112 55.77 -15.74 78.94
N LEU L 113 56.59 -15.24 78.00
CA LEU L 113 56.85 -13.81 77.97
C LEU L 113 55.59 -13.01 77.65
N CYS L 114 54.77 -13.51 76.72
CA CYS L 114 53.53 -12.82 76.38
C CYS L 114 52.58 -12.79 77.57
N ASP L 115 52.49 -13.88 78.31
CA ASP L 115 51.61 -13.91 79.48
C ASP L 115 52.15 -13.01 80.59
N GLU L 116 53.48 -12.96 80.74
CA GLU L 116 54.06 -12.13 81.79
C GLU L 116 53.87 -10.64 81.48
N LEU L 117 54.11 -10.24 80.22
CA LEU L 117 53.98 -8.84 79.84
C LEU L 117 52.58 -8.46 79.40
N ASN L 118 51.66 -9.43 79.27
CA ASN L 118 50.28 -9.17 78.87
C ASN L 118 50.20 -8.46 77.53
N ILE L 119 51.12 -8.80 76.62
CA ILE L 119 51.14 -8.24 75.28
C ILE L 119 51.30 -9.37 74.26
N LYS L 120 50.91 -9.07 73.04
CA LYS L 120 51.04 -9.98 71.91
C LYS L 120 52.41 -9.81 71.26
N PRO L 121 52.89 -10.82 70.55
CA PRO L 121 54.19 -10.70 69.87
C PRO L 121 54.17 -9.54 68.87
N GLY L 122 55.29 -8.83 68.80
CA GLY L 122 55.41 -7.67 67.95
C GLY L 122 54.92 -6.37 68.55
N ASP L 123 54.32 -6.40 69.73
CA ASP L 123 53.77 -5.21 70.36
C ASP L 123 54.69 -4.72 71.47
N THR L 124 54.34 -3.55 72.01
CA THR L 124 55.06 -2.95 73.12
C THR L 124 54.10 -2.77 74.30
N THR L 125 54.64 -2.89 75.51
CA THR L 125 53.83 -2.71 76.70
C THR L 125 53.34 -1.28 76.78
N GLU L 126 52.17 -1.10 77.41
CA GLU L 126 51.61 0.24 77.57
C GLU L 126 52.54 1.13 78.39
N ASP L 127 53.35 0.53 79.27
CA ASP L 127 54.33 1.29 80.02
C ASP L 127 55.49 1.78 79.15
N GLY L 128 55.58 1.32 77.91
CA GLY L 128 56.68 1.70 77.04
C GLY L 128 58.02 1.19 77.54
N MET L 129 58.05 -0.07 77.99
CA MET L 129 59.25 -0.64 78.59
C MET L 129 59.84 -1.77 77.78
N PHE L 130 59.04 -2.80 77.47
CA PHE L 130 59.50 -3.95 76.73
C PHE L 130 58.84 -4.00 75.36
N THR L 131 59.49 -4.70 74.43
CA THR L 131 58.96 -4.86 73.08
C THR L 131 59.40 -6.22 72.56
N LEU L 132 58.49 -7.18 72.59
CA LEU L 132 58.78 -8.50 72.07
C LEU L 132 58.70 -8.50 70.55
N GLU L 133 59.61 -9.24 69.91
CA GLU L 133 59.58 -9.39 68.46
C GLU L 133 60.34 -10.65 68.09
N GLU L 134 59.67 -11.59 67.43
CA GLU L 134 60.31 -12.82 67.00
C GLU L 134 61.33 -12.53 65.91
N VAL L 135 62.44 -13.28 65.93
CA VAL L 135 63.51 -13.12 64.98
C VAL L 135 63.95 -14.50 64.49
N ALA L 136 64.78 -14.50 63.44
CA ALA L 136 65.33 -15.73 62.92
C ALA L 136 66.51 -16.17 63.80
N CYS L 137 67.30 -17.11 63.30
CA CYS L 137 68.42 -17.63 64.07
C CYS L 137 69.39 -16.52 64.44
N LEU L 138 69.81 -16.50 65.70
CA LEU L 138 70.76 -15.51 66.20
C LEU L 138 72.19 -15.99 66.12
N GLY L 139 72.43 -17.19 65.59
CA GLY L 139 73.75 -17.73 65.44
C GLY L 139 74.17 -18.68 66.56
N CYS L 140 73.64 -18.48 67.75
CA CYS L 140 73.98 -19.33 68.89
C CYS L 140 72.90 -20.40 69.06
N CYS L 141 72.92 -21.35 68.12
CA CYS L 141 71.94 -22.42 68.15
C CYS L 141 72.15 -23.37 69.32
N SER L 142 73.40 -23.52 69.77
CA SER L 142 73.70 -24.46 70.84
C SER L 142 73.15 -24.01 72.19
N LEU L 143 72.68 -22.76 72.30
CA LEU L 143 72.05 -22.26 73.50
C LEU L 143 70.53 -22.24 73.40
N ALA L 144 69.97 -22.96 72.43
CA ALA L 144 68.55 -22.88 72.17
C ALA L 144 67.75 -23.35 73.38
N PRO L 145 66.68 -22.64 73.75
CA PRO L 145 66.16 -21.40 73.15
C PRO L 145 66.95 -20.17 73.57
N VAL L 146 67.02 -19.15 72.71
CA VAL L 146 67.84 -17.97 72.95
C VAL L 146 66.96 -16.73 72.81
N MET L 147 67.18 -15.75 73.68
CA MET L 147 66.53 -14.46 73.56
C MET L 147 67.50 -13.35 73.92
N MET L 148 67.43 -12.24 73.20
CA MET L 148 68.37 -11.14 73.33
C MET L 148 67.65 -9.88 73.77
N ILE L 149 68.14 -9.25 74.83
CA ILE L 149 67.58 -8.01 75.35
C ILE L 149 68.68 -6.95 75.31
N ASN L 150 68.55 -6.00 74.38
CA ASN L 150 69.42 -4.84 74.29
C ASN L 150 70.89 -5.25 74.25
N GLY L 151 71.20 -6.29 73.50
CA GLY L 151 72.56 -6.77 73.38
C GLY L 151 72.86 -7.96 74.25
N GLU L 152 72.29 -7.99 75.46
CA GLU L 152 72.48 -9.13 76.33
C GLU L 152 71.84 -10.37 75.72
N THR L 153 72.45 -11.53 75.96
CA THR L 153 71.96 -12.79 75.42
C THR L 153 71.60 -13.74 76.55
N TYR L 154 70.59 -14.56 76.33
CA TYR L 154 70.21 -15.58 77.29
C TYR L 154 69.90 -16.86 76.53
N GLY L 155 70.48 -17.98 77.01
CA GLY L 155 70.32 -19.25 76.35
C GLY L 155 69.95 -20.34 77.33
N LYS L 156 69.61 -21.51 76.78
CA LYS L 156 69.16 -22.65 77.57
C LYS L 156 67.99 -22.28 78.47
N LEU L 157 67.08 -21.47 77.92
CA LEU L 157 65.99 -20.91 78.70
C LEU L 157 64.85 -21.92 78.88
N THR L 158 64.03 -21.66 79.88
CA THR L 158 62.80 -22.39 80.14
C THR L 158 61.74 -21.35 80.51
N PRO L 159 60.46 -21.69 80.38
CA PRO L 159 59.42 -20.69 80.67
C PRO L 159 59.54 -20.07 82.05
N ASP L 160 59.86 -20.88 83.07
CA ASP L 160 60.09 -20.33 84.41
C ASP L 160 61.27 -19.38 84.41
N LYS L 161 62.40 -19.81 83.85
CA LYS L 161 63.57 -18.96 83.77
C LYS L 161 63.30 -17.73 82.91
N ALA L 162 62.57 -17.91 81.81
CA ALA L 162 62.25 -16.79 80.94
C ALA L 162 61.45 -15.73 81.69
N ARG L 163 60.48 -16.16 82.51
CA ARG L 163 59.78 -15.20 83.35
C ARG L 163 60.70 -14.58 84.39
N GLU L 164 61.62 -15.36 84.94
CA GLU L 164 62.50 -14.86 85.98
C GLU L 164 63.40 -13.74 85.49
N ILE L 165 63.93 -13.88 84.26
CA ILE L 165 64.79 -12.81 83.74
C ILE L 165 64.01 -11.50 83.60
N ILE L 166 62.79 -11.57 83.07
CA ILE L 166 62.01 -10.35 82.92
C ILE L 166 61.67 -9.76 84.28
N ARG L 167 61.34 -10.61 85.25
CA ARG L 167 61.07 -10.11 86.60
C ARG L 167 62.30 -9.44 87.19
N ARG L 168 63.47 -10.03 87.00
CA ARG L 168 64.70 -9.45 87.53
C ARG L 168 65.01 -8.12 86.87
N ILE L 169 64.82 -8.01 85.56
CA ILE L 169 65.04 -6.74 84.87
C ILE L 169 64.07 -5.68 85.39
N TYR L 170 62.80 -6.05 85.55
CA TYR L 170 61.80 -5.11 86.04
C TYR L 170 62.16 -4.62 87.44
N GLU L 171 62.52 -5.55 88.33
CA GLU L 171 62.88 -5.17 89.69
C GLU L 171 64.14 -4.30 89.72
N ARG L 172 65.14 -4.66 88.92
CA ARG L 172 66.38 -3.88 88.87
C ARG L 172 66.12 -2.46 88.39
N GLU L 173 65.27 -2.31 87.36
CA GLU L 173 64.98 -0.97 86.87
C GLU L 173 64.13 -0.18 87.84
N LYS L 174 63.19 -0.85 88.53
CA LYS L 174 62.39 -0.18 89.54
C LYS L 174 63.24 0.32 90.69
N ASN L 175 64.24 -0.47 91.10
CA ASN L 175 65.16 -0.04 92.15
C ASN L 175 65.95 1.19 91.74
N VAL L 176 66.12 1.43 90.45
CA VAL L 176 66.81 2.63 89.97
C VAL L 176 65.85 3.80 89.98
#